data_9WFD
#
_entry.id   9WFD
#
_cell.length_a   1.00
_cell.length_b   1.00
_cell.length_c   1.00
_cell.angle_alpha   90.00
_cell.angle_beta   90.00
_cell.angle_gamma   90.00
#
_symmetry.space_group_name_H-M   'P 1'
#
_entity_poly.entity_id   1
_entity_poly.type   'polypeptide(L)'
_entity_poly.pdbx_seq_one_letter_code
;MKLRGKILPLFVAIAMAIPAQAAEDRTIDLYAGQVRVIPTKPVKRVAIGDGKVLSTTVVDGNELLLLGDAEGETSLRVWF
KDGSEAAYRVLVAPKNVGRAAEEMRELMGAEKSPAKIRVVGDHVVVDGKNLAPTTLARVRALQALYPKTIVLATPSPFDM
EKMVWLDVNILEIRKSVLENFGVDWSKQIPGPFAAFGKDFVGPRNVATIPLGQDLTQPPVAGTGVRVTPPLGSLNGAIDL
ANLARPIAGTTNFGIITGVLSTINFALSNGDAYLIANPQLSARSGGRTDFLAGGQVPILQALAAGNAAFQNVTYKDYGIK
LEFEPRVDDDNNVSMRVLADVSDIDPATSVSLNGFTVPGFITRRSNAEINVGDGQTMVISGLVNPKTAKNVSKLPWLGDI
PILGNLFKSTNFQSGNTDLVILVTPRVVSAASLENIRQVSQAVEMKDEYRNTLPKGSTTRDAVDRTLGSKTPYPETQAVP
APKPSLPLVVTQPPAAMPSDKE
;
_entity_poly.pdbx_strand_id   A,B,C,D,E,F,G,H,I,J,K,L,M,N
#
# COMPACT_ATOMS: atom_id res chain seq x y z
N THR A 27 72.56 -36.30 -5.70
CA THR A 27 72.12 -37.69 -5.76
C THR A 27 71.84 -38.11 -7.19
N ILE A 28 71.56 -39.41 -7.38
CA ILE A 28 71.31 -39.96 -8.71
C ILE A 28 69.92 -40.56 -8.83
N ASP A 29 69.14 -40.58 -7.76
CA ASP A 29 67.83 -41.20 -7.78
C ASP A 29 67.01 -40.71 -8.96
N LEU A 30 66.71 -41.63 -9.87
CA LEU A 30 65.99 -41.30 -11.09
C LEU A 30 65.33 -42.59 -11.57
N TYR A 31 64.80 -42.59 -12.78
CA TYR A 31 64.38 -43.85 -13.39
C TYR A 31 65.56 -44.82 -13.36
N ALA A 32 65.27 -46.06 -13.00
CA ALA A 32 66.33 -47.05 -12.77
C ALA A 32 67.23 -47.17 -13.99
N GLY A 33 68.54 -47.15 -13.75
CA GLY A 33 69.51 -47.17 -14.82
C GLY A 33 70.05 -45.82 -15.22
N GLN A 34 69.81 -44.77 -14.45
CA GLN A 34 70.32 -43.46 -14.80
C GLN A 34 71.84 -43.42 -14.66
N VAL A 35 72.49 -42.86 -15.67
CA VAL A 35 73.94 -42.69 -15.69
C VAL A 35 74.24 -41.23 -15.42
N ARG A 36 75.08 -40.96 -14.42
CA ARG A 36 75.47 -39.60 -14.09
C ARG A 36 76.98 -39.49 -13.93
N VAL A 37 77.54 -38.44 -14.52
CA VAL A 37 78.97 -38.18 -14.48
C VAL A 37 79.20 -36.88 -13.71
N ILE A 38 80.02 -36.95 -12.67
CA ILE A 38 80.31 -35.82 -11.79
C ILE A 38 81.82 -35.56 -11.81
N PRO A 39 82.27 -34.42 -12.32
CA PRO A 39 83.71 -34.11 -12.29
C PRO A 39 84.16 -33.71 -10.90
N THR A 40 85.20 -34.38 -10.40
CA THR A 40 85.74 -34.09 -9.08
C THR A 40 87.25 -34.10 -9.17
N LYS A 41 87.89 -33.98 -8.02
CA LYS A 41 89.34 -34.11 -7.93
C LYS A 41 89.75 -35.57 -8.09
N PRO A 42 91.02 -35.84 -8.39
CA PRO A 42 91.44 -37.22 -8.63
C PRO A 42 91.06 -38.17 -7.50
N VAL A 43 90.46 -39.30 -7.88
CA VAL A 43 90.02 -40.33 -6.96
C VAL A 43 90.53 -41.68 -7.44
N LYS A 44 90.94 -42.53 -6.50
CA LYS A 44 91.44 -43.85 -6.86
C LYS A 44 90.34 -44.72 -7.45
N ARG A 45 89.16 -44.73 -6.82
CA ARG A 45 88.05 -45.54 -7.29
C ARG A 45 86.77 -44.90 -6.79
N VAL A 46 85.65 -45.42 -7.28
CA VAL A 46 84.32 -45.05 -6.80
C VAL A 46 83.53 -46.33 -6.57
N ALA A 47 82.80 -46.40 -5.46
CA ALA A 47 82.12 -47.62 -5.06
C ALA A 47 80.83 -47.29 -4.33
N ILE A 48 80.02 -48.34 -4.11
CA ILE A 48 78.72 -48.22 -3.47
C ILE A 48 78.64 -49.25 -2.34
N GLY A 49 78.02 -48.85 -1.23
CA GLY A 49 77.89 -49.75 -0.09
C GLY A 49 77.13 -51.01 -0.42
N ASP A 50 76.03 -50.89 -1.17
CA ASP A 50 75.25 -52.03 -1.62
C ASP A 50 75.46 -52.21 -3.12
N GLY A 51 75.93 -53.38 -3.52
CA GLY A 51 76.22 -53.62 -4.93
C GLY A 51 74.97 -53.55 -5.79
N LYS A 52 73.84 -54.04 -5.27
CA LYS A 52 72.62 -54.09 -6.07
C LYS A 52 72.13 -52.68 -6.41
N VAL A 53 72.14 -51.78 -5.42
CA VAL A 53 71.48 -50.49 -5.59
C VAL A 53 72.15 -49.66 -6.67
N LEU A 54 73.48 -49.59 -6.66
CA LEU A 54 74.17 -48.69 -7.55
C LEU A 54 75.53 -49.27 -7.94
N SER A 55 75.91 -49.07 -9.20
CA SER A 55 77.19 -49.50 -9.73
C SER A 55 78.01 -48.28 -10.10
N THR A 56 79.33 -48.39 -9.96
CA THR A 56 80.19 -47.22 -9.98
C THR A 56 81.45 -47.48 -10.78
N THR A 57 81.88 -46.49 -11.57
CA THR A 57 83.12 -46.55 -12.33
C THR A 57 83.81 -45.20 -12.30
N VAL A 58 85.14 -45.21 -12.42
CA VAL A 58 85.89 -43.97 -12.50
C VAL A 58 86.12 -43.60 -13.95
N VAL A 59 85.88 -42.34 -14.29
CA VAL A 59 86.18 -41.81 -15.61
C VAL A 59 87.15 -40.65 -15.46
N ASP A 60 88.15 -40.60 -16.33
CA ASP A 60 89.22 -39.60 -16.38
C ASP A 60 90.16 -39.72 -15.19
N GLY A 61 89.94 -40.69 -14.29
CA GLY A 61 90.74 -40.82 -13.09
C GLY A 61 90.38 -39.87 -11.97
N ASN A 62 89.48 -38.92 -12.23
CA ASN A 62 89.09 -37.93 -11.24
C ASN A 62 87.58 -37.93 -11.07
N GLU A 63 86.87 -38.20 -12.15
CA GLU A 63 85.43 -38.01 -12.18
C GLU A 63 84.69 -39.32 -11.90
N LEU A 64 83.48 -39.17 -11.37
CA LEU A 64 82.60 -40.27 -10.97
C LEU A 64 81.66 -40.56 -12.13
N LEU A 65 81.42 -41.84 -12.41
CA LEU A 65 80.35 -42.26 -13.31
C LEU A 65 79.52 -43.31 -12.59
N LEU A 66 78.30 -42.93 -12.22
CA LEU A 66 77.41 -43.77 -11.44
C LEU A 66 76.29 -44.26 -12.34
N LEU A 67 76.13 -45.58 -12.42
CA LEU A 67 74.95 -46.19 -13.02
C LEU A 67 74.05 -46.63 -11.88
N GLY A 68 72.95 -45.92 -11.69
CA GLY A 68 72.06 -46.26 -10.60
C GLY A 68 71.12 -47.39 -10.97
N ASP A 69 71.46 -48.60 -10.55
CA ASP A 69 70.60 -49.75 -10.82
C ASP A 69 69.27 -49.59 -10.12
N ALA A 70 69.25 -48.90 -8.98
CA ALA A 70 68.03 -48.57 -8.25
C ALA A 70 67.24 -49.82 -7.88
N GLU A 71 67.96 -50.86 -7.43
CA GLU A 71 67.27 -52.06 -6.97
C GLU A 71 66.49 -51.80 -5.69
N GLY A 72 67.05 -50.97 -4.80
CA GLY A 72 66.39 -50.66 -3.55
C GLY A 72 66.61 -49.22 -3.16
N GLU A 73 65.86 -48.79 -2.15
CA GLU A 73 65.93 -47.43 -1.63
C GLU A 73 66.71 -47.45 -0.32
N THR A 74 67.85 -46.76 -0.29
CA THR A 74 68.66 -46.70 0.92
C THR A 74 69.72 -45.61 0.75
N SER A 75 70.33 -45.25 1.87
CA SER A 75 71.52 -44.41 1.83
C SER A 75 72.71 -45.23 1.35
N LEU A 76 73.70 -44.52 0.81
CA LEU A 76 74.86 -45.17 0.21
C LEU A 76 76.15 -44.56 0.74
N ARG A 77 77.18 -45.40 0.83
CA ARG A 77 78.54 -44.99 1.16
C ARG A 77 79.40 -45.16 -0.08
N VAL A 78 80.23 -44.16 -0.37
CA VAL A 78 81.04 -44.13 -1.58
C VAL A 78 82.51 -44.04 -1.19
N TRP A 79 83.33 -44.88 -1.81
CA TRP A 79 84.76 -44.93 -1.54
C TRP A 79 85.53 -44.17 -2.61
N PHE A 80 86.55 -43.42 -2.20
CA PHE A 80 87.45 -42.75 -3.11
C PHE A 80 88.88 -42.94 -2.63
N LYS A 81 89.78 -42.18 -3.25
CA LYS A 81 91.12 -42.00 -2.69
C LYS A 81 91.06 -41.03 -1.51
N ASP A 82 90.52 -39.83 -1.75
CA ASP A 82 90.33 -38.88 -0.66
C ASP A 82 89.24 -39.36 0.30
N GLY A 83 88.26 -40.11 -0.21
CA GLY A 83 87.30 -40.78 0.64
C GLY A 83 86.10 -39.95 1.07
N SER A 84 85.91 -38.77 0.52
CA SER A 84 84.73 -37.98 0.84
C SER A 84 83.46 -38.72 0.46
N GLU A 85 82.49 -38.75 1.37
CA GLU A 85 81.26 -39.51 1.17
C GLU A 85 80.07 -38.56 1.10
N ALA A 86 79.31 -38.65 0.01
CA ALA A 86 78.06 -37.92 -0.16
C ALA A 86 76.93 -38.94 -0.23
N ALA A 87 76.17 -39.07 0.86
CA ALA A 87 75.13 -40.09 0.91
C ALA A 87 74.05 -39.81 -0.12
N TYR A 88 73.71 -40.83 -0.89
CA TYR A 88 72.70 -40.73 -1.93
C TYR A 88 71.51 -41.60 -1.56
N ARG A 89 70.31 -41.02 -1.66
CA ARG A 89 69.06 -41.75 -1.53
C ARG A 89 68.54 -42.04 -2.93
N VAL A 90 68.25 -43.31 -3.21
CA VAL A 90 67.94 -43.75 -4.57
C VAL A 90 66.51 -44.27 -4.59
N LEU A 91 65.72 -43.79 -5.57
CA LEU A 91 64.36 -44.25 -5.78
C LEU A 91 64.12 -44.46 -7.27
N VAL A 92 63.32 -45.48 -7.60
CA VAL A 92 62.97 -45.75 -8.98
C VAL A 92 61.86 -44.82 -9.43
N ALA A 93 61.91 -44.39 -10.68
CA ALA A 93 60.84 -43.54 -11.17
C ALA A 93 59.77 -44.38 -11.87
N PRO A 94 58.53 -44.38 -11.37
CA PRO A 94 57.41 -45.10 -12.00
C PRO A 94 57.23 -44.73 -13.47
N VAL A 97 59.81 -41.21 -9.45
CA VAL A 97 59.93 -39.91 -8.84
C VAL A 97 61.15 -39.18 -9.39
N GLY A 98 62.20 -39.92 -9.72
CA GLY A 98 63.43 -39.27 -10.15
C GLY A 98 63.35 -38.73 -11.56
N ARG A 99 62.86 -39.54 -12.49
CA ARG A 99 62.68 -39.06 -13.86
C ARG A 99 61.66 -37.94 -13.92
N ALA A 100 60.56 -38.08 -13.17
CA ALA A 100 59.57 -37.02 -13.11
C ALA A 100 60.18 -35.75 -12.52
N ALA A 101 61.00 -35.90 -11.48
CA ALA A 101 61.66 -34.73 -10.91
C ALA A 101 62.53 -34.04 -11.96
N GLU A 102 63.27 -34.83 -12.73
CA GLU A 102 64.13 -34.23 -13.76
C GLU A 102 63.32 -33.49 -14.79
N GLU A 103 62.21 -34.08 -15.25
CA GLU A 103 61.43 -33.45 -16.30
C GLU A 103 60.75 -32.17 -15.78
N MET A 104 60.24 -32.20 -14.54
CA MET A 104 59.68 -30.98 -13.99
C MET A 104 60.74 -29.90 -13.81
N ARG A 105 61.95 -30.31 -13.41
CA ARG A 105 63.03 -29.33 -13.28
C ARG A 105 63.35 -28.70 -14.62
N GLU A 106 63.31 -29.50 -15.70
CA GLU A 106 63.57 -28.94 -17.02
C GLU A 106 62.46 -27.99 -17.45
N LEU A 107 61.20 -28.41 -17.32
CA LEU A 107 60.10 -27.57 -17.79
C LEU A 107 60.01 -26.26 -17.01
N MET A 108 60.15 -26.33 -15.68
CA MET A 108 60.09 -25.10 -14.90
C MET A 108 61.36 -24.29 -15.07
N GLY A 109 62.47 -24.95 -15.37
CA GLY A 109 63.74 -24.27 -15.54
C GLY A 109 63.76 -23.36 -16.76
N ALA A 115 63.44 -19.17 -9.15
CA ALA A 115 63.01 -18.93 -7.78
C ALA A 115 62.44 -20.19 -7.15
N LYS A 116 62.10 -21.14 -8.01
CA LYS A 116 61.48 -22.38 -7.55
C LYS A 116 62.55 -23.37 -7.15
N ILE A 117 62.25 -24.19 -6.15
CA ILE A 117 63.18 -25.20 -5.65
C ILE A 117 62.53 -26.57 -5.78
N ARG A 118 63.33 -27.52 -6.25
CA ARG A 118 62.88 -28.87 -6.57
C ARG A 118 63.63 -29.88 -5.72
N VAL A 119 62.91 -30.70 -4.96
CA VAL A 119 63.57 -31.73 -4.17
C VAL A 119 62.85 -33.06 -4.37
N VAL A 120 63.60 -34.15 -4.13
CA VAL A 120 63.08 -35.48 -4.46
C VAL A 120 62.41 -36.12 -3.24
N GLY A 121 63.09 -36.14 -2.10
CA GLY A 121 62.51 -36.70 -0.89
C GLY A 121 62.00 -38.10 -1.11
N ASP A 122 60.77 -38.37 -0.65
CA ASP A 122 60.03 -39.55 -1.06
C ASP A 122 59.09 -39.29 -2.23
N HIS A 123 58.43 -38.14 -2.24
CA HIS A 123 57.66 -37.70 -3.39
C HIS A 123 58.29 -36.40 -3.88
N VAL A 124 58.21 -36.19 -5.20
CA VAL A 124 58.65 -34.92 -5.77
C VAL A 124 57.99 -33.77 -5.04
N VAL A 125 58.79 -32.83 -4.56
CA VAL A 125 58.30 -31.67 -3.82
C VAL A 125 58.79 -30.39 -4.48
N VAL A 126 57.87 -29.44 -4.65
CA VAL A 126 58.16 -28.10 -5.13
C VAL A 126 58.03 -27.15 -3.94
N ASP A 127 58.94 -26.19 -3.84
CA ASP A 127 58.83 -25.21 -2.78
C ASP A 127 59.41 -23.88 -3.23
N GLY A 128 58.78 -22.80 -2.76
CA GLY A 128 59.24 -21.45 -3.06
C GLY A 128 58.54 -20.47 -2.16
N LYS A 129 59.10 -19.26 -2.07
CA LYS A 129 58.58 -18.30 -1.10
C LYS A 129 57.55 -17.37 -1.74
N ASN A 130 57.94 -16.63 -2.76
CA ASN A 130 57.14 -15.52 -3.28
C ASN A 130 56.92 -15.69 -4.78
N LEU A 131 56.52 -16.89 -5.17
CA LEU A 131 56.36 -17.16 -6.59
C LEU A 131 55.13 -16.47 -7.16
N ALA A 132 55.24 -16.07 -8.42
CA ALA A 132 54.17 -15.37 -9.08
C ALA A 132 52.98 -16.30 -9.34
N PRO A 133 51.78 -15.74 -9.45
CA PRO A 133 50.60 -16.59 -9.71
C PRO A 133 50.70 -17.41 -10.97
N THR A 134 51.32 -16.86 -12.03
CA THR A 134 51.48 -17.63 -13.26
C THR A 134 52.34 -18.86 -13.03
N THR A 135 53.42 -18.71 -12.26
CA THR A 135 54.28 -19.86 -11.98
C THR A 135 53.54 -20.90 -11.15
N LEU A 136 52.71 -20.45 -10.21
CA LEU A 136 51.91 -21.39 -9.44
C LEU A 136 50.94 -22.15 -10.33
N ALA A 137 50.32 -21.45 -11.28
CA ALA A 137 49.42 -22.12 -12.21
C ALA A 137 50.17 -23.13 -13.07
N ARG A 138 51.37 -22.76 -13.52
CA ARG A 138 52.19 -23.69 -14.27
C ARG A 138 52.52 -24.93 -13.45
N VAL A 139 52.84 -24.74 -12.18
CA VAL A 139 53.21 -25.87 -11.32
C VAL A 139 52.01 -26.80 -11.13
N ARG A 140 50.84 -26.22 -10.84
CA ARG A 140 49.68 -27.08 -10.63
C ARG A 140 49.21 -27.71 -11.94
N ALA A 141 49.57 -27.12 -13.07
CA ALA A 141 49.31 -27.77 -14.35
C ALA A 141 50.23 -28.97 -14.54
N LEU A 142 51.52 -28.80 -14.24
CA LEU A 142 52.45 -29.91 -14.29
C LEU A 142 52.13 -30.98 -13.25
N GLN A 143 51.34 -30.64 -12.24
CA GLN A 143 50.94 -31.62 -11.24
C GLN A 143 50.27 -32.83 -11.86
N ALA A 144 49.58 -32.65 -13.00
CA ALA A 144 48.78 -33.74 -13.55
C ALA A 144 49.65 -34.88 -14.05
N LEU A 145 50.93 -34.63 -14.30
CA LEU A 145 51.76 -35.66 -14.92
C LEU A 145 52.08 -36.78 -13.93
N TYR A 146 52.34 -36.44 -12.67
CA TYR A 146 52.63 -37.43 -11.64
C TYR A 146 51.72 -37.17 -10.45
N PRO A 147 50.90 -38.15 -10.08
CA PRO A 147 49.97 -37.93 -8.95
C PRO A 147 50.62 -37.57 -7.63
N LYS A 148 51.78 -38.14 -7.29
CA LYS A 148 52.40 -37.92 -5.99
C LYS A 148 53.36 -36.75 -6.08
N THR A 149 52.81 -35.53 -6.06
CA THR A 149 53.62 -34.32 -5.96
C THR A 149 53.17 -33.56 -4.72
N ILE A 150 54.12 -32.94 -4.06
CA ILE A 150 53.87 -32.13 -2.87
C ILE A 150 54.19 -30.68 -3.21
N VAL A 151 53.18 -29.83 -3.17
CA VAL A 151 53.33 -28.41 -3.46
C VAL A 151 53.46 -27.70 -2.12
N LEU A 152 54.56 -26.98 -1.95
CA LEU A 152 54.81 -26.23 -0.73
C LEU A 152 55.06 -24.75 -0.99
N ALA A 153 55.14 -24.36 -2.25
CA ALA A 153 55.37 -22.98 -2.59
C ALA A 153 54.17 -22.12 -2.21
N THR A 154 54.44 -20.85 -1.95
CA THR A 154 53.41 -19.90 -1.60
C THR A 154 53.41 -18.72 -2.56
N PRO A 155 52.25 -18.14 -2.84
CA PRO A 155 52.20 -16.97 -3.73
C PRO A 155 52.63 -15.70 -3.02
N SER A 156 52.93 -14.69 -3.84
CA SER A 156 53.23 -13.38 -3.31
C SER A 156 51.95 -12.73 -2.78
N PRO A 157 52.06 -11.81 -1.82
CA PRO A 157 50.86 -11.12 -1.34
C PRO A 157 50.11 -10.41 -2.43
N PHE A 158 50.84 -9.81 -3.37
CA PHE A 158 50.28 -9.14 -4.52
C PHE A 158 51.35 -9.11 -5.59
N ASP A 159 50.99 -8.62 -6.76
CA ASP A 159 51.92 -8.51 -7.87
C ASP A 159 52.21 -7.04 -8.13
N MET A 160 53.48 -6.70 -8.25
CA MET A 160 53.82 -5.35 -8.66
C MET A 160 53.41 -5.12 -10.10
N GLU A 161 52.53 -4.16 -10.33
CA GLU A 161 52.05 -3.82 -11.64
C GLU A 161 52.80 -2.61 -12.17
N LYS A 162 52.78 -2.44 -13.47
CA LYS A 162 53.39 -1.25 -14.06
C LYS A 162 52.51 -0.04 -13.84
N MET A 163 53.15 1.12 -13.69
CA MET A 163 52.44 2.37 -13.44
C MET A 163 52.40 3.18 -14.72
N VAL A 164 51.25 3.82 -14.96
CA VAL A 164 50.98 4.54 -16.20
C VAL A 164 50.65 5.99 -15.86
N TRP A 165 51.28 6.90 -16.59
CA TRP A 165 51.04 8.33 -16.52
C TRP A 165 50.17 8.75 -17.68
N LEU A 166 49.14 9.54 -17.40
CA LEU A 166 48.24 10.04 -18.43
C LEU A 166 48.30 11.56 -18.44
N ASP A 167 48.55 12.13 -19.61
CA ASP A 167 48.59 13.57 -19.79
C ASP A 167 47.49 13.97 -20.77
N VAL A 168 46.59 14.85 -20.35
CA VAL A 168 45.41 15.20 -21.12
C VAL A 168 45.38 16.70 -21.38
N ASN A 169 45.10 17.09 -22.61
CA ASN A 169 44.96 18.50 -22.97
C ASN A 169 43.61 18.74 -23.62
N ILE A 170 42.93 19.78 -23.15
CA ILE A 170 41.65 20.22 -23.70
C ILE A 170 41.81 21.69 -24.06
N LEU A 171 41.60 22.02 -25.33
CA LEU A 171 41.78 23.39 -25.80
C LEU A 171 40.50 23.85 -26.48
N GLU A 172 40.09 25.08 -26.22
CA GLU A 172 38.84 25.57 -26.76
C GLU A 172 38.90 27.07 -27.02
N ILE A 173 38.34 27.49 -28.15
CA ILE A 173 38.26 28.90 -28.53
C ILE A 173 36.88 29.20 -29.09
N ARG A 174 36.27 30.29 -28.59
CA ARG A 174 34.97 30.73 -29.06
C ARG A 174 35.06 32.17 -29.53
N LYS A 175 34.42 32.48 -30.65
CA LYS A 175 34.38 33.85 -31.15
C LYS A 175 32.98 34.17 -31.64
N SER A 176 32.59 35.43 -31.51
CA SER A 176 31.26 35.82 -31.94
C SER A 176 31.21 37.29 -32.27
N VAL A 177 30.32 37.64 -33.22
CA VAL A 177 30.04 39.00 -33.64
C VAL A 177 28.53 39.17 -33.67
N LEU A 178 28.06 40.34 -33.24
CA LEU A 178 26.63 40.66 -33.28
C LEU A 178 26.43 42.11 -33.70
N GLU A 179 25.70 42.32 -34.79
CA GLU A 179 25.42 43.67 -35.31
C GLU A 179 23.92 43.87 -35.46
N ASN A 180 23.48 45.11 -35.32
CA ASN A 180 22.06 45.45 -35.38
C ASN A 180 21.96 46.90 -35.81
N PHE A 181 21.67 47.14 -37.09
CA PHE A 181 21.75 48.51 -37.58
C PHE A 181 20.67 48.80 -38.60
N GLY A 182 20.25 50.06 -38.64
CA GLY A 182 19.25 50.52 -39.57
C GLY A 182 18.12 51.28 -38.89
N VAL A 183 17.07 51.51 -39.66
CA VAL A 183 15.87 52.18 -39.18
C VAL A 183 14.68 51.24 -39.36
N ASP A 184 13.91 51.09 -38.30
CA ASP A 184 12.75 50.20 -38.28
C ASP A 184 11.48 51.03 -38.20
N TRP A 185 10.63 50.92 -39.22
CA TRP A 185 9.40 51.71 -39.31
C TRP A 185 8.18 50.87 -38.95
N SER A 186 7.04 51.55 -38.89
CA SER A 186 5.77 50.87 -38.70
C SER A 186 5.37 50.13 -39.96
N LYS A 187 4.67 49.01 -39.79
CA LYS A 187 4.23 48.21 -40.92
C LYS A 187 2.73 48.07 -41.04
N GLN A 188 1.97 48.47 -40.02
CA GLN A 188 0.52 48.39 -40.03
C GLN A 188 -0.03 49.70 -39.50
N ILE A 189 -0.73 50.44 -40.34
CA ILE A 189 -1.25 51.75 -39.94
C ILE A 189 -2.74 51.83 -40.24
N PRO A 190 -3.48 52.67 -39.54
CA PRO A 190 -4.92 52.78 -39.80
C PRO A 190 -5.19 53.28 -41.21
N GLY A 191 -6.31 52.85 -41.79
CA GLY A 191 -6.71 53.29 -43.10
C GLY A 191 -7.91 54.21 -43.07
N PRO A 192 -8.42 54.55 -44.25
CA PRO A 192 -9.55 55.50 -44.31
C PRO A 192 -10.82 54.92 -43.72
N PHE A 193 -11.73 55.81 -43.36
CA PHE A 193 -13.02 55.44 -42.79
C PHE A 193 -14.14 56.22 -43.46
N ALA A 194 -15.32 55.60 -43.49
CA ALA A 194 -16.53 56.23 -44.02
C ALA A 194 -17.71 55.76 -43.19
N ALA A 195 -18.65 56.67 -42.94
CA ALA A 195 -19.87 56.33 -42.23
C ALA A 195 -21.03 57.14 -42.77
N PHE A 196 -22.21 56.51 -42.80
CA PHE A 196 -23.44 57.12 -43.26
C PHE A 196 -24.53 56.84 -42.24
N GLY A 197 -25.45 57.78 -42.07
CA GLY A 197 -26.55 57.57 -41.16
C GLY A 197 -27.74 58.45 -41.48
N LYS A 198 -28.95 57.89 -41.51
CA LYS A 198 -30.10 58.69 -41.86
C LYS A 198 -31.34 58.15 -41.18
N ASP A 199 -32.34 59.02 -41.04
CA ASP A 199 -33.65 58.69 -40.46
C ASP A 199 -34.70 59.08 -41.49
N PHE A 200 -35.22 58.10 -42.22
CA PHE A 200 -36.21 58.40 -43.26
C PHE A 200 -37.54 58.82 -42.66
N VAL A 201 -38.02 58.09 -41.67
CA VAL A 201 -39.19 58.49 -40.89
C VAL A 201 -38.73 58.66 -39.46
N GLY A 202 -38.41 59.88 -39.08
CA GLY A 202 -37.61 60.12 -37.90
C GLY A 202 -38.38 60.05 -36.61
N PRO A 203 -37.66 60.03 -35.49
CA PRO A 203 -38.34 60.03 -34.19
C PRO A 203 -39.03 61.37 -33.94
N ARG A 204 -39.99 61.35 -33.03
CA ARG A 204 -40.69 62.56 -32.63
C ARG A 204 -40.28 62.93 -31.21
N ASN A 205 -39.99 64.21 -31.01
CA ASN A 205 -39.65 64.72 -29.69
C ASN A 205 -40.89 65.34 -29.06
N VAL A 206 -41.21 64.92 -27.84
CA VAL A 206 -42.43 65.34 -27.15
C VAL A 206 -42.10 65.66 -25.70
N ALA A 207 -43.09 66.23 -25.01
CA ALA A 207 -42.95 66.50 -23.58
C ALA A 207 -43.69 65.44 -22.77
N THR A 208 -43.02 64.92 -21.75
CA THR A 208 -43.60 63.85 -20.96
C THR A 208 -43.42 64.13 -19.47
N ILE A 209 -44.31 63.57 -18.67
CA ILE A 209 -44.29 63.67 -17.22
C ILE A 209 -44.10 62.26 -16.65
N PRO A 210 -43.00 61.98 -15.95
CA PRO A 210 -42.76 60.62 -15.48
C PRO A 210 -43.79 60.19 -14.45
N LEU A 211 -44.07 58.89 -14.42
CA LEU A 211 -45.00 58.35 -13.44
C LEU A 211 -44.40 58.41 -12.04
N GLY A 212 -45.24 58.77 -11.06
CA GLY A 212 -44.80 58.89 -9.70
C GLY A 212 -44.21 60.24 -9.35
N GLN A 213 -44.15 61.17 -10.29
CA GLN A 213 -43.61 62.50 -10.08
C GLN A 213 -44.74 63.47 -9.73
N ASP A 214 -44.40 64.47 -8.92
CA ASP A 214 -45.39 65.48 -8.56
C ASP A 214 -45.91 66.19 -9.80
N LEU A 215 -47.19 66.53 -9.79
CA LEU A 215 -47.81 67.09 -10.99
C LEU A 215 -47.36 68.53 -11.24
N THR A 216 -46.93 69.23 -10.20
CA THR A 216 -46.55 70.62 -10.37
C THR A 216 -45.19 70.75 -11.06
N GLN A 217 -44.39 69.69 -11.02
CA GLN A 217 -43.04 69.76 -11.57
C GLN A 217 -43.09 69.93 -13.09
N PRO A 218 -42.14 70.64 -13.68
CA PRO A 218 -42.18 70.85 -15.12
C PRO A 218 -41.91 69.57 -15.88
N PRO A 219 -42.39 69.46 -17.11
CA PRO A 219 -42.19 68.23 -17.88
C PRO A 219 -40.75 68.06 -18.34
N VAL A 220 -40.45 66.88 -18.86
CA VAL A 220 -39.12 66.57 -19.36
C VAL A 220 -39.22 66.10 -20.81
N ALA A 221 -38.07 65.91 -21.43
CA ALA A 221 -38.02 65.50 -22.82
C ALA A 221 -38.31 64.02 -22.95
N GLY A 222 -39.05 63.66 -24.00
CA GLY A 222 -39.37 62.27 -24.27
C GLY A 222 -39.52 62.09 -25.76
N THR A 223 -39.77 60.84 -26.14
CA THR A 223 -39.73 60.46 -27.54
C THR A 223 -40.92 59.58 -27.88
N GLY A 224 -41.19 59.47 -29.18
CA GLY A 224 -42.04 58.43 -29.71
C GLY A 224 -41.25 57.15 -29.89
N VAL A 225 -41.60 56.39 -30.92
CA VAL A 225 -40.83 55.20 -31.23
C VAL A 225 -39.49 55.62 -31.80
N ARG A 226 -38.42 55.17 -31.16
CA ARG A 226 -37.07 55.55 -31.56
C ARG A 226 -36.15 54.35 -31.37
N VAL A 227 -35.30 54.11 -32.36
CA VAL A 227 -34.43 52.94 -32.38
C VAL A 227 -32.99 53.40 -32.26
N THR A 228 -32.24 52.75 -31.39
CA THR A 228 -30.80 52.91 -31.34
C THR A 228 -30.16 51.61 -31.80
N PRO A 229 -29.65 51.53 -33.03
CA PRO A 229 -29.23 50.24 -33.56
C PRO A 229 -27.97 49.76 -32.85
N PRO A 230 -27.79 48.47 -32.75
CA PRO A 230 -26.53 47.95 -32.20
C PRO A 230 -25.44 47.93 -33.26
N LEU A 231 -24.37 48.67 -33.04
CA LEU A 231 -23.22 48.70 -33.95
C LEU A 231 -22.32 47.54 -33.58
N GLY A 232 -22.26 46.54 -34.47
CA GLY A 232 -21.55 45.32 -34.11
C GLY A 232 -20.05 45.51 -34.07
N SER A 233 -19.41 45.59 -35.23
CA SER A 233 -17.98 45.81 -35.30
C SER A 233 -17.62 47.28 -35.35
N LEU A 234 -18.58 48.17 -35.56
CA LEU A 234 -18.38 49.60 -35.52
C LEU A 234 -18.53 50.17 -34.13
N ASN A 235 -18.65 49.31 -33.12
CA ASN A 235 -18.89 49.77 -31.76
C ASN A 235 -17.72 50.58 -31.26
N GLY A 236 -18.03 51.71 -30.62
CA GLY A 236 -17.03 52.61 -30.13
C GLY A 236 -16.43 53.52 -31.19
N ALA A 237 -16.77 53.32 -32.45
CA ALA A 237 -16.25 54.14 -33.53
C ALA A 237 -17.23 55.19 -34.01
N ILE A 238 -18.52 55.01 -33.76
CA ILE A 238 -19.55 55.99 -34.11
C ILE A 238 -20.19 56.46 -32.82
N ASP A 239 -20.29 57.77 -32.66
CA ASP A 239 -20.78 58.37 -31.43
C ASP A 239 -22.30 58.35 -31.42
N LEU A 240 -22.88 57.58 -30.50
CA LEU A 240 -24.32 57.51 -30.35
C LEU A 240 -24.84 58.28 -29.14
N ALA A 241 -24.01 58.49 -28.12
CA ALA A 241 -24.45 59.22 -26.93
C ALA A 241 -24.82 60.64 -27.28
N ASN A 242 -24.02 61.29 -28.13
CA ASN A 242 -24.18 62.70 -28.42
C ASN A 242 -24.85 62.98 -29.73
N LEU A 243 -25.44 61.97 -30.36
CA LEU A 243 -26.04 62.14 -31.67
C LEU A 243 -27.46 62.68 -31.56
N ALA A 244 -27.74 63.77 -32.27
CA ALA A 244 -29.09 64.31 -32.34
C ALA A 244 -29.95 63.41 -33.21
N ARG A 245 -31.05 62.90 -32.66
CA ARG A 245 -31.71 61.77 -33.28
C ARG A 245 -32.50 62.10 -34.53
N PRO A 246 -33.17 63.25 -34.64
CA PRO A 246 -33.58 63.69 -35.97
C PRO A 246 -32.32 64.09 -36.73
N ILE A 247 -31.66 63.08 -37.31
CA ILE A 247 -30.25 63.19 -37.66
C ILE A 247 -29.99 64.31 -38.63
N ALA A 248 -29.08 65.21 -38.27
CA ALA A 248 -28.62 66.31 -39.11
C ALA A 248 -27.13 66.12 -39.36
N GLY A 249 -26.77 65.90 -40.61
CA GLY A 249 -25.38 65.62 -40.95
C GLY A 249 -25.17 64.13 -41.11
N THR A 250 -25.16 63.66 -42.35
CA THR A 250 -25.37 62.24 -42.59
C THR A 250 -24.08 61.48 -42.80
N THR A 251 -23.10 62.07 -43.48
CA THR A 251 -21.90 61.35 -43.88
C THR A 251 -20.66 61.90 -43.18
N ASN A 252 -19.72 61.01 -42.91
CA ASN A 252 -18.38 61.39 -42.44
C ASN A 252 -17.35 60.50 -43.11
N PHE A 253 -16.44 61.10 -43.87
CA PHE A 253 -15.45 60.38 -44.66
C PHE A 253 -14.09 61.01 -44.41
N GLY A 254 -13.14 60.21 -43.95
CA GLY A 254 -11.85 60.80 -43.59
C GLY A 254 -10.78 59.75 -43.37
N ILE A 255 -9.65 60.20 -42.82
CA ILE A 255 -8.53 59.32 -42.51
C ILE A 255 -7.66 59.97 -41.44
N ILE A 256 -7.14 59.15 -40.53
CA ILE A 256 -6.21 59.57 -39.50
C ILE A 256 -5.17 58.47 -39.34
N THR A 257 -3.91 58.78 -39.64
CA THR A 257 -2.88 57.75 -39.69
C THR A 257 -1.51 58.38 -39.49
N GLY A 258 -0.51 57.53 -39.32
CA GLY A 258 0.86 57.99 -39.19
C GLY A 258 1.81 56.84 -38.97
N VAL A 259 3.11 57.15 -38.96
CA VAL A 259 4.15 56.14 -38.82
C VAL A 259 5.11 56.54 -37.72
N LEU A 260 5.74 55.52 -37.12
CA LEU A 260 6.74 55.69 -36.07
C LEU A 260 7.97 54.88 -36.44
N SER A 261 9.08 55.15 -35.75
CA SER A 261 10.32 54.52 -36.18
C SER A 261 11.31 54.45 -35.03
N THR A 262 12.29 53.57 -35.20
CA THR A 262 13.38 53.37 -34.25
C THR A 262 14.69 53.29 -35.01
N ILE A 263 15.78 53.69 -34.37
CA ILE A 263 17.11 53.68 -34.97
C ILE A 263 18.00 52.72 -34.19
N ASN A 264 18.76 51.91 -34.91
CA ASN A 264 19.63 50.90 -34.32
C ASN A 264 21.04 51.06 -34.87
N PHE A 265 22.03 51.12 -33.98
CA PHE A 265 23.42 51.08 -34.40
C PHE A 265 24.29 50.28 -33.42
N ALA A 266 23.83 49.10 -32.99
CA ALA A 266 24.53 48.31 -31.98
C ALA A 266 25.53 47.36 -32.64
N LEU A 267 26.68 47.17 -31.99
CA LEU A 267 27.78 46.40 -32.55
C LEU A 267 28.64 45.81 -31.43
N SER A 268 28.83 44.50 -31.45
CA SER A 268 29.52 43.81 -30.36
C SER A 268 30.37 42.65 -30.86
N ASN A 269 31.41 42.33 -30.10
CA ASN A 269 32.28 41.19 -30.36
C ASN A 269 32.50 40.44 -29.06
N GLY A 270 32.92 39.20 -29.17
CA GLY A 270 33.28 38.41 -28.00
C GLY A 270 34.29 37.34 -28.36
N ASP A 271 35.27 37.16 -27.47
CA ASP A 271 36.26 36.10 -27.60
C ASP A 271 36.40 35.37 -26.28
N ALA A 272 36.67 34.09 -26.33
CA ALA A 272 36.93 33.32 -25.12
C ALA A 272 37.93 32.21 -25.43
N TYR A 273 38.95 32.09 -24.58
CA TYR A 273 40.00 31.11 -24.74
C TYR A 273 40.08 30.23 -23.52
N LEU A 274 40.51 28.98 -23.68
CA LEU A 274 40.56 28.08 -22.55
C LEU A 274 41.48 26.91 -22.83
N ILE A 275 42.36 26.60 -21.86
CA ILE A 275 43.17 25.39 -21.89
C ILE A 275 43.05 24.70 -20.53
N ALA A 276 42.88 23.39 -20.54
CA ALA A 276 42.88 22.60 -19.33
C ALA A 276 43.84 21.45 -19.51
N ASN A 277 44.75 21.28 -18.57
CA ASN A 277 45.83 20.30 -18.68
C ASN A 277 45.91 19.47 -17.41
N PRO A 278 44.94 18.59 -17.17
CA PRO A 278 45.05 17.68 -16.03
C PRO A 278 46.03 16.56 -16.33
N GLN A 279 46.58 15.98 -15.28
CA GLN A 279 47.47 14.84 -15.42
C GLN A 279 47.21 13.84 -14.31
N LEU A 280 47.44 12.56 -14.60
CA LEU A 280 47.04 11.49 -13.70
C LEU A 280 48.10 10.40 -13.67
N SER A 281 48.01 9.57 -12.64
CA SER A 281 48.86 8.40 -12.48
C SER A 281 48.00 7.25 -11.97
N ALA A 282 48.25 6.05 -12.48
CA ALA A 282 47.51 4.89 -11.99
C ALA A 282 48.24 3.61 -12.37
N ARG A 283 48.15 2.60 -11.52
CA ARG A 283 48.76 1.32 -11.81
C ARG A 283 47.89 0.53 -12.79
N SER A 284 48.54 -0.33 -13.56
CA SER A 284 47.83 -1.16 -14.53
C SER A 284 46.81 -2.04 -13.85
N GLY A 285 45.59 -2.03 -14.36
CA GLY A 285 44.52 -2.76 -13.73
C GLY A 285 43.80 -2.04 -12.63
N GLY A 286 44.22 -0.80 -12.33
CA GLY A 286 43.56 0.00 -11.32
C GLY A 286 42.71 1.07 -11.98
N ARG A 287 42.24 1.99 -11.16
CA ARG A 287 41.46 3.13 -11.64
C ARG A 287 41.91 4.37 -10.91
N THR A 288 41.79 5.54 -11.54
CA THR A 288 42.01 6.79 -10.83
C THR A 288 41.01 7.84 -11.29
N ASP A 289 40.37 8.51 -10.33
CA ASP A 289 39.45 9.59 -10.60
C ASP A 289 39.97 10.89 -10.00
N PHE A 290 39.81 11.97 -10.75
CA PHE A 290 40.29 13.28 -10.35
C PHE A 290 39.20 14.31 -10.61
N LEU A 291 38.97 15.20 -9.65
CA LEU A 291 37.99 16.27 -9.79
C LEU A 291 38.55 17.56 -9.24
N ALA A 292 38.63 18.59 -10.07
CA ALA A 292 39.03 19.92 -9.63
C ALA A 292 37.92 20.87 -10.03
N GLY A 293 37.15 21.34 -9.07
CA GLY A 293 35.94 22.06 -9.39
C GLY A 293 35.09 22.29 -8.17
N GLY A 294 33.82 21.90 -8.24
CA GLY A 294 32.95 22.12 -7.11
C GLY A 294 31.74 21.21 -7.15
N GLN A 295 30.91 21.36 -6.12
CA GLN A 295 29.62 20.69 -6.03
C GLN A 295 28.55 21.73 -5.75
N VAL A 296 27.40 21.57 -6.41
CA VAL A 296 26.27 22.48 -6.17
C VAL A 296 25.06 21.66 -5.71
N PRO A 297 24.20 22.22 -4.87
CA PRO A 297 23.07 21.45 -4.34
C PRO A 297 21.90 21.41 -5.32
N ILE A 298 21.29 20.23 -5.43
CA ILE A 298 20.19 19.98 -6.36
C ILE A 298 19.04 19.35 -5.59
N LEU A 299 17.84 19.90 -5.77
CA LEU A 299 16.67 19.53 -4.99
C LEU A 299 15.90 18.41 -5.71
N GLN A 300 16.42 17.20 -5.58
CA GLN A 300 15.91 16.04 -6.29
C GLN A 300 15.53 14.97 -5.30
N ALA A 301 14.37 14.33 -5.52
CA ALA A 301 13.85 13.36 -4.58
C ALA A 301 12.86 12.45 -5.29
N LEU A 302 12.68 11.25 -4.75
CA LEU A 302 11.77 10.27 -5.33
C LEU A 302 10.33 10.75 -5.21
N ALA A 303 9.57 10.58 -6.29
CA ALA A 303 8.12 10.78 -6.28
C ALA A 303 7.73 12.22 -5.94
N ALA A 304 6.43 12.43 -5.72
CA ALA A 304 5.87 13.70 -5.25
C ALA A 304 6.07 14.83 -6.25
N GLY A 305 5.64 16.03 -5.88
CA GLY A 305 5.71 17.18 -6.75
C GLY A 305 5.01 18.40 -6.18
N GLN A 310 12.11 17.79 1.11
CA GLN A 310 12.59 16.97 0.00
C GLN A 310 13.91 16.29 0.31
N ASN A 311 14.58 15.84 -0.75
CA ASN A 311 15.91 15.27 -0.65
C ASN A 311 16.87 16.19 -1.41
N VAL A 312 18.05 16.40 -0.86
CA VAL A 312 19.07 17.25 -1.47
C VAL A 312 20.26 16.40 -1.86
N THR A 313 20.63 16.46 -3.13
CA THR A 313 21.83 15.80 -3.61
C THR A 313 22.81 16.86 -4.08
N TYR A 314 23.98 16.42 -4.52
CA TYR A 314 25.03 17.32 -4.97
C TYR A 314 25.54 16.92 -6.34
N LYS A 315 25.77 17.91 -7.18
CA LYS A 315 26.22 17.69 -8.56
C LYS A 315 27.61 18.28 -8.72
N ASP A 316 28.51 17.51 -9.32
CA ASP A 316 29.89 17.94 -9.53
C ASP A 316 30.03 18.70 -10.83
N TYR A 317 30.83 19.75 -10.81
CA TYR A 317 31.21 20.47 -12.01
C TYR A 317 32.68 20.84 -11.92
N GLY A 318 33.26 21.24 -13.05
CA GLY A 318 34.67 21.55 -13.10
C GLY A 318 35.38 20.70 -14.12
N ILE A 319 36.59 20.28 -13.77
CA ILE A 319 37.39 19.40 -14.59
C ILE A 319 37.38 18.03 -13.94
N LYS A 320 36.86 17.04 -14.64
CA LYS A 320 36.75 15.68 -14.15
C LYS A 320 37.47 14.73 -15.09
N LEU A 321 38.21 13.79 -14.53
CA LEU A 321 39.04 12.90 -15.32
C LEU A 321 39.02 11.51 -14.71
N GLU A 322 38.71 10.49 -15.52
CA GLU A 322 38.70 9.11 -15.05
C GLU A 322 39.56 8.24 -15.97
N PHE A 323 40.43 7.43 -15.36
CA PHE A 323 41.42 6.66 -16.10
C PHE A 323 41.37 5.20 -15.68
N GLU A 324 41.38 4.29 -16.66
CA GLU A 324 41.47 2.85 -16.40
C GLU A 324 42.41 2.16 -17.39
N PRO A 325 43.69 2.02 -17.06
CA PRO A 325 44.65 1.48 -18.02
C PRO A 325 44.91 -0.01 -17.88
N ARG A 326 45.52 -0.57 -18.93
CA ARG A 326 46.01 -1.95 -18.97
C ARG A 326 47.23 -1.99 -19.86
N VAL A 327 48.26 -2.72 -19.45
CA VAL A 327 49.56 -2.62 -20.09
C VAL A 327 50.02 -3.99 -20.54
N ASP A 328 50.70 -4.01 -21.68
CA ASP A 328 51.15 -5.21 -22.36
C ASP A 328 52.62 -5.46 -22.09
N ASP A 329 53.17 -6.49 -22.73
CA ASP A 329 54.60 -6.77 -22.58
C ASP A 329 55.46 -5.84 -23.42
N ASP A 330 54.89 -5.25 -24.46
CA ASP A 330 55.60 -4.29 -25.30
C ASP A 330 55.29 -2.86 -24.89
N ASN A 331 54.64 -2.67 -23.75
CA ASN A 331 54.21 -1.38 -23.25
C ASN A 331 53.13 -0.74 -24.11
N ASN A 332 52.36 -1.53 -24.83
CA ASN A 332 51.13 -1.01 -25.40
C ASN A 332 50.12 -0.79 -24.29
N VAL A 333 49.34 0.28 -24.41
CA VAL A 333 48.40 0.64 -23.37
C VAL A 333 46.99 0.62 -23.96
N SER A 334 46.12 -0.14 -23.32
CA SER A 334 44.69 -0.15 -23.63
C SER A 334 43.94 0.55 -22.50
N MET A 335 43.10 1.51 -22.84
CA MET A 335 42.54 2.34 -21.80
C MET A 335 41.11 2.74 -22.11
N ARG A 336 40.39 3.04 -21.04
CA ARG A 336 39.16 3.83 -21.08
C ARG A 336 39.43 5.13 -20.35
N VAL A 337 39.15 6.24 -21.00
CA VAL A 337 39.41 7.58 -20.45
C VAL A 337 38.16 8.43 -20.60
N LEU A 338 37.76 9.06 -19.50
CA LEU A 338 36.69 10.05 -19.52
C LEU A 338 37.26 11.40 -19.16
N ALA A 339 37.01 12.40 -20.01
CA ALA A 339 37.45 13.76 -19.78
C ALA A 339 36.25 14.68 -19.89
N ASP A 340 36.01 15.49 -18.85
CA ASP A 340 34.83 16.33 -18.79
C ASP A 340 35.22 17.71 -18.29
N VAL A 341 34.75 18.75 -18.97
CA VAL A 341 34.95 20.14 -18.55
C VAL A 341 33.60 20.82 -18.55
N SER A 342 33.12 21.24 -17.40
CA SER A 342 31.79 21.81 -17.32
C SER A 342 31.74 23.00 -16.38
N ASP A 343 31.22 24.11 -16.89
CA ASP A 343 31.12 25.37 -16.16
C ASP A 343 29.66 25.73 -15.95
N ILE A 344 29.40 26.61 -14.98
CA ILE A 344 28.04 27.07 -14.75
C ILE A 344 27.68 28.16 -15.74
N ASP A 345 26.46 28.10 -16.27
CA ASP A 345 25.93 29.04 -17.24
C ASP A 345 24.76 29.81 -16.66
N PRO A 346 24.86 31.13 -16.52
CA PRO A 346 23.73 31.89 -15.98
C PRO A 346 22.52 31.91 -16.91
N ALA A 347 22.73 31.72 -18.21
CA ALA A 347 21.65 31.90 -19.17
C ALA A 347 20.54 30.88 -19.00
N THR A 348 20.89 29.63 -18.71
CA THR A 348 19.90 28.56 -18.66
C THR A 348 19.57 28.11 -17.25
N SER A 349 19.84 28.94 -16.25
CA SER A 349 19.51 28.63 -14.88
C SER A 349 18.07 29.07 -14.57
N VAL A 350 17.39 28.30 -13.73
CA VAL A 350 16.00 28.53 -13.41
C VAL A 350 15.87 28.87 -11.93
N SER A 351 14.98 29.80 -11.62
CA SER A 351 14.88 30.31 -10.26
C SER A 351 14.13 29.36 -9.33
N LEU A 352 13.14 28.63 -9.85
CA LEU A 352 12.23 27.82 -9.04
C LEU A 352 11.57 28.78 -8.04
N ASN A 353 11.59 28.49 -6.73
CA ASN A 353 10.98 29.40 -5.76
C ASN A 353 12.04 30.39 -5.25
N GLY A 354 13.05 29.86 -4.60
CA GLY A 354 14.25 30.60 -4.25
C GLY A 354 15.43 29.66 -4.41
N PHE A 355 15.11 28.39 -4.66
CA PHE A 355 16.11 27.36 -4.84
C PHE A 355 16.58 27.40 -6.28
N THR A 356 17.54 28.26 -6.57
CA THR A 356 18.07 28.39 -7.92
C THR A 356 18.69 27.09 -8.39
N VAL A 357 18.31 26.64 -9.57
CA VAL A 357 18.86 25.45 -10.21
C VAL A 357 19.65 25.91 -11.44
N PRO A 358 20.91 25.55 -11.56
CA PRO A 358 21.73 26.07 -12.66
C PRO A 358 21.80 25.12 -13.85
N GLY A 359 22.18 25.69 -14.99
CA GLY A 359 22.53 24.91 -16.16
C GLY A 359 24.01 25.03 -16.42
N PHE A 360 24.52 24.14 -17.26
CA PHE A 360 25.95 24.03 -17.46
C PHE A 360 26.33 24.10 -18.94
N ILE A 361 27.57 24.51 -19.17
CA ILE A 361 28.24 24.40 -20.45
C ILE A 361 29.24 23.28 -20.32
N THR A 362 29.06 22.21 -21.09
CA THR A 362 29.86 21.01 -20.92
C THR A 362 30.56 20.64 -22.22
N ARG A 363 31.76 20.09 -22.08
CA ARG A 363 32.49 19.43 -23.15
C ARG A 363 33.00 18.12 -22.59
N ARG A 364 32.48 17.02 -23.11
CA ARG A 364 32.68 15.71 -22.52
C ARG A 364 33.13 14.73 -23.58
N SER A 365 33.94 13.76 -23.16
CA SER A 365 34.37 12.72 -24.09
C SER A 365 34.72 11.47 -23.31
N ASN A 366 34.14 10.35 -23.71
CA ASN A 366 34.29 9.06 -23.04
C ASN A 366 34.77 8.06 -24.06
N ALA A 367 36.07 7.75 -24.06
CA ALA A 367 36.69 7.05 -25.18
C ALA A 367 37.32 5.76 -24.70
N GLU A 368 37.35 4.80 -25.61
CA GLU A 368 38.01 3.51 -25.40
C GLU A 368 39.00 3.30 -26.53
N ILE A 369 40.29 3.28 -26.19
CA ILE A 369 41.32 3.22 -27.22
C ILE A 369 42.46 2.32 -26.78
N ASN A 370 43.40 2.11 -27.69
CA ASN A 370 44.68 1.50 -27.36
C ASN A 370 45.77 2.08 -28.25
N VAL A 371 46.92 2.40 -27.65
CA VAL A 371 48.01 3.06 -28.35
C VAL A 371 49.34 2.47 -27.89
N GLY A 372 50.39 2.81 -28.62
CA GLY A 372 51.72 2.47 -28.19
C GLY A 372 52.22 3.37 -27.08
N ASP A 373 53.36 3.01 -26.51
CA ASP A 373 53.89 3.74 -25.39
C ASP A 373 54.34 5.14 -25.80
N GLY A 374 53.81 6.15 -25.12
CA GLY A 374 54.26 7.51 -25.33
C GLY A 374 53.76 8.19 -26.58
N GLN A 375 52.68 7.70 -27.18
CA GLN A 375 52.13 8.28 -28.38
C GLN A 375 50.96 9.20 -28.03
N THR A 376 50.76 10.22 -28.86
CA THR A 376 49.69 11.18 -28.65
C THR A 376 48.54 10.86 -29.59
N MET A 377 47.35 10.68 -29.02
CA MET A 377 46.15 10.39 -29.78
C MET A 377 45.11 11.45 -29.49
N VAL A 378 44.40 11.86 -30.52
CA VAL A 378 43.30 12.82 -30.38
C VAL A 378 42.01 12.03 -30.33
N ILE A 379 41.18 12.29 -29.31
CA ILE A 379 39.95 11.55 -29.16
C ILE A 379 38.70 12.37 -29.51
N SER A 380 38.84 13.67 -29.74
CA SER A 380 37.69 14.47 -30.12
C SER A 380 38.16 15.82 -30.63
N GLY A 381 37.47 16.32 -31.65
CA GLY A 381 37.73 17.63 -32.18
C GLY A 381 36.50 18.18 -32.85
N LEU A 382 36.38 19.50 -32.89
CA LEU A 382 35.18 20.13 -33.39
C LEU A 382 35.51 21.49 -34.00
N VAL A 383 34.90 21.75 -35.14
CA VAL A 383 34.84 23.09 -35.74
C VAL A 383 33.39 23.37 -36.06
N ASN A 384 32.83 24.44 -35.49
CA ASN A 384 31.40 24.72 -35.60
C ASN A 384 31.14 26.18 -35.90
N PRO A 385 30.93 26.55 -37.17
CA PRO A 385 30.56 27.92 -37.52
C PRO A 385 29.06 28.07 -37.70
N LYS A 386 28.52 29.24 -37.32
CA LYS A 386 27.10 29.52 -37.48
C LYS A 386 26.89 30.98 -37.80
N THR A 387 25.88 31.26 -38.61
CA THR A 387 25.60 32.61 -39.10
C THR A 387 24.11 32.78 -39.35
N ALA A 388 23.57 33.96 -39.03
CA ALA A 388 22.16 34.23 -39.26
C ALA A 388 21.94 35.70 -39.52
N LYS A 389 21.10 36.01 -40.50
CA LYS A 389 20.76 37.38 -40.84
C LYS A 389 19.27 37.53 -41.02
N ASN A 390 18.71 38.60 -40.46
CA ASN A 390 17.30 38.94 -40.63
C ASN A 390 17.18 40.38 -41.09
N VAL A 391 16.29 40.63 -42.04
CA VAL A 391 16.13 41.96 -42.63
C VAL A 391 14.66 42.30 -42.66
N SER A 392 14.33 43.55 -42.33
CA SER A 392 12.97 44.05 -42.47
C SER A 392 13.04 45.36 -43.24
N LYS A 393 12.16 45.53 -44.22
CA LYS A 393 12.30 46.67 -45.11
C LYS A 393 10.93 47.15 -45.57
N LEU A 394 10.92 48.36 -46.09
CA LEU A 394 9.77 48.84 -46.82
C LEU A 394 9.86 48.36 -48.27
N PRO A 395 8.72 48.23 -48.94
CA PRO A 395 8.71 47.50 -50.22
C PRO A 395 9.69 48.00 -51.26
N TRP A 396 9.60 49.25 -51.68
CA TRP A 396 10.47 49.74 -52.75
C TRP A 396 11.59 50.63 -52.28
N LEU A 397 11.43 51.33 -51.15
CA LEU A 397 12.46 52.25 -50.70
C LEU A 397 13.66 51.50 -50.14
N GLY A 398 13.46 50.26 -49.69
CA GLY A 398 14.54 49.55 -49.03
C GLY A 398 15.63 49.11 -49.98
N ASP A 399 15.33 49.02 -51.26
CA ASP A 399 16.31 48.51 -52.21
C ASP A 399 17.21 49.59 -52.80
N ILE A 400 16.98 50.85 -52.47
CA ILE A 400 17.85 51.90 -53.02
C ILE A 400 19.24 51.74 -52.42
N PRO A 401 20.30 51.83 -53.23
CA PRO A 401 21.65 51.68 -52.68
C PRO A 401 21.98 52.77 -51.68
N ILE A 402 22.71 52.40 -50.63
CA ILE A 402 23.16 53.30 -49.56
C ILE A 402 21.97 53.89 -48.83
N LEU A 403 21.13 54.65 -49.54
CA LEU A 403 19.97 55.28 -48.93
C LEU A 403 18.98 54.28 -48.37
N GLY A 404 18.98 53.05 -48.88
CA GLY A 404 18.02 52.07 -48.41
C GLY A 404 18.13 51.79 -46.93
N ASN A 405 19.30 52.03 -46.34
CA ASN A 405 19.47 51.81 -44.92
C ASN A 405 18.63 52.76 -44.08
N LEU A 406 18.10 53.82 -44.68
CA LEU A 406 17.16 54.67 -43.96
C LEU A 406 15.78 54.04 -43.84
N PHE A 407 15.53 52.97 -44.61
CA PHE A 407 14.22 52.33 -44.63
C PHE A 407 14.31 50.83 -44.36
N LYS A 408 15.43 50.35 -43.85
CA LYS A 408 15.68 48.92 -43.69
C LYS A 408 16.43 48.69 -42.40
N SER A 409 16.10 47.59 -41.72
CA SER A 409 16.77 47.23 -40.49
C SER A 409 17.33 45.82 -40.58
N THR A 410 18.59 45.66 -40.20
CA THR A 410 19.30 44.40 -40.31
C THR A 410 19.78 43.93 -38.95
N ASN A 411 19.59 42.65 -38.67
CA ASN A 411 20.16 41.97 -37.52
C ASN A 411 21.07 40.86 -38.02
N PHE A 412 22.29 40.79 -37.50
CA PHE A 412 23.29 39.86 -38.00
C PHE A 412 24.05 39.23 -36.84
N GLN A 413 24.22 37.92 -36.86
CA GLN A 413 24.99 37.21 -35.84
C GLN A 413 25.89 36.20 -36.52
N SER A 414 27.12 36.07 -36.04
CA SER A 414 28.01 35.07 -36.62
C SER A 414 29.08 34.66 -35.63
N GLY A 415 29.23 33.35 -35.45
CA GLY A 415 30.19 32.87 -34.47
C GLY A 415 30.83 31.57 -34.90
N ASN A 416 31.85 31.18 -34.14
CA ASN A 416 32.61 29.98 -34.41
C ASN A 416 33.15 29.38 -33.13
N THR A 417 33.19 28.05 -33.07
CA THR A 417 33.78 27.33 -31.95
C THR A 417 34.80 26.31 -32.43
N ASP A 418 35.95 26.24 -31.75
CA ASP A 418 36.99 25.25 -32.01
C ASP A 418 37.32 24.50 -30.73
N LEU A 419 37.44 23.18 -30.83
CA LEU A 419 37.74 22.35 -29.67
C LEU A 419 38.62 21.17 -30.04
N VAL A 420 39.63 20.88 -29.22
CA VAL A 420 40.47 19.69 -29.39
C VAL A 420 40.72 19.04 -28.04
N ILE A 421 40.69 17.71 -27.99
CA ILE A 421 41.00 16.94 -26.80
C ILE A 421 42.00 15.86 -27.18
N LEU A 422 43.12 15.79 -26.49
CA LEU A 422 44.11 14.76 -26.78
C LEU A 422 44.69 14.18 -25.51
N VAL A 423 45.17 12.94 -25.60
CA VAL A 423 45.72 12.22 -24.45
C VAL A 423 47.05 11.59 -24.85
N THR A 424 47.97 11.51 -23.90
CA THR A 424 49.28 10.88 -24.07
C THR A 424 49.54 9.95 -22.89
N PRO A 425 49.59 8.66 -23.09
CA PRO A 425 49.98 7.76 -22.00
C PRO A 425 51.44 7.38 -22.04
N ARG A 426 52.01 7.03 -20.89
CA ARG A 426 53.41 6.63 -20.83
C ARG A 426 53.65 5.76 -19.61
N VAL A 427 54.33 4.62 -19.80
CA VAL A 427 54.67 3.74 -18.69
C VAL A 427 55.86 4.33 -17.94
N VAL A 428 55.69 4.59 -16.64
CA VAL A 428 56.61 5.40 -15.86
C VAL A 428 57.01 4.65 -14.60
N SER A 429 57.84 5.32 -13.79
CA SER A 429 58.09 4.96 -12.40
C SER A 429 58.36 6.25 -11.65
N ALA A 430 58.70 6.14 -10.36
CA ALA A 430 58.90 7.34 -9.58
C ALA A 430 60.05 8.19 -10.06
N ALA A 431 60.99 7.64 -10.82
CA ALA A 431 62.14 8.39 -11.30
C ALA A 431 61.94 8.95 -12.71
N SER A 432 60.78 8.76 -13.31
CA SER A 432 60.59 9.17 -14.69
C SER A 432 60.38 10.67 -14.78
N LEU A 433 60.52 11.18 -16.00
CA LEU A 433 60.62 12.62 -16.21
C LEU A 433 59.32 13.34 -15.88
N GLU A 434 58.18 12.72 -16.14
CA GLU A 434 56.90 13.36 -15.85
C GLU A 434 56.73 13.58 -14.35
N ASN A 435 56.99 12.54 -13.57
CA ASN A 435 56.92 12.65 -12.11
C ASN A 435 57.87 13.71 -11.59
N ILE A 436 59.11 13.72 -12.08
CA ILE A 436 60.09 14.71 -11.62
C ILE A 436 59.63 16.11 -11.93
N ARG A 437 59.08 16.33 -13.13
CA ARG A 437 58.66 17.67 -13.48
C ARG A 437 57.54 18.16 -12.57
N GLN A 438 56.58 17.28 -12.26
CA GLN A 438 55.52 17.72 -11.36
C GLN A 438 56.04 17.97 -9.94
N VAL A 439 57.01 17.18 -9.48
CA VAL A 439 57.58 17.40 -8.15
C VAL A 439 58.30 18.73 -8.09
N SER A 440 59.10 19.05 -9.12
CA SER A 440 59.78 20.33 -9.14
C SER A 440 58.78 21.49 -9.24
N GLN A 441 57.65 21.26 -9.91
CA GLN A 441 56.61 22.28 -9.92
C GLN A 441 56.07 22.54 -8.51
N ALA A 442 55.86 21.48 -7.74
CA ALA A 442 55.41 21.67 -6.36
C ALA A 442 56.43 22.44 -5.54
N VAL A 443 57.70 22.13 -5.73
CA VAL A 443 58.75 22.86 -5.02
C VAL A 443 58.70 24.34 -5.35
N GLU A 444 58.57 24.66 -6.64
CA GLU A 444 58.47 26.07 -7.03
C GLU A 444 57.25 26.75 -6.43
N MET A 445 56.11 26.07 -6.40
CA MET A 445 54.92 26.69 -5.84
C MET A 445 55.10 26.99 -4.37
N LYS A 446 55.70 26.06 -3.62
CA LYS A 446 55.98 26.33 -2.22
C LYS A 446 56.91 27.51 -2.05
N ASP A 447 57.95 27.59 -2.86
CA ASP A 447 58.89 28.70 -2.74
C ASP A 447 58.22 30.03 -3.02
N GLU A 448 57.33 30.06 -4.01
CA GLU A 448 56.60 31.30 -4.30
C GLU A 448 55.71 31.71 -3.12
N TYR A 449 54.96 30.76 -2.57
CA TYR A 449 54.16 31.06 -1.40
C TYR A 449 55.02 31.64 -0.30
N ARG A 450 56.17 31.03 -0.02
CA ARG A 450 57.03 31.54 1.03
C ARG A 450 57.48 32.96 0.73
N ASN A 451 57.84 33.24 -0.52
CA ASN A 451 58.41 34.55 -0.84
C ASN A 451 57.37 35.66 -0.82
N THR A 452 56.08 35.34 -0.88
CA THR A 452 55.09 36.42 -0.73
C THR A 452 55.00 36.91 0.70
N LEU A 453 55.25 36.05 1.68
CA LEU A 453 54.93 36.36 3.07
C LEU A 453 56.04 37.18 3.74
N PRO A 454 55.69 37.95 4.79
CA PRO A 454 56.71 38.68 5.54
C PRO A 454 57.63 37.75 6.29
N LYS A 455 58.81 38.26 6.63
CA LYS A 455 59.86 37.40 7.19
C LYS A 455 59.48 36.83 8.55
N GLY A 456 58.84 37.63 9.40
CA GLY A 456 58.56 37.21 10.76
C GLY A 456 57.24 36.50 10.97
N SER A 457 56.50 36.21 9.91
CA SER A 457 55.15 35.67 10.08
C SER A 457 55.18 34.25 10.62
N THR A 458 54.09 33.87 11.29
CA THR A 458 53.92 32.48 11.70
C THR A 458 53.47 31.62 10.53
N THR A 459 52.69 32.19 9.61
CA THR A 459 52.31 31.47 8.41
C THR A 459 53.54 31.08 7.60
N ARG A 460 54.57 31.93 7.60
CA ARG A 460 55.79 31.59 6.89
C ARG A 460 56.46 30.37 7.51
N ASP A 461 56.45 30.27 8.84
CA ASP A 461 56.99 29.08 9.49
C ASP A 461 56.19 27.85 9.10
N ALA A 462 54.86 27.97 9.08
CA ALA A 462 54.04 26.83 8.68
C ALA A 462 54.39 26.39 7.27
N VAL A 463 54.58 27.35 6.36
CA VAL A 463 54.99 27.01 5.00
C VAL A 463 56.33 26.30 5.02
N ASP A 464 57.25 26.76 5.85
CA ASP A 464 58.57 26.12 5.92
C ASP A 464 58.46 24.67 6.41
N ARG A 465 57.45 24.37 7.20
CA ARG A 465 57.34 23.02 7.75
C ARG A 465 56.67 22.03 6.80
N THR A 466 56.07 22.48 5.71
CA THR A 466 55.42 21.56 4.80
C THR A 466 56.43 20.97 3.82
N LEU A 467 55.98 19.95 3.10
CA LEU A 467 56.74 19.33 2.01
C LEU A 467 58.12 18.88 2.47
N GLY A 468 58.15 18.20 3.60
CA GLY A 468 59.40 17.68 4.13
C GLY A 468 59.87 16.45 3.39
N THR B 27 66.52 -34.84 -31.87
CA THR B 27 66.07 -36.19 -31.57
C THR B 27 65.17 -36.73 -32.68
N ILE B 28 64.94 -38.05 -32.66
CA ILE B 28 64.09 -38.70 -33.65
C ILE B 28 62.79 -39.21 -33.06
N ASP B 29 62.65 -39.24 -31.74
CA ASP B 29 61.54 -39.92 -31.08
C ASP B 29 60.22 -39.64 -31.79
N LEU B 30 59.63 -40.70 -32.34
CA LEU B 30 58.46 -40.57 -33.18
C LEU B 30 57.78 -41.93 -33.21
N TYR B 31 56.82 -42.13 -34.10
CA TYR B 31 56.32 -43.46 -34.35
C TYR B 31 57.48 -44.38 -34.70
N ALA B 32 57.48 -45.58 -34.12
CA ALA B 32 58.61 -46.47 -34.25
C ALA B 32 58.93 -46.73 -35.72
N GLY B 33 60.21 -46.68 -36.06
CA GLY B 33 60.65 -46.81 -37.43
C GLY B 33 60.87 -45.51 -38.17
N GLN B 34 60.91 -44.39 -37.47
CA GLN B 34 61.16 -43.11 -38.15
C GLN B 34 62.60 -43.04 -38.64
N VAL B 35 62.78 -42.51 -39.84
CA VAL B 35 64.09 -42.30 -40.44
C VAL B 35 64.32 -40.80 -40.54
N ARG B 36 65.47 -40.34 -40.04
CA ARG B 36 65.83 -38.94 -40.14
C ARG B 36 67.28 -38.80 -40.63
N VAL B 37 67.49 -37.83 -41.51
CA VAL B 37 68.82 -37.54 -42.06
C VAL B 37 69.24 -36.15 -41.60
N ILE B 38 70.37 -36.09 -40.90
CA ILE B 38 70.92 -34.87 -40.34
C ILE B 38 72.26 -34.59 -41.01
N PRO B 39 72.38 -33.51 -41.78
CA PRO B 39 73.69 -33.19 -42.39
C PRO B 39 74.63 -32.54 -41.38
N THR B 40 75.86 -33.04 -41.35
CA THR B 40 76.88 -32.51 -40.45
C THR B 40 78.22 -32.50 -41.20
N LYS B 41 79.29 -32.28 -40.43
CA LYS B 41 80.64 -32.41 -40.95
C LYS B 41 80.99 -33.88 -41.13
N PRO B 42 82.04 -34.17 -41.90
CA PRO B 42 82.41 -35.58 -42.16
C PRO B 42 82.55 -36.40 -40.89
N VAL B 43 81.91 -37.57 -40.89
CA VAL B 43 81.93 -38.49 -39.75
C VAL B 43 82.29 -39.88 -40.25
N LYS B 44 83.02 -40.63 -39.42
CA LYS B 44 83.42 -41.97 -39.81
C LYS B 44 82.22 -42.92 -39.88
N ARG B 45 81.33 -42.85 -38.89
CA ARG B 45 80.19 -43.74 -38.81
C ARG B 45 79.18 -43.11 -37.87
N VAL B 46 78.02 -43.77 -37.74
CA VAL B 46 77.02 -43.40 -36.76
C VAL B 46 76.60 -44.67 -36.02
N ALA B 47 76.69 -44.64 -34.70
CA ALA B 47 76.43 -45.80 -33.86
C ALA B 47 75.52 -45.41 -32.69
N ILE B 48 74.94 -46.43 -32.06
CA ILE B 48 73.98 -46.25 -30.97
C ILE B 48 74.41 -47.09 -29.79
N GLY B 49 74.21 -46.55 -28.58
CA GLY B 49 74.60 -47.28 -27.38
C GLY B 49 73.86 -48.61 -27.22
N ASP B 50 72.56 -48.61 -27.48
CA ASP B 50 71.75 -49.82 -27.42
C ASP B 50 71.37 -50.21 -28.84
N GLY B 51 71.70 -51.45 -29.22
CA GLY B 51 71.41 -51.91 -30.57
C GLY B 51 69.93 -52.01 -30.84
N LYS B 52 69.16 -52.51 -29.87
CA LYS B 52 67.74 -52.74 -30.09
C LYS B 52 67.00 -51.41 -30.30
N VAL B 53 67.33 -50.39 -29.52
CA VAL B 53 66.52 -49.18 -29.53
C VAL B 53 66.64 -48.45 -30.86
N LEU B 54 67.85 -48.37 -31.41
CA LEU B 54 68.08 -47.50 -32.55
C LEU B 54 69.20 -48.06 -33.42
N SER B 55 69.06 -47.89 -34.73
CA SER B 55 70.06 -48.27 -35.73
C SER B 55 70.45 -47.05 -36.53
N THR B 56 71.71 -47.00 -36.97
CA THR B 56 72.24 -45.81 -37.62
C THR B 56 73.19 -46.17 -38.75
N THR B 57 73.30 -45.27 -39.73
CA THR B 57 74.21 -45.39 -40.84
C THR B 57 74.76 -44.00 -41.18
N VAL B 58 75.93 -43.97 -41.82
CA VAL B 58 76.48 -42.70 -42.27
C VAL B 58 76.28 -42.55 -43.78
N VAL B 59 75.65 -41.45 -44.18
CA VAL B 59 75.35 -41.19 -45.58
C VAL B 59 76.11 -39.94 -46.01
N ASP B 60 76.62 -39.97 -47.25
CA ASP B 60 77.46 -38.94 -47.86
C ASP B 60 78.83 -38.87 -47.17
N GLY B 61 79.10 -39.72 -46.19
CA GLY B 61 80.31 -39.62 -45.39
C GLY B 61 80.30 -38.50 -44.37
N ASN B 62 79.33 -37.60 -44.43
CA ASN B 62 79.23 -36.50 -43.48
C ASN B 62 77.92 -36.57 -42.71
N GLU B 63 76.82 -36.82 -43.41
CA GLU B 63 75.50 -36.80 -42.81
C GLU B 63 75.16 -38.13 -42.14
N LEU B 64 74.14 -38.06 -41.28
CA LEU B 64 73.63 -39.17 -40.49
C LEU B 64 72.29 -39.62 -41.04
N LEU B 65 72.15 -40.90 -41.36
CA LEU B 65 70.82 -41.48 -41.53
C LEU B 65 70.55 -42.31 -40.30
N LEU B 66 69.39 -42.10 -39.68
CA LEU B 66 69.12 -42.62 -38.36
C LEU B 66 67.73 -43.23 -38.34
N LEU B 67 67.67 -44.54 -38.17
CA LEU B 67 66.41 -45.27 -38.08
C LEU B 67 66.17 -45.60 -36.62
N GLY B 68 65.14 -44.98 -36.03
CA GLY B 68 64.81 -45.27 -34.66
C GLY B 68 63.89 -46.47 -34.55
N ASP B 69 64.47 -47.63 -34.21
CA ASP B 69 63.65 -48.82 -33.99
C ASP B 69 62.70 -48.61 -32.83
N ALA B 70 63.10 -47.78 -31.87
CA ALA B 70 62.23 -47.38 -30.76
C ALA B 70 61.74 -48.58 -29.95
N GLU B 71 62.62 -49.55 -29.73
CA GLU B 71 62.24 -50.69 -28.89
C GLU B 71 62.08 -50.27 -27.43
N GLY B 72 62.91 -49.33 -26.97
CA GLY B 72 62.84 -48.89 -25.60
C GLY B 72 63.06 -47.39 -25.50
N GLU B 73 62.78 -46.86 -24.32
CA GLU B 73 62.95 -45.43 -24.02
C GLU B 73 64.16 -45.25 -23.12
N THR B 74 65.17 -44.56 -23.62
CA THR B 74 66.39 -44.31 -22.85
C THR B 74 67.20 -43.21 -23.53
N SER B 75 68.21 -42.73 -22.82
CA SER B 75 69.20 -41.86 -23.42
C SER B 75 70.13 -42.67 -24.32
N LEU B 76 70.73 -41.98 -25.29
CA LEU B 76 71.54 -42.64 -26.31
C LEU B 76 72.87 -41.94 -26.47
N ARG B 77 73.90 -42.74 -26.74
CA ARG B 77 75.24 -42.26 -27.07
C ARG B 77 75.52 -42.58 -28.52
N VAL B 78 76.09 -41.61 -29.24
CA VAL B 78 76.29 -41.71 -30.68
C VAL B 78 77.77 -41.55 -31.00
N TRP B 79 78.30 -42.46 -31.79
CA TRP B 79 79.73 -42.49 -32.12
C TRP B 79 79.96 -41.83 -33.49
N PHE B 80 81.04 -41.07 -33.60
CA PHE B 80 81.41 -40.43 -34.85
C PHE B 80 82.91 -40.53 -35.05
N LYS B 81 83.39 -39.78 -36.05
CA LYS B 81 84.81 -39.48 -36.16
C LYS B 81 85.19 -38.37 -35.19
N ASP B 82 84.50 -37.23 -35.27
CA ASP B 82 84.71 -36.17 -34.29
C ASP B 82 84.21 -36.57 -32.91
N GLY B 83 83.22 -37.46 -32.86
CA GLY B 83 82.75 -38.00 -31.61
C GLY B 83 81.74 -37.15 -30.86
N SER B 84 81.24 -36.08 -31.46
CA SER B 84 80.24 -35.25 -30.80
C SER B 84 78.96 -36.05 -30.55
N GLU B 85 78.47 -36.02 -29.32
CA GLU B 85 77.31 -36.83 -28.95
C GLU B 85 76.16 -35.93 -28.52
N ALA B 86 75.00 -36.14 -29.15
CA ALA B 86 73.76 -35.47 -28.77
C ALA B 86 72.80 -36.53 -28.25
N ALA B 87 72.56 -36.52 -26.94
CA ALA B 87 71.72 -37.54 -26.34
C ALA B 87 70.28 -37.42 -26.84
N TYR B 88 69.72 -38.55 -27.27
CA TYR B 88 68.37 -38.61 -27.79
C TYR B 88 67.51 -39.45 -26.86
N ARG B 89 66.32 -38.95 -26.57
CA ARG B 89 65.29 -39.71 -25.86
C ARG B 89 64.26 -40.17 -26.87
N VAL B 90 64.00 -41.48 -26.90
CA VAL B 90 63.19 -42.09 -27.95
C VAL B 90 61.93 -42.68 -27.31
N LEU B 91 60.77 -42.34 -27.86
CA LEU B 91 59.49 -42.87 -27.43
C LEU B 91 58.67 -43.28 -28.64
N VAL B 92 57.89 -44.35 -28.51
CA VAL B 92 57.03 -44.80 -29.59
C VAL B 92 55.75 -43.97 -29.61
N ALA B 93 55.26 -43.69 -30.81
CA ALA B 93 54.02 -42.93 -30.88
C ALA B 93 52.84 -43.87 -30.99
N PRO B 94 51.91 -43.85 -30.03
CA PRO B 94 50.69 -44.68 -30.06
C PRO B 94 49.87 -44.44 -31.32
N VAL B 97 53.50 -40.37 -29.24
CA VAL B 97 53.86 -39.04 -28.79
C VAL B 97 54.71 -38.34 -29.84
N GLY B 98 55.59 -39.08 -30.51
CA GLY B 98 56.48 -38.45 -31.47
C GLY B 98 55.78 -38.11 -32.78
N ARG B 99 55.06 -39.08 -33.34
CA ARG B 99 54.30 -38.82 -34.55
C ARG B 99 53.24 -37.76 -34.29
N ALA B 100 52.56 -37.84 -33.15
CA ALA B 100 51.56 -36.85 -32.80
C ALA B 100 52.18 -35.48 -32.66
N ALA B 101 53.35 -35.41 -32.03
CA ALA B 101 54.05 -34.12 -31.94
C ALA B 101 54.38 -33.58 -33.32
N GLU B 102 54.78 -34.46 -34.23
CA GLU B 102 55.12 -34.01 -35.58
C GLU B 102 53.90 -33.44 -36.29
N GLU B 103 52.76 -34.12 -36.22
CA GLU B 103 51.58 -33.61 -36.91
C GLU B 103 51.08 -32.33 -36.27
N MET B 104 51.14 -32.24 -34.94
CA MET B 104 50.77 -30.99 -34.27
C MET B 104 51.69 -29.86 -34.71
N ARG B 105 52.99 -30.14 -34.84
CA ARG B 105 53.91 -29.11 -35.30
C ARG B 105 53.58 -28.65 -36.70
N GLU B 106 53.24 -29.59 -37.58
CA GLU B 106 52.89 -29.21 -38.95
C GLU B 106 51.61 -28.37 -38.98
N LEU B 107 50.59 -28.78 -38.22
CA LEU B 107 49.32 -28.06 -38.24
C LEU B 107 49.48 -26.66 -37.66
N MET B 108 50.08 -26.56 -36.48
CA MET B 108 50.29 -25.25 -35.87
C MET B 108 51.32 -24.44 -36.66
N GLY B 109 52.28 -25.12 -37.27
CA GLY B 109 53.33 -24.44 -38.02
C GLY B 109 52.80 -23.65 -39.21
N ALA B 115 54.83 -18.25 -32.38
CA ALA B 115 55.35 -17.99 -31.05
C ALA B 115 55.27 -19.25 -30.19
N LYS B 116 54.32 -20.12 -30.54
CA LYS B 116 54.15 -21.39 -29.86
C LYS B 116 55.38 -22.26 -30.04
N ILE B 117 55.68 -23.05 -29.00
CA ILE B 117 56.83 -23.94 -28.99
C ILE B 117 56.36 -25.34 -28.63
N ARG B 118 56.92 -26.33 -29.31
CA ARG B 118 56.51 -27.72 -29.22
C ARG B 118 57.65 -28.55 -28.67
N VAL B 119 57.39 -29.36 -27.64
CA VAL B 119 58.40 -30.27 -27.12
C VAL B 119 57.77 -31.62 -26.85
N VAL B 120 58.61 -32.64 -26.75
CA VAL B 120 58.12 -34.01 -26.63
C VAL B 120 58.09 -34.46 -25.17
N GLY B 121 59.24 -34.40 -24.49
CA GLY B 121 59.29 -34.83 -23.10
C GLY B 121 58.83 -36.26 -22.95
N ASP B 122 57.91 -36.48 -22.01
CA ASP B 122 57.16 -37.73 -21.95
C ASP B 122 55.78 -37.62 -22.59
N HIS B 123 55.06 -36.55 -22.32
CA HIS B 123 53.85 -36.22 -23.03
C HIS B 123 54.11 -34.94 -23.83
N VAL B 124 53.53 -34.87 -25.02
CA VAL B 124 53.75 -33.72 -25.87
C VAL B 124 53.29 -32.45 -25.15
N VAL B 125 54.16 -31.44 -25.15
CA VAL B 125 53.96 -30.22 -24.38
C VAL B 125 53.98 -29.03 -25.32
N VAL B 126 52.97 -28.18 -25.20
CA VAL B 126 52.91 -26.90 -25.91
C VAL B 126 53.18 -25.80 -24.91
N ASP B 127 54.02 -24.84 -25.28
CA ASP B 127 54.29 -23.73 -24.37
C ASP B 127 54.51 -22.44 -25.15
N GLY B 128 54.03 -21.34 -24.58
CA GLY B 128 54.18 -20.04 -25.20
C GLY B 128 53.81 -18.96 -24.21
N LYS B 129 54.25 -17.74 -24.50
CA LYS B 129 54.08 -16.66 -23.53
C LYS B 129 52.82 -15.86 -23.80
N ASN B 130 52.72 -15.26 -24.98
CA ASN B 130 51.69 -14.25 -25.26
C ASN B 130 50.89 -14.67 -26.50
N LEU B 131 50.46 -15.92 -26.52
CA LEU B 131 49.73 -16.43 -27.67
C LEU B 131 48.37 -15.76 -27.81
N ALA B 132 47.97 -15.54 -29.05
CA ALA B 132 46.68 -14.95 -29.33
C ALA B 132 45.57 -15.92 -28.97
N PRO B 133 44.40 -15.42 -28.60
CA PRO B 133 43.29 -16.32 -28.23
C PRO B 133 42.92 -17.31 -29.32
N THR B 134 43.00 -16.91 -30.58
CA THR B 134 42.70 -17.84 -31.66
C THR B 134 43.70 -18.99 -31.66
N THR B 135 44.98 -18.72 -31.42
CA THR B 135 45.96 -19.78 -31.39
C THR B 135 45.69 -20.74 -30.24
N LEU B 136 45.29 -20.21 -29.09
CA LEU B 136 44.91 -21.08 -27.97
C LEU B 136 43.72 -21.94 -28.32
N ALA B 137 42.73 -21.37 -29.00
CA ALA B 137 41.57 -22.15 -29.42
C ALA B 137 41.97 -23.25 -30.38
N ARG B 138 42.86 -22.94 -31.32
CA ARG B 138 43.35 -23.95 -32.25
C ARG B 138 44.07 -25.06 -31.51
N VAL B 139 44.89 -24.71 -30.51
CA VAL B 139 45.62 -25.72 -29.76
C VAL B 139 44.67 -26.62 -28.99
N ARG B 140 43.70 -26.05 -28.29
CA ARG B 140 42.79 -26.89 -27.54
C ARG B 140 41.86 -27.67 -28.45
N ALA B 141 41.69 -27.20 -29.70
CA ALA B 141 40.96 -28.00 -30.67
C ALA B 141 41.76 -29.22 -31.09
N LEU B 142 43.04 -29.02 -31.40
CA LEU B 142 43.90 -30.16 -31.72
C LEU B 142 44.16 -31.04 -30.52
N GLN B 143 43.82 -30.60 -29.32
CA GLN B 143 43.97 -31.44 -28.15
C GLN B 143 43.25 -32.78 -28.29
N ALA B 144 42.15 -32.81 -29.06
CA ALA B 144 41.39 -34.04 -29.20
C ALA B 144 42.17 -35.09 -29.97
N LEU B 145 43.22 -34.69 -30.68
CA LEU B 145 43.99 -35.65 -31.48
C LEU B 145 44.71 -36.66 -30.58
N TYR B 146 45.27 -36.20 -29.47
CA TYR B 146 45.98 -37.06 -28.54
C TYR B 146 45.59 -36.70 -27.12
N PRO B 147 45.09 -37.66 -26.33
CA PRO B 147 44.71 -37.36 -24.95
C PRO B 147 45.84 -36.84 -24.08
N LYS B 148 47.08 -37.34 -24.23
CA LYS B 148 48.17 -36.94 -23.36
C LYS B 148 48.91 -35.75 -23.96
N THR B 149 48.32 -34.57 -23.83
CA THR B 149 48.96 -33.32 -24.19
C THR B 149 48.94 -32.40 -22.98
N ILE B 150 50.03 -31.66 -22.81
CA ILE B 150 50.16 -30.72 -21.71
C ILE B 150 50.23 -29.31 -22.30
N VAL B 151 49.26 -28.49 -21.95
CA VAL B 151 49.14 -27.13 -22.46
C VAL B 151 49.67 -26.18 -21.40
N LEU B 152 50.88 -25.67 -21.61
CA LEU B 152 51.50 -24.74 -20.68
C LEU B 152 51.49 -23.31 -21.19
N ALA B 153 50.99 -23.08 -22.40
CA ALA B 153 50.99 -21.74 -22.96
C ALA B 153 49.95 -20.86 -22.29
N THR B 154 50.19 -19.56 -22.31
CA THR B 154 49.31 -18.60 -21.67
C THR B 154 48.88 -17.53 -22.65
N PRO B 155 47.69 -16.97 -22.47
CA PRO B 155 47.23 -15.90 -23.35
C PRO B 155 47.81 -14.53 -22.98
N SER B 156 47.69 -13.60 -23.91
CA SER B 156 48.07 -12.23 -23.65
C SER B 156 47.04 -11.55 -22.77
N PRO B 157 47.43 -10.48 -22.08
CA PRO B 157 46.43 -9.75 -21.28
C PRO B 157 45.27 -9.24 -22.11
N PHE B 158 45.55 -8.79 -23.33
CA PHE B 158 44.53 -8.30 -24.23
C PHE B 158 45.09 -8.36 -25.64
N ASP B 159 44.24 -8.08 -26.62
CA ASP B 159 44.63 -8.07 -28.01
C ASP B 159 44.62 -6.63 -28.51
N MET B 160 45.71 -6.22 -29.16
CA MET B 160 45.73 -4.89 -29.74
C MET B 160 44.81 -4.85 -30.94
N GLU B 161 43.86 -3.92 -30.91
CA GLU B 161 42.85 -3.79 -31.95
C GLU B 161 43.23 -2.66 -32.88
N LYS B 162 42.67 -2.69 -34.08
CA LYS B 162 42.82 -1.56 -34.99
C LYS B 162 42.00 -0.38 -34.49
N MET B 163 42.51 0.81 -34.75
CA MET B 163 41.85 2.04 -34.35
C MET B 163 41.21 2.69 -35.56
N VAL B 164 40.01 3.22 -35.37
CA VAL B 164 39.22 3.81 -36.43
C VAL B 164 39.00 5.28 -36.12
N TRP B 165 39.21 6.12 -37.13
CA TRP B 165 38.97 7.55 -37.06
C TRP B 165 37.70 7.85 -37.83
N LEU B 166 36.79 8.60 -37.22
CA LEU B 166 35.51 8.94 -37.83
C LEU B 166 35.40 10.44 -38.02
N ASP B 167 35.11 10.85 -39.24
CA ASP B 167 34.95 12.25 -39.60
C ASP B 167 33.51 12.49 -40.05
N VAL B 168 32.81 13.41 -39.39
CA VAL B 168 31.38 13.62 -39.62
C VAL B 168 31.14 15.07 -39.99
N ASN B 169 30.37 15.31 -41.07
CA ASN B 169 29.99 16.64 -41.50
C ASN B 169 28.48 16.77 -41.50
N ILE B 170 27.98 17.89 -40.98
CA ILE B 170 26.56 18.18 -40.91
C ILE B 170 26.35 19.60 -41.41
N LEU B 171 25.72 19.75 -42.57
CA LEU B 171 25.55 21.07 -43.19
C LEU B 171 24.06 21.36 -43.35
N GLU B 172 23.63 22.53 -42.87
CA GLU B 172 22.23 22.92 -43.01
C GLU B 172 22.10 24.38 -43.42
N ILE B 173 21.15 24.66 -44.29
CA ILE B 173 20.83 26.01 -44.72
C ILE B 173 19.32 26.22 -44.70
N ARG B 174 18.88 27.34 -44.13
CA ARG B 174 17.46 27.68 -44.07
C ARG B 174 17.23 29.06 -44.65
N LYS B 175 16.17 29.20 -45.43
CA LYS B 175 15.80 30.50 -45.98
C LYS B 175 14.29 30.70 -45.87
N SER B 176 13.89 31.95 -45.68
CA SER B 176 12.48 32.27 -45.55
C SER B 176 12.19 33.68 -46.06
N VAL B 177 10.98 33.85 -46.57
CA VAL B 177 10.46 35.14 -47.04
C VAL B 177 9.06 35.31 -46.50
N LEU B 178 8.72 36.53 -46.08
CA LEU B 178 7.41 36.83 -45.53
C LEU B 178 6.95 38.19 -46.03
N GLU B 179 5.73 38.26 -46.59
CA GLU B 179 5.17 39.51 -47.07
C GLU B 179 3.73 39.63 -46.57
N ASN B 180 3.30 40.86 -46.32
CA ASN B 180 1.95 41.14 -45.85
C ASN B 180 1.55 42.52 -46.33
N PHE B 181 0.71 42.58 -47.36
CA PHE B 181 0.47 43.86 -48.00
C PHE B 181 -0.97 43.99 -48.50
N GLY B 182 -1.44 45.22 -48.50
CA GLY B 182 -2.76 45.55 -49.02
C GLY B 182 -3.58 46.32 -48.01
N VAL B 183 -4.85 46.50 -48.36
CA VAL B 183 -5.81 47.21 -47.53
C VAL B 183 -6.88 46.23 -47.08
N ASP B 184 -7.10 46.16 -45.77
CA ASP B 184 -8.03 45.23 -45.17
C ASP B 184 -9.25 46.01 -44.68
N TRP B 185 -10.41 45.77 -45.28
CA TRP B 185 -11.63 46.50 -44.97
C TRP B 185 -12.53 45.69 -44.03
N SER B 186 -13.51 46.39 -43.46
CA SER B 186 -14.55 45.71 -42.69
C SER B 186 -15.38 44.82 -43.59
N LYS B 187 -15.83 43.70 -43.07
CA LYS B 187 -16.63 42.75 -43.83
C LYS B 187 -18.00 42.49 -43.26
N GLN B 188 -18.35 43.09 -42.12
CA GLN B 188 -19.66 42.94 -41.51
C GLN B 188 -20.07 44.26 -40.91
N ILE B 189 -21.11 44.88 -41.45
CA ILE B 189 -21.53 46.20 -41.00
C ILE B 189 -23.00 46.18 -40.64
N PRO B 190 -23.46 47.08 -39.77
CA PRO B 190 -24.89 47.10 -39.43
C PRO B 190 -25.77 47.39 -40.63
N GLY B 191 -26.97 46.82 -40.60
CA GLY B 191 -27.94 47.03 -41.66
C GLY B 191 -29.05 47.98 -41.26
N PRO B 192 -30.03 48.16 -42.13
CA PRO B 192 -31.14 49.08 -41.82
C PRO B 192 -32.02 48.54 -40.70
N PHE B 193 -32.75 49.45 -40.06
CA PHE B 193 -33.66 49.11 -38.98
C PHE B 193 -35.00 49.79 -39.17
N ALA B 194 -36.04 49.15 -38.67
CA ALA B 194 -37.40 49.67 -38.71
C ALA B 194 -38.10 49.31 -37.42
N ALA B 195 -39.03 50.16 -37.00
CA ALA B 195 -39.79 49.90 -35.79
C ALA B 195 -41.13 50.60 -35.85
N PHE B 196 -42.13 49.96 -35.25
CA PHE B 196 -43.50 50.44 -35.20
C PHE B 196 -44.02 50.32 -33.79
N GLY B 197 -44.93 51.21 -33.40
CA GLY B 197 -45.55 51.14 -32.09
C GLY B 197 -46.83 51.93 -32.03
N LYS B 198 -47.89 51.37 -31.48
CA LYS B 198 -49.15 52.08 -31.40
C LYS B 198 -49.95 51.59 -30.21
N ASP B 199 -50.88 52.42 -29.75
CA ASP B 199 -51.81 52.10 -28.68
C ASP B 199 -53.23 52.30 -29.21
N PHE B 200 -53.91 51.21 -29.54
CA PHE B 200 -55.25 51.32 -30.08
C PHE B 200 -56.25 51.76 -29.03
N VAL B 201 -56.17 51.19 -27.83
CA VAL B 201 -56.93 51.67 -26.68
C VAL B 201 -55.92 52.06 -25.61
N GLY B 202 -55.66 53.36 -25.50
CA GLY B 202 -54.49 53.82 -24.80
C GLY B 202 -54.65 53.84 -23.30
N PRO B 203 -53.55 54.00 -22.59
CA PRO B 203 -53.62 54.11 -21.13
C PRO B 203 -54.23 55.43 -20.73
N ARG B 204 -54.57 55.54 -19.45
CA ARG B 204 -55.09 56.78 -18.89
C ARG B 204 -54.11 57.35 -17.89
N ASN B 205 -54.06 58.67 -17.81
CA ASN B 205 -53.21 59.38 -16.86
C ASN B 205 -54.12 60.05 -15.84
N VAL B 206 -53.91 59.71 -14.56
CA VAL B 206 -54.78 60.17 -13.49
C VAL B 206 -53.93 60.59 -12.29
N ALA B 207 -54.47 61.50 -11.49
CA ALA B 207 -53.80 61.86 -10.25
C ALA B 207 -54.10 60.85 -9.16
N THR B 208 -53.08 60.50 -8.38
CA THR B 208 -53.25 59.52 -7.31
C THR B 208 -52.46 59.95 -6.09
N ILE B 209 -52.89 59.48 -4.93
CA ILE B 209 -52.26 59.74 -3.64
C ILE B 209 -51.76 58.42 -3.08
N PRO B 210 -50.46 58.23 -2.92
CA PRO B 210 -49.95 56.93 -2.46
C PRO B 210 -50.40 56.62 -1.04
N LEU B 211 -50.59 55.33 -0.78
CA LEU B 211 -50.99 54.90 0.56
C LEU B 211 -49.87 55.16 1.56
N GLY B 212 -50.24 55.61 2.75
CA GLY B 212 -49.28 55.92 3.78
C GLY B 212 -48.69 57.31 3.70
N GLN B 213 -49.10 58.11 2.72
CA GLN B 213 -48.59 59.46 2.53
C GLN B 213 -49.58 60.46 3.13
N ASP B 214 -49.04 61.55 3.67
CA ASP B 214 -49.87 62.56 4.31
C ASP B 214 -50.90 63.10 3.33
N LEU B 215 -52.09 63.42 3.87
CA LEU B 215 -53.20 63.82 3.00
C LEU B 215 -53.01 65.22 2.43
N THR B 216 -52.23 66.06 3.11
CA THR B 216 -52.09 67.44 2.65
C THR B 216 -51.16 67.53 1.44
N GLN B 217 -50.31 66.53 1.24
CA GLN B 217 -49.32 66.60 0.18
C GLN B 217 -49.99 66.52 -1.18
N PRO B 218 -49.43 67.16 -2.22
CA PRO B 218 -50.09 67.16 -3.52
C PRO B 218 -50.02 65.78 -4.16
N PRO B 219 -50.94 65.49 -5.07
CA PRO B 219 -50.96 64.17 -5.70
C PRO B 219 -49.81 63.99 -6.67
N VAL B 220 -49.64 62.75 -7.12
CA VAL B 220 -48.61 62.40 -8.09
C VAL B 220 -49.28 61.75 -9.29
N ALA B 221 -48.48 61.55 -10.34
CA ALA B 221 -48.98 60.95 -11.56
C ALA B 221 -49.20 59.45 -11.38
N GLY B 222 -50.21 58.92 -12.05
CA GLY B 222 -50.50 57.50 -12.00
C GLY B 222 -51.30 57.14 -13.23
N THR B 223 -51.60 55.84 -13.35
CA THR B 223 -52.11 55.31 -14.60
C THR B 223 -53.28 54.39 -14.36
N GLY B 224 -54.02 54.13 -15.43
CA GLY B 224 -54.96 53.02 -15.47
C GLY B 224 -54.22 51.75 -15.78
N VAL B 225 -54.90 50.82 -16.43
CA VAL B 225 -54.23 49.61 -16.87
C VAL B 225 -53.26 49.97 -17.99
N ARG B 226 -51.99 49.65 -17.78
CA ARG B 226 -50.95 50.01 -18.74
C ARG B 226 -49.96 48.86 -18.85
N VAL B 227 -49.57 48.55 -20.07
CA VAL B 227 -48.70 47.41 -20.37
C VAL B 227 -47.39 47.92 -20.92
N THR B 228 -46.29 47.42 -20.36
CA THR B 228 -44.97 47.62 -20.95
C THR B 228 -44.46 46.29 -21.46
N PRO B 229 -44.55 46.02 -22.76
CA PRO B 229 -44.26 44.68 -23.25
C PRO B 229 -42.78 44.35 -23.11
N PRO B 230 -42.43 43.08 -22.94
CA PRO B 230 -41.03 42.68 -22.95
C PRO B 230 -40.50 42.59 -24.37
N LEU B 231 -39.49 43.40 -24.68
CA LEU B 231 -38.83 43.37 -25.97
C LEU B 231 -37.81 42.25 -25.93
N GLY B 232 -38.08 41.15 -26.65
CA GLY B 232 -37.23 39.98 -26.51
C GLY B 232 -35.84 40.18 -27.09
N SER B 233 -35.74 40.16 -28.41
CA SER B 233 -34.46 40.38 -29.09
C SER B 233 -34.23 41.85 -29.44
N LEU B 234 -35.22 42.70 -29.25
CA LEU B 234 -35.09 44.13 -29.48
C LEU B 234 -34.66 44.87 -28.24
N ASN B 235 -34.34 44.15 -27.16
CA ASN B 235 -34.05 44.77 -25.88
C ASN B 235 -32.85 45.67 -25.98
N GLY B 236 -32.98 46.88 -25.43
CA GLY B 236 -31.93 47.86 -25.49
C GLY B 236 -31.87 48.64 -26.78
N ALA B 237 -32.63 48.25 -27.79
CA ALA B 237 -32.64 48.96 -29.06
C ALA B 237 -33.79 49.94 -29.19
N ILE B 238 -34.93 49.67 -28.58
CA ILE B 238 -36.07 50.58 -28.55
C ILE B 238 -36.17 51.16 -27.15
N ASP B 239 -36.36 52.48 -27.07
CA ASP B 239 -36.34 53.18 -25.80
C ASP B 239 -37.72 53.14 -25.17
N LEU B 240 -37.83 52.54 -23.98
CA LEU B 240 -39.08 52.48 -23.26
C LEU B 240 -39.14 53.39 -22.05
N ALA B 241 -38.00 53.72 -21.46
CA ALA B 241 -37.99 54.57 -20.28
C ALA B 241 -38.52 55.96 -20.59
N ASN B 242 -38.14 56.51 -21.73
CA ASN B 242 -38.46 57.88 -22.09
C ASN B 242 -39.64 57.99 -23.03
N LEU B 243 -40.41 56.92 -23.22
CA LEU B 243 -41.48 56.90 -24.19
C LEU B 243 -42.79 57.36 -23.58
N ALA B 244 -43.38 58.40 -24.15
CA ALA B 244 -44.69 58.85 -23.73
C ALA B 244 -45.73 57.81 -24.10
N ARG B 245 -46.42 57.27 -23.11
CA ARG B 245 -47.14 56.01 -23.34
C ARG B 245 -48.39 56.15 -24.19
N PRO B 246 -49.16 57.23 -24.08
CA PRO B 246 -50.13 57.50 -25.15
C PRO B 246 -49.37 57.88 -26.40
N ILE B 247 -48.90 56.86 -27.13
CA ILE B 247 -47.78 57.00 -28.05
C ILE B 247 -48.07 58.03 -29.13
N ALA B 248 -47.16 58.99 -29.26
CA ALA B 248 -47.19 60.00 -30.32
C ALA B 248 -45.95 59.81 -31.17
N GLY B 249 -46.14 59.46 -32.43
CA GLY B 249 -45.01 59.11 -33.28
C GLY B 249 -44.86 57.61 -33.31
N THR B 250 -45.33 56.99 -34.39
CA THR B 250 -45.52 55.54 -34.38
C THR B 250 -44.34 54.80 -35.01
N THR B 251 -43.70 55.39 -36.01
CA THR B 251 -42.71 54.67 -36.81
C THR B 251 -41.34 55.30 -36.68
N ASN B 252 -40.32 54.46 -36.85
CA ASN B 252 -38.94 54.91 -37.01
C ASN B 252 -38.23 53.98 -37.98
N PHE B 253 -37.75 54.53 -39.09
CA PHE B 253 -37.12 53.74 -40.13
C PHE B 253 -35.83 54.44 -40.56
N GLY B 254 -34.71 53.72 -40.52
CA GLY B 254 -33.45 54.38 -40.78
C GLY B 254 -32.30 53.40 -40.86
N ILE B 255 -31.09 53.94 -40.88
CA ILE B 255 -29.87 53.14 -40.95
C ILE B 255 -28.70 53.96 -40.41
N ILE B 256 -27.77 53.27 -39.75
CA ILE B 256 -26.53 53.88 -39.25
C ILE B 256 -25.43 52.84 -39.42
N THR B 257 -24.50 53.10 -40.33
CA THR B 257 -23.51 52.09 -40.71
C THR B 257 -22.25 52.78 -41.21
N GLY B 258 -21.15 52.02 -41.25
CA GLY B 258 -19.90 52.52 -41.78
C GLY B 258 -18.87 51.42 -41.90
N VAL B 259 -17.69 51.79 -42.42
CA VAL B 259 -16.61 50.84 -42.63
C VAL B 259 -15.32 51.38 -42.03
N LEU B 260 -14.41 50.46 -41.72
CA LEU B 260 -13.08 50.76 -41.21
C LEU B 260 -12.06 49.93 -41.98
N SER B 261 -10.80 50.37 -41.94
CA SER B 261 -9.80 49.76 -42.79
C SER B 261 -8.42 49.83 -42.12
N THR B 262 -7.52 48.98 -42.61
CA THR B 262 -6.13 48.94 -42.18
C THR B 262 -5.22 48.78 -43.38
N ILE B 263 -3.99 49.27 -43.28
CA ILE B 263 -3.02 49.24 -44.37
C ILE B 263 -1.80 48.45 -43.95
N ASN B 264 -1.34 47.54 -44.81
CA ASN B 264 -0.23 46.64 -44.52
C ASN B 264 0.81 46.76 -45.62
N PHE B 265 2.07 46.95 -45.25
CA PHE B 265 3.15 46.89 -46.23
C PHE B 265 4.41 46.24 -45.60
N ALA B 266 4.23 45.15 -44.87
CA ALA B 266 5.33 44.49 -44.18
C ALA B 266 6.06 43.52 -45.12
N LEU B 267 7.38 43.48 -45.02
CA LEU B 267 8.22 42.67 -45.90
C LEU B 267 9.47 42.25 -45.15
N SER B 268 9.84 40.97 -45.22
CA SER B 268 10.92 40.45 -44.41
C SER B 268 11.56 39.21 -45.03
N ASN B 269 12.84 39.02 -44.71
CA ASN B 269 13.63 37.88 -45.19
C ASN B 269 14.40 37.27 -44.04
N GLY B 270 14.87 36.05 -44.23
CA GLY B 270 15.72 35.42 -43.25
C GLY B 270 16.59 34.33 -43.82
N ASP B 271 17.87 34.30 -43.44
CA ASP B 271 18.80 33.27 -43.86
C ASP B 271 19.57 32.75 -42.66
N ALA B 272 19.88 31.45 -42.66
CA ALA B 272 20.67 30.86 -41.60
C ALA B 272 21.52 29.73 -42.16
N TYR B 273 22.78 29.68 -41.76
CA TYR B 273 23.74 28.72 -42.25
C TYR B 273 24.40 28.03 -41.06
N LEU B 274 24.72 26.75 -41.20
CA LEU B 274 25.56 26.13 -40.18
C LEU B 274 26.26 24.90 -40.73
N ILE B 275 27.50 24.70 -40.27
CA ILE B 275 28.26 23.48 -40.49
C ILE B 275 28.77 23.00 -39.15
N ALA B 276 28.69 21.70 -38.92
CA ALA B 276 29.28 21.08 -37.75
C ALA B 276 30.19 19.96 -38.20
N ASN B 277 31.41 19.93 -37.68
CA ASN B 277 32.44 18.99 -38.10
C ASN B 277 33.04 18.32 -36.87
N PRO B 278 32.29 17.45 -36.21
CA PRO B 278 32.88 16.65 -35.13
C PRO B 278 33.77 15.57 -35.69
N GLN B 279 34.72 15.13 -34.88
CA GLN B 279 35.58 14.03 -35.24
C GLN B 279 35.84 13.16 -34.02
N LEU B 280 36.11 11.88 -34.28
CA LEU B 280 36.17 10.91 -33.19
C LEU B 280 37.24 9.87 -33.48
N SER B 281 37.66 9.20 -32.42
CA SER B 281 38.55 8.05 -32.53
C SER B 281 38.03 6.95 -31.61
N ALA B 282 38.07 5.70 -32.07
CA ALA B 282 37.70 4.60 -31.20
C ALA B 282 38.29 3.31 -31.72
N ARG B 283 38.51 2.36 -30.83
CA ARG B 283 39.12 1.10 -31.21
C ARG B 283 38.06 0.11 -31.68
N SER B 284 38.51 -0.84 -32.49
CA SER B 284 37.61 -1.84 -33.04
C SER B 284 36.98 -2.67 -31.93
N GLY B 285 35.67 -2.61 -31.83
CA GLY B 285 34.97 -3.27 -30.75
C GLY B 285 34.72 -2.42 -29.54
N GLY B 286 35.23 -1.20 -29.50
CA GLY B 286 34.93 -0.26 -28.46
C GLY B 286 33.82 0.71 -28.85
N ARG B 287 33.58 1.67 -27.98
CA ARG B 287 32.57 2.69 -28.19
C ARG B 287 33.13 4.04 -27.77
N THR B 288 32.76 5.10 -28.48
CA THR B 288 33.13 6.44 -28.05
C THR B 288 31.93 7.38 -28.11
N ASP B 289 31.75 8.17 -27.06
CA ASP B 289 30.71 9.17 -26.97
C ASP B 289 31.34 10.55 -26.86
N PHE B 290 30.75 11.52 -27.52
CA PHE B 290 31.26 12.88 -27.54
C PHE B 290 30.09 13.85 -27.44
N LEU B 291 30.24 14.87 -26.62
CA LEU B 291 29.21 15.89 -26.44
C LEU B 291 29.87 17.25 -26.32
N ALA B 292 29.51 18.17 -27.22
CA ALA B 292 29.93 19.56 -27.13
C ALA B 292 28.68 20.42 -27.10
N GLY B 293 28.40 21.00 -25.94
CA GLY B 293 27.11 21.64 -25.78
C GLY B 293 26.82 22.02 -24.36
N GLY B 294 25.68 21.59 -23.84
CA GLY B 294 25.35 21.92 -22.47
C GLY B 294 24.27 21.02 -21.93
N GLN B 295 23.88 21.28 -20.69
CA GLN B 295 22.82 20.57 -20.01
C GLN B 295 21.84 21.58 -19.44
N VAL B 296 20.55 21.30 -19.58
CA VAL B 296 19.52 22.17 -19.00
C VAL B 296 18.74 21.40 -17.93
N PRO B 297 18.27 22.08 -16.88
CA PRO B 297 17.52 21.40 -15.82
C PRO B 297 16.05 21.19 -16.21
N ILE B 298 15.53 20.01 -15.90
CA ILE B 298 14.17 19.62 -16.23
C ILE B 298 13.51 19.04 -14.98
N LEU B 299 12.27 19.45 -14.72
CA LEU B 299 11.53 19.06 -13.53
C LEU B 299 10.63 17.86 -13.82
N GLN B 300 11.23 16.67 -13.75
CA GLN B 300 10.51 15.43 -13.99
C GLN B 300 10.63 14.53 -12.78
N ALA B 301 9.53 13.86 -12.44
CA ALA B 301 9.49 13.04 -11.23
C ALA B 301 8.44 11.95 -11.40
N LEU B 302 8.60 10.89 -10.61
CA LEU B 302 7.63 9.80 -10.62
C LEU B 302 6.32 10.25 -9.99
N ALA B 303 5.21 9.92 -10.66
CA ALA B 303 3.87 10.17 -10.12
C ALA B 303 3.62 11.66 -9.90
N ALA B 304 2.56 11.98 -9.14
CA ALA B 304 2.21 13.33 -8.73
C ALA B 304 1.74 14.20 -9.90
N GLY B 305 1.26 15.39 -9.57
CA GLY B 305 0.74 16.30 -10.57
C GLY B 305 0.40 17.66 -10.00
N GLN B 310 10.70 18.89 -6.54
CA GLN B 310 10.33 17.54 -6.97
C GLN B 310 11.57 16.69 -7.18
N ASN B 311 11.71 16.18 -8.40
CA ASN B 311 12.93 15.55 -8.87
C ASN B 311 13.45 16.34 -10.05
N VAL B 312 14.74 16.66 -10.04
CA VAL B 312 15.37 17.43 -11.11
C VAL B 312 16.33 16.53 -11.85
N THR B 313 16.17 16.46 -13.17
CA THR B 313 17.12 15.78 -14.04
C THR B 313 17.70 16.80 -15.00
N TYR B 314 18.64 16.36 -15.83
CA TYR B 314 19.32 17.22 -16.77
C TYR B 314 19.24 16.65 -18.17
N LYS B 315 18.98 17.50 -19.15
CA LYS B 315 18.86 17.11 -20.55
C LYS B 315 19.99 17.73 -21.35
N ASP B 316 20.68 16.91 -22.14
CA ASP B 316 21.81 17.37 -22.94
C ASP B 316 21.35 17.95 -24.26
N TYR B 317 22.01 19.03 -24.68
CA TYR B 317 21.78 19.61 -25.99
C TYR B 317 23.12 20.04 -26.56
N GLY B 318 23.15 20.28 -27.87
CA GLY B 318 24.38 20.64 -28.54
C GLY B 318 24.68 19.69 -29.68
N ILE B 319 25.95 19.34 -29.80
CA ILE B 319 26.41 18.39 -30.80
C ILE B 319 26.79 17.11 -30.09
N LYS B 320 26.15 16.01 -30.46
CA LYS B 320 26.37 14.73 -29.83
C LYS B 320 26.71 13.70 -30.89
N LEU B 321 27.68 12.85 -30.58
CA LEU B 321 28.18 11.88 -31.53
C LEU B 321 28.51 10.60 -30.79
N GLU B 322 28.06 9.47 -31.32
CA GLU B 322 28.35 8.16 -30.73
C GLU B 322 28.79 7.20 -31.83
N PHE B 323 29.87 6.47 -31.56
CA PHE B 323 30.52 5.65 -32.57
C PHE B 323 30.77 4.25 -32.03
N GLU B 324 30.35 3.23 -32.78
CA GLU B 324 30.62 1.83 -32.47
C GLU B 324 31.11 1.10 -33.72
N PRO B 325 32.44 0.99 -33.93
CA PRO B 325 32.96 0.34 -35.12
C PRO B 325 33.38 -1.11 -34.95
N ARG B 326 33.48 -1.84 -36.07
CA ARG B 326 34.12 -3.15 -36.15
C ARG B 326 34.85 -3.25 -37.47
N VAL B 327 36.06 -3.81 -37.45
CA VAL B 327 36.93 -3.82 -38.61
C VAL B 327 37.14 -5.25 -39.07
N ASP B 328 37.13 -5.43 -40.39
CA ASP B 328 37.41 -6.69 -41.04
C ASP B 328 38.90 -6.85 -41.28
N ASP B 329 39.29 -7.96 -41.91
CA ASP B 329 40.69 -8.14 -42.29
C ASP B 329 41.04 -7.43 -43.59
N ASP B 330 40.05 -6.94 -44.33
CA ASP B 330 40.27 -6.15 -45.53
C ASP B 330 40.10 -4.67 -45.26
N ASN B 331 40.01 -4.28 -43.99
CA ASN B 331 39.81 -2.90 -43.55
C ASN B 331 38.42 -2.37 -43.89
N ASN B 332 37.46 -3.23 -44.17
CA ASN B 332 36.07 -2.82 -44.20
C ASN B 332 35.61 -2.51 -42.79
N VAL B 333 34.70 -1.54 -42.67
CA VAL B 333 34.21 -1.10 -41.37
C VAL B 333 32.70 -1.26 -41.33
N SER B 334 32.22 -1.97 -40.34
CA SER B 334 30.80 -2.06 -40.04
C SER B 334 30.53 -1.29 -38.77
N MET B 335 29.65 -0.31 -38.83
CA MET B 335 29.56 0.65 -37.74
C MET B 335 28.12 1.01 -37.44
N ARG B 336 27.91 1.42 -36.20
CA ARG B 336 26.71 2.14 -35.78
C ARG B 336 27.11 3.54 -35.38
N VAL B 337 26.40 4.54 -35.90
CA VAL B 337 26.74 5.93 -35.65
C VAL B 337 25.49 6.71 -35.31
N LEU B 338 25.55 7.49 -34.25
CA LEU B 338 24.50 8.44 -33.91
C LEU B 338 25.06 9.85 -33.99
N ALA B 339 24.42 10.71 -34.77
CA ALA B 339 24.82 12.09 -34.94
C ALA B 339 23.62 12.98 -34.67
N ASP B 340 23.75 13.92 -33.74
CA ASP B 340 22.62 14.73 -33.32
C ASP B 340 23.05 16.17 -33.11
N VAL B 341 22.31 17.11 -33.68
CA VAL B 341 22.55 18.53 -33.48
C VAL B 341 21.26 19.18 -33.02
N SER B 342 21.25 19.72 -31.81
CA SER B 342 20.01 20.25 -31.27
C SER B 342 20.25 21.52 -30.47
N ASP B 343 19.41 22.52 -30.73
CA ASP B 343 19.55 23.85 -30.17
C ASP B 343 18.28 24.27 -29.47
N ILE B 344 18.38 25.20 -28.53
CA ILE B 344 17.22 25.67 -27.79
C ILE B 344 16.42 26.63 -28.66
N ASP B 345 15.11 26.47 -28.65
CA ASP B 345 14.17 27.27 -29.44
C ASP B 345 13.29 28.10 -28.51
N PRO B 346 13.35 29.43 -28.57
CA PRO B 346 12.49 30.23 -27.70
C PRO B 346 11.01 30.10 -28.03
N ALA B 347 10.67 29.78 -29.28
CA ALA B 347 9.27 29.79 -29.70
C ALA B 347 8.45 28.73 -28.97
N THR B 348 9.00 27.54 -28.80
CA THR B 348 8.24 26.43 -28.22
C THR B 348 8.50 26.25 -26.74
N SER B 349 9.26 27.13 -26.11
CA SER B 349 9.51 27.03 -24.68
C SER B 349 8.28 27.49 -23.90
N VAL B 350 8.04 26.84 -22.77
CA VAL B 350 6.87 27.12 -21.92
C VAL B 350 7.36 27.70 -20.61
N SER B 351 6.65 28.71 -20.10
CA SER B 351 7.09 29.40 -18.89
C SER B 351 6.82 28.58 -17.64
N LEU B 352 5.75 27.78 -17.64
CA LEU B 352 5.29 27.05 -16.44
C LEU B 352 5.04 28.10 -15.36
N ASN B 353 5.54 27.92 -14.13
CA ASN B 353 5.31 28.90 -13.08
C ASN B 353 6.41 29.95 -13.10
N GLY B 354 7.63 29.51 -12.85
CA GLY B 354 8.83 30.29 -13.07
C GLY B 354 9.90 29.36 -13.58
N PHE B 355 9.59 28.06 -13.55
CA PHE B 355 10.48 27.01 -14.00
C PHE B 355 10.34 26.89 -15.51
N THR B 356 11.04 27.75 -16.24
CA THR B 356 10.96 27.73 -17.70
C THR B 356 11.45 26.39 -18.23
N VAL B 357 10.66 25.79 -19.11
CA VAL B 357 10.98 24.52 -19.74
C VAL B 357 11.17 24.77 -21.22
N PRO B 358 12.33 24.46 -21.80
CA PRO B 358 12.61 24.83 -23.18
C PRO B 358 12.14 23.76 -24.17
N GLY B 359 12.00 24.21 -25.42
CA GLY B 359 11.85 23.30 -26.53
C GLY B 359 13.08 23.38 -27.40
N PHE B 360 13.22 22.39 -28.28
CA PHE B 360 14.44 22.24 -29.06
C PHE B 360 14.14 22.12 -30.54
N ILE B 361 15.13 22.50 -31.34
CA ILE B 361 15.18 22.22 -32.76
C ILE B 361 16.27 21.19 -32.96
N THR B 362 15.91 20.03 -33.50
CA THR B 362 16.83 18.90 -33.56
C THR B 362 16.99 18.40 -34.99
N ARG B 363 18.18 17.89 -35.29
CA ARG B 363 18.47 17.13 -36.50
C ARG B 363 19.23 15.90 -36.06
N ARG B 364 18.61 14.73 -36.21
CA ARG B 364 19.12 13.52 -35.60
C ARG B 364 19.19 12.41 -36.64
N SER B 365 20.24 11.60 -36.57
CA SER B 365 20.39 10.46 -37.46
C SER B 365 21.05 9.32 -36.70
N ASN B 366 20.45 8.14 -36.77
CA ASN B 366 20.91 6.95 -36.07
C ASN B 366 21.02 5.82 -37.07
N ALA B 367 22.23 5.57 -37.57
CA ALA B 367 22.38 4.72 -38.75
C ALA B 367 23.31 3.55 -38.48
N GLU B 368 23.02 2.45 -39.18
CA GLU B 368 23.83 1.24 -39.16
C GLU B 368 24.27 0.95 -40.59
N ILE B 369 25.58 0.96 -40.83
CA ILE B 369 26.09 0.80 -42.19
C ILE B 369 27.35 -0.05 -42.17
N ASN B 370 27.84 -0.37 -43.37
CA ASN B 370 29.18 -0.88 -43.56
C ASN B 370 29.74 -0.34 -44.86
N VAL B 371 30.98 0.14 -44.82
CA VAL B 371 31.64 0.70 -46.00
C VAL B 371 33.07 0.21 -46.05
N GLY B 372 33.74 0.50 -47.15
CA GLY B 372 35.14 0.24 -47.26
C GLY B 372 35.99 1.30 -46.58
N ASP B 373 37.28 1.03 -46.51
CA ASP B 373 38.21 1.92 -45.82
C ASP B 373 38.34 3.25 -46.55
N GLY B 374 38.12 4.34 -45.83
CA GLY B 374 38.33 5.66 -46.37
C GLY B 374 37.27 6.17 -47.32
N GLN B 375 36.11 5.53 -47.37
CA GLN B 375 35.04 5.93 -48.28
C GLN B 375 34.08 6.87 -47.57
N THR B 376 33.38 7.68 -48.35
CA THR B 376 32.44 8.66 -47.84
C THR B 376 31.02 8.26 -48.19
N MET B 377 30.17 8.16 -47.18
CA MET B 377 28.78 7.76 -47.36
C MET B 377 27.86 8.78 -46.72
N VAL B 378 26.84 9.20 -47.45
CA VAL B 378 25.81 10.08 -46.92
C VAL B 378 24.77 9.23 -46.21
N ILE B 379 24.41 9.60 -44.99
CA ILE B 379 23.47 8.78 -44.24
C ILE B 379 22.11 9.47 -44.11
N SER B 380 22.03 10.75 -44.42
CA SER B 380 20.75 11.44 -44.40
C SER B 380 20.85 12.74 -45.16
N GLY B 381 19.75 13.09 -45.83
CA GLY B 381 19.65 14.35 -46.54
C GLY B 381 18.21 14.78 -46.59
N LEU B 382 18.00 16.05 -46.90
CA LEU B 382 16.66 16.60 -46.97
C LEU B 382 16.65 17.89 -47.76
N VAL B 383 15.68 17.99 -48.67
CA VAL B 383 15.31 19.24 -49.33
C VAL B 383 13.83 19.46 -49.06
N ASN B 384 13.47 20.64 -48.58
CA ASN B 384 12.11 20.87 -48.08
C ASN B 384 11.60 22.26 -48.42
N PRO B 385 10.80 22.41 -49.51
CA PRO B 385 10.16 23.70 -49.79
C PRO B 385 8.74 23.81 -49.29
N LYS B 386 8.33 24.98 -48.79
CA LYS B 386 6.96 25.19 -48.35
C LYS B 386 6.51 26.60 -48.71
N THR B 387 5.21 26.76 -48.93
CA THR B 387 4.67 28.04 -49.38
C THR B 387 3.21 28.13 -48.96
N ALA B 388 2.76 29.34 -48.65
CA ALA B 388 1.36 29.53 -48.27
C ALA B 388 0.94 30.96 -48.58
N LYS B 389 -0.20 31.11 -49.24
CA LYS B 389 -0.74 32.43 -49.57
C LYS B 389 -2.20 32.52 -49.15
N ASN B 390 -2.56 33.63 -48.51
CA ASN B 390 -3.92 33.89 -48.06
C ASN B 390 -4.37 35.26 -48.54
N VAL B 391 -5.56 35.35 -49.11
CA VAL B 391 -6.07 36.59 -49.69
C VAL B 391 -7.48 36.84 -49.19
N SER B 392 -7.78 38.08 -48.80
CA SER B 392 -9.15 38.50 -48.49
C SER B 392 -9.50 39.72 -49.30
N LYS B 393 -10.67 39.73 -49.92
CA LYS B 393 -11.02 40.76 -50.88
C LYS B 393 -12.47 41.18 -50.70
N LEU B 394 -12.79 42.32 -51.29
CA LEU B 394 -14.17 42.71 -51.51
C LEU B 394 -14.70 42.02 -52.76
N PRO B 395 -16.00 41.80 -52.84
CA PRO B 395 -16.53 40.93 -53.90
C PRO B 395 -16.13 41.28 -55.31
N TRP B 396 -16.38 42.51 -55.77
CA TRP B 396 -16.07 42.86 -57.15
C TRP B 396 -14.91 43.82 -57.30
N LEU B 397 -14.66 44.68 -56.31
CA LEU B 397 -13.59 45.66 -56.43
C LEU B 397 -12.22 45.04 -56.29
N GLY B 398 -12.13 43.86 -55.67
CA GLY B 398 -10.83 43.27 -55.41
C GLY B 398 -10.17 42.72 -56.65
N ASP B 399 -10.94 42.47 -57.70
CA ASP B 399 -10.37 41.86 -58.89
C ASP B 399 -9.94 42.88 -59.94
N ILE B 400 -10.13 44.16 -59.69
CA ILE B 400 -9.68 45.16 -60.66
C ILE B 400 -8.16 45.13 -60.75
N PRO B 401 -7.57 45.15 -61.95
CA PRO B 401 -6.11 45.10 -62.05
C PRO B 401 -5.46 46.31 -61.39
N ILE B 402 -4.33 46.08 -60.72
CA ILE B 402 -3.54 47.10 -60.05
C ILE B 402 -4.34 47.77 -58.95
N LEU B 403 -5.43 48.45 -59.31
CA LEU B 403 -6.26 49.14 -58.34
C LEU B 403 -6.85 48.19 -57.30
N GLY B 404 -7.00 46.91 -57.64
CA GLY B 404 -7.59 45.97 -56.70
C GLY B 404 -6.81 45.85 -55.41
N ASN B 405 -5.55 46.22 -55.41
CA ASN B 405 -4.76 46.17 -54.18
C ASN B 405 -5.23 47.19 -53.15
N LEU B 406 -6.11 48.11 -53.52
CA LEU B 406 -6.73 48.99 -52.53
C LEU B 406 -7.93 48.36 -51.83
N PHE B 407 -8.38 47.20 -52.31
CA PHE B 407 -9.56 46.53 -51.76
C PHE B 407 -9.29 45.08 -51.39
N LYS B 408 -8.03 44.73 -51.16
CA LYS B 408 -7.61 43.34 -51.04
C LYS B 408 -6.36 43.29 -50.17
N SER B 409 -6.28 42.26 -49.33
CA SER B 409 -5.14 42.09 -48.45
C SER B 409 -4.56 40.69 -48.64
N THR B 410 -3.24 40.61 -48.66
CA THR B 410 -2.52 39.39 -48.99
C THR B 410 -1.46 39.10 -47.95
N ASN B 411 -1.34 37.82 -47.59
CA ASN B 411 -0.29 37.32 -46.73
C ASN B 411 0.42 36.19 -47.46
N PHE B 412 1.73 36.28 -47.59
CA PHE B 412 2.51 35.31 -48.35
C PHE B 412 3.70 34.86 -47.53
N GLN B 413 3.91 33.55 -47.42
CA GLN B 413 5.08 33.01 -46.76
C GLN B 413 5.71 31.97 -47.68
N SER B 414 7.03 31.95 -47.74
CA SER B 414 7.72 30.92 -48.48
C SER B 414 9.00 30.57 -47.75
N GLY B 415 9.46 29.34 -47.93
CA GLY B 415 10.65 28.94 -47.20
C GLY B 415 11.22 27.64 -47.72
N ASN B 416 12.46 27.39 -47.35
CA ASN B 416 13.13 26.16 -47.77
C ASN B 416 14.20 25.77 -46.76
N THR B 417 14.40 24.46 -46.64
CA THR B 417 15.44 23.90 -45.77
C THR B 417 16.25 22.87 -46.54
N ASP B 418 17.57 22.91 -46.40
CA ASP B 418 18.48 21.92 -46.96
C ASP B 418 19.36 21.35 -45.86
N LEU B 419 19.54 20.03 -45.87
CA LEU B 419 20.33 19.36 -44.85
C LEU B 419 21.07 18.17 -45.42
N VAL B 420 22.34 18.01 -45.07
CA VAL B 420 23.12 16.83 -45.45
C VAL B 420 23.97 16.39 -44.26
N ILE B 421 24.02 15.07 -44.02
CA ILE B 421 24.86 14.48 -42.98
C ILE B 421 25.68 13.36 -43.61
N LEU B 422 27.00 13.45 -43.51
CA LEU B 422 27.85 12.42 -44.12
C LEU B 422 29.01 12.06 -43.20
N VAL B 423 29.53 10.83 -43.38
CA VAL B 423 30.54 10.26 -42.50
C VAL B 423 31.66 9.67 -43.33
N THR B 424 32.84 9.58 -42.74
CA THR B 424 34.01 9.01 -43.39
C THR B 424 34.81 8.24 -42.34
N PRO B 425 34.87 6.93 -42.42
CA PRO B 425 35.74 6.18 -41.51
C PRO B 425 37.08 5.85 -42.13
N ARG B 426 38.12 5.74 -41.31
CA ARG B 426 39.44 5.36 -41.77
C ARG B 426 40.12 4.54 -40.69
N VAL B 427 41.01 3.64 -41.10
CA VAL B 427 41.80 2.84 -40.16
C VAL B 427 43.14 3.53 -39.99
N VAL B 428 43.46 3.92 -38.75
CA VAL B 428 44.57 4.82 -38.49
C VAL B 428 45.49 4.23 -37.43
N SER B 429 46.61 4.93 -37.22
CA SER B 429 47.42 4.80 -36.03
C SER B 429 47.70 6.20 -35.52
N ALA B 430 48.55 6.32 -34.51
CA ALA B 430 48.86 7.64 -33.99
C ALA B 430 49.60 8.48 -35.00
N ALA B 431 50.24 7.86 -35.99
CA ALA B 431 51.05 8.58 -36.96
C ALA B 431 50.31 8.94 -38.23
N SER B 432 49.03 8.58 -38.36
CA SER B 432 48.32 8.83 -39.59
C SER B 432 47.94 10.30 -39.73
N LEU B 433 47.69 10.71 -40.96
CA LEU B 433 47.51 12.12 -41.28
C LEU B 433 46.32 12.74 -40.56
N GLU B 434 45.25 11.98 -40.35
CA GLU B 434 44.08 12.50 -39.65
C GLU B 434 44.44 12.94 -38.24
N ASN B 435 45.24 12.13 -37.54
CA ASN B 435 45.66 12.48 -36.19
C ASN B 435 46.62 13.65 -36.17
N ILE B 436 47.56 13.66 -37.10
CA ILE B 436 48.57 14.72 -37.16
C ILE B 436 47.92 16.07 -37.40
N ARG B 437 46.91 16.11 -38.25
CA ARG B 437 46.28 17.40 -38.54
C ARG B 437 45.64 17.99 -37.29
N GLN B 438 44.97 17.18 -36.50
CA GLN B 438 44.35 17.71 -35.29
C GLN B 438 45.40 18.10 -34.26
N VAL B 439 46.51 17.36 -34.18
CA VAL B 439 47.57 17.76 -33.25
C VAL B 439 48.14 19.11 -33.65
N SER B 440 48.41 19.31 -34.93
CA SER B 440 48.93 20.60 -35.38
C SER B 440 47.90 21.71 -35.20
N GLN B 441 46.62 21.39 -35.35
CA GLN B 441 45.58 22.37 -35.06
C GLN B 441 45.62 22.80 -33.60
N ALA B 442 45.80 21.86 -32.68
CA ALA B 442 45.88 22.21 -31.27
C ALA B 442 47.10 23.08 -30.98
N VAL B 443 48.23 22.78 -31.63
CA VAL B 443 49.41 23.63 -31.45
C VAL B 443 49.13 25.05 -31.92
N GLU B 444 48.43 25.20 -33.05
CA GLU B 444 48.06 26.52 -33.52
C GLU B 444 47.14 27.25 -32.53
N MET B 445 46.17 26.54 -31.95
CA MET B 445 45.31 27.19 -30.97
C MET B 445 46.11 27.69 -29.77
N LYS B 446 47.05 26.88 -29.28
CA LYS B 446 47.87 27.32 -28.16
C LYS B 446 48.70 28.55 -28.53
N ASP B 447 49.29 28.55 -29.72
CA ASP B 447 50.11 29.69 -30.13
C ASP B 447 49.26 30.96 -30.23
N GLU B 448 48.05 30.85 -30.76
CA GLU B 448 47.17 32.01 -30.83
C GLU B 448 46.83 32.56 -29.46
N TYR B 449 46.48 31.66 -28.53
CA TYR B 449 46.21 32.09 -27.16
C TYR B 449 47.43 32.80 -26.58
N ARG B 450 48.62 32.25 -26.76
CA ARG B 450 49.80 32.88 -26.19
C ARG B 450 50.01 34.27 -26.78
N ASN B 451 49.80 34.42 -28.08
CA ASN B 451 50.09 35.70 -28.71
C ASN B 451 49.08 36.78 -28.32
N THR B 452 47.89 36.39 -27.89
CA THR B 452 46.94 37.42 -27.44
C THR B 452 47.39 38.11 -26.16
N LEU B 453 48.06 37.39 -25.26
CA LEU B 453 48.30 37.90 -23.92
C LEU B 453 49.54 38.80 -23.87
N PRO B 454 49.60 39.72 -22.90
CA PRO B 454 50.78 40.57 -22.74
C PRO B 454 51.99 39.77 -22.30
N LYS B 455 53.17 40.34 -22.56
CA LYS B 455 54.41 39.58 -22.41
C LYS B 455 54.68 39.20 -20.96
N GLY B 456 54.42 40.10 -20.02
CA GLY B 456 54.77 39.83 -18.65
C GLY B 456 53.74 39.11 -17.82
N SER B 457 52.62 38.69 -18.41
CA SER B 457 51.51 38.18 -17.62
C SER B 457 51.83 36.81 -17.03
N THR B 458 51.16 36.48 -15.93
CA THR B 458 51.26 35.15 -15.35
C THR B 458 50.44 34.15 -16.14
N THR B 459 49.31 34.59 -16.69
CA THR B 459 48.52 33.72 -17.54
C THR B 459 49.31 33.25 -18.74
N ARG B 460 50.19 34.10 -19.27
CA ARG B 460 51.04 33.70 -20.39
C ARG B 460 52.00 32.60 -19.97
N ASP B 461 52.55 32.68 -18.77
CA ASP B 461 53.42 31.61 -18.29
C ASP B 461 52.66 30.31 -18.12
N ALA B 462 51.43 30.40 -17.61
CA ALA B 462 50.61 29.20 -17.50
C ALA B 462 50.36 28.59 -18.87
N VAL B 463 50.09 29.43 -19.87
CA VAL B 463 49.88 28.93 -21.22
C VAL B 463 51.14 28.26 -21.74
N ASP B 464 52.30 28.85 -21.49
CA ASP B 464 53.55 28.25 -21.95
C ASP B 464 53.79 26.90 -21.28
N ARG B 465 53.27 26.71 -20.07
CA ARG B 465 53.53 25.44 -19.38
C ARG B 465 52.65 24.30 -19.86
N THR B 466 51.65 24.55 -20.71
CA THR B 466 50.74 23.51 -21.14
C THR B 466 51.27 22.83 -22.41
N LEU B 467 50.65 21.70 -22.74
CA LEU B 467 50.91 20.96 -23.98
C LEU B 467 52.38 20.63 -24.15
N GLY B 468 52.98 20.07 -23.09
CA GLY B 468 54.37 19.72 -23.11
C GLY B 468 54.62 18.28 -23.51
N THR C 27 50.03 -36.69 -52.69
CA THR C 27 49.96 -38.06 -52.21
C THR C 27 48.80 -38.82 -52.85
N ILE C 28 48.74 -40.11 -52.57
CA ILE C 28 47.68 -40.98 -53.05
C ILE C 28 46.83 -41.52 -51.92
N ASP C 29 47.03 -41.01 -50.71
CA ASP C 29 46.29 -41.47 -49.54
C ASP C 29 44.80 -41.46 -49.82
N LEU C 30 44.21 -42.64 -49.91
CA LEU C 30 42.78 -42.78 -50.20
C LEU C 30 42.38 -44.19 -49.78
N TYR C 31 41.13 -44.55 -50.05
CA TYR C 31 40.67 -45.92 -49.91
C TYR C 31 41.62 -46.86 -50.64
N ALA C 32 41.91 -48.00 -50.00
CA ALA C 32 42.89 -48.92 -50.54
C ALA C 32 42.55 -49.34 -51.95
N GLY C 33 43.54 -49.31 -52.84
CA GLY C 33 43.33 -49.60 -54.23
C GLY C 33 43.13 -48.39 -55.13
N GLN C 34 43.35 -47.18 -54.62
CA GLN C 34 43.18 -45.99 -55.44
C GLN C 34 44.29 -45.91 -56.48
N VAL C 35 43.91 -45.64 -57.73
CA VAL C 35 44.85 -45.45 -58.82
C VAL C 35 44.90 -43.96 -59.14
N ARG C 36 46.10 -43.45 -59.36
CA ARG C 36 46.29 -42.05 -59.69
C ARG C 36 47.38 -41.90 -60.74
N VAL C 37 47.14 -41.02 -61.70
CA VAL C 37 48.07 -40.75 -62.79
C VAL C 37 48.55 -39.31 -62.67
N ILE C 38 49.86 -39.13 -62.58
CA ILE C 38 50.47 -37.81 -62.43
C ILE C 38 51.40 -37.57 -63.62
N PRO C 39 51.11 -36.58 -64.47
CA PRO C 39 52.01 -36.29 -65.60
C PRO C 39 53.24 -35.52 -65.14
N THR C 40 54.40 -36.03 -65.52
CA THR C 40 55.66 -35.38 -65.17
C THR C 40 56.59 -35.43 -66.37
N LYS C 41 57.85 -35.08 -66.13
CA LYS C 41 58.88 -35.20 -67.14
C LYS C 41 59.24 -36.67 -67.35
N PRO C 42 59.91 -36.99 -68.46
CA PRO C 42 60.28 -38.39 -68.72
C PRO C 42 61.02 -39.03 -67.53
N VAL C 43 60.55 -40.19 -67.12
CA VAL C 43 61.11 -40.94 -66.00
C VAL C 43 61.30 -42.40 -66.43
N LYS C 44 62.37 -43.01 -65.94
CA LYS C 44 62.68 -44.39 -66.31
C LYS C 44 61.64 -45.37 -65.76
N ARG C 45 61.30 -45.22 -64.48
CA ARG C 45 60.35 -46.11 -63.83
C ARG C 45 59.77 -45.37 -62.63
N VAL C 46 58.81 -46.00 -61.97
CA VAL C 46 58.31 -45.55 -60.68
C VAL C 46 58.31 -46.75 -59.74
N ALA C 47 58.90 -46.59 -58.57
CA ALA C 47 58.99 -47.66 -57.59
C ALA C 47 58.60 -47.14 -56.20
N ILE C 48 58.37 -48.07 -55.29
CA ILE C 48 57.96 -47.75 -53.92
C ILE C 48 58.91 -48.45 -52.96
N GLY C 49 59.23 -47.76 -51.85
CA GLY C 49 60.13 -48.34 -50.87
C GLY C 49 59.63 -49.64 -50.29
N ASP C 50 58.33 -49.72 -49.99
CA ASP C 50 57.71 -50.94 -49.51
C ASP C 50 56.78 -51.46 -50.59
N GLY C 51 57.02 -52.70 -51.02
CA GLY C 51 56.20 -53.26 -52.09
C GLY C 51 54.75 -53.43 -51.70
N LYS C 52 54.50 -53.77 -50.44
CA LYS C 52 53.12 -54.01 -49.99
C LYS C 52 52.30 -52.73 -50.05
N VAL C 53 52.86 -51.62 -49.59
CA VAL C 53 52.07 -50.40 -49.40
C VAL C 53 51.56 -49.87 -50.73
N LEU C 54 52.43 -49.81 -51.75
CA LEU C 54 52.05 -49.16 -52.99
C LEU C 54 52.79 -49.82 -54.15
N SER C 55 52.09 -49.92 -55.29
CA SER C 55 52.64 -50.47 -56.52
C SER C 55 52.61 -49.38 -57.59
N THR C 56 53.57 -49.40 -58.50
CA THR C 56 53.74 -48.27 -59.42
C THR C 56 54.10 -48.75 -60.82
N THR C 57 53.69 -47.96 -61.82
CA THR C 57 53.99 -48.22 -63.22
C THR C 57 54.19 -46.91 -63.96
N VAL C 58 55.13 -46.90 -64.90
CA VAL C 58 55.29 -45.73 -65.76
C VAL C 58 54.33 -45.82 -66.94
N VAL C 59 53.60 -44.73 -67.19
CA VAL C 59 52.75 -44.61 -68.37
C VAL C 59 53.23 -43.42 -69.18
N ASP C 60 53.20 -43.56 -70.50
CA ASP C 60 53.64 -42.59 -71.49
C ASP C 60 55.16 -42.38 -71.45
N GLY C 61 55.89 -43.09 -70.59
CA GLY C 61 57.30 -42.86 -70.43
C GLY C 61 57.66 -41.68 -69.55
N ASN C 62 56.69 -40.87 -69.16
CA ASN C 62 56.95 -39.66 -68.39
C ASN C 62 56.09 -39.64 -67.13
N GLU C 63 54.87 -40.18 -67.23
CA GLU C 63 53.90 -40.02 -66.17
C GLU C 63 53.90 -41.23 -65.23
N LEU C 64 53.53 -40.96 -63.98
CA LEU C 64 53.41 -41.96 -62.94
C LEU C 64 52.00 -42.49 -62.91
N LEU C 65 51.86 -43.80 -62.67
CA LEU C 65 50.58 -44.40 -62.33
C LEU C 65 50.78 -45.20 -61.05
N LEU C 66 50.20 -44.71 -59.96
CA LEU C 66 50.35 -45.32 -58.65
C LEU C 66 49.05 -46.04 -58.30
N LEU C 67 49.16 -47.33 -57.99
CA LEU C 67 48.08 -48.08 -57.39
C LEU C 67 48.42 -48.26 -55.92
N GLY C 68 47.69 -47.55 -55.06
CA GLY C 68 47.97 -47.60 -53.64
C GLY C 68 47.30 -48.78 -52.97
N ASP C 69 48.05 -49.87 -52.78
CA ASP C 69 47.51 -51.03 -52.08
C ASP C 69 47.14 -50.68 -50.65
N ALA C 70 47.85 -49.70 -50.06
CA ALA C 70 47.53 -49.20 -48.72
C ALA C 70 47.57 -50.30 -47.67
N GLU C 71 48.54 -51.19 -47.78
CA GLU C 71 48.68 -52.24 -46.77
C GLU C 71 49.08 -51.66 -45.42
N GLY C 72 49.93 -50.64 -45.43
CA GLY C 72 50.40 -50.03 -44.19
C GLY C 72 50.52 -48.53 -44.35
N GLU C 73 50.72 -47.87 -43.21
CA GLU C 73 50.86 -46.41 -43.17
C GLU C 73 52.32 -46.06 -42.92
N THR C 74 52.96 -45.43 -43.91
CA THR C 74 54.36 -45.05 -43.80
C THR C 74 54.69 -44.05 -44.89
N SER C 75 55.85 -43.40 -44.73
CA SER C 75 56.41 -42.59 -45.81
C SER C 75 57.00 -43.51 -46.87
N LEU C 76 57.09 -42.98 -48.10
CA LEU C 76 57.51 -43.76 -49.24
C LEU C 76 58.61 -43.03 -50.01
N ARG C 77 59.54 -43.82 -50.55
CA ARG C 77 60.57 -43.34 -51.46
C ARG C 77 60.25 -43.81 -52.86
N VAL C 78 60.40 -42.92 -53.84
CA VAL C 78 60.00 -43.19 -55.21
C VAL C 78 61.20 -43.00 -56.12
N TRP C 79 61.42 -43.95 -57.02
CA TRP C 79 62.56 -43.94 -57.93
C TRP C 79 62.10 -43.52 -59.32
N PHE C 80 62.89 -42.64 -59.96
CA PHE C 80 62.70 -42.31 -61.36
C PHE C 80 64.05 -42.35 -62.06
N LYS C 81 64.06 -41.88 -63.31
CA LYS C 81 65.30 -41.56 -63.98
C LYS C 81 65.93 -40.31 -63.36
N ASP C 82 65.13 -39.25 -63.19
CA ASP C 82 65.65 -38.03 -62.60
C ASP C 82 65.82 -38.16 -61.09
N GLY C 83 65.06 -39.06 -60.48
CA GLY C 83 65.24 -39.39 -59.08
C GLY C 83 64.54 -38.48 -58.08
N SER C 84 63.73 -37.53 -58.56
CA SER C 84 62.99 -36.67 -57.64
C SER C 84 62.03 -37.50 -56.80
N GLU C 85 62.03 -37.28 -55.49
CA GLU C 85 61.23 -38.06 -54.56
C GLU C 85 60.26 -37.16 -53.82
N ALA C 86 58.98 -37.53 -53.86
CA ALA C 86 57.93 -36.87 -53.08
C ALA C 86 57.36 -37.88 -52.11
N ALA C 87 57.65 -37.71 -50.82
CA ALA C 87 57.21 -38.66 -49.81
C ALA C 87 55.69 -38.68 -49.72
N TYR C 88 55.12 -39.88 -49.73
CA TYR C 88 53.67 -40.07 -49.66
C TYR C 88 53.30 -40.81 -48.38
N ARG C 89 52.30 -40.30 -47.68
CA ARG C 89 51.72 -40.97 -46.52
C ARG C 89 50.41 -41.60 -46.94
N VAL C 90 50.23 -42.89 -46.62
CA VAL C 90 49.13 -43.69 -47.15
C VAL C 90 48.36 -44.28 -45.98
N LEU C 91 47.03 -44.13 -46.01
CA LEU C 91 46.14 -44.71 -45.02
C LEU C 91 44.92 -45.27 -45.72
N VAL C 92 44.33 -46.33 -45.18
CA VAL C 92 43.11 -46.88 -45.76
C VAL C 92 41.93 -46.02 -45.35
N ALA C 93 41.01 -45.80 -46.30
CA ALA C 93 39.81 -45.06 -45.94
C ALA C 93 38.72 -46.01 -45.46
N PRO C 94 38.25 -45.88 -44.21
CA PRO C 94 37.19 -46.72 -43.67
C PRO C 94 35.91 -46.67 -44.52
N VAL C 97 39.60 -42.29 -44.57
CA VAL C 97 40.11 -40.94 -44.54
C VAL C 97 40.32 -40.41 -45.95
N GLY C 98 41.06 -41.13 -46.80
CA GLY C 98 41.37 -40.59 -48.11
C GLY C 98 40.16 -40.47 -49.01
N ARG C 99 39.33 -41.52 -49.05
CA ARG C 99 38.12 -41.46 -49.86
C ARG C 99 37.17 -40.40 -49.32
N ALA C 100 36.99 -40.35 -48.00
CA ALA C 100 36.13 -39.34 -47.41
C ALA C 100 36.69 -37.95 -47.66
N ALA C 101 38.01 -37.79 -47.57
CA ALA C 101 38.61 -36.50 -47.88
C ALA C 101 38.33 -36.10 -49.32
N GLU C 102 38.43 -37.04 -50.25
CA GLU C 102 38.13 -36.72 -51.64
C GLU C 102 36.67 -36.31 -51.81
N GLU C 103 35.76 -37.03 -51.16
CA GLU C 103 34.34 -36.71 -51.27
C GLU C 103 34.07 -35.30 -50.74
N MET C 104 34.59 -34.99 -49.56
CA MET C 104 34.36 -33.67 -48.98
C MET C 104 35.03 -32.59 -49.82
N ARG C 105 36.17 -32.89 -50.43
CA ARG C 105 36.80 -31.92 -51.31
C ARG C 105 35.93 -31.62 -52.52
N GLU C 106 35.31 -32.66 -53.08
CA GLU C 106 34.42 -32.44 -54.22
C GLU C 106 33.19 -31.63 -53.80
N LEU C 107 32.56 -32.00 -52.69
CA LEU C 107 31.33 -31.31 -52.28
C LEU C 107 31.61 -29.86 -51.92
N MET C 108 32.68 -29.60 -51.18
CA MET C 108 33.06 -28.22 -50.89
C MET C 108 33.51 -27.49 -52.15
N GLY C 109 34.23 -28.20 -53.02
CA GLY C 109 34.75 -27.58 -54.23
C GLY C 109 33.67 -27.12 -55.18
N ALA C 115 37.51 -21.00 -50.05
CA ALA C 115 38.69 -20.58 -49.29
C ALA C 115 39.11 -21.69 -48.34
N LYS C 116 38.20 -22.62 -48.08
CA LYS C 116 38.47 -23.75 -47.21
C LYS C 116 39.56 -24.64 -47.81
N ILE C 117 40.45 -25.13 -46.94
CA ILE C 117 41.57 -25.97 -47.33
C ILE C 117 41.40 -27.33 -46.68
N ARG C 118 41.63 -28.39 -47.47
CA ARG C 118 41.43 -29.77 -47.04
C ARG C 118 42.78 -30.46 -46.98
N VAL C 119 43.06 -31.13 -45.86
CA VAL C 119 44.29 -31.92 -45.74
C VAL C 119 43.95 -33.27 -45.09
N VAL C 120 44.87 -34.22 -45.26
CA VAL C 120 44.63 -35.59 -44.80
C VAL C 120 45.13 -35.79 -43.39
N GLY C 121 46.42 -35.52 -43.16
CA GLY C 121 46.99 -35.74 -41.83
C GLY C 121 46.80 -37.16 -41.37
N ASP C 122 46.38 -37.32 -40.12
CA ASP C 122 45.86 -38.59 -39.63
C ASP C 122 44.34 -38.64 -39.66
N HIS C 123 43.68 -37.58 -39.24
CA HIS C 123 42.25 -37.41 -39.44
C HIS C 123 42.08 -36.27 -40.43
N VAL C 124 41.05 -36.39 -41.28
CA VAL C 124 40.82 -35.36 -42.27
C VAL C 124 40.60 -34.02 -41.58
N VAL C 125 41.33 -33.00 -42.04
CA VAL C 125 41.37 -31.70 -41.40
C VAL C 125 40.92 -30.64 -42.38
N VAL C 126 40.06 -29.74 -41.91
CA VAL C 126 39.61 -28.58 -42.68
C VAL C 126 40.08 -27.33 -41.98
N ASP C 127 40.69 -26.42 -42.74
CA ASP C 127 41.18 -25.18 -42.14
C ASP C 127 40.93 -24.02 -43.08
N GLY C 128 40.59 -22.87 -42.50
CA GLY C 128 40.39 -21.65 -43.28
C GLY C 128 40.37 -20.46 -42.37
N LYS C 129 40.78 -19.31 -42.91
CA LYS C 129 40.93 -18.13 -42.07
C LYS C 129 39.60 -17.39 -41.89
N ASN C 130 39.00 -16.91 -42.98
CA ASN C 130 37.81 -16.07 -42.90
C ASN C 130 36.73 -16.70 -43.78
N LEU C 131 35.96 -17.60 -43.21
CA LEU C 131 34.92 -18.29 -43.96
C LEU C 131 33.55 -17.76 -43.60
N ALA C 132 32.69 -17.66 -44.60
CA ALA C 132 31.34 -17.19 -44.37
C ALA C 132 30.57 -18.20 -43.53
N PRO C 133 29.58 -17.72 -42.76
CA PRO C 133 28.82 -18.65 -41.91
C PRO C 133 28.16 -19.79 -42.68
N THR C 134 27.74 -19.54 -43.91
CA THR C 134 27.15 -20.61 -44.71
C THR C 134 28.16 -21.72 -44.97
N THR C 135 29.40 -21.36 -45.27
CA THR C 135 30.42 -22.37 -45.52
C THR C 135 30.71 -23.17 -44.25
N LEU C 136 30.73 -22.52 -43.10
CA LEU C 136 30.91 -23.24 -41.85
C LEU C 136 29.76 -24.18 -41.59
N ALA C 137 28.53 -23.74 -41.86
CA ALA C 137 27.37 -24.60 -41.66
C ALA C 137 27.44 -25.82 -42.59
N ARG C 138 27.81 -25.60 -43.84
CA ARG C 138 27.97 -26.70 -44.77
C ARG C 138 29.04 -27.68 -44.29
N VAL C 139 30.14 -27.16 -43.74
CA VAL C 139 31.22 -28.03 -43.27
C VAL C 139 30.75 -28.87 -42.09
N ARG C 140 30.08 -28.23 -41.11
CA ARG C 140 29.65 -29.02 -39.95
C ARG C 140 28.52 -29.96 -40.31
N ALA C 141 27.79 -29.66 -41.38
CA ALA C 141 26.81 -30.62 -41.88
C ALA C 141 27.51 -31.83 -42.48
N LEU C 142 28.52 -31.60 -43.32
CA LEU C 142 29.31 -32.70 -43.87
C LEU C 142 30.08 -33.44 -42.80
N GLN C 143 30.23 -32.86 -41.62
CA GLN C 143 30.91 -33.55 -40.53
C GLN C 143 30.27 -34.89 -40.20
N ALA C 144 28.97 -35.04 -40.44
CA ALA C 144 28.30 -36.28 -40.09
C ALA C 144 28.74 -37.43 -40.99
N LEU C 145 29.35 -37.11 -42.14
CA LEU C 145 29.78 -38.15 -43.06
C LEU C 145 30.87 -39.03 -42.45
N TYR C 146 31.82 -38.42 -41.74
CA TYR C 146 32.93 -39.14 -41.13
C TYR C 146 33.12 -38.64 -39.70
N PRO C 147 33.08 -39.53 -38.71
CA PRO C 147 33.26 -39.09 -37.32
C PRO C 147 34.58 -38.39 -37.04
N LYS C 148 35.69 -38.84 -37.64
CA LYS C 148 37.01 -38.29 -37.33
C LYS C 148 37.34 -37.17 -38.33
N THR C 149 36.75 -36.00 -38.11
CA THR C 149 37.10 -34.81 -38.86
C THR C 149 37.48 -33.73 -37.86
N ILE C 150 38.46 -32.91 -38.24
CA ILE C 150 38.94 -31.85 -37.38
C ILE C 150 38.71 -30.52 -38.08
N VAL C 151 37.93 -29.66 -37.44
CA VAL C 151 37.56 -28.35 -37.99
C VAL C 151 38.48 -27.31 -37.35
N LEU C 152 39.42 -26.79 -38.13
CA LEU C 152 40.30 -25.73 -37.68
C LEU C 152 39.94 -24.38 -38.28
N ALA C 153 38.97 -24.33 -39.17
CA ALA C 153 38.60 -23.08 -39.80
C ALA C 153 37.87 -22.17 -38.82
N THR C 154 37.96 -20.87 -39.08
CA THR C 154 37.33 -19.88 -38.23
C THR C 154 36.46 -18.94 -39.04
N PRO C 155 35.39 -18.42 -38.44
CA PRO C 155 34.54 -17.48 -39.16
C PRO C 155 35.13 -16.08 -39.21
N SER C 156 34.68 -15.30 -40.17
CA SER C 156 35.06 -13.91 -40.25
C SER C 156 34.37 -13.12 -39.15
N PRO C 157 34.94 -11.97 -38.76
CA PRO C 157 34.33 -11.19 -37.67
C PRO C 157 32.88 -10.82 -37.94
N PHE C 158 32.58 -10.47 -39.18
CA PHE C 158 31.22 -10.13 -39.59
C PHE C 158 31.13 -10.35 -41.09
N ASP C 159 29.94 -10.17 -41.63
CA ASP C 159 29.69 -10.35 -43.05
C ASP C 159 29.32 -9.03 -43.67
N MET C 160 30.01 -8.66 -44.75
CA MET C 160 29.67 -7.44 -45.45
C MET C 160 28.30 -7.58 -46.09
N GLU C 161 27.41 -6.66 -45.79
CA GLU C 161 26.05 -6.68 -46.30
C GLU C 161 25.92 -5.65 -47.41
N LYS C 162 24.96 -5.88 -48.28
CA LYS C 162 24.63 -4.89 -49.29
C LYS C 162 24.02 -3.66 -48.63
N MET C 163 24.32 -2.50 -49.20
CA MET C 163 23.78 -1.25 -48.70
C MET C 163 22.65 -0.79 -49.59
N VAL C 164 21.61 -0.24 -48.96
CA VAL C 164 20.40 0.19 -49.64
C VAL C 164 20.20 1.67 -49.41
N TRP C 165 20.04 2.40 -50.50
CA TRP C 165 19.67 3.80 -50.51
C TRP C 165 18.17 3.92 -50.71
N LEU C 166 17.52 4.76 -49.92
CA LEU C 166 16.09 4.98 -49.99
C LEU C 166 15.79 6.44 -50.28
N ASP C 167 14.95 6.65 -51.30
CA ASP C 167 14.51 7.98 -51.70
C ASP C 167 13.02 8.09 -51.46
N VAL C 168 12.60 9.11 -50.74
CA VAL C 168 11.20 9.28 -50.35
C VAL C 168 10.72 10.65 -50.79
N ASN C 169 9.49 10.73 -51.27
CA ASN C 169 8.90 12.00 -51.64
C ASN C 169 7.49 12.08 -51.07
N ILE C 170 7.17 13.24 -50.50
CA ILE C 170 5.85 13.52 -49.95
C ILE C 170 5.39 14.85 -50.50
N LEU C 171 4.31 14.85 -51.28
CA LEU C 171 3.81 16.06 -51.91
C LEU C 171 2.38 16.30 -51.49
N GLU C 172 2.08 17.51 -51.03
CA GLU C 172 0.74 17.85 -50.56
C GLU C 172 0.34 19.24 -51.02
N ILE C 173 -0.93 19.40 -51.38
CA ILE C 173 -1.49 20.67 -51.80
C ILE C 173 -2.88 20.83 -51.22
N ARG C 174 -3.15 21.97 -50.59
CA ARG C 174 -4.48 22.26 -50.06
C ARG C 174 -4.99 23.56 -50.63
N LYS C 175 -6.28 23.60 -50.95
CA LYS C 175 -6.90 24.83 -51.43
C LYS C 175 -8.26 24.99 -50.77
N SER C 176 -8.67 26.24 -50.55
CA SER C 176 -9.96 26.48 -49.93
C SER C 176 -10.50 27.84 -50.32
N VAL C 177 -11.83 27.96 -50.27
CA VAL C 177 -12.56 29.19 -50.53
C VAL C 177 -13.66 29.32 -49.49
N LEU C 178 -13.91 30.57 -49.08
CA LEU C 178 -14.91 30.86 -48.05
C LEU C 178 -15.66 32.14 -48.41
N GLU C 179 -16.99 32.09 -48.42
CA GLU C 179 -17.81 33.25 -48.73
C GLU C 179 -18.91 33.41 -47.70
N ASN C 180 -19.27 34.65 -47.41
CA ASN C 180 -20.34 34.95 -46.47
C ASN C 180 -21.00 36.25 -46.91
N PHE C 181 -22.16 36.15 -47.54
CA PHE C 181 -22.72 37.33 -48.18
C PHE C 181 -24.23 37.38 -48.07
N GLY C 182 -24.76 38.58 -47.94
CA GLY C 182 -26.18 38.83 -47.93
C GLY C 182 -26.59 39.71 -46.78
N VAL C 183 -27.88 39.70 -46.48
CA VAL C 183 -28.47 40.48 -45.40
C VAL C 183 -29.18 39.56 -44.44
N ASP C 184 -28.85 39.69 -43.17
CA ASP C 184 -29.40 38.85 -42.11
C ASP C 184 -30.34 39.69 -41.26
N TRP C 185 -31.62 39.31 -41.23
CA TRP C 185 -32.65 40.05 -40.52
C TRP C 185 -32.99 39.37 -39.20
N SER C 186 -33.81 40.05 -38.41
CA SER C 186 -34.39 39.45 -37.21
C SER C 186 -35.45 38.43 -37.61
N LYS C 187 -35.52 37.34 -36.86
CA LYS C 187 -36.50 36.30 -37.14
C LYS C 187 -37.52 36.11 -36.02
N GLN C 188 -37.34 36.79 -34.89
CA GLN C 188 -38.27 36.70 -33.77
C GLN C 188 -38.47 38.09 -33.21
N ILE C 189 -39.70 38.59 -33.29
CA ILE C 189 -39.98 39.95 -32.84
C ILE C 189 -41.18 39.94 -31.90
N PRO C 190 -41.31 40.92 -31.01
CA PRO C 190 -42.47 40.96 -30.12
C PRO C 190 -43.79 41.09 -30.89
N GLY C 191 -44.85 40.55 -30.30
CA GLY C 191 -46.16 40.61 -30.89
C GLY C 191 -47.12 41.50 -30.13
N PRO C 192 -48.38 41.53 -30.54
CA PRO C 192 -49.36 42.40 -29.91
C PRO C 192 -49.70 41.97 -28.49
N PHE C 193 -50.19 42.93 -27.71
CA PHE C 193 -50.53 42.71 -26.31
C PHE C 193 -51.88 43.35 -25.99
N ALA C 194 -52.55 42.77 -25.00
CA ALA C 194 -53.82 43.27 -24.50
C ALA C 194 -53.88 43.06 -23.00
N ALA C 195 -54.63 43.93 -22.32
CA ALA C 195 -54.81 43.81 -20.88
C ALA C 195 -56.11 44.47 -20.47
N PHE C 196 -56.78 43.87 -19.51
CA PHE C 196 -58.05 44.35 -18.97
C PHE C 196 -57.98 44.30 -17.46
N GLY C 197 -58.63 45.24 -16.80
CA GLY C 197 -58.64 45.27 -15.35
C GLY C 197 -59.80 46.05 -14.81
N LYS C 198 -60.49 45.54 -13.79
CA LYS C 198 -61.63 46.24 -13.26
C LYS C 198 -61.87 45.87 -11.81
N ASP C 199 -62.45 46.80 -11.06
CA ASP C 199 -62.89 46.58 -9.69
C ASP C 199 -64.41 46.68 -9.65
N PHE C 200 -65.08 45.54 -9.53
CA PHE C 200 -66.54 45.55 -9.46
C PHE C 200 -67.04 46.11 -8.15
N VAL C 201 -66.45 45.69 -7.03
CA VAL C 201 -66.74 46.26 -5.72
C VAL C 201 -65.44 46.83 -5.18
N GLY C 202 -65.22 48.11 -5.41
CA GLY C 202 -63.91 48.69 -5.29
C GLY C 202 -63.46 48.90 -3.88
N PRO C 203 -62.17 49.19 -3.71
CA PRO C 203 -61.64 49.47 -2.37
C PRO C 203 -62.13 50.81 -1.87
N ARG C 204 -62.02 51.02 -0.57
CA ARG C 204 -62.34 52.31 0.03
C ARG C 204 -61.07 53.03 0.44
N ASN C 205 -61.09 54.35 0.30
CA ASN C 205 -59.98 55.20 0.70
C ASN C 205 -60.43 55.96 1.96
N VAL C 206 -59.64 55.85 3.03
CA VAL C 206 -60.00 56.39 4.32
C VAL C 206 -58.80 57.10 4.92
N ALA C 207 -59.04 57.86 5.99
CA ALA C 207 -57.96 58.50 6.71
C ALA C 207 -57.67 57.72 7.98
N THR C 208 -56.40 57.38 8.20
CA THR C 208 -56.03 56.56 9.34
C THR C 208 -54.83 57.18 10.07
N ILE C 209 -54.73 56.88 11.36
CA ILE C 209 -53.63 57.34 12.21
C ILE C 209 -52.82 56.11 12.62
N PRO C 210 -51.55 56.01 12.26
CA PRO C 210 -50.77 54.82 12.60
C PRO C 210 -50.62 54.66 14.11
N LEU C 211 -50.52 53.42 14.55
CA LEU C 211 -50.32 53.14 15.97
C LEU C 211 -48.93 53.56 16.41
N GLY C 212 -48.84 54.12 17.60
CA GLY C 212 -47.57 54.60 18.12
C GLY C 212 -47.18 55.97 17.65
N GLN C 213 -48.04 56.67 16.93
CA GLN C 213 -47.78 57.99 16.41
C GLN C 213 -48.41 59.03 17.33
N ASP C 214 -47.81 60.22 17.35
CA ASP C 214 -48.36 61.30 18.15
C ASP C 214 -49.77 61.64 17.69
N LEU C 215 -50.64 61.98 18.64
CA LEU C 215 -52.04 62.20 18.31
C LEU C 215 -52.25 63.51 17.56
N THR C 216 -51.35 64.48 17.74
CA THR C 216 -51.54 65.77 17.10
C THR C 216 -51.16 65.73 15.62
N GLN C 217 -50.41 64.72 15.22
CA GLN C 217 -49.93 64.66 13.85
C GLN C 217 -51.09 64.44 12.88
N PRO C 218 -51.03 64.98 11.67
CA PRO C 218 -52.15 64.82 10.74
C PRO C 218 -52.26 63.38 10.27
N PRO C 219 -53.46 62.94 9.92
CA PRO C 219 -53.65 61.56 9.49
C PRO C 219 -53.01 61.28 8.15
N VAL C 220 -52.94 60.01 7.81
CA VAL C 220 -52.36 59.56 6.54
C VAL C 220 -53.41 58.77 5.78
N ALA C 221 -53.07 58.42 4.54
CA ALA C 221 -53.99 57.69 3.68
C ALA C 221 -53.97 56.21 4.00
N GLY C 222 -55.17 55.60 4.02
CA GLY C 222 -55.31 54.20 4.31
C GLY C 222 -56.46 53.64 3.52
N THR C 223 -56.66 52.34 3.64
CA THR C 223 -57.60 51.63 2.78
C THR C 223 -58.50 50.70 3.58
N GLY C 224 -59.57 50.28 2.94
CA GLY C 224 -60.33 49.14 3.38
C GLY C 224 -59.69 47.88 2.84
N VAL C 225 -60.50 46.82 2.74
CA VAL C 225 -59.97 45.58 2.19
C VAL C 225 -59.62 45.80 0.73
N ARG C 226 -58.37 45.55 0.39
CA ARG C 226 -57.85 45.81 -0.95
C ARG C 226 -56.90 44.70 -1.34
N VAL C 227 -57.05 44.20 -2.56
CA VAL C 227 -56.29 43.06 -3.05
C VAL C 227 -55.35 43.52 -4.15
N THR C 228 -54.09 43.13 -4.05
CA THR C 228 -53.14 43.32 -5.13
C THR C 228 -52.79 41.95 -5.69
N PRO C 229 -53.39 41.54 -6.82
CA PRO C 229 -53.24 40.16 -7.25
C PRO C 229 -51.82 39.87 -7.66
N PRO C 230 -51.36 38.62 -7.53
CA PRO C 230 -50.05 38.23 -8.03
C PRO C 230 -50.11 37.99 -9.52
N LEU C 231 -49.33 38.74 -10.28
CA LEU C 231 -49.27 38.59 -11.73
C LEU C 231 -48.24 37.51 -12.02
N GLY C 232 -48.70 36.32 -12.42
CA GLY C 232 -47.79 35.20 -12.56
C GLY C 232 -46.81 35.40 -13.70
N SER C 233 -47.27 35.20 -14.92
CA SER C 233 -46.42 35.36 -16.10
C SER C 233 -46.44 36.78 -16.63
N LEU C 234 -47.33 37.63 -16.13
CA LEU C 234 -47.42 39.02 -16.55
C LEU C 234 -46.60 39.93 -15.66
N ASN C 235 -45.81 39.37 -14.76
CA ASN C 235 -45.09 40.16 -13.77
C ASN C 235 -44.10 41.07 -14.48
N GLY C 236 -44.14 42.34 -14.15
CA GLY C 236 -43.28 43.33 -14.79
C GLY C 236 -43.84 43.92 -16.06
N ALA C 237 -44.93 43.36 -16.59
CA ALA C 237 -45.55 43.90 -17.79
C ALA C 237 -46.69 44.86 -17.49
N ILE C 238 -47.40 44.66 -16.39
CA ILE C 238 -48.49 45.54 -15.97
C ILE C 238 -48.03 46.30 -14.75
N ASP C 239 -48.18 47.62 -14.79
CA ASP C 239 -47.70 48.48 -13.71
C ASP C 239 -48.71 48.47 -12.57
N LEU C 240 -48.28 48.01 -11.40
CA LEU C 240 -49.12 48.00 -10.22
C LEU C 240 -48.75 49.05 -9.20
N ALA C 241 -47.49 49.49 -9.17
CA ALA C 241 -47.08 50.47 -8.17
C ALA C 241 -47.80 51.79 -8.36
N ASN C 242 -47.97 52.20 -9.61
CA ASN C 242 -48.55 53.50 -9.93
C ASN C 242 -50.03 53.42 -10.26
N LEU C 243 -50.65 52.26 -10.11
CA LEU C 243 -52.05 52.10 -10.45
C LEU C 243 -52.95 52.74 -9.40
N ALA C 244 -53.91 53.53 -9.86
CA ALA C 244 -54.93 54.07 -8.97
C ALA C 244 -55.98 53.00 -8.72
N ARG C 245 -56.08 52.55 -7.47
CA ARG C 245 -56.79 51.31 -7.19
C ARG C 245 -58.27 51.32 -7.55
N PRO C 246 -59.04 52.36 -7.26
CA PRO C 246 -60.36 52.44 -7.87
C PRO C 246 -60.19 52.65 -9.36
N ILE C 247 -59.96 51.55 -10.09
CA ILE C 247 -59.36 51.59 -11.42
C ILE C 247 -60.17 52.47 -12.35
N ALA C 248 -59.53 53.50 -12.89
CA ALA C 248 -60.08 54.35 -13.93
C ALA C 248 -59.29 54.11 -15.20
N GLY C 249 -59.94 53.55 -16.21
CA GLY C 249 -59.23 53.11 -17.39
C GLY C 249 -58.97 51.63 -17.32
N THR C 250 -59.77 50.84 -18.03
CA THR C 250 -59.79 49.41 -17.77
C THR C 250 -58.97 48.64 -18.81
N THR C 251 -58.85 49.16 -20.02
CA THR C 251 -58.28 48.41 -21.12
C THR C 251 -57.00 49.06 -21.63
N ASN C 252 -56.09 48.22 -22.12
CA ASN C 252 -54.95 48.67 -22.91
C ASN C 252 -54.66 47.62 -23.97
N PHE C 253 -54.64 48.04 -25.24
CA PHE C 253 -54.43 47.13 -26.35
C PHE C 253 -53.48 47.80 -27.35
N GLY C 254 -52.38 47.12 -27.67
CA GLY C 254 -51.41 47.77 -28.55
C GLY C 254 -50.28 46.83 -28.93
N ILE C 255 -49.28 47.39 -29.60
CA ILE C 255 -48.11 46.63 -30.05
C ILE C 255 -46.90 47.55 -30.14
N ILE C 256 -45.73 47.02 -29.79
CA ILE C 256 -44.45 47.71 -29.93
C ILE C 256 -43.44 46.70 -30.44
N THR C 257 -42.97 46.87 -31.67
CA THR C 257 -42.10 45.88 -32.29
C THR C 257 -41.27 46.50 -33.39
N GLY C 258 -40.22 45.78 -33.80
CA GLY C 258 -39.35 46.21 -34.90
C GLY C 258 -38.34 45.15 -35.25
N VAL C 259 -37.56 45.42 -36.30
CA VAL C 259 -36.58 44.47 -36.81
C VAL C 259 -35.21 45.13 -36.90
N LEU C 260 -34.17 44.29 -36.87
CA LEU C 260 -32.78 44.72 -36.99
C LEU C 260 -32.08 43.87 -38.03
N SER C 261 -30.94 44.35 -38.51
CA SER C 261 -30.32 43.77 -39.70
C SER C 261 -28.80 43.82 -39.61
N THR C 262 -28.16 43.00 -40.44
CA THR C 262 -26.70 42.97 -40.59
C THR C 262 -26.36 42.66 -42.04
N ILE C 263 -25.26 43.20 -42.54
CA ILE C 263 -24.85 43.03 -43.93
C ILE C 263 -23.49 42.35 -43.97
N ASN C 264 -23.36 41.35 -44.85
CA ASN C 264 -22.16 40.52 -44.94
C ASN C 264 -21.66 40.51 -46.37
N PHE C 265 -20.35 40.77 -46.56
CA PHE C 265 -19.75 40.59 -47.89
C PHE C 265 -18.31 40.07 -47.78
N ALA C 266 -18.07 39.05 -46.96
CA ALA C 266 -16.73 38.52 -46.75
C ALA C 266 -16.39 37.45 -47.78
N LEU C 267 -15.13 37.44 -48.24
CA LEU C 267 -14.67 36.59 -49.33
C LEU C 267 -13.19 36.29 -49.19
N SER C 268 -12.82 35.01 -49.12
CA SER C 268 -11.44 34.64 -48.85
C SER C 268 -11.04 33.39 -49.62
N ASN C 269 -9.74 33.29 -49.92
CA ASN C 269 -9.14 32.15 -50.59
C ASN C 269 -7.90 31.74 -49.83
N GLY C 270 -7.48 30.49 -50.03
CA GLY C 270 -6.27 30.01 -49.40
C GLY C 270 -5.62 28.89 -50.18
N ASP C 271 -4.30 28.93 -50.34
CA ASP C 271 -3.56 27.88 -51.01
C ASP C 271 -2.32 27.53 -50.20
N ALA C 272 -1.95 26.26 -50.19
CA ALA C 272 -0.77 25.82 -49.47
C ALA C 272 -0.14 24.67 -50.22
N TYR C 273 1.19 24.72 -50.36
CA TYR C 273 1.96 23.72 -51.08
C TYR C 273 3.04 23.16 -50.15
N LEU C 274 3.45 21.93 -50.41
CA LEU C 274 4.49 21.32 -49.59
C LEU C 274 5.11 20.14 -50.32
N ILE C 275 6.43 20.07 -50.31
CA ILE C 275 7.17 18.89 -50.75
C ILE C 275 8.24 18.59 -49.73
N ALA C 276 8.32 17.35 -49.27
CA ALA C 276 9.37 16.91 -48.38
C ALA C 276 10.07 15.72 -49.00
N ASN C 277 11.38 15.80 -49.12
CA ASN C 277 12.17 14.82 -49.88
C ASN C 277 13.33 14.32 -49.02
N PRO C 278 13.05 13.49 -48.03
CA PRO C 278 14.15 12.91 -47.25
C PRO C 278 14.76 11.74 -47.98
N GLN C 279 16.04 11.49 -47.71
CA GLN C 279 16.75 10.35 -48.27
C GLN C 279 17.62 9.70 -47.21
N LEU C 280 17.76 8.39 -47.28
CA LEU C 280 18.46 7.66 -46.23
C LEU C 280 19.33 6.59 -46.83
N SER C 281 20.22 6.06 -45.99
CA SER C 281 21.01 4.89 -46.31
C SER C 281 20.94 3.91 -45.16
N ALA C 282 21.09 2.63 -45.47
CA ALA C 282 21.12 1.60 -44.43
C ALA C 282 21.73 0.34 -45.00
N ARG C 283 22.02 -0.62 -44.14
CA ARG C 283 22.54 -1.90 -44.60
C ARG C 283 21.49 -2.98 -44.44
N SER C 284 21.60 -4.00 -45.27
CA SER C 284 20.61 -5.08 -45.24
C SER C 284 20.59 -5.76 -43.88
N GLY C 285 19.43 -5.77 -43.25
CA GLY C 285 19.30 -6.29 -41.92
C GLY C 285 19.49 -5.28 -40.82
N GLY C 286 19.89 -4.05 -41.16
CA GLY C 286 20.00 -2.97 -40.22
C GLY C 286 18.75 -2.10 -40.19
N ARG C 287 18.83 -1.04 -39.40
CA ARG C 287 17.73 -0.10 -39.25
C ARG C 287 18.32 1.31 -39.29
N THR C 288 17.55 2.27 -39.80
CA THR C 288 17.98 3.66 -39.74
C THR C 288 16.81 4.57 -39.44
N ASP C 289 17.03 5.53 -38.54
CA ASP C 289 16.03 6.52 -38.16
C ASP C 289 16.56 7.91 -38.43
N PHE C 290 15.70 8.76 -38.96
CA PHE C 290 16.03 10.13 -39.33
C PHE C 290 14.95 11.05 -38.79
N LEU C 291 15.36 12.20 -38.26
CA LEU C 291 14.42 13.22 -37.78
C LEU C 291 14.93 14.60 -38.11
N ALA C 292 14.11 15.40 -38.77
CA ALA C 292 14.41 16.80 -39.04
C ALA C 292 13.23 17.62 -38.57
N GLY C 293 13.37 18.30 -37.45
CA GLY C 293 12.22 18.88 -36.80
C GLY C 293 12.53 19.43 -35.43
N GLY C 294 11.76 19.03 -34.44
CA GLY C 294 11.96 19.55 -33.11
C GLY C 294 11.31 18.69 -32.06
N GLN C 295 11.46 19.11 -30.81
CA GLN C 295 10.87 18.45 -29.66
C GLN C 295 10.14 19.48 -28.80
N VAL C 296 8.96 19.11 -28.31
CA VAL C 296 8.18 20.01 -27.48
C VAL C 296 7.91 19.38 -26.12
N PRO C 297 7.81 20.17 -25.05
CA PRO C 297 7.60 19.59 -23.71
C PRO C 297 6.14 19.32 -23.44
N ILE C 298 5.86 18.18 -22.81
CA ILE C 298 4.52 17.73 -22.47
C ILE C 298 4.53 17.23 -21.03
N LEU C 299 3.57 17.69 -20.22
CA LEU C 299 3.41 17.21 -18.85
C LEU C 299 2.57 15.93 -18.85
N GLN C 300 3.27 14.81 -18.69
CA GLN C 300 2.60 13.53 -18.54
C GLN C 300 3.29 12.73 -17.44
N ALA C 301 2.49 12.16 -16.56
CA ALA C 301 3.02 11.44 -15.39
C ALA C 301 2.05 10.36 -14.99
N LEU C 302 2.56 9.39 -14.24
CA LEU C 302 1.72 8.33 -13.70
C LEU C 302 0.77 8.90 -12.65
N ALA C 303 -0.49 8.50 -12.73
CA ALA C 303 -1.48 8.83 -11.71
C ALA C 303 -1.72 10.33 -11.61
N ALA C 304 -2.37 10.76 -10.52
CA ALA C 304 -2.61 12.15 -10.17
C ALA C 304 -3.63 12.82 -11.10
N GLY C 305 -3.96 14.07 -10.81
CA GLY C 305 -4.94 14.80 -11.57
C GLY C 305 -5.21 16.19 -11.01
N GLN C 310 5.69 18.08 -12.20
CA GLN C 310 5.24 16.70 -12.37
C GLN C 310 6.32 15.86 -13.04
N ASN C 311 5.97 15.30 -14.20
CA ASN C 311 6.91 14.59 -15.05
C ASN C 311 6.78 15.16 -16.45
N VAL C 312 7.92 15.56 -17.03
CA VAL C 312 7.96 16.23 -18.33
C VAL C 312 8.62 15.30 -19.34
N THR C 313 7.91 14.99 -20.42
CA THR C 313 8.49 14.25 -21.52
C THR C 313 8.51 15.13 -22.76
N TYR C 314 9.18 14.66 -23.80
CA TYR C 314 9.36 15.43 -25.01
C TYR C 314 8.79 14.70 -26.21
N LYS C 315 8.10 15.44 -27.07
CA LYS C 315 7.45 14.88 -28.25
C LYS C 315 8.10 15.39 -29.52
N ASP C 316 8.34 14.48 -30.46
CA ASP C 316 8.98 14.83 -31.72
C ASP C 316 7.96 15.29 -32.76
N TYR C 317 8.31 16.32 -33.49
CA TYR C 317 7.53 16.76 -34.63
C TYR C 317 8.47 17.13 -35.75
N GLY C 318 7.96 17.18 -36.98
CA GLY C 318 8.76 17.50 -38.14
C GLY C 318 8.66 16.40 -39.18
N ILE C 319 9.80 16.05 -39.74
CA ILE C 319 9.88 14.99 -40.74
C ILE C 319 10.61 13.82 -40.11
N LYS C 320 9.91 12.68 -40.00
CA LYS C 320 10.49 11.50 -39.38
C LYS C 320 10.46 10.36 -40.38
N LEU C 321 11.51 9.55 -40.38
CA LEU C 321 11.64 8.48 -41.36
C LEU C 321 12.34 7.29 -40.73
N GLU C 322 11.76 6.10 -40.86
CA GLU C 322 12.38 4.88 -40.36
C GLU C 322 12.42 3.83 -41.46
N PHE C 323 13.56 3.17 -41.60
CA PHE C 323 13.81 2.26 -42.71
C PHE C 323 14.39 0.96 -42.19
N GLU C 324 13.86 -0.17 -42.69
CA GLU C 324 14.37 -1.51 -42.34
C GLU C 324 14.43 -2.43 -43.55
N PRO C 325 15.53 -2.44 -44.30
CA PRO C 325 15.57 -3.20 -45.55
C PRO C 325 16.10 -4.61 -45.38
N ARG C 326 15.84 -5.44 -46.40
CA ARG C 326 16.43 -6.77 -46.56
C ARG C 326 16.56 -7.07 -48.04
N VAL C 327 17.70 -7.58 -48.47
CA VAL C 327 18.01 -7.71 -49.88
C VAL C 327 18.16 -9.18 -50.24
N ASP C 328 17.87 -9.50 -51.50
CA ASP C 328 17.95 -10.85 -52.05
C ASP C 328 19.13 -10.97 -52.99
N ASP C 329 19.30 -12.16 -53.57
CA ASP C 329 20.38 -12.36 -54.52
C ASP C 329 20.07 -11.73 -55.88
N ASP C 330 18.83 -11.34 -56.12
CA ASP C 330 18.44 -10.66 -57.34
C ASP C 330 18.27 -9.16 -57.13
N ASN C 331 18.69 -8.66 -55.97
CA ASN C 331 18.51 -7.25 -55.61
C ASN C 331 17.03 -6.88 -55.51
N ASN C 332 16.23 -7.79 -55.01
CA ASN C 332 14.86 -7.50 -54.61
C ASN C 332 14.86 -7.05 -53.17
N VAL C 333 14.18 -5.95 -52.88
CA VAL C 333 14.22 -5.36 -51.55
C VAL C 333 12.87 -5.57 -50.86
N SER C 334 12.90 -6.17 -49.68
CA SER C 334 11.76 -6.28 -48.80
C SER C 334 11.95 -5.30 -47.65
N MET C 335 10.95 -4.47 -47.38
CA MET C 335 11.19 -3.34 -46.52
C MET C 335 9.97 -2.99 -45.69
N ARG C 336 10.24 -2.45 -44.52
CA ARG C 336 9.27 -1.72 -43.71
C ARG C 336 9.72 -0.27 -43.65
N VAL C 337 8.82 0.64 -44.01
CA VAL C 337 9.13 2.07 -44.03
C VAL C 337 8.06 2.83 -43.28
N LEU C 338 8.50 3.75 -42.42
CA LEU C 338 7.62 4.69 -41.75
C LEU C 338 7.98 6.09 -42.22
N ALA C 339 6.99 6.81 -42.74
CA ALA C 339 7.19 8.19 -43.18
C ALA C 339 6.15 9.07 -42.52
N ASP C 340 6.62 10.12 -41.84
CA ASP C 340 5.73 10.96 -41.05
C ASP C 340 6.09 12.42 -41.26
N VAL C 341 5.07 13.26 -41.43
CA VAL C 341 5.26 14.70 -41.55
C VAL C 341 4.21 15.38 -40.68
N SER C 342 4.64 16.04 -39.60
CA SER C 342 3.70 16.60 -38.65
C SER C 342 4.15 17.97 -38.17
N ASP C 343 3.21 18.90 -38.12
CA ASP C 343 3.48 20.29 -37.80
C ASP C 343 2.59 20.76 -36.68
N ILE C 344 3.01 21.82 -35.99
CA ILE C 344 2.21 22.36 -34.91
C ILE C 344 1.06 23.18 -35.48
N ASP C 345 -0.11 23.04 -34.86
CA ASP C 345 -1.33 23.71 -35.29
C ASP C 345 -1.82 24.63 -34.19
N PRO C 346 -1.86 25.94 -34.40
CA PRO C 346 -2.36 26.83 -33.34
C PRO C 346 -3.83 26.60 -33.02
N ALA C 347 -4.59 26.07 -33.97
CA ALA C 347 -6.05 26.00 -33.82
C ALA C 347 -6.45 25.05 -32.69
N THR C 348 -5.79 23.90 -32.58
CA THR C 348 -6.22 22.88 -31.64
C THR C 348 -5.35 22.81 -30.38
N SER C 349 -4.52 23.81 -30.13
CA SER C 349 -3.71 23.83 -28.92
C SER C 349 -4.52 24.35 -27.74
N VAL C 350 -4.23 23.81 -26.56
CA VAL C 350 -4.95 24.15 -25.33
C VAL C 350 -3.99 24.85 -24.38
N SER C 351 -4.49 25.86 -23.68
CA SER C 351 -3.63 26.69 -22.84
C SER C 351 -3.30 26.00 -21.52
N LEU C 352 -4.21 25.17 -21.00
CA LEU C 352 -4.07 24.58 -19.65
C LEU C 352 -3.96 25.75 -18.68
N ASN C 353 -3.03 25.74 -17.72
CA ASN C 353 -2.89 26.85 -16.80
C ASN C 353 -2.08 27.97 -17.44
N GLY C 354 -0.80 27.69 -17.71
CA GLY C 354 0.03 28.54 -18.51
C GLY C 354 0.90 27.66 -19.38
N PHE C 355 0.78 26.35 -19.14
CA PHE C 355 1.55 25.35 -19.89
C PHE C 355 0.79 25.05 -21.17
N THR C 356 1.12 25.79 -22.23
CA THR C 356 0.52 25.52 -23.53
C THR C 356 0.83 24.11 -23.98
N VAL C 357 -0.19 23.40 -24.42
CA VAL C 357 -0.07 22.06 -24.97
C VAL C 357 -0.49 22.13 -26.42
N PRO C 358 0.36 21.78 -27.38
CA PRO C 358 0.04 22.02 -28.79
C PRO C 358 -0.71 20.85 -29.41
N GLY C 359 -1.38 21.16 -30.51
CA GLY C 359 -1.98 20.14 -31.36
C GLY C 359 -1.19 20.07 -32.64
N PHE C 360 -1.41 18.99 -33.40
CA PHE C 360 -0.61 18.73 -34.57
C PHE C 360 -1.47 18.43 -35.79
N ILE C 361 -0.93 18.76 -36.96
CA ILE C 361 -1.44 18.29 -38.24
C ILE C 361 -0.43 17.29 -38.77
N THR C 362 -0.88 16.06 -39.02
CA THR C 362 0.03 14.98 -39.35
C THR C 362 -0.39 14.28 -40.63
N ARG C 363 0.60 13.74 -41.32
CA ARG C 363 0.42 12.82 -42.45
C ARG C 363 1.38 11.67 -42.22
N ARG C 364 0.86 10.50 -41.92
CA ARG C 364 1.67 9.37 -41.51
C ARG C 364 1.36 8.17 -42.37
N SER C 365 2.38 7.38 -42.66
CA SER C 365 2.19 6.14 -43.41
C SER C 365 3.21 5.11 -42.96
N ASN C 366 2.73 3.94 -42.56
CA ASN C 366 3.56 2.86 -42.05
C ASN C 366 3.31 1.62 -42.89
N ALA C 367 4.23 1.29 -43.80
CA ALA C 367 3.94 0.29 -44.80
C ALA C 367 4.98 -0.81 -44.81
N GLU C 368 4.53 -1.99 -45.21
CA GLU C 368 5.39 -3.16 -45.44
C GLU C 368 5.22 -3.60 -46.88
N ILE C 369 6.31 -3.55 -47.65
CA ILE C 369 6.24 -3.86 -49.07
C ILE C 369 7.47 -4.64 -49.50
N ASN C 370 7.46 -5.07 -50.75
CA ASN C 370 8.66 -5.55 -51.41
C ASN C 370 8.61 -5.24 -52.89
N VAL C 371 9.74 -4.82 -53.45
CA VAL C 371 9.83 -4.38 -54.83
C VAL C 371 11.16 -4.81 -55.42
N GLY C 372 11.31 -4.60 -56.72
CA GLY C 372 12.57 -4.84 -57.37
C GLY C 372 13.53 -3.68 -57.21
N ASP C 373 14.72 -3.86 -57.76
CA ASP C 373 15.76 -2.85 -57.61
C ASP C 373 15.42 -1.61 -58.42
N GLY C 374 15.39 -0.47 -57.76
CA GLY C 374 15.25 0.80 -58.44
C GLY C 374 13.85 1.15 -58.89
N GLN C 375 12.84 0.38 -58.52
CA GLN C 375 11.46 0.68 -58.89
C GLN C 375 10.82 1.64 -57.89
N THR C 376 9.80 2.36 -58.36
CA THR C 376 9.12 3.36 -57.57
C THR C 376 7.73 2.87 -57.18
N MET C 377 7.42 2.94 -55.90
CA MET C 377 6.11 2.53 -55.40
C MET C 377 5.43 3.67 -54.66
N VAL C 378 4.15 3.86 -54.92
CA VAL C 378 3.32 4.76 -54.14
C VAL C 378 2.77 3.99 -52.96
N ILE C 379 3.02 4.46 -51.74
CA ILE C 379 2.48 3.75 -50.59
C ILE C 379 1.24 4.43 -50.02
N SER C 380 0.91 5.64 -50.46
CA SER C 380 -0.35 6.26 -50.03
C SER C 380 -0.68 7.44 -50.92
N GLY C 381 -1.97 7.72 -51.02
CA GLY C 381 -2.45 8.86 -51.78
C GLY C 381 -3.85 9.20 -51.36
N LEU C 382 -4.24 10.45 -51.60
CA LEU C 382 -5.56 10.91 -51.15
C LEU C 382 -6.04 12.06 -52.02
N VAL C 383 -7.34 12.05 -52.31
CA VAL C 383 -8.06 13.19 -52.85
C VAL C 383 -9.29 13.37 -51.97
N ASN C 384 -9.57 14.59 -51.52
CA ASN C 384 -10.58 14.83 -50.50
C ASN C 384 -11.33 16.13 -50.69
N PRO C 385 -12.34 16.17 -51.56
CA PRO C 385 -13.14 17.39 -51.72
C PRO C 385 -14.21 17.53 -50.64
N LYS C 386 -14.47 18.76 -50.21
CA LYS C 386 -15.50 19.01 -49.20
C LYS C 386 -16.19 20.34 -49.48
N THR C 387 -17.47 20.43 -49.16
CA THR C 387 -18.29 21.60 -49.45
C THR C 387 -19.42 21.70 -48.44
N ALA C 388 -19.83 22.92 -48.12
CA ALA C 388 -20.92 23.11 -47.17
C ALA C 388 -21.57 24.48 -47.38
N LYS C 389 -22.89 24.51 -47.47
CA LYS C 389 -23.63 25.75 -47.67
C LYS C 389 -24.80 25.84 -46.70
N ASN C 390 -24.99 27.01 -46.11
CA ASN C 390 -26.11 27.28 -45.22
C ASN C 390 -26.79 28.57 -45.64
N VAL C 391 -28.12 28.59 -45.60
CA VAL C 391 -28.91 29.74 -46.05
C VAL C 391 -29.95 30.05 -45.00
N SER C 392 -30.13 31.34 -44.70
CA SER C 392 -31.26 31.81 -43.92
C SER C 392 -32.01 32.84 -44.74
N LYS C 393 -33.34 32.82 -44.67
CA LYS C 393 -34.13 33.68 -45.53
C LYS C 393 -35.43 34.03 -44.86
N LEU C 394 -36.06 35.07 -45.39
CA LEU C 394 -37.45 35.37 -45.06
C LEU C 394 -38.36 34.52 -45.94
N PRO C 395 -39.57 34.22 -45.46
CA PRO C 395 -40.39 33.19 -46.13
C PRO C 395 -40.63 33.40 -47.61
N TRP C 396 -41.18 34.54 -48.02
CA TRP C 396 -41.47 34.73 -49.44
C TRP C 396 -40.55 35.71 -50.12
N LEU C 397 -40.04 36.71 -49.40
CA LEU C 397 -39.18 37.71 -50.02
C LEU C 397 -37.84 37.11 -50.42
N GLY C 398 -37.43 36.03 -49.76
CA GLY C 398 -36.10 35.51 -49.98
C GLY C 398 -35.92 34.84 -51.34
N ASP C 399 -37.02 34.40 -51.93
CA ASP C 399 -36.93 33.66 -53.18
C ASP C 399 -37.04 34.55 -54.42
N ILE C 400 -37.31 35.85 -54.26
CA ILE C 400 -37.39 36.73 -55.43
C ILE C 400 -36.02 36.77 -56.10
N PRO C 401 -35.93 36.63 -57.43
CA PRO C 401 -34.61 36.57 -58.08
C PRO C 401 -33.83 37.87 -57.92
N ILE C 402 -32.52 37.73 -57.75
CA ILE C 402 -31.59 38.85 -57.60
C ILE C 402 -31.90 39.67 -56.36
N LEU C 403 -33.09 40.27 -56.33
CA LEU C 403 -33.48 41.08 -55.19
C LEU C 403 -33.54 40.28 -53.89
N GLY C 404 -33.71 38.97 -53.98
CA GLY C 404 -33.80 38.15 -52.78
C GLY C 404 -32.57 38.20 -51.91
N ASN C 405 -31.43 38.62 -52.46
CA ASN C 405 -30.24 38.75 -51.63
C ASN C 405 -30.34 39.89 -50.64
N LEU C 406 -31.36 40.74 -50.77
CA LEU C 406 -31.62 41.73 -49.74
C LEU C 406 -32.34 41.12 -48.55
N PHE C 407 -32.89 39.92 -48.69
CA PHE C 407 -33.66 39.28 -47.64
C PHE C 407 -33.15 37.89 -47.30
N LYS C 408 -31.88 37.60 -47.55
CA LYS C 408 -31.33 36.26 -47.42
C LYS C 408 -29.84 36.35 -47.18
N SER C 409 -29.34 35.48 -46.30
CA SER C 409 -27.92 35.42 -45.97
C SER C 409 -27.38 34.05 -46.27
N THR C 410 -26.25 33.98 -46.97
CA THR C 410 -25.66 32.73 -47.43
C THR C 410 -24.25 32.59 -46.91
N ASN C 411 -23.91 31.38 -46.45
CA ASN C 411 -22.58 31.03 -45.98
C ASN C 411 -22.10 29.81 -46.74
N PHE C 412 -20.91 29.90 -47.35
CA PHE C 412 -20.41 28.89 -48.27
C PHE C 412 -18.96 28.57 -47.97
N GLN C 413 -18.61 27.29 -47.97
CA GLN C 413 -17.22 26.86 -47.77
C GLN C 413 -16.91 25.72 -48.72
N SER C 414 -15.71 25.73 -49.30
CA SER C 414 -15.30 24.63 -50.16
C SER C 414 -13.80 24.43 -50.05
N GLY C 415 -13.34 23.20 -50.29
CA GLY C 415 -11.93 22.93 -50.16
C GLY C 415 -11.54 21.59 -50.73
N ASN C 416 -10.23 21.41 -50.91
CA ASN C 416 -9.68 20.17 -51.42
C ASN C 416 -8.26 19.98 -50.91
N THR C 417 -7.87 18.71 -50.72
CA THR C 417 -6.52 18.32 -50.34
C THR C 417 -6.05 17.19 -51.22
N ASP C 418 -4.81 17.28 -51.71
CA ASP C 418 -4.17 16.20 -52.46
C ASP C 418 -2.86 15.84 -51.77
N LEU C 419 -2.54 14.54 -51.75
CA LEU C 419 -1.38 14.04 -51.05
C LEU C 419 -0.87 12.78 -51.73
N VAL C 420 0.45 12.69 -51.93
CA VAL C 420 1.07 11.48 -52.46
C VAL C 420 2.36 11.22 -51.70
N ILE C 421 2.59 9.96 -51.34
CA ILE C 421 3.81 9.49 -50.68
C ILE C 421 4.37 8.34 -51.49
N LEU C 422 5.61 8.49 -51.99
CA LEU C 422 6.20 7.45 -52.81
C LEU C 422 7.65 7.22 -52.44
N VAL C 423 8.13 5.99 -52.66
CA VAL C 423 9.45 5.56 -52.22
C VAL C 423 10.15 4.85 -53.36
N THR C 424 11.47 4.82 -53.29
CA THR C 424 12.33 4.18 -54.30
C THR C 424 13.54 3.61 -53.59
N PRO C 425 13.69 2.31 -53.50
CA PRO C 425 14.93 1.73 -52.99
C PRO C 425 15.90 1.35 -54.09
N ARG C 426 17.20 1.42 -53.80
CA ARG C 426 18.24 1.05 -54.73
C ARG C 426 19.40 0.43 -53.96
N VAL C 427 20.07 -0.56 -54.56
CA VAL C 427 21.24 -1.18 -53.96
C VAL C 427 22.48 -0.45 -54.44
N VAL C 428 23.26 0.10 -53.51
CA VAL C 428 24.29 1.07 -53.84
C VAL C 428 25.61 0.67 -53.19
N SER C 429 26.64 1.45 -53.51
CA SER C 429 27.89 1.51 -52.76
C SER C 429 28.25 2.97 -52.61
N ALA C 430 29.48 3.24 -52.17
CA ALA C 430 29.90 4.62 -52.02
C ALA C 430 30.17 5.30 -53.36
N ALA C 431 30.30 4.53 -54.43
CA ALA C 431 30.53 5.12 -55.76
C ALA C 431 29.25 5.31 -56.55
N SER C 432 28.10 4.94 -56.01
CA SER C 432 26.85 5.01 -56.76
C SER C 432 26.42 6.45 -56.96
N LEU C 433 25.56 6.65 -57.96
CA LEU C 433 25.15 8.01 -58.33
C LEU C 433 24.38 8.69 -57.22
N GLU C 434 23.58 7.93 -56.47
CA GLU C 434 22.77 8.52 -55.40
C GLU C 434 23.66 9.13 -54.32
N ASN C 435 24.75 8.46 -53.96
CA ASN C 435 25.67 9.00 -52.97
C ASN C 435 26.43 10.20 -53.52
N ILE C 436 26.87 10.12 -54.77
CA ILE C 436 27.69 11.18 -55.35
C ILE C 436 26.91 12.47 -55.47
N ARG C 437 25.62 12.39 -55.81
CA ARG C 437 24.84 13.62 -55.93
C ARG C 437 24.72 14.34 -54.60
N GLN C 438 24.53 13.61 -53.51
CA GLN C 438 24.40 14.27 -52.21
C GLN C 438 25.75 14.82 -51.74
N VAL C 439 26.84 14.12 -52.04
CA VAL C 439 28.15 14.68 -51.71
C VAL C 439 28.38 15.98 -52.50
N SER C 440 27.96 16.01 -53.75
CA SER C 440 28.06 17.23 -54.55
C SER C 440 27.22 18.35 -53.93
N GLN C 441 26.03 18.00 -53.44
CA GLN C 441 25.19 18.99 -52.80
C GLN C 441 25.88 19.57 -51.57
N ALA C 442 26.54 18.74 -50.78
CA ALA C 442 27.24 19.24 -49.60
C ALA C 442 28.37 20.19 -49.99
N VAL C 443 29.12 19.85 -51.04
CA VAL C 443 30.18 20.74 -51.50
C VAL C 443 29.60 22.10 -51.92
N GLU C 444 28.47 22.07 -52.64
CA GLU C 444 27.86 23.31 -53.07
C GLU C 444 27.38 24.15 -51.89
N MET C 445 26.80 23.51 -50.87
CA MET C 445 26.34 24.25 -49.71
C MET C 445 27.51 24.92 -49.00
N LYS C 446 28.62 24.19 -48.84
CA LYS C 446 29.80 24.79 -48.23
C LYS C 446 30.27 25.99 -49.02
N ASP C 447 30.32 25.87 -50.35
CA ASP C 447 30.79 26.97 -51.17
C ASP C 447 29.89 28.19 -51.04
N GLU C 448 28.57 27.98 -51.03
CA GLU C 448 27.66 29.11 -50.88
C GLU C 448 27.86 29.82 -49.55
N TYR C 449 27.97 29.05 -48.47
CA TYR C 449 28.25 29.64 -47.16
C TYR C 449 29.53 30.45 -47.19
N ARG C 450 30.59 29.90 -47.81
CA ARG C 450 31.84 30.64 -47.86
C ARG C 450 31.69 31.95 -48.61
N ASN C 451 30.97 31.94 -49.72
CA ASN C 451 30.87 33.14 -50.53
C ASN C 451 30.03 34.21 -49.86
N THR C 452 29.14 33.86 -48.94
CA THR C 452 28.36 34.91 -48.28
C THR C 452 29.20 35.77 -47.35
N LEU C 453 30.37 35.29 -46.93
CA LEU C 453 31.09 35.92 -45.83
C LEU C 453 32.16 36.91 -46.34
N PRO C 454 32.52 37.90 -45.52
CA PRO C 454 33.59 38.82 -45.90
C PRO C 454 34.92 38.10 -46.01
N LYS C 455 35.81 38.65 -46.83
CA LYS C 455 37.03 37.94 -47.18
C LYS C 455 37.92 37.68 -45.98
N GLY C 456 38.06 38.67 -45.10
CA GLY C 456 38.97 38.53 -43.98
C GLY C 456 38.38 37.93 -42.72
N SER C 457 37.12 37.51 -42.74
CA SER C 457 36.46 37.06 -41.52
C SER C 457 37.07 35.77 -41.01
N THR C 458 36.98 35.55 -39.69
CA THR C 458 37.46 34.32 -39.11
C THR C 458 36.48 33.18 -39.36
N THR C 459 35.19 33.50 -39.39
CA THR C 459 34.19 32.48 -39.70
C THR C 459 34.46 31.88 -41.07
N ARG C 460 34.98 32.68 -41.99
CA ARG C 460 35.35 32.16 -43.30
C ARG C 460 36.49 31.16 -43.20
N ASP C 461 37.48 31.43 -42.34
CA ASP C 461 38.55 30.46 -42.15
C ASP C 461 38.01 29.16 -41.55
N ALA C 462 37.10 29.27 -40.59
CA ALA C 462 36.51 28.08 -40.03
C ALA C 462 35.74 27.28 -41.09
N VAL C 463 35.03 27.98 -41.97
CA VAL C 463 34.33 27.29 -43.05
C VAL C 463 35.33 26.62 -43.99
N ASP C 464 36.46 27.27 -44.24
CA ASP C 464 37.47 26.66 -45.08
C ASP C 464 38.12 25.44 -44.43
N ARG C 465 38.03 25.30 -43.12
CA ARG C 465 38.61 24.13 -42.47
C ARG C 465 37.67 22.93 -42.37
N THR C 466 36.41 23.07 -42.75
CA THR C 466 35.49 21.94 -42.65
C THR C 466 35.47 21.15 -43.95
N LEU C 467 34.83 19.97 -43.90
CA LEU C 467 34.65 19.11 -45.06
C LEU C 467 35.98 18.78 -45.73
N GLY C 468 36.95 18.40 -44.91
CA GLY C 468 38.27 18.07 -45.41
C GLY C 468 38.41 16.62 -45.80
N THR D 27 26.55 -41.73 -64.62
CA THR D 27 26.84 -43.03 -64.02
C THR D 27 25.61 -43.92 -64.01
N ILE D 28 25.77 -45.14 -63.48
CA ILE D 28 24.69 -46.11 -63.43
C ILE D 28 24.44 -46.63 -62.03
N ASP D 29 25.16 -46.13 -61.03
CA ASP D 29 24.97 -46.59 -59.66
C ASP D 29 23.52 -46.52 -59.25
N LEU D 30 22.93 -47.70 -59.03
CA LEU D 30 21.51 -47.77 -58.67
C LEU D 30 21.31 -49.08 -57.92
N TYR D 31 20.07 -49.47 -57.68
CA TYR D 31 19.80 -50.81 -57.20
C TYR D 31 20.42 -51.82 -58.15
N ALA D 32 21.07 -52.84 -57.59
CA ALA D 32 21.77 -53.82 -58.39
C ALA D 32 20.85 -54.42 -59.43
N GLY D 33 21.34 -54.50 -60.67
CA GLY D 33 20.53 -54.93 -61.79
C GLY D 33 20.02 -53.83 -62.68
N GLN D 34 20.41 -52.58 -62.44
CA GLN D 34 19.93 -51.48 -63.26
C GLN D 34 20.57 -51.52 -64.63
N VAL D 35 19.76 -51.39 -65.67
CA VAL D 35 20.21 -51.34 -67.06
C VAL D 35 19.91 -49.96 -67.61
N ARG D 36 20.90 -49.36 -68.26
CA ARG D 36 20.78 -48.01 -68.81
C ARG D 36 21.31 -47.98 -70.24
N VAL D 37 20.63 -47.23 -71.10
CA VAL D 37 21.01 -47.09 -72.50
C VAL D 37 21.37 -45.62 -72.74
N ILE D 38 22.57 -45.41 -73.26
CA ILE D 38 23.09 -44.07 -73.52
C ILE D 38 23.42 -43.95 -75.00
N PRO D 39 22.73 -43.10 -75.76
CA PRO D 39 23.06 -42.92 -77.17
C PRO D 39 24.32 -42.09 -77.35
N THR D 40 25.24 -42.59 -78.18
CA THR D 40 26.50 -41.90 -78.44
C THR D 40 26.85 -42.07 -79.90
N LYS D 41 28.08 -41.66 -80.24
CA LYS D 41 28.61 -41.89 -81.57
C LYS D 41 28.96 -43.36 -81.75
N PRO D 42 29.13 -43.81 -83.00
CA PRO D 42 29.46 -45.22 -83.23
C PRO D 42 30.64 -45.70 -82.39
N VAL D 43 30.44 -46.81 -81.68
CA VAL D 43 31.45 -47.42 -80.83
C VAL D 43 31.57 -48.89 -81.19
N LYS D 44 32.81 -49.39 -81.17
CA LYS D 44 33.05 -50.80 -81.49
C LYS D 44 32.40 -51.72 -80.47
N ARG D 45 32.53 -51.38 -79.18
CA ARG D 45 32.01 -52.20 -78.10
C ARG D 45 31.96 -51.33 -76.85
N VAL D 46 31.44 -51.92 -75.77
CA VAL D 46 31.49 -51.31 -74.45
C VAL D 46 31.99 -52.37 -73.48
N ALA D 47 33.01 -52.03 -72.69
CA ALA D 47 33.64 -52.97 -71.76
C ALA D 47 33.85 -52.30 -70.41
N ILE D 48 34.13 -53.13 -69.40
CA ILE D 48 34.30 -52.68 -68.03
C ILE D 48 35.60 -53.24 -67.48
N GLY D 49 36.29 -52.44 -66.67
CA GLY D 49 37.55 -52.88 -66.09
C GLY D 49 37.40 -54.11 -65.20
N ASP D 50 36.36 -54.12 -64.37
CA ASP D 50 36.06 -55.26 -63.51
C ASP D 50 34.82 -55.97 -64.03
N GLY D 51 34.96 -57.25 -64.36
CA GLY D 51 33.83 -57.99 -64.90
C GLY D 51 32.70 -58.15 -63.92
N LYS D 52 33.03 -58.29 -62.63
CA LYS D 52 32.00 -58.52 -61.62
C LYS D 52 31.09 -57.30 -61.48
N VAL D 53 31.67 -56.10 -61.42
CA VAL D 53 30.91 -54.92 -61.03
C VAL D 53 29.88 -54.57 -62.09
N LEU D 54 30.27 -54.54 -63.36
CA LEU D 54 29.40 -53.97 -64.38
C LEU D 54 29.53 -54.80 -65.65
N SER D 55 28.43 -54.93 -66.38
CA SER D 55 28.41 -55.66 -67.65
C SER D 55 27.90 -54.72 -68.74
N THR D 56 28.37 -54.92 -69.97
CA THR D 56 28.13 -53.95 -71.03
C THR D 56 27.90 -54.63 -72.37
N THR D 57 27.01 -54.02 -73.18
CA THR D 57 26.78 -54.43 -74.56
C THR D 57 26.58 -53.21 -75.43
N VAL D 58 27.16 -53.21 -76.63
CA VAL D 58 26.94 -52.12 -77.56
C VAL D 58 25.66 -52.38 -78.35
N VAL D 59 24.74 -51.42 -78.32
CA VAL D 59 23.47 -51.52 -79.02
C VAL D 59 23.42 -50.45 -80.10
N ASP D 60 22.83 -50.79 -81.24
CA ASP D 60 22.72 -49.98 -82.45
C ASP D 60 24.10 -49.71 -83.06
N GLY D 61 25.18 -50.25 -82.50
CA GLY D 61 26.52 -49.97 -82.96
C GLY D 61 27.06 -48.64 -82.50
N ASN D 62 26.25 -47.80 -81.86
CA ASN D 62 26.67 -46.48 -81.44
C ASN D 62 26.42 -46.29 -79.95
N GLU D 63 25.33 -46.85 -79.45
CA GLU D 63 24.89 -46.59 -78.10
C GLU D 63 25.40 -47.66 -77.14
N LEU D 64 25.49 -47.27 -75.86
CA LEU D 64 25.89 -48.16 -74.77
C LEU D 64 24.65 -48.71 -74.11
N LEU D 65 24.71 -49.98 -73.68
CA LEU D 65 23.72 -50.56 -72.79
C LEU D 65 24.48 -51.22 -71.65
N LEU D 66 24.41 -50.61 -70.48
CA LEU D 66 25.14 -51.08 -69.30
C LEU D 66 24.14 -51.76 -68.38
N LEU D 67 24.39 -53.04 -68.09
CA LEU D 67 23.66 -53.76 -67.06
C LEU D 67 24.48 -53.68 -65.78
N GLY D 68 23.88 -53.13 -64.73
CA GLY D 68 24.60 -52.91 -63.50
C GLY D 68 24.55 -54.09 -62.56
N ASP D 69 25.59 -54.93 -62.62
CA ASP D 69 25.70 -56.02 -61.65
C ASP D 69 25.91 -55.47 -60.25
N ALA D 70 26.71 -54.41 -60.13
CA ALA D 70 26.92 -53.70 -58.87
C ALA D 70 27.44 -54.64 -57.77
N GLU D 71 28.39 -55.51 -58.13
CA GLU D 71 28.96 -56.39 -57.14
C GLU D 71 29.78 -55.62 -56.10
N GLY D 72 30.49 -54.59 -56.54
CA GLY D 72 31.33 -53.81 -55.64
C GLY D 72 31.30 -52.34 -56.01
N GLU D 73 31.87 -51.54 -55.10
CA GLU D 73 31.95 -50.10 -55.28
C GLU D 73 33.36 -49.73 -55.72
N THR D 74 33.48 -49.21 -56.94
CA THR D 74 34.77 -48.82 -57.47
C THR D 74 34.57 -47.96 -58.72
N SER D 75 35.65 -47.30 -59.14
CA SER D 75 35.66 -46.62 -60.42
C SER D 75 35.78 -47.65 -61.55
N LEU D 76 35.33 -47.26 -62.73
CA LEU D 76 35.32 -48.14 -63.89
C LEU D 76 36.00 -47.49 -65.07
N ARG D 77 36.62 -48.33 -65.91
CA ARG D 77 37.18 -47.91 -67.18
C ARG D 77 36.36 -48.57 -68.29
N VAL D 78 36.05 -47.80 -69.34
CA VAL D 78 35.15 -48.24 -70.39
C VAL D 78 35.87 -48.13 -71.73
N TRP D 79 35.73 -49.17 -72.55
CA TRP D 79 36.39 -49.25 -73.85
C TRP D 79 35.37 -49.03 -74.96
N PHE D 80 35.75 -48.25 -75.97
CA PHE D 80 34.98 -48.12 -77.20
C PHE D 80 35.91 -48.20 -78.38
N LYS D 81 35.37 -47.88 -79.56
CA LYS D 81 36.20 -47.60 -80.72
C LYS D 81 36.93 -46.27 -80.55
N ASP D 82 36.20 -45.23 -80.15
CA ASP D 82 36.81 -43.92 -79.95
C ASP D 82 37.61 -43.89 -78.66
N GLY D 83 37.25 -44.72 -77.69
CA GLY D 83 38.03 -44.87 -76.47
C GLY D 83 37.74 -43.86 -75.37
N SER D 84 36.73 -43.00 -75.54
CA SER D 84 36.38 -42.05 -74.49
C SER D 84 35.92 -42.80 -73.25
N GLU D 85 36.45 -42.39 -72.10
CA GLU D 85 36.17 -43.07 -70.83
C GLU D 85 35.52 -42.10 -69.86
N ALA D 86 34.35 -42.50 -69.34
CA ALA D 86 33.67 -41.77 -68.27
C ALA D 86 33.64 -42.66 -67.04
N ALA D 87 34.44 -42.32 -66.05
CA ALA D 87 34.53 -43.14 -64.85
C ALA D 87 33.19 -43.18 -64.13
N TYR D 88 32.77 -44.40 -63.78
CA TYR D 88 31.51 -44.63 -63.09
C TYR D 88 31.77 -45.18 -61.71
N ARG D 89 31.13 -44.59 -60.72
CA ARG D 89 31.12 -45.13 -59.35
C ARG D 89 29.78 -45.82 -59.14
N VAL D 90 29.83 -47.09 -58.72
CA VAL D 90 28.65 -47.93 -58.65
C VAL D 90 28.42 -48.33 -57.20
N LEU D 91 27.19 -48.12 -56.72
CA LEU D 91 26.78 -48.53 -55.39
C LEU D 91 25.43 -49.22 -55.44
N VAL D 92 25.24 -50.23 -54.59
CA VAL D 92 23.97 -50.94 -54.53
C VAL D 92 22.97 -50.14 -53.71
N ALA D 93 21.70 -50.18 -54.12
CA ALA D 93 20.70 -49.48 -53.34
C ALA D 93 20.04 -50.43 -52.35
N PRO D 94 20.17 -50.20 -51.04
CA PRO D 94 19.51 -51.01 -50.00
C PRO D 94 18.01 -51.14 -50.21
N VAL D 97 21.29 -46.65 -52.30
CA VAL D 97 21.45 -45.23 -52.56
C VAL D 97 20.99 -44.87 -53.96
N GLY D 98 21.14 -45.79 -54.91
CA GLY D 98 20.88 -45.44 -56.30
C GLY D 98 19.40 -45.43 -56.64
N ARG D 99 18.69 -46.51 -56.29
CA ARG D 99 17.26 -46.54 -56.52
C ARG D 99 16.55 -45.44 -55.77
N ALA D 100 16.94 -45.22 -54.50
CA ALA D 100 16.34 -44.15 -53.71
C ALA D 100 16.63 -42.80 -54.34
N ALA D 101 17.87 -42.59 -54.81
CA ALA D 101 18.19 -41.32 -55.45
C ALA D 101 17.31 -41.10 -56.68
N GLU D 102 17.11 -42.15 -57.48
CA GLU D 102 16.24 -42.02 -58.64
C GLU D 102 14.81 -41.67 -58.22
N GLU D 103 14.32 -42.32 -57.16
CA GLU D 103 12.96 -42.05 -56.70
C GLU D 103 12.80 -40.60 -56.25
N MET D 104 13.74 -40.09 -55.45
CA MET D 104 13.62 -38.71 -55.00
C MET D 104 13.80 -37.75 -56.15
N ARG D 105 14.66 -38.07 -57.12
CA ARG D 105 14.79 -37.23 -58.30
C ARG D 105 13.48 -37.13 -59.06
N GLU D 106 12.78 -38.26 -59.19
CA GLU D 106 11.48 -38.23 -59.86
C GLU D 106 10.46 -37.43 -59.07
N LEU D 107 10.39 -37.65 -57.76
CA LEU D 107 9.35 -36.99 -56.98
C LEU D 107 9.57 -35.48 -56.92
N MET D 108 10.81 -35.05 -56.73
CA MET D 108 11.09 -33.62 -56.75
C MET D 108 10.96 -33.06 -58.16
N GLY D 109 11.28 -33.85 -59.17
CA GLY D 109 11.22 -33.40 -60.54
C GLY D 109 9.85 -32.99 -60.99
N ALA D 115 15.06 -26.29 -58.81
CA ALA D 115 16.37 -25.68 -58.61
C ALA D 115 17.25 -26.60 -57.78
N LYS D 116 16.62 -27.51 -57.05
CA LYS D 116 17.33 -28.47 -56.22
C LYS D 116 18.13 -29.43 -57.09
N ILE D 117 19.33 -29.77 -56.62
CA ILE D 117 20.24 -30.65 -57.32
C ILE D 117 20.43 -31.92 -56.51
N ARG D 118 20.31 -33.07 -57.19
CA ARG D 118 20.44 -34.38 -56.57
C ARG D 118 21.67 -35.09 -57.11
N VAL D 119 22.55 -35.55 -56.20
CA VAL D 119 23.68 -36.37 -56.61
C VAL D 119 23.88 -37.53 -55.65
N VAL D 120 24.73 -38.46 -56.06
CA VAL D 120 24.81 -39.77 -55.41
C VAL D 120 25.82 -39.76 -54.26
N GLY D 121 27.08 -39.42 -54.56
CA GLY D 121 28.13 -39.49 -53.56
C GLY D 121 28.20 -40.87 -52.94
N ASP D 122 28.34 -40.92 -51.62
CA ASP D 122 28.12 -42.15 -50.87
C ASP D 122 26.74 -42.23 -50.27
N HIS D 123 26.30 -41.19 -49.58
CA HIS D 123 24.91 -41.02 -49.19
C HIS D 123 24.32 -40.01 -50.15
N VAL D 124 23.02 -40.13 -50.42
CA VAL D 124 22.42 -39.23 -51.38
C VAL D 124 22.50 -37.79 -50.87
N VAL D 125 22.94 -36.90 -51.76
CA VAL D 125 23.20 -35.51 -51.43
C VAL D 125 22.17 -34.66 -52.18
N VAL D 126 21.55 -33.73 -51.46
CA VAL D 126 20.67 -32.74 -52.08
C VAL D 126 21.19 -31.35 -51.75
N ASP D 127 21.40 -30.54 -52.77
CA ASP D 127 21.99 -29.22 -52.56
C ASP D 127 21.28 -28.19 -53.41
N GLY D 128 21.24 -26.95 -52.91
CA GLY D 128 20.60 -25.86 -53.63
C GLY D 128 20.82 -24.55 -52.91
N LYS D 129 20.67 -23.43 -53.61
CA LYS D 129 21.04 -22.15 -53.02
C LYS D 129 19.84 -21.45 -52.38
N ASN D 130 18.81 -21.18 -53.19
CA ASN D 130 17.74 -20.27 -52.77
C ASN D 130 16.39 -20.96 -52.95
N LEU D 131 16.28 -22.19 -52.44
CA LEU D 131 15.05 -22.94 -52.57
C LEU D 131 13.97 -22.37 -51.65
N ALA D 132 12.73 -22.43 -52.11
CA ALA D 132 11.61 -21.92 -51.35
C ALA D 132 11.36 -22.80 -50.14
N PRO D 133 10.73 -22.25 -49.10
CA PRO D 133 10.44 -23.06 -47.90
C PRO D 133 9.61 -24.30 -48.20
N THR D 134 8.69 -24.21 -49.16
CA THR D 134 7.91 -25.39 -49.52
C THR D 134 8.79 -26.50 -50.05
N THR D 135 9.77 -26.16 -50.90
CA THR D 135 10.65 -27.17 -51.45
C THR D 135 11.50 -27.80 -50.36
N LEU D 136 11.97 -27.00 -49.40
CA LEU D 136 12.73 -27.55 -48.29
C LEU D 136 11.87 -28.49 -47.44
N ALA D 137 10.62 -28.10 -47.20
CA ALA D 137 9.73 -28.97 -46.44
C ALA D 137 9.49 -30.27 -47.17
N ARG D 138 9.29 -30.20 -48.48
CA ARG D 138 9.12 -31.41 -49.27
C ARG D 138 10.36 -32.30 -49.20
N VAL D 139 11.55 -31.70 -49.25
CA VAL D 139 12.77 -32.47 -49.21
C VAL D 139 12.93 -33.16 -47.87
N ARG D 140 12.69 -32.44 -46.77
CA ARG D 140 12.85 -33.07 -45.47
C ARG D 140 11.72 -34.05 -45.18
N ALA D 141 10.60 -33.93 -45.89
CA ALA D 141 9.57 -34.95 -45.79
C ALA D 141 10.01 -36.23 -46.49
N LEU D 142 10.56 -36.10 -47.70
CA LEU D 142 11.11 -37.26 -48.38
C LEU D 142 12.34 -37.82 -47.69
N GLN D 143 12.92 -37.07 -46.74
CA GLN D 143 14.05 -37.58 -45.98
C GLN D 143 13.71 -38.88 -45.25
N ALA D 144 12.43 -39.09 -44.92
CA ALA D 144 12.05 -40.29 -44.19
C ALA D 144 12.11 -41.53 -45.07
N LEU D 145 12.18 -41.33 -46.39
CA LEU D 145 12.20 -42.48 -47.30
C LEU D 145 13.47 -43.30 -47.12
N TYR D 146 14.62 -42.65 -46.95
CA TYR D 146 15.90 -43.32 -46.79
C TYR D 146 16.65 -42.61 -45.67
N PRO D 147 17.18 -43.34 -44.69
CA PRO D 147 17.90 -42.66 -43.59
C PRO D 147 19.15 -41.90 -44.01
N LYS D 148 20.01 -42.46 -44.85
CA LYS D 148 21.28 -41.79 -45.18
C LYS D 148 21.07 -40.82 -46.34
N THR D 149 20.57 -39.63 -46.01
CA THR D 149 20.52 -38.51 -46.94
C THR D 149 21.10 -37.32 -46.20
N ILE D 150 21.70 -36.39 -46.94
CA ILE D 150 22.07 -35.12 -46.34
C ILE D 150 21.64 -33.96 -47.22
N VAL D 151 21.27 -32.87 -46.54
CA VAL D 151 20.59 -31.71 -47.12
C VAL D 151 21.58 -30.56 -47.06
N LEU D 152 22.30 -30.33 -48.14
CA LEU D 152 23.21 -29.20 -48.23
C LEU D 152 22.52 -27.96 -48.74
N ALA D 153 21.25 -28.06 -49.09
CA ALA D 153 20.51 -26.92 -49.63
C ALA D 153 20.15 -25.94 -48.53
N THR D 154 20.10 -24.66 -48.90
CA THR D 154 19.80 -23.59 -47.98
C THR D 154 18.56 -22.83 -48.43
N PRO D 155 17.82 -22.24 -47.50
CA PRO D 155 16.62 -21.49 -47.88
C PRO D 155 16.95 -20.08 -48.34
N SER D 156 15.98 -19.48 -49.03
CA SER D 156 16.12 -18.10 -49.46
C SER D 156 16.00 -17.17 -48.25
N PRO D 157 16.61 -15.99 -48.32
CA PRO D 157 16.51 -15.06 -47.18
C PRO D 157 15.08 -14.71 -46.82
N PHE D 158 14.22 -14.55 -47.83
CA PHE D 158 12.82 -14.26 -47.63
C PHE D 158 12.10 -14.66 -48.91
N ASP D 159 10.78 -14.58 -48.89
CA ASP D 159 9.96 -14.96 -50.03
C ASP D 159 9.32 -13.72 -50.65
N MET D 160 9.37 -13.62 -51.96
CA MET D 160 8.72 -12.52 -52.64
C MET D 160 7.22 -12.73 -52.64
N GLU D 161 6.49 -11.81 -52.03
CA GLU D 161 5.04 -11.90 -51.94
C GLU D 161 4.42 -11.02 -53.00
N LYS D 162 3.17 -11.34 -53.33
CA LYS D 162 2.42 -10.49 -54.23
C LYS D 162 2.05 -9.18 -53.53
N MET D 163 2.03 -8.11 -54.30
CA MET D 163 1.67 -6.80 -53.79
C MET D 163 0.23 -6.47 -54.16
N VAL D 164 -0.48 -5.86 -53.23
CA VAL D 164 -1.91 -5.61 -53.34
C VAL D 164 -2.16 -4.11 -53.22
N TRP D 165 -2.95 -3.58 -54.15
CA TRP D 165 -3.35 -2.18 -54.17
C TRP D 165 -4.80 -2.10 -53.75
N LEU D 166 -5.09 -1.22 -52.79
CA LEU D 166 -6.45 -1.03 -52.29
C LEU D 166 -6.91 0.37 -52.61
N ASP D 167 -8.12 0.47 -53.15
CA ASP D 167 -8.74 1.74 -53.47
C ASP D 167 -10.06 1.85 -52.71
N VAL D 168 -10.21 2.90 -51.91
CA VAL D 168 -11.34 3.04 -50.99
C VAL D 168 -12.05 4.35 -51.29
N ASN D 169 -13.38 4.32 -51.36
CA ASN D 169 -14.17 5.52 -51.58
C ASN D 169 -15.22 5.64 -50.48
N ILE D 170 -15.31 6.83 -49.88
CA ILE D 170 -16.27 7.15 -48.84
C ILE D 170 -17.03 8.38 -49.28
N LEU D 171 -18.32 8.24 -49.55
CA LEU D 171 -19.14 9.34 -50.06
C LEU D 171 -20.27 9.61 -49.08
N GLU D 172 -20.53 10.89 -48.82
CA GLU D 172 -21.59 11.25 -47.90
C GLU D 172 -22.25 12.56 -48.29
N ILE D 173 -23.57 12.60 -48.14
CA ILE D 173 -24.35 13.81 -48.36
C ILE D 173 -25.33 14.00 -47.21
N ARG D 174 -25.38 15.20 -46.66
CA ARG D 174 -26.32 15.57 -45.61
C ARG D 174 -27.17 16.74 -46.05
N LYS D 175 -28.46 16.70 -45.71
CA LYS D 175 -29.35 17.81 -46.01
C LYS D 175 -30.31 18.03 -44.86
N SER D 176 -30.70 19.28 -44.64
CA SER D 176 -31.60 19.59 -43.55
C SER D 176 -32.41 20.85 -43.85
N VAL D 177 -33.61 20.90 -43.28
CA VAL D 177 -34.51 22.05 -43.36
C VAL D 177 -35.06 22.32 -41.98
N LEU D 178 -35.16 23.60 -41.62
CA LEU D 178 -35.71 24.01 -40.33
C LEU D 178 -36.61 25.23 -40.49
N GLU D 179 -37.82 25.17 -39.97
CA GLU D 179 -38.76 26.27 -40.04
C GLU D 179 -39.40 26.51 -38.68
N ASN D 180 -39.75 27.76 -38.41
CA ASN D 180 -40.33 28.15 -37.13
C ASN D 180 -41.20 29.37 -37.37
N PHE D 181 -42.51 29.19 -37.42
CA PHE D 181 -43.36 30.26 -37.90
C PHE D 181 -44.70 30.29 -37.16
N GLY D 182 -45.25 31.48 -37.03
CA GLY D 182 -46.54 31.67 -36.40
C GLY D 182 -46.48 32.68 -35.27
N VAL D 183 -47.56 32.69 -34.48
CA VAL D 183 -47.70 33.58 -33.34
C VAL D 183 -47.86 32.73 -32.09
N ASP D 184 -47.03 33.00 -31.10
CA ASP D 184 -47.03 32.27 -29.83
C ASP D 184 -47.61 33.17 -28.75
N TRP D 185 -48.74 32.77 -28.17
CA TRP D 185 -49.45 33.57 -27.18
C TRP D 185 -49.18 33.05 -25.78
N SER D 186 -49.53 33.87 -24.78
CA SER D 186 -49.54 33.43 -23.40
C SER D 186 -50.63 32.38 -23.20
N LYS D 187 -50.33 31.35 -22.41
CA LYS D 187 -51.29 30.31 -22.13
C LYS D 187 -51.68 30.21 -20.67
N GLN D 188 -51.14 31.05 -19.80
CA GLN D 188 -51.48 31.08 -18.39
C GLN D 188 -51.56 32.53 -17.94
N ILE D 189 -52.73 32.95 -17.48
CA ILE D 189 -52.94 34.35 -17.11
C ILE D 189 -53.62 34.40 -15.75
N PRO D 190 -53.46 35.51 -15.03
CA PRO D 190 -54.14 35.64 -13.73
C PRO D 190 -55.66 35.59 -13.87
N GLY D 191 -56.31 35.08 -12.84
CA GLY D 191 -57.75 35.01 -12.79
C GLY D 191 -58.36 36.00 -11.84
N PRO D 192 -59.69 35.95 -11.70
CA PRO D 192 -60.37 36.90 -10.82
C PRO D 192 -60.03 36.69 -9.36
N PHE D 193 -60.22 37.73 -8.56
CA PHE D 193 -59.97 37.69 -7.13
C PHE D 193 -61.14 38.29 -6.35
N ALA D 194 -61.32 37.82 -5.13
CA ALA D 194 -62.33 38.33 -4.21
C ALA D 194 -61.79 38.26 -2.80
N ALA D 195 -62.11 39.26 -1.99
CA ALA D 195 -61.71 39.28 -0.58
C ALA D 195 -62.76 39.96 0.26
N PHE D 196 -62.89 39.49 1.50
CA PHE D 196 -63.86 39.98 2.47
C PHE D 196 -63.17 40.14 3.81
N GLY D 197 -63.56 41.17 4.55
CA GLY D 197 -63.01 41.39 5.88
C GLY D 197 -63.96 42.16 6.76
N LYS D 198 -64.16 41.73 8.00
CA LYS D 198 -65.07 42.46 8.88
C LYS D 198 -64.64 42.28 10.33
N ASP D 199 -65.05 43.23 11.16
CA ASP D 199 -64.78 43.24 12.59
C ASP D 199 -66.10 43.33 13.34
N PHE D 200 -66.58 42.20 13.85
CA PHE D 200 -67.87 42.18 14.51
C PHE D 200 -67.83 42.89 15.86
N VAL D 201 -66.82 42.63 16.66
CA VAL D 201 -66.57 43.37 17.89
C VAL D 201 -65.18 43.98 17.78
N GLY D 202 -65.13 45.23 17.36
CA GLY D 202 -63.92 45.80 16.82
C GLY D 202 -62.93 46.24 17.87
N PRO D 203 -61.72 46.58 17.43
CA PRO D 203 -60.72 47.08 18.36
C PRO D 203 -61.08 48.46 18.86
N ARG D 204 -60.48 48.85 19.97
CA ARG D 204 -60.66 50.19 20.52
C ARG D 204 -59.39 51.00 20.29
N ASN D 205 -59.58 52.27 19.96
CA ASN D 205 -58.47 53.21 19.81
C ASN D 205 -58.43 54.10 21.04
N VAL D 206 -57.28 54.13 21.72
CA VAL D 206 -57.12 54.85 22.97
C VAL D 206 -55.83 55.66 22.92
N ALA D 207 -55.64 56.49 23.93
CA ALA D 207 -54.40 57.25 24.08
C ALA D 207 -53.58 56.66 25.22
N THR D 208 -52.30 56.39 24.96
CA THR D 208 -51.44 55.73 25.93
C THR D 208 -50.11 56.46 26.02
N ILE D 209 -49.44 56.32 27.15
CA ILE D 209 -48.14 56.93 27.40
C ILE D 209 -47.13 55.80 27.59
N PRO D 210 -46.12 55.68 26.74
CA PRO D 210 -45.17 54.57 26.85
C PRO D 210 -44.41 54.61 28.16
N LEU D 211 -44.06 53.42 28.66
CA LEU D 211 -43.30 53.32 29.90
C LEU D 211 -41.89 53.84 29.69
N GLY D 212 -41.38 54.56 30.68
CA GLY D 212 -40.05 55.12 30.60
C GLY D 212 -39.96 56.44 29.88
N GLN D 213 -41.10 57.00 29.47
CA GLN D 213 -41.16 58.25 28.74
C GLN D 213 -41.49 59.38 29.71
N ASP D 214 -40.99 60.57 29.40
CA ASP D 214 -41.26 61.73 30.24
C ASP D 214 -42.76 62.00 30.32
N LEU D 215 -43.21 62.43 31.51
CA LEU D 215 -44.64 62.60 31.72
C LEU D 215 -45.18 63.82 30.99
N THR D 216 -44.32 64.80 30.69
CA THR D 216 -44.81 66.01 30.04
C THR D 216 -45.12 65.78 28.56
N GLN D 217 -44.51 64.76 27.97
CA GLN D 217 -44.68 64.52 26.54
C GLN D 217 -46.12 64.13 26.24
N PRO D 218 -46.65 64.48 25.06
CA PRO D 218 -48.04 64.18 24.76
C PRO D 218 -48.25 62.70 24.54
N PRO D 219 -49.47 62.20 24.72
CA PRO D 219 -49.73 60.76 24.56
C PRO D 219 -49.65 60.34 23.09
N VAL D 220 -49.52 59.03 22.90
CA VAL D 220 -49.49 58.45 21.57
C VAL D 220 -50.72 57.56 21.41
N ALA D 221 -50.90 57.04 20.20
CA ALA D 221 -52.06 56.20 19.91
C ALA D 221 -51.78 54.74 20.27
N GLY D 222 -52.74 54.12 20.95
CA GLY D 222 -52.63 52.75 21.35
C GLY D 222 -53.97 52.07 21.18
N THR D 223 -54.03 50.80 21.54
CA THR D 223 -55.18 49.98 21.20
C THR D 223 -55.60 49.11 22.38
N GLY D 224 -56.81 48.60 22.30
CA GLY D 224 -57.25 47.51 23.13
C GLY D 224 -56.77 46.20 22.56
N VAL D 225 -57.50 45.13 22.84
CA VAL D 225 -57.15 43.85 22.26
C VAL D 225 -57.44 43.88 20.77
N ARG D 226 -56.41 43.64 19.96
CA ARG D 226 -56.52 43.72 18.51
C ARG D 226 -55.71 42.61 17.88
N VAL D 227 -56.28 41.95 16.88
CA VAL D 227 -55.66 40.80 16.23
C VAL D 227 -55.33 41.17 14.80
N THR D 228 -54.13 40.80 14.36
CA THR D 228 -53.77 40.88 12.94
C THR D 228 -53.56 39.47 12.43
N PRO D 229 -54.54 38.86 11.77
CA PRO D 229 -54.47 37.44 11.50
C PRO D 229 -53.35 37.13 10.51
N PRO D 230 -52.77 35.93 10.58
CA PRO D 230 -51.79 35.51 9.58
C PRO D 230 -52.50 35.04 8.31
N LEU D 231 -52.15 35.66 7.19
CA LEU D 231 -52.72 35.29 5.89
C LEU D 231 -51.77 34.28 5.27
N GLY D 232 -52.21 33.02 5.19
CA GLY D 232 -51.30 31.97 4.79
C GLY D 232 -50.92 32.03 3.33
N SER D 233 -51.85 31.68 2.45
CA SER D 233 -51.62 31.72 1.02
C SER D 233 -51.99 33.05 0.41
N LEU D 234 -52.57 33.95 1.20
CA LEU D 234 -52.96 35.28 0.74
C LEU D 234 -51.92 36.32 1.12
N ASN D 235 -50.77 35.89 1.63
CA ASN D 235 -49.77 36.81 2.13
C ASN D 235 -49.23 37.67 1.02
N GLY D 236 -49.21 38.98 1.24
CA GLY D 236 -48.79 39.93 0.23
C GLY D 236 -49.88 40.35 -0.72
N ALA D 237 -51.00 39.64 -0.75
CA ALA D 237 -52.09 40.02 -1.63
C ALA D 237 -53.03 41.01 -0.97
N ILE D 238 -53.28 40.85 0.32
CA ILE D 238 -54.15 41.74 1.09
C ILE D 238 -53.27 42.65 1.93
N ASP D 239 -53.57 43.94 1.90
CA ASP D 239 -52.75 44.95 2.55
C ASP D 239 -53.19 45.09 4.01
N LEU D 240 -52.27 44.83 4.93
CA LEU D 240 -52.55 44.97 6.35
C LEU D 240 -51.85 46.15 7.00
N ALA D 241 -50.75 46.63 6.42
CA ALA D 241 -50.04 47.75 7.00
C ALA D 241 -50.87 49.02 6.97
N ASN D 242 -51.61 49.24 5.89
CA ASN D 242 -52.33 50.48 5.67
C ASN D 242 -53.82 50.36 5.95
N LEU D 243 -54.25 49.28 6.59
CA LEU D 243 -55.68 49.02 6.77
C LEU D 243 -56.16 49.61 8.09
N ALA D 244 -57.19 50.46 8.01
CA ALA D 244 -57.80 51.00 9.21
C ALA D 244 -58.54 49.89 9.95
N ARG D 245 -58.26 49.75 11.24
CA ARG D 245 -58.64 48.50 11.89
C ARG D 245 -60.12 48.42 12.24
N PRO D 246 -60.77 49.46 12.74
CA PRO D 246 -62.23 49.41 12.75
C PRO D 246 -62.70 49.44 11.31
N ILE D 247 -62.69 48.26 10.69
CA ILE D 247 -62.68 48.13 9.23
C ILE D 247 -63.84 48.87 8.60
N ALA D 248 -63.51 49.78 7.69
CA ALA D 248 -64.48 50.48 6.86
C ALA D 248 -64.22 50.09 5.41
N GLY D 249 -65.17 49.39 4.80
CA GLY D 249 -64.96 48.85 3.48
C GLY D 249 -64.59 47.38 3.56
N THR D 250 -65.57 46.51 3.33
CA THR D 250 -65.40 45.11 3.69
C THR D 250 -65.04 44.23 2.50
N THR D 251 -65.50 44.58 1.31
CA THR D 251 -65.39 43.70 0.15
C THR D 251 -64.47 44.29 -0.90
N ASN D 252 -63.82 43.42 -1.67
CA ASN D 252 -63.09 43.82 -2.87
C ASN D 252 -63.11 42.67 -3.85
N PHE D 253 -63.75 42.88 -5.01
CA PHE D 253 -63.94 41.83 -6.01
C PHE D 253 -63.59 42.40 -7.38
N GLY D 254 -62.65 41.76 -8.07
CA GLY D 254 -62.23 42.30 -9.36
C GLY D 254 -61.32 41.34 -10.09
N ILE D 255 -60.68 41.85 -11.14
CA ILE D 255 -59.76 41.07 -11.97
C ILE D 255 -58.76 42.00 -12.64
N ILE D 256 -57.53 41.51 -12.82
CA ILE D 256 -56.46 42.22 -13.53
C ILE D 256 -55.67 41.17 -14.30
N THR D 257 -55.73 41.20 -15.63
CA THR D 257 -55.13 40.15 -16.44
C THR D 257 -54.77 40.69 -17.83
N GLY D 258 -53.98 39.91 -18.55
CA GLY D 258 -53.60 40.27 -19.91
C GLY D 258 -52.79 39.18 -20.58
N VAL D 259 -52.56 39.36 -21.89
CA VAL D 259 -51.84 38.38 -22.70
C VAL D 259 -50.69 39.06 -23.43
N LEU D 260 -49.61 38.31 -23.65
CA LEU D 260 -48.46 38.74 -24.41
C LEU D 260 -48.25 37.76 -25.56
N SER D 261 -47.45 38.14 -26.54
CA SER D 261 -47.28 37.30 -27.71
C SER D 261 -45.93 37.54 -28.36
N THR D 262 -45.53 36.60 -29.20
CA THR D 262 -44.30 36.64 -29.97
C THR D 262 -44.57 36.17 -31.39
N ILE D 263 -43.82 36.69 -32.34
CA ILE D 263 -43.98 36.36 -33.75
C ILE D 263 -42.71 35.70 -34.27
N ASN D 264 -42.87 34.64 -35.07
CA ASN D 264 -41.76 33.84 -35.57
C ASN D 264 -41.91 33.66 -37.08
N PHE D 265 -40.83 33.94 -37.83
CA PHE D 265 -40.80 33.60 -39.25
C PHE D 265 -39.41 33.13 -39.67
N ALA D 266 -38.80 32.23 -38.90
CA ALA D 266 -37.46 31.74 -39.17
C ALA D 266 -37.49 30.59 -40.17
N LEU D 267 -36.52 30.57 -41.09
CA LEU D 267 -36.47 29.59 -42.17
C LEU D 267 -35.02 29.35 -42.59
N SER D 268 -34.61 28.08 -42.67
CA SER D 268 -33.21 27.75 -42.90
C SER D 268 -33.07 26.43 -43.63
N ASN D 269 -32.03 26.35 -44.46
CA ASN D 269 -31.67 25.13 -45.18
C ASN D 269 -30.19 24.85 -44.96
N GLY D 270 -29.79 23.60 -45.14
CA GLY D 270 -28.39 23.25 -45.06
C GLY D 270 -28.05 22.06 -45.93
N ASP D 271 -26.97 22.16 -46.71
CA ASP D 271 -26.49 21.06 -47.54
C ASP D 271 -25.01 20.85 -47.28
N ALA D 272 -24.57 19.59 -47.30
CA ALA D 272 -23.16 19.29 -47.12
C ALA D 272 -22.79 18.05 -47.92
N TYR D 273 -21.65 18.11 -48.59
CA TYR D 273 -21.17 17.04 -49.45
C TYR D 273 -19.77 16.65 -49.05
N LEU D 274 -19.39 15.39 -49.32
CA LEU D 274 -18.05 14.95 -48.98
C LEU D 274 -17.68 13.69 -49.75
N ILE D 275 -16.45 13.65 -50.25
CA ILE D 275 -15.87 12.43 -50.80
C ILE D 275 -14.45 12.28 -50.25
N ALA D 276 -14.10 11.07 -49.84
CA ALA D 276 -12.75 10.76 -49.41
C ALA D 276 -12.28 9.56 -50.20
N ASN D 277 -11.09 9.66 -50.78
CA ASN D 277 -10.56 8.64 -51.67
C ASN D 277 -9.12 8.31 -51.30
N PRO D 278 -8.92 7.59 -50.19
CA PRO D 278 -7.56 7.18 -49.85
C PRO D 278 -7.18 5.90 -50.58
N GLN D 279 -5.89 5.74 -50.86
CA GLN D 279 -5.43 4.57 -51.58
C GLN D 279 -4.15 4.05 -50.94
N LEU D 280 -3.98 2.72 -50.94
CA LEU D 280 -2.86 2.11 -50.25
C LEU D 280 -2.24 1.01 -51.09
N SER D 281 -1.00 0.69 -50.71
CA SER D 281 -0.30 -0.48 -51.22
C SER D 281 0.21 -1.28 -50.03
N ALA D 282 0.21 -2.59 -50.17
CA ALA D 282 0.73 -3.46 -49.11
C ALA D 282 1.14 -4.77 -49.76
N ARG D 283 1.70 -5.67 -48.96
CA ARG D 283 2.09 -6.96 -49.49
C ARG D 283 1.35 -8.08 -48.75
N SER D 284 1.16 -9.18 -49.45
CA SER D 284 0.42 -10.30 -48.89
C SER D 284 1.07 -10.79 -47.61
N GLY D 285 0.29 -10.80 -46.54
CA GLY D 285 0.82 -11.16 -45.24
C GLY D 285 1.38 -10.02 -44.45
N GLY D 286 1.38 -8.81 -44.99
CA GLY D 286 1.83 -7.63 -44.27
C GLY D 286 0.67 -6.74 -43.93
N ARG D 287 0.99 -5.55 -43.44
CA ARG D 287 -0.01 -4.60 -42.99
C ARG D 287 0.41 -3.19 -43.38
N THR D 288 -0.57 -2.33 -43.63
CA THR D 288 -0.27 -0.93 -43.89
C THR D 288 -1.28 -0.02 -43.19
N ASP D 289 -0.78 1.07 -42.63
CA ASP D 289 -1.56 2.06 -41.91
C ASP D 289 -1.39 3.43 -42.54
N PHE D 290 -2.48 4.18 -42.64
CA PHE D 290 -2.48 5.49 -43.27
C PHE D 290 -3.29 6.44 -42.41
N LEU D 291 -2.74 7.63 -42.16
CA LEU D 291 -3.43 8.67 -41.40
C LEU D 291 -3.20 10.02 -42.05
N ALA D 292 -4.28 10.65 -42.52
CA ALA D 292 -4.23 12.01 -43.06
C ALA D 292 -5.21 12.84 -42.23
N GLY D 293 -4.69 13.68 -41.36
CA GLY D 293 -5.52 14.30 -40.37
C GLY D 293 -4.73 15.06 -39.33
N GLY D 294 -4.97 14.78 -38.06
CA GLY D 294 -4.27 15.49 -37.01
C GLY D 294 -4.36 14.75 -35.69
N GLN D 295 -3.72 15.33 -34.69
CA GLN D 295 -3.73 14.83 -33.33
C GLN D 295 -4.14 15.94 -32.37
N VAL D 296 -5.05 15.63 -31.44
CA VAL D 296 -5.47 16.61 -30.44
C VAL D 296 -5.08 16.12 -29.05
N PRO D 297 -4.73 17.03 -28.14
CA PRO D 297 -4.34 16.61 -26.78
C PRO D 297 -5.55 16.35 -25.90
N ILE D 298 -5.52 15.23 -25.19
CA ILE D 298 -6.59 14.80 -24.29
C ILE D 298 -5.95 14.49 -22.95
N LEU D 299 -6.56 14.98 -21.87
CA LEU D 299 -6.00 14.90 -20.52
C LEU D 299 -6.58 13.67 -19.81
N GLN D 300 -5.86 12.56 -19.91
CA GLN D 300 -6.29 11.29 -19.36
C GLN D 300 -5.17 10.66 -18.55
N ALA D 301 -5.52 10.04 -17.43
CA ALA D 301 -4.51 9.46 -16.53
C ALA D 301 -5.15 8.40 -15.65
N LEU D 302 -4.30 7.56 -15.08
CA LEU D 302 -4.77 6.55 -14.15
C LEU D 302 -5.23 7.18 -12.84
N ALA D 303 -6.41 6.79 -12.37
CA ALA D 303 -6.88 7.12 -11.03
C ALA D 303 -7.06 8.62 -10.82
N ALA D 304 -7.28 9.01 -9.56
CA ALA D 304 -7.31 10.40 -9.13
C ALA D 304 -8.51 11.16 -9.66
N GLY D 305 -8.63 12.42 -9.25
CA GLY D 305 -9.76 13.23 -9.63
C GLY D 305 -9.72 14.64 -9.04
N GLN D 310 -0.70 16.50 -15.36
CA GLN D 310 -1.28 15.20 -15.05
C GLN D 310 -0.70 14.12 -15.95
N ASN D 311 -1.39 13.88 -17.07
CA ASN D 311 -0.96 12.92 -18.08
C ASN D 311 -1.69 13.25 -19.36
N VAL D 312 -0.95 13.66 -20.38
CA VAL D 312 -1.52 14.08 -21.65
C VAL D 312 -1.25 13.00 -22.68
N THR D 313 -2.32 12.55 -23.35
CA THR D 313 -2.19 11.67 -24.50
C THR D 313 -2.76 12.38 -25.71
N TYR D 314 -2.58 11.78 -26.88
CA TYR D 314 -3.03 12.39 -28.12
C TYR D 314 -3.99 11.47 -28.86
N LYS D 315 -5.03 12.06 -29.42
CA LYS D 315 -6.05 11.33 -30.15
C LYS D 315 -5.99 11.71 -31.63
N ASP D 316 -6.03 10.71 -32.49
CA ASP D 316 -5.98 10.91 -33.92
C ASP D 316 -7.36 11.16 -34.48
N TYR D 317 -7.46 12.10 -35.43
CA TYR D 317 -8.67 12.33 -36.17
C TYR D 317 -8.31 12.60 -37.62
N GLY D 318 -9.31 12.50 -38.51
CA GLY D 318 -9.11 12.70 -39.92
C GLY D 318 -9.53 11.47 -40.70
N ILE D 319 -8.76 11.14 -41.72
CA ILE D 319 -8.97 9.97 -42.54
C ILE D 319 -7.98 8.91 -42.10
N LYS D 320 -8.47 7.73 -41.77
CA LYS D 320 -7.64 6.65 -41.29
C LYS D 320 -7.96 5.38 -42.06
N LEU D 321 -6.92 4.65 -42.46
CA LEU D 321 -7.07 3.41 -43.19
C LEU D 321 -6.12 2.37 -42.64
N GLU D 322 -6.60 1.14 -42.48
CA GLU D 322 -5.76 0.01 -42.10
C GLU D 322 -6.08 -1.17 -42.99
N PHE D 323 -5.04 -1.81 -43.53
CA PHE D 323 -5.21 -2.85 -44.53
C PHE D 323 -4.35 -4.04 -44.17
N GLU D 324 -4.93 -5.24 -44.21
CA GLU D 324 -4.17 -6.48 -44.03
C GLU D 324 -4.58 -7.53 -45.06
N PRO D 325 -3.87 -7.65 -46.18
CA PRO D 325 -4.29 -8.59 -47.24
C PRO D 325 -3.65 -9.96 -47.20
N ARG D 326 -4.28 -10.95 -47.85
CA ARG D 326 -3.70 -12.25 -48.14
C ARG D 326 -4.18 -12.71 -49.50
N VAL D 327 -3.30 -13.28 -50.31
CA VAL D 327 -3.59 -13.57 -51.71
C VAL D 327 -3.43 -15.05 -51.98
N ASP D 328 -4.27 -15.56 -52.87
CA ASP D 328 -4.27 -16.95 -53.30
C ASP D 328 -3.51 -17.13 -54.61
N ASP D 329 -3.46 -18.37 -55.09
CA ASP D 329 -2.87 -18.63 -56.40
C ASP D 329 -3.78 -18.23 -57.53
N ASP D 330 -5.05 -17.91 -57.24
CA ASP D 330 -5.98 -17.41 -58.24
C ASP D 330 -6.18 -15.92 -58.15
N ASN D 331 -5.34 -15.23 -57.38
CA ASN D 331 -5.48 -13.79 -57.14
C ASN D 331 -6.82 -13.46 -56.50
N ASN D 332 -7.27 -14.33 -55.61
CA ASN D 332 -8.38 -14.03 -54.71
C ASN D 332 -7.81 -13.39 -53.46
N VAL D 333 -8.43 -12.31 -53.01
CA VAL D 333 -7.88 -11.53 -51.92
C VAL D 333 -8.81 -11.65 -50.73
N SER D 334 -8.26 -12.10 -49.60
CA SER D 334 -8.95 -12.13 -48.33
C SER D 334 -8.35 -11.05 -47.44
N MET D 335 -9.19 -10.20 -46.87
CA MET D 335 -8.67 -8.98 -46.28
C MET D 335 -9.49 -8.54 -45.09
N ARG D 336 -8.82 -7.83 -44.19
CA ARG D 336 -9.45 -7.03 -43.17
C ARG D 336 -9.12 -5.57 -43.44
N VAL D 337 -10.16 -4.74 -43.45
CA VAL D 337 -10.02 -3.32 -43.76
C VAL D 337 -10.73 -2.51 -42.69
N LEU D 338 -10.05 -1.47 -42.21
CA LEU D 338 -10.68 -0.48 -41.36
C LEU D 338 -10.61 0.88 -42.03
N ALA D 339 -11.76 1.51 -42.21
CA ALA D 339 -11.85 2.83 -42.84
C ALA D 339 -12.59 3.77 -41.91
N ASP D 340 -12.00 4.92 -41.62
CA ASP D 340 -12.56 5.80 -40.60
C ASP D 340 -12.43 7.24 -41.07
N VAL D 341 -13.51 8.01 -40.94
CA VAL D 341 -13.49 9.44 -41.24
C VAL D 341 -14.10 10.17 -40.05
N SER D 342 -13.31 11.01 -39.38
CA SER D 342 -13.82 11.66 -38.18
C SER D 342 -13.31 13.10 -38.10
N ASP D 343 -14.24 14.01 -37.80
CA ASP D 343 -13.98 15.45 -37.74
C ASP D 343 -14.34 15.98 -36.37
N ILE D 344 -13.75 17.12 -36.01
CA ILE D 344 -14.07 17.76 -34.74
C ILE D 344 -15.41 18.47 -34.86
N ASP D 345 -16.22 18.37 -33.81
CA ASP D 345 -17.55 18.94 -33.76
C ASP D 345 -17.64 19.98 -32.65
N PRO D 346 -17.87 21.25 -32.97
CA PRO D 346 -18.00 22.25 -31.90
C PRO D 346 -19.18 22.00 -30.97
N ALA D 347 -20.22 21.33 -31.45
CA ALA D 347 -21.47 21.24 -30.70
C ALA D 347 -21.31 20.41 -29.44
N THR D 348 -20.49 19.37 -29.47
CA THR D 348 -20.38 18.45 -28.34
C THR D 348 -19.08 18.56 -27.58
N SER D 349 -18.34 19.65 -27.77
CA SER D 349 -17.10 19.86 -27.03
C SER D 349 -17.39 20.49 -25.68
N VAL D 350 -16.62 20.09 -24.67
CA VAL D 350 -16.81 20.57 -23.30
C VAL D 350 -15.61 21.43 -22.93
N SER D 351 -15.87 22.54 -22.24
CA SER D 351 -14.81 23.50 -21.96
C SER D 351 -13.89 23.02 -20.84
N LEU D 352 -14.43 22.29 -19.88
CA LEU D 352 -13.70 21.90 -18.65
C LEU D 352 -13.26 23.21 -18.00
N ASN D 353 -12.00 23.34 -17.56
CA ASN D 353 -11.55 24.60 -16.96
C ASN D 353 -11.19 25.60 -18.04
N GLY D 354 -10.14 25.28 -18.79
CA GLY D 354 -9.79 25.98 -20.01
C GLY D 354 -9.30 24.95 -20.99
N PHE D 355 -9.17 23.72 -20.50
CA PHE D 355 -8.70 22.59 -21.27
C PHE D 355 -9.87 22.07 -22.09
N THR D 356 -10.13 22.70 -23.23
CA THR D 356 -11.22 22.27 -24.10
C THR D 356 -11.02 20.82 -24.52
N VAL D 357 -12.06 20.02 -24.38
CA VAL D 357 -12.07 18.63 -24.82
C VAL D 357 -13.08 18.52 -25.95
N PRO D 358 -12.68 18.09 -27.14
CA PRO D 358 -13.59 18.11 -28.28
C PRO D 358 -14.41 16.84 -28.39
N GLY D 359 -15.52 16.96 -29.09
CA GLY D 359 -16.30 15.82 -29.53
C GLY D 359 -16.11 15.64 -31.02
N PHE D 360 -16.50 14.47 -31.52
CA PHE D 360 -16.23 14.12 -32.90
C PHE D 360 -17.47 13.65 -33.62
N ILE D 361 -17.46 13.83 -34.93
CA ILE D 361 -18.41 13.22 -35.85
C ILE D 361 -17.66 12.17 -36.64
N THR D 362 -18.09 10.92 -36.54
CA THR D 362 -17.31 9.81 -37.06
C THR D 362 -18.15 8.94 -37.97
N ARG D 363 -17.47 8.31 -38.92
CA ARG D 363 -18.03 7.30 -39.81
C ARG D 363 -16.98 6.21 -39.94
N ARG D 364 -17.25 5.06 -39.34
CA ARG D 364 -16.22 4.05 -39.16
C ARG D 364 -16.76 2.70 -39.59
N SER D 365 -15.94 1.94 -40.32
CA SER D 365 -16.33 0.60 -40.73
C SER D 365 -15.12 -0.33 -40.64
N ASN D 366 -15.33 -1.49 -40.03
CA ASN D 366 -14.27 -2.47 -39.80
C ASN D 366 -14.76 -3.82 -40.31
N ALA D 367 -14.31 -4.21 -41.50
CA ALA D 367 -14.91 -5.33 -42.21
C ALA D 367 -13.88 -6.38 -42.57
N GLU D 368 -14.32 -7.64 -42.57
CA GLU D 368 -13.52 -8.77 -43.01
C GLU D 368 -14.23 -9.41 -44.19
N ILE D 369 -13.55 -9.50 -45.33
CA ILE D 369 -14.18 -9.93 -46.57
C ILE D 369 -13.19 -10.75 -47.38
N ASN D 370 -13.71 -11.35 -48.45
CA ASN D 370 -12.87 -11.95 -49.48
C ASN D 370 -13.54 -11.76 -50.83
N VAL D 371 -12.74 -11.42 -51.84
CA VAL D 371 -13.26 -11.09 -53.17
C VAL D 371 -12.28 -11.57 -54.22
N GLY D 372 -12.67 -11.44 -55.47
CA GLY D 372 -11.79 -11.73 -56.57
C GLY D 372 -10.91 -10.56 -56.93
N ASP D 373 -10.05 -10.79 -57.90
CA ASP D 373 -9.12 -9.75 -58.32
C ASP D 373 -9.85 -8.63 -59.03
N GLY D 374 -9.78 -7.43 -58.46
CA GLY D 374 -10.28 -6.25 -59.13
C GLY D 374 -11.76 -5.99 -59.00
N GLN D 375 -12.46 -6.69 -58.12
CA GLN D 375 -13.89 -6.50 -57.94
C GLN D 375 -14.16 -5.44 -56.89
N THR D 376 -15.25 -4.71 -57.07
CA THR D 376 -15.64 -3.65 -56.15
C THR D 376 -16.70 -4.17 -55.20
N MET D 377 -16.49 -3.96 -53.91
CA MET D 377 -17.40 -4.44 -52.88
C MET D 377 -17.79 -3.28 -51.99
N VAL D 378 -19.08 -3.13 -51.74
CA VAL D 378 -19.58 -2.15 -50.79
C VAL D 378 -19.60 -2.78 -49.42
N ILE D 379 -18.99 -2.10 -48.43
CA ILE D 379 -18.96 -2.67 -47.09
C ILE D 379 -19.89 -1.95 -46.10
N SER D 380 -20.50 -0.83 -46.50
CA SER D 380 -21.41 -0.14 -45.61
C SER D 380 -22.22 0.86 -46.40
N GLY D 381 -23.47 1.05 -46.00
CA GLY D 381 -24.34 2.04 -46.62
C GLY D 381 -25.44 2.43 -45.65
N LEU D 382 -26.01 3.60 -45.89
CA LEU D 382 -27.00 4.13 -44.97
C LEU D 382 -27.91 5.12 -45.68
N VAL D 383 -29.20 5.04 -45.37
CA VAL D 383 -30.17 6.08 -45.65
C VAL D 383 -30.95 6.32 -44.36
N ASN D 384 -31.19 7.58 -44.03
CA ASN D 384 -31.64 7.94 -42.68
C ASN D 384 -32.48 9.20 -42.68
N PRO D 385 -33.76 9.10 -43.02
CA PRO D 385 -34.65 10.27 -42.92
C PRO D 385 -35.13 10.50 -41.51
N LYS D 386 -35.29 11.77 -41.13
CA LYS D 386 -35.81 12.14 -39.82
C LYS D 386 -36.64 13.40 -39.95
N THR D 387 -37.71 13.49 -39.16
CA THR D 387 -38.67 14.58 -39.24
C THR D 387 -39.33 14.78 -37.89
N ALA D 388 -39.66 16.02 -37.55
CA ALA D 388 -40.31 16.31 -36.28
C ALA D 388 -41.07 17.62 -36.37
N LYS D 389 -42.34 17.61 -35.98
CA LYS D 389 -43.18 18.79 -35.96
C LYS D 389 -43.76 18.98 -34.56
N ASN D 390 -43.81 20.23 -34.11
CA ASN D 390 -44.42 20.59 -32.83
C ASN D 390 -45.30 21.81 -33.03
N VAL D 391 -46.52 21.75 -32.50
CA VAL D 391 -47.49 22.82 -32.65
C VAL D 391 -48.00 23.23 -31.29
N SER D 392 -48.08 24.53 -31.04
CA SER D 392 -48.85 25.07 -29.93
C SER D 392 -49.95 25.95 -30.49
N LYS D 393 -51.11 25.93 -29.85
CA LYS D 393 -52.26 26.61 -30.41
C LYS D 393 -53.19 27.06 -29.28
N LEU D 394 -54.12 27.93 -29.64
CA LEU D 394 -55.24 28.25 -28.78
C LEU D 394 -56.38 27.28 -29.06
N PRO D 395 -57.27 27.05 -28.09
CA PRO D 395 -58.22 25.94 -28.22
C PRO D 395 -59.08 25.94 -29.47
N TRP D 396 -59.81 27.01 -29.75
CA TRP D 396 -60.69 27.00 -30.91
C TRP D 396 -60.22 27.90 -32.04
N LEU D 397 -59.48 28.96 -31.74
CA LEU D 397 -59.04 29.88 -32.78
C LEU D 397 -57.94 29.28 -33.62
N GLY D 398 -57.24 28.26 -33.12
CA GLY D 398 -56.11 27.73 -33.84
C GLY D 398 -56.49 26.93 -35.07
N ASP D 399 -57.71 26.43 -35.12
CA ASP D 399 -58.13 25.57 -36.22
C ASP D 399 -58.83 26.31 -37.35
N ILE D 400 -59.02 27.62 -37.23
CA ILE D 400 -59.62 28.38 -38.33
C ILE D 400 -58.69 28.31 -39.54
N PRO D 401 -59.20 28.01 -40.73
CA PRO D 401 -58.31 27.91 -41.90
C PRO D 401 -57.63 29.23 -42.22
N ILE D 402 -56.35 29.14 -42.61
CA ILE D 402 -55.51 30.28 -42.97
C ILE D 402 -55.33 31.22 -41.79
N LEU D 403 -56.42 31.77 -41.28
CA LEU D 403 -56.35 32.71 -40.16
C LEU D 403 -55.79 32.07 -38.90
N GLY D 404 -55.87 30.74 -38.79
CA GLY D 404 -55.39 30.08 -37.58
C GLY D 404 -53.93 30.33 -37.29
N ASN D 405 -53.13 30.66 -38.30
CA ASN D 405 -51.73 30.93 -38.06
C ASN D 405 -51.52 32.20 -37.26
N LEU D 406 -52.56 33.01 -37.06
CA LEU D 406 -52.43 34.14 -36.16
C LEU D 406 -52.52 33.70 -34.71
N PHE D 407 -53.00 32.49 -34.46
CA PHE D 407 -53.19 31.98 -33.10
C PHE D 407 -52.47 30.67 -32.85
N LYS D 408 -51.46 30.35 -33.63
CA LYS D 408 -50.81 29.05 -33.56
C LYS D 408 -49.36 29.19 -33.97
N SER D 409 -48.47 28.47 -33.29
CA SER D 409 -47.04 28.50 -33.56
C SER D 409 -46.57 27.10 -33.91
N THR D 410 -45.72 27.01 -34.92
CA THR D 410 -45.27 25.72 -35.45
C THR D 410 -43.76 25.69 -35.57
N ASN D 411 -43.19 24.54 -35.23
CA ASN D 411 -41.76 24.28 -35.34
C ASN D 411 -41.57 22.99 -36.11
N PHE D 412 -40.81 23.03 -37.19
CA PHE D 412 -40.66 21.90 -38.11
C PHE D 412 -39.19 21.66 -38.41
N GLN D 413 -38.77 20.40 -38.38
CA GLN D 413 -37.41 20.02 -38.73
C GLN D 413 -37.46 18.77 -39.60
N SER D 414 -36.63 18.74 -40.64
CA SER D 414 -36.53 17.56 -41.49
C SER D 414 -35.10 17.40 -41.96
N GLY D 415 -34.70 16.17 -42.25
CA GLY D 415 -33.34 15.97 -42.68
C GLY D 415 -33.09 14.57 -43.19
N ASN D 416 -32.00 14.43 -43.94
CA ASN D 416 -31.60 13.17 -44.53
C ASN D 416 -30.09 13.07 -44.62
N THR D 417 -29.59 11.83 -44.63
CA THR D 417 -28.17 11.52 -44.72
C THR D 417 -27.95 10.27 -45.55
N ASP D 418 -27.01 10.32 -46.49
CA ASP D 418 -26.59 9.15 -47.25
C ASP D 418 -25.10 8.96 -47.09
N LEU D 419 -24.67 7.70 -46.93
CA LEU D 419 -23.27 7.34 -46.78
C LEU D 419 -23.03 6.02 -47.49
N VAL D 420 -21.93 5.94 -48.26
CA VAL D 420 -21.52 4.71 -48.92
C VAL D 420 -20.01 4.56 -48.78
N ILE D 421 -19.55 3.36 -48.43
CA ILE D 421 -18.14 3.02 -48.34
C ILE D 421 -17.89 1.79 -49.18
N LEU D 422 -17.00 1.89 -50.17
CA LEU D 422 -16.73 0.77 -51.06
C LEU D 422 -15.24 0.63 -51.32
N VAL D 423 -14.80 -0.59 -51.58
CA VAL D 423 -13.39 -0.91 -51.69
C VAL D 423 -13.15 -1.73 -52.96
N THR D 424 -11.92 -1.67 -53.46
CA THR D 424 -11.49 -2.39 -54.65
C THR D 424 -10.05 -2.84 -54.48
N PRO D 425 -9.79 -4.12 -54.36
CA PRO D 425 -8.41 -4.61 -54.34
C PRO D 425 -7.92 -5.12 -55.68
N ARG D 426 -6.62 -5.00 -55.94
CA ARG D 426 -6.02 -5.46 -57.19
C ARG D 426 -4.61 -5.97 -56.92
N VAL D 427 -4.19 -6.99 -57.64
CA VAL D 427 -2.83 -7.50 -57.52
C VAL D 427 -1.94 -6.79 -58.53
N VAL D 428 -0.91 -6.11 -58.04
CA VAL D 428 -0.15 -5.17 -58.85
C VAL D 428 1.35 -5.46 -58.72
N SER D 429 2.11 -4.79 -59.59
CA SER D 429 3.52 -4.58 -59.43
C SER D 429 3.78 -3.09 -59.57
N ALA D 430 5.05 -2.69 -59.61
CA ALA D 430 5.35 -1.28 -59.76
C ALA D 430 4.97 -0.75 -61.13
N ALA D 431 4.80 -1.63 -62.12
CA ALA D 431 4.46 -1.19 -63.47
C ALA D 431 2.96 -1.17 -63.75
N SER D 432 2.12 -1.51 -62.78
CA SER D 432 0.69 -1.58 -63.03
C SER D 432 0.09 -0.19 -63.17
N LEU D 433 -1.13 -0.15 -63.71
CA LEU D 433 -1.77 1.11 -64.04
C LEU D 433 -2.07 1.95 -62.79
N GLU D 434 -2.50 1.29 -61.71
CA GLU D 434 -2.84 2.01 -60.49
C GLU D 434 -1.65 2.76 -59.94
N ASN D 435 -0.47 2.16 -60.00
CA ASN D 435 0.73 2.83 -59.53
C ASN D 435 1.12 3.98 -60.45
N ILE D 436 1.03 3.77 -61.76
CA ILE D 436 1.46 4.78 -62.71
C ILE D 436 0.61 6.02 -62.60
N ARG D 437 -0.70 5.86 -62.39
CA ARG D 437 -1.55 7.03 -62.31
C ARG D 437 -1.17 7.91 -61.12
N GLN D 438 -0.84 7.32 -59.98
CA GLN D 438 -0.43 8.12 -58.84
C GLN D 438 0.93 8.76 -59.05
N VAL D 439 1.84 8.06 -59.72
CA VAL D 439 3.14 8.67 -60.02
C VAL D 439 2.96 9.89 -60.91
N SER D 440 2.13 9.78 -61.94
CA SER D 440 1.89 10.91 -62.83
C SER D 440 1.17 12.03 -62.09
N GLN D 441 0.30 11.69 -61.15
CA GLN D 441 -0.31 12.72 -60.31
C GLN D 441 0.73 13.48 -59.51
N ALA D 442 1.70 12.78 -58.95
CA ALA D 442 2.77 13.46 -58.22
C ALA D 442 3.54 14.39 -59.14
N VAL D 443 3.83 13.96 -60.36
CA VAL D 443 4.54 14.83 -61.29
C VAL D 443 3.72 16.08 -61.58
N GLU D 444 2.42 15.93 -61.77
CA GLU D 444 1.57 17.10 -62.03
C GLU D 444 1.54 18.06 -60.84
N MET D 445 1.48 17.52 -59.62
CA MET D 445 1.51 18.39 -58.45
C MET D 445 2.81 19.18 -58.37
N LYS D 446 3.94 18.51 -58.63
CA LYS D 446 5.22 19.21 -58.61
C LYS D 446 5.25 20.32 -59.66
N ASP D 447 4.78 20.02 -60.86
CA ASP D 447 4.82 21.03 -61.92
C ASP D 447 3.93 22.22 -61.60
N GLU D 448 2.75 21.99 -61.03
CA GLU D 448 1.90 23.10 -60.62
C GLU D 448 2.57 23.97 -59.58
N TYR D 449 3.15 23.33 -58.55
CA TYR D 449 3.90 24.09 -57.56
C TYR D 449 4.99 24.94 -58.20
N ARG D 450 5.76 24.35 -59.11
CA ARG D 450 6.82 25.12 -59.77
C ARG D 450 6.24 26.31 -60.52
N ASN D 451 5.09 26.13 -61.16
CA ASN D 451 4.55 27.22 -61.98
C ASN D 451 3.94 28.33 -61.14
N THR D 452 3.67 28.10 -59.86
CA THR D 452 3.15 29.22 -59.06
C THR D 452 4.26 30.18 -58.62
N LEU D 453 5.52 29.77 -58.70
CA LEU D 453 6.59 30.56 -58.10
C LEU D 453 7.27 31.47 -59.12
N PRO D 454 7.87 32.58 -58.66
CA PRO D 454 8.61 33.45 -59.57
C PRO D 454 9.83 32.76 -60.14
N LYS D 455 10.29 33.26 -61.30
CA LYS D 455 11.33 32.55 -62.04
C LYS D 455 12.65 32.50 -61.29
N GLY D 456 13.02 33.58 -60.62
CA GLY D 456 14.31 33.63 -59.96
C GLY D 456 14.35 33.17 -58.52
N SER D 457 13.24 32.65 -57.99
CA SER D 457 13.17 32.33 -56.57
C SER D 457 14.06 31.16 -56.22
N THR D 458 14.60 31.18 -55.00
CA THR D 458 15.38 30.04 -54.51
C THR D 458 14.47 28.86 -54.21
N THR D 459 13.25 29.14 -53.78
CA THR D 459 12.28 28.09 -53.56
C THR D 459 12.01 27.32 -54.85
N ARG D 460 12.06 28.00 -55.99
CA ARG D 460 11.89 27.32 -57.26
C ARG D 460 13.04 26.37 -57.53
N ASP D 461 14.26 26.75 -57.17
CA ASP D 461 15.39 25.83 -57.32
C ASP D 461 15.21 24.62 -56.43
N ALA D 462 14.77 24.85 -55.19
CA ALA D 462 14.53 23.71 -54.30
C ALA D 462 13.47 22.78 -54.87
N VAL D 463 12.40 23.34 -55.43
CA VAL D 463 11.36 22.52 -56.04
C VAL D 463 11.93 21.73 -57.20
N ASP D 464 12.75 22.37 -58.04
CA ASP D 464 13.35 21.65 -59.16
C ASP D 464 14.28 20.54 -58.70
N ARG D 465 14.80 20.62 -57.48
CA ARG D 465 15.71 19.58 -57.03
C ARG D 465 14.99 18.34 -56.53
N THR D 466 13.68 18.42 -56.27
CA THR D 466 12.99 17.29 -55.68
C THR D 466 12.51 16.31 -56.75
N LEU D 467 12.07 15.13 -56.30
CA LEU D 467 11.48 14.10 -57.15
C LEU D 467 12.40 13.74 -58.31
N GLY D 468 13.66 13.49 -57.98
CA GLY D 468 14.65 13.15 -58.98
C GLY D 468 14.82 11.67 -59.18
N THR E 27 0.80 -49.11 -65.02
CA THR E 27 1.43 -50.25 -64.39
C THR E 27 0.40 -51.14 -63.70
N ILE E 28 0.82 -52.35 -63.31
CA ILE E 28 -0.06 -53.31 -62.66
C ILE E 28 0.34 -53.60 -61.22
N ASP E 29 1.36 -52.89 -60.70
CA ASP E 29 1.82 -53.13 -59.34
C ASP E 29 0.65 -53.07 -58.37
N LEU E 30 0.33 -54.22 -57.79
CA LEU E 30 -0.81 -54.30 -56.88
C LEU E 30 -0.60 -55.53 -56.00
N TYR E 31 -1.61 -55.91 -55.23
CA TYR E 31 -1.57 -57.19 -54.55
C TYR E 31 -1.34 -58.29 -55.57
N ALA E 32 -0.46 -59.24 -55.23
CA ALA E 32 -0.10 -60.30 -56.16
C ALA E 32 -1.35 -61.04 -56.63
N GLY E 33 -1.43 -61.25 -57.94
CA GLY E 33 -2.60 -61.84 -58.57
C GLY E 33 -3.51 -60.84 -59.25
N GLN E 34 -3.10 -59.57 -59.36
CA GLN E 34 -3.96 -58.58 -59.99
C GLN E 34 -4.03 -58.82 -61.50
N VAL E 35 -5.25 -58.78 -62.03
CA VAL E 35 -5.51 -58.90 -63.46
C VAL E 35 -5.92 -57.54 -63.99
N ARG E 36 -5.27 -57.09 -65.05
CA ARG E 36 -5.62 -55.81 -65.66
C ARG E 36 -5.73 -55.95 -67.17
N VAL E 37 -6.80 -55.37 -67.72
CA VAL E 37 -7.07 -55.40 -69.15
C VAL E 37 -6.99 -53.97 -69.69
N ILE E 38 -6.16 -53.77 -70.70
CA ILE E 38 -5.91 -52.46 -71.28
C ILE E 38 -6.23 -52.52 -72.78
N PRO E 39 -7.24 -51.81 -73.27
CA PRO E 39 -7.51 -51.81 -74.71
C PRO E 39 -6.47 -50.99 -75.46
N THR E 40 -5.94 -51.57 -76.53
CA THR E 40 -4.93 -50.90 -77.36
C THR E 40 -5.21 -51.24 -78.82
N LYS E 41 -4.28 -50.83 -79.68
CA LYS E 41 -4.34 -51.19 -81.08
C LYS E 41 -3.94 -52.66 -81.25
N PRO E 42 -4.26 -53.26 -82.41
CA PRO E 42 -3.93 -54.67 -82.61
C PRO E 42 -2.47 -55.00 -82.31
N VAL E 43 -2.27 -56.04 -81.50
CA VAL E 43 -0.94 -56.49 -81.10
C VAL E 43 -0.85 -57.99 -81.32
N LYS E 44 0.33 -58.45 -81.76
CA LYS E 44 0.52 -59.87 -82.02
C LYS E 44 0.43 -60.68 -80.73
N ARG E 45 1.04 -60.20 -79.66
CA ARG E 45 1.08 -60.91 -78.39
C ARG E 45 1.48 -59.90 -77.31
N VAL E 46 1.50 -60.38 -76.07
CA VAL E 46 2.02 -59.61 -74.94
C VAL E 46 2.97 -60.52 -74.17
N ALA E 47 4.20 -60.06 -73.97
CA ALA E 47 5.23 -60.85 -73.31
C ALA E 47 5.93 -60.01 -72.26
N ILE E 48 6.67 -60.68 -71.38
CA ILE E 48 7.34 -60.05 -70.24
C ILE E 48 8.79 -60.49 -70.22
N GLY E 49 9.68 -59.56 -69.87
CA GLY E 49 11.10 -59.89 -69.80
C GLY E 49 11.42 -60.98 -68.80
N ASP E 50 10.82 -60.91 -67.61
CA ASP E 50 10.99 -61.92 -66.58
C ASP E 50 9.69 -62.71 -66.46
N GLY E 51 9.77 -64.02 -66.67
CA GLY E 51 8.58 -64.84 -66.62
C GLY E 51 7.94 -64.87 -65.25
N LYS E 52 8.77 -64.82 -64.19
CA LYS E 52 8.23 -64.94 -62.84
C LYS E 52 7.41 -63.71 -62.46
N VAL E 53 7.91 -62.52 -62.77
CA VAL E 53 7.31 -61.30 -62.21
C VAL E 53 5.91 -61.09 -62.79
N LEU E 54 5.76 -61.18 -64.10
CA LEU E 54 4.47 -60.91 -64.74
C LEU E 54 4.15 -62.01 -65.73
N SER E 55 2.85 -62.20 -65.97
CA SER E 55 2.38 -63.07 -67.05
C SER E 55 1.38 -62.28 -67.88
N THR E 56 1.29 -62.60 -69.17
CA THR E 56 0.55 -61.77 -70.11
C THR E 56 -0.14 -62.60 -71.17
N THR E 57 -1.28 -62.12 -71.63
CA THR E 57 -2.03 -62.71 -72.74
C THR E 57 -2.66 -61.61 -73.57
N VAL E 58 -2.60 -61.76 -74.90
CA VAL E 58 -3.30 -60.82 -75.77
C VAL E 58 -4.76 -61.25 -75.89
N VAL E 59 -5.66 -60.32 -75.60
CA VAL E 59 -7.10 -60.57 -75.65
C VAL E 59 -7.72 -59.64 -76.69
N ASP E 60 -8.69 -60.15 -77.43
CA ASP E 60 -9.37 -59.50 -78.55
C ASP E 60 -8.41 -59.28 -79.72
N GLY E 61 -7.14 -59.70 -79.61
CA GLY E 61 -6.15 -59.44 -80.62
C GLY E 61 -5.56 -58.05 -80.59
N ASN E 62 -6.10 -57.16 -79.77
CA ASN E 62 -5.62 -55.79 -79.70
C ASN E 62 -5.26 -55.43 -78.26
N GLU E 63 -6.05 -55.94 -77.32
CA GLU E 63 -5.94 -55.52 -75.93
C GLU E 63 -4.99 -56.43 -75.15
N LEU E 64 -4.49 -55.88 -74.04
CA LEU E 64 -3.56 -56.54 -73.14
C LEU E 64 -4.33 -57.09 -71.96
N LEU E 65 -3.97 -58.29 -71.50
CA LEU E 65 -4.45 -58.81 -70.23
C LEU E 65 -3.25 -59.30 -69.44
N LEU E 66 -2.94 -58.61 -68.35
CA LEU E 66 -1.77 -58.89 -67.53
C LEU E 66 -2.22 -59.54 -66.25
N LEU E 67 -1.74 -60.75 -66.01
CA LEU E 67 -1.86 -61.42 -64.72
C LEU E 67 -0.62 -61.05 -63.90
N GLY E 68 -0.84 -60.42 -62.76
CA GLY E 68 0.25 -59.96 -61.94
C GLY E 68 0.74 -61.00 -60.96
N ASP E 69 1.78 -61.74 -61.35
CA ASP E 69 2.38 -62.70 -60.43
C ASP E 69 3.10 -61.98 -59.30
N ALA E 70 3.77 -60.88 -59.62
CA ALA E 70 4.43 -60.03 -58.62
C ALA E 70 5.44 -60.83 -57.79
N GLU E 71 6.20 -61.70 -58.45
CA GLU E 71 7.22 -62.46 -57.73
C GLU E 71 8.34 -61.55 -57.23
N GLY E 72 8.71 -60.55 -58.02
CA GLY E 72 9.78 -59.65 -57.65
C GLY E 72 9.48 -58.23 -58.10
N GLU E 73 10.31 -57.31 -57.64
CA GLU E 73 10.19 -55.89 -57.98
C GLU E 73 11.27 -55.53 -59.00
N THR E 74 10.84 -55.16 -60.21
CA THR E 74 11.78 -54.78 -61.26
C THR E 74 11.01 -54.10 -62.38
N SER E 75 11.78 -53.45 -63.27
CA SER E 75 11.21 -52.95 -64.51
C SER E 75 10.99 -54.10 -65.48
N LEU E 76 10.05 -53.90 -66.40
CA LEU E 76 9.62 -54.94 -67.33
C LEU E 76 9.66 -54.42 -68.76
N ARG E 77 9.94 -55.33 -69.69
CA ARG E 77 9.87 -55.08 -71.12
C ARG E 77 8.73 -55.90 -71.69
N VAL E 78 7.95 -55.30 -72.59
CA VAL E 78 6.74 -55.91 -73.11
C VAL E 78 6.83 -55.96 -74.63
N TRP E 79 6.48 -57.10 -75.21
CA TRP E 79 6.55 -57.33 -76.65
C TRP E 79 5.15 -57.27 -77.26
N PHE E 80 5.05 -56.65 -78.44
CA PHE E 80 3.82 -56.66 -79.22
C PHE E 80 4.16 -56.87 -80.68
N LYS E 81 3.17 -56.62 -81.54
CA LYS E 81 3.42 -56.49 -82.97
C LYS E 81 4.07 -55.15 -83.27
N ASP E 82 3.46 -54.06 -82.81
CA ASP E 82 4.05 -52.74 -83.00
C ASP E 82 5.27 -52.55 -82.09
N GLY E 83 5.30 -53.27 -80.96
CA GLY E 83 6.48 -53.29 -80.12
C GLY E 83 6.63 -52.15 -79.14
N SER E 84 5.61 -51.30 -78.99
CA SER E 84 5.68 -50.22 -78.01
C SER E 84 5.82 -50.80 -76.61
N GLU E 85 6.76 -50.26 -75.84
CA GLU E 85 7.06 -50.77 -74.51
C GLU E 85 6.76 -49.71 -73.47
N ALA E 86 5.95 -50.07 -72.48
CA ALA E 86 5.67 -49.24 -71.32
C ALA E 86 6.22 -49.94 -70.09
N ALA E 87 7.33 -49.45 -69.57
CA ALA E 87 7.99 -50.10 -68.44
C ALA E 87 7.07 -50.11 -67.22
N TYR E 88 6.98 -51.27 -66.59
CA TYR E 88 6.14 -51.46 -65.41
C TYR E 88 7.01 -51.83 -64.22
N ARG E 89 6.77 -51.16 -63.09
CA ARG E 89 7.36 -51.50 -61.82
C ARG E 89 6.30 -52.20 -60.98
N VAL E 90 6.62 -53.39 -60.49
CA VAL E 90 5.64 -54.25 -59.83
C VAL E 90 6.07 -54.45 -58.38
N LEU E 91 5.14 -54.20 -57.45
CA LEU E 91 5.37 -54.44 -56.03
C LEU E 91 4.17 -55.18 -55.45
N VAL E 92 4.43 -56.07 -54.50
CA VAL E 92 3.37 -56.82 -53.85
C VAL E 92 2.72 -55.96 -52.78
N ALA E 93 1.40 -56.08 -52.64
CA ALA E 93 0.74 -55.32 -51.59
C ALA E 93 0.64 -56.15 -50.32
N PRO E 94 1.26 -55.72 -49.21
CA PRO E 94 1.17 -56.41 -47.92
C PRO E 94 -0.27 -56.62 -47.46
N VAL E 97 1.29 -52.34 -51.13
CA VAL E 97 1.25 -50.97 -51.60
C VAL E 97 0.23 -50.83 -52.72
N GLY E 98 0.16 -51.80 -53.64
CA GLY E 98 -0.68 -51.63 -54.80
C GLY E 98 -2.16 -51.72 -54.49
N ARG E 99 -2.55 -52.75 -53.75
CA ARG E 99 -3.95 -52.88 -53.35
C ARG E 99 -4.37 -51.71 -52.48
N ALA E 100 -3.51 -51.33 -51.53
CA ALA E 100 -3.82 -50.18 -50.69
C ALA E 100 -3.91 -48.91 -51.51
N ALA E 101 -3.01 -48.75 -52.49
CA ALA E 101 -3.09 -47.58 -53.36
C ALA E 101 -4.42 -47.53 -54.08
N GLU E 102 -4.88 -48.69 -54.57
CA GLU E 102 -6.16 -48.72 -55.27
C GLU E 102 -7.28 -48.33 -54.31
N GLU E 103 -7.25 -48.85 -53.09
CA GLU E 103 -8.30 -48.55 -52.13
C GLU E 103 -8.34 -47.06 -51.80
N MET E 104 -7.19 -46.45 -51.50
CA MET E 104 -7.20 -45.03 -51.18
C MET E 104 -7.55 -44.20 -52.40
N ARG E 105 -7.21 -44.66 -53.59
CA ARG E 105 -7.61 -43.95 -54.80
C ARG E 105 -9.13 -43.95 -54.94
N GLU E 106 -9.77 -45.09 -54.63
CA GLU E 106 -11.23 -45.13 -54.67
C GLU E 106 -11.85 -44.24 -53.60
N LEU E 107 -11.34 -44.33 -52.38
CA LEU E 107 -11.94 -43.56 -51.29
C LEU E 107 -11.80 -42.07 -51.52
N MET E 108 -10.62 -41.62 -51.95
CA MET E 108 -10.43 -40.20 -52.24
C MET E 108 -11.18 -39.79 -53.49
N GLY E 109 -11.23 -40.66 -54.49
CA GLY E 109 -11.90 -40.34 -55.73
C GLY E 109 -13.39 -40.12 -55.59
N ALA E 115 -8.41 -33.00 -56.49
CA ALA E 115 -7.18 -32.39 -56.99
C ALA E 115 -5.97 -33.20 -56.52
N LYS E 116 -6.19 -34.06 -55.53
CA LYS E 116 -5.15 -34.92 -55.01
C LYS E 116 -4.72 -35.94 -56.05
N ILE E 117 -3.41 -36.18 -56.10
CA ILE E 117 -2.81 -37.13 -57.03
C ILE E 117 -2.20 -38.27 -56.24
N ARG E 118 -2.43 -39.49 -56.70
CA ARG E 118 -2.00 -40.71 -56.04
C ARG E 118 -0.99 -41.44 -56.91
N VAL E 119 0.16 -41.79 -56.34
CA VAL E 119 1.17 -42.56 -57.06
C VAL E 119 1.69 -43.66 -56.16
N VAL E 120 2.39 -44.62 -56.76
CA VAL E 120 2.81 -45.82 -56.04
C VAL E 120 4.25 -45.69 -55.57
N GLY E 121 5.18 -45.48 -56.50
CA GLY E 121 6.59 -45.37 -56.14
C GLY E 121 7.05 -46.62 -55.43
N ASP E 122 7.72 -46.43 -54.29
CA ASP E 122 7.97 -47.51 -53.35
C ASP E 122 6.98 -47.54 -52.20
N HIS E 123 6.73 -46.40 -51.59
CA HIS E 123 5.64 -46.24 -50.64
C HIS E 123 4.58 -45.39 -51.31
N VAL E 124 3.32 -45.72 -51.04
CA VAL E 124 2.23 -45.00 -51.67
C VAL E 124 2.31 -43.52 -51.30
N VAL E 125 2.24 -42.66 -52.31
CA VAL E 125 2.51 -41.23 -52.17
C VAL E 125 1.30 -40.45 -52.64
N VAL E 126 0.93 -39.43 -51.88
CA VAL E 126 -0.15 -38.52 -52.22
C VAL E 126 0.40 -37.11 -52.29
N ASP E 127 0.09 -36.40 -53.37
CA ASP E 127 0.61 -35.05 -53.54
C ASP E 127 -0.44 -34.17 -54.18
N GLY E 128 -0.41 -32.89 -53.82
CA GLY E 128 -1.34 -31.93 -54.38
C GLY E 128 -0.94 -30.53 -53.96
N LYS E 129 -1.35 -29.55 -54.77
CA LYS E 129 -0.88 -28.18 -54.53
C LYS E 129 -1.74 -27.46 -53.50
N ASN E 130 -3.03 -27.29 -53.79
CA ASN E 130 -3.89 -26.44 -52.98
C ASN E 130 -5.14 -27.25 -52.60
N LEU E 131 -5.04 -28.01 -51.51
CA LEU E 131 -6.15 -28.86 -51.12
C LEU E 131 -6.88 -28.28 -49.92
N ALA E 132 -8.20 -28.44 -49.93
CA ALA E 132 -9.01 -27.94 -48.84
C ALA E 132 -8.69 -28.70 -47.56
N PRO E 133 -8.85 -28.06 -46.40
CA PRO E 133 -8.52 -28.73 -45.14
C PRO E 133 -9.30 -30.02 -44.93
N THR E 134 -10.51 -30.10 -45.44
CA THR E 134 -11.28 -31.34 -45.33
C THR E 134 -10.57 -32.48 -46.06
N THR E 135 -10.03 -32.20 -47.24
CA THR E 135 -9.36 -33.25 -48.00
C THR E 135 -8.08 -33.70 -47.30
N LEU E 136 -7.35 -32.77 -46.71
CA LEU E 136 -6.18 -33.17 -45.91
C LEU E 136 -6.58 -34.02 -44.72
N ALA E 137 -7.68 -33.65 -44.05
CA ALA E 137 -8.14 -34.44 -42.92
C ALA E 137 -8.52 -35.84 -43.37
N ARG E 138 -9.22 -35.95 -44.50
CA ARG E 138 -9.57 -37.25 -45.05
C ARG E 138 -8.32 -38.07 -45.36
N VAL E 139 -7.30 -37.44 -45.93
CA VAL E 139 -6.08 -38.15 -46.28
C VAL E 139 -5.36 -38.64 -45.04
N ARG E 140 -5.23 -37.81 -44.02
CA ARG E 140 -4.52 -38.25 -42.83
C ARG E 140 -5.35 -39.25 -42.04
N ALA E 141 -6.66 -39.27 -42.25
CA ALA E 141 -7.47 -40.34 -41.68
C ALA E 141 -7.19 -41.65 -42.39
N LEU E 142 -7.18 -41.64 -43.72
CA LEU E 142 -6.82 -42.82 -44.49
C LEU E 142 -5.39 -43.27 -44.24
N GLN E 143 -4.55 -42.40 -43.69
CA GLN E 143 -3.19 -42.79 -43.37
C GLN E 143 -3.13 -44.01 -42.46
N ALA E 144 -4.14 -44.20 -41.61
CA ALA E 144 -4.12 -45.32 -40.68
C ALA E 144 -4.31 -46.65 -41.39
N LEU E 145 -4.79 -46.62 -42.63
CA LEU E 145 -5.06 -47.87 -43.35
C LEU E 145 -3.76 -48.62 -43.64
N TYR E 146 -2.70 -47.91 -44.02
CA TYR E 146 -1.42 -48.51 -44.34
C TYR E 146 -0.33 -47.64 -43.72
N PRO E 147 0.61 -48.25 -42.98
CA PRO E 147 1.64 -47.41 -42.33
C PRO E 147 2.55 -46.64 -43.27
N LYS E 148 3.11 -47.26 -44.30
CA LYS E 148 4.07 -46.58 -45.17
C LYS E 148 3.30 -45.77 -46.22
N THR E 149 2.88 -44.58 -45.83
CA THR E 149 2.30 -43.62 -46.76
C THR E 149 3.05 -42.32 -46.63
N ILE E 150 3.31 -41.68 -47.76
CA ILE E 150 4.00 -40.41 -47.81
C ILE E 150 3.01 -39.35 -48.31
N VAL E 151 2.79 -38.34 -47.50
CA VAL E 151 1.85 -37.26 -47.81
C VAL E 151 2.66 -36.02 -48.16
N LEU E 152 2.68 -35.68 -49.44
CA LEU E 152 3.38 -34.51 -49.93
C LEU E 152 2.45 -33.36 -50.26
N ALA E 153 1.15 -33.55 -50.14
CA ALA E 153 0.20 -32.52 -50.50
C ALA E 153 0.24 -31.38 -49.49
N THR E 154 -0.08 -30.18 -49.97
CA THR E 154 -0.03 -28.99 -49.16
C THR E 154 -1.39 -28.29 -49.14
N PRO E 155 -1.71 -27.59 -48.06
CA PRO E 155 -2.98 -26.88 -47.99
C PRO E 155 -2.94 -25.54 -48.71
N SER E 156 -4.13 -25.00 -48.93
CA SER E 156 -4.25 -23.66 -49.47
C SER E 156 -3.89 -22.63 -48.40
N PRO E 157 -3.50 -21.42 -48.80
CA PRO E 157 -3.27 -20.37 -47.80
C PRO E 157 -4.48 -20.10 -46.95
N PHE E 158 -5.66 -20.13 -47.55
CA PHE E 158 -6.93 -19.90 -46.87
C PHE E 158 -8.03 -20.48 -47.73
N ASP E 159 -9.25 -20.46 -47.20
CA ASP E 159 -10.40 -20.98 -47.90
C ASP E 159 -11.33 -19.82 -48.24
N MET E 160 -11.75 -19.75 -49.50
CA MET E 160 -12.72 -18.73 -49.87
C MET E 160 -14.08 -19.08 -49.29
N GLU E 161 -14.60 -18.18 -48.45
CA GLU E 161 -15.87 -18.38 -47.78
C GLU E 161 -16.96 -17.63 -48.53
N LYS E 162 -18.19 -18.02 -48.28
CA LYS E 162 -19.32 -17.31 -48.83
C LYS E 162 -19.45 -15.94 -48.20
N MET E 163 -19.86 -14.97 -49.00
CA MET E 163 -20.05 -13.60 -48.56
C MET E 163 -21.53 -13.37 -48.32
N VAL E 164 -21.86 -12.66 -47.24
CA VAL E 164 -23.22 -12.46 -46.81
C VAL E 164 -23.51 -10.97 -46.73
N TRP E 165 -24.62 -10.56 -47.33
CA TRP E 165 -25.10 -9.19 -47.29
C TRP E 165 -26.23 -9.10 -46.28
N LEU E 166 -26.16 -8.11 -45.39
CA LEU E 166 -27.17 -7.91 -44.37
C LEU E 166 -27.85 -6.56 -44.53
N ASP E 167 -29.18 -6.58 -44.55
CA ASP E 167 -29.98 -5.37 -44.71
C ASP E 167 -30.88 -5.20 -43.49
N VAL E 168 -30.78 -4.06 -42.83
CA VAL E 168 -31.48 -3.83 -41.57
C VAL E 168 -32.35 -2.58 -41.72
N ASN E 169 -33.57 -2.64 -41.21
CA ASN E 169 -34.48 -1.50 -41.20
C ASN E 169 -34.99 -1.27 -39.79
N ILE E 170 -35.00 -0.02 -39.37
CA ILE E 170 -35.44 0.40 -38.05
C ILE E 170 -36.41 1.56 -38.24
N LEU E 171 -37.70 1.33 -37.96
CA LEU E 171 -38.71 2.35 -38.13
C LEU E 171 -39.31 2.71 -36.79
N GLU E 172 -39.44 4.00 -36.52
CA GLU E 172 -40.01 4.46 -35.26
C GLU E 172 -40.92 5.67 -35.48
N ILE E 173 -42.04 5.69 -34.78
CA ILE E 173 -42.98 6.81 -34.82
C ILE E 173 -43.44 7.13 -33.42
N ARG E 174 -43.43 8.42 -33.04
CA ARG E 174 -43.90 8.87 -31.75
C ARG E 174 -44.93 9.97 -31.94
N LYS E 175 -46.01 9.92 -31.16
CA LYS E 175 -47.01 10.97 -31.16
C LYS E 175 -47.37 11.33 -29.73
N SER E 176 -47.70 12.60 -29.50
CA SER E 176 -48.10 13.03 -28.17
C SER E 176 -49.04 14.22 -28.23
N VAL E 177 -49.91 14.30 -27.23
CA VAL E 177 -50.88 15.37 -27.04
C VAL E 177 -50.81 15.83 -25.60
N LEU E 178 -50.87 17.15 -25.38
CA LEU E 178 -50.85 17.72 -24.04
C LEU E 178 -51.89 18.83 -23.94
N GLU E 179 -52.69 18.82 -22.88
CA GLU E 179 -53.73 19.83 -22.67
C GLU E 179 -53.73 20.28 -21.22
N ASN E 180 -54.02 21.55 -20.99
CA ASN E 180 -54.06 22.10 -19.64
C ASN E 180 -55.09 23.23 -19.64
N PHE E 181 -56.29 22.97 -19.15
CA PHE E 181 -57.35 23.95 -19.29
C PHE E 181 -58.22 24.03 -18.05
N GLY E 182 -58.69 25.24 -17.76
CA GLY E 182 -59.63 25.45 -16.69
C GLY E 182 -59.23 26.63 -15.83
N VAL E 183 -59.86 26.71 -14.66
CA VAL E 183 -59.59 27.74 -13.67
C VAL E 183 -59.19 27.07 -12.38
N ASP E 184 -58.08 27.51 -11.80
CA ASP E 184 -57.50 26.93 -10.60
C ASP E 184 -57.63 27.95 -9.46
N TRP E 185 -58.42 27.62 -8.45
CA TRP E 185 -58.65 28.53 -7.33
C TRP E 185 -57.79 28.16 -6.12
N SER E 186 -57.89 28.98 -5.08
CA SER E 186 -57.23 28.69 -3.82
C SER E 186 -58.02 27.68 -3.02
N LYS E 187 -57.32 26.77 -2.33
CA LYS E 187 -57.99 25.74 -1.56
C LYS E 187 -57.76 25.86 -0.06
N GLN E 188 -56.96 26.81 0.39
CA GLN E 188 -56.72 27.03 1.81
C GLN E 188 -56.74 28.53 2.06
N ILE E 189 -57.71 28.98 2.84
CA ILE E 189 -57.84 30.41 3.11
C ILE E 189 -57.93 30.64 4.60
N PRO E 190 -57.53 31.81 5.10
CA PRO E 190 -57.62 32.09 6.53
C PRO E 190 -59.05 32.03 7.02
N GLY E 191 -59.22 31.59 8.28
CA GLY E 191 -60.52 31.52 8.88
C GLY E 191 -60.75 32.62 9.90
N PRO E 192 -61.87 32.53 10.62
CA PRO E 192 -62.19 33.58 11.60
C PRO E 192 -61.25 33.56 12.79
N PHE E 193 -61.20 34.69 13.49
CA PHE E 193 -60.34 34.86 14.66
C PHE E 193 -61.14 35.49 15.80
N ALA E 194 -60.72 35.18 17.02
CA ALA E 194 -61.31 35.72 18.23
C ALA E 194 -60.24 35.87 19.29
N ALA E 195 -60.37 36.93 20.10
CA ALA E 195 -59.40 37.18 21.16
C ALA E 195 -60.09 37.93 22.29
N PHE E 196 -59.70 37.59 23.52
CA PHE E 196 -60.21 38.21 24.73
C PHE E 196 -59.02 38.56 25.61
N GLY E 197 -59.14 39.64 26.37
CA GLY E 197 -58.08 40.02 27.28
C GLY E 197 -58.56 40.93 28.39
N LYS E 198 -58.19 40.66 29.63
CA LYS E 198 -58.67 41.48 30.73
C LYS E 198 -57.67 41.49 31.87
N ASP E 199 -57.76 42.53 32.69
CA ASP E 199 -56.94 42.71 33.89
C ASP E 199 -57.89 42.85 35.08
N PHE E 200 -58.04 41.78 35.85
CA PHE E 200 -58.95 41.83 36.99
C PHE E 200 -58.41 42.72 38.10
N VAL E 201 -57.13 42.59 38.41
CA VAL E 201 -56.43 43.51 39.31
C VAL E 201 -55.29 44.14 38.53
N GLY E 202 -55.52 45.34 38.02
CA GLY E 202 -54.69 45.89 36.97
C GLY E 202 -53.40 46.47 37.47
N PRO E 203 -52.48 46.74 36.55
CA PRO E 203 -51.22 47.39 36.93
C PRO E 203 -51.48 48.82 37.39
N ARG E 204 -50.54 49.35 38.15
CA ARG E 204 -50.59 50.74 38.58
C ARG E 204 -49.54 51.55 37.85
N ASN E 205 -49.93 52.72 37.37
CA ASN E 205 -49.02 53.65 36.70
C ASN E 205 -48.58 54.70 37.71
N VAL E 206 -47.27 54.87 37.86
CA VAL E 206 -46.70 55.77 38.84
C VAL E 206 -45.59 56.59 38.20
N ALA E 207 -45.09 57.57 38.92
CA ALA E 207 -43.97 58.38 38.47
C ALA E 207 -42.70 57.94 39.20
N THR E 208 -41.63 57.70 38.45
CA THR E 208 -40.39 57.20 39.04
C THR E 208 -39.21 57.98 38.50
N ILE E 209 -38.16 58.04 39.29
CA ILE E 209 -36.90 58.68 38.92
C ILE E 209 -35.84 57.60 38.77
N PRO E 210 -35.29 57.39 37.58
CA PRO E 210 -34.30 56.32 37.40
C PRO E 210 -33.05 56.55 38.23
N LEU E 211 -32.45 55.45 38.67
CA LEU E 211 -31.22 55.51 39.45
C LEU E 211 -30.07 56.04 38.59
N GLY E 212 -29.22 56.86 39.20
CA GLY E 212 -28.10 57.43 38.50
C GLY E 212 -28.43 58.66 37.68
N GLN E 213 -29.65 59.16 37.76
CA GLN E 213 -30.09 60.32 37.00
C GLN E 213 -30.04 61.55 37.89
N ASP E 214 -29.90 62.72 37.26
CA ASP E 214 -29.86 63.96 38.00
C ASP E 214 -31.19 64.18 38.72
N LEU E 215 -31.12 64.78 39.91
CA LEU E 215 -32.31 64.93 40.72
C LEU E 215 -33.24 66.00 40.17
N THR E 216 -32.70 66.97 39.44
CA THR E 216 -33.53 68.06 38.94
C THR E 216 -34.38 67.63 37.75
N GLN E 217 -33.96 66.57 37.05
CA GLN E 217 -34.65 66.18 35.84
C GLN E 217 -36.06 65.67 36.16
N PRO E 218 -37.03 65.87 35.27
CA PRO E 218 -38.41 65.50 35.58
C PRO E 218 -38.56 63.99 35.62
N PRO E 219 -39.55 63.48 36.36
CA PRO E 219 -39.73 62.03 36.45
C PRO E 219 -40.21 61.43 35.15
N VAL E 220 -40.21 60.10 35.12
CA VAL E 220 -40.69 59.36 33.96
C VAL E 220 -41.76 58.38 34.41
N ALA E 221 -42.40 57.76 33.42
CA ALA E 221 -43.47 56.82 33.71
C ALA E 221 -42.91 55.47 34.12
N GLY E 222 -43.45 54.93 35.22
CA GLY E 222 -43.06 53.63 35.70
C GLY E 222 -44.30 52.90 36.17
N THR E 223 -44.12 51.67 36.63
CA THR E 223 -45.24 50.83 36.95
C THR E 223 -45.00 50.08 38.25
N GLY E 224 -46.08 49.51 38.78
CA GLY E 224 -46.00 48.52 39.83
C GLY E 224 -45.76 47.16 39.22
N VAL E 225 -46.29 46.13 39.88
CA VAL E 225 -46.16 44.78 39.33
C VAL E 225 -47.06 44.66 38.12
N ARG E 226 -46.47 44.32 36.98
CA ARG E 226 -47.20 44.23 35.73
C ARG E 226 -46.61 43.09 34.91
N VAL E 227 -47.49 42.26 34.33
CA VAL E 227 -47.07 41.06 33.64
C VAL E 227 -47.38 41.22 32.16
N THR E 228 -46.42 40.85 31.32
CA THR E 228 -46.67 40.70 29.89
C THR E 228 -46.56 39.22 29.55
N PRO E 229 -47.66 38.50 29.44
CA PRO E 229 -47.57 37.06 29.30
C PRO E 229 -46.98 36.68 27.96
N PRO E 230 -46.28 35.55 27.88
CA PRO E 230 -45.80 35.07 26.58
C PRO E 230 -46.95 34.52 25.76
N LEU E 231 -46.99 34.91 24.50
CA LEU E 231 -48.00 34.42 23.56
C LEU E 231 -47.37 33.28 22.77
N GLY E 232 -47.76 32.06 23.08
CA GLY E 232 -47.08 30.92 22.49
C GLY E 232 -47.33 30.80 21.00
N SER E 233 -48.52 30.34 20.62
CA SER E 233 -48.87 30.20 19.22
C SER E 233 -49.56 31.43 18.66
N LEU E 234 -49.86 32.42 19.49
CA LEU E 234 -50.48 33.65 19.05
C LEU E 234 -49.47 34.76 18.83
N ASN E 235 -48.18 34.44 18.86
CA ASN E 235 -47.14 35.46 18.77
C ASN E 235 -47.22 36.18 17.43
N GLY E 236 -47.25 37.51 17.49
CA GLY E 236 -47.38 38.32 16.30
C GLY E 236 -48.81 38.56 15.85
N ALA E 237 -49.78 37.83 16.40
CA ALA E 237 -51.18 38.04 16.06
C ALA E 237 -51.83 39.09 16.94
N ILE E 238 -51.58 39.05 18.24
CA ILE E 238 -52.08 40.04 19.17
C ILE E 238 -50.99 41.07 19.41
N ASP E 239 -51.37 42.33 19.45
CA ASP E 239 -50.41 43.43 19.58
C ASP E 239 -50.21 43.75 21.06
N LEU E 240 -48.97 43.63 21.53
CA LEU E 240 -48.64 43.93 22.92
C LEU E 240 -47.85 45.20 23.10
N ALA E 241 -47.09 45.64 22.08
CA ALA E 241 -46.28 46.83 22.23
C ALA E 241 -47.14 48.07 22.41
N ASN E 242 -48.26 48.14 21.70
CA ASN E 242 -49.10 49.33 21.69
C ASN E 242 -50.34 49.21 22.55
N LEU E 243 -50.39 48.20 23.43
CA LEU E 243 -51.58 47.94 24.22
C LEU E 243 -51.53 48.70 25.55
N ALA E 244 -52.56 49.48 25.83
CA ALA E 244 -52.68 50.13 27.12
C ALA E 244 -52.96 49.09 28.19
N ARG E 245 -52.20 49.13 29.29
CA ARG E 245 -52.20 47.98 30.19
C ARG E 245 -53.41 47.92 31.11
N PRO E 246 -53.88 49.00 31.71
CA PRO E 246 -55.21 48.92 32.32
C PRO E 246 -56.23 48.74 31.21
N ILE E 247 -56.38 47.49 30.76
CA ILE E 247 -56.92 47.18 29.43
C ILE E 247 -58.31 47.77 29.26
N ALA E 248 -58.47 48.59 28.24
CA ALA E 248 -59.76 49.14 27.83
C ALA E 248 -60.11 48.55 26.48
N GLY E 249 -61.20 47.79 26.42
CA GLY E 249 -61.54 47.09 25.21
C GLY E 249 -61.03 45.67 25.26
N THR E 250 -61.93 44.72 25.50
CA THR E 250 -61.49 43.38 25.88
C THR E 250 -61.54 42.41 24.71
N THR E 251 -62.53 42.53 23.84
CA THR E 251 -62.83 41.51 22.86
C THR E 251 -62.57 42.00 21.45
N ASN E 252 -62.06 41.10 20.60
CA ASN E 252 -61.94 41.34 19.18
C ASN E 252 -62.30 40.07 18.44
N PHE E 253 -63.30 40.14 17.57
CA PHE E 253 -63.83 38.98 16.86
C PHE E 253 -64.09 39.38 15.42
N GLY E 254 -63.54 38.62 14.47
CA GLY E 254 -63.69 39.01 13.08
C GLY E 254 -63.10 37.98 12.14
N ILE E 255 -62.92 38.40 10.89
CA ILE E 255 -62.40 37.53 9.84
C ILE E 255 -61.85 38.39 8.70
N ILE E 256 -60.73 37.96 8.13
CA ILE E 256 -60.14 38.56 6.94
C ILE E 256 -59.67 37.42 6.05
N THR E 257 -60.22 37.31 4.84
CA THR E 257 -59.95 36.17 3.99
C THR E 257 -60.21 36.54 2.53
N GLY E 258 -59.73 35.69 1.62
CA GLY E 258 -59.88 35.94 0.19
C GLY E 258 -59.46 34.75 -0.63
N VAL E 259 -59.68 34.84 -1.95
CA VAL E 259 -59.35 33.78 -2.89
C VAL E 259 -58.66 34.37 -4.11
N LEU E 260 -57.78 33.57 -4.72
CA LEU E 260 -57.08 33.92 -5.94
C LEU E 260 -57.23 32.77 -6.93
N SER E 261 -57.10 33.08 -8.22
CA SER E 261 -57.32 32.08 -9.26
C SER E 261 -56.33 32.27 -10.40
N THR E 262 -56.25 31.25 -11.25
CA THR E 262 -55.42 31.24 -12.43
C THR E 262 -56.18 30.57 -13.57
N ILE E 263 -55.98 31.05 -14.80
CA ILE E 263 -56.69 30.55 -15.98
C ILE E 263 -55.71 29.88 -16.91
N ASN E 264 -56.06 28.68 -17.37
CA ASN E 264 -55.20 27.84 -18.20
C ASN E 264 -55.93 27.49 -19.48
N PHE E 265 -55.29 27.70 -20.64
CA PHE E 265 -55.81 27.22 -21.91
C PHE E 265 -54.68 26.72 -22.82
N ALA E 266 -53.75 25.94 -22.29
CA ALA E 266 -52.60 25.46 -23.05
C ALA E 266 -52.94 24.19 -23.80
N LEU E 267 -52.38 24.02 -25.00
CA LEU E 267 -52.74 22.91 -25.87
C LEU E 267 -51.62 22.67 -26.88
N SER E 268 -51.15 21.43 -26.98
CA SER E 268 -49.97 21.12 -27.79
C SER E 268 -50.04 19.73 -28.39
N ASN E 269 -49.37 19.56 -29.53
CA ASN E 269 -49.25 18.28 -30.21
C ASN E 269 -47.79 18.09 -30.61
N GLY E 270 -47.41 16.85 -30.83
CA GLY E 270 -46.06 16.55 -31.25
C GLY E 270 -45.99 15.25 -32.04
N ASP E 271 -45.28 15.27 -33.16
CA ASP E 271 -45.06 14.07 -33.97
C ASP E 271 -43.59 13.94 -34.28
N ALA E 272 -43.09 12.72 -34.29
CA ALA E 272 -41.72 12.47 -34.71
C ALA E 272 -41.65 11.15 -35.45
N TYR E 273 -40.90 11.13 -36.54
CA TYR E 273 -40.73 9.96 -37.38
C TYR E 273 -39.27 9.69 -37.62
N LEU E 274 -38.90 8.42 -37.81
CA LEU E 274 -37.56 8.14 -38.30
C LEU E 274 -37.50 6.76 -38.91
N ILE E 275 -36.65 6.64 -39.94
CA ILE E 275 -36.26 5.36 -40.52
C ILE E 275 -34.74 5.34 -40.62
N ALA E 276 -34.14 4.23 -40.21
CA ALA E 276 -32.72 4.02 -40.40
C ALA E 276 -32.55 2.73 -41.19
N ASN E 277 -31.77 2.79 -42.26
CA ASN E 277 -31.61 1.67 -43.17
C ASN E 277 -30.15 1.40 -43.42
N PRO E 278 -29.44 0.85 -42.44
CA PRO E 278 -28.03 0.49 -42.65
C PRO E 278 -27.89 -0.85 -43.34
N GLN E 279 -26.80 -1.03 -44.06
CA GLN E 279 -26.53 -2.27 -44.77
C GLN E 279 -25.05 -2.61 -44.66
N LEU E 280 -24.73 -3.89 -44.49
CA LEU E 280 -23.36 -4.34 -44.34
C LEU E 280 -23.08 -5.54 -45.24
N SER E 281 -21.79 -5.85 -45.34
CA SER E 281 -21.32 -7.06 -45.98
C SER E 281 -20.29 -7.72 -45.08
N ALA E 282 -20.27 -9.04 -45.06
CA ALA E 282 -19.31 -9.76 -44.23
C ALA E 282 -19.13 -11.17 -44.73
N ARG E 283 -17.91 -11.67 -44.66
CA ARG E 283 -17.66 -13.05 -45.07
C ARG E 283 -18.08 -14.01 -43.96
N SER E 284 -18.39 -15.23 -44.35
CA SER E 284 -18.83 -16.24 -43.39
C SER E 284 -17.72 -16.56 -42.41
N GLY E 285 -18.05 -16.56 -41.13
CA GLY E 285 -17.07 -16.79 -40.11
C GLY E 285 -16.31 -15.56 -39.66
N GLY E 286 -16.58 -14.40 -40.25
CA GLY E 286 -15.96 -13.17 -39.84
C GLY E 286 -16.93 -12.29 -39.09
N ARG E 287 -16.56 -11.02 -38.97
CA ARG E 287 -17.38 -10.06 -38.25
C ARG E 287 -17.22 -8.70 -38.90
N THR E 288 -18.32 -7.92 -38.93
CA THR E 288 -18.23 -6.55 -39.40
C THR E 288 -18.96 -5.62 -38.45
N ASP E 289 -18.35 -4.47 -38.18
CA ASP E 289 -18.90 -3.43 -37.31
C ASP E 289 -19.04 -2.15 -38.09
N PHE E 290 -20.12 -1.43 -37.85
CA PHE E 290 -20.41 -0.18 -38.56
C PHE E 290 -20.94 0.84 -37.57
N LEU E 291 -20.47 2.08 -37.70
CA LEU E 291 -20.89 3.18 -36.84
C LEU E 291 -21.04 4.44 -37.65
N ALA E 292 -22.22 5.02 -37.65
CA ALA E 292 -22.48 6.30 -38.30
C ALA E 292 -23.07 7.23 -37.25
N GLY E 293 -22.29 8.19 -36.79
CA GLY E 293 -22.69 8.93 -35.63
C GLY E 293 -21.59 9.80 -35.07
N GLY E 294 -21.30 9.66 -33.79
CA GLY E 294 -20.27 10.48 -33.19
C GLY E 294 -19.76 9.89 -31.90
N GLN E 295 -18.81 10.59 -31.30
CA GLN E 295 -18.25 10.27 -30.00
C GLN E 295 -18.28 11.52 -29.13
N VAL E 296 -18.59 11.33 -27.85
CA VAL E 296 -18.63 12.45 -26.91
C VAL E 296 -17.70 12.17 -25.75
N PRO E 297 -17.11 13.20 -25.13
CA PRO E 297 -16.15 12.97 -24.04
C PRO E 297 -16.87 12.75 -22.72
N ILE E 298 -16.41 11.75 -21.97
CA ILE E 298 -17.00 11.36 -20.69
C ILE E 298 -15.89 11.32 -19.65
N LEU E 299 -16.15 11.92 -18.50
CA LEU E 299 -15.15 12.09 -17.43
C LEU E 299 -15.29 10.97 -16.41
N GLN E 300 -14.63 9.85 -16.68
CA GLN E 300 -14.69 8.70 -15.80
C GLN E 300 -13.28 8.22 -15.51
N ALA E 301 -13.02 7.84 -14.26
CA ALA E 301 -11.68 7.45 -13.85
C ALA E 301 -11.78 6.47 -12.69
N LEU E 302 -10.70 5.71 -12.50
CA LEU E 302 -10.64 4.77 -11.40
C LEU E 302 -10.52 5.50 -10.07
N ALA E 303 -11.32 5.07 -9.09
CA ALA E 303 -11.21 5.55 -7.72
C ALA E 303 -11.50 7.04 -7.62
N ALA E 304 -11.18 7.63 -6.46
CA ALA E 304 -11.22 9.07 -6.23
C ALA E 304 -12.63 9.63 -6.18
N GLY E 305 -12.74 10.90 -5.79
CA GLY E 305 -14.03 11.53 -5.61
C GLY E 305 -13.97 13.04 -5.59
N GLN E 310 -8.51 14.28 -14.64
CA GLN E 310 -9.03 12.92 -14.54
C GLN E 310 -8.72 12.07 -15.75
N ASN E 311 -9.52 11.04 -15.95
CA ASN E 311 -9.46 10.20 -17.14
C ASN E 311 -10.61 10.57 -18.04
N VAL E 312 -10.33 10.78 -19.32
CA VAL E 312 -11.35 11.11 -20.32
C VAL E 312 -11.49 9.94 -21.28
N THR E 313 -12.69 9.39 -21.38
CA THR E 313 -12.99 8.38 -22.37
C THR E 313 -14.00 8.94 -23.35
N TYR E 314 -14.33 8.16 -24.37
CA TYR E 314 -15.25 8.61 -25.40
C TYR E 314 -16.37 7.58 -25.58
N LYS E 315 -17.60 8.07 -25.64
CA LYS E 315 -18.77 7.23 -25.81
C LYS E 315 -19.37 7.43 -27.19
N ASP E 316 -19.71 6.33 -27.85
CA ASP E 316 -20.25 6.34 -29.20
C ASP E 316 -21.76 6.48 -29.18
N TYR E 317 -22.30 7.29 -30.08
CA TYR E 317 -23.73 7.39 -30.28
C TYR E 317 -24.00 7.47 -31.77
N GLY E 318 -25.25 7.23 -32.16
CA GLY E 318 -25.61 7.22 -33.56
C GLY E 318 -26.25 5.91 -33.95
N ILE E 319 -25.92 5.44 -35.13
CA ILE E 319 -26.40 4.18 -35.66
C ILE E 319 -25.26 3.19 -35.63
N LYS E 320 -25.45 2.09 -34.90
CA LYS E 320 -24.40 1.09 -34.72
C LYS E 320 -24.93 -0.27 -35.12
N LEU E 321 -24.09 -1.02 -35.82
CA LEU E 321 -24.42 -2.34 -36.31
C LEU E 321 -23.25 -3.27 -36.10
N GLU E 322 -23.54 -4.51 -35.72
CA GLU E 322 -22.53 -5.57 -35.69
C GLU E 322 -23.12 -6.85 -36.23
N PHE E 323 -22.37 -7.53 -37.09
CA PHE E 323 -22.86 -8.69 -37.82
C PHE E 323 -21.84 -9.82 -37.74
N GLU E 324 -22.29 -11.01 -37.34
CA GLU E 324 -21.44 -12.19 -37.27
C GLU E 324 -22.11 -13.41 -37.89
N PRO E 325 -21.96 -13.62 -39.20
CA PRO E 325 -22.69 -14.69 -39.88
C PRO E 325 -21.94 -16.00 -40.04
N ARG E 326 -22.70 -17.08 -40.25
CA ARG E 326 -22.18 -18.39 -40.59
C ARG E 326 -23.16 -19.05 -41.55
N VAL E 327 -22.65 -19.74 -42.56
CA VAL E 327 -23.45 -20.18 -43.69
C VAL E 327 -23.34 -21.68 -43.87
N ASP E 328 -24.47 -22.32 -44.14
CA ASP E 328 -24.56 -23.75 -44.39
C ASP E 328 -24.40 -24.07 -45.87
N ASP E 329 -24.47 -25.37 -46.20
CA ASP E 329 -24.41 -25.79 -47.59
C ASP E 329 -25.69 -25.53 -48.34
N ASP E 330 -26.80 -25.25 -47.64
CA ASP E 330 -28.06 -24.89 -48.26
C ASP E 330 -28.30 -23.40 -48.23
N ASN E 331 -27.28 -22.61 -47.93
CA ASN E 331 -27.34 -21.16 -47.82
C ASN E 331 -28.20 -20.70 -46.66
N ASN E 332 -28.50 -21.55 -45.70
CA ASN E 332 -29.08 -21.09 -44.45
C ASN E 332 -28.05 -20.29 -43.67
N VAL E 333 -28.50 -19.23 -43.01
CA VAL E 333 -27.61 -18.30 -42.34
C VAL E 333 -27.94 -18.31 -40.85
N SER E 334 -26.95 -18.62 -40.03
CA SER E 334 -27.02 -18.48 -38.59
C SER E 334 -26.20 -17.26 -38.18
N MET E 335 -26.84 -16.33 -37.48
CA MET E 335 -26.25 -15.01 -37.31
C MET E 335 -26.51 -14.48 -35.92
N ARG E 336 -25.58 -13.65 -35.46
CA ARG E 336 -25.77 -12.75 -34.34
C ARG E 336 -25.69 -11.33 -34.84
N VAL E 337 -26.68 -10.52 -34.49
CA VAL E 337 -26.76 -9.15 -34.98
C VAL E 337 -27.05 -8.23 -33.82
N LEU E 338 -26.35 -7.11 -33.78
CA LEU E 338 -26.64 -6.04 -32.84
C LEU E 338 -27.00 -4.79 -33.62
N ALA E 339 -28.19 -4.26 -33.38
CA ALA E 339 -28.68 -3.05 -34.04
C ALA E 339 -29.03 -2.04 -32.97
N ASP E 340 -28.46 -0.84 -33.07
CA ASP E 340 -28.63 0.16 -32.02
C ASP E 340 -28.76 1.54 -32.64
N VAL E 341 -29.69 2.34 -32.11
CA VAL E 341 -29.89 3.71 -32.55
C VAL E 341 -30.04 4.58 -31.33
N SER E 342 -29.10 5.48 -31.10
CA SER E 342 -29.11 6.31 -29.90
C SER E 342 -28.79 7.76 -30.23
N ASP E 343 -29.64 8.66 -29.74
CA ASP E 343 -29.48 10.09 -29.95
C ASP E 343 -29.26 10.78 -28.61
N ILE E 344 -28.71 11.99 -28.66
CA ILE E 344 -28.53 12.77 -27.45
C ILE E 344 -29.85 13.42 -27.05
N ASP E 345 -30.16 13.38 -25.76
CA ASP E 345 -31.40 13.94 -25.22
C ASP E 345 -31.06 15.07 -24.25
N PRO E 346 -31.48 16.31 -24.53
CA PRO E 346 -31.17 17.40 -23.61
C PRO E 346 -31.89 17.29 -22.28
N ALA E 347 -33.00 16.55 -22.24
CA ALA E 347 -33.84 16.52 -21.05
C ALA E 347 -33.12 15.90 -19.87
N THR E 348 -32.33 14.85 -20.09
CA THR E 348 -31.72 14.13 -19.00
C THR E 348 -30.22 14.36 -18.89
N SER E 349 -29.72 15.45 -19.46
CA SER E 349 -28.30 15.77 -19.38
C SER E 349 -28.02 16.61 -18.14
N VAL E 350 -26.93 16.30 -17.46
CA VAL E 350 -26.54 16.99 -16.23
C VAL E 350 -25.40 17.94 -16.54
N SER E 351 -25.24 18.96 -15.70
CA SER E 351 -24.27 20.01 -16.00
C SER E 351 -22.92 19.74 -15.33
N LEU E 352 -22.92 19.08 -14.18
CA LEU E 352 -21.71 18.89 -13.36
C LEU E 352 -21.17 20.29 -13.05
N ASN E 353 -19.90 20.58 -13.31
CA ASN E 353 -19.37 21.92 -13.06
C ASN E 353 -19.51 22.78 -14.31
N GLY E 354 -18.82 22.37 -15.37
CA GLY E 354 -19.02 22.92 -16.69
C GLY E 354 -18.91 21.80 -17.69
N PHE E 355 -18.54 20.63 -17.16
CA PHE E 355 -18.38 19.41 -17.95
C PHE E 355 -19.75 18.80 -18.15
N THR E 356 -20.47 19.27 -19.16
CA THR E 356 -21.78 18.72 -19.46
C THR E 356 -21.68 17.23 -19.77
N VAL E 357 -22.54 16.45 -19.13
CA VAL E 357 -22.62 15.01 -19.35
C VAL E 357 -23.99 14.72 -19.93
N PRO E 358 -24.09 14.10 -21.09
CA PRO E 358 -25.37 13.98 -21.78
C PRO E 358 -26.10 12.70 -21.45
N GLY E 359 -27.40 12.69 -21.75
CA GLY E 359 -28.20 11.49 -21.71
C GLY E 359 -28.62 11.11 -23.11
N PHE E 360 -29.15 9.90 -23.25
CA PHE E 360 -29.45 9.37 -24.56
C PHE E 360 -30.84 8.77 -24.63
N ILE E 361 -31.40 8.80 -25.82
CA ILE E 361 -32.60 8.05 -26.21
C ILE E 361 -32.11 6.90 -27.07
N THR E 362 -32.28 5.68 -26.59
CA THR E 362 -31.71 4.51 -27.26
C THR E 362 -32.80 3.51 -27.63
N ARG E 363 -32.59 2.84 -28.75
CA ARG E 363 -33.37 1.68 -29.16
C ARG E 363 -32.38 0.62 -29.59
N ARG E 364 -32.33 -0.47 -28.85
CA ARG E 364 -31.26 -1.45 -29.00
C ARG E 364 -31.85 -2.84 -29.12
N SER E 365 -31.21 -3.69 -29.90
CA SER E 365 -31.64 -5.07 -30.00
C SER E 365 -30.45 -5.95 -30.37
N ASN E 366 -30.21 -6.98 -29.56
CA ASN E 366 -29.11 -7.90 -29.72
C ASN E 366 -29.69 -9.30 -29.87
N ALA E 367 -29.65 -9.85 -31.07
CA ALA E 367 -30.41 -11.05 -31.36
C ALA E 367 -29.53 -12.15 -31.93
N GLU E 368 -29.89 -13.39 -31.62
CA GLU E 368 -29.27 -14.58 -32.16
C GLU E 368 -30.34 -15.37 -32.89
N ILE E 369 -30.18 -15.57 -34.20
CA ILE E 369 -31.22 -16.21 -35.00
C ILE E 369 -30.59 -17.08 -36.07
N ASN E 370 -31.42 -17.85 -36.75
CA ASN E 370 -31.04 -18.53 -37.98
C ASN E 370 -32.22 -18.54 -38.93
N VAL E 371 -31.98 -18.14 -40.18
CA VAL E 371 -33.03 -18.05 -41.18
C VAL E 371 -32.55 -18.70 -42.47
N GLY E 372 -33.49 -18.90 -43.38
CA GLY E 372 -33.15 -19.31 -44.71
C GLY E 372 -32.68 -18.14 -45.55
N ASP E 373 -32.18 -18.45 -46.74
CA ASP E 373 -31.57 -17.44 -47.59
C ASP E 373 -32.61 -16.44 -48.09
N GLY E 374 -32.34 -15.16 -47.83
CA GLY E 374 -33.17 -14.10 -48.36
C GLY E 374 -34.50 -13.88 -47.67
N GLN E 375 -34.67 -14.40 -46.46
CA GLN E 375 -35.93 -14.27 -45.74
C GLN E 375 -35.87 -13.12 -44.74
N THR E 376 -37.00 -12.46 -44.56
CA THR E 376 -37.10 -11.31 -43.68
C THR E 376 -37.65 -11.73 -42.32
N MET E 377 -36.93 -11.38 -41.27
CA MET E 377 -37.34 -11.66 -39.91
C MET E 377 -37.42 -10.36 -39.12
N VAL E 378 -38.41 -10.26 -38.26
CA VAL E 378 -38.49 -9.17 -37.31
C VAL E 378 -37.85 -9.63 -36.02
N ILE E 379 -36.91 -8.85 -35.49
CA ILE E 379 -36.26 -9.21 -34.24
C ILE E 379 -36.73 -8.37 -33.08
N SER E 380 -37.62 -7.40 -33.30
CA SER E 380 -38.14 -6.59 -32.21
C SER E 380 -39.25 -5.69 -32.73
N GLY E 381 -40.27 -5.51 -31.90
CA GLY E 381 -41.36 -4.61 -32.19
C GLY E 381 -41.90 -4.05 -30.89
N LEU E 382 -42.71 -3.02 -30.99
CA LEU E 382 -43.26 -2.40 -29.80
C LEU E 382 -44.41 -1.48 -30.15
N VAL E 383 -45.51 -1.59 -29.40
CA VAL E 383 -46.58 -0.62 -29.37
C VAL E 383 -46.75 -0.20 -27.92
N ASN E 384 -46.80 1.11 -27.66
CA ASN E 384 -46.76 1.61 -26.29
C ASN E 384 -47.60 2.86 -26.09
N PRO E 385 -48.92 2.72 -25.95
CA PRO E 385 -49.74 3.88 -25.60
C PRO E 385 -49.77 4.16 -24.10
N LYS E 386 -49.89 5.45 -23.75
CA LYS E 386 -49.94 5.87 -22.36
C LYS E 386 -50.81 7.12 -22.23
N THR E 387 -51.47 7.27 -21.09
CA THR E 387 -52.43 8.35 -20.89
C THR E 387 -52.53 8.68 -19.40
N ALA E 388 -52.71 9.96 -19.09
CA ALA E 388 -52.81 10.38 -17.70
C ALA E 388 -53.63 11.65 -17.59
N LYS E 389 -54.52 11.69 -16.61
CA LYS E 389 -55.37 12.85 -16.38
C LYS E 389 -55.40 13.20 -14.90
N ASN E 390 -55.37 14.50 -14.60
CA ASN E 390 -55.49 15.00 -13.24
C ASN E 390 -56.50 16.13 -13.22
N VAL E 391 -57.33 16.17 -12.20
CA VAL E 391 -58.39 17.17 -12.09
C VAL E 391 -58.40 17.74 -10.68
N SER E 392 -58.57 19.05 -10.57
CA SER E 392 -58.72 19.71 -9.28
C SER E 392 -59.97 20.57 -9.31
N LYS E 393 -60.81 20.44 -8.30
CA LYS E 393 -62.13 21.05 -8.37
C LYS E 393 -62.52 21.63 -7.03
N LEU E 394 -63.45 22.56 -7.07
CA LEU E 394 -64.16 22.96 -5.88
C LEU E 394 -65.26 21.94 -5.59
N PRO E 395 -65.62 21.75 -4.32
CA PRO E 395 -66.42 20.56 -3.96
C PRO E 395 -67.72 20.39 -4.73
N TRP E 396 -68.63 21.35 -4.69
CA TRP E 396 -69.91 21.16 -5.35
C TRP E 396 -70.03 21.91 -6.66
N LEU E 397 -69.34 23.03 -6.81
CA LEU E 397 -69.46 23.82 -8.03
C LEU E 397 -68.80 23.13 -9.22
N GLY E 398 -67.81 22.28 -8.97
CA GLY E 398 -67.04 21.73 -10.05
C GLY E 398 -67.81 20.71 -10.88
N ASP E 399 -68.88 20.16 -10.33
CA ASP E 399 -69.64 19.14 -11.03
C ASP E 399 -70.77 19.70 -11.90
N ILE E 400 -70.97 21.01 -11.91
CA ILE E 400 -72.04 21.57 -12.73
C ILE E 400 -71.69 21.38 -14.20
N PRO E 401 -72.61 20.93 -15.05
CA PRO E 401 -72.28 20.71 -16.47
C PRO E 401 -71.91 22.02 -17.16
N ILE E 402 -70.90 21.95 -18.03
CA ILE E 402 -70.40 23.07 -18.83
C ILE E 402 -69.85 24.16 -17.94
N LEU E 403 -70.70 24.75 -17.08
CA LEU E 403 -70.25 25.82 -16.21
C LEU E 403 -69.18 25.37 -15.23
N GLY E 404 -69.11 24.08 -14.93
CA GLY E 404 -68.17 23.60 -13.95
C GLY E 404 -66.73 23.88 -14.28
N ASN E 405 -66.42 24.11 -15.55
CA ASN E 405 -65.05 24.43 -15.92
C ASN E 405 -64.59 25.75 -15.35
N LEU E 406 -65.51 26.60 -14.88
CA LEU E 406 -65.10 27.81 -14.19
C LEU E 406 -64.56 27.52 -12.80
N PHE E 407 -64.78 26.32 -12.28
CA PHE E 407 -64.31 25.96 -10.96
C PHE E 407 -63.47 24.68 -10.96
N LYS E 408 -62.96 24.28 -12.10
CA LYS E 408 -62.28 23.01 -12.29
C LYS E 408 -61.07 23.22 -13.18
N SER E 409 -59.97 22.55 -12.86
CA SER E 409 -58.75 22.64 -13.65
C SER E 409 -58.30 21.24 -14.03
N THR E 410 -58.00 21.03 -15.31
CA THR E 410 -57.70 19.71 -15.83
C THR E 410 -56.36 19.72 -16.55
N ASN E 411 -55.55 18.71 -16.27
CA ASN E 411 -54.32 18.45 -16.99
C ASN E 411 -54.43 17.07 -17.63
N PHE E 412 -54.10 16.98 -18.92
CA PHE E 412 -54.28 15.74 -19.67
C PHE E 412 -53.07 15.51 -20.57
N GLN E 413 -52.57 14.29 -20.59
CA GLN E 413 -51.46 13.91 -21.45
C GLN E 413 -51.76 12.57 -22.08
N SER E 414 -51.43 12.41 -23.36
CA SER E 414 -51.58 11.11 -24.00
C SER E 414 -50.50 10.97 -25.04
N GLY E 415 -50.12 9.73 -25.34
CA GLY E 415 -49.09 9.54 -26.34
C GLY E 415 -48.94 8.08 -26.72
N ASN E 416 -48.17 7.86 -27.78
CA ASN E 416 -47.97 6.52 -28.29
C ASN E 416 -46.64 6.43 -29.02
N THR E 417 -46.03 5.24 -28.96
CA THR E 417 -44.80 4.93 -29.68
C THR E 417 -44.95 3.61 -30.41
N ASP E 418 -44.53 3.58 -31.67
CA ASP E 418 -44.44 2.38 -32.48
C ASP E 418 -43.00 2.17 -32.90
N LEU E 419 -42.55 0.92 -32.89
CA LEU E 419 -41.17 0.62 -33.23
C LEU E 419 -41.07 -0.75 -33.87
N VAL E 420 -40.34 -0.88 -34.98
CA VAL E 420 -40.12 -2.17 -35.63
C VAL E 420 -38.67 -2.25 -36.10
N ILE E 421 -38.05 -3.42 -35.92
CA ILE E 421 -36.69 -3.70 -36.36
C ILE E 421 -36.68 -5.01 -37.12
N LEU E 422 -36.24 -4.99 -38.38
CA LEU E 422 -36.21 -6.22 -39.18
C LEU E 422 -34.92 -6.33 -39.98
N VAL E 423 -34.52 -7.56 -40.26
CA VAL E 423 -33.26 -7.85 -40.94
C VAL E 423 -33.50 -8.82 -42.08
N THR E 424 -32.61 -8.80 -43.06
CA THR E 424 -32.67 -9.67 -44.23
C THR E 424 -31.26 -10.09 -44.61
N PRO E 425 -30.92 -11.35 -44.50
CA PRO E 425 -29.62 -11.81 -44.98
C PRO E 425 -29.70 -12.39 -46.38
N ARG E 426 -28.62 -12.30 -47.13
CA ARG E 426 -28.54 -12.86 -48.47
C ARG E 426 -27.12 -13.33 -48.71
N VAL E 427 -26.97 -14.39 -49.50
CA VAL E 427 -25.66 -14.89 -49.88
C VAL E 427 -25.33 -14.31 -51.24
N VAL E 428 -24.27 -13.50 -51.30
CA VAL E 428 -24.03 -12.62 -52.43
C VAL E 428 -22.65 -12.87 -53.00
N SER E 429 -22.34 -12.13 -54.06
CA SER E 429 -20.99 -11.97 -54.57
C SER E 429 -20.85 -10.51 -54.97
N ALA E 430 -19.77 -10.20 -55.69
CA ALA E 430 -19.60 -8.83 -56.14
C ALA E 430 -20.62 -8.47 -57.21
N ALA E 431 -21.05 -9.44 -58.00
CA ALA E 431 -21.97 -9.18 -59.09
C ALA E 431 -23.43 -9.20 -58.67
N SER E 432 -23.72 -9.44 -57.40
CA SER E 432 -25.09 -9.60 -56.95
C SER E 432 -25.81 -8.26 -56.91
N LEU E 433 -27.14 -8.35 -56.86
CA LEU E 433 -27.98 -7.17 -57.06
C LEU E 433 -27.76 -6.11 -55.98
N GLU E 434 -27.61 -6.52 -54.72
CA GLU E 434 -27.47 -5.56 -53.64
C GLU E 434 -26.20 -4.73 -53.78
N ASN E 435 -25.09 -5.39 -54.09
CA ASN E 435 -23.84 -4.68 -54.33
C ASN E 435 -23.98 -3.70 -55.48
N ILE E 436 -24.63 -4.12 -56.57
CA ILE E 436 -24.76 -3.27 -57.74
C ILE E 436 -25.61 -2.04 -57.42
N ARG E 437 -26.69 -2.23 -56.67
CA ARG E 437 -27.52 -1.08 -56.33
C ARG E 437 -26.76 -0.07 -55.49
N GLN E 438 -25.97 -0.54 -54.53
CA GLN E 438 -25.21 0.42 -53.74
C GLN E 438 -24.13 1.11 -54.57
N VAL E 439 -23.51 0.40 -55.52
CA VAL E 439 -22.52 1.03 -56.38
C VAL E 439 -23.15 2.11 -57.25
N SER E 440 -24.32 1.83 -57.84
CA SER E 440 -24.99 2.84 -58.63
C SER E 440 -25.44 4.02 -57.78
N GLN E 441 -25.79 3.76 -56.52
CA GLN E 441 -26.09 4.87 -55.62
C GLN E 441 -24.87 5.76 -55.41
N ALA E 442 -23.70 5.16 -55.24
CA ALA E 442 -22.48 5.95 -55.10
C ALA E 442 -22.23 6.79 -56.33
N VAL E 443 -22.42 6.20 -57.51
CA VAL E 443 -22.19 6.96 -58.75
C VAL E 443 -23.14 8.16 -58.82
N GLU E 444 -24.41 7.94 -58.48
CA GLU E 444 -25.36 9.06 -58.48
C GLU E 444 -24.96 10.14 -57.49
N MET E 445 -24.50 9.76 -56.30
CA MET E 445 -24.08 10.76 -55.33
C MET E 445 -22.92 11.59 -55.86
N LYS E 446 -21.94 10.94 -56.50
CA LYS E 446 -20.83 11.68 -57.07
C LYS E 446 -21.30 12.65 -58.15
N ASP E 447 -22.21 12.18 -59.02
CA ASP E 447 -22.69 13.04 -60.09
C ASP E 447 -23.41 14.26 -59.55
N GLU E 448 -24.24 14.07 -58.52
CA GLU E 448 -24.93 15.19 -57.91
C GLU E 448 -23.96 16.20 -57.33
N TYR E 449 -22.97 15.72 -56.58
CA TYR E 449 -21.94 16.62 -56.08
C TYR E 449 -21.30 17.41 -57.21
N ARG E 450 -20.91 16.72 -58.29
CA ARG E 450 -20.28 17.41 -59.39
C ARG E 450 -21.19 18.51 -59.95
N ASN E 451 -22.48 18.23 -60.06
CA ASN E 451 -23.37 19.20 -60.69
C ASN E 451 -23.67 20.39 -59.79
N THR E 452 -23.42 20.30 -58.49
CA THR E 452 -23.60 21.49 -57.67
C THR E 452 -22.56 22.57 -57.97
N LEU E 453 -21.33 22.16 -58.28
CA LEU E 453 -20.21 23.08 -58.30
C LEU E 453 -20.15 23.88 -59.61
N PRO E 454 -19.53 25.06 -59.58
CA PRO E 454 -19.34 25.82 -60.82
C PRO E 454 -18.41 25.09 -61.77
N LYS E 455 -18.56 25.38 -63.06
CA LYS E 455 -17.88 24.59 -64.09
C LYS E 455 -16.36 24.69 -63.98
N GLY E 456 -15.84 25.88 -63.71
CA GLY E 456 -14.41 26.07 -63.70
C GLY E 456 -13.69 25.81 -62.40
N SER E 457 -14.39 25.31 -61.38
CA SER E 457 -13.79 25.21 -60.05
C SER E 457 -12.73 24.12 -59.99
N THR E 458 -11.82 24.26 -59.02
CA THR E 458 -10.83 23.22 -58.77
C THR E 458 -11.43 22.08 -57.97
N THR E 459 -12.38 22.38 -57.09
CA THR E 459 -13.07 21.33 -56.37
C THR E 459 -13.80 20.40 -57.32
N ARG E 460 -14.29 20.93 -58.43
CA ARG E 460 -14.92 20.09 -59.44
C ARG E 460 -13.92 19.13 -60.06
N ASP E 461 -12.69 19.59 -60.30
CA ASP E 461 -11.66 18.68 -60.80
C ASP E 461 -11.34 17.60 -59.78
N ALA E 462 -11.30 17.96 -58.50
CA ALA E 462 -11.07 16.96 -57.48
C ALA E 462 -12.17 15.91 -57.48
N VAL E 463 -13.43 16.35 -57.59
CA VAL E 463 -14.54 15.40 -57.63
C VAL E 463 -14.44 14.52 -58.87
N ASP E 464 -14.04 15.10 -59.99
CA ASP E 464 -13.88 14.30 -61.21
C ASP E 464 -12.77 13.26 -61.06
N ARG E 465 -11.80 13.51 -60.18
CA ARG E 465 -10.72 12.54 -60.05
C ARG E 465 -11.08 11.37 -59.15
N THR E 466 -12.13 11.47 -58.36
CA THR E 466 -12.46 10.41 -57.41
C THR E 466 -13.21 9.27 -58.09
N LEU E 467 -13.36 8.17 -57.35
CA LEU E 467 -14.17 7.03 -57.75
C LEU E 467 -13.79 6.53 -59.14
N GLY E 468 -12.50 6.34 -59.36
CA GLY E 468 -12.00 5.88 -60.64
C GLY E 468 -11.88 4.37 -60.71
N THR F 27 -22.05 -56.43 -53.85
CA THR F 27 -21.27 -57.61 -53.51
C THR F 27 -21.97 -58.43 -52.43
N ILE F 28 -21.27 -59.45 -51.92
CA ILE F 28 -21.85 -60.38 -50.95
C ILE F 28 -20.97 -60.57 -49.73
N ASP F 29 -19.76 -60.01 -49.72
CA ASP F 29 -18.80 -60.26 -48.66
C ASP F 29 -19.43 -60.06 -47.29
N LEU F 30 -19.48 -61.13 -46.52
CA LEU F 30 -20.10 -61.11 -45.19
C LEU F 30 -19.38 -62.19 -44.39
N TYR F 31 -19.93 -62.54 -43.23
CA TYR F 31 -19.46 -63.71 -42.52
C TYR F 31 -19.52 -64.92 -43.44
N ALA F 32 -18.46 -65.73 -43.40
CA ALA F 32 -18.33 -66.83 -44.34
C ALA F 32 -19.55 -67.74 -44.29
N GLY F 33 -20.06 -68.08 -45.47
CA GLY F 33 -21.28 -68.85 -45.59
C GLY F 33 -22.53 -68.03 -45.83
N GLN F 34 -22.39 -66.74 -46.10
CA GLN F 34 -23.56 -65.90 -46.36
C GLN F 34 -24.18 -66.27 -47.70
N VAL F 35 -25.51 -66.40 -47.71
CA VAL F 35 -26.27 -66.68 -48.92
C VAL F 35 -27.08 -65.43 -49.27
N ARG F 36 -27.16 -65.12 -50.56
CA ARG F 36 -27.87 -63.96 -51.03
C ARG F 36 -28.61 -64.28 -52.32
N VAL F 37 -29.81 -63.73 -52.45
CA VAL F 37 -30.65 -63.92 -53.64
C VAL F 37 -30.84 -62.58 -54.32
N ILE F 38 -30.47 -62.51 -55.59
CA ILE F 38 -30.56 -61.29 -56.38
C ILE F 38 -31.46 -61.55 -57.58
N PRO F 39 -32.62 -60.89 -57.68
CA PRO F 39 -33.47 -61.08 -58.86
C PRO F 39 -32.92 -60.35 -60.08
N THR F 40 -32.78 -61.08 -61.18
CA THR F 40 -32.27 -60.50 -62.41
C THR F 40 -33.11 -61.03 -63.57
N LYS F 41 -32.67 -60.70 -64.79
CA LYS F 41 -33.28 -61.25 -65.98
C LYS F 41 -32.88 -62.71 -66.16
N PRO F 42 -33.61 -63.46 -67.00
CA PRO F 42 -33.29 -64.89 -67.18
C PRO F 42 -31.82 -65.14 -67.48
N VAL F 43 -31.23 -66.04 -66.71
CA VAL F 43 -29.82 -66.40 -66.84
C VAL F 43 -29.72 -67.92 -66.92
N LYS F 44 -28.80 -68.41 -67.75
CA LYS F 44 -28.61 -69.84 -67.91
C LYS F 44 -28.11 -70.48 -66.62
N ARG F 45 -27.16 -69.85 -65.95
CA ARG F 45 -26.55 -70.39 -64.74
C ARG F 45 -25.83 -69.24 -64.04
N VAL F 46 -25.30 -69.54 -62.86
CA VAL F 46 -24.44 -68.62 -62.14
C VAL F 46 -23.18 -69.37 -61.71
N ALA F 47 -22.02 -68.86 -62.07
CA ALA F 47 -20.75 -69.52 -61.81
C ALA F 47 -19.77 -68.53 -61.21
N ILE F 48 -18.69 -69.07 -60.64
CA ILE F 48 -17.68 -68.30 -59.93
C ILE F 48 -16.31 -68.65 -60.49
N GLY F 49 -15.43 -67.65 -60.61
CA GLY F 49 -14.10 -67.89 -61.15
C GLY F 49 -13.29 -68.88 -60.33
N ASP F 50 -13.34 -68.73 -59.00
CA ASP F 50 -12.64 -69.64 -58.09
C ASP F 50 -13.66 -70.48 -57.36
N GLY F 51 -13.51 -71.81 -57.46
CA GLY F 51 -14.47 -72.71 -56.83
C GLY F 51 -14.45 -72.60 -55.31
N LYS F 52 -13.26 -72.48 -54.73
CA LYS F 52 -13.15 -72.44 -53.27
C LYS F 52 -13.83 -71.21 -52.69
N VAL F 53 -13.60 -70.05 -53.31
CA VAL F 53 -14.03 -68.78 -52.71
C VAL F 53 -15.55 -68.72 -52.61
N LEU F 54 -16.25 -69.13 -53.66
CA LEU F 54 -17.69 -68.89 -53.71
C LEU F 54 -18.38 -69.93 -54.57
N SER F 55 -19.62 -70.24 -54.21
CA SER F 55 -20.47 -71.17 -54.93
C SER F 55 -21.78 -70.48 -55.30
N THR F 56 -22.36 -70.84 -56.45
CA THR F 56 -23.53 -70.17 -56.97
C THR F 56 -24.48 -71.15 -57.63
N THR F 57 -25.76 -70.79 -57.65
CA THR F 57 -26.82 -71.53 -58.33
C THR F 57 -27.80 -70.53 -58.94
N VAL F 58 -28.55 -70.98 -59.94
CA VAL F 58 -29.58 -70.13 -60.52
C VAL F 58 -30.95 -70.59 -60.02
N VAL F 59 -31.71 -69.65 -59.47
CA VAL F 59 -33.03 -69.92 -58.92
C VAL F 59 -34.06 -69.12 -59.72
N ASP F 60 -35.20 -69.74 -59.98
CA ASP F 60 -36.30 -69.23 -60.80
C ASP F 60 -35.89 -69.15 -62.27
N GLY F 61 -34.66 -69.52 -62.61
CA GLY F 61 -34.16 -69.38 -63.97
C GLY F 61 -33.71 -67.99 -64.32
N ASN F 62 -33.94 -67.01 -63.45
CA ASN F 62 -33.58 -65.63 -63.71
C ASN F 62 -32.72 -65.09 -62.59
N GLU F 63 -33.03 -65.48 -61.36
CA GLU F 63 -32.39 -64.91 -60.19
C GLU F 63 -31.18 -65.72 -59.77
N LEU F 64 -30.32 -65.08 -59.00
CA LEU F 64 -29.07 -65.64 -58.52
C LEU F 64 -29.22 -66.04 -57.07
N LEU F 65 -28.94 -67.30 -56.73
CA LEU F 65 -28.72 -67.71 -55.36
C LEU F 65 -27.22 -67.90 -55.20
N LEU F 66 -26.64 -67.29 -54.19
CA LEU F 66 -25.20 -67.17 -54.08
C LEU F 66 -24.76 -67.50 -52.66
N LEU F 67 -24.05 -68.61 -52.50
CA LEU F 67 -23.48 -69.00 -51.22
C LEU F 67 -22.01 -68.59 -51.23
N GLY F 68 -21.66 -67.63 -50.40
CA GLY F 68 -20.29 -67.18 -50.33
C GLY F 68 -19.48 -68.01 -49.35
N ASP F 69 -18.71 -68.97 -49.89
CA ASP F 69 -17.86 -69.78 -49.03
C ASP F 69 -16.77 -68.93 -48.37
N ALA F 70 -16.33 -67.88 -49.06
CA ALA F 70 -15.39 -66.90 -48.51
C ALA F 70 -14.09 -67.56 -48.05
N GLU F 71 -13.59 -68.51 -48.84
CA GLU F 71 -12.32 -69.13 -48.50
C GLU F 71 -11.17 -68.14 -48.67
N GLY F 72 -11.27 -67.25 -49.65
CA GLY F 72 -10.22 -66.28 -49.90
C GLY F 72 -10.81 -64.96 -50.37
N GLU F 73 -9.92 -63.96 -50.42
CA GLU F 73 -10.31 -62.62 -50.86
C GLU F 73 -9.75 -62.35 -52.24
N THR F 74 -10.64 -62.10 -53.20
CA THR F 74 -10.25 -61.82 -54.57
C THR F 74 -11.45 -61.31 -55.35
N SER F 75 -11.16 -60.75 -56.53
CA SER F 75 -12.22 -60.42 -57.47
C SER F 75 -12.75 -61.68 -58.12
N LEU F 76 -14.00 -61.60 -58.58
CA LEU F 76 -14.69 -62.76 -59.13
C LEU F 76 -15.28 -62.44 -60.49
N ARG F 77 -15.34 -63.47 -61.34
CA ARG F 77 -16.03 -63.42 -62.61
C ARG F 77 -17.24 -64.35 -62.54
N VAL F 78 -18.37 -63.92 -63.08
CA VAL F 78 -19.63 -64.64 -62.96
C VAL F 78 -20.18 -64.89 -64.36
N TRP F 79 -20.61 -66.12 -64.61
CA TRP F 79 -21.10 -66.55 -65.92
C TRP F 79 -22.62 -66.58 -65.92
N PHE F 80 -23.22 -66.10 -67.01
CA PHE F 80 -24.66 -66.15 -67.18
C PHE F 80 -24.98 -66.56 -68.62
N LYS F 81 -26.25 -66.46 -68.97
CA LYS F 81 -26.65 -66.50 -70.37
C LYS F 81 -26.35 -65.17 -71.04
N ASP F 82 -26.83 -64.07 -70.46
CA ASP F 82 -26.46 -62.74 -70.93
C ASP F 82 -24.98 -62.47 -70.71
N GLY F 83 -24.42 -63.00 -69.62
CA GLY F 83 -23.00 -62.89 -69.37
C GLY F 83 -22.54 -61.63 -68.69
N SER F 84 -23.45 -60.79 -68.21
CA SER F 84 -23.05 -59.60 -67.48
C SER F 84 -22.30 -59.98 -66.21
N GLU F 85 -21.17 -59.32 -65.98
CA GLU F 85 -20.27 -59.65 -64.88
C GLU F 85 -20.18 -58.48 -63.92
N ALA F 86 -20.47 -58.73 -62.64
CA ALA F 86 -20.29 -57.77 -61.56
C ALA F 86 -19.23 -58.30 -60.63
N ALA F 87 -18.05 -57.69 -60.64
CA ALA F 87 -16.93 -58.17 -59.84
C ALA F 87 -17.27 -58.06 -58.36
N TYR F 88 -17.00 -59.15 -57.63
CA TYR F 88 -17.29 -59.22 -56.20
C TYR F 88 -15.99 -59.40 -55.43
N ARG F 89 -15.83 -58.62 -54.37
CA ARG F 89 -14.74 -58.78 -53.42
C ARG F 89 -15.31 -59.43 -52.15
N VAL F 90 -14.69 -60.51 -51.72
CA VAL F 90 -15.24 -61.34 -50.65
C VAL F 90 -14.26 -61.35 -49.48
N LEU F 91 -14.76 -61.05 -48.29
CA LEU F 91 -13.97 -61.10 -47.07
C LEU F 91 -14.78 -61.76 -45.97
N VAL F 92 -14.09 -62.46 -45.07
CA VAL F 92 -14.75 -63.12 -43.95
C VAL F 92 -14.92 -62.14 -42.80
N ALA F 93 -16.06 -62.23 -42.13
CA ALA F 93 -16.28 -61.37 -40.97
C ALA F 93 -15.74 -62.05 -39.72
N PRO F 94 -14.78 -61.41 -39.02
CA PRO F 94 -14.24 -61.94 -37.77
C PRO F 94 -15.32 -62.16 -36.71
N VAL F 97 -15.90 -58.32 -41.13
CA VAL F 97 -16.13 -57.05 -41.79
C VAL F 97 -17.50 -57.03 -42.46
N GLY F 98 -17.90 -58.16 -43.07
CA GLY F 98 -19.15 -58.18 -43.79
C GLY F 98 -20.35 -58.25 -42.87
N ARG F 99 -20.32 -59.17 -41.91
CA ARG F 99 -21.40 -59.25 -40.94
C ARG F 99 -21.49 -57.98 -40.12
N ALA F 100 -20.33 -57.44 -39.71
CA ALA F 100 -20.30 -56.19 -38.98
C ALA F 100 -20.87 -55.06 -39.83
N ALA F 101 -20.54 -55.03 -41.12
CA ALA F 101 -21.10 -54.01 -42.00
C ALA F 101 -22.62 -54.14 -42.07
N GLU F 102 -23.13 -55.36 -42.19
CA GLU F 102 -24.57 -55.54 -42.27
C GLU F 102 -25.26 -55.07 -40.99
N GLU F 103 -24.72 -55.45 -39.83
CA GLU F 103 -25.34 -55.07 -38.57
C GLU F 103 -25.26 -53.56 -38.36
N MET F 104 -24.14 -52.95 -38.73
CA MET F 104 -24.03 -51.49 -38.62
C MET F 104 -25.01 -50.80 -39.55
N ARG F 105 -25.18 -51.33 -40.75
CA ARG F 105 -26.14 -50.75 -41.68
C ARG F 105 -27.56 -50.84 -41.12
N GLU F 106 -27.89 -51.96 -40.50
CA GLU F 106 -29.22 -52.11 -39.91
C GLU F 106 -29.43 -51.13 -38.77
N LEU F 107 -28.43 -50.99 -37.88
CA LEU F 107 -28.60 -50.10 -36.75
C LEU F 107 -28.69 -48.64 -37.19
N MET F 108 -27.78 -48.21 -38.07
CA MET F 108 -27.84 -46.87 -38.60
C MET F 108 -29.09 -46.67 -39.46
N GLY F 109 -29.47 -47.69 -40.22
CA GLY F 109 -30.61 -47.60 -41.12
C GLY F 109 -31.92 -47.35 -40.40
N ALA F 115 -28.24 -39.95 -44.09
CA ALA F 115 -27.37 -39.49 -45.15
C ALA F 115 -26.03 -40.22 -45.11
N LYS F 116 -25.84 -40.97 -44.04
CA LYS F 116 -24.63 -41.77 -43.86
C LYS F 116 -24.55 -42.85 -44.92
N ILE F 117 -23.32 -43.17 -45.33
CA ILE F 117 -23.07 -44.19 -46.34
C ILE F 117 -22.09 -45.22 -45.77
N ARG F 118 -22.42 -46.49 -45.96
CA ARG F 118 -21.67 -47.62 -45.42
C ARG F 118 -21.11 -48.43 -46.57
N VAL F 119 -19.79 -48.67 -46.55
CA VAL F 119 -19.17 -49.53 -47.56
C VAL F 119 -18.18 -50.46 -46.91
N VAL F 120 -17.79 -51.51 -47.66
CA VAL F 120 -17.02 -52.60 -47.07
C VAL F 120 -15.52 -52.32 -47.17
N GLY F 121 -15.04 -51.92 -48.33
CA GLY F 121 -13.61 -51.68 -48.52
C GLY F 121 -12.79 -52.86 -48.07
N ASP F 122 -11.72 -52.58 -47.33
CA ASP F 122 -11.04 -53.61 -46.55
C ASP F 122 -11.47 -53.63 -45.10
N HIS F 123 -11.32 -52.52 -44.40
CA HIS F 123 -12.01 -52.29 -43.14
C HIS F 123 -13.30 -51.56 -43.47
N VAL F 124 -14.30 -51.72 -42.61
CA VAL F 124 -15.59 -51.12 -42.90
C VAL F 124 -15.49 -49.60 -42.82
N VAL F 125 -16.07 -48.93 -43.81
CA VAL F 125 -15.92 -47.50 -43.98
C VAL F 125 -17.29 -46.84 -43.86
N VAL F 126 -17.35 -45.74 -43.13
CA VAL F 126 -18.56 -44.93 -43.03
C VAL F 126 -18.22 -43.50 -43.43
N ASP F 127 -19.01 -42.94 -44.34
CA ASP F 127 -18.71 -41.61 -44.83
C ASP F 127 -20.01 -40.82 -45.04
N GLY F 128 -19.92 -39.50 -44.86
CA GLY F 128 -21.06 -38.64 -45.07
C GLY F 128 -20.61 -37.20 -45.04
N LYS F 129 -21.48 -36.32 -45.56
CA LYS F 129 -21.08 -34.93 -45.73
C LYS F 129 -21.49 -34.07 -44.54
N ASN F 130 -22.79 -34.01 -44.23
CA ASN F 130 -23.30 -33.04 -43.29
C ASN F 130 -24.16 -33.75 -42.24
N LEU F 131 -23.62 -34.80 -41.67
CA LEU F 131 -24.38 -35.56 -40.68
C LEU F 131 -24.54 -34.79 -39.39
N ALA F 132 -25.70 -34.96 -38.77
CA ALA F 132 -25.99 -34.28 -37.53
C ALA F 132 -25.12 -34.83 -36.40
N PRO F 133 -24.85 -34.01 -35.37
CA PRO F 133 -24.00 -34.48 -34.28
C PRO F 133 -24.51 -35.74 -33.60
N THR F 134 -25.83 -35.91 -33.49
CA THR F 134 -26.36 -37.13 -32.89
C THR F 134 -25.99 -38.34 -33.72
N THR F 135 -26.06 -38.22 -35.04
CA THR F 135 -25.69 -39.35 -35.90
C THR F 135 -24.21 -39.70 -35.74
N LEU F 136 -23.35 -38.69 -35.65
CA LEU F 136 -21.94 -38.96 -35.38
C LEU F 136 -21.75 -39.66 -34.06
N ALA F 137 -22.45 -39.21 -33.02
CA ALA F 137 -22.32 -39.86 -31.72
C ALA F 137 -22.75 -41.32 -31.79
N ARG F 138 -23.85 -41.58 -32.49
CA ARG F 138 -24.32 -42.96 -32.66
C ARG F 138 -23.27 -43.79 -33.38
N VAL F 139 -22.65 -43.23 -34.42
CA VAL F 139 -21.66 -43.97 -35.18
C VAL F 139 -20.45 -44.29 -34.32
N ARG F 140 -19.93 -43.32 -33.58
CA ARG F 140 -18.76 -43.61 -32.78
C ARG F 140 -19.11 -44.48 -31.58
N ALA F 141 -20.39 -44.54 -31.23
CA ALA F 141 -20.83 -45.51 -30.23
C ALA F 141 -20.75 -46.92 -30.79
N LEU F 142 -21.28 -47.14 -32.00
CA LEU F 142 -21.13 -48.45 -32.61
C LEU F 142 -19.71 -48.75 -33.03
N GLN F 143 -18.81 -47.76 -32.99
CA GLN F 143 -17.41 -48.04 -33.27
C GLN F 143 -16.84 -49.11 -32.33
N ALA F 144 -17.40 -49.24 -31.13
CA ALA F 144 -16.88 -50.22 -30.19
C ALA F 144 -17.19 -51.64 -30.62
N LEU F 145 -18.14 -51.80 -31.55
CA LEU F 145 -18.54 -53.15 -31.97
C LEU F 145 -17.43 -53.85 -32.73
N TYR F 146 -16.71 -53.12 -33.58
CA TYR F 146 -15.62 -53.67 -34.38
C TYR F 146 -14.44 -52.70 -34.34
N PRO F 147 -13.26 -53.17 -33.93
CA PRO F 147 -12.10 -52.27 -33.90
C PRO F 147 -11.73 -51.67 -35.25
N LYS F 148 -11.83 -52.42 -36.34
CA LYS F 148 -11.37 -51.93 -37.65
C LYS F 148 -12.53 -51.28 -38.40
N THR F 149 -12.89 -50.08 -37.96
CA THR F 149 -13.82 -49.24 -38.68
C THR F 149 -13.17 -47.89 -38.89
N ILE F 150 -13.41 -47.27 -40.03
CA ILE F 150 -12.91 -45.92 -40.28
C ILE F 150 -14.09 -45.03 -40.59
N VAL F 151 -14.10 -43.85 -39.99
CA VAL F 151 -15.20 -42.91 -40.08
C VAL F 151 -14.70 -41.70 -40.85
N LEU F 152 -15.13 -41.59 -42.11
CA LEU F 152 -14.79 -40.45 -42.95
C LEU F 152 -15.88 -39.40 -42.96
N ALA F 153 -16.95 -39.61 -42.21
CA ALA F 153 -18.06 -38.66 -42.20
C ALA F 153 -17.66 -37.38 -41.46
N THR F 154 -18.27 -36.28 -41.86
CA THR F 154 -17.99 -34.98 -41.29
C THR F 154 -19.27 -34.34 -40.80
N PRO F 155 -19.19 -33.53 -39.75
CA PRO F 155 -20.39 -32.87 -39.23
C PRO F 155 -20.75 -31.63 -40.03
N SER F 156 -21.99 -31.20 -39.88
CA SER F 156 -22.43 -29.95 -40.47
C SER F 156 -21.79 -28.77 -39.72
N PRO F 157 -21.66 -27.62 -40.39
CA PRO F 157 -21.07 -26.47 -39.70
C PRO F 157 -21.81 -26.07 -38.45
N PHE F 158 -23.13 -26.18 -38.48
CA PHE F 158 -23.99 -25.87 -37.35
C PHE F 158 -25.31 -26.59 -37.58
N ASP F 159 -26.17 -26.55 -36.57
CA ASP F 159 -27.47 -27.22 -36.64
C ASP F 159 -28.57 -26.18 -36.71
N MET F 160 -29.46 -26.33 -37.68
CA MET F 160 -30.66 -25.51 -37.73
C MET F 160 -31.47 -25.71 -36.46
N GLU F 161 -31.80 -24.61 -35.79
CA GLU F 161 -32.60 -24.65 -34.58
C GLU F 161 -33.97 -24.06 -34.87
N LYS F 162 -34.96 -24.52 -34.13
CA LYS F 162 -36.29 -23.94 -34.23
C LYS F 162 -36.28 -22.51 -33.71
N MET F 163 -37.03 -21.65 -34.37
CA MET F 163 -37.12 -20.25 -33.96
C MET F 163 -38.40 -20.04 -33.15
N VAL F 164 -38.30 -19.20 -32.14
CA VAL F 164 -39.38 -18.93 -31.20
C VAL F 164 -39.70 -17.45 -31.24
N TRP F 165 -40.99 -17.15 -31.34
CA TRP F 165 -41.52 -15.80 -31.27
C TRP F 165 -42.16 -15.62 -29.91
N LEU F 166 -41.83 -14.52 -29.23
CA LEU F 166 -42.38 -14.23 -27.92
C LEU F 166 -43.20 -12.95 -27.95
N ASP F 167 -44.41 -13.03 -27.42
CA ASP F 167 -45.31 -11.88 -27.34
C ASP F 167 -45.61 -11.59 -25.87
N VAL F 168 -45.35 -10.37 -25.43
CA VAL F 168 -45.44 -9.99 -24.03
C VAL F 168 -46.40 -8.81 -23.91
N ASN F 169 -47.23 -8.83 -22.86
CA ASN F 169 -48.12 -7.71 -22.57
C ASN F 169 -48.01 -7.31 -21.12
N ILE F 170 -47.84 -6.02 -20.86
CA ILE F 170 -47.85 -5.44 -19.52
C ILE F 170 -48.94 -4.39 -19.51
N LEU F 171 -49.92 -4.56 -18.63
CA LEU F 171 -51.02 -3.60 -18.50
C LEU F 171 -51.04 -3.06 -17.09
N GLU F 172 -51.29 -1.77 -16.95
CA GLU F 172 -51.32 -1.16 -15.62
C GLU F 172 -52.28 0.01 -15.57
N ILE F 173 -53.07 0.09 -14.50
CA ILE F 173 -54.00 1.17 -14.26
C ILE F 173 -53.83 1.67 -12.83
N ARG F 174 -53.78 2.99 -12.65
CA ARG F 174 -53.68 3.59 -11.33
C ARG F 174 -54.78 4.62 -11.15
N LYS F 175 -55.41 4.62 -9.98
CA LYS F 175 -56.44 5.60 -9.68
C LYS F 175 -56.26 6.12 -8.27
N SER F 176 -56.61 7.39 -8.06
CA SER F 176 -56.43 7.97 -6.74
C SER F 176 -57.39 9.13 -6.51
N VAL F 177 -57.74 9.33 -5.24
CA VAL F 177 -58.60 10.41 -4.77
C VAL F 177 -57.96 11.03 -3.54
N LEU F 178 -58.03 12.36 -3.43
CA LEU F 178 -57.50 13.07 -2.28
C LEU F 178 -58.43 14.21 -1.90
N GLU F 179 -58.81 14.29 -0.62
CA GLU F 179 -59.67 15.35 -0.11
C GLU F 179 -59.11 15.93 1.16
N ASN F 180 -59.35 17.21 1.39
CA ASN F 180 -58.92 17.91 2.59
C ASN F 180 -59.92 19.01 2.90
N PHE F 181 -60.79 18.79 3.87
CA PHE F 181 -61.91 19.71 4.05
C PHE F 181 -62.22 19.92 5.53
N GLY F 182 -62.67 21.13 5.84
CA GLY F 182 -63.07 21.49 7.18
C GLY F 182 -62.33 22.72 7.69
N VAL F 183 -62.52 22.98 8.98
CA VAL F 183 -61.91 24.13 9.64
C VAL F 183 -60.96 23.65 10.71
N ASP F 184 -59.73 24.14 10.66
CA ASP F 184 -58.68 23.76 11.59
C ASP F 184 -58.45 24.90 12.57
N TRP F 185 -58.72 24.66 13.86
CA TRP F 185 -58.58 25.71 14.86
C TRP F 185 -57.30 25.55 15.66
N SER F 186 -56.96 26.59 16.41
CA SER F 186 -55.85 26.53 17.36
C SER F 186 -56.16 25.54 18.47
N LYS F 187 -55.14 24.86 18.95
CA LYS F 187 -55.33 23.84 19.99
C LYS F 187 -54.54 24.09 21.27
N GLN F 188 -53.65 25.08 21.28
CA GLN F 188 -52.90 25.45 22.47
C GLN F 188 -52.89 26.96 22.58
N ILE F 189 -53.46 27.49 23.65
CA ILE F 189 -53.58 28.95 23.79
C ILE F 189 -53.08 29.36 25.17
N PRO F 190 -52.65 30.61 25.31
CA PRO F 190 -52.17 31.07 26.61
C PRO F 190 -53.25 31.02 27.67
N GLY F 191 -52.83 30.77 28.92
CA GLY F 191 -53.74 30.74 30.04
C GLY F 191 -53.62 31.96 30.93
N PRO F 192 -54.34 31.95 32.05
CA PRO F 192 -54.30 33.10 32.95
C PRO F 192 -52.96 33.23 33.66
N PHE F 193 -52.68 34.46 34.12
CA PHE F 193 -51.45 34.77 34.82
C PHE F 193 -51.76 35.56 36.08
N ALA F 194 -50.89 35.42 37.08
CA ALA F 194 -51.00 36.12 38.35
C ALA F 194 -49.60 36.40 38.88
N ALA F 195 -49.41 37.60 39.41
CA ALA F 195 -48.11 37.99 39.96
C ALA F 195 -48.30 38.86 41.19
N PHE F 196 -47.40 38.68 42.15
CA PHE F 196 -47.40 39.42 43.41
C PHE F 196 -46.00 39.90 43.69
N GLY F 197 -45.88 41.08 44.27
CA GLY F 197 -44.59 41.62 44.66
C GLY F 197 -44.70 42.63 45.77
N LYS F 198 -43.82 42.55 46.77
CA LYS F 198 -43.89 43.49 47.87
C LYS F 198 -42.50 43.70 48.47
N ASP F 199 -42.32 44.84 49.14
CA ASP F 199 -41.12 45.18 49.87
C ASP F 199 -41.49 45.39 51.32
N PHE F 200 -41.28 44.38 52.16
CA PHE F 200 -41.61 44.51 53.57
C PHE F 200 -40.72 45.51 54.28
N VAL F 201 -39.43 45.52 53.98
CA VAL F 201 -38.51 46.55 54.45
C VAL F 201 -37.85 47.15 53.22
N GLY F 202 -38.33 48.30 52.79
CA GLY F 202 -38.05 48.78 51.45
C GLY F 202 -36.70 49.44 51.32
N PRO F 203 -36.25 49.63 50.08
CA PRO F 203 -35.00 50.33 49.86
C PRO F 203 -35.14 51.80 50.23
N ARG F 204 -34.01 52.45 50.47
CA ARG F 204 -33.98 53.88 50.71
C ARG F 204 -33.47 54.61 49.48
N ASN F 205 -34.06 55.75 49.19
CA ASN F 205 -33.61 56.61 48.10
C ASN F 205 -32.85 57.79 48.69
N VAL F 206 -31.63 58.02 48.20
CA VAL F 206 -30.74 59.04 48.74
C VAL F 206 -30.10 59.78 47.58
N ALA F 207 -29.36 60.84 47.91
CA ALA F 207 -28.60 61.58 46.93
C ALA F 207 -27.11 61.30 47.10
N THR F 208 -26.44 60.97 46.01
CA THR F 208 -25.04 60.58 46.05
C THR F 208 -24.26 61.34 45.00
N ILE F 209 -22.97 61.53 45.27
CA ILE F 209 -22.03 62.17 44.35
C ILE F 209 -21.02 61.13 43.93
N PRO F 210 -20.95 60.77 42.66
CA PRO F 210 -20.03 59.71 42.23
C PRO F 210 -18.57 60.09 42.43
N LEU F 211 -17.74 59.07 42.62
CA LEU F 211 -16.31 59.30 42.76
C LEU F 211 -15.71 59.74 41.44
N GLY F 212 -14.76 60.66 41.51
CA GLY F 212 -14.14 61.20 40.32
C GLY F 212 -14.92 62.29 39.63
N GLN F 213 -16.05 62.70 40.19
CA GLN F 213 -16.88 63.74 39.63
C GLN F 213 -16.50 65.09 40.23
N ASP F 214 -16.76 66.14 39.49
CA ASP F 214 -16.52 67.49 40.01
C ASP F 214 -17.44 67.75 41.19
N LEU F 215 -16.91 68.49 42.18
CA LEU F 215 -17.67 68.71 43.40
C LEU F 215 -18.82 69.68 43.19
N THR F 216 -18.71 70.57 42.20
CA THR F 216 -19.75 71.57 42.00
C THR F 216 -20.98 70.95 41.32
N GLN F 217 -20.80 69.85 40.62
CA GLN F 217 -21.89 69.28 39.84
C GLN F 217 -22.98 68.75 40.77
N PRO F 218 -24.25 68.82 40.36
CA PRO F 218 -25.33 68.42 41.25
C PRO F 218 -25.33 66.93 41.49
N PRO F 219 -25.89 66.47 42.60
CA PRO F 219 -25.88 65.04 42.91
C PRO F 219 -26.82 64.25 42.01
N VAL F 220 -26.75 62.93 42.15
CA VAL F 220 -27.60 62.02 41.39
C VAL F 220 -28.33 61.12 42.37
N ALA F 221 -29.28 60.35 41.84
CA ALA F 221 -30.08 59.47 42.67
C ALA F 221 -29.34 58.17 42.96
N GLY F 222 -29.36 57.77 44.23
CA GLY F 222 -28.71 56.55 44.64
C GLY F 222 -29.55 55.83 45.68
N THR F 223 -29.06 54.68 46.12
CA THR F 223 -29.86 53.79 46.93
C THR F 223 -29.06 53.27 48.12
N GLY F 224 -29.79 52.75 49.10
CA GLY F 224 -29.23 51.92 50.14
C GLY F 224 -29.09 50.50 49.64
N VAL F 225 -29.19 49.55 50.56
CA VAL F 225 -29.19 48.16 50.17
C VAL F 225 -30.48 47.86 49.44
N ARG F 226 -30.36 47.35 48.20
CA ARG F 226 -31.52 47.11 47.35
C ARG F 226 -31.26 45.87 46.52
N VAL F 227 -32.23 44.98 46.45
CA VAL F 227 -32.09 43.69 45.78
C VAL F 227 -32.96 43.68 44.54
N THR F 228 -32.41 43.21 43.44
CA THR F 228 -33.18 42.95 42.23
C THR F 228 -33.12 41.46 41.92
N PRO F 229 -34.10 40.67 42.35
CA PRO F 229 -33.96 39.22 42.32
C PRO F 229 -33.94 38.69 40.90
N PRO F 230 -33.32 37.54 40.67
CA PRO F 230 -33.37 36.89 39.36
C PRO F 230 -34.71 36.19 39.17
N LEU F 231 -35.41 36.55 38.10
CA LEU F 231 -36.68 35.91 37.75
C LEU F 231 -36.34 34.72 36.87
N GLY F 232 -36.39 33.52 37.43
CA GLY F 232 -35.88 32.36 36.72
C GLY F 232 -36.70 32.02 35.49
N SER F 233 -37.88 31.44 35.69
CA SER F 233 -38.76 31.10 34.59
C SER F 233 -39.71 32.23 34.22
N LEU F 234 -39.74 33.29 35.03
CA LEU F 234 -40.59 34.44 34.78
C LEU F 234 -39.85 35.54 34.03
N ASN F 235 -38.63 35.26 33.57
CA ASN F 235 -37.83 36.28 32.92
C ASN F 235 -38.52 36.81 31.68
N GLY F 236 -38.55 38.12 31.54
CA GLY F 236 -39.22 38.77 30.43
C GLY F 236 -40.72 38.92 30.61
N ALA F 237 -41.30 38.32 31.65
CA ALA F 237 -42.73 38.43 31.89
C ALA F 237 -43.07 39.53 32.88
N ILE F 238 -42.20 39.78 33.86
CA ILE F 238 -42.39 40.84 34.85
C ILE F 238 -41.36 41.93 34.56
N ASP F 239 -41.83 43.17 34.51
CA ASP F 239 -40.99 44.30 34.13
C ASP F 239 -40.24 44.80 35.35
N LEU F 240 -38.91 44.73 35.29
CA LEU F 240 -38.07 45.20 36.38
C LEU F 240 -37.39 46.54 36.10
N ALA F 241 -37.16 46.87 34.83
CA ALA F 241 -36.50 48.14 34.53
C ALA F 241 -37.37 49.32 34.95
N ASN F 242 -38.67 49.23 34.72
CA ASN F 242 -39.57 50.33 34.96
C ASN F 242 -40.25 50.26 36.32
N LEU F 243 -39.89 49.29 37.16
CA LEU F 243 -40.55 49.12 38.45
C LEU F 243 -40.04 50.14 39.45
N ALA F 244 -40.96 50.91 40.03
CA ALA F 244 -40.60 51.80 41.12
C ALA F 244 -40.31 50.97 42.37
N ARG F 245 -39.07 51.01 42.83
CA ARG F 245 -38.60 49.96 43.73
C ARG F 245 -39.31 49.89 45.08
N PRO F 246 -39.59 51.00 45.76
CA PRO F 246 -40.55 50.89 46.86
C PRO F 246 -41.91 50.62 46.23
N ILE F 247 -42.33 49.36 46.26
CA ILE F 247 -43.32 48.89 45.31
C ILE F 247 -44.71 49.39 45.71
N ALA F 248 -45.31 50.19 44.82
CA ALA F 248 -46.69 50.62 44.93
C ALA F 248 -47.50 49.90 43.86
N GLY F 249 -48.45 49.07 44.29
CA GLY F 249 -49.12 48.19 43.37
C GLY F 249 -48.52 46.81 43.45
N THR F 250 -49.19 45.90 44.14
CA THR F 250 -48.54 44.65 44.50
C THR F 250 -49.00 43.49 43.64
N THR F 251 -50.22 43.54 43.10
CA THR F 251 -50.83 42.39 42.47
C THR F 251 -51.23 42.70 41.04
N ASN F 252 -51.06 41.72 40.15
CA ASN F 252 -51.57 41.79 38.79
C ASN F 252 -52.08 40.43 38.37
N PHE F 253 -53.37 40.33 38.08
CA PHE F 253 -54.02 39.07 37.78
C PHE F 253 -54.91 39.25 36.57
N GLY F 254 -54.68 38.47 35.53
CA GLY F 254 -55.47 38.65 34.32
C GLY F 254 -55.23 37.53 33.32
N ILE F 255 -55.66 37.78 32.08
CA ILE F 255 -55.54 36.80 31.02
C ILE F 255 -55.55 37.52 29.67
N ILE F 256 -54.74 37.04 28.73
CA ILE F 256 -54.75 37.48 27.35
C ILE F 256 -54.60 36.25 26.47
N THR F 257 -55.59 35.99 25.61
CA THR F 257 -55.61 34.75 24.85
C THR F 257 -56.54 34.91 23.65
N GLY F 258 -56.41 34.00 22.69
CA GLY F 258 -57.28 33.96 21.53
C GLY F 258 -57.02 32.75 20.68
N VAL F 259 -57.89 32.55 19.68
CA VAL F 259 -57.84 31.39 18.80
C VAL F 259 -57.77 31.84 17.34
N LEU F 260 -57.10 31.05 16.52
CA LEU F 260 -56.95 31.28 15.10
C LEU F 260 -57.37 30.04 14.33
N SER F 261 -57.73 30.21 13.06
CA SER F 261 -58.32 29.11 12.30
C SER F 261 -57.93 29.19 10.84
N THR F 262 -58.18 28.08 10.13
CA THR F 262 -57.91 27.95 8.71
C THR F 262 -59.03 27.13 8.08
N ILE F 263 -59.33 27.37 6.81
CA ILE F 263 -60.41 26.69 6.10
C ILE F 263 -59.84 25.92 4.92
N ASN F 264 -60.28 24.67 4.77
CA ASN F 264 -59.78 23.77 3.73
C ASN F 264 -60.95 23.24 2.92
N PHE F 265 -60.86 23.31 1.59
CA PHE F 265 -61.81 22.65 0.72
C PHE F 265 -61.14 22.06 -0.53
N ALA F 266 -60.02 21.38 -0.34
CA ALA F 266 -59.24 20.83 -1.46
C ALA F 266 -59.79 19.46 -1.88
N LEU F 267 -59.79 19.21 -3.19
CA LEU F 267 -60.39 17.99 -3.75
C LEU F 267 -59.72 17.65 -5.08
N SER F 268 -59.28 16.40 -5.24
CA SER F 268 -58.46 16.02 -6.40
C SER F 268 -58.69 14.56 -6.78
N ASN F 269 -58.54 14.28 -8.06
CA ASN F 269 -58.57 12.92 -8.60
C ASN F 269 -57.39 12.71 -9.54
N GLY F 270 -57.04 11.46 -9.76
CA GLY F 270 -56.00 11.14 -10.71
C GLY F 270 -56.15 9.76 -11.32
N ASP F 271 -55.97 9.64 -12.63
CA ASP F 271 -56.03 8.37 -13.33
C ASP F 271 -54.82 8.24 -14.24
N ALA F 272 -54.31 7.03 -14.41
CA ALA F 272 -53.22 6.78 -15.33
C ALA F 272 -53.31 5.38 -15.90
N TYR F 273 -53.15 5.26 -17.21
CA TYR F 273 -53.26 3.99 -17.92
C TYR F 273 -51.98 3.75 -18.71
N LEU F 274 -51.58 2.48 -18.82
CA LEU F 274 -50.51 2.17 -19.76
C LEU F 274 -50.58 0.72 -20.19
N ILE F 275 -50.25 0.48 -21.46
CA ILE F 275 -50.03 -0.85 -22.00
C ILE F 275 -48.72 -0.85 -22.75
N ALA F 276 -47.86 -1.83 -22.46
CA ALA F 276 -46.63 -2.04 -23.20
C ALA F 276 -46.68 -3.41 -23.82
N ASN F 277 -46.39 -3.48 -25.12
CA ASN F 277 -46.54 -4.71 -25.90
C ASN F 277 -45.29 -4.97 -26.72
N PRO F 278 -44.20 -5.37 -26.07
CA PRO F 278 -42.99 -5.74 -26.81
C PRO F 278 -43.09 -7.14 -27.38
N GLN F 279 -42.40 -7.37 -28.49
CA GLN F 279 -42.39 -8.68 -29.12
C GLN F 279 -40.98 -9.00 -29.61
N LEU F 280 -40.56 -10.25 -29.42
CA LEU F 280 -39.19 -10.63 -29.74
C LEU F 280 -39.14 -11.89 -30.56
N SER F 281 -37.94 -12.21 -31.02
CA SER F 281 -37.64 -13.46 -31.70
C SER F 281 -36.29 -13.97 -31.23
N ALA F 282 -36.15 -15.28 -31.12
CA ALA F 282 -34.86 -15.86 -30.80
C ALA F 282 -34.83 -17.31 -31.23
N ARG F 283 -33.63 -17.85 -31.42
CA ARG F 283 -33.51 -19.26 -31.77
C ARG F 283 -33.35 -20.10 -30.52
N SER F 284 -33.78 -21.35 -30.60
CA SER F 284 -33.69 -22.25 -29.46
C SER F 284 -32.24 -22.42 -29.04
N GLY F 285 -31.97 -22.16 -27.78
CA GLY F 285 -30.61 -22.17 -27.29
C GLY F 285 -29.87 -20.87 -27.43
N GLY F 286 -30.53 -19.81 -27.90
CA GLY F 286 -29.91 -18.52 -27.99
C GLY F 286 -30.52 -17.57 -26.96
N ARG F 287 -30.11 -16.32 -27.03
CA ARG F 287 -30.61 -15.29 -26.15
C ARG F 287 -30.96 -14.07 -26.98
N THR F 288 -31.98 -13.33 -26.58
CA THR F 288 -32.25 -12.05 -27.23
C THR F 288 -32.63 -11.00 -26.20
N ASP F 289 -32.01 -9.83 -26.31
CA ASP F 289 -32.26 -8.69 -25.42
C ASP F 289 -32.82 -7.54 -26.22
N PHE F 290 -33.78 -6.83 -25.65
CA PHE F 290 -34.43 -5.70 -26.29
C PHE F 290 -34.55 -4.57 -25.29
N LEU F 291 -34.16 -3.37 -25.68
CA LEU F 291 -34.30 -2.18 -24.85
C LEU F 291 -34.89 -1.05 -25.67
N ALA F 292 -35.94 -0.44 -25.16
CA ALA F 292 -36.57 0.72 -25.81
C ALA F 292 -36.78 1.76 -24.72
N GLY F 293 -35.96 2.80 -24.71
CA GLY F 293 -35.93 3.67 -23.57
C GLY F 293 -34.79 4.65 -23.64
N GLY F 294 -33.97 4.69 -22.60
CA GLY F 294 -32.86 5.61 -22.59
C GLY F 294 -31.84 5.24 -21.53
N GLN F 295 -30.82 6.08 -21.44
CA GLN F 295 -29.73 5.93 -20.49
C GLN F 295 -29.48 7.25 -19.80
N VAL F 296 -29.30 7.20 -18.49
CA VAL F 296 -29.03 8.41 -17.71
C VAL F 296 -27.66 8.28 -17.06
N PRO F 297 -26.95 9.39 -16.85
CA PRO F 297 -25.61 9.32 -16.22
C PRO F 297 -25.71 9.23 -14.70
N ILE F 298 -24.91 8.34 -14.14
CA ILE F 298 -24.86 8.10 -12.70
C ILE F 298 -23.41 8.23 -12.25
N LEU F 299 -23.19 8.94 -11.16
CA LEU F 299 -21.86 9.34 -10.71
C LEU F 299 -21.37 8.39 -9.64
N GLN F 300 -20.93 7.20 -10.07
CA GLN F 300 -20.50 6.16 -9.15
C GLN F 300 -19.05 5.79 -9.44
N ALA F 301 -18.28 5.54 -8.39
CA ALA F 301 -16.87 5.22 -8.53
C ALA F 301 -16.40 4.42 -7.32
N LEU F 302 -15.28 3.72 -7.50
CA LEU F 302 -14.72 2.94 -6.41
C LEU F 302 -14.16 3.86 -5.32
N ALA F 303 -14.48 3.54 -4.06
CA ALA F 303 -13.90 4.21 -2.91
C ALA F 303 -14.21 5.70 -2.88
N ALA F 304 -13.57 6.41 -1.96
CA ALA F 304 -13.64 7.87 -1.84
C ALA F 304 -15.03 8.35 -1.44
N GLY F 305 -15.17 9.68 -1.30
CA GLY F 305 -16.42 10.25 -0.86
C GLY F 305 -16.28 11.69 -0.39
N GLN F 310 -15.09 12.09 -11.11
CA GLN F 310 -15.18 10.74 -10.58
C GLN F 310 -15.19 9.71 -11.71
N ASN F 311 -16.15 8.79 -11.61
CA ASN F 311 -16.43 7.82 -12.67
C ASN F 311 -17.89 7.94 -13.02
N VAL F 312 -18.19 7.97 -14.31
CA VAL F 312 -19.56 8.09 -14.81
C VAL F 312 -19.97 6.80 -15.47
N THR F 313 -21.06 6.20 -15.00
CA THR F 313 -21.66 5.06 -15.64
C THR F 313 -23.04 5.45 -16.13
N TYR F 314 -23.69 4.57 -16.89
CA TYR F 314 -24.98 4.85 -17.48
C TYR F 314 -25.99 3.78 -17.08
N LYS F 315 -27.16 4.23 -16.65
CA LYS F 315 -28.24 3.35 -16.25
C LYS F 315 -29.36 3.36 -17.27
N ASP F 316 -29.89 2.17 -17.59
CA ASP F 316 -30.96 2.03 -18.57
C ASP F 316 -32.32 2.13 -17.92
N TYR F 317 -33.23 2.85 -18.57
CA TYR F 317 -34.62 2.89 -18.17
C TYR F 317 -35.47 2.73 -19.43
N GLY F 318 -36.74 2.38 -19.25
CA GLY F 318 -37.60 2.17 -20.38
C GLY F 318 -38.24 0.82 -20.30
N ILE F 319 -38.46 0.22 -21.45
CA ILE F 319 -38.96 -1.14 -21.55
C ILE F 319 -37.81 -2.06 -21.88
N LYS F 320 -37.61 -3.07 -21.05
CA LYS F 320 -36.51 -4.01 -21.21
C LYS F 320 -37.05 -5.42 -21.22
N LEU F 321 -36.49 -6.24 -22.11
CA LEU F 321 -36.97 -7.60 -22.30
C LEU F 321 -35.80 -8.52 -22.59
N GLU F 322 -35.77 -9.68 -21.94
CA GLU F 322 -34.73 -10.68 -22.17
C GLU F 322 -35.36 -12.04 -22.30
N PHE F 323 -34.97 -12.79 -23.33
CA PHE F 323 -35.61 -14.05 -23.67
C PHE F 323 -34.55 -15.14 -23.84
N GLU F 324 -34.76 -16.28 -23.19
CA GLU F 324 -33.90 -17.46 -23.34
C GLU F 324 -34.72 -18.74 -23.50
N PRO F 325 -35.03 -19.13 -24.73
CA PRO F 325 -35.91 -20.28 -24.95
C PRO F 325 -35.16 -21.59 -25.15
N ARG F 326 -35.91 -22.68 -25.07
CA ARG F 326 -35.46 -24.03 -25.40
C ARG F 326 -36.67 -24.84 -25.83
N VAL F 327 -36.56 -25.53 -26.96
CA VAL F 327 -37.72 -26.18 -27.56
C VAL F 327 -37.55 -27.69 -27.50
N ASP F 328 -38.68 -28.38 -27.49
CA ASP F 328 -38.77 -29.84 -27.44
C ASP F 328 -39.20 -30.37 -28.80
N ASP F 329 -39.26 -31.70 -28.91
CA ASP F 329 -39.78 -32.30 -30.14
C ASP F 329 -41.28 -32.23 -30.25
N ASP F 330 -41.98 -31.88 -29.17
CA ASP F 330 -43.41 -31.65 -29.20
C ASP F 330 -43.76 -30.17 -29.23
N ASN F 331 -42.77 -29.31 -29.46
CA ASN F 331 -42.95 -27.87 -29.49
C ASN F 331 -43.39 -27.33 -28.13
N ASN F 332 -42.89 -27.94 -27.07
CA ASN F 332 -42.99 -27.39 -25.73
C ASN F 332 -41.81 -26.46 -25.49
N VAL F 333 -42.06 -25.33 -24.84
CA VAL F 333 -41.05 -24.31 -24.68
C VAL F 333 -40.72 -24.15 -23.20
N SER F 334 -39.44 -24.28 -22.87
CA SER F 334 -38.92 -23.97 -21.55
C SER F 334 -38.16 -22.66 -21.65
N MET F 335 -38.46 -21.71 -20.79
CA MET F 335 -37.96 -20.37 -21.01
C MET F 335 -37.67 -19.66 -19.70
N ARG F 336 -36.71 -18.74 -19.78
CA ARG F 336 -36.51 -17.69 -18.80
C ARG F 336 -36.76 -16.35 -19.47
N VAL F 337 -37.65 -15.56 -18.89
CA VAL F 337 -38.02 -14.26 -19.44
C VAL F 337 -37.89 -13.20 -18.37
N LEU F 338 -37.24 -12.11 -18.71
CA LEU F 338 -37.21 -10.90 -17.87
C LEU F 338 -37.97 -9.80 -18.57
N ALA F 339 -38.95 -9.23 -17.88
CA ALA F 339 -39.76 -8.13 -18.40
C ALA F 339 -39.75 -7.00 -17.40
N ASP F 340 -39.33 -5.82 -17.83
CA ASP F 340 -39.17 -4.69 -16.92
C ASP F 340 -39.68 -3.42 -17.59
N VAL F 341 -40.39 -2.60 -16.83
CA VAL F 341 -40.85 -1.30 -17.29
C VAL F 341 -40.52 -0.28 -16.20
N SER F 342 -39.65 0.68 -16.51
CA SER F 342 -39.21 1.63 -15.49
C SER F 342 -39.13 3.04 -16.06
N ASP F 343 -39.67 3.99 -15.32
CA ASP F 343 -39.76 5.38 -15.77
C ASP F 343 -39.21 6.30 -14.71
N ILE F 344 -38.68 7.44 -15.15
CA ILE F 344 -38.11 8.41 -14.21
C ILE F 344 -39.22 9.05 -13.39
N ASP F 345 -38.98 9.16 -12.08
CA ASP F 345 -39.93 9.73 -11.13
C ASP F 345 -39.36 11.02 -10.56
N PRO F 346 -40.03 12.17 -10.73
CA PRO F 346 -39.47 13.41 -10.17
C PRO F 346 -39.51 13.45 -8.65
N ALA F 347 -40.43 12.72 -8.02
CA ALA F 347 -40.66 12.86 -6.59
C ALA F 347 -39.46 12.41 -5.77
N THR F 348 -38.81 11.32 -6.17
CA THR F 348 -37.73 10.75 -5.38
C THR F 348 -36.35 10.99 -5.98
N SER F 349 -36.20 12.01 -6.82
CA SER F 349 -34.89 12.37 -7.35
C SER F 349 -34.20 13.35 -6.39
N VAL F 350 -32.89 13.22 -6.30
CA VAL F 350 -32.09 14.03 -5.38
C VAL F 350 -31.17 14.93 -6.20
N SER F 351 -30.88 16.11 -5.66
CA SER F 351 -30.14 17.12 -6.42
C SER F 351 -28.63 16.93 -6.31
N LEU F 352 -28.15 16.45 -5.16
CA LEU F 352 -26.72 16.37 -4.86
C LEU F 352 -26.18 17.81 -4.97
N ASN F 353 -25.16 18.07 -5.78
CA ASN F 353 -24.64 19.43 -5.91
C ASN F 353 -25.31 20.14 -7.08
N GLY F 354 -25.08 19.61 -8.29
CA GLY F 354 -25.82 20.01 -9.47
C GLY F 354 -26.05 18.77 -10.30
N PHE F 355 -25.41 17.68 -9.89
CA PHE F 355 -25.52 16.40 -10.56
C PHE F 355 -26.80 15.73 -10.09
N THR F 356 -27.91 16.08 -10.72
CA THR F 356 -29.20 15.51 -10.35
C THR F 356 -29.20 14.00 -10.59
N VAL F 357 -29.62 13.25 -9.59
CA VAL F 357 -29.70 11.80 -9.64
C VAL F 357 -31.16 11.41 -9.57
N PRO F 358 -31.69 10.68 -10.54
CA PRO F 358 -33.13 10.41 -10.56
C PRO F 358 -33.49 9.14 -9.80
N GLY F 359 -34.76 9.09 -9.42
CA GLY F 359 -35.36 7.88 -8.90
C GLY F 359 -36.29 7.32 -9.95
N PHE F 360 -36.71 6.07 -9.76
CA PHE F 360 -37.47 5.37 -10.79
C PHE F 360 -38.72 4.72 -10.21
N ILE F 361 -39.71 4.57 -11.07
CA ILE F 361 -40.89 3.75 -10.84
C ILE F 361 -40.75 2.52 -11.71
N THR F 362 -40.75 1.35 -11.09
CA THR F 362 -40.44 0.12 -11.83
C THR F 362 -41.50 -0.93 -11.62
N ARG F 363 -41.65 -1.77 -12.65
CA ARG F 363 -42.43 -2.99 -12.60
C ARG F 363 -41.58 -4.08 -13.24
N ARG F 364 -41.12 -5.03 -12.45
CA ARG F 364 -40.14 -6.01 -12.91
C ARG F 364 -40.62 -7.41 -12.62
N SER F 365 -40.37 -8.33 -13.55
CA SER F 365 -40.70 -9.74 -13.37
C SER F 365 -39.63 -10.59 -14.03
N ASN F 366 -39.11 -11.56 -13.30
CA ASN F 366 -38.05 -12.43 -13.78
C ASN F 366 -38.48 -13.88 -13.56
N ALA F 367 -38.93 -14.54 -14.61
CA ALA F 367 -39.65 -15.80 -14.47
C ALA F 367 -38.96 -16.93 -15.21
N GLU F 368 -39.06 -18.12 -14.65
CA GLU F 368 -38.65 -19.37 -15.28
C GLU F 368 -39.88 -20.27 -15.38
N ILE F 369 -40.27 -20.64 -16.60
CA ILE F 369 -41.49 -21.40 -16.81
C ILE F 369 -41.32 -22.38 -17.96
N ASN F 370 -42.32 -23.23 -18.17
CA ASN F 370 -42.43 -24.06 -19.36
C ASN F 370 -43.89 -24.23 -19.72
N VAL F 371 -44.21 -24.05 -21.00
CA VAL F 371 -45.59 -24.11 -21.48
C VAL F 371 -45.64 -24.84 -22.82
N GLY F 372 -46.86 -25.15 -23.25
CA GLY F 372 -47.06 -25.70 -24.56
C GLY F 372 -47.01 -24.64 -25.64
N ASP F 373 -47.13 -25.08 -26.88
CA ASP F 373 -46.98 -24.17 -28.01
C ASP F 373 -48.18 -23.24 -28.15
N GLY F 374 -47.93 -21.95 -28.07
CA GLY F 374 -48.97 -20.97 -28.27
C GLY F 374 -49.93 -20.77 -27.13
N GLN F 375 -49.55 -21.13 -25.90
CA GLN F 375 -50.40 -20.96 -24.74
C GLN F 375 -50.01 -19.69 -23.99
N THR F 376 -51.00 -18.88 -23.65
CA THR F 376 -50.78 -17.65 -22.92
C THR F 376 -50.67 -17.95 -21.43
N MET F 377 -49.65 -17.40 -20.79
CA MET F 377 -49.39 -17.62 -19.39
C MET F 377 -49.18 -16.29 -18.68
N VAL F 378 -49.85 -16.11 -17.55
CA VAL F 378 -49.66 -14.92 -16.72
C VAL F 378 -48.52 -15.20 -15.75
N ILE F 379 -47.55 -14.28 -15.66
CA ILE F 379 -46.42 -14.50 -14.76
C ILE F 379 -46.41 -13.54 -13.58
N SER F 380 -47.33 -12.58 -13.52
CA SER F 380 -47.42 -11.70 -12.37
C SER F 380 -48.69 -10.88 -12.45
N GLY F 381 -49.25 -10.59 -11.29
CA GLY F 381 -50.46 -9.80 -11.21
C GLY F 381 -50.48 -9.06 -9.89
N LEU F 382 -51.35 -8.08 -9.79
CA LEU F 382 -51.42 -7.32 -8.56
C LEU F 382 -52.74 -6.58 -8.48
N VAL F 383 -53.30 -6.54 -7.26
CA VAL F 383 -54.33 -5.59 -6.88
C VAL F 383 -53.94 -5.02 -5.53
N ASN F 384 -54.00 -3.71 -5.38
CA ASN F 384 -53.43 -3.06 -4.20
C ASN F 384 -54.19 -1.81 -3.78
N PRO F 385 -55.29 -1.97 -3.03
CA PRO F 385 -56.03 -0.80 -2.54
C PRO F 385 -55.48 -0.29 -1.22
N LYS F 386 -55.40 1.04 -1.09
CA LYS F 386 -54.94 1.67 0.14
C LYS F 386 -55.78 2.88 0.46
N THR F 387 -55.95 3.16 1.76
CA THR F 387 -56.77 4.27 2.23
C THR F 387 -56.23 4.77 3.56
N ALA F 388 -56.30 6.08 3.79
CA ALA F 388 -55.90 6.63 5.07
C ALA F 388 -56.66 7.91 5.35
N LYS F 389 -57.18 8.04 6.57
CA LYS F 389 -57.96 9.20 6.99
C LYS F 389 -57.45 9.73 8.31
N ASN F 390 -57.43 11.05 8.46
CA ASN F 390 -57.07 11.69 9.71
C ASN F 390 -58.06 12.80 10.03
N VAL F 391 -58.37 12.97 11.31
CA VAL F 391 -59.34 13.96 11.77
C VAL F 391 -58.74 14.69 12.96
N SER F 392 -58.85 16.01 12.96
CA SER F 392 -58.53 16.81 14.14
C SER F 392 -59.73 17.66 14.50
N LYS F 393 -60.17 17.58 15.75
CA LYS F 393 -61.44 18.16 16.13
C LYS F 393 -61.31 18.85 17.48
N LEU F 394 -62.27 19.72 17.76
CA LEU F 394 -62.46 20.22 19.10
C LEU F 394 -63.24 19.19 19.91
N PRO F 395 -63.07 19.19 21.23
CA PRO F 395 -63.57 18.06 22.03
C PRO F 395 -65.06 17.77 21.87
N TRP F 396 -65.94 18.71 22.16
CA TRP F 396 -67.36 18.42 22.13
C TRP F 396 -68.07 18.99 20.93
N LEU F 397 -67.58 20.08 20.36
CA LEU F 397 -68.27 20.71 19.24
C LEU F 397 -68.10 19.92 17.95
N GLY F 398 -67.02 19.15 17.84
CA GLY F 398 -66.75 18.46 16.60
C GLY F 398 -67.72 17.31 16.33
N ASP F 399 -68.39 16.82 17.37
CA ASP F 399 -69.27 15.68 17.19
C ASP F 399 -70.70 16.07 16.85
N ILE F 400 -71.00 17.37 16.81
CA ILE F 400 -72.36 17.77 16.43
C ILE F 400 -72.61 17.40 14.97
N PRO F 401 -73.76 16.80 14.63
CA PRO F 401 -74.02 16.44 13.24
C PRO F 401 -74.04 17.65 12.33
N ILE F 402 -73.47 17.51 11.13
CA ILE F 402 -73.43 18.53 10.09
C ILE F 402 -72.66 19.75 10.55
N LEU F 403 -73.16 20.42 11.60
CA LEU F 403 -72.50 21.62 12.10
C LEU F 403 -71.09 21.33 12.59
N GLY F 404 -70.82 20.11 13.01
CA GLY F 404 -69.50 19.78 13.54
C GLY F 404 -68.38 20.00 12.56
N ASN F 405 -68.68 20.06 11.26
CA ASN F 405 -67.65 20.33 10.28
C ASN F 405 -67.10 21.74 10.37
N LEU F 406 -67.74 22.62 11.14
CA LEU F 406 -67.14 23.92 11.40
C LEU F 406 -66.09 23.88 12.49
N PHE F 407 -65.90 22.72 13.13
CA PHE F 407 -64.96 22.59 14.23
C PHE F 407 -64.05 21.38 14.08
N LYS F 408 -63.94 20.82 12.89
CA LYS F 408 -63.15 19.63 12.65
C LYS F 408 -62.58 19.68 11.25
N SER F 409 -61.36 19.20 11.10
CA SER F 409 -60.70 19.14 9.80
C SER F 409 -60.37 17.69 9.47
N THR F 410 -60.68 17.28 8.24
CA THR F 410 -60.50 15.91 7.79
C THR F 410 -59.61 15.86 6.57
N ASN F 411 -58.71 14.88 6.55
CA ASN F 411 -57.84 14.62 5.41
C ASN F 411 -57.98 13.15 5.02
N PHE F 412 -58.27 12.90 3.74
CA PHE F 412 -58.63 11.57 3.26
C PHE F 412 -57.89 11.27 1.96
N GLN F 413 -57.29 10.09 1.87
CA GLN F 413 -56.64 9.65 0.64
C GLN F 413 -57.03 8.21 0.36
N SER F 414 -57.30 7.91 -0.91
CA SER F 414 -57.61 6.54 -1.31
C SER F 414 -57.03 6.28 -2.69
N GLY F 415 -56.70 5.02 -2.96
CA GLY F 415 -56.19 4.73 -4.30
C GLY F 415 -56.02 3.24 -4.53
N ASN F 416 -55.82 2.91 -5.80
CA ASN F 416 -55.68 1.53 -6.21
C ASN F 416 -54.76 1.41 -7.42
N THR F 417 -54.08 0.28 -7.52
CA THR F 417 -53.15 -0.05 -8.59
C THR F 417 -53.45 -1.45 -9.10
N ASP F 418 -53.55 -1.60 -10.42
CA ASP F 418 -53.76 -2.89 -11.07
C ASP F 418 -52.68 -3.14 -12.10
N LEU F 419 -52.22 -4.38 -12.19
CA LEU F 419 -51.10 -4.72 -13.04
C LEU F 419 -51.19 -6.18 -13.47
N VAL F 420 -50.97 -6.45 -14.75
CA VAL F 420 -50.90 -7.82 -15.25
C VAL F 420 -49.77 -7.93 -16.26
N ILE F 421 -49.03 -9.04 -16.20
CA ILE F 421 -47.96 -9.35 -17.15
C ILE F 421 -48.20 -10.75 -17.69
N LEU F 422 -48.31 -10.88 -19.01
CA LEU F 422 -48.52 -12.19 -19.63
C LEU F 422 -47.61 -12.38 -20.84
N VAL F 423 -47.33 -13.64 -21.15
CA VAL F 423 -46.42 -14.01 -22.21
C VAL F 423 -47.03 -15.13 -23.04
N THR F 424 -46.70 -15.15 -24.32
CA THR F 424 -47.12 -16.17 -25.26
C THR F 424 -45.97 -16.55 -26.18
N PRO F 425 -45.43 -17.74 -26.07
CA PRO F 425 -44.42 -18.20 -27.02
C PRO F 425 -45.03 -19.03 -28.14
N ARG F 426 -44.43 -18.97 -29.33
CA ARG F 426 -44.89 -19.75 -30.47
C ARG F 426 -43.71 -20.13 -31.35
N VAL F 427 -43.65 -21.39 -31.77
CA VAL F 427 -42.59 -21.86 -32.66
C VAL F 427 -42.95 -21.45 -34.08
N VAL F 428 -42.10 -20.65 -34.71
CA VAL F 428 -42.45 -19.98 -35.95
C VAL F 428 -41.36 -20.23 -36.99
N SER F 429 -41.61 -19.70 -38.18
CA SER F 429 -40.60 -19.51 -39.20
C SER F 429 -40.81 -18.12 -39.78
N ALA F 430 -40.04 -17.77 -40.81
CA ALA F 430 -40.21 -16.45 -41.38
C ALA F 430 -41.57 -16.26 -42.02
N ALA F 431 -42.24 -17.34 -42.40
CA ALA F 431 -43.54 -17.25 -43.03
C ALA F 431 -44.71 -17.27 -42.06
N SER F 432 -44.45 -17.38 -40.76
CA SER F 432 -45.54 -17.48 -39.79
C SER F 432 -46.29 -16.17 -39.69
N LEU F 433 -47.55 -16.27 -39.27
CA LEU F 433 -48.43 -15.11 -39.19
C LEU F 433 -47.89 -14.02 -38.27
N GLU F 434 -47.24 -14.42 -37.17
CA GLU F 434 -46.69 -13.44 -36.24
C GLU F 434 -45.66 -12.55 -36.90
N ASN F 435 -44.82 -13.13 -37.75
CA ASN F 435 -43.82 -12.36 -38.48
C ASN F 435 -44.45 -11.49 -39.56
N ILE F 436 -45.41 -12.05 -40.30
CA ILE F 436 -46.02 -11.32 -41.40
C ILE F 436 -46.72 -10.08 -40.89
N ARG F 437 -47.38 -10.18 -39.73
CA ARG F 437 -48.10 -9.01 -39.22
C ARG F 437 -47.16 -7.85 -38.92
N GLN F 438 -46.00 -8.15 -38.33
CA GLN F 438 -45.06 -7.07 -38.06
C GLN F 438 -44.47 -6.50 -39.33
N VAL F 439 -44.25 -7.35 -40.35
CA VAL F 439 -43.76 -6.81 -41.61
C VAL F 439 -44.79 -5.87 -42.22
N SER F 440 -46.07 -6.26 -42.16
CA SER F 440 -47.12 -5.38 -42.65
C SER F 440 -47.18 -4.08 -41.87
N GLN F 441 -46.95 -4.15 -40.56
CA GLN F 441 -46.94 -2.95 -39.76
C GLN F 441 -45.81 -2.02 -40.18
N ALA F 442 -44.64 -2.57 -40.48
CA ALA F 442 -43.53 -1.73 -40.94
C ALA F 442 -43.88 -1.05 -42.26
N VAL F 443 -44.49 -1.79 -43.19
CA VAL F 443 -44.89 -1.19 -44.45
C VAL F 443 -45.89 -0.05 -44.22
N GLU F 444 -46.84 -0.26 -43.31
CA GLU F 444 -47.81 0.79 -43.00
C GLU F 444 -47.13 2.03 -42.41
N MET F 445 -46.17 1.83 -41.51
CA MET F 445 -45.47 2.97 -40.95
C MET F 445 -44.74 3.75 -42.02
N LYS F 446 -44.07 3.05 -42.94
CA LYS F 446 -43.36 3.74 -44.01
C LYS F 446 -44.33 4.53 -44.87
N ASP F 447 -45.46 3.94 -45.23
CA ASP F 447 -46.41 4.63 -46.09
C ASP F 447 -46.96 5.88 -45.41
N GLU F 448 -47.27 5.78 -44.12
CA GLU F 448 -47.73 6.96 -43.40
C GLU F 448 -46.69 8.07 -43.40
N TYR F 449 -45.44 7.73 -43.09
CA TYR F 449 -44.38 8.72 -43.13
C TYR F 449 -44.32 9.38 -44.50
N ARG F 450 -44.32 8.58 -45.56
CA ARG F 450 -44.22 9.15 -46.91
C ARG F 450 -45.38 10.09 -47.19
N ASN F 451 -46.57 9.77 -46.72
CA ASN F 451 -47.72 10.62 -47.02
C ASN F 451 -47.71 11.92 -46.24
N THR F 452 -46.98 12.00 -45.12
CA THR F 452 -46.97 13.28 -44.40
C THR F 452 -46.10 14.33 -45.10
N LEU F 453 -45.35 13.98 -46.14
CA LEU F 453 -44.36 14.89 -46.70
C LEU F 453 -44.82 15.48 -48.02
N PRO F 454 -44.31 16.67 -48.37
CA PRO F 454 -44.66 17.27 -49.66
C PRO F 454 -44.10 16.46 -50.81
N LYS F 455 -44.73 16.62 -51.98
CA LYS F 455 -44.44 15.72 -53.09
C LYS F 455 -43.02 15.87 -53.60
N GLY F 456 -42.50 17.10 -53.64
CA GLY F 456 -41.18 17.30 -54.21
C GLY F 456 -40.01 17.22 -53.26
N SER F 457 -40.24 16.85 -52.00
CA SER F 457 -39.18 16.92 -51.00
C SER F 457 -38.11 15.86 -51.26
N THR F 458 -36.89 16.16 -50.82
CA THR F 458 -35.81 15.18 -50.90
C THR F 458 -35.95 14.12 -49.82
N THR F 459 -36.50 14.50 -48.68
CA THR F 459 -36.79 13.53 -47.63
C THR F 459 -37.76 12.48 -48.12
N ARG F 460 -38.69 12.87 -48.98
CA ARG F 460 -39.62 11.89 -49.54
C ARG F 460 -38.90 10.89 -50.43
N ASP F 461 -37.91 11.34 -51.20
CA ASP F 461 -37.11 10.41 -51.98
C ASP F 461 -36.32 9.47 -51.08
N ALA F 462 -35.75 10.00 -50.01
CA ALA F 462 -35.03 9.15 -49.07
C ALA F 462 -35.95 8.09 -48.47
N VAL F 463 -37.18 8.47 -48.13
CA VAL F 463 -38.14 7.51 -47.61
C VAL F 463 -38.47 6.47 -48.66
N ASP F 464 -38.63 6.88 -49.91
CA ASP F 464 -38.92 5.92 -50.97
C ASP F 464 -37.79 4.92 -51.16
N ARG F 465 -36.56 5.33 -50.85
CA ARG F 465 -35.43 4.42 -51.06
C ARG F 465 -35.29 3.38 -49.96
N THR F 466 -35.88 3.59 -48.78
CA THR F 466 -35.69 2.65 -47.69
C THR F 466 -36.61 1.43 -47.84
N LEU F 467 -36.37 0.44 -47.00
CA LEU F 467 -37.17 -0.78 -46.93
C LEU F 467 -37.30 -1.45 -48.29
N GLY F 468 -36.16 -1.60 -48.96
CA GLY F 468 -36.14 -2.22 -50.27
C GLY F 468 -36.49 -3.68 -50.23
N THR G 27 -37.99 -64.16 -33.21
CA THR G 27 -36.83 -65.04 -33.10
C THR G 27 -36.74 -65.67 -31.72
N ILE G 28 -35.87 -66.67 -31.58
CA ILE G 28 -35.66 -67.34 -30.30
C ILE G 28 -34.24 -67.16 -29.78
N ASP G 29 -33.53 -66.15 -30.25
CA ASP G 29 -32.19 -65.90 -29.70
C ASP G 29 -32.30 -65.71 -28.20
N LEU G 30 -31.81 -66.70 -27.46
CA LEU G 30 -31.95 -66.74 -26.00
C LEU G 30 -30.95 -67.76 -25.50
N TYR G 31 -30.99 -68.02 -24.20
CA TYR G 31 -30.20 -69.12 -23.64
C TYR G 31 -30.56 -70.41 -24.37
N ALA G 32 -29.53 -71.22 -24.64
CA ALA G 32 -29.73 -72.43 -25.41
C ALA G 32 -30.78 -73.32 -24.76
N GLY G 33 -31.69 -73.83 -25.59
CA GLY G 33 -32.78 -74.65 -25.10
C GLY G 33 -34.08 -73.93 -24.86
N GLN G 34 -34.21 -72.68 -25.32
CA GLN G 34 -35.45 -71.94 -25.11
C GLN G 34 -36.57 -72.55 -25.95
N VAL G 35 -37.77 -72.62 -25.38
CA VAL G 35 -38.97 -73.09 -26.06
C VAL G 35 -39.89 -71.90 -26.24
N ARG G 36 -40.36 -71.68 -27.47
CA ARG G 36 -41.32 -70.62 -27.75
C ARG G 36 -42.47 -71.15 -28.59
N VAL G 37 -43.67 -70.69 -28.26
CA VAL G 37 -44.88 -71.08 -28.98
C VAL G 37 -45.46 -69.83 -29.64
N ILE G 38 -45.63 -69.89 -30.95
CA ILE G 38 -46.13 -68.77 -31.74
C ILE G 38 -47.44 -69.21 -32.41
N PRO G 39 -48.58 -68.60 -32.06
CA PRO G 39 -49.84 -68.96 -32.74
C PRO G 39 -49.89 -68.37 -34.14
N THR G 40 -50.16 -69.23 -35.11
CA THR G 40 -50.25 -68.82 -36.50
C THR G 40 -51.44 -69.51 -37.15
N LYS G 41 -51.55 -69.35 -38.46
CA LYS G 41 -52.56 -70.04 -39.23
C LYS G 41 -52.17 -71.52 -39.38
N PRO G 42 -53.11 -72.37 -39.75
CA PRO G 42 -52.81 -73.81 -39.89
C PRO G 42 -51.58 -74.06 -40.75
N VAL G 43 -50.65 -74.85 -40.19
CA VAL G 43 -49.40 -75.20 -40.86
C VAL G 43 -49.23 -76.71 -40.82
N LYS G 44 -48.69 -77.28 -41.89
CA LYS G 44 -48.50 -78.73 -41.96
C LYS G 44 -47.47 -79.18 -40.95
N ARG G 45 -46.36 -78.45 -40.83
CA ARG G 45 -45.26 -78.82 -39.94
C ARG G 45 -44.41 -77.58 -39.73
N VAL G 46 -43.40 -77.71 -38.86
CA VAL G 46 -42.40 -76.68 -38.66
C VAL G 46 -41.03 -77.35 -38.72
N ALA G 47 -40.16 -76.84 -39.58
CA ALA G 47 -38.84 -77.43 -39.80
C ALA G 47 -37.77 -76.35 -39.76
N ILE G 48 -36.53 -76.78 -39.64
CA ILE G 48 -35.37 -75.90 -39.51
C ILE G 48 -34.33 -76.29 -40.55
N GLY G 49 -33.67 -75.28 -41.13
CA GLY G 49 -32.65 -75.56 -42.14
C GLY G 49 -31.50 -76.40 -41.62
N ASP G 50 -31.01 -76.08 -40.42
CA ASP G 50 -29.93 -76.83 -39.79
C ASP G 50 -30.49 -77.60 -38.60
N GLY G 51 -30.31 -78.92 -38.61
CA GLY G 51 -30.86 -79.74 -37.55
C GLY G 51 -30.22 -79.45 -36.20
N LYS G 52 -28.91 -79.23 -36.17
CA LYS G 52 -28.21 -79.02 -34.91
C LYS G 52 -28.68 -77.73 -34.23
N VAL G 53 -28.80 -76.65 -35.01
CA VAL G 53 -29.05 -75.34 -34.42
C VAL G 53 -30.41 -75.28 -33.73
N LEU G 54 -31.44 -75.84 -34.38
CA LEU G 54 -32.79 -75.63 -33.88
C LEU G 54 -33.68 -76.79 -34.28
N SER G 55 -34.63 -77.11 -33.39
CA SER G 55 -35.62 -78.16 -33.61
C SER G 55 -37.01 -77.57 -33.44
N THR G 56 -37.99 -78.12 -34.17
CA THR G 56 -39.32 -77.54 -34.23
C THR G 56 -40.39 -78.61 -34.32
N THR G 57 -41.59 -78.26 -33.85
CA THR G 57 -42.78 -79.10 -33.95
C THR G 57 -43.98 -78.21 -34.22
N VAL G 58 -45.04 -78.80 -34.77
CA VAL G 58 -46.29 -78.06 -34.95
C VAL G 58 -47.29 -78.49 -33.88
N VAL G 59 -47.82 -77.51 -33.16
CA VAL G 59 -48.78 -77.76 -32.08
C VAL G 59 -50.10 -77.10 -32.45
N ASP G 60 -51.20 -77.77 -32.13
CA ASP G 60 -52.57 -77.40 -32.46
C ASP G 60 -52.82 -77.48 -33.95
N GLY G 61 -51.84 -77.87 -34.75
CA GLY G 61 -51.96 -77.88 -36.20
C GLY G 61 -51.78 -76.52 -36.84
N ASN G 62 -51.71 -75.45 -36.06
CA ASN G 62 -51.59 -74.10 -36.58
C ASN G 62 -50.37 -73.41 -36.00
N GLU G 63 -50.10 -73.66 -34.73
CA GLU G 63 -49.08 -72.93 -34.00
C GLU G 63 -47.74 -73.63 -34.06
N LEU G 64 -46.68 -72.86 -33.80
CA LEU G 64 -45.30 -73.30 -33.84
C LEU G 64 -44.81 -73.52 -32.42
N LEU G 65 -44.32 -74.72 -32.13
CA LEU G 65 -43.51 -74.95 -30.93
C LEU G 65 -42.07 -75.07 -31.40
N LEU G 66 -41.19 -74.28 -30.82
CA LEU G 66 -39.86 -74.07 -31.37
C LEU G 66 -38.84 -74.17 -30.24
N LEU G 67 -38.06 -75.26 -30.25
CA LEU G 67 -36.99 -75.47 -29.29
C LEU G 67 -35.68 -75.06 -29.96
N GLY G 68 -35.09 -73.97 -29.48
CA GLY G 68 -33.82 -73.54 -30.01
C GLY G 68 -32.67 -74.25 -29.32
N ASP G 69 -32.14 -75.28 -29.98
CA ASP G 69 -30.96 -75.97 -29.45
C ASP G 69 -29.78 -75.02 -29.36
N ALA G 70 -29.71 -74.06 -30.28
CA ALA G 70 -28.70 -73.01 -30.25
C ALA G 70 -27.29 -73.58 -30.30
N GLU G 71 -27.06 -74.54 -31.19
CA GLU G 71 -25.71 -75.06 -31.35
C GLU G 71 -24.83 -74.08 -32.11
N GLY G 72 -25.41 -73.33 -33.04
CA GLY G 72 -24.63 -72.38 -33.83
C GLY G 72 -25.45 -71.14 -34.12
N GLU G 73 -24.76 -70.15 -34.67
CA GLU G 73 -25.36 -68.87 -35.03
C GLU G 73 -25.46 -68.76 -36.55
N THR G 74 -26.68 -68.64 -37.06
CA THR G 74 -26.89 -68.52 -38.50
C THR G 74 -28.33 -68.12 -38.75
N SER G 75 -28.60 -67.74 -40.00
CA SER G 75 -29.97 -67.54 -40.44
C SER G 75 -30.63 -68.90 -40.65
N LEU G 76 -31.96 -68.91 -40.55
CA LEU G 76 -32.72 -70.15 -40.57
C LEU G 76 -33.88 -70.06 -41.57
N ARG G 77 -34.17 -71.20 -42.20
CA ARG G 77 -35.31 -71.35 -43.08
C ARG G 77 -36.30 -72.30 -42.42
N VAL G 78 -37.58 -71.95 -42.48
CA VAL G 78 -38.63 -72.69 -41.78
C VAL G 78 -39.70 -73.09 -42.79
N TRP G 79 -40.15 -74.34 -42.70
CA TRP G 79 -41.12 -74.90 -43.63
C TRP G 79 -42.48 -75.03 -42.96
N PHE G 80 -43.54 -74.67 -43.68
CA PHE G 80 -44.90 -74.92 -43.25
C PHE G 80 -45.70 -75.46 -44.43
N LYS G 81 -47.01 -75.53 -44.23
CA LYS G 81 -47.92 -75.74 -45.35
C LYS G 81 -47.98 -74.50 -46.23
N ASP G 82 -48.15 -73.33 -45.62
CA ASP G 82 -48.21 -72.09 -46.37
C ASP G 82 -46.82 -71.67 -46.86
N GLY G 83 -45.77 -72.07 -46.15
CA GLY G 83 -44.42 -71.84 -46.59
C GLY G 83 -43.84 -70.49 -46.21
N SER G 84 -44.55 -69.68 -45.43
CA SER G 84 -44.01 -68.40 -45.00
C SER G 84 -42.77 -68.62 -44.12
N GLU G 85 -41.71 -67.87 -44.41
CA GLU G 85 -40.43 -68.02 -43.73
C GLU G 85 -40.05 -66.72 -43.05
N ALA G 86 -39.73 -66.81 -41.75
CA ALA G 86 -39.21 -65.69 -40.99
C ALA G 86 -37.82 -66.08 -40.49
N ALA G 87 -36.79 -65.47 -41.08
CA ALA G 87 -35.42 -65.80 -40.73
C ALA G 87 -35.15 -65.47 -39.27
N TYR G 88 -34.56 -66.43 -38.55
CA TYR G 88 -34.24 -66.28 -37.15
C TYR G 88 -32.73 -66.32 -36.95
N ARG G 89 -32.23 -65.43 -36.11
CA ARG G 89 -30.83 -65.42 -35.70
C ARG G 89 -30.75 -65.96 -34.28
N VAL G 90 -29.87 -66.93 -34.06
CA VAL G 90 -29.82 -67.67 -32.81
C VAL G 90 -28.43 -67.49 -32.20
N LEU G 91 -28.39 -67.11 -30.93
CA LEU G 91 -27.14 -67.00 -30.18
C LEU G 91 -27.37 -67.55 -28.77
N VAL G 92 -26.36 -68.23 -28.24
CA VAL G 92 -26.43 -68.75 -26.87
C VAL G 92 -26.25 -67.60 -25.89
N ALA G 93 -26.98 -67.65 -24.79
CA ALA G 93 -26.81 -66.60 -23.79
C ALA G 93 -25.78 -67.03 -22.76
N PRO G 94 -24.64 -66.32 -22.64
CA PRO G 94 -23.63 -66.63 -21.63
C PRO G 94 -24.20 -66.56 -20.21
N VAL G 97 -26.68 -63.55 -24.20
CA VAL G 97 -27.28 -62.38 -24.82
C VAL G 97 -28.80 -62.48 -24.80
N GLY G 98 -29.35 -63.60 -25.25
CA GLY G 98 -30.80 -63.68 -25.41
C GLY G 98 -31.52 -63.75 -24.09
N ARG G 99 -31.04 -64.59 -23.16
CA ARG G 99 -31.65 -64.64 -21.84
C ARG G 99 -31.51 -63.29 -21.13
N ALA G 100 -30.33 -62.70 -21.21
CA ALA G 100 -30.13 -61.37 -20.65
C ALA G 100 -31.03 -60.35 -21.34
N ALA G 101 -31.21 -60.48 -22.65
CA ALA G 101 -32.11 -59.57 -23.35
C ALA G 101 -33.53 -59.68 -22.81
N GLU G 102 -33.99 -60.91 -22.58
CA GLU G 102 -35.33 -61.09 -22.01
C GLU G 102 -35.42 -60.50 -20.62
N GLU G 103 -34.38 -60.70 -19.81
CA GLU G 103 -34.40 -60.16 -18.45
C GLU G 103 -34.45 -58.64 -18.46
N MET G 104 -33.63 -58.01 -19.30
CA MET G 104 -33.66 -56.55 -19.42
C MET G 104 -35.01 -56.08 -19.92
N ARG G 105 -35.60 -56.81 -20.86
CA ARG G 105 -36.90 -56.42 -21.39
C ARG G 105 -37.97 -56.47 -20.29
N GLU G 106 -37.92 -57.49 -19.44
CA GLU G 106 -38.88 -57.59 -18.35
C GLU G 106 -38.67 -56.47 -17.33
N LEU G 107 -37.42 -56.26 -16.92
CA LEU G 107 -37.15 -55.24 -15.91
C LEU G 107 -37.52 -53.85 -16.41
N MET G 108 -37.16 -53.54 -17.65
CA MET G 108 -37.46 -52.22 -18.19
C MET G 108 -38.95 -52.07 -18.47
N GLY G 109 -39.60 -53.15 -18.89
CA GLY G 109 -41.00 -53.09 -19.25
C GLY G 109 -41.93 -52.76 -18.09
N ALA G 115 -40.69 -46.21 -23.55
CA ALA G 115 -40.40 -45.74 -24.90
C ALA G 115 -39.12 -46.36 -25.42
N LYS G 116 -38.38 -46.99 -24.51
CA LYS G 116 -37.15 -47.69 -24.86
C LYS G 116 -37.45 -48.88 -25.75
N ILE G 117 -36.49 -49.23 -26.59
CA ILE G 117 -36.60 -50.36 -27.50
C ILE G 117 -35.41 -51.28 -27.30
N ARG G 118 -35.68 -52.57 -27.16
CA ARG G 118 -34.68 -53.60 -26.90
C ARG G 118 -34.59 -54.55 -28.08
N VAL G 119 -33.39 -54.79 -28.58
CA VAL G 119 -33.19 -55.82 -29.60
C VAL G 119 -31.90 -56.58 -29.31
N VAL G 120 -31.74 -57.71 -30.01
CA VAL G 120 -30.65 -58.64 -29.69
C VAL G 120 -29.41 -58.31 -30.52
N GLY G 121 -29.53 -58.35 -31.85
CA GLY G 121 -28.37 -58.14 -32.70
C GLY G 121 -27.30 -59.17 -32.40
N ASP G 122 -26.06 -58.70 -32.21
CA ASP G 122 -25.01 -59.51 -31.63
C ASP G 122 -24.83 -59.27 -30.14
N HIS G 123 -24.64 -58.01 -29.75
CA HIS G 123 -24.72 -57.60 -28.35
C HIS G 123 -26.02 -56.85 -28.18
N VAL G 124 -26.58 -56.91 -26.98
CA VAL G 124 -27.91 -56.36 -26.77
C VAL G 124 -27.89 -54.85 -27.02
N VAL G 125 -28.79 -54.43 -27.92
CA VAL G 125 -28.89 -53.05 -28.37
C VAL G 125 -30.09 -52.44 -27.67
N VAL G 126 -29.91 -51.29 -27.02
CA VAL G 126 -31.02 -50.53 -26.47
C VAL G 126 -31.03 -49.14 -27.10
N ASP G 127 -32.19 -48.75 -27.64
CA ASP G 127 -32.27 -47.50 -28.38
C ASP G 127 -33.56 -46.77 -28.06
N GLY G 128 -33.51 -45.45 -28.10
CA GLY G 128 -34.67 -44.63 -27.84
C GLY G 128 -34.36 -43.18 -28.11
N LYS G 129 -35.42 -42.40 -28.32
CA LYS G 129 -35.21 -41.02 -28.75
C LYS G 129 -35.18 -40.05 -27.59
N ASN G 130 -36.25 -39.99 -26.81
CA ASN G 130 -36.44 -38.92 -25.84
C ASN G 130 -36.73 -39.52 -24.46
N LEU G 131 -35.89 -40.45 -24.05
CA LEU G 131 -36.11 -41.11 -22.77
C LEU G 131 -35.79 -40.17 -21.61
N ALA G 132 -36.56 -40.31 -20.54
CA ALA G 132 -36.39 -39.48 -19.37
C ALA G 132 -35.08 -39.85 -18.66
N PRO G 133 -34.49 -38.91 -17.93
CA PRO G 133 -33.22 -39.22 -17.24
C PRO G 133 -33.32 -40.38 -16.28
N THR G 134 -34.48 -40.57 -15.64
CA THR G 134 -34.64 -41.72 -14.75
C THR G 134 -34.53 -43.02 -15.53
N THR G 135 -35.13 -43.09 -16.71
CA THR G 135 -35.06 -44.30 -17.50
C THR G 135 -33.63 -44.57 -17.95
N LEU G 136 -32.89 -43.51 -18.31
CA LEU G 136 -31.50 -43.68 -18.67
C LEU G 136 -30.68 -44.20 -17.49
N ALA G 137 -30.94 -43.67 -16.29
CA ALA G 137 -30.23 -44.14 -15.11
C ALA G 137 -30.55 -45.60 -14.84
N ARG G 138 -31.81 -45.99 -15.00
CA ARG G 138 -32.20 -47.39 -14.84
C ARG G 138 -31.46 -48.28 -15.83
N VAL G 139 -31.36 -47.83 -17.08
CA VAL G 139 -30.67 -48.63 -18.10
C VAL G 139 -29.20 -48.77 -17.76
N ARG G 140 -28.56 -47.67 -17.36
CA ARG G 140 -27.14 -47.74 -17.03
C ARG G 140 -26.91 -48.58 -15.78
N ALA G 141 -27.89 -48.63 -14.88
CA ALA G 141 -27.78 -49.52 -13.73
C ALA G 141 -27.88 -50.97 -14.16
N LEU G 142 -28.84 -51.30 -15.03
CA LEU G 142 -28.93 -52.65 -15.55
C LEU G 142 -27.74 -53.03 -16.41
N GLN G 143 -26.96 -52.05 -16.86
CA GLN G 143 -25.78 -52.37 -17.66
C GLN G 143 -24.82 -53.31 -16.92
N ALA G 144 -24.85 -53.30 -15.58
CA ALA G 144 -23.93 -54.15 -14.83
C ALA G 144 -24.33 -55.61 -14.90
N LEU G 145 -25.56 -55.90 -15.35
CA LEU G 145 -26.02 -57.28 -15.40
C LEU G 145 -25.25 -58.08 -16.44
N TYR G 146 -24.92 -57.48 -17.58
CA TYR G 146 -24.20 -58.15 -18.65
C TYR G 146 -23.21 -57.16 -19.26
N PRO G 147 -21.96 -57.59 -19.48
CA PRO G 147 -20.98 -56.64 -20.04
C PRO G 147 -21.27 -56.15 -21.45
N LYS G 148 -21.58 -57.03 -22.41
CA LYS G 148 -21.74 -56.60 -23.81
C LYS G 148 -23.16 -56.07 -24.02
N THR G 149 -23.38 -54.82 -23.63
CA THR G 149 -24.60 -54.09 -23.94
C THR G 149 -24.18 -52.76 -24.56
N ILE G 150 -24.98 -52.22 -25.46
CA ILE G 150 -24.71 -50.87 -25.95
C ILE G 150 -26.00 -50.05 -25.91
N VAL G 151 -25.83 -48.78 -25.58
CA VAL G 151 -26.90 -47.85 -25.26
C VAL G 151 -26.96 -46.83 -26.40
N LEU G 152 -27.85 -47.07 -27.36
CA LEU G 152 -28.05 -46.11 -28.42
C LEU G 152 -29.13 -45.09 -28.10
N ALA G 153 -29.73 -45.18 -26.93
CA ALA G 153 -30.78 -44.26 -26.56
C ALA G 153 -30.19 -42.89 -26.19
N THR G 154 -31.00 -41.86 -26.33
CA THR G 154 -30.58 -40.50 -26.04
C THR G 154 -31.57 -39.82 -25.10
N PRO G 155 -31.11 -38.88 -24.29
CA PRO G 155 -32.02 -38.17 -23.38
C PRO G 155 -32.75 -37.05 -24.10
N SER G 156 -33.83 -36.59 -23.45
CA SER G 156 -34.56 -35.43 -23.92
C SER G 156 -33.76 -34.16 -23.67
N PRO G 157 -34.02 -33.10 -24.44
CA PRO G 157 -33.33 -31.83 -24.18
C PRO G 157 -33.54 -31.32 -22.77
N PHE G 158 -34.74 -31.49 -22.24
CA PHE G 158 -35.08 -31.08 -20.89
C PHE G 158 -36.30 -31.87 -20.46
N ASP G 159 -36.72 -31.66 -19.21
CA ASP G 159 -37.87 -32.34 -18.65
C ASP G 159 -38.98 -31.34 -18.36
N MET G 160 -40.19 -31.63 -18.80
CA MET G 160 -41.31 -30.76 -18.51
C MET G 160 -41.70 -30.92 -17.04
N GLU G 161 -41.69 -29.81 -16.32
CA GLU G 161 -41.98 -29.82 -14.90
C GLU G 161 -43.40 -29.33 -14.67
N LYS G 162 -43.93 -29.66 -13.51
CA LYS G 162 -45.22 -29.12 -13.11
C LYS G 162 -45.08 -27.63 -12.82
N MET G 163 -46.16 -26.90 -13.05
CA MET G 163 -46.20 -25.47 -12.86
C MET G 163 -46.99 -25.15 -11.60
N VAL G 164 -46.48 -24.22 -10.80
CA VAL G 164 -47.09 -23.85 -9.53
C VAL G 164 -47.51 -22.39 -9.60
N TRP G 165 -48.76 -22.14 -9.24
CA TRP G 165 -49.31 -20.82 -9.11
C TRP G 165 -49.34 -20.45 -7.64
N LEU G 166 -48.83 -19.27 -7.31
CA LEU G 166 -48.78 -18.80 -5.94
C LEU G 166 -49.65 -17.58 -5.77
N ASP G 167 -50.51 -17.60 -4.77
CA ASP G 167 -51.40 -16.49 -4.45
C ASP G 167 -51.10 -16.01 -3.04
N VAL G 168 -50.73 -14.74 -2.89
CA VAL G 168 -50.34 -14.19 -1.60
C VAL G 168 -51.26 -13.02 -1.26
N ASN G 169 -51.67 -12.95 0.00
CA ASN G 169 -52.45 -11.83 0.50
C ASN G 169 -51.78 -11.25 1.74
N ILE G 170 -51.67 -9.92 1.77
CA ILE G 170 -51.08 -9.19 2.88
C ILE G 170 -52.06 -8.11 3.30
N LEU G 171 -52.60 -8.22 4.51
CA LEU G 171 -53.59 -7.28 5.01
C LEU G 171 -53.08 -6.60 6.26
N GLU G 172 -53.28 -5.29 6.36
CA GLU G 172 -52.89 -4.57 7.57
C GLU G 172 -53.84 -3.40 7.87
N ILE G 173 -54.14 -3.22 9.15
CA ILE G 173 -54.98 -2.14 9.64
C ILE G 173 -54.28 -1.47 10.82
N ARG G 174 -54.21 -0.13 10.79
CA ARG G 174 -53.64 0.66 11.86
C ARG G 174 -54.68 1.66 12.36
N LYS G 175 -54.79 1.81 13.68
CA LYS G 175 -55.66 2.80 14.28
C LYS G 175 -54.96 3.48 15.44
N SER G 176 -55.27 4.76 15.65
CA SER G 176 -54.60 5.50 16.71
C SER G 176 -55.46 6.68 17.18
N VAL G 177 -55.32 6.99 18.48
CA VAL G 177 -55.96 8.12 19.13
C VAL G 177 -54.91 8.91 19.89
N LEU G 178 -55.04 10.24 19.86
CA LEU G 178 -54.12 11.11 20.58
C LEU G 178 -54.90 12.26 21.20
N GLU G 179 -54.69 12.51 22.50
CA GLU G 179 -55.38 13.59 23.20
C GLU G 179 -54.40 14.36 24.06
N ASN G 180 -54.64 15.65 24.21
CA ASN G 180 -53.80 16.52 25.02
C ASN G 180 -54.66 17.62 25.60
N PHE G 181 -54.96 17.54 26.90
CA PHE G 181 -55.95 18.46 27.45
C PHE G 181 -55.65 18.83 28.89
N GLY G 182 -55.99 20.05 29.23
CA GLY G 182 -55.89 20.55 30.59
C GLY G 182 -55.18 21.89 30.66
N VAL G 183 -54.80 22.26 31.87
CA VAL G 183 -54.11 23.51 32.14
C VAL G 183 -52.73 23.17 32.70
N ASP G 184 -51.70 23.68 32.05
CA ASP G 184 -50.32 23.45 32.45
C ASP G 184 -49.78 24.74 33.07
N TRP G 185 -49.41 24.67 34.34
CA TRP G 185 -48.95 25.85 35.07
C TRP G 185 -47.43 25.85 35.25
N SER G 186 -46.95 26.88 35.94
CA SER G 186 -45.55 26.95 36.32
C SER G 186 -45.29 26.10 37.56
N LYS G 187 -44.09 25.53 37.64
CA LYS G 187 -43.74 24.69 38.77
C LYS G 187 -42.51 25.16 39.53
N GLN G 188 -41.78 26.15 39.02
CA GLN G 188 -40.63 26.71 39.71
C GLN G 188 -40.72 28.22 39.63
N ILE G 189 -40.94 28.86 40.77
CA ILE G 189 -41.14 30.30 40.77
C ILE G 189 -40.14 30.95 41.72
N PRO G 190 -39.78 32.21 41.53
CA PRO G 190 -38.85 32.86 42.45
C PRO G 190 -39.40 32.89 43.87
N GLY G 191 -38.50 32.79 44.84
CA GLY G 191 -38.87 32.87 46.24
C GLY G 191 -38.46 34.18 46.86
N PRO G 192 -38.60 34.28 48.19
CA PRO G 192 -38.28 35.55 48.86
C PRO G 192 -36.79 35.83 48.88
N PHE G 193 -36.45 37.09 49.16
CA PHE G 193 -35.08 37.56 49.23
C PHE G 193 -34.89 38.50 50.42
N ALA G 194 -33.66 38.53 50.92
CA ALA G 194 -33.25 39.40 52.00
C ALA G 194 -31.80 39.79 51.83
N ALA G 195 -31.47 41.02 52.21
CA ALA G 195 -30.09 41.50 52.14
C ALA G 195 -29.84 42.50 53.25
N PHE G 196 -28.60 42.51 53.74
CA PHE G 196 -28.15 43.38 54.81
C PHE G 196 -26.80 43.98 54.44
N GLY G 197 -26.56 45.21 54.89
CA GLY G 197 -25.30 45.87 54.63
C GLY G 197 -25.02 46.99 55.60
N LYS G 198 -23.81 47.03 56.16
CA LYS G 198 -23.49 48.08 57.10
C LYS G 198 -21.99 48.34 57.10
N ASP G 199 -21.62 49.60 57.36
CA ASP G 199 -20.23 50.03 57.46
C ASP G 199 -19.98 50.47 58.90
N PHE G 200 -19.42 49.58 59.71
CA PHE G 200 -19.18 49.91 61.11
C PHE G 200 -18.17 51.04 61.25
N VAL G 201 -17.09 51.00 60.48
CA VAL G 201 -16.20 52.14 60.31
C VAL G 201 -16.19 52.49 58.83
N GLY G 202 -16.75 53.65 58.50
CA GLY G 202 -17.11 53.94 57.14
C GLY G 202 -16.02 54.62 56.35
N PRO G 203 -16.17 54.65 55.04
CA PRO G 203 -15.21 55.36 54.20
C PRO G 203 -15.33 56.86 54.41
N ARG G 204 -14.26 57.58 54.08
CA ARG G 204 -14.24 59.03 54.17
C ARG G 204 -14.27 59.62 52.77
N ASN G 205 -15.07 60.67 52.59
CA ASN G 205 -15.12 61.41 51.34
C ASN G 205 -14.30 62.68 51.48
N VAL G 206 -13.33 62.87 50.57
CA VAL G 206 -12.41 63.99 50.62
C VAL G 206 -12.18 64.51 49.21
N ALA G 207 -11.81 65.79 49.10
CA ALA G 207 -11.47 66.36 47.81
C ALA G 207 -10.05 65.97 47.41
N THR G 208 -9.86 65.65 46.13
CA THR G 208 -8.55 65.27 45.63
C THR G 208 -8.31 65.93 44.28
N ILE G 209 -7.04 66.15 43.97
CA ILE G 209 -6.61 66.69 42.69
C ILE G 209 -5.80 65.61 41.97
N PRO G 210 -6.27 65.11 40.82
CA PRO G 210 -5.54 64.04 40.14
C PRO G 210 -4.16 64.48 39.68
N LEU G 211 -3.25 63.52 39.63
CA LEU G 211 -1.90 63.79 39.17
C LEU G 211 -1.90 64.08 37.67
N GLY G 212 -1.06 65.04 37.28
CA GLY G 212 -0.98 65.44 35.89
C GLY G 212 -2.05 66.40 35.44
N GLN G 213 -2.87 66.88 36.36
CA GLN G 213 -3.95 67.81 36.06
C GLN G 213 -3.52 69.23 36.44
N ASP G 214 -4.00 70.20 35.68
CA ASP G 214 -3.66 71.58 35.93
C ASP G 214 -4.10 72.00 37.33
N LEU G 215 -3.29 72.85 37.97
CA LEU G 215 -3.54 73.19 39.36
C LEU G 215 -4.76 74.11 39.50
N THR G 216 -5.12 74.83 38.45
CA THR G 216 -6.24 75.77 38.56
C THR G 216 -7.58 75.05 38.57
N GLN G 217 -7.63 73.86 37.97
CA GLN G 217 -8.91 73.17 37.82
C GLN G 217 -9.46 72.76 39.19
N PRO G 218 -10.78 72.75 39.37
CA PRO G 218 -11.34 72.46 40.69
C PRO G 218 -11.13 71.00 41.08
N PRO G 219 -11.11 70.69 42.37
CA PRO G 219 -10.88 69.31 42.79
C PRO G 219 -12.07 68.41 42.49
N VAL G 220 -11.81 67.11 42.50
CA VAL G 220 -12.84 66.11 42.26
C VAL G 220 -13.03 65.31 43.55
N ALA G 221 -14.03 64.43 43.53
CA ALA G 221 -14.34 63.61 44.69
C ALA G 221 -13.38 62.43 44.81
N GLY G 222 -13.07 62.04 46.04
CA GLY G 222 -12.20 60.91 46.28
C GLY G 222 -12.43 60.37 47.67
N THR G 223 -11.74 59.28 47.98
CA THR G 223 -12.05 58.51 49.16
C THR G 223 -10.79 58.18 49.95
N GLY G 224 -11.00 57.77 51.20
CA GLY G 224 -9.98 57.11 51.98
C GLY G 224 -9.93 55.64 51.64
N VAL G 225 -9.63 54.82 52.64
CA VAL G 225 -9.67 53.39 52.43
C VAL G 225 -11.12 52.95 52.32
N ARG G 226 -11.45 52.32 51.21
CA ARG G 226 -12.82 51.90 50.94
C ARG G 226 -12.82 50.56 50.24
N VAL G 227 -13.67 49.64 50.71
CA VAL G 227 -13.73 48.29 50.18
C VAL G 227 -15.04 48.10 49.42
N THR G 228 -14.96 47.50 48.25
CA THR G 228 -16.13 47.05 47.51
C THR G 228 -16.09 45.54 47.41
N PRO G 229 -16.77 44.80 48.27
CA PRO G 229 -16.54 43.37 48.34
C PRO G 229 -17.07 42.68 47.10
N PRO G 230 -16.50 41.53 46.74
CA PRO G 230 -17.06 40.76 45.63
C PRO G 230 -18.26 39.96 46.09
N LEU G 231 -19.34 40.02 45.31
CA LEU G 231 -20.54 39.24 45.57
C LEU G 231 -20.43 37.96 44.77
N GLY G 232 -20.31 36.83 45.46
CA GLY G 232 -20.08 35.58 44.75
C GLY G 232 -21.31 35.11 44.00
N SER G 233 -22.30 34.60 44.72
CA SER G 233 -23.54 34.15 44.12
C SER G 233 -24.58 35.24 44.06
N LEU G 234 -24.42 36.32 44.80
CA LEU G 234 -25.34 37.44 44.81
C LEU G 234 -25.02 38.46 43.72
N ASN G 235 -24.02 38.18 42.89
CA ASN G 235 -23.60 39.13 41.88
C ASN G 235 -24.74 39.47 40.94
N GLY G 236 -24.94 40.76 40.72
CA GLY G 236 -26.02 41.24 39.89
C GLY G 236 -27.34 41.35 40.60
N ALA G 237 -27.44 40.90 41.85
CA ALA G 237 -28.67 40.99 42.61
C ALA G 237 -28.68 42.15 43.58
N ILE G 238 -27.53 42.58 44.08
CA ILE G 238 -27.42 43.74 44.95
C ILE G 238 -26.71 44.84 44.18
N ASP G 239 -27.30 46.03 44.17
CA ASP G 239 -26.77 47.13 43.39
C ASP G 239 -25.59 47.77 44.10
N LEU G 240 -24.43 47.81 43.43
CA LEU G 240 -23.24 48.42 43.99
C LEU G 240 -22.84 49.70 43.29
N ALA G 241 -23.17 49.87 42.01
CA ALA G 241 -22.77 51.07 41.29
C ALA G 241 -23.41 52.31 41.86
N ASN G 242 -24.66 52.21 42.29
CA ASN G 242 -25.41 53.35 42.75
C ASN G 242 -25.51 53.45 44.27
N LEU G 243 -24.84 52.57 45.00
CA LEU G 243 -24.97 52.54 46.45
C LEU G 243 -24.10 53.62 47.09
N ALA G 244 -24.72 54.47 47.90
CA ALA G 244 -23.96 55.47 48.65
C ALA G 244 -23.15 54.77 49.73
N ARG G 245 -21.83 54.99 49.71
CA ARG G 245 -20.95 54.10 50.45
C ARG G 245 -20.98 54.27 51.97
N PRO G 246 -21.09 55.48 52.51
CA PRO G 246 -21.48 55.57 53.92
C PRO G 246 -22.93 55.12 54.04
N ILE G 247 -23.13 53.79 54.08
CA ILE G 247 -24.42 53.19 53.75
C ILE G 247 -25.54 53.76 54.59
N ALA G 248 -26.56 54.29 53.92
CA ALA G 248 -27.78 54.76 54.55
C ALA G 248 -28.90 53.83 54.13
N GLY G 249 -29.47 53.12 55.09
CA GLY G 249 -30.47 52.11 54.78
C GLY G 249 -29.83 50.74 54.66
N THR G 250 -29.99 49.92 55.69
CA THR G 250 -29.13 48.75 55.82
C THR G 250 -29.77 47.49 55.27
N THR G 251 -31.08 47.34 55.42
CA THR G 251 -31.73 46.06 55.15
C THR G 251 -32.80 46.20 54.08
N ASN G 252 -32.96 45.15 53.27
CA ASN G 252 -34.04 45.05 52.29
C ASN G 252 -34.57 43.63 52.28
N PHE G 253 -35.88 43.47 52.41
CA PHE G 253 -36.49 42.16 52.55
C PHE G 253 -37.83 42.14 51.83
N GLY G 254 -37.99 41.22 50.89
CA GLY G 254 -39.21 41.23 50.10
C GLY G 254 -39.29 40.03 49.18
N ILE G 255 -40.31 40.03 48.33
CA ILE G 255 -40.57 38.94 47.40
C ILE G 255 -41.16 39.49 46.11
N ILE G 256 -40.81 38.87 44.99
CA ILE G 256 -41.38 39.17 43.67
C ILE G 256 -41.52 37.87 42.91
N THR G 257 -42.75 37.47 42.61
CA THR G 257 -42.99 36.16 42.02
C THR G 257 -44.33 36.14 41.30
N GLY G 258 -44.52 35.12 40.47
CA GLY G 258 -45.79 34.92 39.77
C GLY G 258 -45.80 33.62 39.00
N VAL G 259 -46.97 33.29 38.44
CA VAL G 259 -47.16 32.05 37.71
C VAL G 259 -47.73 32.33 36.33
N LEU G 260 -47.45 31.42 35.40
CA LEU G 260 -47.97 31.47 34.05
C LEU G 260 -48.65 30.15 33.73
N SER G 261 -49.34 30.09 32.60
CA SER G 261 -50.19 28.95 32.32
C SER G 261 -50.40 28.79 30.82
N THR G 262 -50.85 27.59 30.44
CA THR G 262 -51.19 27.24 29.07
C THR G 262 -52.40 26.32 29.09
N ILE G 263 -53.24 26.39 28.05
CA ILE G 263 -54.46 25.60 27.95
C ILE G 263 -54.39 24.71 26.72
N ASN G 264 -54.72 23.43 26.90
CA ASN G 264 -54.65 22.44 25.84
C ASN G 264 -55.99 21.77 25.68
N PHE G 265 -56.49 21.66 24.45
CA PHE G 265 -57.68 20.88 24.15
C PHE G 265 -57.56 20.16 22.80
N ALA G 266 -56.44 19.52 22.54
CA ALA G 266 -56.18 18.88 21.24
C ALA G 266 -56.67 17.43 21.22
N LEU G 267 -57.19 17.00 20.08
CA LEU G 267 -57.82 15.69 19.94
C LEU G 267 -57.72 15.20 18.51
N SER G 268 -57.27 13.96 18.30
CA SER G 268 -56.97 13.48 16.96
C SER G 268 -57.15 11.98 16.85
N ASN G 269 -57.59 11.54 15.67
CA ASN G 269 -57.74 10.13 15.32
C ASN G 269 -57.00 9.83 14.04
N GLY G 270 -56.72 8.56 13.82
CA GLY G 270 -56.10 8.14 12.56
C GLY G 270 -56.43 6.69 12.27
N ASP G 271 -56.71 6.43 11.00
CA ASP G 271 -56.96 5.07 10.51
C ASP G 271 -56.20 4.88 9.20
N ALA G 272 -55.75 3.65 8.95
CA ALA G 272 -55.14 3.34 7.67
C ALA G 272 -55.32 1.86 7.37
N TYR G 273 -55.79 1.57 6.16
CA TYR G 273 -56.06 0.21 5.71
C TYR G 273 -55.20 -0.10 4.50
N LEU G 274 -54.80 -1.36 4.33
CA LEU G 274 -54.21 -1.76 3.07
C LEU G 274 -54.33 -3.25 2.87
N ILE G 275 -54.52 -3.64 1.61
CA ILE G 275 -54.44 -5.03 1.17
C ILE G 275 -53.57 -5.09 -0.07
N ALA G 276 -52.58 -5.96 -0.07
CA ALA G 276 -51.75 -6.20 -1.25
C ALA G 276 -51.90 -7.66 -1.64
N ASN G 277 -52.21 -7.90 -2.91
CA ASN G 277 -52.53 -9.23 -3.41
C ASN G 277 -51.71 -9.55 -4.64
N PRO G 278 -50.41 -9.81 -4.48
CA PRO G 278 -49.61 -10.26 -5.61
C PRO G 278 -49.89 -11.71 -5.95
N GLN G 279 -49.61 -12.09 -7.20
CA GLN G 279 -49.76 -13.47 -7.64
C GLN G 279 -48.65 -13.80 -8.62
N LEU G 280 -48.11 -15.01 -8.53
CA LEU G 280 -47.00 -15.39 -9.40
C LEU G 280 -47.24 -16.76 -10.00
N SER G 281 -46.40 -17.09 -10.98
CA SER G 281 -46.29 -18.44 -11.50
C SER G 281 -44.82 -18.83 -11.56
N ALA G 282 -44.55 -20.12 -11.43
CA ALA G 282 -43.18 -20.61 -11.52
C ALA G 282 -43.24 -22.09 -11.83
N ARG G 283 -42.07 -22.67 -12.08
CA ARG G 283 -42.00 -24.09 -12.36
C ARG G 283 -41.18 -24.81 -11.29
N SER G 284 -41.55 -26.06 -11.04
CA SER G 284 -40.89 -26.84 -10.01
C SER G 284 -39.40 -26.93 -10.28
N GLY G 285 -38.62 -26.38 -9.37
CA GLY G 285 -37.19 -26.27 -9.56
C GLY G 285 -36.73 -24.95 -10.14
N GLY G 286 -37.66 -24.05 -10.46
CA GLY G 286 -37.30 -22.73 -10.91
C GLY G 286 -37.50 -21.71 -9.79
N ARG G 287 -37.24 -20.46 -10.12
CA ARG G 287 -37.42 -19.36 -9.19
C ARG G 287 -38.10 -18.21 -9.91
N THR G 288 -38.95 -17.47 -9.20
CA THR G 288 -39.54 -16.28 -9.79
C THR G 288 -39.50 -15.11 -8.82
N ASP G 289 -39.09 -13.95 -9.32
CA ASP G 289 -39.04 -12.71 -8.56
C ASP G 289 -39.98 -11.69 -9.20
N PHE G 290 -40.74 -10.99 -8.38
CA PHE G 290 -41.68 -9.98 -8.84
C PHE G 290 -41.51 -8.73 -7.97
N LEU G 291 -41.49 -7.57 -8.62
CA LEU G 291 -41.36 -6.29 -7.94
C LEU G 291 -42.34 -5.29 -8.52
N ALA G 292 -43.06 -4.59 -7.66
CA ALA G 292 -43.92 -3.50 -8.07
C ALA G 292 -43.71 -2.34 -7.11
N GLY G 293 -43.04 -1.29 -7.57
CA GLY G 293 -42.57 -0.27 -6.67
C GLY G 293 -41.61 0.68 -7.32
N GLY G 294 -40.44 0.86 -6.71
CA GLY G 294 -39.49 1.80 -7.25
C GLY G 294 -38.11 1.58 -6.67
N GLN G 295 -37.18 2.41 -7.13
CA GLN G 295 -35.80 2.39 -6.69
C GLN G 295 -35.38 3.80 -6.30
N VAL G 296 -34.73 3.94 -5.15
CA VAL G 296 -34.26 5.24 -4.72
C VAL G 296 -32.73 5.25 -4.69
N PRO G 297 -32.09 6.38 -4.98
CA PRO G 297 -30.63 6.44 -5.00
C PRO G 297 -30.07 6.60 -3.59
N ILE G 298 -28.94 5.93 -3.34
CA ILE G 298 -28.30 5.88 -2.03
C ILE G 298 -26.79 6.00 -2.24
N LEU G 299 -26.12 6.85 -1.45
CA LEU G 299 -24.67 6.99 -1.50
C LEU G 299 -24.00 5.99 -0.56
N GLN G 300 -23.30 5.03 -1.13
CA GLN G 300 -22.52 4.09 -0.33
C GLN G 300 -21.41 3.48 -1.18
N ALA G 301 -20.23 3.34 -0.57
CA ALA G 301 -19.06 2.79 -1.24
C ALA G 301 -18.01 2.42 -0.20
N LEU G 302 -16.96 1.75 -0.68
CA LEU G 302 -15.88 1.31 0.21
C LEU G 302 -15.16 2.50 0.81
N ALA G 303 -14.88 2.42 2.12
CA ALA G 303 -14.00 3.34 2.80
C ALA G 303 -14.53 4.77 2.83
N ALA G 304 -13.65 5.72 3.13
CA ALA G 304 -13.88 7.16 3.04
C ALA G 304 -14.78 7.70 4.15
N GLY G 305 -14.91 9.01 4.21
CA GLY G 305 -15.65 9.67 5.26
C GLY G 305 -15.82 11.16 5.03
N GLN G 310 -19.73 10.20 -5.50
CA GLN G 310 -19.10 9.12 -4.74
C GLN G 310 -19.34 7.78 -5.42
N ASN G 311 -20.35 7.06 -4.95
CA ASN G 311 -20.84 5.86 -5.59
C ASN G 311 -22.31 5.70 -5.25
N VAL G 312 -23.16 5.69 -6.27
CA VAL G 312 -24.61 5.67 -6.09
C VAL G 312 -25.11 4.26 -6.39
N THR G 313 -25.81 3.67 -5.43
CA THR G 313 -26.54 2.44 -5.63
C THR G 313 -28.03 2.74 -5.56
N TYR G 314 -28.84 1.73 -5.79
CA TYR G 314 -30.29 1.89 -5.77
C TYR G 314 -30.92 0.86 -4.85
N LYS G 315 -31.91 1.30 -4.08
CA LYS G 315 -32.60 0.43 -3.12
C LYS G 315 -34.06 0.30 -3.53
N ASP G 316 -34.59 -0.92 -3.47
CA ASP G 316 -35.93 -1.21 -3.94
C ASP G 316 -36.95 -1.08 -2.82
N TYR G 317 -38.07 -0.48 -3.13
CA TYR G 317 -39.20 -0.41 -2.21
C TYR G 317 -40.46 -0.72 -2.99
N GLY G 318 -41.52 -1.10 -2.27
CA GLY G 318 -42.76 -1.50 -2.91
C GLY G 318 -43.20 -2.87 -2.42
N ILE G 319 -43.79 -3.62 -3.33
CA ILE G 319 -44.19 -4.98 -3.05
C ILE G 319 -43.24 -5.91 -3.78
N LYS G 320 -42.51 -6.72 -3.03
CA LYS G 320 -41.53 -7.64 -3.56
C LYS G 320 -41.90 -9.06 -3.15
N LEU G 321 -41.73 -10.00 -4.06
CA LEU G 321 -42.17 -11.37 -3.85
C LEU G 321 -41.21 -12.32 -4.55
N GLU G 322 -40.72 -13.33 -3.82
CA GLU G 322 -39.84 -14.34 -4.40
C GLU G 322 -40.36 -15.73 -4.08
N PHE G 323 -40.36 -16.60 -5.09
CA PHE G 323 -40.98 -17.91 -4.99
C PHE G 323 -40.02 -18.98 -5.48
N GLU G 324 -39.87 -20.07 -4.72
CA GLU G 324 -39.03 -21.21 -5.11
C GLU G 324 -39.71 -22.53 -4.79
N PRO G 325 -40.50 -23.07 -5.70
CA PRO G 325 -41.28 -24.27 -5.40
C PRO G 325 -40.59 -25.57 -5.79
N ARG G 326 -41.09 -26.66 -5.21
CA ARG G 326 -40.72 -28.03 -5.56
C ARG G 326 -41.95 -28.90 -5.35
N VAL G 327 -42.20 -29.85 -6.25
CA VAL G 327 -43.48 -30.54 -6.29
C VAL G 327 -43.27 -32.05 -6.26
N ASP G 328 -44.13 -32.75 -5.53
CA ASP G 328 -44.09 -34.19 -5.37
C ASP G 328 -45.03 -34.87 -6.36
N ASP G 329 -45.11 -36.21 -6.26
CA ASP G 329 -46.01 -36.97 -7.12
C ASP G 329 -47.44 -36.94 -6.63
N ASP G 330 -47.69 -36.48 -5.40
CA ASP G 330 -49.03 -36.30 -4.89
C ASP G 330 -49.45 -34.84 -4.92
N ASN G 331 -48.70 -34.00 -5.63
CA ASN G 331 -48.94 -32.56 -5.70
C ASN G 331 -48.79 -31.88 -4.35
N ASN G 332 -47.86 -32.35 -3.53
CA ASN G 332 -47.44 -31.61 -2.36
C ASN G 332 -46.37 -30.62 -2.76
N VAL G 333 -46.41 -29.43 -2.16
CA VAL G 333 -45.53 -28.36 -2.58
C VAL G 333 -44.65 -27.98 -1.40
N SER G 334 -43.34 -28.06 -1.61
CA SER G 334 -42.34 -27.62 -0.65
C SER G 334 -41.69 -26.36 -1.20
N MET G 335 -41.68 -25.30 -0.40
CA MET G 335 -41.45 -24.00 -1.00
C MET G 335 -40.83 -23.04 -0.01
N ARG G 336 -40.07 -22.10 -0.57
CA ARG G 336 -39.59 -20.92 0.14
C ARG G 336 -40.22 -19.70 -0.52
N VAL G 337 -40.75 -18.81 0.31
CA VAL G 337 -41.42 -17.61 -0.17
C VAL G 337 -40.93 -16.41 0.64
N LEU G 338 -40.56 -15.35 -0.06
CA LEU G 338 -40.26 -14.07 0.57
C LEU G 338 -41.31 -13.07 0.15
N ALA G 339 -41.97 -12.44 1.13
CA ALA G 339 -43.00 -11.44 0.90
C ALA G 339 -42.61 -10.17 1.64
N ASP G 340 -42.54 -9.05 0.91
CA ASP G 340 -42.09 -7.79 1.48
C ASP G 340 -42.96 -6.66 0.99
N VAL G 341 -43.45 -5.83 1.91
CA VAL G 341 -44.18 -4.62 1.56
C VAL G 341 -43.56 -3.46 2.30
N SER G 342 -43.03 -2.49 1.55
CA SER G 342 -42.20 -1.45 2.14
C SER G 342 -42.48 -0.10 1.48
N ASP G 343 -42.70 0.91 2.33
CA ASP G 343 -43.05 2.25 1.87
C ASP G 343 -42.08 3.26 2.45
N ILE G 344 -41.97 4.42 1.78
CA ILE G 344 -41.10 5.48 2.27
C ILE G 344 -41.79 6.20 3.42
N ASP G 345 -41.00 6.57 4.43
CA ASP G 345 -41.49 7.22 5.64
C ASP G 345 -40.86 8.60 5.77
N PRO G 346 -41.67 9.66 5.85
CA PRO G 346 -41.08 10.99 6.04
C PRO G 346 -40.48 11.19 7.42
N ALA G 347 -40.98 10.47 8.42
CA ALA G 347 -40.59 10.73 9.81
C ALA G 347 -39.12 10.43 10.05
N THR G 348 -38.61 9.34 9.47
CA THR G 348 -37.26 8.89 9.76
C THR G 348 -36.27 9.16 8.63
N SER G 349 -36.59 10.07 7.72
CA SER G 349 -35.66 10.42 6.66
C SER G 349 -34.69 11.50 7.14
N VAL G 350 -33.46 11.44 6.68
CA VAL G 350 -32.40 12.34 7.10
C VAL G 350 -31.96 13.19 5.91
N SER G 351 -31.72 14.47 6.15
CA SER G 351 -31.44 15.41 5.06
C SER G 351 -30.03 15.26 4.51
N LEU G 352 -29.08 14.93 5.37
CA LEU G 352 -27.64 14.93 5.02
C LEU G 352 -27.32 16.35 4.57
N ASN G 353 -26.70 16.56 3.41
CA ASN G 353 -26.42 17.91 2.94
C ASN G 353 -27.56 18.44 2.09
N GLY G 354 -27.79 17.79 0.97
CA GLY G 354 -28.99 18.01 0.17
C GLY G 354 -29.46 16.67 -0.33
N PHE G 355 -28.65 15.64 -0.08
CA PHE G 355 -28.94 14.29 -0.50
C PHE G 355 -29.86 13.67 0.54
N THR G 356 -31.16 13.85 0.36
CA THR G 356 -32.13 13.27 1.28
C THR G 356 -32.07 11.75 1.24
N VAL G 357 -31.90 11.14 2.40
CA VAL G 357 -31.86 9.69 2.54
C VAL G 357 -33.13 9.26 3.25
N PRO G 358 -33.92 8.39 2.65
CA PRO G 358 -35.23 8.06 3.23
C PRO G 358 -35.16 6.90 4.22
N GLY G 359 -36.16 6.86 5.09
CA GLY G 359 -36.40 5.72 5.94
C GLY G 359 -37.62 4.98 5.43
N PHE G 360 -37.83 3.78 5.94
CA PHE G 360 -38.87 2.91 5.41
C PHE G 360 -39.73 2.32 6.51
N ILE G 361 -40.98 2.05 6.15
CA ILE G 361 -41.90 1.23 6.92
C ILE G 361 -42.00 -0.10 6.20
N THR G 362 -41.64 -1.18 6.86
CA THR G 362 -41.54 -2.47 6.18
C THR G 362 -42.33 -3.55 6.91
N ARG G 363 -42.83 -4.49 6.13
CA ARG G 363 -43.41 -5.72 6.62
C ARG G 363 -42.83 -6.86 5.82
N ARG G 364 -42.19 -7.81 6.49
CA ARG G 364 -41.40 -8.79 5.79
C ARG G 364 -41.67 -10.17 6.35
N SER G 365 -41.59 -11.17 5.49
CA SER G 365 -41.70 -12.56 5.93
C SER G 365 -40.94 -13.45 4.97
N ASN G 366 -40.04 -14.26 5.51
CA ASN G 366 -39.20 -15.16 4.73
C ASN G 366 -39.40 -16.57 5.26
N ALA G 367 -40.28 -17.33 4.62
CA ALA G 367 -40.78 -18.56 5.21
C ALA G 367 -40.49 -19.78 4.35
N GLU G 368 -40.18 -20.89 5.01
CA GLU G 368 -39.97 -22.18 4.36
C GLU G 368 -41.02 -23.15 4.89
N ILE G 369 -41.82 -23.69 3.99
CA ILE G 369 -42.97 -24.50 4.38
C ILE G 369 -43.17 -25.64 3.40
N ASN G 370 -44.08 -26.54 3.74
CA ASN G 370 -44.59 -27.52 2.80
C ASN G 370 -46.07 -27.76 3.09
N VAL G 371 -46.89 -27.79 2.04
CA VAL G 371 -48.32 -27.92 2.18
C VAL G 371 -48.87 -28.80 1.06
N GLY G 372 -50.12 -29.20 1.22
CA GLY G 372 -50.80 -29.91 0.17
C GLY G 372 -51.30 -29.00 -0.93
N ASP G 373 -51.78 -29.61 -2.00
CA ASP G 373 -52.24 -28.85 -3.16
C ASP G 373 -53.44 -27.99 -2.79
N GLY G 374 -53.35 -26.70 -3.11
CA GLY G 374 -54.48 -25.80 -2.95
C GLY G 374 -54.88 -25.48 -1.53
N GLN G 375 -53.99 -25.61 -0.55
CA GLN G 375 -54.30 -25.30 0.83
C GLN G 375 -53.76 -23.93 1.21
N THR G 376 -54.42 -23.29 2.18
CA THR G 376 -54.05 -21.96 2.63
C THR G 376 -53.35 -22.06 3.97
N MET G 377 -52.14 -21.52 4.06
CA MET G 377 -51.39 -21.49 5.30
C MET G 377 -50.99 -20.05 5.61
N VAL G 378 -51.28 -19.62 6.82
CA VAL G 378 -50.82 -18.32 7.28
C VAL G 378 -49.37 -18.44 7.72
N ILE G 379 -48.52 -17.54 7.24
CA ILE G 379 -47.11 -17.58 7.60
C ILE G 379 -46.71 -16.48 8.57
N SER G 380 -47.57 -15.51 8.85
CA SER G 380 -47.25 -14.49 9.84
C SER G 380 -48.51 -13.70 10.19
N GLY G 381 -48.59 -13.31 11.45
CA GLY G 381 -49.69 -12.51 11.96
C GLY G 381 -49.21 -11.68 13.12
N LEU G 382 -49.96 -10.63 13.42
CA LEU G 382 -49.58 -9.73 14.49
C LEU G 382 -50.79 -8.94 14.99
N VAL G 383 -50.92 -8.86 16.31
CA VAL G 383 -51.76 -7.88 16.99
C VAL G 383 -50.89 -7.15 18.00
N ASN G 384 -50.92 -5.81 17.96
CA ASN G 384 -49.98 -5.01 18.75
C ASN G 384 -50.60 -3.76 19.37
N PRO G 385 -51.26 -3.90 20.52
CA PRO G 385 -51.83 -2.73 21.19
C PRO G 385 -50.80 -1.99 22.05
N LYS G 386 -50.87 -0.67 22.07
CA LYS G 386 -49.97 0.14 22.88
C LYS G 386 -50.70 1.36 23.43
N THR G 387 -50.29 1.82 24.62
CA THR G 387 -50.93 2.94 25.29
C THR G 387 -49.91 3.67 26.15
N ALA G 388 -50.15 4.95 26.39
CA ALA G 388 -49.30 5.74 27.27
C ALA G 388 -50.05 6.96 27.77
N LYS G 389 -49.90 7.25 29.07
CA LYS G 389 -50.53 8.40 29.69
C LYS G 389 -49.51 9.14 30.54
N ASN G 390 -49.54 10.46 30.50
CA ASN G 390 -48.71 11.31 31.33
C ASN G 390 -49.55 12.40 31.95
N VAL G 391 -49.31 12.69 33.22
CA VAL G 391 -50.07 13.70 33.95
C VAL G 391 -49.11 14.60 34.69
N SER G 392 -49.35 15.92 34.63
CA SER G 392 -48.66 16.87 35.48
C SER G 392 -49.70 17.70 36.22
N LYS G 393 -49.60 17.73 37.54
CA LYS G 393 -50.64 18.33 38.35
C LYS G 393 -50.01 19.22 39.40
N LEU G 394 -50.84 20.05 39.99
CA LEU G 394 -50.51 20.75 41.22
C LEU G 394 -50.77 19.83 42.40
N PRO G 395 -50.06 20.02 43.52
CA PRO G 395 -50.09 19.01 44.59
C PRO G 395 -51.46 18.63 45.11
N TRP G 396 -52.25 19.58 45.61
CA TRP G 396 -53.53 19.23 46.20
C TRP G 396 -54.72 19.63 45.33
N LEU G 397 -54.56 20.65 44.49
CA LEU G 397 -55.68 21.10 43.67
C LEU G 397 -55.96 20.15 42.52
N GLY G 398 -54.97 19.38 42.10
CA GLY G 398 -55.15 18.52 40.94
C GLY G 398 -56.09 17.36 41.20
N ASP G 399 -56.26 16.98 42.47
CA ASP G 399 -57.07 15.80 42.77
C ASP G 399 -58.54 16.14 42.98
N ILE G 400 -58.92 17.41 42.95
CA ILE G 400 -60.33 17.76 43.12
C ILE G 400 -61.14 17.21 41.96
N PRO G 401 -62.29 16.56 42.20
CA PRO G 401 -63.07 16.00 41.09
C PRO G 401 -63.60 17.08 40.15
N ILE G 402 -63.55 16.79 38.85
CA ILE G 402 -63.99 17.69 37.80
C ILE G 402 -63.17 18.98 37.78
N LEU G 403 -63.24 19.74 38.88
CA LEU G 403 -62.52 21.02 38.93
C LEU G 403 -61.02 20.83 38.81
N GLY G 404 -60.50 19.67 39.18
CA GLY G 404 -59.08 19.44 39.15
C GLY G 404 -58.46 19.60 37.78
N ASN G 405 -59.27 19.48 36.72
CA ASN G 405 -58.74 19.65 35.37
C ASN G 405 -58.32 21.09 35.10
N LEU G 406 -58.71 22.02 35.97
CA LEU G 406 -58.19 23.38 35.83
C LEU G 406 -56.76 23.48 36.34
N PHE G 407 -56.29 22.47 37.06
CA PHE G 407 -54.97 22.48 37.67
C PHE G 407 -54.14 21.27 37.27
N LYS G 408 -54.49 20.58 36.21
CA LYS G 408 -53.82 19.35 35.81
C LYS G 408 -53.83 19.25 34.29
N SER G 409 -52.75 18.72 33.73
CA SER G 409 -52.59 18.55 32.30
C SER G 409 -52.31 17.10 31.99
N THR G 410 -53.00 16.57 30.98
CA THR G 410 -52.96 15.16 30.64
C THR G 410 -52.59 14.98 29.17
N ASN G 411 -51.73 14.02 28.91
CA ASN G 411 -51.38 13.61 27.56
C ASN G 411 -51.64 12.10 27.41
N PHE G 412 -52.37 11.72 26.37
CA PHE G 412 -52.83 10.33 26.21
C PHE G 412 -52.62 9.88 24.78
N GLN G 413 -52.12 8.66 24.61
CA GLN G 413 -51.92 8.07 23.29
C GLN G 413 -52.32 6.61 23.35
N SER G 414 -53.06 6.16 22.34
CA SER G 414 -53.44 4.75 22.27
C SER G 414 -53.44 4.30 20.82
N GLY G 415 -53.15 3.04 20.58
CA GLY G 415 -53.09 2.59 19.20
C GLY G 415 -53.01 1.09 19.06
N ASN G 416 -53.35 0.62 17.87
CA ASN G 416 -53.36 -0.81 17.59
C ASN G 416 -53.01 -1.07 16.13
N THR G 417 -52.30 -2.17 15.90
CA THR G 417 -51.90 -2.63 14.58
C THR G 417 -52.25 -4.10 14.42
N ASP G 418 -52.87 -4.45 13.29
CA ASP G 418 -53.21 -5.83 12.96
C ASP G 418 -52.65 -6.17 11.58
N LEU G 419 -52.05 -7.35 11.46
CA LEU G 419 -51.41 -7.75 10.21
C LEU G 419 -51.53 -9.26 9.98
N VAL G 420 -51.85 -9.66 8.75
CA VAL G 420 -51.90 -11.07 8.37
C VAL G 420 -51.28 -11.27 6.99
N ILE G 421 -50.47 -12.32 6.84
CA ILE G 421 -49.91 -12.72 5.56
C ILE G 421 -50.25 -14.19 5.30
N LEU G 422 -50.81 -14.50 4.13
CA LEU G 422 -51.17 -15.88 3.85
C LEU G 422 -50.98 -16.23 2.39
N VAL G 423 -50.68 -17.51 2.12
CA VAL G 423 -50.30 -17.96 0.79
C VAL G 423 -51.11 -19.20 0.43
N THR G 424 -51.37 -19.36 -0.86
CA THR G 424 -52.02 -20.52 -1.43
C THR G 424 -51.23 -21.00 -2.64
N PRO G 425 -50.65 -22.18 -2.59
CA PRO G 425 -50.04 -22.76 -3.78
C PRO G 425 -51.00 -23.67 -4.52
N ARG G 426 -50.88 -23.77 -5.83
CA ARG G 426 -51.69 -24.71 -6.58
C ARG G 426 -50.97 -25.15 -7.84
N VAL G 427 -50.94 -26.46 -8.09
CA VAL G 427 -50.35 -26.98 -9.31
C VAL G 427 -51.36 -26.78 -10.44
N VAL G 428 -50.93 -26.07 -11.49
CA VAL G 428 -51.82 -25.58 -12.52
C VAL G 428 -51.25 -25.92 -13.90
N SER G 429 -51.98 -25.49 -14.92
CA SER G 429 -51.50 -25.44 -16.29
C SER G 429 -51.99 -24.13 -16.89
N ALA G 430 -51.91 -24.00 -18.21
CA ALA G 430 -52.37 -22.77 -18.83
C ALA G 430 -53.88 -22.69 -18.85
N ALA G 431 -54.56 -23.83 -18.87
CA ALA G 431 -56.02 -23.85 -18.90
C ALA G 431 -56.66 -23.74 -17.53
N SER G 432 -55.87 -23.66 -16.46
CA SER G 432 -56.41 -23.67 -15.11
C SER G 432 -57.14 -22.38 -14.81
N LEU G 433 -57.96 -22.42 -13.76
CA LEU G 433 -58.84 -21.30 -13.44
C LEU G 433 -58.04 -20.06 -13.02
N GLU G 434 -56.97 -20.25 -12.26
CA GLU G 434 -56.19 -19.11 -11.78
C GLU G 434 -55.61 -18.31 -12.94
N ASN G 435 -55.10 -19.00 -13.95
CA ASN G 435 -54.57 -18.34 -15.14
C ASN G 435 -55.67 -17.64 -15.93
N ILE G 436 -56.81 -18.32 -16.12
CA ILE G 436 -57.88 -17.76 -16.92
C ILE G 436 -58.40 -16.47 -16.30
N ARG G 437 -58.49 -16.43 -14.97
CA ARG G 437 -59.02 -15.22 -14.34
C ARG G 437 -58.15 -14.01 -14.62
N GLN G 438 -56.84 -14.16 -14.54
CA GLN G 438 -55.96 -13.03 -14.81
C GLN G 438 -55.98 -12.65 -16.28
N VAL G 439 -56.14 -13.63 -17.17
CA VAL G 439 -56.26 -13.27 -18.59
C VAL G 439 -57.52 -12.45 -18.84
N SER G 440 -58.63 -12.86 -18.24
CA SER G 440 -59.87 -12.10 -18.37
C SER G 440 -59.74 -10.72 -17.75
N GLN G 441 -59.01 -10.62 -16.64
CA GLN G 441 -58.78 -9.31 -16.03
C GLN G 441 -58.01 -8.39 -16.97
N ALA G 442 -56.99 -8.93 -17.64
CA ALA G 442 -56.24 -8.11 -18.59
C ALA G 442 -57.13 -7.65 -19.74
N VAL G 443 -58.01 -8.53 -20.21
CA VAL G 443 -58.93 -8.13 -21.28
C VAL G 443 -59.82 -6.99 -20.81
N GLU G 444 -60.34 -7.09 -19.58
CA GLU G 444 -61.17 -6.02 -19.04
C GLU G 444 -60.41 -4.71 -18.91
N MET G 445 -59.15 -4.76 -18.48
CA MET G 445 -58.36 -3.54 -18.37
C MET G 445 -58.18 -2.88 -19.72
N LYS G 446 -57.88 -3.68 -20.75
CA LYS G 446 -57.75 -3.10 -22.09
C LYS G 446 -59.06 -2.47 -22.55
N ASP G 447 -60.17 -3.15 -22.31
CA ASP G 447 -61.45 -2.60 -22.76
C ASP G 447 -61.78 -1.30 -22.05
N GLU G 448 -61.47 -1.21 -20.76
CA GLU G 448 -61.69 0.04 -20.03
C GLU G 448 -60.84 1.17 -20.59
N TYR G 449 -59.55 0.91 -20.80
CA TYR G 449 -58.68 1.92 -21.41
C TYR G 449 -59.25 2.39 -22.74
N ARG G 450 -59.68 1.45 -23.58
CA ARG G 450 -60.24 1.84 -24.87
C ARG G 450 -61.45 2.72 -24.72
N ASN G 451 -62.34 2.37 -23.78
CA ASN G 451 -63.58 3.13 -23.65
C ASN G 451 -63.36 4.54 -23.15
N THR G 452 -62.27 4.78 -22.41
CA THR G 452 -62.05 6.15 -21.93
C THR G 452 -61.71 7.12 -23.07
N LEU G 453 -61.06 6.64 -24.13
CA LEU G 453 -60.49 7.54 -25.12
C LEU G 453 -61.53 7.98 -26.16
N PRO G 454 -61.31 9.13 -26.80
CA PRO G 454 -62.21 9.57 -27.87
C PRO G 454 -62.15 8.64 -29.07
N LYS G 455 -63.24 8.62 -29.84
CA LYS G 455 -63.40 7.61 -30.88
C LYS G 455 -62.34 7.73 -31.97
N GLY G 456 -62.01 8.95 -32.38
CA GLY G 456 -61.11 9.13 -33.50
C GLY G 456 -59.63 9.20 -33.18
N SER G 457 -59.23 8.96 -31.93
CA SER G 457 -57.86 9.20 -31.53
C SER G 457 -56.91 8.16 -32.13
N THR G 458 -55.64 8.53 -32.23
CA THR G 458 -54.62 7.57 -32.62
C THR G 458 -54.25 6.66 -31.46
N THR G 459 -54.36 7.17 -30.24
CA THR G 459 -54.07 6.34 -29.07
C THR G 459 -55.08 5.20 -28.96
N ARG G 460 -56.32 5.45 -29.37
CA ARG G 460 -57.31 4.38 -29.38
C ARG G 460 -56.91 3.28 -30.36
N ASP G 461 -56.37 3.65 -31.52
CA ASP G 461 -55.90 2.63 -32.45
C ASP G 461 -54.73 1.85 -31.88
N ALA G 462 -53.79 2.55 -31.26
CA ALA G 462 -52.66 1.87 -30.65
C ALA G 462 -53.12 0.90 -29.57
N VAL G 463 -54.16 1.28 -28.82
CA VAL G 463 -54.72 0.37 -27.83
C VAL G 463 -55.35 -0.83 -28.51
N ASP G 464 -56.10 -0.60 -29.58
CA ASP G 464 -56.71 -1.71 -30.32
C ASP G 464 -55.69 -2.66 -30.92
N ARG G 465 -54.46 -2.23 -31.12
CA ARG G 465 -53.47 -3.12 -31.70
C ARG G 465 -52.71 -3.96 -30.68
N THR G 466 -52.96 -3.77 -29.39
CA THR G 466 -52.28 -4.56 -28.37
C THR G 466 -53.09 -5.80 -28.02
N LEU G 467 -52.45 -6.69 -27.26
CA LEU G 467 -53.09 -7.90 -26.74
C LEU G 467 -53.72 -8.73 -27.86
N GLY G 468 -52.94 -8.98 -28.89
CA GLY G 468 -53.42 -9.73 -30.02
C GLY G 468 -53.56 -11.21 -29.73
N THR H 27 -43.10 -68.56 -7.58
CA THR H 27 -42.01 -69.49 -7.82
C THR H 27 -41.46 -70.04 -6.50
N ILE H 28 -40.52 -70.99 -6.61
CA ILE H 28 -39.93 -71.64 -5.45
C ILE H 28 -38.43 -71.45 -5.38
N ASP H 29 -37.83 -70.79 -6.37
CA ASP H 29 -36.38 -70.64 -6.42
C ASP H 29 -35.86 -70.11 -5.10
N LEU H 30 -35.09 -70.93 -4.40
CA LEU H 30 -34.57 -70.58 -3.10
C LEU H 30 -33.30 -71.40 -2.88
N TYR H 31 -32.79 -71.45 -1.65
CA TYR H 31 -31.76 -72.41 -1.35
C TYR H 31 -32.26 -73.81 -1.68
N ALA H 32 -31.39 -74.61 -2.30
CA ALA H 32 -31.80 -75.90 -2.81
C ALA H 32 -32.43 -76.74 -1.71
N GLY H 33 -33.57 -77.35 -2.02
CA GLY H 33 -34.33 -78.11 -1.06
C GLY H 33 -35.46 -77.36 -0.39
N GLN H 34 -35.82 -76.19 -0.88
CA GLN H 34 -36.91 -75.43 -0.27
C GLN H 34 -38.24 -76.14 -0.48
N VAL H 35 -39.04 -76.24 0.58
CA VAL H 35 -40.36 -76.84 0.55
C VAL H 35 -41.38 -75.71 0.59
N ARG H 36 -42.31 -75.72 -0.36
CA ARG H 36 -43.37 -74.72 -0.39
C ARG H 36 -44.72 -75.36 -0.61
N VAL H 37 -45.71 -74.92 0.15
CA VAL H 37 -47.07 -75.42 0.08
C VAL H 37 -47.98 -74.29 -0.38
N ILE H 38 -48.72 -74.54 -1.46
CA ILE H 38 -49.60 -73.53 -2.07
C ILE H 38 -51.01 -74.10 -2.09
N PRO H 39 -51.97 -73.49 -1.36
CA PRO H 39 -53.35 -73.98 -1.41
C PRO H 39 -54.02 -73.56 -2.70
N THR H 40 -54.60 -74.53 -3.39
CA THR H 40 -55.30 -74.27 -4.64
C THR H 40 -56.58 -75.08 -4.66
N LYS H 41 -57.27 -75.04 -5.80
CA LYS H 41 -58.45 -75.86 -6.00
C LYS H 41 -58.03 -77.31 -6.22
N PRO H 42 -58.96 -78.26 -6.07
CA PRO H 42 -58.60 -79.69 -6.18
C PRO H 42 -57.86 -80.01 -7.47
N VAL H 43 -56.74 -80.72 -7.31
CA VAL H 43 -55.89 -81.13 -8.42
C VAL H 43 -55.59 -82.62 -8.28
N LYS H 44 -55.57 -83.32 -9.41
CA LYS H 44 -55.29 -84.75 -9.40
C LYS H 44 -53.87 -85.04 -8.93
N ARG H 45 -52.90 -84.30 -9.45
CA ARG H 45 -51.50 -84.49 -9.10
C ARG H 45 -50.77 -83.19 -9.38
N VAL H 46 -49.51 -83.14 -8.95
CA VAL H 46 -48.59 -82.06 -9.29
C VAL H 46 -47.27 -82.68 -9.75
N ALA H 47 -46.70 -82.11 -10.80
CA ALA H 47 -45.52 -82.69 -11.44
C ALA H 47 -44.62 -81.58 -11.98
N ILE H 48 -43.42 -81.98 -12.40
CA ILE H 48 -42.40 -81.06 -12.91
C ILE H 48 -41.89 -81.59 -14.24
N GLY H 49 -41.63 -80.68 -15.18
CA GLY H 49 -41.15 -81.09 -16.48
C GLY H 49 -39.82 -81.83 -16.41
N ASP H 50 -38.89 -81.33 -15.61
CA ASP H 50 -37.60 -81.98 -15.38
C ASP H 50 -37.58 -82.59 -13.99
N GLY H 51 -37.35 -83.90 -13.92
CA GLY H 51 -37.38 -84.56 -12.62
C GLY H 51 -36.29 -84.08 -11.69
N LYS H 52 -35.11 -83.78 -12.22
CA LYS H 52 -33.99 -83.37 -11.39
C LYS H 52 -34.27 -82.04 -10.70
N VAL H 53 -34.83 -81.08 -11.44
CA VAL H 53 -34.90 -79.71 -10.93
C VAL H 53 -35.83 -79.62 -9.73
N LEU H 54 -37.00 -80.24 -9.81
CA LEU H 54 -38.01 -80.05 -8.77
C LEU H 54 -38.84 -81.31 -8.62
N SER H 55 -39.19 -81.62 -7.37
CA SER H 55 -40.03 -82.76 -7.02
C SER H 55 -41.34 -82.25 -6.44
N THR H 56 -42.41 -83.00 -6.67
CA THR H 56 -43.76 -82.47 -6.46
C THR H 56 -44.66 -83.53 -5.82
N THR H 57 -45.50 -83.10 -4.88
CA THR H 57 -46.49 -83.97 -4.24
C THR H 57 -47.78 -83.19 -4.01
N VAL H 58 -48.90 -83.90 -4.07
CA VAL H 58 -50.19 -83.29 -3.74
C VAL H 58 -50.47 -83.48 -2.26
N VAL H 59 -50.86 -82.40 -1.59
CA VAL H 59 -51.29 -82.44 -0.20
C VAL H 59 -52.72 -81.93 -0.13
N ASP H 60 -53.54 -82.59 0.70
CA ASP H 60 -54.96 -82.31 0.92
C ASP H 60 -55.81 -82.61 -0.32
N GLY H 61 -55.21 -83.10 -1.40
CA GLY H 61 -55.94 -83.32 -2.63
C GLY H 61 -56.16 -82.09 -3.47
N ASN H 62 -55.84 -80.91 -2.96
CA ASN H 62 -56.06 -79.66 -3.66
C ASN H 62 -54.78 -78.85 -3.73
N GLU H 63 -53.96 -78.95 -2.69
CA GLU H 63 -52.82 -78.06 -2.53
C GLU H 63 -51.53 -78.70 -3.07
N LEU H 64 -50.61 -77.83 -3.45
CA LEU H 64 -49.33 -78.19 -4.03
C LEU H 64 -48.28 -78.21 -2.92
N LEU H 65 -47.41 -79.22 -2.94
CA LEU H 65 -46.22 -79.23 -2.10
C LEU H 65 -45.02 -79.50 -2.98
N LEU H 66 -44.19 -78.48 -3.16
CA LEU H 66 -43.04 -78.54 -4.06
C LEU H 66 -41.77 -78.58 -3.22
N LEU H 67 -40.96 -79.60 -3.43
CA LEU H 67 -39.60 -79.66 -2.92
C LEU H 67 -38.68 -79.30 -4.07
N GLY H 68 -38.10 -78.10 -4.03
CA GLY H 68 -37.24 -77.68 -5.10
C GLY H 68 -35.83 -78.22 -4.93
N ASP H 69 -35.53 -79.31 -5.64
CA ASP H 69 -34.18 -79.87 -5.59
C ASP H 69 -33.17 -78.89 -6.15
N ALA H 70 -33.60 -78.05 -7.10
CA ALA H 70 -32.77 -76.98 -7.66
C ALA H 70 -31.48 -77.53 -8.26
N GLU H 71 -31.58 -78.65 -8.99
CA GLU H 71 -30.40 -79.17 -9.66
C GLU H 71 -29.96 -78.26 -10.80
N GLY H 72 -30.92 -77.64 -11.50
CA GLY H 72 -30.60 -76.77 -12.61
C GLY H 72 -31.55 -75.59 -12.65
N GLU H 73 -31.19 -74.63 -13.49
CA GLU H 73 -31.98 -73.41 -13.68
C GLU H 73 -32.73 -73.51 -15.01
N THR H 74 -34.06 -73.52 -14.95
CA THR H 74 -34.87 -73.61 -16.15
C THR H 74 -36.32 -73.28 -15.81
N SER H 75 -37.10 -73.05 -16.86
CA SER H 75 -38.55 -72.96 -16.70
C SER H 75 -39.12 -74.36 -16.50
N LEU H 76 -40.30 -74.42 -15.89
CA LEU H 76 -40.92 -75.69 -15.53
C LEU H 76 -42.37 -75.72 -15.98
N ARG H 77 -42.82 -76.93 -16.33
CA ARG H 77 -44.21 -77.21 -16.63
C ARG H 77 -44.78 -78.08 -15.53
N VAL H 78 -45.99 -77.78 -15.08
CA VAL H 78 -46.60 -78.45 -13.95
C VAL H 78 -47.94 -79.03 -14.39
N TRP H 79 -48.18 -80.29 -14.05
CA TRP H 79 -49.39 -81.00 -14.43
C TRP H 79 -50.37 -81.03 -13.26
N PHE H 80 -51.64 -80.78 -13.54
CA PHE H 80 -52.70 -80.90 -12.56
C PHE H 80 -53.86 -81.69 -13.16
N LYS H 81 -54.97 -81.69 -12.43
CA LYS H 81 -56.25 -82.09 -13.03
C LYS H 81 -56.78 -80.99 -13.93
N ASP H 82 -56.91 -79.77 -13.40
CA ASP H 82 -57.30 -78.64 -14.23
C ASP H 82 -56.19 -78.26 -15.19
N GLY H 83 -54.94 -78.50 -14.81
CA GLY H 83 -53.83 -78.36 -15.73
C GLY H 83 -53.26 -76.96 -15.90
N SER H 84 -53.67 -76.00 -15.07
CA SER H 84 -53.09 -74.67 -15.14
C SER H 84 -51.59 -74.72 -14.85
N GLU H 85 -50.81 -74.02 -15.67
CA GLU H 85 -49.36 -74.06 -15.57
C GLU H 85 -48.83 -72.68 -15.20
N ALA H 86 -48.06 -72.62 -14.11
CA ALA H 86 -47.36 -71.42 -13.69
C ALA H 86 -45.86 -71.70 -13.78
N ALA H 87 -45.23 -71.16 -14.82
CA ALA H 87 -43.81 -71.44 -15.05
C ALA H 87 -42.97 -70.92 -13.89
N TYR H 88 -42.08 -71.76 -13.39
CA TYR H 88 -41.20 -71.42 -12.29
C TYR H 88 -39.75 -71.43 -12.77
N ARG H 89 -39.02 -70.38 -12.45
CA ARG H 89 -37.58 -70.31 -12.67
C ARG H 89 -36.90 -70.59 -11.34
N VAL H 90 -35.98 -71.55 -11.33
CA VAL H 90 -35.39 -72.07 -10.11
C VAL H 90 -33.90 -71.78 -10.11
N LEU H 91 -33.40 -71.19 -9.02
CA LEU H 91 -31.99 -70.93 -8.82
C LEU H 91 -31.58 -71.33 -7.42
N VAL H 92 -30.35 -71.84 -7.28
CA VAL H 92 -29.83 -72.22 -5.97
C VAL H 92 -29.33 -70.98 -5.25
N ALA H 93 -29.51 -70.95 -3.94
CA ALA H 93 -29.00 -69.81 -3.19
C ALA H 93 -27.62 -70.12 -2.64
N PRO H 94 -26.58 -69.37 -3.04
CA PRO H 94 -25.22 -69.54 -2.52
C PRO H 94 -25.15 -69.48 -1.00
N VAL H 97 -29.45 -66.97 -4.26
CA VAL H 97 -30.26 -65.80 -4.54
C VAL H 97 -31.65 -65.94 -3.94
N GLY H 98 -32.16 -67.17 -3.87
CA GLY H 98 -33.52 -67.35 -3.38
C GLY H 98 -33.62 -67.21 -1.88
N ARG H 99 -32.74 -67.88 -1.14
CA ARG H 99 -32.72 -67.72 0.31
C ARG H 99 -32.38 -66.28 0.69
N ALA H 100 -31.42 -65.69 -0.02
CA ALA H 100 -31.07 -64.30 0.24
C ALA H 100 -32.26 -63.39 -0.02
N ALA H 101 -32.97 -63.62 -1.13
CA ALA H 101 -34.16 -62.84 -1.40
C ALA H 101 -35.18 -62.97 -0.29
N GLU H 102 -35.34 -64.19 0.23
CA GLU H 102 -36.29 -64.39 1.32
C GLU H 102 -35.89 -63.59 2.56
N GLU H 103 -34.61 -63.64 2.93
CA GLU H 103 -34.20 -62.92 4.14
C GLU H 103 -34.34 -61.42 3.96
N MET H 104 -33.95 -60.88 2.81
CA MET H 104 -34.12 -59.45 2.61
C MET H 104 -35.59 -59.06 2.57
N ARG H 105 -36.44 -59.92 2.02
CA ARG H 105 -37.87 -59.64 2.03
C ARG H 105 -38.40 -59.58 3.45
N GLU H 106 -37.97 -60.50 4.31
CA GLU H 106 -38.41 -60.46 5.69
C GLU H 106 -37.90 -59.21 6.40
N LEU H 107 -36.62 -58.87 6.20
CA LEU H 107 -36.05 -57.73 6.90
C LEU H 107 -36.71 -56.43 6.49
N MET H 108 -36.92 -56.23 5.19
CA MET H 108 -37.58 -55.00 4.75
C MET H 108 -39.07 -55.04 5.05
N GLY H 109 -39.65 -56.22 5.09
CA GLY H 109 -41.07 -56.36 5.34
C GLY H 109 -41.48 -55.89 6.72
N ALA H 115 -43.86 -50.51 0.31
CA ALA H 115 -43.71 -49.78 -0.95
C ALA H 115 -42.62 -50.40 -1.79
N LYS H 116 -41.78 -51.20 -1.16
CA LYS H 116 -40.66 -51.82 -1.85
C LYS H 116 -41.11 -53.10 -2.53
N ILE H 117 -40.50 -53.40 -3.66
CA ILE H 117 -40.83 -54.59 -4.42
C ILE H 117 -39.55 -55.42 -4.58
N ARG H 118 -39.69 -56.73 -4.38
CA ARG H 118 -38.59 -57.67 -4.40
C ARG H 118 -38.79 -58.67 -5.54
N VAL H 119 -37.77 -58.82 -6.40
CA VAL H 119 -37.85 -59.82 -7.46
C VAL H 119 -36.55 -60.61 -7.52
N VAL H 120 -36.63 -61.82 -8.06
CA VAL H 120 -35.50 -62.74 -8.02
C VAL H 120 -34.66 -62.62 -9.30
N GLY H 121 -35.29 -62.72 -10.47
CA GLY H 121 -34.57 -62.58 -11.73
C GLY H 121 -33.40 -63.55 -11.79
N ASP H 122 -32.25 -63.03 -12.21
CA ASP H 122 -30.99 -63.74 -12.04
C ASP H 122 -30.24 -63.32 -10.80
N HIS H 123 -30.20 -62.02 -10.51
CA HIS H 123 -29.70 -61.52 -9.24
C HIS H 123 -30.88 -60.92 -8.49
N VAL H 124 -30.81 -61.01 -7.17
CA VAL H 124 -31.82 -60.37 -6.33
C VAL H 124 -31.92 -58.88 -6.64
N VAL H 125 -33.13 -58.41 -6.94
CA VAL H 125 -33.37 -57.02 -7.35
C VAL H 125 -34.41 -56.38 -6.45
N VAL H 126 -34.09 -55.17 -6.00
CA VAL H 126 -35.01 -54.30 -5.27
C VAL H 126 -35.50 -53.22 -6.23
N ASP H 127 -36.77 -52.84 -6.11
CA ASP H 127 -37.23 -51.72 -6.91
C ASP H 127 -38.38 -51.00 -6.22
N GLY H 128 -38.44 -49.68 -6.42
CA GLY H 128 -39.49 -48.87 -5.86
C GLY H 128 -39.46 -47.48 -6.45
N LYS H 129 -40.55 -46.75 -6.29
CA LYS H 129 -40.66 -45.46 -6.97
C LYS H 129 -40.22 -44.30 -6.08
N ASN H 130 -40.88 -44.11 -4.94
CA ASN H 130 -40.73 -42.90 -4.14
C ASN H 130 -40.36 -43.27 -2.71
N LEU H 131 -39.37 -44.14 -2.56
CA LEU H 131 -39.00 -44.63 -1.24
C LEU H 131 -38.27 -43.55 -0.44
N ALA H 132 -38.48 -43.57 0.86
CA ALA H 132 -37.87 -42.58 1.74
C ALA H 132 -36.38 -42.80 1.84
N PRO H 133 -35.62 -41.76 2.16
CA PRO H 133 -34.16 -41.93 2.29
C PRO H 133 -33.74 -42.95 3.32
N THR H 134 -34.49 -43.06 4.43
CA THR H 134 -34.15 -44.06 5.44
C THR H 134 -34.27 -45.46 4.88
N THR H 135 -35.32 -45.71 4.10
CA THR H 135 -35.49 -47.04 3.51
C THR H 135 -34.37 -47.33 2.50
N LEU H 136 -33.96 -46.31 1.75
CA LEU H 136 -32.84 -46.50 0.83
C LEU H 136 -31.56 -46.84 1.59
N ALA H 137 -31.32 -46.16 2.71
CA ALA H 137 -30.15 -46.47 3.52
C ALA H 137 -30.22 -47.89 4.07
N ARG H 138 -31.41 -48.30 4.52
CA ARG H 138 -31.59 -49.66 4.98
C ARG H 138 -31.28 -50.67 3.88
N VAL H 139 -31.74 -50.39 2.66
CA VAL H 139 -31.52 -51.31 1.55
C VAL H 139 -30.04 -51.41 1.22
N ARG H 140 -29.34 -50.27 1.15
CA ARG H 140 -27.92 -50.34 0.82
C ARG H 140 -27.11 -50.91 1.97
N ALA H 141 -27.66 -50.88 3.19
CA ALA H 141 -27.01 -51.57 4.29
C ALA H 141 -27.17 -53.07 4.15
N LEU H 142 -28.38 -53.52 3.81
CA LEU H 142 -28.60 -54.94 3.55
C LEU H 142 -27.86 -55.42 2.31
N GLN H 143 -27.40 -54.50 1.46
CA GLN H 143 -26.64 -54.88 0.29
C GLN H 143 -25.41 -55.71 0.64
N ALA H 144 -24.83 -55.49 1.83
CA ALA H 144 -23.62 -56.22 2.19
C ALA H 144 -23.90 -57.70 2.43
N LEU H 145 -25.17 -58.06 2.60
CA LEU H 145 -25.51 -59.46 2.85
C LEU H 145 -25.17 -60.34 1.65
N TYR H 146 -25.45 -59.87 0.44
CA TYR H 146 -25.19 -60.61 -0.78
C TYR H 146 -24.57 -59.67 -1.80
N PRO H 147 -23.39 -60.00 -2.33
CA PRO H 147 -22.75 -59.09 -3.31
C PRO H 147 -23.59 -58.82 -4.55
N LYS H 148 -24.30 -59.81 -5.09
CA LYS H 148 -25.02 -59.63 -6.35
C LYS H 148 -26.44 -59.17 -6.06
N THR H 149 -26.60 -57.89 -5.76
CA THR H 149 -27.91 -57.28 -5.62
C THR H 149 -28.00 -56.11 -6.59
N ILE H 150 -29.17 -55.97 -7.21
CA ILE H 150 -29.43 -54.90 -8.15
C ILE H 150 -30.42 -53.94 -7.52
N VAL H 151 -29.98 -52.70 -7.31
CA VAL H 151 -30.80 -51.66 -6.72
C VAL H 151 -31.38 -50.83 -7.86
N LEU H 152 -32.70 -50.74 -7.91
CA LEU H 152 -33.39 -49.98 -8.93
C LEU H 152 -34.34 -48.95 -8.36
N ALA H 153 -34.53 -48.96 -7.04
CA ALA H 153 -35.43 -48.01 -6.41
C ALA H 153 -34.86 -46.59 -6.50
N THR H 154 -35.76 -45.62 -6.46
CA THR H 154 -35.39 -44.23 -6.52
C THR H 154 -35.94 -43.48 -5.31
N PRO H 155 -35.24 -42.46 -4.84
CA PRO H 155 -35.72 -41.69 -3.71
C PRO H 155 -36.80 -40.68 -4.12
N SER H 156 -37.51 -40.19 -3.12
CA SER H 156 -38.48 -39.14 -3.35
C SER H 156 -37.75 -37.82 -3.62
N PRO H 157 -38.38 -36.90 -4.34
CA PRO H 157 -37.74 -35.60 -4.58
C PRO H 157 -37.39 -34.88 -3.30
N PHE H 158 -38.26 -34.98 -2.31
CA PHE H 158 -38.05 -34.40 -1.00
C PHE H 158 -38.91 -35.18 -0.02
N ASP H 159 -38.81 -34.83 1.25
CA ASP H 159 -39.59 -35.48 2.29
C ASP H 159 -40.56 -34.47 2.87
N MET H 160 -41.83 -34.86 3.00
CA MET H 160 -42.77 -34.01 3.69
C MET H 160 -42.43 -33.95 5.16
N GLU H 161 -42.14 -32.76 5.65
CA GLU H 161 -41.81 -32.55 7.05
C GLU H 161 -43.05 -32.06 7.77
N LYS H 162 -43.03 -32.19 9.10
CA LYS H 162 -44.13 -31.67 9.89
C LYS H 162 -44.03 -30.16 10.01
N MET H 163 -45.18 -29.52 10.10
CA MET H 163 -45.27 -28.07 10.17
C MET H 163 -45.53 -27.65 11.62
N VAL H 164 -44.86 -26.60 12.06
CA VAL H 164 -44.91 -26.15 13.45
C VAL H 164 -45.39 -24.71 13.48
N TRP H 165 -46.34 -24.45 14.36
CA TRP H 165 -46.88 -23.13 14.63
C TRP H 165 -46.28 -22.60 15.92
N LEU H 166 -45.82 -21.36 15.90
CA LEU H 166 -45.24 -20.72 17.08
C LEU H 166 -46.07 -19.50 17.43
N ASP H 167 -46.50 -19.43 18.69
CA ASP H 167 -47.26 -18.30 19.20
C ASP H 167 -46.46 -17.63 20.31
N VAL H 168 -46.17 -16.34 20.16
CA VAL H 168 -45.29 -15.63 21.08
C VAL H 168 -46.02 -14.44 21.67
N ASN H 169 -45.89 -14.25 22.97
CA ASN H 169 -46.47 -13.10 23.66
C ASN H 169 -45.40 -12.35 24.43
N ILE H 170 -45.38 -11.04 24.27
CA ILE H 170 -44.48 -10.14 24.98
C ILE H 170 -45.35 -9.09 25.65
N LEU H 171 -45.26 -9.00 26.98
CA LEU H 171 -46.08 -8.08 27.74
C LEU H 171 -45.17 -7.21 28.59
N GLU H 172 -45.48 -5.91 28.65
CA GLU H 172 -44.62 -4.98 29.37
C GLU H 172 -45.42 -3.84 29.97
N ILE H 173 -45.09 -3.46 31.19
CA ILE H 173 -45.72 -2.35 31.90
C ILE H 173 -44.66 -1.52 32.60
N ARG H 174 -44.72 -0.21 32.41
CA ARG H 174 -43.80 0.73 33.05
C ARG H 174 -44.60 1.76 33.83
N LYS H 175 -44.13 2.09 35.03
CA LYS H 175 -44.77 3.12 35.83
C LYS H 175 -43.70 3.99 36.48
N SER H 176 -44.02 5.27 36.66
CA SER H 176 -43.05 6.18 37.27
C SER H 176 -43.75 7.35 37.93
N VAL H 177 -43.10 7.86 38.99
CA VAL H 177 -43.53 9.04 39.72
C VAL H 177 -42.32 9.94 39.90
N LEU H 178 -42.55 11.25 39.78
CA LEU H 178 -41.49 12.23 39.98
C LEU H 178 -42.03 13.44 40.74
N GLU H 179 -41.46 13.74 41.91
CA GLU H 179 -41.87 14.88 42.73
C GLU H 179 -40.68 15.77 43.02
N ASN H 180 -40.94 17.05 43.20
CA ASN H 180 -39.90 18.05 43.42
C ASN H 180 -40.53 19.20 44.19
N PHE H 181 -40.33 19.26 45.50
CA PHE H 181 -41.07 20.23 46.29
C PHE H 181 -40.22 20.79 47.42
N GLY H 182 -40.51 22.04 47.77
CA GLY H 182 -39.83 22.72 48.85
C GLY H 182 -39.31 24.08 48.44
N VAL H 183 -38.46 24.64 49.32
CA VAL H 183 -37.81 25.92 49.09
C VAL H 183 -36.30 25.71 49.11
N ASP H 184 -35.62 26.23 48.11
CA ASP H 184 -34.19 26.08 47.94
C ASP H 184 -33.53 27.45 48.15
N TRP H 185 -32.67 27.57 49.17
CA TRP H 185 -32.03 28.83 49.52
C TRP H 185 -30.57 28.84 49.05
N SER H 186 -29.94 30.00 49.22
CA SER H 186 -28.51 30.13 48.97
C SER H 186 -27.71 29.43 50.04
N LYS H 187 -26.55 28.90 49.66
CA LYS H 187 -25.70 28.21 50.60
C LYS H 187 -24.33 28.83 50.77
N GLN H 188 -23.95 29.79 49.93
CA GLN H 188 -22.67 30.47 50.02
C GLN H 188 -22.91 31.95 49.85
N ILE H 189 -22.63 32.73 50.89
CA ILE H 189 -22.89 34.17 50.84
C ILE H 189 -21.63 34.93 51.25
N PRO H 190 -21.47 36.17 50.80
CA PRO H 190 -20.28 36.94 51.17
C PRO H 190 -20.22 37.16 52.68
N GLY H 191 -19.00 37.25 53.21
CA GLY H 191 -18.80 37.51 54.61
C GLY H 191 -18.25 38.90 54.87
N PRO H 192 -17.90 39.17 56.12
CA PRO H 192 -17.43 40.51 56.48
C PRO H 192 -16.08 40.82 55.85
N PHE H 193 -15.77 42.11 55.77
CA PHE H 193 -14.53 42.59 55.22
C PHE H 193 -13.92 43.66 56.12
N ALA H 194 -12.60 43.75 56.08
CA ALA H 194 -11.85 44.77 56.82
C ALA H 194 -10.65 45.18 55.99
N ALA H 195 -10.33 46.47 56.01
CA ALA H 195 -9.15 46.98 55.31
C ALA H 195 -8.54 48.12 56.11
N PHE H 196 -7.22 48.20 56.07
CA PHE H 196 -6.44 49.23 56.74
C PHE H 196 -5.43 49.79 55.76
N GLY H 197 -5.13 51.07 55.87
CA GLY H 197 -4.14 51.68 55.01
C GLY H 197 -3.56 52.94 55.60
N LYS H 198 -2.24 53.09 55.58
CA LYS H 198 -1.63 54.27 56.18
C LYS H 198 -0.34 54.62 55.47
N ASP H 199 0.06 55.88 55.60
CA ASP H 199 1.30 56.41 55.04
C ASP H 199 2.07 57.03 56.20
N PHE H 200 3.07 56.32 56.72
CA PHE H 200 3.82 56.82 57.87
C PHE H 200 4.69 58.00 57.48
N VAL H 201 5.41 57.90 56.37
CA VAL H 201 6.13 59.02 55.79
C VAL H 201 5.58 59.24 54.39
N GLY H 202 4.65 60.17 54.26
CA GLY H 202 3.77 60.21 53.12
C GLY H 202 4.40 60.86 51.91
N PRO H 203 3.73 60.74 50.77
CA PRO H 203 4.22 61.38 49.56
C PRO H 203 4.11 62.89 49.67
N ARG H 204 4.89 63.58 48.85
CA ARG H 204 4.86 65.03 48.79
C ARG H 204 4.22 65.47 47.48
N ASN H 205 3.28 66.41 47.56
CA ASN H 205 2.66 66.97 46.37
C ASN H 205 3.36 68.26 45.99
N VAL H 206 3.78 68.36 44.73
CA VAL H 206 4.55 69.49 44.24
C VAL H 206 4.01 69.93 42.89
N ALA H 207 4.53 71.05 42.41
CA ALA H 207 4.17 71.54 41.08
C ALA H 207 5.29 71.24 40.10
N THR H 208 4.93 70.69 38.94
CA THR H 208 5.92 70.28 37.96
C THR H 208 5.53 70.78 36.57
N ILE H 209 6.52 70.96 35.72
CA ILE H 209 6.36 71.36 34.33
C ILE H 209 6.88 70.22 33.45
N PRO H 210 6.04 69.60 32.63
CA PRO H 210 6.50 68.46 31.84
C PRO H 210 7.53 68.87 30.81
N LEU H 211 8.44 67.94 30.49
CA LEU H 211 9.45 68.20 29.48
C LEU H 211 8.81 68.27 28.10
N GLY H 212 9.28 69.22 27.29
CA GLY H 212 8.74 69.41 25.96
C GLY H 212 7.53 70.31 25.89
N GLN H 213 7.07 70.83 27.02
CA GLN H 213 5.91 71.70 27.09
C GLN H 213 6.36 73.16 27.04
N ASP H 214 5.50 74.01 26.47
CA ASP H 214 5.81 75.43 26.42
C ASP H 214 5.96 75.99 27.82
N LEU H 215 6.89 76.94 27.98
CA LEU H 215 7.21 77.44 29.31
C LEU H 215 6.10 78.34 29.85
N THR H 216 5.30 78.94 28.98
CA THR H 216 4.27 79.85 29.45
C THR H 216 3.09 79.10 30.05
N GLN H 217 2.95 77.83 29.72
CA GLN H 217 1.79 77.07 30.18
C GLN H 217 1.85 76.88 31.70
N PRO H 218 0.71 76.83 32.38
CA PRO H 218 0.72 76.70 33.83
C PRO H 218 1.20 75.32 34.24
N PRO H 219 1.75 75.20 35.45
CA PRO H 219 2.26 73.89 35.89
C PRO H 219 1.14 72.92 36.21
N VAL H 220 1.52 71.67 36.43
CA VAL H 220 0.58 70.61 36.75
C VAL H 220 1.00 69.95 38.05
N ALA H 221 0.14 69.06 38.54
CA ALA H 221 0.41 68.36 39.79
C ALA H 221 1.44 67.27 39.59
N GLY H 222 2.32 67.10 40.57
CA GLY H 222 3.32 66.05 40.54
C GLY H 222 3.64 65.63 41.95
N THR H 223 4.52 64.64 42.05
CA THR H 223 4.77 64.00 43.32
C THR H 223 6.26 63.78 43.52
N GLY H 224 6.64 63.53 44.76
CA GLY H 224 7.93 62.98 45.10
C GLY H 224 7.92 61.49 44.92
N VAL H 225 8.68 60.80 45.77
CA VAL H 225 8.65 59.35 45.74
C VAL H 225 7.33 58.87 46.31
N ARG H 226 6.59 58.10 45.52
CA ARG H 226 5.27 57.63 45.90
C ARG H 226 5.09 56.21 45.38
N VAL H 227 4.55 55.34 46.24
CA VAL H 227 4.41 53.93 45.93
C VAL H 227 2.93 53.60 45.82
N THR H 228 2.57 52.87 44.77
CA THR H 228 1.25 52.28 44.67
C THR H 228 1.40 50.77 44.78
N PRO H 229 1.09 50.16 45.92
CA PRO H 229 1.42 48.75 46.10
C PRO H 229 0.55 47.88 45.22
N PRO H 230 1.05 46.74 44.80
CA PRO H 230 0.20 45.78 44.08
C PRO H 230 -0.66 44.97 45.03
N LEU H 231 -1.97 45.07 44.92
CA LEU H 231 -2.90 44.30 45.73
C LEU H 231 -3.10 42.96 45.05
N GLY H 232 -2.59 41.89 45.67
CA GLY H 232 -2.59 40.61 45.00
C GLY H 232 -3.97 40.00 44.90
N SER H 233 -4.49 39.47 46.01
CA SER H 233 -5.83 38.91 46.04
C SER H 233 -6.89 39.93 46.42
N LEU H 234 -6.50 41.12 46.87
CA LEU H 234 -7.41 42.19 47.16
C LEU H 234 -7.67 43.07 45.95
N ASN H 235 -7.19 42.65 44.78
CA ASN H 235 -7.30 43.46 43.58
C ASN H 235 -8.76 43.67 43.20
N GLY H 236 -9.10 44.91 42.86
CA GLY H 236 -10.46 45.26 42.54
C GLY H 236 -11.37 45.46 43.73
N ALA H 237 -10.89 45.15 44.94
CA ALA H 237 -11.70 45.32 46.14
C ALA H 237 -11.36 46.59 46.91
N ILE H 238 -10.18 47.16 46.70
CA ILE H 238 -9.78 48.41 47.33
C ILE H 238 -9.57 49.43 46.23
N ASP H 239 -10.16 50.60 46.39
CA ASP H 239 -10.12 51.63 45.37
C ASP H 239 -8.81 52.40 45.45
N LEU H 240 -7.98 52.27 44.42
CA LEU H 240 -6.72 52.99 44.35
C LEU H 240 -6.74 54.17 43.39
N ALA H 241 -7.63 54.15 42.40
CA ALA H 241 -7.69 55.26 41.44
C ALA H 241 -8.11 56.55 42.13
N ASN H 242 -9.06 56.47 43.05
CA ASN H 242 -9.65 57.65 43.67
C ASN H 242 -9.11 57.93 45.07
N LEU H 243 -8.04 57.24 45.47
CA LEU H 243 -7.54 57.39 46.82
C LEU H 243 -6.61 58.59 46.93
N ALA H 244 -6.88 59.47 47.90
CA ALA H 244 -6.00 60.60 48.17
C ALA H 244 -4.74 60.09 48.87
N ARG H 245 -3.58 60.36 48.28
CA ARG H 245 -2.39 59.62 48.67
C ARG H 245 -1.81 60.01 50.01
N PRO H 246 -1.81 61.28 50.42
CA PRO H 246 -1.60 61.54 51.84
C PRO H 246 -2.83 61.05 52.59
N ILE H 247 -2.85 59.75 52.87
CA ILE H 247 -4.08 59.02 53.15
C ILE H 247 -4.82 59.60 54.34
N ALA H 248 -6.09 59.95 54.13
CA ALA H 248 -6.98 60.43 55.17
C ALA H 248 -8.14 59.46 55.28
N GLY H 249 -8.26 58.80 56.42
CA GLY H 249 -9.28 57.78 56.59
C GLY H 249 -8.68 56.41 56.39
N THR H 250 -8.37 55.72 57.48
CA THR H 250 -7.45 54.60 57.40
C THR H 250 -8.16 53.26 57.34
N THR H 251 -9.25 53.09 58.08
CA THR H 251 -9.89 51.78 58.21
C THR H 251 -11.27 51.77 57.59
N ASN H 252 -11.64 50.61 57.06
CA ASN H 252 -13.01 50.35 56.60
C ASN H 252 -13.38 48.93 56.98
N PHE H 253 -14.43 48.78 57.79
CA PHE H 253 -14.86 47.50 58.33
C PHE H 253 -16.36 47.38 58.15
N GLY H 254 -16.79 46.33 57.45
CA GLY H 254 -18.22 46.24 57.15
C GLY H 254 -18.60 44.88 56.63
N ILE H 255 -19.84 44.80 56.12
CA ILE H 255 -20.38 43.57 55.55
C ILE H 255 -21.51 43.91 54.60
N ILE H 256 -21.60 43.17 53.50
CA ILE H 256 -22.69 43.28 52.52
C ILE H 256 -23.02 41.87 52.06
N THR H 257 -24.24 41.41 52.34
CA THR H 257 -24.58 40.02 52.08
C THR H 257 -26.09 39.88 51.95
N GLY H 258 -26.53 38.71 51.52
CA GLY H 258 -27.95 38.42 51.41
C GLY H 258 -28.18 37.03 50.86
N VAL H 259 -29.45 36.62 50.86
CA VAL H 259 -29.84 35.28 50.42
C VAL H 259 -30.94 35.38 49.37
N LEU H 260 -31.00 34.36 48.51
CA LEU H 260 -31.99 34.22 47.47
C LEU H 260 -32.61 32.83 47.55
N SER H 261 -33.74 32.64 46.89
CA SER H 261 -34.45 31.40 47.07
C SER H 261 -35.34 31.09 45.87
N THR H 262 -35.72 29.82 45.76
CA THR H 262 -36.61 29.32 44.73
C THR H 262 -37.64 28.40 45.37
N ILE H 263 -38.82 28.33 44.76
CA ILE H 263 -39.91 27.50 45.26
C ILE H 263 -40.23 26.43 44.22
N ASN H 264 -40.42 25.20 44.68
CA ASN H 264 -40.68 24.05 43.82
C ASN H 264 -41.94 23.33 44.30
N PHE H 265 -42.88 23.08 43.39
CA PHE H 265 -44.02 22.24 43.70
C PHE H 265 -44.41 21.36 42.49
N ALA H 266 -43.44 20.73 41.84
CA ALA H 266 -43.70 19.94 40.64
C ALA H 266 -44.03 18.50 40.98
N LEU H 267 -44.96 17.89 40.24
CA LEU H 267 -45.47 16.56 40.53
C LEU H 267 -45.96 15.89 39.26
N SER H 268 -45.46 14.70 38.95
CA SER H 268 -45.78 14.04 37.69
C SER H 268 -45.86 12.53 37.85
N ASN H 269 -46.65 11.91 36.98
CA ASN H 269 -46.78 10.46 36.90
C ASN H 269 -46.68 10.02 35.46
N GLY H 270 -46.39 8.76 35.24
CA GLY H 270 -46.37 8.19 33.91
C GLY H 270 -46.66 6.70 33.94
N ASP H 271 -47.46 6.25 32.98
CA ASP H 271 -47.76 4.84 32.79
C ASP H 271 -47.59 4.49 31.33
N ALA H 272 -47.16 3.26 31.06
CA ALA H 272 -47.07 2.77 29.70
C ALA H 272 -47.34 1.29 29.68
N TYR H 273 -48.20 0.85 28.76
CA TYR H 273 -48.59 -0.54 28.62
C TYR H 273 -48.29 -1.02 27.22
N LEU H 274 -48.00 -2.31 27.06
CA LEU H 274 -47.65 -2.82 25.75
C LEU H 274 -47.83 -4.33 25.69
N ILE H 275 -48.48 -4.81 24.63
CA ILE H 275 -48.55 -6.23 24.32
C ILE H 275 -48.19 -6.43 22.84
N ALA H 276 -47.37 -7.43 22.57
CA ALA H 276 -47.03 -7.80 21.20
C ALA H 276 -47.25 -9.28 21.05
N ASN H 277 -48.01 -9.67 20.04
CA ASN H 277 -48.42 -11.06 19.86
C ASN H 277 -48.15 -11.50 18.42
N PRO H 278 -46.89 -11.67 18.05
CA PRO H 278 -46.59 -12.21 16.72
C PRO H 278 -46.83 -13.71 16.69
N GLN H 279 -47.06 -14.23 15.50
CA GLN H 279 -47.24 -15.66 15.32
C GLN H 279 -46.58 -16.09 14.02
N LEU H 280 -46.10 -17.34 14.00
CA LEU H 280 -45.27 -17.81 12.90
C LEU H 280 -45.61 -19.25 12.55
N SER H 281 -45.18 -19.66 11.36
CA SER H 281 -45.31 -21.01 10.88
C SER H 281 -44.03 -21.41 10.18
N ALA H 282 -43.58 -22.65 10.38
CA ALA H 282 -42.39 -23.11 9.67
C ALA H 282 -42.34 -24.63 9.70
N ARG H 283 -41.80 -25.22 8.65
CA ARG H 283 -41.64 -26.67 8.60
C ARG H 283 -40.42 -27.09 9.43
N SER H 284 -40.49 -28.32 9.92
CA SER H 284 -39.40 -28.86 10.73
C SER H 284 -38.11 -28.91 9.93
N GLY H 285 -37.04 -28.40 10.51
CA GLY H 285 -35.79 -28.32 9.80
C GLY H 285 -35.62 -27.09 8.94
N GLY H 286 -36.63 -26.20 8.91
CA GLY H 286 -36.53 -24.97 8.16
C GLY H 286 -36.32 -23.81 9.10
N ARG H 287 -36.45 -22.60 8.54
CA ARG H 287 -36.34 -21.38 9.33
C ARG H 287 -37.41 -20.41 8.86
N THR H 288 -37.87 -19.54 9.76
CA THR H 288 -38.74 -18.45 9.34
C THR H 288 -38.39 -17.18 10.10
N ASP H 289 -38.25 -16.07 9.36
CA ASP H 289 -37.99 -14.76 9.92
C ASP H 289 -39.15 -13.83 9.63
N PHE H 290 -39.51 -13.03 10.61
CA PHE H 290 -40.63 -12.09 10.51
C PHE H 290 -40.19 -10.75 11.06
N LEU H 291 -40.53 -9.67 10.35
CA LEU H 291 -40.23 -8.33 10.80
C LEU H 291 -41.40 -7.41 10.52
N ALA H 292 -41.94 -6.79 11.56
CA ALA H 292 -43.00 -5.79 11.42
C ALA H 292 -42.51 -4.53 12.10
N GLY H 293 -42.16 -3.52 11.33
CA GLY H 293 -41.46 -2.38 11.88
C GLY H 293 -40.94 -1.47 10.81
N GLY H 294 -39.64 -1.16 10.87
CA GLY H 294 -39.08 -0.28 9.87
C GLY H 294 -37.59 -0.40 9.79
N GLN H 295 -37.02 0.38 8.87
CA GLN H 295 -35.57 0.50 8.72
C GLN H 295 -35.21 1.98 8.75
N VAL H 296 -34.10 2.29 9.43
CA VAL H 296 -33.61 3.67 9.48
C VAL H 296 -32.19 3.72 8.93
N PRO H 297 -31.80 4.83 8.30
CA PRO H 297 -30.47 4.88 7.67
C PRO H 297 -29.39 5.21 8.69
N ILE H 298 -28.24 4.56 8.55
CA ILE H 298 -27.12 4.68 9.46
C ILE H 298 -25.86 4.94 8.65
N LEU H 299 -25.10 5.95 9.05
CA LEU H 299 -23.94 6.42 8.29
C LEU H 299 -22.67 5.72 8.79
N GLN H 300 -22.49 4.49 8.34
CA GLN H 300 -21.34 3.68 8.76
C GLN H 300 -20.55 3.26 7.55
N ALA H 301 -19.22 3.28 7.68
CA ALA H 301 -18.34 2.91 6.57
C ALA H 301 -17.00 2.45 7.13
N LEU H 302 -16.26 1.72 6.31
CA LEU H 302 -14.95 1.23 6.71
C LEU H 302 -13.97 2.38 6.83
N ALA H 303 -13.20 2.39 7.92
CA ALA H 303 -12.06 3.29 8.09
C ALA H 303 -12.48 4.75 8.09
N ALA H 304 -11.50 5.65 7.99
CA ALA H 304 -11.70 7.08 7.86
C ALA H 304 -12.34 7.71 9.09
N GLY H 305 -12.56 9.02 9.03
CA GLY H 305 -13.09 9.75 10.16
C GLY H 305 -13.33 11.22 9.87
N GLN H 310 -19.59 8.69 2.27
CA GLN H 310 -19.50 7.52 3.14
C GLN H 310 -20.31 6.36 2.60
N ASN H 311 -20.54 5.37 3.47
CA ASN H 311 -21.41 4.24 3.17
C ASN H 311 -22.65 4.39 4.03
N VAL H 312 -23.82 4.07 3.47
CA VAL H 312 -25.08 4.14 4.19
C VAL H 312 -25.64 2.72 4.28
N THR H 313 -25.90 2.27 5.51
CA THR H 313 -26.57 1.01 5.73
C THR H 313 -27.91 1.27 6.38
N TYR H 314 -28.66 0.20 6.63
CA TYR H 314 -29.99 0.32 7.21
C TYR H 314 -30.13 -0.59 8.41
N LYS H 315 -30.78 -0.08 9.45
CA LYS H 315 -30.97 -0.81 10.70
C LYS H 315 -32.45 -1.07 10.92
N ASP H 316 -32.78 -2.31 11.26
CA ASP H 316 -34.16 -2.71 11.46
C ASP H 316 -34.59 -2.47 12.90
N TYR H 317 -35.81 -1.98 13.06
CA TYR H 317 -36.44 -1.85 14.38
C TYR H 317 -37.88 -2.30 14.27
N GLY H 318 -38.51 -2.53 15.42
CA GLY H 318 -39.88 -3.01 15.44
C GLY H 318 -39.99 -4.32 16.20
N ILE H 319 -40.83 -5.20 15.67
CA ILE H 319 -41.00 -6.53 16.22
C ILE H 319 -40.34 -7.51 15.27
N LYS H 320 -39.34 -8.22 15.76
CA LYS H 320 -38.58 -9.17 14.98
C LYS H 320 -38.64 -10.54 15.62
N LEU H 321 -38.83 -11.58 14.81
CA LEU H 321 -39.04 -12.93 15.32
C LEU H 321 -38.35 -13.92 14.40
N GLU H 322 -37.50 -14.78 14.97
CA GLU H 322 -36.82 -15.82 14.20
C GLU H 322 -37.05 -17.18 14.82
N PHE H 323 -37.41 -18.16 14.00
CA PHE H 323 -37.82 -19.48 14.48
C PHE H 323 -37.05 -20.56 13.72
N GLU H 324 -36.53 -21.54 14.47
CA GLU H 324 -35.88 -22.73 13.88
C GLU H 324 -36.27 -24.00 14.62
N PRO H 325 -37.31 -24.70 14.19
CA PRO H 325 -37.81 -25.85 14.94
C PRO H 325 -37.27 -27.19 14.44
N ARG H 326 -37.43 -28.21 15.29
CA ARG H 326 -37.14 -29.61 14.97
C ARG H 326 -38.11 -30.48 15.74
N VAL H 327 -38.65 -31.51 15.11
CA VAL H 327 -39.76 -32.24 15.67
C VAL H 327 -39.43 -33.72 15.76
N ASP H 328 -39.92 -34.35 16.82
CA ASP H 328 -39.65 -35.73 17.17
C ASP H 328 -40.80 -36.63 16.76
N ASP H 329 -40.70 -37.91 17.09
CA ASP H 329 -41.79 -38.84 16.80
C ASP H 329 -42.94 -38.70 17.77
N ASP H 330 -42.69 -38.18 18.96
CA ASP H 330 -43.74 -37.93 19.94
C ASP H 330 -44.22 -36.50 19.91
N ASN H 331 -43.85 -35.74 18.88
CA ASN H 331 -44.18 -34.34 18.72
C ASN H 331 -43.53 -33.45 19.78
N ASN H 332 -42.42 -33.88 20.35
CA ASN H 332 -41.59 -32.95 21.10
C ASN H 332 -40.91 -31.99 20.14
N VAL H 333 -40.79 -30.74 20.55
CA VAL H 333 -40.23 -29.71 19.69
C VAL H 333 -38.98 -29.15 20.34
N SER H 334 -37.88 -29.18 19.60
CA SER H 334 -36.64 -28.53 19.98
C SER H 334 -36.43 -27.30 19.11
N MET H 335 -36.17 -26.16 19.72
CA MET H 335 -36.19 -24.93 18.93
C MET H 335 -35.15 -23.95 19.42
N ARG H 336 -34.75 -23.08 18.50
CA ARG H 336 -34.11 -21.81 18.80
C ARG H 336 -35.06 -20.70 18.37
N VAL H 337 -35.35 -19.79 19.29
CA VAL H 337 -36.29 -18.70 19.04
C VAL H 337 -35.64 -17.38 19.47
N LEU H 338 -35.70 -16.40 18.58
CA LEU H 338 -35.29 -15.04 18.88
C LEU H 338 -36.50 -14.13 18.82
N ALA H 339 -36.73 -13.37 19.88
CA ALA H 339 -37.83 -12.42 19.95
C ALA H 339 -37.28 -11.07 20.35
N ASP H 340 -37.54 -10.04 19.54
CA ASP H 340 -36.97 -8.72 19.76
C ASP H 340 -38.05 -7.67 19.56
N VAL H 341 -38.13 -6.72 20.49
CA VAL H 341 -39.04 -5.59 20.39
C VAL H 341 -38.24 -4.33 20.66
N SER H 342 -38.12 -3.46 19.65
CA SER H 342 -37.27 -2.29 19.80
C SER H 342 -37.90 -1.07 19.16
N ASP H 343 -37.98 0.00 19.94
CA ASP H 343 -38.60 1.26 19.53
C ASP H 343 -37.55 2.35 19.51
N ILE H 344 -37.84 3.44 18.79
CA ILE H 344 -36.92 4.57 18.77
C ILE H 344 -37.11 5.43 20.00
N ASP H 345 -36.00 5.88 20.58
CA ASP H 345 -35.97 6.70 21.77
C ASP H 345 -35.41 8.08 21.46
N PRO H 346 -36.18 9.15 21.63
CA PRO H 346 -35.63 10.49 21.36
C PRO H 346 -34.55 10.91 22.33
N ALA H 347 -34.54 10.34 23.54
CA ALA H 347 -33.65 10.82 24.59
C ALA H 347 -32.19 10.58 24.25
N THR H 348 -31.86 9.44 23.66
CA THR H 348 -30.47 9.07 23.43
C THR H 348 -30.05 9.20 21.97
N SER H 349 -30.77 9.98 21.18
CA SER H 349 -30.42 10.21 19.80
C SER H 349 -29.44 11.37 19.70
N VAL H 350 -28.51 11.28 18.75
CA VAL H 350 -27.46 12.27 18.58
C VAL H 350 -27.62 12.94 17.24
N SER H 351 -27.35 14.26 17.20
CA SER H 351 -27.63 15.04 16.01
C SER H 351 -26.55 14.85 14.94
N LEU H 352 -25.31 14.65 15.34
CA LEU H 352 -24.16 14.63 14.42
C LEU H 352 -24.16 15.99 13.72
N ASN H 353 -24.10 16.05 12.39
CA ASN H 353 -24.13 17.34 11.69
C ASN H 353 -25.55 17.72 11.35
N GLY H 354 -26.20 16.91 10.52
CA GLY H 354 -27.62 16.99 10.28
C GLY H 354 -28.14 15.58 10.14
N PHE H 355 -27.20 14.63 10.11
CA PHE H 355 -27.51 13.21 9.98
C PHE H 355 -27.83 12.68 11.37
N THR H 356 -29.09 12.84 11.78
CA THR H 356 -29.51 12.35 13.09
C THR H 356 -29.34 10.85 13.19
N VAL H 357 -28.70 10.41 14.27
CA VAL H 357 -28.53 9.00 14.58
C VAL H 357 -29.36 8.69 15.82
N PRO H 358 -30.25 7.70 15.78
CA PRO H 358 -31.15 7.46 16.91
C PRO H 358 -30.64 6.38 17.85
N GLY H 359 -31.20 6.38 19.05
CA GLY H 359 -31.01 5.29 19.98
C GLY H 359 -32.33 4.56 20.16
N PHE H 360 -32.25 3.37 20.75
CA PHE H 360 -33.41 2.50 20.82
C PHE H 360 -33.67 2.03 22.24
N ILE H 361 -34.93 1.68 22.48
CA ILE H 361 -35.35 0.95 23.67
C ILE H 361 -35.64 -0.47 23.21
N THR H 362 -34.90 -1.43 23.72
CA THR H 362 -34.98 -2.80 23.23
C THR H 362 -35.30 -3.76 24.36
N ARG H 363 -36.06 -4.80 24.01
CA ARG H 363 -36.27 -5.97 24.85
C ARG H 363 -36.06 -7.18 23.97
N ARG H 364 -35.02 -7.95 24.26
CA ARG H 364 -34.56 -9.00 23.38
C ARG H 364 -34.38 -10.29 24.14
N SER H 365 -34.60 -11.40 23.46
CA SER H 365 -34.38 -12.70 24.09
C SER H 365 -34.09 -13.74 23.02
N ASN H 366 -32.99 -14.45 23.19
CA ASN H 366 -32.51 -15.44 22.23
C ASN H 366 -32.33 -16.75 22.96
N ALA H 367 -33.29 -17.66 22.80
CA ALA H 367 -33.37 -18.82 23.69
C ALA H 367 -33.29 -20.11 22.89
N GLU H 368 -32.76 -21.13 23.54
CA GLU H 368 -32.68 -22.48 22.99
C GLU H 368 -33.34 -23.42 23.98
N ILE H 369 -34.46 -24.03 23.57
CA ILE H 369 -35.25 -24.85 24.48
C ILE H 369 -35.78 -26.07 23.77
N ASN H 370 -36.43 -26.94 24.54
CA ASN H 370 -37.22 -28.03 24.00
C ASN H 370 -38.40 -28.30 24.93
N VAL H 371 -39.59 -28.49 24.34
CA VAL H 371 -40.81 -28.68 25.10
C VAL H 371 -41.68 -29.74 24.44
N GLY H 372 -42.71 -30.16 25.15
CA GLY H 372 -43.70 -31.02 24.58
C GLY H 372 -44.66 -30.28 23.68
N ASP H 373 -45.49 -31.03 22.97
CA ASP H 373 -46.39 -30.44 22.00
C ASP H 373 -47.47 -29.60 22.70
N GLY H 374 -47.56 -28.34 22.31
CA GLY H 374 -48.64 -27.50 22.80
C GLY H 374 -48.48 -26.97 24.20
N GLN H 375 -47.27 -26.96 24.74
CA GLN H 375 -47.02 -26.47 26.08
C GLN H 375 -46.51 -25.04 26.03
N THR H 376 -46.81 -24.28 27.08
CA THR H 376 -46.40 -22.89 27.17
C THR H 376 -45.19 -22.78 28.08
N MET H 377 -44.12 -22.18 27.56
CA MET H 377 -42.90 -21.99 28.31
C MET H 377 -42.57 -20.51 28.34
N VAL H 378 -42.10 -20.04 29.48
CA VAL H 378 -41.66 -18.66 29.64
C VAL H 378 -40.15 -18.64 29.49
N ILE H 379 -39.65 -17.76 28.63
CA ILE H 379 -38.22 -17.70 28.38
C ILE H 379 -37.55 -16.47 28.99
N SER H 380 -38.32 -15.52 29.51
CA SER H 380 -37.73 -14.34 30.14
C SER H 380 -38.79 -13.60 30.91
N GLY H 381 -38.38 -13.06 32.06
CA GLY H 381 -39.25 -12.24 32.88
C GLY H 381 -38.43 -11.31 33.73
N LEU H 382 -39.00 -10.16 34.07
CA LEU H 382 -38.26 -9.14 34.78
C LEU H 382 -39.20 -8.33 35.67
N VAL H 383 -38.75 -8.07 36.88
CA VAL H 383 -39.34 -7.07 37.77
C VAL H 383 -38.22 -6.16 38.24
N ASN H 384 -38.33 -4.86 37.98
CA ASN H 384 -37.24 -3.92 38.23
C ASN H 384 -37.75 -2.65 38.89
N PRO H 385 -37.68 -2.54 40.21
CA PRO H 385 -38.04 -1.29 40.90
C PRO H 385 -36.82 -0.43 41.20
N LYS H 386 -36.99 0.89 41.15
CA LYS H 386 -35.90 1.81 41.45
C LYS H 386 -36.45 3.06 42.12
N THR H 387 -35.68 3.62 43.03
CA THR H 387 -36.10 4.76 43.84
C THR H 387 -34.90 5.61 44.22
N ALA H 388 -35.06 6.93 44.23
CA ALA H 388 -33.98 7.83 44.59
C ALA H 388 -34.53 9.10 45.20
N LYS H 389 -33.90 9.56 46.28
CA LYS H 389 -34.30 10.79 46.95
C LYS H 389 -33.07 11.64 47.24
N ASN H 390 -33.19 12.94 47.00
CA ASN H 390 -32.15 13.91 47.33
C ASN H 390 -32.75 15.05 48.12
N VAL H 391 -32.06 15.49 49.16
CA VAL H 391 -32.56 16.53 50.04
C VAL H 391 -31.46 17.57 50.25
N SER H 392 -31.85 18.84 50.23
CA SER H 392 -30.93 19.93 50.58
C SER H 392 -31.61 20.80 51.62
N LYS H 393 -30.90 21.16 52.66
CA LYS H 393 -31.54 21.83 53.79
C LYS H 393 -30.59 22.81 54.44
N LEU H 394 -31.16 23.70 55.22
CA LEU H 394 -30.38 24.52 56.12
C LEU H 394 -30.11 23.74 57.41
N PRO H 395 -29.02 24.06 58.10
CA PRO H 395 -28.56 23.17 59.18
C PRO H 395 -29.58 22.84 60.24
N TRP H 396 -30.13 23.82 60.94
CA TRP H 396 -31.05 23.53 62.03
C TRP H 396 -32.50 23.80 61.71
N LEU H 397 -32.79 24.72 60.79
CA LEU H 397 -34.17 25.05 60.50
C LEU H 397 -34.86 23.96 59.71
N GLY H 398 -34.07 23.13 59.01
CA GLY H 398 -34.68 22.15 58.12
C GLY H 398 -35.33 21.00 58.86
N ASP H 399 -34.95 20.78 60.11
CA ASP H 399 -35.45 19.64 60.85
C ASP H 399 -36.73 19.92 61.61
N ILE H 400 -37.21 21.16 61.60
CA ILE H 400 -38.46 21.46 62.31
C ILE H 400 -39.61 20.76 61.61
N PRO H 401 -40.51 20.10 62.35
CA PRO H 401 -41.62 19.41 61.69
C PRO H 401 -42.53 20.38 60.95
N ILE H 402 -43.03 19.93 59.80
CA ILE H 402 -43.94 20.70 58.94
C ILE H 402 -43.28 21.97 58.45
N LEU H 403 -42.91 22.86 59.37
CA LEU H 403 -42.29 24.12 58.99
C LEU H 403 -40.95 23.93 58.28
N GLY H 404 -40.29 22.79 58.49
CA GLY H 404 -38.99 22.59 57.87
C GLY H 404 -39.04 22.64 56.37
N ASN H 405 -40.20 22.38 55.77
CA ASN H 405 -40.32 22.43 54.33
C ASN H 405 -40.16 23.84 53.79
N LEU H 406 -40.20 24.85 54.65
CA LEU H 406 -39.88 26.20 54.21
C LEU H 406 -38.39 26.41 54.05
N PHE H 407 -37.57 25.50 54.56
CA PHE H 407 -36.13 25.62 54.52
C PHE H 407 -35.45 24.40 53.90
N LYS H 408 -36.19 23.56 53.20
CA LYS H 408 -35.68 22.29 52.72
C LYS H 408 -36.28 22.00 51.36
N SER H 409 -35.49 21.41 50.47
CA SER H 409 -35.96 21.06 49.14
C SER H 409 -35.70 19.59 48.87
N THR H 410 -36.72 18.89 48.37
CA THR H 410 -36.68 17.46 48.15
C THR H 410 -36.94 17.14 46.69
N ASN H 411 -36.13 16.25 46.13
CA ASN H 411 -36.35 15.66 44.82
C ASN H 411 -36.52 14.16 44.99
N PHE H 412 -37.57 13.59 44.39
CA PHE H 412 -37.92 12.19 44.59
C PHE H 412 -38.32 11.57 43.27
N GLN H 413 -37.80 10.38 42.99
CA GLN H 413 -38.15 9.64 41.78
C GLN H 413 -38.36 8.18 42.15
N SER H 414 -39.38 7.55 41.57
CA SER H 414 -39.58 6.14 41.85
C SER H 414 -40.36 5.48 40.72
N GLY H 415 -39.83 4.36 40.23
CA GLY H 415 -40.47 3.70 39.11
C GLY H 415 -40.32 2.19 39.17
N ASN H 416 -41.04 1.53 38.28
CA ASN H 416 -41.05 0.07 38.22
C ASN H 416 -41.29 -0.40 36.80
N THR H 417 -40.66 -1.50 36.44
CA THR H 417 -40.86 -2.14 35.14
C THR H 417 -41.18 -3.62 35.30
N ASP H 418 -42.17 -4.11 34.55
CA ASP H 418 -42.54 -5.52 34.51
C ASP H 418 -42.51 -6.01 33.07
N LEU H 419 -41.93 -7.19 32.86
CA LEU H 419 -41.84 -7.76 31.52
C LEU H 419 -41.96 -9.27 31.54
N VAL H 420 -42.73 -9.84 30.62
CA VAL H 420 -42.83 -11.29 30.45
C VAL H 420 -42.80 -11.64 28.98
N ILE H 421 -42.09 -12.72 28.63
CA ILE H 421 -42.04 -13.24 27.27
C ILE H 421 -42.31 -14.74 27.33
N LEU H 422 -43.29 -15.21 26.57
CA LEU H 422 -43.59 -16.63 26.55
C LEU H 422 -43.87 -17.12 25.14
N VAL H 423 -43.64 -18.40 24.90
CA VAL H 423 -43.81 -19.02 23.59
C VAL H 423 -44.60 -20.32 23.74
N THR H 424 -45.41 -20.64 22.74
CA THR H 424 -46.19 -21.86 22.67
C THR H 424 -46.02 -22.49 21.30
N PRO H 425 -45.38 -23.63 21.18
CA PRO H 425 -45.32 -24.32 19.90
C PRO H 425 -46.38 -25.40 19.76
N ARG H 426 -46.76 -25.72 18.53
CA ARG H 426 -47.76 -26.75 18.27
C ARG H 426 -47.60 -27.31 16.88
N VAL H 427 -47.58 -28.64 16.75
CA VAL H 427 -47.50 -29.29 15.45
C VAL H 427 -48.87 -29.23 14.78
N VAL H 428 -48.93 -28.63 13.59
CA VAL H 428 -50.19 -28.25 12.96
C VAL H 428 -50.24 -28.79 11.54
N SER H 429 -51.34 -28.48 10.85
CA SER H 429 -51.46 -28.58 9.41
C SER H 429 -52.40 -27.47 8.96
N ALA H 430 -52.71 -27.44 7.66
CA ALA H 430 -53.55 -26.37 7.16
C ALA H 430 -54.95 -26.36 7.76
N ALA H 431 -55.42 -27.48 8.29
CA ALA H 431 -56.75 -27.57 8.87
C ALA H 431 -56.79 -27.33 10.37
N SER H 432 -55.65 -27.03 10.99
CA SER H 432 -55.60 -26.91 12.44
C SER H 432 -56.19 -25.58 12.90
N LEU H 433 -56.50 -25.51 14.18
CA LEU H 433 -57.30 -24.43 14.71
C LEU H 433 -56.58 -23.09 14.64
N GLU H 434 -55.27 -23.07 14.83
CA GLU H 434 -54.52 -21.82 14.78
C GLU H 434 -54.59 -21.20 13.39
N ASN H 435 -54.33 -22.02 12.36
CA ASN H 435 -54.41 -21.55 10.98
C ASN H 435 -55.81 -21.05 10.66
N ILE H 436 -56.85 -21.78 11.06
CA ILE H 436 -58.21 -21.37 10.77
C ILE H 436 -58.53 -20.04 11.44
N ARG H 437 -58.09 -19.86 12.68
CA ARG H 437 -58.39 -18.62 13.36
C ARG H 437 -57.75 -17.43 12.66
N GLN H 438 -56.49 -17.58 12.22
CA GLN H 438 -55.87 -16.47 11.51
C GLN H 438 -56.54 -16.21 10.16
N VAL H 439 -56.98 -17.25 9.47
CA VAL H 439 -57.67 -17.05 8.20
C VAL H 439 -58.98 -16.29 8.40
N SER H 440 -59.76 -16.69 9.41
CA SER H 440 -61.00 -15.98 9.70
C SER H 440 -60.73 -14.54 10.12
N GLN H 441 -59.61 -14.30 10.79
CA GLN H 441 -59.23 -12.93 11.10
C GLN H 441 -59.00 -12.12 9.83
N ALA H 442 -58.32 -12.70 8.85
CA ALA H 442 -58.12 -11.99 7.58
C ALA H 442 -59.45 -11.69 6.90
N VAL H 443 -60.37 -12.64 6.93
CA VAL H 443 -61.69 -12.42 6.34
C VAL H 443 -62.38 -11.24 7.01
N GLU H 444 -62.35 -11.20 8.34
CA GLU H 444 -62.96 -10.08 9.06
C GLU H 444 -62.30 -8.76 8.71
N MET H 445 -60.98 -8.73 8.60
CA MET H 445 -60.31 -7.47 8.28
C MET H 445 -60.73 -6.98 6.91
N LYS H 446 -60.81 -7.88 5.93
CA LYS H 446 -61.27 -7.48 4.61
C LYS H 446 -62.69 -6.94 4.65
N ASP H 447 -63.57 -7.59 5.40
CA ASP H 447 -64.95 -7.13 5.47
C ASP H 447 -65.04 -5.75 6.10
N GLU H 448 -64.23 -5.49 7.13
CA GLU H 448 -64.22 -4.17 7.73
C GLU H 448 -63.75 -3.10 6.75
N TYR H 449 -62.65 -3.37 6.04
CA TYR H 449 -62.20 -2.43 5.03
C TYR H 449 -63.30 -2.15 4.03
N ARG H 450 -63.99 -3.18 3.55
CA ARG H 450 -65.06 -2.96 2.59
C ARG H 450 -66.16 -2.09 3.18
N ASN H 451 -66.53 -2.33 4.43
CA ASN H 451 -67.66 -1.61 5.01
C ASN H 451 -67.35 -0.16 5.32
N THR H 452 -66.07 0.23 5.39
CA THR H 452 -65.79 1.66 5.56
C THR H 452 -66.06 2.45 4.29
N LEU H 453 -65.89 1.84 3.12
CA LEU H 453 -65.87 2.58 1.87
C LEU H 453 -67.28 2.84 1.33
N PRO H 454 -67.44 3.90 0.52
CA PRO H 454 -68.75 4.15 -0.11
C PRO H 454 -69.10 3.08 -1.12
N LYS H 455 -70.40 2.99 -1.41
CA LYS H 455 -70.89 1.87 -2.21
C LYS H 455 -70.36 1.90 -3.64
N GLY H 456 -70.28 3.07 -4.24
CA GLY H 456 -69.91 3.19 -5.64
C GLY H 456 -68.43 3.34 -5.92
N SER H 457 -67.57 3.22 -4.91
CA SER H 457 -66.16 3.52 -5.11
C SER H 457 -65.50 2.45 -5.97
N THR H 458 -64.41 2.85 -6.64
CA THR H 458 -63.57 1.89 -7.34
C THR H 458 -62.67 1.13 -6.37
N THR H 459 -62.25 1.79 -5.30
CA THR H 459 -61.47 1.12 -4.28
C THR H 459 -62.27 -0.02 -3.67
N ARG H 460 -63.58 0.15 -3.54
CA ARG H 460 -64.40 -0.92 -3.01
C ARG H 460 -64.39 -2.13 -3.93
N ASP H 461 -64.42 -1.90 -5.25
CA ASP H 461 -64.31 -3.01 -6.19
C ASP H 461 -62.97 -3.71 -6.04
N ALA H 462 -61.90 -2.93 -5.91
CA ALA H 462 -60.59 -3.55 -5.73
C ALA H 462 -60.56 -4.41 -4.49
N VAL H 463 -61.16 -3.93 -3.40
CA VAL H 463 -61.24 -4.74 -2.18
C VAL H 463 -62.03 -6.01 -2.44
N ASP H 464 -63.11 -5.90 -3.21
CA ASP H 464 -63.91 -7.10 -3.50
C ASP H 464 -63.11 -8.12 -4.31
N ARG H 465 -62.14 -7.66 -5.09
CA ARG H 465 -61.39 -8.60 -5.92
C ARG H 465 -60.24 -9.29 -5.19
N THR H 466 -59.90 -8.87 -3.98
CA THR H 466 -58.81 -9.51 -3.28
C THR H 466 -59.30 -10.74 -2.52
N LEU H 467 -58.34 -11.53 -2.03
CA LEU H 467 -58.61 -12.67 -1.16
C LEU H 467 -59.59 -13.65 -1.80
N GLY H 468 -59.34 -13.98 -3.06
CA GLY H 468 -60.19 -14.91 -3.78
C GLY H 468 -59.90 -16.34 -3.39
N THR I 27 -36.97 -70.35 18.54
CA THR I 27 -35.90 -71.14 17.95
C THR I 27 -34.77 -71.37 18.95
N ILE I 28 -33.89 -72.33 18.64
CA ILE I 28 -32.77 -72.66 19.51
C ILE I 28 -31.43 -72.34 18.89
N ASP I 29 -31.41 -71.93 17.62
CA ASP I 29 -30.15 -71.74 16.89
C ASP I 29 -29.12 -71.01 17.73
N LEU I 30 -28.05 -71.72 18.07
CA LEU I 30 -27.06 -71.22 19.01
C LEU I 30 -25.79 -72.02 18.77
N TYR I 31 -24.81 -71.90 19.66
CA TYR I 31 -23.67 -72.80 19.63
C TYR I 31 -24.18 -74.24 19.68
N ALA I 32 -23.60 -75.09 18.84
CA ALA I 32 -24.09 -76.45 18.68
C ALA I 32 -24.14 -77.17 20.03
N GLY I 33 -25.25 -77.84 20.29
CA GLY I 33 -25.47 -78.49 21.56
C GLY I 33 -26.27 -77.69 22.56
N GLN I 34 -26.93 -76.62 22.15
CA GLN I 34 -27.74 -75.84 23.08
C GLN I 34 -28.98 -76.63 23.48
N VAL I 35 -29.34 -76.57 24.76
CA VAL I 35 -30.53 -77.20 25.30
C VAL I 35 -31.49 -76.10 25.74
N ARG I 36 -32.74 -76.20 25.30
CA ARG I 36 -33.77 -75.26 25.72
C ARG I 36 -35.02 -75.99 26.14
N VAL I 37 -35.68 -75.47 27.18
CA VAL I 37 -36.90 -76.03 27.72
C VAL I 37 -38.02 -75.01 27.54
N ILE I 38 -39.07 -75.40 26.82
CA ILE I 38 -40.20 -74.54 26.51
C ILE I 38 -41.45 -75.13 27.14
N PRO I 39 -42.06 -74.49 28.14
CA PRO I 39 -43.30 -75.03 28.71
C PRO I 39 -44.50 -74.75 27.81
N THR I 40 -45.30 -75.79 27.58
CA THR I 40 -46.49 -75.68 26.75
C THR I 40 -47.59 -76.53 27.37
N LYS I 41 -48.67 -76.73 26.60
CA LYS I 41 -49.71 -77.64 27.00
C LYS I 41 -49.26 -79.08 26.82
N PRO I 42 -49.96 -80.04 27.43
CA PRO I 42 -49.53 -81.44 27.34
C PRO I 42 -49.33 -81.90 25.90
N VAL I 43 -48.18 -82.53 25.67
CA VAL I 43 -47.79 -83.03 24.35
C VAL I 43 -47.34 -84.48 24.49
N LYS I 44 -47.66 -85.29 23.48
CA LYS I 44 -47.29 -86.70 23.51
C LYS I 44 -45.77 -86.87 23.42
N ARG I 45 -45.12 -86.12 22.55
CA ARG I 45 -43.68 -86.25 22.34
C ARG I 45 -43.22 -84.99 21.61
N VAL I 46 -41.90 -84.89 21.43
CA VAL I 46 -41.29 -83.85 20.61
C VAL I 46 -40.33 -84.52 19.64
N ALA I 47 -40.51 -84.26 18.35
CA ALA I 47 -39.73 -84.89 17.30
C ALA I 47 -39.22 -83.85 16.32
N ILE I 48 -38.23 -84.24 15.52
CA ILE I 48 -37.57 -83.35 14.57
C ILE I 48 -37.59 -83.99 13.19
N GLY I 49 -37.78 -83.17 12.16
CA GLY I 49 -37.82 -83.69 10.81
C GLY I 49 -36.52 -84.37 10.39
N ASP I 50 -35.39 -83.76 10.71
CA ASP I 50 -34.07 -84.33 10.43
C ASP I 50 -33.44 -84.80 11.73
N GLY I 51 -33.08 -86.08 11.78
CA GLY I 51 -32.51 -86.62 13.00
C GLY I 51 -31.16 -86.01 13.34
N LYS I 52 -30.32 -85.81 12.34
CA LYS I 52 -28.97 -85.29 12.58
C LYS I 52 -29.01 -83.88 13.17
N VAL I 53 -29.83 -83.00 12.60
CA VAL I 53 -29.78 -81.59 12.95
C VAL I 53 -30.17 -81.37 14.42
N LEU I 54 -31.22 -82.06 14.87
CA LEU I 54 -31.79 -81.74 16.18
C LEU I 54 -32.41 -82.97 16.81
N SER I 55 -32.29 -83.05 18.14
CA SER I 55 -32.89 -84.10 18.95
C SER I 55 -33.80 -83.49 19.99
N THR I 56 -34.88 -84.19 20.34
CA THR I 56 -35.90 -83.63 21.21
C THR I 56 -36.44 -84.68 22.17
N THR I 57 -36.92 -84.22 23.33
CA THR I 57 -37.59 -85.06 24.32
C THR I 57 -38.74 -84.26 24.92
N VAL I 58 -39.72 -84.98 25.48
CA VAL I 58 -40.81 -84.30 26.18
C VAL I 58 -40.61 -84.45 27.69
N VAL I 59 -40.62 -83.31 28.38
CA VAL I 59 -40.40 -83.27 29.82
C VAL I 59 -41.65 -82.72 30.48
N ASP I 60 -41.99 -83.28 31.65
CA ASP I 60 -43.20 -83.00 32.43
C ASP I 60 -44.44 -83.47 31.69
N GLY I 61 -44.32 -84.07 30.50
CA GLY I 61 -45.45 -84.43 29.68
C GLY I 61 -46.06 -83.28 28.92
N ASN I 62 -45.67 -82.04 29.22
CA ASN I 62 -46.24 -80.88 28.55
C ASN I 62 -45.14 -80.07 27.89
N GLU I 63 -44.01 -79.93 28.56
CA GLU I 63 -42.94 -79.06 28.10
C GLU I 63 -42.00 -79.81 27.15
N LEU I 64 -41.26 -79.03 26.37
CA LEU I 64 -40.31 -79.55 25.40
C LEU I 64 -38.90 -79.33 25.94
N LEU I 65 -38.08 -80.39 25.96
CA LEU I 65 -36.65 -80.25 26.10
C LEU I 65 -36.05 -80.50 24.72
N LEU I 66 -35.22 -79.58 24.26
CA LEU I 66 -34.80 -79.56 22.87
C LEU I 66 -33.30 -79.35 22.82
N LEU I 67 -32.58 -80.37 22.35
CA LEU I 67 -31.14 -80.30 22.17
C LEU I 67 -30.86 -80.11 20.68
N GLY I 68 -30.34 -78.95 20.32
CA GLY I 68 -29.99 -78.69 18.94
C GLY I 68 -28.60 -79.19 18.63
N ASP I 69 -28.52 -80.37 17.99
CA ASP I 69 -27.23 -80.88 17.55
C ASP I 69 -26.59 -79.96 16.54
N ALA I 70 -27.42 -79.24 15.77
CA ALA I 70 -26.96 -78.21 14.85
C ALA I 70 -25.98 -78.77 13.81
N GLU I 71 -26.26 -79.98 13.31
CA GLU I 71 -25.41 -80.54 12.27
C GLU I 71 -25.58 -79.77 10.96
N GLY I 72 -26.78 -79.30 10.68
CA GLY I 72 -27.05 -78.58 9.46
C GLY I 72 -28.01 -77.44 9.69
N GLU I 73 -28.12 -76.57 8.68
CA GLU I 73 -29.01 -75.42 8.72
C GLU I 73 -30.19 -75.68 7.80
N THR I 74 -31.40 -75.72 8.38
CA THR I 74 -32.61 -75.96 7.62
C THR I 74 -33.81 -75.64 8.48
N SER I 75 -34.97 -75.59 7.83
CA SER I 75 -36.24 -75.51 8.55
C SER I 75 -36.55 -76.87 9.17
N LEU I 76 -37.37 -76.85 10.22
CA LEU I 76 -37.64 -78.05 11.00
C LEU I 76 -39.14 -78.19 11.24
N ARG I 77 -39.59 -79.45 11.26
CA ARG I 77 -40.95 -79.81 11.61
C ARG I 77 -40.94 -80.55 12.94
N VAL I 78 -41.87 -80.22 13.81
CA VAL I 78 -41.91 -80.76 15.17
C VAL I 78 -43.24 -81.46 15.39
N TRP I 79 -43.18 -82.68 15.94
CA TRP I 79 -44.36 -83.49 16.17
C TRP I 79 -44.79 -83.38 17.63
N PHE I 80 -46.10 -83.34 17.85
CA PHE I 80 -46.67 -83.30 19.20
C PHE I 80 -47.91 -84.16 19.26
N LYS I 81 -48.63 -84.01 20.37
CA LYS I 81 -50.00 -84.53 20.43
C LYS I 81 -50.96 -83.60 19.72
N ASP I 82 -50.96 -82.32 20.11
CA ASP I 82 -51.75 -81.32 19.40
C ASP I 82 -51.20 -81.07 18.00
N GLY I 83 -49.89 -81.25 17.83
CA GLY I 83 -49.28 -81.18 16.51
C GLY I 83 -48.91 -79.79 16.04
N SER I 84 -49.02 -78.77 16.88
CA SER I 84 -48.62 -77.43 16.46
C SER I 84 -47.13 -77.40 16.15
N GLU I 85 -46.78 -76.82 15.01
CA GLU I 85 -45.40 -76.81 14.53
C GLU I 85 -44.90 -75.38 14.40
N ALA I 86 -43.76 -75.10 15.03
CA ALA I 86 -43.07 -73.82 14.90
C ALA I 86 -41.74 -74.08 14.21
N ALA I 87 -41.62 -73.66 12.96
CA ALA I 87 -40.41 -73.91 12.20
C ALA I 87 -39.21 -73.21 12.83
N TYR I 88 -38.13 -73.95 13.01
CA TYR I 88 -36.90 -73.43 13.59
C TYR I 88 -35.79 -73.48 12.56
N ARG I 89 -35.05 -72.38 12.46
CA ARG I 89 -33.84 -72.31 11.66
C ARG I 89 -32.64 -72.40 12.60
N VAL I 90 -31.76 -73.35 12.35
CA VAL I 90 -30.68 -73.68 13.28
C VAL I 90 -29.35 -73.38 12.61
N LEU I 91 -28.50 -72.63 13.29
CA LEU I 91 -27.14 -72.33 12.83
C LEU I 91 -26.16 -72.51 13.98
N VAL I 92 -24.95 -72.97 13.65
CA VAL I 92 -23.91 -73.16 14.65
C VAL I 92 -23.25 -71.81 14.95
N ALA I 93 -22.89 -71.61 16.21
CA ALA I 93 -22.21 -70.36 16.54
C ALA I 93 -20.70 -70.56 16.51
N PRO I 94 -19.98 -69.85 15.64
CA PRO I 94 -18.52 -69.93 15.57
C PRO I 94 -17.84 -69.60 16.89
N VAL I 97 -23.17 -67.60 15.57
CA VAL I 97 -24.19 -66.58 15.42
C VAL I 97 -25.21 -66.68 16.54
N GLY I 98 -25.53 -67.89 16.97
CA GLY I 98 -26.56 -68.05 17.99
C GLY I 98 -26.06 -67.71 19.39
N ARG I 99 -24.90 -68.28 19.76
CA ARG I 99 -24.31 -67.95 21.04
C ARG I 99 -23.96 -66.46 21.10
N ALA I 100 -23.41 -65.93 20.02
CA ALA I 100 -23.08 -64.52 19.98
C ALA I 100 -24.34 -63.66 20.11
N ALA I 101 -25.42 -64.07 19.44
CA ALA I 101 -26.68 -63.34 19.60
C ALA I 101 -27.14 -63.38 21.04
N GLU I 102 -26.98 -64.53 21.71
CA GLU I 102 -27.42 -64.63 23.10
C GLU I 102 -26.62 -63.69 23.99
N GLU I 103 -25.29 -63.66 23.84
CA GLU I 103 -24.50 -62.79 24.71
C GLU I 103 -24.78 -61.33 24.41
N MET I 104 -24.96 -60.98 23.13
CA MET I 104 -25.33 -59.61 22.80
C MET I 104 -26.66 -59.24 23.42
N ARG I 105 -27.62 -60.16 23.40
CA ARG I 105 -28.91 -59.89 24.02
C ARG I 105 -28.77 -59.67 25.51
N GLU I 106 -27.94 -60.47 26.17
CA GLU I 106 -27.75 -60.28 27.61
C GLU I 106 -27.08 -58.94 27.91
N LEU I 107 -26.05 -58.59 27.15
CA LEU I 107 -25.33 -57.34 27.42
C LEU I 107 -26.21 -56.13 27.16
N MET I 108 -26.86 -56.10 26.00
CA MET I 108 -27.75 -54.98 25.71
C MET I 108 -29.00 -55.01 26.58
N GLY I 109 -29.43 -56.21 26.97
CA GLY I 109 -30.62 -56.35 27.78
C GLY I 109 -30.51 -55.70 29.15
N ALA I 115 -35.44 -50.68 23.63
CA ALA I 115 -36.12 -50.45 22.35
C ALA I 115 -35.46 -51.26 21.25
N LYS I 116 -34.19 -51.56 21.46
CA LYS I 116 -33.43 -52.37 20.52
C LYS I 116 -34.02 -53.77 20.39
N ILE I 117 -33.93 -54.33 19.20
CA ILE I 117 -34.46 -55.66 18.89
C ILE I 117 -33.36 -56.49 18.27
N ARG I 118 -33.30 -57.76 18.66
CA ARG I 118 -32.23 -58.67 18.28
C ARG I 118 -32.82 -59.82 17.47
N VAL I 119 -32.25 -60.10 16.30
CA VAL I 119 -32.69 -61.26 15.52
C VAL I 119 -31.46 -61.99 14.99
N VAL I 120 -31.68 -63.24 14.59
CA VAL I 120 -30.56 -64.09 14.20
C VAL I 120 -30.40 -64.12 12.68
N GLY I 121 -31.46 -64.50 11.95
CA GLY I 121 -31.37 -64.56 10.50
C GLY I 121 -30.26 -65.47 10.05
N ASP I 122 -29.42 -64.96 9.14
CA ASP I 122 -28.14 -65.60 8.84
C ASP I 122 -26.98 -64.97 9.58
N HIS I 123 -26.92 -63.65 9.62
CA HIS I 123 -25.99 -62.92 10.47
C HIS I 123 -26.83 -62.18 11.51
N VAL I 124 -26.29 -62.10 12.73
CA VAL I 124 -27.03 -61.45 13.80
C VAL I 124 -27.32 -60.00 13.42
N VAL I 125 -28.57 -59.60 13.62
CA VAL I 125 -29.08 -58.31 13.17
C VAL I 125 -29.65 -57.55 14.36
N VAL I 126 -29.25 -56.29 14.49
CA VAL I 126 -29.79 -55.38 15.48
C VAL I 126 -30.66 -54.37 14.75
N ASP I 127 -31.84 -54.09 15.26
CA ASP I 127 -32.71 -53.12 14.63
C ASP I 127 -33.50 -52.34 15.67
N GLY I 128 -33.69 -51.05 15.41
CA GLY I 128 -34.45 -50.20 16.29
C GLY I 128 -34.75 -48.89 15.61
N LYS I 129 -35.74 -48.17 16.14
CA LYS I 129 -36.21 -46.96 15.47
C LYS I 129 -35.52 -45.72 16.00
N ASN I 130 -35.66 -45.44 17.29
CA ASN I 130 -35.28 -44.15 17.85
C ASN I 130 -34.31 -44.37 19.01
N LEU I 131 -33.29 -45.18 18.77
CA LEU I 131 -32.33 -45.51 19.82
C LEU I 131 -31.50 -44.28 20.20
N ALA I 132 -31.19 -44.18 21.48
CA ALA I 132 -30.38 -43.10 21.97
C ALA I 132 -28.95 -43.25 21.47
N PRO I 133 -28.22 -42.14 21.31
CA PRO I 133 -26.84 -42.24 20.81
C PRO I 133 -25.94 -43.12 21.66
N THR I 134 -26.14 -43.12 22.98
CA THR I 134 -25.34 -43.99 23.83
C THR I 134 -25.58 -45.45 23.50
N THR I 135 -26.85 -45.82 23.24
CA THR I 135 -27.14 -47.20 22.90
C THR I 135 -26.50 -47.59 21.58
N LEU I 136 -26.50 -46.68 20.61
CA LEU I 136 -25.81 -46.94 19.35
C LEU I 136 -24.31 -47.12 19.57
N ALA I 137 -23.71 -46.30 20.42
CA ALA I 137 -22.30 -46.44 20.72
C ALA I 137 -22.01 -47.79 21.38
N ARG I 138 -22.86 -48.19 22.31
CA ARG I 138 -22.72 -49.50 22.94
C ARG I 138 -22.81 -50.62 21.92
N VAL I 139 -23.75 -50.52 20.98
CA VAL I 139 -23.91 -51.55 19.97
C VAL I 139 -22.69 -51.64 19.07
N ARG I 140 -22.19 -50.50 18.59
CA ARG I 140 -21.03 -50.55 17.71
C ARG I 140 -19.77 -50.94 18.50
N ALA I 141 -19.78 -50.75 19.82
CA ALA I 141 -18.69 -51.26 20.63
C ALA I 141 -18.73 -52.77 20.70
N LEU I 142 -19.91 -53.34 20.97
CA LEU I 142 -20.03 -54.79 20.97
C LEU I 142 -19.88 -55.39 19.58
N GLN I 143 -19.89 -54.56 18.53
CA GLN I 143 -19.67 -55.07 17.18
C GLN I 143 -18.35 -55.83 17.07
N ALA I 144 -17.35 -55.47 17.88
CA ALA I 144 -16.06 -56.13 17.78
C ALA I 144 -16.13 -57.58 18.24
N LEU I 145 -17.20 -57.95 18.95
CA LEU I 145 -17.32 -59.32 19.44
C LEU I 145 -17.47 -60.31 18.30
N TYR I 146 -18.26 -59.96 17.28
CA TYR I 146 -18.49 -60.83 16.13
C TYR I 146 -18.41 -60.00 14.85
N PRO I 147 -17.55 -60.38 13.91
CA PRO I 147 -17.47 -59.61 12.65
C PRO I 147 -18.76 -59.55 11.86
N LYS I 148 -19.55 -60.63 11.81
CA LYS I 148 -20.76 -60.65 10.99
C LYS I 148 -21.96 -60.18 11.80
N THR I 149 -22.07 -58.87 11.97
CA THR I 149 -23.23 -58.26 12.59
C THR I 149 -23.77 -57.21 11.63
N ILE I 150 -25.09 -57.11 11.56
CA ILE I 150 -25.76 -56.14 10.70
C ILE I 150 -26.50 -55.16 11.58
N VAL I 151 -26.12 -53.89 11.50
CA VAL I 151 -26.67 -52.83 12.33
C VAL I 151 -27.68 -52.07 11.48
N LEU I 152 -28.97 -52.33 11.73
CA LEU I 152 -30.04 -51.67 11.01
C LEU I 152 -30.73 -50.61 11.83
N ALA I 153 -30.33 -50.42 13.07
CA ALA I 153 -30.98 -49.45 13.94
C ALA I 153 -30.60 -48.03 13.54
N THR I 154 -31.47 -47.08 13.87
CA THR I 154 -31.26 -45.69 13.52
C THR I 154 -31.37 -44.80 14.76
N PRO I 155 -30.65 -43.69 14.78
CA PRO I 155 -30.74 -42.78 15.92
C PRO I 155 -31.95 -41.87 15.83
N SER I 156 -32.28 -41.26 16.96
CA SER I 156 -33.32 -40.26 17.01
C SER I 156 -32.85 -38.96 16.37
N PRO I 157 -33.78 -38.11 15.93
CA PRO I 157 -33.36 -36.81 15.38
C PRO I 157 -32.57 -35.98 16.38
N PHE I 158 -32.95 -36.04 17.65
CA PHE I 158 -32.28 -35.32 18.71
C PHE I 158 -32.64 -35.98 20.02
N ASP I 159 -31.99 -35.54 21.09
CA ASP I 159 -32.24 -36.05 22.43
C ASP I 159 -32.93 -34.97 23.24
N MET I 160 -34.03 -35.34 23.89
CA MET I 160 -34.69 -34.39 24.76
C MET I 160 -33.85 -34.15 26.00
N GLU I 161 -33.50 -32.90 26.24
CA GLU I 161 -32.65 -32.52 27.35
C GLU I 161 -33.50 -31.99 28.49
N LYS I 162 -32.92 -32.00 29.68
CA LYS I 162 -33.57 -31.36 30.81
C LYS I 162 -33.51 -29.85 30.66
N MET I 163 -34.55 -29.19 31.15
CA MET I 163 -34.63 -27.74 31.09
C MET I 163 -34.34 -27.15 32.47
N VAL I 164 -33.59 -26.05 32.47
CA VAL I 164 -33.15 -25.41 33.70
C VAL I 164 -33.74 -24.01 33.75
N TRP I 165 -34.29 -23.66 34.91
CA TRP I 165 -34.81 -22.34 35.19
C TRP I 165 -33.83 -21.61 36.09
N LEU I 166 -33.47 -20.39 35.73
CA LEU I 166 -32.52 -19.59 36.49
C LEU I 166 -33.18 -18.33 37.02
N ASP I 167 -33.07 -18.13 38.32
CA ASP I 167 -33.62 -16.97 39.00
C ASP I 167 -32.48 -16.14 39.58
N VAL I 168 -32.39 -14.87 39.21
CA VAL I 168 -31.27 -14.02 39.58
C VAL I 168 -31.79 -12.78 40.28
N ASN I 169 -31.18 -12.44 41.43
CA ASN I 169 -31.51 -11.24 42.19
C ASN I 169 -30.28 -10.36 42.32
N ILE I 170 -30.46 -9.06 42.10
CA ILE I 170 -29.40 -8.07 42.19
C ILE I 170 -29.92 -6.91 43.02
N LEU I 171 -29.38 -6.73 44.23
CA LEU I 171 -29.86 -5.69 45.13
C LEU I 171 -28.74 -4.73 45.46
N GLU I 172 -28.99 -3.43 45.29
CA GLU I 172 -27.99 -2.42 45.61
C GLU I 172 -28.60 -1.24 46.36
N ILE I 173 -27.87 -0.72 47.33
CA ILE I 173 -28.27 0.47 48.07
C ILE I 173 -27.08 1.41 48.20
N ARG I 174 -27.31 2.69 47.94
CA ARG I 174 -26.28 3.71 48.04
C ARG I 174 -26.75 4.84 48.95
N LYS I 175 -25.86 5.32 49.81
CA LYS I 175 -26.18 6.45 50.67
C LYS I 175 -25.00 7.42 50.70
N SER I 176 -25.31 8.71 50.83
CA SER I 176 -24.27 9.73 50.87
C SER I 176 -24.72 10.92 51.71
N VAL I 177 -23.74 11.57 52.33
CA VAL I 177 -23.93 12.78 53.11
C VAL I 177 -22.84 13.78 52.72
N LEU I 178 -23.21 15.06 52.62
CA LEU I 178 -22.26 16.10 52.24
C LEU I 178 -22.55 17.35 53.07
N GLU I 179 -21.51 17.90 53.71
CA GLU I 179 -21.64 19.11 54.50
C GLU I 179 -20.50 20.06 54.14
N ASN I 180 -20.78 21.36 54.20
CA ASN I 180 -19.80 22.38 53.90
C ASN I 180 -20.13 23.62 54.71
N PHE I 181 -19.37 23.86 55.78
CA PHE I 181 -19.78 24.90 56.72
C PHE I 181 -18.59 25.63 57.32
N GLY I 182 -18.82 26.88 57.64
CA GLY I 182 -17.83 27.71 58.31
C GLY I 182 -17.58 29.01 57.55
N VAL I 183 -16.57 29.74 58.02
CA VAL I 183 -16.17 31.00 57.44
C VAL I 183 -14.77 30.84 56.85
N ASP I 184 -14.63 31.20 55.59
CA ASP I 184 -13.40 31.05 54.83
C ASP I 184 -12.79 32.44 54.63
N TRP I 185 -11.63 32.69 55.23
CA TRP I 185 -10.97 33.99 55.17
C TRP I 185 -9.86 34.00 54.13
N SER I 186 -9.40 35.21 53.81
CA SER I 186 -8.23 35.37 52.96
C SER I 186 -7.00 34.85 53.69
N LYS I 187 -6.07 34.27 52.94
CA LYS I 187 -4.86 33.73 53.52
C LYS I 187 -3.58 34.36 53.00
N GLN I 188 -3.67 35.27 52.04
CA GLN I 188 -2.50 35.96 51.50
C GLN I 188 -2.88 37.40 51.25
N ILE I 189 -2.26 38.32 51.99
CA ILE I 189 -2.62 39.73 51.89
C ILE I 189 -1.37 40.56 51.63
N PRO I 190 -1.50 41.74 51.02
CA PRO I 190 -0.31 42.58 50.79
C PRO I 190 0.36 42.98 52.09
N GLY I 191 1.68 43.14 52.03
CA GLY I 191 2.44 43.57 53.17
C GLY I 191 2.91 45.00 53.05
N PRO I 192 3.72 45.46 54.00
CA PRO I 192 4.18 46.84 53.99
C PRO I 192 5.14 47.10 52.84
N PHE I 193 5.27 48.38 52.48
CA PHE I 193 6.15 48.81 51.41
C PHE I 193 6.95 50.03 51.84
N ALA I 194 8.15 50.16 51.26
CA ALA I 194 9.03 51.28 51.51
C ALA I 194 9.73 51.63 50.20
N ALA I 195 10.07 52.91 50.06
CA ALA I 195 10.77 53.37 48.87
C ALA I 195 11.58 54.62 49.19
N PHE I 196 12.71 54.75 48.51
CA PHE I 196 13.63 55.85 48.68
C PHE I 196 14.06 56.36 47.31
N GLY I 197 14.34 57.64 47.20
CA GLY I 197 14.82 58.21 45.95
C GLY I 197 15.51 59.54 46.17
N LYS I 198 16.67 59.74 45.56
CA LYS I 198 17.38 60.99 45.73
C LYS I 198 18.24 61.27 44.51
N ASP I 199 18.58 62.55 44.33
CA ASP I 199 19.48 63.01 43.27
C ASP I 199 20.62 63.77 43.92
N PHE I 200 21.79 63.14 44.02
CA PHE I 200 22.92 63.80 44.68
C PHE I 200 23.48 64.92 43.81
N VAL I 201 23.62 64.69 42.51
CA VAL I 201 23.94 65.74 41.55
C VAL I 201 22.81 65.80 40.55
N GLY I 202 21.91 66.75 40.72
CA GLY I 202 20.62 66.70 40.07
C GLY I 202 20.66 67.15 38.64
N PRO I 203 19.60 66.88 37.91
CA PRO I 203 19.50 67.34 36.52
C PRO I 203 19.32 68.85 36.48
N ARG I 204 19.48 69.41 35.29
CA ARG I 204 19.25 70.82 35.07
C ARG I 204 18.04 71.02 34.17
N ASN I 205 17.32 72.10 34.41
CA ASN I 205 16.17 72.48 33.60
C ASN I 205 16.54 73.73 32.81
N VAL I 206 16.44 73.65 31.49
CA VAL I 206 16.87 74.72 30.61
C VAL I 206 15.81 74.94 29.53
N ALA I 207 15.85 76.10 28.90
CA ALA I 207 14.99 76.35 27.76
C ALA I 207 15.69 75.94 26.48
N THR I 208 14.94 75.28 25.59
CA THR I 208 15.51 74.82 24.34
C THR I 208 14.54 75.04 23.19
N ILE I 209 15.07 75.16 21.99
CA ILE I 209 14.31 75.35 20.77
C ILE I 209 14.52 74.13 19.88
N PRO I 210 13.49 73.34 19.60
CA PRO I 210 13.69 72.11 18.81
C PRO I 210 14.15 72.40 17.40
N LEU I 211 14.95 71.51 16.85
CA LEU I 211 15.43 71.67 15.48
C LEU I 211 14.27 71.53 14.50
N GLY I 212 14.28 72.37 13.47
CA GLY I 212 13.23 72.38 12.48
C GLY I 212 12.03 73.21 12.84
N GLN I 213 12.03 73.85 14.01
CA GLN I 213 10.91 74.67 14.47
C GLN I 213 11.20 76.13 14.18
N ASP I 214 10.15 76.89 13.88
CA ASP I 214 10.31 78.29 13.54
C ASP I 214 10.97 79.05 14.68
N LEU I 215 11.79 80.04 14.33
CA LEU I 215 12.59 80.74 15.32
C LEU I 215 11.75 81.67 16.18
N THR I 216 10.60 82.12 15.67
CA THR I 216 9.79 83.08 16.42
C THR I 216 9.04 82.40 17.56
N GLN I 217 8.84 81.09 17.47
CA GLN I 217 8.02 80.40 18.46
C GLN I 217 8.74 80.35 19.81
N PRO I 218 7.99 80.36 20.91
CA PRO I 218 8.64 80.40 22.22
C PRO I 218 9.33 79.08 22.52
N PRO I 219 10.33 79.09 23.39
CA PRO I 219 11.07 77.86 23.70
C PRO I 219 10.24 76.89 24.53
N VAL I 220 10.75 75.68 24.66
CA VAL I 220 10.11 74.63 25.45
C VAL I 220 11.09 74.17 26.52
N ALA I 221 10.58 73.34 27.43
CA ALA I 221 11.41 72.83 28.52
C ALA I 221 12.34 71.75 28.01
N GLY I 222 13.54 71.68 28.59
CA GLY I 222 14.52 70.69 28.23
C GLY I 222 15.46 70.50 29.40
N THR I 223 16.39 69.56 29.24
CA THR I 223 17.17 69.09 30.36
C THR I 223 18.64 68.97 29.99
N GLY I 224 19.48 68.89 31.02
CA GLY I 224 20.84 68.44 30.87
C GLY I 224 20.87 66.93 30.83
N VAL I 225 21.99 66.37 31.29
CA VAL I 225 22.06 64.92 31.39
C VAL I 225 21.12 64.47 32.49
N ARG I 226 20.17 63.60 32.14
CA ARG I 226 19.16 63.14 33.08
C ARG I 226 18.91 61.65 32.86
N VAL I 227 18.82 60.92 33.95
CA VAL I 227 18.68 59.46 33.91
C VAL I 227 17.33 59.07 34.48
N THR I 228 16.61 58.23 33.75
CA THR I 228 15.42 57.58 34.29
C THR I 228 15.70 56.10 34.44
N PRO I 229 15.99 55.63 35.65
CA PRO I 229 16.46 54.25 35.79
C PRO I 229 15.35 53.26 35.48
N PRO I 230 15.70 52.07 35.00
CA PRO I 230 14.70 51.00 34.82
C PRO I 230 14.39 50.34 36.15
N LEU I 231 13.13 50.42 36.57
CA LEU I 231 12.68 49.75 37.78
C LEU I 231 12.37 48.31 37.41
N GLY I 232 13.20 47.38 37.87
CA GLY I 232 13.07 46.01 37.41
C GLY I 232 11.82 45.33 37.93
N SER I 233 11.82 44.95 39.20
CA SER I 233 10.66 44.33 39.82
C SER I 233 9.74 45.32 40.49
N LEU I 234 10.14 46.60 40.57
CA LEU I 234 9.31 47.66 41.11
C LEU I 234 8.47 48.33 40.05
N ASN I 235 8.51 47.82 38.82
CA ASN I 235 7.87 48.48 37.70
C ASN I 235 6.37 48.59 37.92
N GLY I 236 5.83 49.78 37.69
CA GLY I 236 4.43 50.04 37.90
C GLY I 236 4.06 50.35 39.32
N ALA I 237 4.97 50.19 40.27
CA ALA I 237 4.70 50.49 41.66
C ALA I 237 5.19 51.86 42.10
N ILE I 238 6.27 52.36 41.51
CA ILE I 238 6.77 53.70 41.76
C ILE I 238 6.47 54.56 40.55
N ASP I 239 5.95 55.76 40.79
CA ASP I 239 5.49 56.63 39.72
C ASP I 239 6.66 57.45 39.19
N LEU I 240 6.97 57.28 37.90
CA LEU I 240 8.03 58.04 37.27
C LEU I 240 7.53 59.11 36.31
N ALA I 241 6.35 58.93 35.74
CA ALA I 241 5.83 59.90 34.79
C ALA I 241 5.59 61.25 35.44
N ASN I 242 5.06 61.25 36.67
CA ASN I 242 4.65 62.46 37.34
C ASN I 242 5.67 62.94 38.36
N LEU I 243 6.88 62.40 38.35
CA LEU I 243 7.87 62.71 39.36
C LEU I 243 8.72 63.90 38.95
N ALA I 244 8.73 64.94 39.78
CA ALA I 244 9.60 66.09 39.56
C ALA I 244 11.04 65.66 39.75
N ARG I 245 11.85 65.80 38.71
CA ARG I 245 13.11 65.07 38.69
C ARG I 245 14.17 65.64 39.63
N PRO I 246 14.28 66.95 39.82
CA PRO I 246 15.04 67.43 40.99
C PRO I 246 14.27 67.05 42.24
N ILE I 247 14.45 65.80 42.68
CA ILE I 247 13.46 65.12 43.53
C ILE I 247 13.25 65.88 44.83
N ALA I 248 11.99 66.20 45.11
CA ALA I 248 11.56 66.80 46.36
C ALA I 248 10.66 65.81 47.08
N GLY I 249 11.08 65.35 48.25
CA GLY I 249 10.37 64.30 48.92
C GLY I 249 11.00 62.97 48.59
N THR I 250 11.77 62.41 49.53
CA THR I 250 12.68 61.33 49.16
C THR I 250 12.11 59.97 49.49
N THR I 251 11.33 59.85 50.57
CA THR I 251 10.92 58.56 51.08
C THR I 251 9.41 58.40 51.06
N ASN I 252 8.96 57.16 50.99
CA ASN I 252 7.56 56.80 51.18
C ASN I 252 7.49 55.44 51.85
N PHE I 253 6.88 55.38 53.03
CA PHE I 253 6.80 54.16 53.82
C PHE I 253 5.37 53.98 54.30
N GLY I 254 4.77 52.83 54.01
CA GLY I 254 3.37 52.67 54.34
C GLY I 254 2.90 51.25 54.11
N ILE I 255 1.59 51.07 54.19
CA ILE I 255 0.96 49.77 54.00
C ILE I 255 -0.50 49.97 53.58
N ILE I 256 -0.99 49.08 52.72
CA ILE I 256 -2.39 49.05 52.30
C ILE I 256 -2.79 47.60 52.15
N THR I 257 -3.65 47.12 53.05
CA THR I 257 -3.96 45.69 53.10
C THR I 257 -5.36 45.50 53.67
N GLY I 258 -5.90 44.30 53.46
CA GLY I 258 -7.20 43.95 54.00
C GLY I 258 -7.51 42.48 53.80
N VAL I 259 -8.67 42.06 54.31
CA VAL I 259 -9.10 40.68 54.23
C VAL I 259 -10.52 40.60 53.69
N LEU I 260 -10.85 39.44 53.13
CA LEU I 260 -12.17 39.13 52.61
C LEU I 260 -12.57 37.74 53.09
N SER I 261 -13.88 37.47 53.07
CA SER I 261 -14.37 36.25 53.69
C SER I 261 -15.61 35.76 52.98
N THR I 262 -15.93 34.48 53.19
CA THR I 262 -17.13 33.84 52.67
C THR I 262 -17.75 32.96 53.74
N ILE I 263 -19.05 32.75 53.67
CA ILE I 263 -19.80 31.97 54.66
C ILE I 263 -20.46 30.79 53.99
N ASN I 264 -20.33 29.61 54.58
CA ASN I 264 -20.84 28.36 54.03
C ASN I 264 -21.71 27.66 55.06
N PHE I 265 -22.92 27.27 54.66
CA PHE I 265 -23.75 26.43 55.52
C PHE I 265 -24.53 25.40 54.69
N ALA I 266 -23.87 24.75 53.74
CA ALA I 266 -24.51 23.81 52.84
C ALA I 266 -24.58 22.42 53.48
N LEU I 267 -25.70 21.72 53.28
CA LEU I 267 -25.94 20.43 53.89
C LEU I 267 -26.85 19.61 52.99
N SER I 268 -26.50 18.35 52.74
CA SER I 268 -27.21 17.55 51.76
C SER I 268 -27.09 16.06 52.04
N ASN I 269 -28.11 15.31 51.61
CA ASN I 269 -28.16 13.86 51.75
C ASN I 269 -28.58 13.23 50.44
N GLY I 270 -28.35 11.93 50.32
CA GLY I 270 -28.82 11.20 49.16
C GLY I 270 -28.97 9.71 49.41
N ASP I 271 -30.07 9.13 48.94
CA ASP I 271 -30.30 7.70 49.06
C ASP I 271 -30.79 7.15 47.72
N ALA I 272 -30.38 5.92 47.40
CA ALA I 272 -30.82 5.27 46.18
C ALA I 272 -30.93 3.77 46.42
N TYR I 273 -32.01 3.19 45.93
CA TYR I 273 -32.31 1.77 46.11
C TYR I 273 -32.59 1.14 44.76
N LEU I 274 -32.20 -0.11 44.57
CA LEU I 274 -32.67 -0.82 43.39
C LEU I 274 -32.61 -2.32 43.60
N ILE I 275 -33.59 -3.02 43.02
CA ILE I 275 -33.60 -4.46 42.90
C ILE I 275 -33.88 -4.82 41.46
N ALA I 276 -33.16 -5.79 40.94
CA ALA I 276 -33.42 -6.34 39.62
C ALA I 276 -33.59 -7.84 39.74
N ASN I 277 -34.66 -8.37 39.15
CA ASN I 277 -35.03 -9.77 39.27
C ASN I 277 -35.28 -10.35 37.89
N PRO I 278 -34.24 -10.53 37.09
CA PRO I 278 -34.40 -11.24 35.83
C PRO I 278 -34.57 -12.72 36.05
N GLN I 279 -35.21 -13.39 35.10
CA GLN I 279 -35.36 -14.82 35.14
C GLN I 279 -35.21 -15.39 33.74
N LEU I 280 -34.77 -16.65 33.67
CA LEU I 280 -34.39 -17.23 32.39
C LEU I 280 -34.76 -18.70 32.36
N SER I 281 -34.85 -19.23 31.15
CA SER I 281 -35.00 -20.66 30.93
C SER I 281 -34.07 -21.09 29.82
N ALA I 282 -33.43 -22.25 29.97
CA ALA I 282 -32.59 -22.77 28.90
C ALA I 282 -32.41 -24.26 29.07
N ARG I 283 -32.16 -24.94 27.97
CA ARG I 283 -32.02 -26.39 28.01
C ARG I 283 -30.58 -26.77 28.30
N SER I 284 -30.41 -27.98 28.84
CA SER I 284 -29.09 -28.47 29.20
C SER I 284 -28.21 -28.58 27.97
N GLY I 285 -27.11 -27.83 27.97
CA GLY I 285 -26.25 -27.76 26.83
C GLY I 285 -26.55 -26.65 25.86
N GLY I 286 -27.62 -25.90 26.07
CA GLY I 286 -27.91 -24.72 25.29
C GLY I 286 -27.44 -23.45 25.97
N ARG I 287 -27.77 -22.32 25.36
CA ARG I 287 -27.42 -21.01 25.87
C ARG I 287 -28.63 -20.10 25.75
N THR I 288 -28.80 -19.18 26.69
CA THR I 288 -29.84 -18.17 26.56
C THR I 288 -29.30 -16.80 26.93
N ASP I 289 -29.61 -15.81 26.08
CA ASP I 289 -29.24 -14.42 26.30
C ASP I 289 -30.50 -13.58 26.46
N PHE I 290 -30.44 -12.62 27.38
CA PHE I 290 -31.57 -11.77 27.68
C PHE I 290 -31.08 -10.35 27.89
N LEU I 291 -31.78 -9.38 27.31
CA LEU I 291 -31.43 -7.97 27.45
C LEU I 291 -32.70 -7.16 27.60
N ALA I 292 -32.81 -6.43 28.70
CA ALA I 292 -33.89 -5.47 28.92
C ALA I 292 -33.27 -4.11 29.16
N GLY I 293 -33.39 -3.22 28.21
CA GLY I 293 -32.64 -1.99 28.28
C GLY I 293 -32.67 -1.20 27.00
N GLY I 294 -31.51 -0.85 26.48
CA GLY I 294 -31.48 -0.09 25.25
C GLY I 294 -30.13 -0.17 24.58
N GLN I 295 -30.02 0.53 23.46
CA GLN I 295 -28.79 0.65 22.70
C GLN I 295 -28.50 2.13 22.45
N VAL I 296 -27.25 2.53 22.62
CA VAL I 296 -26.86 3.90 22.31
C VAL I 296 -25.88 3.92 21.14
N PRO I 297 -25.91 4.96 20.30
CA PRO I 297 -25.00 5.02 19.16
C PRO I 297 -23.62 5.52 19.58
N ILE I 298 -22.58 4.83 19.10
CA ILE I 298 -21.19 5.14 19.43
C ILE I 298 -20.41 5.26 18.12
N LEU I 299 -19.64 6.34 18.00
CA LEU I 299 -18.99 6.68 16.74
C LEU I 299 -17.54 6.23 16.79
N GLN I 300 -17.32 4.98 16.37
CA GLN I 300 -16.00 4.39 16.39
C GLN I 300 -15.72 3.72 15.04
N ALA I 301 -14.47 3.78 14.61
CA ALA I 301 -14.10 3.28 13.29
C ALA I 301 -12.63 2.89 13.28
N LEU I 302 -12.26 2.09 12.28
CA LEU I 302 -10.87 1.69 12.11
C LEU I 302 -10.03 2.89 11.69
N ALA I 303 -8.86 3.05 12.32
CA ALA I 303 -7.89 4.06 11.93
C ALA I 303 -8.44 5.47 12.07
N ALA I 304 -7.74 6.44 11.49
CA ALA I 304 -8.15 7.84 11.42
C ALA I 304 -8.13 8.52 12.78
N GLY I 305 -8.35 9.84 12.78
CA GLY I 305 -8.31 10.63 14.00
C GLY I 305 -8.77 12.06 13.77
N GLN I 310 -18.31 8.61 9.81
CA GLN I 310 -17.33 7.54 9.95
C GLN I 310 -17.99 6.18 9.95
N ASN I 311 -17.87 5.49 11.08
CA ASN I 311 -18.54 4.22 11.31
C ASN I 311 -19.28 4.32 12.64
N VAL I 312 -20.54 3.91 12.66
CA VAL I 312 -21.38 3.95 13.85
C VAL I 312 -21.70 2.53 14.28
N THR I 313 -21.41 2.22 15.53
CA THR I 313 -21.83 0.98 16.15
C THR I 313 -22.79 1.31 17.28
N TYR I 314 -23.31 0.27 17.93
CA TYR I 314 -24.28 0.43 19.00
C TYR I 314 -23.83 -0.33 20.24
N LYS I 315 -23.98 0.30 21.40
CA LYS I 315 -23.59 -0.29 22.68
C LYS I 315 -24.82 -0.55 23.53
N ASP I 316 -24.93 -1.76 24.05
CA ASP I 316 -26.09 -2.15 24.86
C ASP I 316 -25.91 -1.74 26.31
N TYR I 317 -27.00 -1.28 26.93
CA TYR I 317 -27.01 -0.99 28.35
C TYR I 317 -28.34 -1.44 28.92
N GLY I 318 -28.41 -1.57 30.25
CA GLY I 318 -29.60 -2.06 30.90
C GLY I 318 -29.30 -3.26 31.75
N ILE I 319 -30.19 -4.23 31.72
CA ILE I 319 -30.03 -5.48 32.43
C ILE I 319 -29.75 -6.57 31.43
N LYS I 320 -28.61 -7.23 31.57
CA LYS I 320 -28.19 -8.26 30.65
C LYS I 320 -27.88 -9.53 31.41
N LEU I 321 -28.30 -10.65 30.85
CA LEU I 321 -28.16 -11.94 31.53
C LEU I 321 -27.84 -13.00 30.48
N GLU I 322 -26.84 -13.82 30.77
CA GLU I 322 -26.45 -14.92 29.87
C GLU I 322 -26.27 -16.19 30.69
N PHE I 323 -26.82 -17.28 30.19
CA PHE I 323 -26.90 -18.53 30.94
C PHE I 323 -26.43 -19.69 30.07
N GLU I 324 -25.50 -20.49 30.60
CA GLU I 324 -25.03 -21.72 29.95
C GLU I 324 -24.99 -22.86 30.96
N PRO I 325 -26.05 -23.67 31.05
CA PRO I 325 -26.10 -24.76 32.03
C PRO I 325 -25.73 -26.14 31.50
N ARG I 326 -25.37 -27.05 32.41
CA ARG I 326 -25.23 -28.48 32.13
C ARG I 326 -25.74 -29.24 33.35
N VAL I 327 -26.48 -30.31 33.13
CA VAL I 327 -27.14 -31.04 34.20
C VAL I 327 -26.55 -32.44 34.31
N ASP I 328 -26.37 -32.89 35.53
CA ASP I 328 -25.91 -34.22 35.86
C ASP I 328 -27.10 -35.18 35.96
N ASP I 329 -26.82 -36.44 36.28
CA ASP I 329 -27.89 -37.40 36.52
C ASP I 329 -28.48 -37.29 37.93
N ASP I 330 -27.84 -36.55 38.82
CA ASP I 330 -28.35 -36.28 40.15
C ASP I 330 -28.98 -34.91 40.25
N ASN I 331 -29.19 -34.25 39.11
CA ASN I 331 -29.75 -32.91 39.02
C ASN I 331 -28.81 -31.84 39.56
N ASN I 332 -27.53 -32.12 39.69
CA ASN I 332 -26.55 -31.07 39.90
C ASN I 332 -26.40 -30.25 38.64
N VAL I 333 -26.14 -28.96 38.81
CA VAL I 333 -26.03 -28.04 37.68
C VAL I 333 -24.67 -27.39 37.70
N SER I 334 -23.94 -27.50 36.60
CA SER I 334 -22.70 -26.78 36.39
C SER I 334 -22.94 -25.71 35.34
N MET I 335 -22.69 -24.46 35.69
CA MET I 335 -23.17 -23.37 34.86
C MET I 335 -22.15 -22.26 34.75
N ARG I 336 -22.26 -21.52 33.65
CA ARG I 336 -21.63 -20.22 33.49
C ARG I 336 -22.71 -19.17 33.40
N VAL I 337 -22.59 -18.11 34.19
CA VAL I 337 -23.62 -17.07 34.24
C VAL I 337 -22.96 -15.71 34.17
N LEU I 338 -23.48 -14.84 33.32
CA LEU I 338 -23.09 -13.44 33.28
C LEU I 338 -24.29 -12.58 33.64
N ALA I 339 -24.13 -11.73 34.64
CA ALA I 339 -25.18 -10.83 35.10
C ALA I 339 -24.62 -9.42 35.12
N ASP I 340 -25.28 -8.49 34.43
CA ASP I 340 -24.75 -7.14 34.28
C ASP I 340 -25.87 -6.13 34.38
N VAL I 341 -25.68 -5.10 35.20
CA VAL I 341 -26.63 -4.00 35.33
C VAL I 341 -25.89 -2.70 35.11
N SER I 342 -26.24 -1.96 34.06
CA SER I 342 -25.48 -0.77 33.74
C SER I 342 -26.39 0.35 33.24
N ASP I 343 -26.17 1.55 33.78
CA ASP I 343 -27.02 2.70 33.54
C ASP I 343 -26.18 3.86 33.03
N ILE I 344 -26.82 4.79 32.33
CA ILE I 344 -26.10 5.95 31.80
C ILE I 344 -25.86 6.95 32.91
N ASP I 345 -24.65 7.50 32.96
CA ASP I 345 -24.22 8.45 33.97
C ASP I 345 -23.94 9.80 33.33
N PRO I 346 -24.67 10.86 33.68
CA PRO I 346 -24.40 12.17 33.07
C PRO I 346 -23.05 12.74 33.46
N ALA I 347 -22.51 12.35 34.62
CA ALA I 347 -21.29 12.98 35.12
C ALA I 347 -20.09 12.71 34.22
N THR I 348 -19.94 11.47 33.74
CA THR I 348 -18.78 11.08 32.98
C THR I 348 -18.99 11.14 31.48
N SER I 349 -20.14 11.61 31.02
CA SER I 349 -20.39 11.74 29.59
C SER I 349 -19.63 12.93 29.03
N VAL I 350 -19.17 12.79 27.79
CA VAL I 350 -18.37 13.81 27.11
C VAL I 350 -19.17 14.34 25.94
N SER I 351 -19.11 15.66 25.73
CA SER I 351 -19.92 16.28 24.68
C SER I 351 -19.35 16.04 23.29
N LEU I 352 -18.04 15.93 23.18
CA LEU I 352 -17.34 15.84 21.88
C LEU I 352 -17.73 17.08 21.10
N ASN I 353 -18.14 16.97 19.84
CA ASN I 353 -18.51 18.14 19.04
C ASN I 353 -19.99 18.44 19.23
N GLY I 354 -20.82 17.50 18.80
CA GLY I 354 -22.24 17.49 19.11
C GLY I 354 -22.66 16.06 19.32
N PHE I 355 -21.73 15.15 19.04
CA PHE I 355 -21.94 13.72 19.18
C PHE I 355 -21.65 13.35 20.63
N THR I 356 -22.65 13.53 21.49
CA THR I 356 -22.47 13.20 22.91
C THR I 356 -22.16 11.72 23.07
N VAL I 357 -21.12 11.43 23.83
CA VAL I 357 -20.70 10.07 24.13
C VAL I 357 -20.90 9.84 25.62
N PRO I 358 -21.68 8.84 26.02
CA PRO I 358 -22.02 8.68 27.42
C PRO I 358 -21.02 7.81 28.18
N GLY I 359 -21.04 7.97 29.49
CA GLY I 359 -20.37 7.04 30.38
C GLY I 359 -21.41 6.27 31.16
N PHE I 360 -20.97 5.18 31.77
CA PHE I 360 -21.88 4.25 32.42
C PHE I 360 -21.45 3.96 33.84
N ILE I 361 -22.45 3.58 34.64
CA ILE I 361 -22.26 2.99 35.96
C ILE I 361 -22.66 1.54 35.85
N THR I 362 -21.72 0.64 36.12
CA THR I 362 -21.92 -0.78 35.86
C THR I 362 -21.70 -1.61 37.12
N ARG I 363 -22.44 -2.71 37.21
CA ARG I 363 -22.22 -3.77 38.18
C ARG I 363 -22.27 -5.08 37.44
N ARG I 364 -21.13 -5.76 37.35
CA ARG I 364 -20.98 -6.88 36.45
C ARG I 364 -20.41 -8.07 37.19
N SER I 365 -20.90 -9.26 36.87
CA SER I 365 -20.38 -10.49 37.45
C SER I 365 -20.41 -11.59 36.41
N ASN I 366 -19.29 -12.27 36.25
CA ASN I 366 -19.12 -13.33 35.26
C ASN I 366 -18.57 -14.55 35.96
N ALA I 367 -19.44 -15.50 36.31
CA ALA I 367 -19.06 -16.55 37.24
C ALA I 367 -19.27 -17.94 36.66
N GLU I 368 -18.42 -18.86 37.11
CA GLU I 368 -18.49 -20.27 36.76
C GLU I 368 -18.63 -21.07 38.05
N ILE I 369 -19.72 -21.81 38.19
CA ILE I 369 -20.00 -22.49 39.45
C ILE I 369 -20.64 -23.84 39.16
N ASN I 370 -20.82 -24.63 40.20
CA ASN I 370 -21.70 -25.78 40.18
C ASN I 370 -22.36 -25.92 41.54
N VAL I 371 -23.67 -26.15 41.54
CA VAL I 371 -24.44 -26.31 42.76
C VAL I 371 -25.42 -27.46 42.59
N GLY I 372 -26.08 -27.80 43.69
CA GLY I 372 -27.14 -28.78 43.65
C GLY I 372 -28.44 -28.17 43.18
N ASP I 373 -29.42 -29.05 42.96
CA ASP I 373 -30.71 -28.63 42.44
C ASP I 373 -31.46 -27.77 43.45
N GLY I 374 -31.87 -26.58 43.01
CA GLY I 374 -32.69 -25.72 43.82
C GLY I 374 -31.99 -24.97 44.93
N GLN I 375 -30.66 -24.93 44.93
CA GLN I 375 -29.89 -24.25 45.96
C GLN I 375 -29.60 -22.82 45.56
N THR I 376 -29.39 -21.97 46.55
CA THR I 376 -29.11 -20.56 46.33
C THR I 376 -27.67 -20.25 46.67
N MET I 377 -26.95 -19.65 45.72
CA MET I 377 -25.54 -19.32 45.89
C MET I 377 -25.32 -17.86 45.57
N VAL I 378 -24.61 -17.16 46.43
CA VAL I 378 -24.20 -15.78 46.20
C VAL I 378 -22.92 -15.78 45.38
N ILE I 379 -22.89 -15.00 44.30
CA ILE I 379 -21.71 -15.03 43.45
C ILE I 379 -20.91 -13.73 43.57
N SER I 380 -21.49 -12.70 44.17
CA SER I 380 -20.74 -11.47 44.40
C SER I 380 -21.45 -10.61 45.43
N GLY I 381 -20.64 -9.93 46.23
CA GLY I 381 -21.16 -8.99 47.22
C GLY I 381 -20.14 -7.91 47.46
N LEU I 382 -20.59 -6.83 48.07
CA LEU I 382 -19.72 -5.70 48.35
C LEU I 382 -20.32 -4.81 49.42
N VAL I 383 -19.48 -4.44 50.39
CA VAL I 383 -19.77 -3.36 51.34
C VAL I 383 -18.63 -2.37 51.23
N ASN I 384 -18.95 -1.09 51.06
CA ASN I 384 -17.94 -0.09 50.72
C ASN I 384 -18.20 1.24 51.40
N PRO I 385 -17.53 1.52 52.54
CA PRO I 385 -17.62 2.85 53.16
C PRO I 385 -16.48 3.79 52.79
N LYS I 386 -16.77 5.07 52.60
CA LYS I 386 -15.75 6.06 52.31
C LYS I 386 -16.05 7.37 53.02
N THR I 387 -15.01 8.12 53.36
CA THR I 387 -15.17 9.35 54.11
C THR I 387 -14.00 10.27 53.82
N ALA I 388 -14.25 11.57 53.83
CA ALA I 388 -13.18 12.54 53.60
C ALA I 388 -13.53 13.86 54.26
N LYS I 389 -12.58 14.42 55.01
CA LYS I 389 -12.78 15.71 55.68
C LYS I 389 -11.61 16.63 55.38
N ASN I 390 -11.90 17.88 55.04
CA ASN I 390 -10.91 18.90 54.75
C ASN I 390 -11.20 20.15 55.57
N VAL I 391 -10.19 20.71 56.22
CA VAL I 391 -10.35 21.86 57.10
C VAL I 391 -9.29 22.91 56.76
N SER I 392 -9.71 24.17 56.69
CA SER I 392 -8.77 25.29 56.57
C SER I 392 -9.04 26.30 57.67
N LYS I 393 -8.00 26.75 58.34
CA LYS I 393 -8.18 27.57 59.53
C LYS I 393 -7.16 28.70 59.56
N LEU I 394 -7.43 29.67 60.41
CA LEU I 394 -6.44 30.65 60.81
C LEU I 394 -5.55 30.06 61.88
N PRO I 395 -4.32 30.54 62.01
CA PRO I 395 -3.34 29.83 62.87
C PRO I 395 -3.78 29.59 64.30
N TRP I 396 -4.17 30.62 65.04
CA TRP I 396 -4.53 30.44 66.44
C TRP I 396 -6.00 30.61 66.74
N LEU I 397 -6.72 31.41 65.96
CA LEU I 397 -8.13 31.65 66.23
C LEU I 397 -9.00 30.46 65.86
N GLY I 398 -8.50 29.59 64.98
CA GLY I 398 -9.33 28.50 64.50
C GLY I 398 -9.53 27.41 65.53
N ASP I 399 -8.67 27.36 66.54
CA ASP I 399 -8.77 26.29 67.53
C ASP I 399 -9.60 26.65 68.75
N ILE I 400 -10.10 27.88 68.82
CA ILE I 400 -10.94 28.25 69.97
C ILE I 400 -12.22 27.43 69.95
N PRO I 401 -12.66 26.86 71.07
CA PRO I 401 -13.88 26.05 71.06
C PRO I 401 -15.10 26.86 70.67
N ILE I 402 -15.99 26.25 69.89
CA ILE I 402 -17.24 26.85 69.42
C ILE I 402 -16.96 28.07 68.56
N LEU I 403 -16.35 29.10 69.14
CA LEU I 403 -16.06 30.32 68.40
C LEU I 403 -15.14 30.08 67.22
N GLY I 404 -14.33 29.03 67.26
CA GLY I 404 -13.41 28.76 66.17
C GLY I 404 -14.09 28.56 64.84
N ASN I 405 -15.37 28.23 64.85
CA ASN I 405 -16.10 28.06 63.59
C ASN I 405 -16.27 29.39 62.85
N LEU I 406 -15.97 30.51 63.48
CA LEU I 406 -15.96 31.79 62.77
C LEU I 406 -14.66 32.04 62.02
N PHE I 407 -13.64 31.21 62.25
CA PHE I 407 -12.33 31.38 61.63
C PHE I 407 -11.84 30.13 60.93
N LYS I 408 -12.75 29.25 60.53
CA LYS I 408 -12.41 27.91 60.07
C LYS I 408 -13.51 27.43 59.14
N SER I 409 -13.10 26.74 58.07
CA SER I 409 -14.05 26.21 57.11
C SER I 409 -13.81 24.72 56.93
N THR I 410 -14.90 23.96 56.85
CA THR I 410 -14.87 22.51 56.84
C THR I 410 -15.69 21.97 55.69
N ASN I 411 -15.17 20.93 55.04
CA ASN I 411 -15.86 20.18 54.02
C ASN I 411 -15.84 18.72 54.42
N PHE I 412 -17.00 18.08 54.48
CA PHE I 412 -17.12 16.70 54.94
C PHE I 412 -17.97 15.91 53.97
N GLN I 413 -17.48 14.75 53.54
CA GLN I 413 -18.24 13.85 52.70
C GLN I 413 -18.18 12.46 53.30
N SER I 414 -19.30 11.75 53.27
CA SER I 414 -19.32 10.37 53.72
C SER I 414 -20.29 9.59 52.84
N GLY I 415 -20.04 8.30 52.70
CA GLY I 415 -20.89 7.53 51.82
C GLY I 415 -20.68 6.05 51.99
N ASN I 416 -21.64 5.28 51.49
CA ASN I 416 -21.56 3.84 51.57
C ASN I 416 -22.33 3.19 50.43
N THR I 417 -21.85 2.03 49.99
CA THR I 417 -22.50 1.24 48.96
C THR I 417 -22.61 -0.21 49.41
N ASP I 418 -23.78 -0.82 49.20
CA ASP I 418 -24.01 -2.23 49.46
C ASP I 418 -24.54 -2.90 48.20
N LEU I 419 -24.02 -4.09 47.89
CA LEU I 419 -24.42 -4.81 46.69
C LEU I 419 -24.40 -6.31 46.93
N VAL I 420 -25.43 -7.01 46.46
CA VAL I 420 -25.46 -8.47 46.51
C VAL I 420 -26.05 -9.00 45.20
N ILE I 421 -25.44 -10.06 44.66
CA ILE I 421 -25.91 -10.74 43.46
C ILE I 421 -26.00 -12.23 43.76
N LEU I 422 -27.19 -12.81 43.59
CA LEU I 422 -27.34 -14.24 43.89
C LEU I 422 -28.21 -14.92 42.84
N VAL I 423 -28.01 -16.24 42.69
CA VAL I 423 -28.64 -17.02 41.64
C VAL I 423 -29.23 -18.28 42.24
N THR I 424 -30.25 -18.83 41.57
CA THR I 424 -30.91 -20.05 41.99
C THR I 424 -31.27 -20.85 40.74
N PRO I 425 -30.64 -21.99 40.51
CA PRO I 425 -31.06 -22.84 39.40
C PRO I 425 -32.00 -23.94 39.83
N ARG I 426 -32.89 -24.38 38.95
CA ARG I 426 -33.80 -25.47 39.22
C ARG I 426 -34.02 -26.25 37.94
N VAL I 427 -34.29 -27.55 38.07
CA VAL I 427 -34.62 -28.39 36.93
C VAL I 427 -36.14 -28.47 36.82
N VAL I 428 -36.68 -28.03 35.69
CA VAL I 428 -38.12 -27.79 35.58
C VAL I 428 -38.67 -28.50 34.35
N SER I 429 -40.00 -28.45 34.22
CA SER I 429 -40.70 -28.70 32.99
C SER I 429 -41.70 -27.57 32.81
N ALA I 430 -42.56 -27.67 31.80
CA ALA I 430 -43.53 -26.61 31.59
C ALA I 430 -44.53 -26.53 32.73
N ALA I 431 -44.69 -27.62 33.49
CA ALA I 431 -45.69 -27.66 34.53
C ALA I 431 -45.16 -27.27 35.91
N SER I 432 -43.87 -26.95 36.03
CA SER I 432 -43.31 -26.65 37.34
C SER I 432 -43.73 -25.28 37.83
N LEU I 433 -43.65 -25.10 39.14
CA LEU I 433 -44.20 -23.91 39.79
C LEU I 433 -43.54 -22.63 39.30
N GLU I 434 -42.25 -22.66 38.99
CA GLU I 434 -41.57 -21.46 38.52
C GLU I 434 -42.18 -20.96 37.22
N ASN I 435 -42.50 -21.88 36.31
CA ASN I 435 -43.12 -21.49 35.04
C ASN I 435 -44.55 -21.01 35.24
N ILE I 436 -45.30 -21.70 36.08
CA ILE I 436 -46.71 -21.36 36.31
C ILE I 436 -46.83 -19.98 36.91
N ARG I 437 -45.93 -19.61 37.81
CA ARG I 437 -46.03 -18.29 38.43
C ARG I 437 -45.87 -17.18 37.40
N GLN I 438 -44.92 -17.32 36.48
CA GLN I 438 -44.74 -16.30 35.47
C GLN I 438 -45.91 -16.27 34.49
N VAL I 439 -46.48 -17.43 34.17
CA VAL I 439 -47.66 -17.44 33.29
C VAL I 439 -48.82 -16.70 33.95
N SER I 440 -49.07 -16.96 35.23
CA SER I 440 -50.15 -16.27 35.93
C SER I 440 -49.84 -14.78 36.07
N GLN I 441 -48.58 -14.43 36.24
CA GLN I 441 -48.21 -13.03 36.25
C GLN I 441 -48.56 -12.34 34.93
N ALA I 442 -48.29 -13.00 33.81
CA ALA I 442 -48.63 -12.42 32.52
C ALA I 442 -50.14 -12.26 32.37
N VAL I 443 -50.91 -13.24 32.84
CA VAL I 443 -52.37 -13.11 32.79
C VAL I 443 -52.82 -11.89 33.58
N GLU I 444 -52.23 -11.68 34.76
CA GLU I 444 -52.56 -10.49 35.55
C GLU I 444 -52.21 -9.20 34.82
N MET I 445 -51.05 -9.15 34.15
CA MET I 445 -50.72 -7.93 33.41
C MET I 445 -51.73 -7.66 32.31
N LYS I 446 -52.16 -8.70 31.59
CA LYS I 446 -53.16 -8.51 30.56
C LYS I 446 -54.48 -8.01 31.13
N ASP I 447 -54.91 -8.58 32.26
CA ASP I 447 -56.16 -8.14 32.86
C ASP I 447 -56.08 -6.68 33.30
N GLU I 448 -54.95 -6.28 33.87
CA GLU I 448 -54.79 -4.88 34.27
C GLU I 448 -54.87 -3.94 33.08
N TYR I 449 -54.17 -4.29 32.00
CA TYR I 449 -54.25 -3.48 30.80
C TYR I 449 -55.69 -3.38 30.31
N ARG I 450 -56.42 -4.49 30.28
CA ARG I 450 -57.78 -4.44 29.79
C ARG I 450 -58.64 -3.53 30.67
N ASN I 451 -58.45 -3.60 31.99
CA ASN I 451 -59.32 -2.84 32.87
C ASN I 451 -59.04 -1.34 32.81
N THR I 452 -57.84 -0.95 32.38
CA THR I 452 -57.59 0.49 32.25
C THR I 452 -58.42 1.13 31.13
N LEU I 453 -58.68 0.40 30.05
CA LEU I 453 -59.23 1.00 28.85
C LEU I 453 -60.76 1.13 28.93
N PRO I 454 -61.33 2.08 28.20
CA PRO I 454 -62.80 2.21 28.18
C PRO I 454 -63.45 1.04 27.47
N LYS I 455 -64.73 0.84 27.79
CA LYS I 455 -65.42 -0.38 27.38
C LYS I 455 -65.55 -0.50 25.87
N GLY I 456 -65.85 0.59 25.18
CA GLY I 456 -66.10 0.50 23.76
C GLY I 456 -64.91 0.64 22.85
N SER I 457 -63.70 0.73 23.40
CA SER I 457 -62.53 1.05 22.59
C SER I 457 -62.14 -0.11 21.68
N THR I 458 -61.47 0.23 20.58
CA THR I 458 -60.91 -0.80 19.70
C THR I 458 -59.64 -1.39 20.30
N THR I 459 -58.86 -0.58 21.00
CA THR I 459 -57.68 -1.09 21.67
C THR I 459 -58.05 -2.16 22.68
N ARG I 460 -59.20 -2.03 23.34
CA ARG I 460 -59.64 -3.05 24.26
C ARG I 460 -59.93 -4.36 23.55
N ASP I 461 -60.53 -4.30 22.37
CA ASP I 461 -60.75 -5.52 21.61
C ASP I 461 -59.44 -6.16 21.18
N ALA I 462 -58.47 -5.34 20.78
CA ALA I 462 -57.16 -5.89 20.44
C ALA I 462 -56.54 -6.57 21.66
N VAL I 463 -56.68 -5.97 22.83
CA VAL I 463 -56.15 -6.60 24.05
C VAL I 463 -56.85 -7.92 24.32
N ASP I 464 -58.17 -7.97 24.14
CA ASP I 464 -58.89 -9.20 24.35
C ASP I 464 -58.45 -10.29 23.39
N ARG I 465 -58.00 -9.91 22.20
CA ARG I 465 -57.61 -10.93 21.22
C ARG I 465 -56.23 -11.53 21.48
N THR I 466 -55.46 -11.00 22.41
CA THR I 466 -54.13 -11.50 22.67
C THR I 466 -54.14 -12.62 23.71
N LEU I 467 -53.01 -13.32 23.80
CA LEU I 467 -52.77 -14.35 24.82
C LEU I 467 -53.85 -15.42 24.81
N GLY I 468 -54.14 -15.94 23.61
CA GLY I 468 -55.16 -16.95 23.46
C GLY I 468 -54.60 -18.36 23.50
N THR J 27 -20.58 -68.22 39.40
CA THR J 27 -19.84 -69.19 38.60
C THR J 27 -18.42 -69.36 39.12
N ILE J 28 -17.72 -70.33 38.57
CA ILE J 28 -16.33 -70.62 38.92
C ILE J 28 -15.40 -70.36 37.74
N ASP J 29 -15.91 -69.76 36.67
CA ASP J 29 -15.11 -69.49 35.49
C ASP J 29 -13.82 -68.79 35.86
N LEU J 30 -12.70 -69.49 35.71
CA LEU J 30 -11.39 -68.95 36.05
C LEU J 30 -10.35 -69.81 35.34
N TYR J 31 -9.07 -69.52 35.59
CA TYR J 31 -7.99 -70.39 35.16
C TYR J 31 -8.28 -71.83 35.59
N ALA J 32 -7.98 -72.77 34.70
CA ALA J 32 -8.32 -74.16 34.94
C ALA J 32 -7.71 -74.65 36.25
N GLY J 33 -8.52 -75.33 37.04
CA GLY J 33 -8.11 -75.79 38.35
C GLY J 33 -8.49 -74.88 39.51
N GLN J 34 -9.34 -73.89 39.28
CA GLN J 34 -9.74 -73.00 40.36
C GLN J 34 -10.66 -73.74 41.32
N VAL J 35 -10.39 -73.61 42.61
CA VAL J 35 -11.22 -74.18 43.66
C VAL J 35 -12.01 -73.05 44.31
N ARG J 36 -13.29 -73.30 44.57
CA ARG J 36 -14.16 -72.31 45.20
C ARG J 36 -15.09 -72.99 46.18
N VAL J 37 -15.28 -72.36 47.34
CA VAL J 37 -16.14 -72.87 48.39
C VAL J 37 -17.29 -71.90 48.58
N ILE J 38 -18.51 -72.41 48.45
CA ILE J 38 -19.73 -71.60 48.56
C ILE J 38 -20.55 -72.15 49.72
N PRO J 39 -20.77 -71.38 50.78
CA PRO J 39 -21.61 -71.86 51.88
C PRO J 39 -23.09 -71.75 51.54
N THR J 40 -23.82 -72.85 51.72
CA THR J 40 -25.24 -72.89 51.45
C THR J 40 -25.93 -73.68 52.55
N LYS J 41 -27.20 -73.99 52.30
CA LYS J 41 -27.96 -74.85 53.19
C LYS J 41 -27.50 -76.30 53.03
N PRO J 42 -27.83 -77.16 53.99
CA PRO J 42 -27.41 -78.57 53.88
C PRO J 42 -27.81 -79.19 52.55
N VAL J 43 -26.84 -79.84 51.91
CA VAL J 43 -27.02 -80.48 50.61
C VAL J 43 -26.42 -81.88 50.68
N LYS J 44 -27.07 -82.82 50.00
CA LYS J 44 -26.61 -84.21 50.02
C LYS J 44 -25.28 -84.37 49.29
N ARG J 45 -25.18 -83.81 48.09
CA ARG J 45 -23.97 -83.93 47.29
C ARG J 45 -23.90 -82.72 46.37
N VAL J 46 -22.79 -82.61 45.66
CA VAL J 46 -22.62 -81.64 44.58
C VAL J 46 -22.04 -82.38 43.38
N ALA J 47 -22.70 -82.26 42.24
CA ALA J 47 -22.28 -82.97 41.03
C ALA J 47 -22.31 -82.02 39.83
N ILE J 48 -21.69 -82.46 38.75
CA ILE J 48 -21.58 -81.69 37.52
C ILE J 48 -22.11 -82.52 36.36
N GLY J 49 -22.80 -81.86 35.43
CA GLY J 49 -23.35 -82.57 34.28
C GLY J 49 -22.28 -83.26 33.45
N ASP J 50 -21.16 -82.58 33.22
CA ASP J 50 -20.03 -83.16 32.51
C ASP J 50 -18.89 -83.37 33.51
N GLY J 51 -18.43 -84.61 33.62
CA GLY J 51 -17.37 -84.92 34.57
C GLY J 51 -16.07 -84.20 34.25
N LYS J 52 -15.76 -84.07 32.96
CA LYS J 52 -14.50 -83.45 32.56
C LYS J 52 -14.44 -81.98 32.97
N VAL J 53 -15.53 -81.25 32.75
CA VAL J 53 -15.49 -79.80 32.90
C VAL J 53 -15.24 -79.41 34.35
N LEU J 54 -15.94 -80.04 35.29
CA LEU J 54 -15.87 -79.60 36.67
C LEU J 54 -16.08 -80.79 37.60
N SER J 55 -15.36 -80.77 38.72
CA SER J 55 -15.48 -81.80 39.76
C SER J 55 -15.93 -81.12 41.04
N THR J 56 -16.69 -81.85 41.86
CA THR J 56 -17.34 -81.23 43.01
C THR J 56 -17.30 -82.13 44.23
N THR J 57 -17.27 -81.50 45.41
CA THR J 57 -17.29 -82.20 46.68
C THR J 57 -18.11 -81.38 47.68
N VAL J 58 -18.69 -82.06 48.66
CA VAL J 58 -19.39 -81.36 49.73
C VAL J 58 -18.45 -81.16 50.91
N VAL J 59 -18.42 -79.94 51.43
CA VAL J 59 -17.71 -79.63 52.67
C VAL J 59 -18.72 -79.14 53.68
N ASP J 60 -18.56 -79.56 54.94
CA ASP J 60 -19.41 -79.24 56.07
C ASP J 60 -20.80 -79.85 55.95
N GLY J 61 -21.08 -80.59 54.88
CA GLY J 61 -22.40 -81.13 54.64
C GLY J 61 -23.39 -80.14 54.06
N ASN J 62 -23.02 -78.86 53.97
CA ASN J 62 -23.92 -77.83 53.49
C ASN J 62 -23.29 -77.07 52.33
N GLU J 63 -21.97 -76.92 52.38
CA GLU J 63 -21.28 -76.04 51.46
C GLU J 63 -20.71 -76.82 50.28
N LEU J 64 -20.63 -76.12 49.14
CA LEU J 64 -20.08 -76.66 47.91
C LEU J 64 -18.59 -76.36 47.85
N LEU J 65 -17.80 -77.31 47.34
CA LEU J 65 -16.43 -77.07 46.93
C LEU J 65 -16.29 -77.54 45.49
N LEU J 66 -16.12 -76.58 44.59
CA LEU J 66 -16.02 -76.85 43.17
C LEU J 66 -14.56 -76.71 42.75
N LEU J 67 -14.02 -77.75 42.14
CA LEU J 67 -12.73 -77.69 41.45
C LEU J 67 -13.03 -77.67 39.96
N GLY J 68 -12.83 -76.51 39.34
CA GLY J 68 -13.14 -76.38 37.94
C GLY J 68 -12.00 -76.85 37.06
N ASP J 69 -12.11 -78.08 36.56
CA ASP J 69 -11.09 -78.60 35.66
C ASP J 69 -11.04 -77.79 34.37
N ALA J 70 -12.18 -77.22 33.97
CA ALA J 70 -12.27 -76.32 32.82
C ALA J 70 -11.80 -77.01 31.53
N GLU J 71 -12.17 -78.29 31.38
CA GLU J 71 -11.81 -78.98 30.15
C GLU J 71 -12.55 -78.41 28.94
N GLY J 72 -13.81 -78.01 29.13
CA GLY J 72 -14.60 -77.47 28.05
C GLY J 72 -15.45 -76.32 28.53
N GLU J 73 -16.03 -75.60 27.56
CA GLU J 73 -16.89 -74.46 27.85
C GLU J 73 -18.34 -74.85 27.60
N THR J 74 -19.15 -74.87 28.66
CA THR J 74 -20.55 -75.24 28.54
C THR J 74 -21.28 -74.84 29.81
N SER J 75 -22.61 -74.87 29.74
CA SER J 75 -23.44 -74.75 30.93
C SER J 75 -23.39 -76.05 31.71
N LEU J 76 -23.68 -75.95 33.01
CA LEU J 76 -23.56 -77.08 33.91
C LEU J 76 -24.82 -77.22 34.76
N ARG J 77 -25.17 -78.47 35.06
CA ARG J 77 -26.24 -78.80 35.98
C ARG J 77 -25.63 -79.36 37.26
N VAL J 78 -26.15 -78.93 38.40
CA VAL J 78 -25.59 -79.27 39.70
C VAL J 78 -26.67 -79.94 40.55
N TRP J 79 -26.30 -81.05 41.18
CA TRP J 79 -27.22 -81.84 41.99
C TRP J 79 -26.97 -81.57 43.47
N PHE J 80 -28.05 -81.39 44.23
CA PHE J 80 -27.98 -81.35 45.69
C PHE J 80 -29.05 -82.24 46.27
N LYS J 81 -29.22 -82.14 47.59
CA LYS J 81 -30.42 -82.66 48.23
C LYS J 81 -31.63 -81.81 47.89
N ASP J 82 -31.50 -80.49 48.01
CA ASP J 82 -32.61 -79.60 47.70
C ASP J 82 -32.77 -79.45 46.19
N GLY J 83 -31.69 -79.67 45.43
CA GLY J 83 -31.77 -79.71 43.98
C GLY J 83 -31.70 -78.38 43.28
N SER J 84 -31.47 -77.28 44.01
CA SER J 84 -31.34 -75.98 43.37
C SER J 84 -30.14 -75.97 42.43
N GLU J 85 -30.35 -75.48 41.20
CA GLU J 85 -29.32 -75.51 40.18
C GLU J 85 -29.00 -74.10 39.72
N ALA J 86 -27.72 -73.75 39.74
CA ALA J 86 -27.21 -72.49 39.21
C ALA J 86 -26.26 -72.80 38.07
N ALA J 87 -26.68 -72.50 36.85
CA ALA J 87 -25.89 -72.82 35.67
C ALA J 87 -24.58 -72.03 35.68
N TYR J 88 -23.48 -72.74 35.45
CA TYR J 88 -22.14 -72.15 35.43
C TYR J 88 -21.54 -72.28 34.03
N ARG J 89 -20.96 -71.19 33.54
CA ARG J 89 -20.21 -71.18 32.30
C ARG J 89 -18.72 -71.12 32.63
N VAL J 90 -17.94 -72.03 32.06
CA VAL J 90 -16.55 -72.25 32.46
C VAL J 90 -15.65 -72.07 31.24
N LEU J 91 -14.62 -71.25 31.38
CA LEU J 91 -13.62 -71.05 30.34
C LEU J 91 -12.24 -71.03 30.98
N VAL J 92 -11.23 -71.51 30.26
CA VAL J 92 -9.86 -71.47 30.78
C VAL J 92 -9.32 -70.06 30.66
N ALA J 93 -8.58 -69.62 31.68
CA ALA J 93 -7.97 -68.30 31.59
C ALA J 93 -6.58 -68.43 30.98
N PRO J 94 -6.33 -67.81 29.82
CA PRO J 94 -5.02 -67.82 29.16
C PRO J 94 -3.89 -67.34 30.08
N VAL J 97 -9.29 -65.59 30.90
CA VAL J 97 -10.43 -64.74 31.15
C VAL J 97 -10.78 -64.73 32.64
N GLY J 98 -10.97 -65.90 33.25
CA GLY J 98 -11.44 -65.94 34.62
C GLY J 98 -10.41 -65.43 35.60
N ARG J 99 -9.17 -65.89 35.46
CA ARG J 99 -8.11 -65.40 36.34
C ARG J 99 -7.87 -63.91 36.12
N ALA J 100 -7.84 -63.48 34.86
CA ALA J 100 -7.66 -62.06 34.57
C ALA J 100 -8.83 -61.25 35.09
N ALA J 101 -10.05 -61.78 34.96
CA ALA J 101 -11.20 -61.09 35.52
C ALA J 101 -11.07 -60.93 37.02
N GLU J 102 -10.61 -61.97 37.71
CA GLU J 102 -10.43 -61.87 39.15
C GLU J 102 -9.39 -60.82 39.49
N GLU J 103 -8.29 -60.79 38.75
CA GLU J 103 -7.24 -59.82 39.02
C GLU J 103 -7.74 -58.39 38.84
N MET J 104 -8.43 -58.12 37.73
CA MET J 104 -8.95 -56.76 37.52
C MET J 104 -10.02 -56.42 38.54
N ARG J 105 -10.81 -57.42 38.97
CA ARG J 105 -11.79 -57.15 40.01
C ARG J 105 -11.12 -56.73 41.31
N GLU J 106 -10.02 -57.40 41.66
CA GLU J 106 -9.30 -57.03 42.88
C GLU J 106 -8.70 -55.63 42.75
N LEU J 107 -8.03 -55.35 41.63
CA LEU J 107 -7.34 -54.07 41.49
C LEU J 107 -8.32 -52.90 41.42
N MET J 108 -9.43 -53.07 40.69
CA MET J 108 -10.46 -52.04 40.72
C MET J 108 -11.14 -51.97 42.08
N GLY J 109 -11.36 -53.12 42.71
CA GLY J 109 -12.05 -53.16 43.99
C GLY J 109 -11.31 -52.42 45.09
N ALA J 115 -18.08 -48.13 41.27
CA ALA J 115 -19.36 -48.22 40.56
C ALA J 115 -19.22 -49.14 39.35
N LYS J 116 -17.98 -49.38 38.95
CA LYS J 116 -17.70 -50.28 37.83
C LYS J 116 -18.16 -51.70 38.15
N ILE J 117 -18.61 -52.39 37.11
CA ILE J 117 -19.13 -53.76 37.23
C ILE J 117 -18.35 -54.65 36.29
N ARG J 118 -17.96 -55.83 36.78
CA ARG J 118 -17.11 -56.77 36.06
C ARG J 118 -17.91 -58.02 35.75
N VAL J 119 -17.89 -58.46 34.49
CA VAL J 119 -18.54 -59.72 34.11
C VAL J 119 -17.61 -60.50 33.20
N VAL J 120 -17.90 -61.80 33.08
CA VAL J 120 -17.02 -62.69 32.35
C VAL J 120 -17.44 -62.81 30.88
N GLY J 121 -18.69 -63.18 30.64
CA GLY J 121 -19.17 -63.35 29.27
C GLY J 121 -18.29 -64.32 28.51
N ASP J 122 -17.93 -63.94 27.28
CA ASP J 122 -16.86 -64.61 26.56
C ASP J 122 -15.53 -63.89 26.68
N HIS J 123 -15.52 -62.57 26.53
CA HIS J 123 -14.39 -61.75 26.86
C HIS J 123 -14.77 -60.95 28.09
N VAL J 124 -13.77 -60.70 28.96
CA VAL J 124 -14.05 -59.96 30.18
C VAL J 124 -14.60 -58.59 29.84
N VAL J 125 -15.71 -58.23 30.47
CA VAL J 125 -16.45 -57.02 30.14
C VAL J 125 -16.55 -56.14 31.38
N VAL J 126 -16.31 -54.85 31.19
CA VAL J 126 -16.46 -53.84 32.24
C VAL J 126 -17.55 -52.88 31.82
N ASP J 127 -18.49 -52.62 32.71
CA ASP J 127 -19.58 -51.70 32.40
C ASP J 127 -19.90 -50.82 33.60
N GLY J 128 -20.24 -49.57 33.32
CA GLY J 128 -20.63 -48.65 34.37
C GLY J 128 -21.29 -47.44 33.77
N LYS J 129 -22.20 -46.83 34.53
CA LYS J 129 -22.99 -45.73 33.98
C LYS J 129 -22.24 -44.40 34.06
N ASN J 130 -21.91 -43.95 35.27
CA ASN J 130 -21.33 -42.62 35.46
C ASN J 130 -20.02 -42.77 36.24
N LEU J 131 -18.93 -43.00 35.53
CA LEU J 131 -17.64 -43.21 36.17
C LEU J 131 -16.77 -41.98 36.02
N ALA J 132 -16.01 -41.69 37.08
CA ALA J 132 -15.12 -40.55 37.05
C ALA J 132 -13.99 -40.79 36.05
N PRO J 133 -13.44 -39.73 35.49
CA PRO J 133 -12.37 -39.91 34.49
C PRO J 133 -11.17 -40.68 35.01
N THR J 134 -10.86 -40.55 36.30
CA THR J 134 -9.76 -41.31 36.86
C THR J 134 -10.03 -42.80 36.79
N THR J 135 -11.26 -43.22 37.09
CA THR J 135 -11.60 -44.64 37.02
C THR J 135 -11.51 -45.15 35.60
N LEU J 136 -11.96 -44.36 34.62
CA LEU J 136 -11.81 -44.76 33.23
C LEU J 136 -10.35 -44.89 32.84
N ALA J 137 -9.51 -43.95 33.28
CA ALA J 137 -8.09 -44.03 32.96
C ALA J 137 -7.46 -45.28 33.58
N ARG J 138 -7.82 -45.58 34.82
CA ARG J 138 -7.34 -46.80 35.46
C ARG J 138 -7.78 -48.04 34.68
N VAL J 139 -9.02 -48.04 34.21
CA VAL J 139 -9.52 -49.21 33.47
C VAL J 139 -8.76 -49.38 32.16
N ARG J 140 -8.58 -48.30 31.41
CA ARG J 140 -7.89 -48.44 30.14
C ARG J 140 -6.41 -48.72 30.34
N ALA J 141 -5.87 -48.34 31.49
CA ALA J 141 -4.50 -48.75 31.81
C ALA J 141 -4.44 -50.25 32.07
N LEU J 142 -5.38 -50.77 32.86
CA LEU J 142 -5.44 -52.21 33.08
C LEU J 142 -5.79 -52.99 31.82
N GLN J 143 -6.29 -52.30 30.80
CA GLN J 143 -6.60 -52.96 29.53
C GLN J 143 -5.40 -53.67 28.95
N ALA J 144 -4.18 -53.19 29.25
CA ALA J 144 -2.99 -53.81 28.67
C ALA J 144 -2.72 -55.19 29.26
N LEU J 145 -3.35 -55.50 30.40
CA LEU J 145 -3.12 -56.78 31.04
C LEU J 145 -3.64 -57.93 30.17
N TYR J 146 -4.80 -57.75 29.55
CA TYR J 146 -5.42 -58.77 28.72
C TYR J 146 -5.93 -58.13 27.44
N PRO J 147 -5.49 -58.61 26.27
CA PRO J 147 -5.97 -58.02 25.01
C PRO J 147 -7.47 -58.07 24.82
N LYS J 148 -8.16 -59.14 25.23
CA LYS J 148 -9.59 -59.28 24.98
C LYS J 148 -10.37 -58.76 26.17
N THR J 149 -10.51 -57.44 26.26
CA THR J 149 -11.36 -56.80 27.24
C THR J 149 -12.32 -55.88 26.51
N ILE J 150 -13.54 -55.80 27.00
CA ILE J 150 -14.57 -54.96 26.38
C ILE J 150 -15.00 -53.90 27.38
N VAL J 151 -14.81 -52.64 27.01
CA VAL J 151 -15.14 -51.51 27.86
C VAL J 151 -16.50 -50.98 27.43
N LEU J 152 -17.51 -51.19 28.26
CA LEU J 152 -18.84 -50.66 28.00
C LEU J 152 -19.19 -49.52 28.92
N ALA J 153 -18.31 -49.16 29.84
CA ALA J 153 -18.59 -48.09 30.78
C ALA J 153 -18.51 -46.73 30.09
N THR J 154 -19.24 -45.76 30.64
CA THR J 154 -19.27 -44.43 30.07
C THR J 154 -18.94 -43.40 31.14
N PRO J 155 -18.34 -42.28 30.75
CA PRO J 155 -18.03 -41.23 31.72
C PRO J 155 -19.27 -40.39 32.04
N SER J 156 -19.21 -39.74 33.20
CA SER J 156 -20.24 -38.80 33.58
C SER J 156 -20.14 -37.54 32.73
N PRO J 157 -21.24 -36.80 32.58
CA PRO J 157 -21.18 -35.59 31.74
C PRO J 157 -20.12 -34.60 32.18
N PHE J 158 -19.96 -34.44 33.49
CA PHE J 158 -18.94 -33.56 34.06
C PHE J 158 -18.66 -34.04 35.46
N ASP J 159 -17.70 -33.40 36.11
CA ASP J 159 -17.30 -33.76 37.47
C ASP J 159 -17.63 -32.61 38.40
N MET J 160 -18.33 -32.91 39.48
CA MET J 160 -18.62 -31.88 40.47
C MET J 160 -17.33 -31.46 41.15
N GLU J 161 -17.06 -30.17 41.12
CA GLU J 161 -15.87 -29.60 41.70
C GLU J 161 -16.21 -28.94 43.02
N LYS J 162 -15.20 -28.84 43.88
CA LYS J 162 -15.36 -28.09 45.11
C LYS J 162 -15.51 -26.61 44.81
N MET J 163 -16.33 -25.93 45.60
CA MET J 163 -16.55 -24.51 45.44
C MET J 163 -15.75 -23.75 46.48
N VAL J 164 -15.20 -22.62 46.07
CA VAL J 164 -14.33 -21.80 46.90
C VAL J 164 -14.93 -20.42 47.04
N TRP J 165 -15.10 -19.98 48.27
CA TRP J 165 -15.50 -18.64 48.63
C TRP J 165 -14.25 -17.82 48.95
N LEU J 166 -14.19 -16.61 48.41
CA LEU J 166 -13.07 -15.71 48.63
C LEU J 166 -13.54 -14.42 49.28
N ASP J 167 -12.88 -14.05 50.36
CA ASP J 167 -13.16 -12.82 51.08
C ASP J 167 -11.95 -11.91 50.97
N VAL J 168 -12.16 -10.68 50.54
CA VAL J 168 -11.07 -9.73 50.29
C VAL J 168 -11.34 -8.46 51.07
N ASN J 169 -10.29 -7.87 51.63
CA ASN J 169 -10.40 -6.60 52.32
C ASN J 169 -9.29 -5.68 51.88
N ILE J 170 -9.65 -4.43 51.61
CA ILE J 170 -8.70 -3.39 51.23
C ILE J 170 -8.95 -2.18 52.10
N LEU J 171 -7.98 -1.81 52.93
CA LEU J 171 -8.12 -0.70 53.86
C LEU J 171 -7.05 0.33 53.60
N GLU J 172 -7.44 1.59 53.45
CA GLU J 172 -6.50 2.67 53.16
C GLU J 172 -6.84 3.91 53.96
N ILE J 173 -5.81 4.62 54.42
CA ILE J 173 -5.97 5.86 55.16
C ILE J 173 -4.89 6.84 54.72
N ARG J 174 -5.28 8.06 54.39
CA ARG J 174 -4.33 9.11 54.03
C ARG J 174 -4.53 10.32 54.93
N LYS J 175 -3.42 10.94 55.32
CA LYS J 175 -3.49 12.16 56.12
C LYS J 175 -2.45 13.14 55.60
N SER J 176 -2.76 14.44 55.71
CA SER J 176 -1.81 15.44 55.24
C SER J 176 -2.03 16.75 55.98
N VAL J 177 -0.95 17.54 56.03
CA VAL J 177 -0.94 18.87 56.62
C VAL J 177 -0.14 19.80 55.72
N LEU J 178 -0.59 21.04 55.61
CA LEU J 178 0.05 22.04 54.77
C LEU J 178 0.06 23.39 55.46
N GLU J 179 1.22 24.04 55.53
CA GLU J 179 1.35 25.35 56.16
C GLU J 179 2.15 26.28 55.27
N ASN J 180 1.81 27.56 55.31
CA ASN J 180 2.51 28.58 54.53
C ASN J 180 2.43 29.88 55.30
N PHE J 181 3.51 30.27 55.96
CA PHE J 181 3.43 31.39 56.89
C PHE J 181 4.69 32.22 56.89
N GLY J 182 4.51 33.52 57.07
CA GLY J 182 5.60 34.45 57.22
C GLY J 182 5.43 35.66 56.33
N VAL J 183 6.52 36.38 56.12
CA VAL J 183 6.55 37.58 55.28
C VAL J 183 7.57 37.38 54.17
N ASP J 184 7.15 37.62 52.94
CA ASP J 184 7.97 37.42 51.75
C ASP J 184 8.30 38.78 51.16
N TRP J 185 9.57 39.16 51.18
CA TRP J 185 10.03 40.47 50.72
C TRP J 185 10.59 40.39 49.30
N SER J 186 10.89 41.56 48.75
CA SER J 186 11.61 41.64 47.49
C SER J 186 13.06 41.25 47.71
N LYS J 187 13.64 40.55 46.74
CA LYS J 187 15.03 40.14 46.83
C LYS J 187 15.92 40.77 45.78
N GLN J 188 15.35 41.49 44.81
CA GLN J 188 16.12 42.15 43.77
C GLN J 188 15.55 43.53 43.55
N ILE J 189 16.34 44.57 43.83
CA ILE J 189 15.85 45.94 43.73
C ILE J 189 16.83 46.76 42.88
N PRO J 190 16.37 47.85 42.26
CA PRO J 190 17.29 48.68 41.47
C PRO J 190 18.40 49.29 42.33
N GLY J 191 19.55 49.52 41.72
CA GLY J 191 20.67 50.10 42.39
C GLY J 191 20.99 51.51 41.92
N PRO J 192 22.08 52.08 42.40
CA PRO J 192 22.43 53.45 42.06
C PRO J 192 22.86 53.60 40.60
N PHE J 193 22.73 54.82 40.10
CA PHE J 193 23.05 55.14 38.71
C PHE J 193 23.85 56.43 38.64
N ALA J 194 24.66 56.53 37.58
CA ALA J 194 25.45 57.71 37.30
C ALA J 194 25.51 57.91 35.80
N ALA J 195 25.67 59.17 35.39
CA ALA J 195 25.79 59.50 33.98
C ALA J 195 26.53 60.81 33.82
N PHE J 196 27.36 60.88 32.78
CA PHE J 196 28.15 62.05 32.47
C PHE J 196 28.04 62.32 30.98
N GLY J 197 28.05 63.59 30.59
CA GLY J 197 27.96 63.94 29.19
C GLY J 197 28.51 65.32 28.92
N LYS J 198 29.30 65.48 27.86
CA LYS J 198 29.88 66.78 27.59
C LYS J 198 30.18 66.92 26.11
N ASP J 199 30.16 68.17 25.64
CA ASP J 199 30.56 68.53 24.28
C ASP J 199 31.80 69.40 24.37
N PHE J 200 32.95 68.82 24.01
CA PHE J 200 34.19 69.60 24.05
C PHE J 200 34.25 70.62 22.93
N VAL J 201 33.90 70.24 21.71
CA VAL J 201 33.76 71.17 20.60
C VAL J 201 32.32 71.09 20.12
N GLY J 202 31.49 71.99 20.62
CA GLY J 202 30.06 71.81 20.57
C GLY J 202 29.47 72.08 19.21
N PRO J 203 28.20 71.70 19.03
CA PRO J 203 27.52 71.97 17.77
C PRO J 203 27.22 73.45 17.63
N ARG J 204 26.94 73.86 16.40
CA ARG J 204 26.51 75.23 16.14
C ARG J 204 25.03 75.26 15.82
N ASN J 205 24.38 76.33 16.26
CA ASN J 205 22.97 76.57 15.99
C ASN J 205 22.88 77.71 14.98
N VAL J 206 22.19 77.47 13.87
CA VAL J 206 22.13 78.41 12.76
C VAL J 206 20.70 78.51 12.26
N ALA J 207 20.45 79.50 11.42
CA ALA J 207 19.15 79.64 10.79
C ALA J 207 19.22 79.15 9.36
N THR J 208 18.29 78.27 8.99
CA THR J 208 18.31 77.65 7.67
C THR J 208 16.94 77.73 7.03
N ILE J 209 16.91 77.72 5.70
CA ILE J 209 15.68 77.72 4.91
C ILE J 209 15.60 76.40 4.17
N PRO J 210 14.58 75.58 4.42
CA PRO J 210 14.51 74.28 3.76
C PRO J 210 14.35 74.41 2.25
N LEU J 211 14.87 73.44 1.53
CA LEU J 211 14.76 73.43 0.07
C LEU J 211 13.33 73.17 -0.34
N GLY J 212 12.88 73.86 -1.38
CA GLY J 212 11.52 73.73 -1.86
C GLY J 212 10.51 74.55 -1.10
N GLN J 213 10.95 75.41 -0.19
CA GLN J 213 10.07 76.25 0.61
C GLN J 213 10.02 77.64 0.00
N ASP J 214 8.89 78.32 0.20
CA ASP J 214 8.76 79.68 -0.29
C ASP J 214 9.80 80.58 0.34
N LEU J 215 10.33 81.52 -0.45
CA LEU J 215 11.44 82.34 0.02
C LEU J 215 10.99 83.35 1.07
N THR J 216 9.72 83.75 1.04
CA THR J 216 9.25 84.77 1.98
C THR J 216 9.05 84.20 3.38
N GLN J 217 8.95 82.88 3.49
CA GLN J 217 8.65 82.27 4.77
C GLN J 217 9.83 82.46 5.73
N PRO J 218 9.58 82.60 7.03
CA PRO J 218 10.67 82.82 7.97
C PRO J 218 11.53 81.58 8.10
N PRO J 219 12.82 81.75 8.41
CA PRO J 219 13.72 80.60 8.51
C PRO J 219 13.39 79.74 9.73
N VAL J 220 14.01 78.56 9.75
CA VAL J 220 13.83 77.61 10.85
C VAL J 220 15.18 77.31 11.47
N ALA J 221 15.15 76.56 12.57
CA ALA J 221 16.36 76.24 13.29
C ALA J 221 17.10 75.08 12.64
N GLY J 222 18.42 75.19 12.56
CA GLY J 222 19.25 74.17 11.97
C GLY J 222 20.57 74.12 12.67
N THR J 223 21.41 73.18 12.26
CA THR J 223 22.63 72.88 13.00
C THR J 223 23.81 72.75 12.06
N GLY J 224 25.00 72.81 12.65
CA GLY J 224 26.21 72.35 12.01
C GLY J 224 26.34 70.86 12.21
N VAL J 225 27.58 70.37 12.12
CA VAL J 225 27.80 68.95 12.33
C VAL J 225 27.48 68.62 13.77
N ARG J 226 26.56 67.68 13.96
CA ARG J 226 26.07 67.33 15.29
C ARG J 226 25.85 65.83 15.35
N VAL J 227 26.31 65.21 16.43
CA VAL J 227 26.28 63.77 16.59
C VAL J 227 25.31 63.42 17.70
N THR J 228 24.42 62.47 17.43
CA THR J 228 23.58 61.88 18.47
C THR J 228 24.03 60.44 18.67
N PRO J 229 24.82 60.15 19.70
CA PRO J 229 25.44 58.83 19.79
C PRO J 229 24.39 57.77 20.05
N PRO J 230 24.63 56.53 19.59
CA PRO J 230 23.74 55.42 19.90
C PRO J 230 24.01 54.90 21.30
N LEU J 231 23.01 54.94 22.15
CA LEU J 231 23.13 54.46 23.52
C LEU J 231 22.82 52.96 23.49
N GLY J 232 23.85 52.14 23.63
CA GLY J 232 23.66 50.71 23.45
C GLY J 232 22.79 50.09 24.53
N SER J 233 23.36 49.89 25.72
CA SER J 233 22.63 49.32 26.83
C SER J 233 21.96 50.37 27.69
N LEU J 234 22.25 51.64 27.44
CA LEU J 234 21.64 52.75 28.18
C LEU J 234 20.41 53.29 27.47
N ASN J 235 19.97 52.63 26.42
CA ASN J 235 18.88 53.14 25.60
C ASN J 235 17.62 53.21 26.43
N GLY J 236 16.97 54.37 26.41
CA GLY J 236 15.78 54.60 27.19
C GLY J 236 16.03 55.08 28.60
N ALA J 237 17.28 55.04 29.07
CA ALA J 237 17.61 55.53 30.39
C ALA J 237 18.08 56.97 30.40
N ILE J 238 18.72 57.44 29.33
CA ILE J 238 19.17 58.81 29.21
C ILE J 238 18.31 59.50 28.16
N ASP J 239 17.75 60.64 28.51
CA ASP J 239 16.85 61.36 27.63
C ASP J 239 17.65 62.13 26.59
N LEU J 240 17.41 61.82 25.31
CA LEU J 240 18.07 62.51 24.23
C LEU J 240 17.14 63.43 23.44
N ALA J 241 15.84 63.15 23.43
CA ALA J 241 14.92 63.98 22.67
C ALA J 241 14.88 65.41 23.22
N ASN J 242 14.89 65.55 24.54
CA ASN J 242 14.74 66.84 25.18
C ASN J 242 16.07 67.45 25.58
N LEU J 243 17.19 66.84 25.20
CA LEU J 243 18.50 67.35 25.59
C LEU J 243 18.87 68.58 24.78
N ALA J 244 19.31 69.62 25.47
CA ALA J 244 19.85 70.80 24.80
C ALA J 244 21.28 70.51 24.37
N ARG J 245 21.51 70.48 23.06
CA ARG J 245 22.74 69.89 22.55
C ARG J 245 24.03 70.56 23.00
N PRO J 246 24.13 71.88 23.01
CA PRO J 246 25.28 72.49 23.71
C PRO J 246 25.10 72.22 25.20
N ILE J 247 25.52 71.03 25.62
CA ILE J 247 25.08 70.44 26.89
C ILE J 247 25.38 71.37 28.05
N ALA J 248 24.32 71.77 28.77
CA ALA J 248 24.43 72.52 30.01
C ALA J 248 23.96 71.62 31.13
N GLY J 249 24.88 71.26 32.02
CA GLY J 249 24.57 70.27 33.03
C GLY J 249 25.10 68.92 32.60
N THR J 250 26.24 68.52 33.14
CA THR J 250 26.97 67.40 32.58
C THR J 250 26.74 66.10 33.35
N THR J 251 26.44 66.19 34.64
CA THR J 251 26.41 65.03 35.50
C THR J 251 25.03 64.79 36.06
N ASN J 252 24.70 63.52 36.29
CA ASN J 252 23.55 63.12 37.08
C ASN J 252 23.89 61.86 37.85
N PHE J 253 23.75 61.90 39.17
CA PHE J 253 24.11 60.79 40.03
C PHE J 253 23.02 60.62 41.09
N GLY J 254 22.45 59.42 41.17
CA GLY J 254 21.35 59.25 42.12
C GLY J 254 20.89 57.81 42.19
N ILE J 255 19.78 57.60 42.91
CA ILE J 255 19.20 56.27 43.10
C ILE J 255 17.71 56.39 43.32
N ILE J 256 16.95 55.43 42.77
CA ILE J 256 15.51 55.31 42.99
C ILE J 256 15.20 53.83 43.18
N THR J 257 14.77 53.45 44.39
CA THR J 257 14.59 52.04 44.70
C THR J 257 13.62 51.88 45.86
N GLY J 258 13.12 50.65 46.02
CA GLY J 258 12.22 50.32 47.12
C GLY J 258 11.93 48.83 47.16
N VAL J 259 11.19 48.42 48.19
CA VAL J 259 10.88 47.01 48.40
C VAL J 259 9.38 46.81 48.56
N LEU J 260 8.93 45.59 48.29
CA LEU J 260 7.54 45.19 48.41
C LEU J 260 7.47 43.85 49.13
N SER J 261 6.31 43.55 49.73
CA SER J 261 6.22 42.37 50.57
C SER J 261 4.81 41.79 50.53
N THR J 262 4.70 40.55 50.99
CA THR J 262 3.44 39.80 51.08
C THR J 262 3.41 39.03 52.39
N ILE J 263 2.22 38.82 52.94
CA ILE J 263 2.04 38.15 54.23
C ILE J 263 1.24 36.88 54.03
N ASN J 264 1.69 35.78 54.63
CA ASN J 264 1.10 34.46 54.44
C ASN J 264 0.77 33.86 55.80
N PHE J 265 -0.46 33.36 55.96
CA PHE J 265 -0.81 32.60 57.16
C PHE J 265 -1.78 31.45 56.84
N ALA J 266 -1.51 30.68 55.80
CA ALA J 266 -2.41 29.60 55.39
C ALA J 266 -2.08 28.30 56.12
N LEU J 267 -3.13 27.54 56.47
CA LEU J 267 -3.01 26.35 57.31
C LEU J 267 -4.13 25.37 57.00
N SER J 268 -3.80 24.15 56.62
CA SER J 268 -4.81 23.19 56.18
C SER J 268 -4.46 21.78 56.61
N ASN J 269 -5.50 20.96 56.80
CA ASN J 269 -5.38 19.55 57.15
C ASN J 269 -6.28 18.75 56.23
N GLY J 270 -5.99 17.46 56.11
CA GLY J 270 -6.83 16.59 55.31
C GLY J 270 -6.75 15.15 55.77
N ASP J 271 -7.88 14.47 55.84
CA ASP J 271 -7.94 13.06 56.20
C ASP J 271 -8.87 12.34 55.25
N ALA J 272 -8.54 11.09 54.93
CA ALA J 272 -9.37 10.29 54.06
C ALA J 272 -9.29 8.83 54.47
N TYR J 273 -10.43 8.17 54.53
CA TYR J 273 -10.53 6.77 54.93
C TYR J 273 -11.22 5.97 53.84
N LEU J 274 -10.93 4.68 53.78
CA LEU J 274 -11.55 3.84 52.78
C LEU J 274 -11.43 2.38 53.16
N ILE J 275 -12.53 1.64 53.06
CA ILE J 275 -12.53 0.19 53.17
C ILE J 275 -13.37 -0.38 52.04
N ALA J 276 -12.81 -1.33 51.30
CA ALA J 276 -13.54 -2.03 50.26
C ALA J 276 -13.49 -3.52 50.55
N ASN J 277 -14.65 -4.15 50.60
CA ASN J 277 -14.78 -5.53 51.06
C ASN J 277 -15.57 -6.35 50.04
N PRO J 278 -14.97 -6.66 48.90
CA PRO J 278 -15.65 -7.53 47.93
C PRO J 278 -15.53 -8.98 48.33
N GLN J 279 -16.51 -9.78 47.93
CA GLN J 279 -16.50 -11.22 48.16
C GLN J 279 -16.99 -11.95 46.93
N LEU J 280 -16.43 -13.12 46.67
CA LEU J 280 -16.72 -13.84 45.44
C LEU J 280 -16.88 -15.32 45.72
N SER J 281 -17.42 -16.01 44.73
CA SER J 281 -17.48 -17.46 44.72
C SER J 281 -16.99 -17.97 43.38
N ALA J 282 -16.44 -19.17 43.37
CA ALA J 282 -16.01 -19.79 42.12
C ALA J 282 -15.85 -21.29 42.35
N ARG J 283 -15.66 -22.03 41.27
CA ARG J 283 -15.43 -23.46 41.38
C ARG J 283 -13.97 -23.77 41.05
N SER J 284 -13.48 -24.87 41.61
CA SER J 284 -12.09 -25.25 41.40
C SER J 284 -11.81 -25.48 39.92
N GLY J 285 -10.85 -24.75 39.38
CA GLY J 285 -10.56 -24.80 37.98
C GLY J 285 -11.32 -23.81 37.14
N GLY J 286 -12.28 -23.09 37.72
CA GLY J 286 -12.98 -22.02 37.05
C GLY J 286 -12.36 -20.66 37.31
N ARG J 287 -13.01 -19.65 36.78
CA ARG J 287 -12.58 -18.27 36.93
C ARG J 287 -13.79 -17.41 37.25
N THR J 288 -13.60 -16.35 38.02
CA THR J 288 -14.68 -15.40 38.25
C THR J 288 -14.16 -13.98 38.25
N ASP J 289 -14.90 -13.09 37.59
CA ASP J 289 -14.58 -11.67 37.51
C ASP J 289 -15.74 -10.85 38.06
N PHE J 290 -15.40 -9.83 38.83
CA PHE J 290 -16.36 -8.96 39.48
C PHE J 290 -15.95 -7.52 39.24
N LEU J 291 -16.92 -6.65 38.96
CA LEU J 291 -16.67 -5.22 38.79
C LEU J 291 -17.79 -4.42 39.40
N ALA J 292 -17.45 -3.49 40.28
CA ALA J 292 -18.42 -2.55 40.85
C ALA J 292 -17.85 -1.16 40.66
N GLY J 293 -18.40 -0.41 39.72
CA GLY J 293 -17.76 0.81 39.30
C GLY J 293 -18.39 1.43 38.09
N GLY J 294 -17.59 1.72 37.07
CA GLY J 294 -18.12 2.36 35.88
C GLY J 294 -17.17 2.22 34.71
N GLN J 295 -17.61 2.78 33.59
CA GLN J 295 -16.84 2.81 32.36
C GLN J 295 -16.80 4.23 31.81
N VAL J 296 -15.63 4.64 31.32
CA VAL J 296 -15.48 5.98 30.77
C VAL J 296 -15.02 5.91 29.32
N PRO J 297 -15.41 6.86 28.48
CA PRO J 297 -15.03 6.81 27.07
C PRO J 297 -13.64 7.40 26.84
N ILE J 298 -12.86 6.74 25.97
CA ILE J 298 -11.51 7.15 25.64
C ILE J 298 -11.34 7.06 24.12
N LEU J 299 -10.80 8.11 23.51
CA LEU J 299 -10.49 8.10 22.07
C LEU J 299 -9.14 7.43 21.84
N GLN J 300 -9.20 6.18 21.42
CA GLN J 300 -8.01 5.44 21.04
C GLN J 300 -8.26 4.78 19.69
N ALA J 301 -7.28 4.86 18.80
CA ALA J 301 -7.45 4.36 17.44
C ALA J 301 -6.09 4.03 16.85
N LEU J 302 -6.11 3.19 15.83
CA LEU J 302 -4.89 2.86 15.12
C LEU J 302 -4.42 4.04 14.28
N ALA J 303 -3.13 4.35 14.37
CA ALA J 303 -2.50 5.36 13.53
C ALA J 303 -3.09 6.75 13.78
N ALA J 304 -2.81 7.67 12.85
CA ALA J 304 -3.34 9.03 12.84
C ALA J 304 -2.77 9.90 13.97
N GLY J 305 -3.15 11.17 13.97
CA GLY J 305 -2.64 12.11 14.95
C GLY J 305 -3.14 13.53 14.72
N GLN J 310 -13.39 9.15 15.59
CA GLN J 310 -12.27 8.21 15.48
C GLN J 310 -12.71 6.80 15.86
N ASN J 311 -12.04 6.25 16.87
CA ASN J 311 -12.40 5.00 17.49
C ASN J 311 -12.52 5.24 18.99
N VAL J 312 -13.62 4.80 19.59
CA VAL J 312 -13.91 5.05 20.99
C VAL J 312 -13.95 3.73 21.74
N THR J 313 -13.12 3.60 22.77
CA THR J 313 -13.15 2.45 23.64
C THR J 313 -13.55 2.88 25.04
N TYR J 314 -13.82 1.91 25.90
CA TYR J 314 -14.31 2.17 27.24
C TYR J 314 -13.36 1.57 28.27
N LYS J 315 -13.10 2.34 29.33
CA LYS J 315 -12.17 1.94 30.37
C LYS J 315 -12.91 1.74 31.69
N ASP J 316 -12.59 0.64 32.37
CA ASP J 316 -13.23 0.31 33.64
C ASP J 316 -12.53 0.97 34.81
N TYR J 317 -13.31 1.48 35.75
CA TYR J 317 -12.78 1.98 37.00
C TYR J 317 -13.71 1.53 38.11
N GLY J 318 -13.22 1.56 39.35
CA GLY J 318 -14.00 1.14 40.49
C GLY J 318 -13.27 0.04 41.27
N ILE J 319 -14.04 -0.96 41.66
CA ILE J 319 -13.50 -2.11 42.37
C ILE J 319 -13.56 -3.30 41.44
N LYS J 320 -12.40 -3.87 41.12
CA LYS J 320 -12.31 -4.98 40.21
C LYS J 320 -11.64 -6.15 40.91
N LEU J 321 -12.12 -7.36 40.66
CA LEU J 321 -11.62 -8.53 41.35
C LEU J 321 -11.66 -9.73 40.41
N GLU J 322 -10.54 -10.45 40.32
CA GLU J 322 -10.48 -11.66 39.50
C GLU J 322 -9.90 -12.81 40.32
N PHE J 323 -10.54 -13.97 40.24
CA PHE J 323 -10.20 -15.10 41.09
C PHE J 323 -10.06 -16.36 40.25
N GLU J 324 -9.00 -17.14 40.49
CA GLU J 324 -8.77 -18.42 39.81
C GLU J 324 -8.27 -19.49 40.78
N PRO J 325 -9.16 -20.24 41.42
CA PRO J 325 -8.72 -21.18 42.46
C PRO J 325 -8.46 -22.58 41.93
N ARG J 326 -7.75 -23.36 42.75
CA ARG J 326 -7.57 -24.80 42.56
C ARG J 326 -7.42 -25.46 43.91
N VAL J 327 -8.10 -26.57 44.14
CA VAL J 327 -8.21 -27.16 45.47
C VAL J 327 -7.57 -28.54 45.46
N ASP J 328 -7.06 -28.94 46.62
CA ASP J 328 -6.40 -30.22 46.84
C ASP J 328 -7.29 -31.14 47.65
N ASP J 329 -6.79 -32.35 47.92
CA ASP J 329 -7.54 -33.29 48.74
C ASP J 329 -7.52 -32.93 50.21
N ASP J 330 -6.64 -32.02 50.62
CA ASP J 330 -6.58 -31.54 51.99
C ASP J 330 -7.22 -30.17 52.14
N ASN J 331 -7.91 -29.70 51.11
CA ASN J 331 -8.51 -28.36 51.10
C ASN J 331 -7.44 -27.27 51.18
N ASN J 332 -6.31 -27.50 50.54
CA ASN J 332 -5.32 -26.46 50.31
C ASN J 332 -5.64 -25.76 49.01
N VAL J 333 -5.65 -24.43 49.03
CA VAL J 333 -6.07 -23.65 47.87
C VAL J 333 -4.85 -22.98 47.26
N SER J 334 -4.65 -23.22 45.96
CA SER J 334 -3.67 -22.52 45.14
C SER J 334 -4.41 -21.55 44.25
N MET J 335 -4.00 -20.28 44.25
CA MET J 335 -4.85 -19.27 43.65
C MET J 335 -4.03 -18.16 43.02
N ARG J 336 -4.61 -17.58 41.98
CA ARG J 336 -4.21 -16.30 41.43
C ARG J 336 -5.34 -15.31 41.67
N VAL J 337 -5.02 -14.19 42.29
CA VAL J 337 -6.01 -13.17 42.63
C VAL J 337 -5.54 -11.81 42.14
N LEU J 338 -6.44 -11.08 41.49
CA LEU J 338 -6.22 -9.70 41.12
C LEU J 338 -7.21 -8.84 41.88
N ALA J 339 -6.70 -7.85 42.61
CA ALA J 339 -7.54 -6.92 43.34
C ALA J 339 -7.16 -5.51 42.97
N ASP J 340 -8.13 -4.72 42.52
CA ASP J 340 -7.86 -3.38 42.01
C ASP J 340 -8.90 -2.41 42.53
N VAL J 341 -8.45 -1.23 42.96
CA VAL J 341 -9.34 -0.17 43.39
C VAL J 341 -8.85 1.14 42.78
N SER J 342 -9.63 1.70 41.85
CA SER J 342 -9.17 2.87 41.11
C SER J 342 -10.29 3.88 40.94
N ASP J 343 -9.96 5.15 41.17
CA ASP J 343 -10.93 6.23 41.16
C ASP J 343 -10.47 7.34 40.24
N ILE J 344 -11.42 8.15 39.78
CA ILE J 344 -11.09 9.26 38.92
C ILE J 344 -10.49 10.39 39.74
N ASP J 345 -9.45 11.03 39.20
CA ASP J 345 -8.73 12.10 39.86
C ASP J 345 -8.84 13.37 39.03
N PRO J 346 -9.48 14.42 39.53
CA PRO J 346 -9.57 15.66 38.73
C PRO J 346 -8.22 16.30 38.47
N ALA J 347 -7.23 16.04 39.32
CA ALA J 347 -5.97 16.76 39.24
C ALA J 347 -5.21 16.45 37.96
N THR J 348 -5.19 15.19 37.53
CA THR J 348 -4.36 14.78 36.41
C THR J 348 -5.15 14.56 35.13
N SER J 349 -6.39 15.02 35.05
CA SER J 349 -7.17 14.90 33.83
C SER J 349 -6.82 16.02 32.86
N VAL J 350 -6.88 15.70 31.56
CA VAL J 350 -6.51 16.63 30.50
C VAL J 350 -7.74 16.93 29.67
N SER J 351 -7.89 18.20 29.27
CA SER J 351 -9.10 18.63 28.58
C SER J 351 -9.12 18.21 27.12
N LEU J 352 -7.96 18.11 26.48
CA LEU J 352 -7.85 17.86 25.04
C LEU J 352 -8.62 19.00 24.36
N ASN J 353 -9.46 18.73 23.36
CA ASN J 353 -10.22 19.80 22.72
C ASN J 353 -11.45 20.15 23.55
N GLY J 354 -12.37 19.20 23.66
CA GLY J 354 -13.48 19.28 24.58
C GLY J 354 -13.69 17.90 25.16
N PHE J 355 -12.96 16.94 24.63
CA PHE J 355 -13.04 15.56 25.06
C PHE J 355 -12.15 15.39 26.30
N THR J 356 -12.74 15.60 27.47
CA THR J 356 -12.01 15.38 28.71
C THR J 356 -11.53 13.95 28.80
N VAL J 357 -10.25 13.78 29.13
CA VAL J 357 -9.65 12.48 29.35
C VAL J 357 -9.22 12.43 30.80
N PRO J 358 -9.71 11.48 31.60
CA PRO J 358 -9.47 11.50 33.04
C PRO J 358 -8.18 10.79 33.41
N GLY J 359 -7.69 11.12 34.60
CA GLY J 359 -6.61 10.39 35.23
C GLY J 359 -7.15 9.64 36.42
N PHE J 360 -6.38 8.69 36.91
CA PHE J 360 -6.85 7.78 37.94
C PHE J 360 -5.86 7.69 39.10
N ILE J 361 -6.41 7.42 40.28
CA ILE J 361 -5.67 6.99 41.45
C ILE J 361 -5.98 5.52 41.69
N THR J 362 -4.96 4.68 41.66
CA THR J 362 -5.16 3.24 41.67
C THR J 362 -4.36 2.59 42.77
N ARG J 363 -4.88 1.47 43.25
CA ARG J 363 -4.18 0.55 44.14
C ARG J 363 -4.43 -0.84 43.59
N ARG J 364 -3.39 -1.47 43.05
CA ARG J 364 -3.55 -2.73 42.34
C ARG J 364 -2.61 -3.75 42.92
N SER J 365 -3.05 -5.00 42.98
CA SER J 365 -2.20 -6.10 43.41
C SER J 365 -2.58 -7.36 42.67
N ASN J 366 -1.59 -8.00 42.05
CA ASN J 366 -1.78 -9.20 41.25
C ASN J 366 -0.87 -10.29 41.79
N ALA J 367 -1.44 -11.24 42.54
CA ALA J 367 -0.60 -12.15 43.30
C ALA J 367 -0.93 -13.60 42.98
N GLU J 368 0.08 -14.44 43.13
CA GLU J 368 -0.03 -15.89 43.03
C GLU J 368 0.42 -16.51 44.34
N ILE J 369 -0.48 -17.20 45.02
CA ILE J 369 -0.16 -17.75 46.34
C ILE J 369 -0.79 -19.13 46.49
N ASN J 370 -0.48 -19.77 47.60
CA ASN J 370 -1.22 -20.93 48.05
C ASN J 370 -1.24 -20.99 49.56
N VAL J 371 -2.39 -21.36 50.13
CA VAL J 371 -2.60 -21.35 51.57
C VAL J 371 -3.48 -22.53 51.95
N GLY J 372 -3.64 -22.73 53.24
CA GLY J 372 -4.54 -23.73 53.75
C GLY J 372 -5.97 -23.23 53.80
N ASP J 373 -6.86 -24.11 54.21
CA ASP J 373 -8.28 -23.78 54.24
C ASP J 373 -8.57 -22.77 55.33
N GLY J 374 -9.17 -21.66 54.96
CA GLY J 374 -9.66 -20.69 55.92
C GLY J 374 -8.62 -19.78 56.53
N GLN J 375 -7.38 -19.81 56.06
CA GLN J 375 -6.34 -18.94 56.58
C GLN J 375 -6.34 -17.60 55.87
N THR J 376 -5.80 -16.59 56.56
CA THR J 376 -5.79 -15.22 56.07
C THR J 376 -4.37 -14.83 55.67
N MET J 377 -4.23 -14.30 54.46
CA MET J 377 -2.93 -13.87 53.97
C MET J 377 -2.98 -12.40 53.55
N VAL J 378 -1.96 -11.65 53.93
CA VAL J 378 -1.77 -10.30 53.44
C VAL J 378 -0.98 -10.39 52.15
N ILE J 379 -1.51 -9.84 51.06
CA ILE J 379 -0.76 -9.87 49.81
C ILE J 379 -0.09 -8.55 49.49
N SER J 380 -0.39 -7.49 50.22
CA SER J 380 0.34 -6.23 50.03
C SER J 380 0.08 -5.29 51.19
N GLY J 381 1.06 -4.43 51.45
CA GLY J 381 0.92 -3.42 52.48
C GLY J 381 1.92 -2.31 52.23
N LEU J 382 1.63 -1.13 52.78
CA LEU J 382 2.47 0.02 52.54
C LEU J 382 2.37 1.02 53.68
N VAL J 383 3.49 1.62 54.04
CA VAL J 383 3.57 2.81 54.87
C VAL J 383 4.47 3.78 54.15
N ASN J 384 4.04 5.04 54.01
CA ASN J 384 4.73 5.99 53.14
C ASN J 384 4.70 7.42 53.67
N PRO J 385 5.61 7.77 54.58
CA PRO J 385 5.67 9.15 55.08
C PRO J 385 6.45 10.06 54.13
N LYS J 386 6.01 11.32 54.01
CA LYS J 386 6.72 12.28 53.17
C LYS J 386 6.63 13.67 53.79
N THR J 387 7.67 14.48 53.58
CA THR J 387 7.79 15.79 54.20
C THR J 387 8.64 16.68 53.31
N ALA J 388 8.34 17.98 53.30
CA ALA J 388 9.12 18.92 52.50
C ALA J 388 8.98 20.33 53.06
N LYS J 389 10.10 21.01 53.24
CA LYS J 389 10.11 22.37 53.77
C LYS J 389 11.01 23.26 52.94
N ASN J 390 10.53 24.47 52.63
CA ASN J 390 11.30 25.48 51.91
C ASN J 390 11.24 26.79 52.68
N VAL J 391 12.35 27.51 52.71
CA VAL J 391 12.47 28.75 53.46
C VAL J 391 13.14 29.80 52.59
N SER J 392 12.61 31.02 52.60
CA SER J 392 13.29 32.17 52.02
C SER J 392 13.45 33.22 53.10
N LYS J 393 14.60 33.89 53.13
CA LYS J 393 14.89 34.81 54.21
C LYS J 393 15.78 35.92 53.73
N LEU J 394 15.83 36.99 54.52
CA LEU J 394 16.83 38.02 54.36
C LEU J 394 18.11 37.58 55.07
N PRO J 395 19.27 38.07 54.63
CA PRO J 395 20.53 37.48 55.09
C PRO J 395 20.72 37.43 56.59
N TRP J 396 20.65 38.56 57.29
CA TRP J 396 20.88 38.54 58.72
C TRP J 396 19.63 38.72 59.55
N LEU J 397 18.64 39.46 59.04
CA LEU J 397 17.44 39.69 59.82
C LEU J 397 16.62 38.41 59.99
N GLY J 398 16.79 37.47 59.08
CA GLY J 398 15.92 36.30 59.08
C GLY J 398 16.21 35.35 60.23
N ASP J 399 17.42 35.41 60.79
CA ASP J 399 17.79 34.46 61.82
C ASP J 399 17.51 34.97 63.23
N ILE J 400 17.07 36.21 63.39
CA ILE J 400 16.75 36.71 64.73
C ILE J 400 15.61 35.89 65.31
N PRO J 401 15.69 35.41 66.56
CA PRO J 401 14.63 34.54 67.09
C PRO J 401 13.29 35.25 67.18
N ILE J 402 12.22 34.50 66.90
CA ILE J 402 10.84 34.97 66.96
C ILE J 402 10.61 36.10 65.97
N LEU J 403 11.32 37.22 66.15
CA LEU J 403 11.17 38.36 65.25
C LEU J 403 11.53 38.03 63.82
N GLY J 404 12.36 37.01 63.61
CA GLY J 404 12.78 36.66 62.27
C GLY J 404 11.65 36.27 61.35
N ASN J 405 10.50 35.91 61.90
CA ASN J 405 9.36 35.59 61.06
C ASN J 405 8.80 36.82 60.37
N LEU J 406 9.24 38.01 60.75
CA LEU J 406 8.89 39.20 60.00
C LEU J 406 9.74 39.35 58.75
N PHE J 407 10.83 38.61 58.65
CA PHE J 407 11.76 38.71 57.52
C PHE J 407 12.00 37.38 56.84
N LYS J 408 11.08 36.43 56.95
CA LYS J 408 11.30 35.08 56.46
C LYS J 408 9.96 34.43 56.15
N SER J 409 9.92 33.67 55.07
CA SER J 409 8.71 32.98 54.64
C SER J 409 8.99 31.48 54.59
N THR J 410 8.08 30.68 55.16
CA THR J 410 8.26 29.25 55.29
C THR J 410 7.08 28.52 54.66
N ASN J 411 7.39 27.45 53.91
CA ASN J 411 6.40 26.60 53.28
C ASN J 411 6.65 25.16 53.71
N PHE J 412 5.64 24.49 54.24
CA PHE J 412 5.79 23.18 54.86
C PHE J 412 4.68 22.25 54.41
N GLN J 413 5.04 21.00 54.09
CA GLN J 413 4.07 19.98 53.70
C GLN J 413 4.44 18.66 54.35
N SER J 414 3.45 17.92 54.83
CA SER J 414 3.72 16.60 55.39
C SER J 414 2.53 15.69 55.13
N GLY J 415 2.79 14.38 55.04
CA GLY J 415 1.70 13.46 54.77
C GLY J 415 2.11 12.02 54.99
N ASN J 416 1.08 11.16 55.04
CA ASN J 416 1.28 9.73 55.21
C ASN J 416 0.13 8.97 54.58
N THR J 417 0.44 7.76 54.08
CA THR J 417 -0.55 6.84 53.53
C THR J 417 -0.31 5.45 54.09
N ASP J 418 -1.38 4.77 54.50
CA ASP J 418 -1.34 3.39 54.94
C ASP J 418 -2.30 2.58 54.10
N LEU J 419 -1.92 1.35 53.76
CA LEU J 419 -2.70 0.50 52.88
C LEU J 419 -2.45 -0.97 53.23
N VAL J 420 -3.52 -1.76 53.31
CA VAL J 420 -3.39 -3.20 53.51
C VAL J 420 -4.42 -3.91 52.63
N ILE J 421 -3.98 -4.98 51.97
CA ILE J 421 -4.83 -5.84 51.14
C ILE J 421 -4.68 -7.27 51.62
N LEU J 422 -5.78 -7.89 52.07
CA LEU J 422 -5.69 -9.24 52.58
C LEU J 422 -6.84 -10.10 52.08
N VAL J 423 -6.59 -11.41 51.97
CA VAL J 423 -7.54 -12.34 51.36
C VAL J 423 -7.70 -13.56 52.26
N THR J 424 -8.84 -14.24 52.10
CA THR J 424 -9.16 -15.44 52.87
C THR J 424 -9.96 -16.37 51.98
N PRO J 425 -9.42 -17.50 51.58
CA PRO J 425 -10.22 -18.49 50.86
C PRO J 425 -10.79 -19.56 51.78
N ARG J 426 -11.95 -20.10 51.44
CA ARG J 426 -12.59 -21.17 52.19
C ARG J 426 -13.31 -22.09 51.22
N VAL J 427 -13.34 -23.39 51.53
CA VAL J 427 -14.07 -24.36 50.72
C VAL J 427 -15.47 -24.50 51.28
N VAL J 428 -16.48 -24.24 50.45
CA VAL J 428 -17.84 -24.04 50.93
C VAL J 428 -18.81 -24.90 50.12
N SER J 429 -20.07 -24.86 50.54
CA SER J 429 -21.22 -25.28 49.75
C SER J 429 -22.28 -24.22 49.92
N ALA J 430 -23.50 -24.53 49.47
CA ALA J 430 -24.58 -23.55 49.62
C ALA J 430 -25.07 -23.45 51.06
N ALA J 431 -24.72 -24.41 51.93
CA ALA J 431 -25.13 -24.34 53.32
C ALA J 431 -24.08 -23.71 54.22
N SER J 432 -22.94 -23.29 53.68
CA SER J 432 -21.86 -22.78 54.51
C SER J 432 -22.21 -21.41 55.05
N LEU J 433 -21.52 -21.03 56.14
CA LEU J 433 -21.84 -19.79 56.84
C LEU J 433 -21.60 -18.57 55.97
N GLU J 434 -20.58 -18.61 55.12
CA GLU J 434 -20.26 -17.46 54.27
C GLU J 434 -21.40 -17.17 53.30
N ASN J 435 -22.01 -18.20 52.74
CA ASN J 435 -23.14 -18.00 51.83
C ASN J 435 -24.37 -17.52 52.59
N ILE J 436 -24.63 -18.10 53.76
CA ILE J 436 -25.84 -17.79 54.52
C ILE J 436 -25.82 -16.34 54.98
N ARG J 437 -24.66 -15.82 55.37
CA ARG J 437 -24.60 -14.43 55.83
C ARG J 437 -24.96 -13.47 54.71
N GLN J 438 -24.49 -13.72 53.49
CA GLN J 438 -24.82 -12.81 52.40
C GLN J 438 -26.28 -12.94 51.97
N VAL J 439 -26.83 -14.15 52.04
CA VAL J 439 -28.27 -14.28 51.76
C VAL J 439 -29.07 -13.51 52.81
N SER J 440 -28.64 -13.56 54.06
CA SER J 440 -29.31 -12.78 55.11
C SER J 440 -29.20 -11.29 54.83
N GLN J 441 -28.04 -10.85 54.35
CA GLN J 441 -27.87 -9.45 54.00
C GLN J 441 -28.84 -9.04 52.91
N ALA J 442 -29.03 -9.90 51.91
CA ALA J 442 -29.96 -9.56 50.83
C ALA J 442 -31.39 -9.44 51.35
N VAL J 443 -31.79 -10.35 52.25
CA VAL J 443 -33.12 -10.26 52.83
C VAL J 443 -33.29 -8.94 53.58
N GLU J 444 -32.27 -8.55 54.35
CA GLU J 444 -32.35 -7.31 55.10
C GLU J 444 -32.45 -6.10 54.18
N MET J 445 -31.69 -6.09 53.08
CA MET J 445 -31.76 -4.98 52.15
C MET J 445 -33.15 -4.86 51.54
N LYS J 446 -33.73 -5.99 51.15
CA LYS J 446 -35.09 -5.96 50.61
C LYS J 446 -36.06 -5.40 51.64
N ASP J 447 -35.95 -5.83 52.89
CA ASP J 447 -36.85 -5.35 53.91
C ASP J 447 -36.72 -3.85 54.12
N GLU J 448 -35.49 -3.34 54.15
CA GLU J 448 -35.30 -1.91 54.32
C GLU J 448 -35.92 -1.12 53.18
N TYR J 449 -35.69 -1.56 51.95
CA TYR J 449 -36.32 -0.91 50.80
C TYR J 449 -37.83 -0.91 50.94
N ARG J 450 -38.41 -2.05 51.34
CA ARG J 450 -39.86 -2.10 51.48
C ARG J 450 -40.36 -1.11 52.52
N ASN J 451 -39.66 -1.01 53.64
CA ASN J 451 -40.14 -0.15 54.72
C ASN J 451 -40.02 1.33 54.38
N THR J 452 -39.13 1.70 53.45
CA THR J 452 -39.05 3.13 53.10
C THR J 452 -40.27 3.62 52.35
N LEU J 453 -41.05 2.72 51.75
CA LEU J 453 -42.06 3.13 50.78
C LEU J 453 -43.44 3.28 51.43
N PRO J 454 -44.31 4.10 50.84
CA PRO J 454 -45.68 4.24 51.36
C PRO J 454 -46.44 2.93 51.21
N LYS J 455 -47.43 2.74 52.08
CA LYS J 455 -48.09 1.45 52.17
C LYS J 455 -48.80 1.06 50.89
N GLY J 456 -49.49 2.01 50.25
CA GLY J 456 -50.25 1.68 49.08
C GLY J 456 -49.53 1.78 47.75
N SER J 457 -48.23 2.07 47.75
CA SER J 457 -47.53 2.32 46.50
C SER J 457 -47.41 1.05 45.68
N THR J 458 -47.32 1.23 44.35
CA THR J 458 -47.12 0.09 43.47
C THR J 458 -45.69 -0.41 43.51
N THR J 459 -44.75 0.51 43.70
CA THR J 459 -43.35 0.11 43.83
C THR J 459 -43.17 -0.84 45.00
N ARG J 460 -43.97 -0.66 46.05
CA ARG J 460 -43.94 -1.58 47.18
C ARG J 460 -44.41 -2.97 46.78
N ASP J 461 -45.44 -3.06 45.94
CA ASP J 461 -45.88 -4.36 45.46
C ASP J 461 -44.79 -5.02 44.61
N ALA J 462 -44.13 -4.24 43.76
CA ALA J 462 -43.04 -4.79 42.97
C ALA J 462 -41.92 -5.30 43.87
N VAL J 463 -41.61 -4.56 44.94
CA VAL J 463 -40.59 -5.02 45.87
C VAL J 463 -41.03 -6.30 46.56
N ASP J 464 -42.32 -6.41 46.89
CA ASP J 464 -42.82 -7.63 47.49
C ASP J 464 -42.80 -8.82 46.55
N ARG J 465 -42.72 -8.59 45.24
CA ARG J 465 -42.67 -9.70 44.30
C ARG J 465 -41.25 -10.18 43.99
N THR J 466 -40.22 -9.51 44.47
CA THR J 466 -38.85 -9.95 44.18
C THR J 466 -38.35 -10.90 45.25
N LEU J 467 -37.20 -11.52 44.98
CA LEU J 467 -36.53 -12.42 45.91
C LEU J 467 -37.46 -13.52 46.39
N GLY J 468 -38.15 -14.15 45.45
CA GLY J 468 -39.07 -15.21 45.78
C GLY J 468 -38.42 -16.57 45.81
N THR K 27 2.98 -63.21 51.41
CA THR K 27 3.39 -64.20 50.43
C THR K 27 4.90 -64.24 50.26
N ILE K 28 5.38 -65.21 49.49
CA ILE K 28 6.82 -65.36 49.26
C ILE K 28 7.16 -65.36 47.77
N ASP K 29 6.18 -65.15 46.90
CA ASP K 29 6.45 -65.13 45.46
C ASP K 29 7.63 -64.23 45.14
N LEU K 30 8.71 -64.84 44.66
CA LEU K 30 9.93 -64.11 44.39
C LEU K 30 10.74 -64.92 43.39
N TYR K 31 11.99 -64.55 43.16
CA TYR K 31 12.89 -65.41 42.41
C TYR K 31 12.94 -66.78 43.09
N ALA K 32 12.88 -67.83 42.28
CA ALA K 32 12.84 -69.18 42.81
C ALA K 32 14.02 -69.43 43.74
N GLY K 33 13.72 -69.98 44.91
CA GLY K 33 14.72 -70.15 45.95
C GLY K 33 14.62 -69.19 47.10
N GLN K 34 13.60 -68.34 47.13
CA GLN K 34 13.47 -67.37 48.22
C GLN K 34 13.02 -68.06 49.50
N VAL K 35 13.70 -67.75 50.60
CA VAL K 35 13.36 -68.28 51.92
C VAL K 35 13.03 -67.09 52.83
N ARG K 36 11.93 -67.21 53.56
CA ARG K 36 11.47 -66.17 54.45
C ARG K 36 11.09 -66.76 55.80
N VAL K 37 11.29 -65.98 56.87
CA VAL K 37 10.96 -66.38 58.22
C VAL K 37 9.89 -65.42 58.75
N ILE K 38 8.76 -65.98 59.17
CA ILE K 38 7.63 -65.21 59.68
C ILE K 38 7.39 -65.63 61.13
N PRO K 39 7.58 -64.74 62.10
CA PRO K 39 7.30 -65.10 63.49
C PRO K 39 5.80 -65.14 63.76
N THR K 40 5.35 -66.24 64.34
CA THR K 40 3.93 -66.42 64.66
C THR K 40 3.81 -67.08 66.02
N LYS K 41 2.57 -67.45 66.36
CA LYS K 41 2.32 -68.19 67.57
C LYS K 41 2.80 -69.64 67.40
N PRO K 42 2.95 -70.38 68.49
CA PRO K 42 3.41 -71.78 68.38
C PRO K 42 2.59 -72.58 67.39
N VAL K 43 3.28 -73.23 66.45
CA VAL K 43 2.67 -74.05 65.41
C VAL K 43 3.35 -75.42 65.42
N LYS K 44 2.54 -76.46 65.18
CA LYS K 44 3.08 -77.81 65.16
C LYS K 44 4.04 -78.01 64.00
N ARG K 45 3.69 -77.50 62.83
CA ARG K 45 4.49 -77.68 61.62
C ARG K 45 4.03 -76.64 60.61
N VAL K 46 4.72 -76.61 59.46
CA VAL K 46 4.30 -75.82 58.32
C VAL K 46 4.36 -76.71 57.09
N ALA K 47 3.24 -76.78 56.36
CA ALA K 47 3.12 -77.65 55.20
C ALA K 47 2.50 -76.89 54.04
N ILE K 48 2.60 -77.49 52.85
CA ILE K 48 2.12 -76.89 51.61
C ILE K 48 1.24 -77.89 50.87
N GLY K 49 0.19 -77.39 50.22
CA GLY K 49 -0.70 -78.27 49.49
C GLY K 49 -0.01 -79.02 48.36
N ASP K 50 0.85 -78.32 47.61
CA ASP K 50 1.60 -78.93 46.53
C ASP K 50 3.07 -79.01 46.94
N GLY K 51 3.62 -80.23 46.92
CA GLY K 51 5.00 -80.41 47.32
C GLY K 51 5.98 -79.74 46.39
N LYS K 52 5.72 -79.80 45.09
CA LYS K 52 6.66 -79.24 44.12
C LYS K 52 6.78 -77.73 44.27
N VAL K 53 5.64 -77.04 44.37
CA VAL K 53 5.64 -75.58 44.29
C VAL K 53 6.39 -74.96 45.47
N LEU K 54 6.17 -75.47 46.67
CA LEU K 54 6.68 -74.79 47.85
C LEU K 54 7.23 -75.79 48.85
N SER K 55 8.14 -75.32 49.71
CA SER K 55 8.65 -76.12 50.80
C SER K 55 8.61 -75.32 52.09
N THR K 56 8.40 -75.99 53.22
CA THR K 56 8.17 -75.32 54.49
C THR K 56 8.74 -76.13 55.65
N THR K 57 9.14 -75.41 56.71
CA THR K 57 9.60 -75.98 57.96
C THR K 57 9.14 -75.07 59.09
N VAL K 58 9.08 -75.62 60.31
CA VAL K 58 8.77 -74.80 61.47
C VAL K 58 10.05 -74.57 62.28
N VAL K 59 10.34 -73.30 62.58
CA VAL K 59 11.52 -72.92 63.34
C VAL K 59 11.08 -72.24 64.62
N ASP K 60 11.81 -72.50 65.71
CA ASP K 60 11.54 -72.05 67.08
C ASP K 60 10.28 -72.69 67.62
N GLY K 61 9.60 -73.55 66.86
CA GLY K 61 8.33 -74.10 67.26
C GLY K 61 7.15 -73.18 67.07
N ASN K 62 7.38 -71.93 66.72
CA ASN K 62 6.33 -70.95 66.56
C ASN K 62 6.37 -70.33 65.17
N GLU K 63 7.57 -70.08 64.68
CA GLU K 63 7.75 -69.31 63.46
C GLU K 63 7.82 -70.22 62.23
N LEU K 64 7.49 -69.62 61.08
CA LEU K 64 7.50 -70.29 59.79
C LEU K 64 8.81 -69.99 59.08
N LEU K 65 9.50 -71.04 58.61
CA LEU K 65 10.57 -70.86 57.64
C LEU K 65 10.09 -71.47 56.34
N LEU K 66 9.99 -70.66 55.30
CA LEU K 66 9.40 -71.08 54.05
C LEU K 66 10.44 -70.92 52.96
N LEU K 67 10.77 -72.02 52.28
CA LEU K 67 11.71 -72.03 51.17
C LEU K 67 10.89 -72.11 49.88
N GLY K 68 11.13 -71.16 48.99
CA GLY K 68 10.36 -71.03 47.77
C GLY K 68 10.91 -71.82 46.60
N ASP K 69 10.40 -73.04 46.41
CA ASP K 69 10.74 -73.79 45.21
C ASP K 69 10.21 -73.10 43.97
N ALA K 70 8.99 -72.58 44.05
CA ALA K 70 8.38 -71.80 42.98
C ALA K 70 8.33 -72.58 41.66
N GLU K 71 7.98 -73.86 41.75
CA GLU K 71 7.89 -74.66 40.53
C GLU K 71 6.71 -74.21 39.67
N GLY K 72 5.60 -73.82 40.31
CA GLY K 72 4.41 -73.43 39.57
C GLY K 72 3.70 -72.29 40.25
N GLU K 73 2.73 -71.72 39.52
CA GLU K 73 1.93 -70.61 40.01
C GLU K 73 0.56 -71.12 40.41
N THR K 74 0.23 -71.05 41.69
CA THR K 74 -1.06 -71.52 42.18
C THR K 74 -1.29 -70.99 43.59
N SER K 75 -2.54 -71.11 44.02
CA SER K 75 -2.87 -70.87 45.42
C SER K 75 -2.44 -72.06 46.27
N LEU K 76 -2.24 -71.81 47.56
CA LEU K 76 -1.66 -72.81 48.45
C LEU K 76 -2.44 -72.86 49.76
N ARG K 77 -2.40 -74.03 50.40
CA ARG K 77 -2.95 -74.25 51.73
C ARG K 77 -1.80 -74.60 52.65
N VAL K 78 -1.83 -74.08 53.88
CA VAL K 78 -0.75 -74.25 54.84
C VAL K 78 -1.32 -74.82 56.13
N TRP K 79 -0.62 -75.79 56.71
CA TRP K 79 -1.05 -76.50 57.91
C TRP K 79 -0.21 -76.06 59.10
N PHE K 80 -0.88 -75.82 60.24
CA PHE K 80 -0.20 -75.61 61.51
C PHE K 80 -0.91 -76.42 62.58
N LYS K 81 -0.52 -76.16 63.83
CA LYS K 81 -1.31 -76.61 64.97
C LYS K 81 -2.62 -75.85 65.06
N ASP K 82 -2.54 -74.52 64.96
CA ASP K 82 -3.76 -73.70 65.03
C ASP K 82 -4.55 -73.79 63.73
N GLY K 83 -3.89 -74.07 62.62
CA GLY K 83 -4.56 -74.31 61.36
C GLY K 83 -4.90 -73.08 60.55
N SER K 84 -4.48 -71.89 60.98
CA SER K 84 -4.72 -70.68 60.21
C SER K 84 -4.03 -70.78 58.86
N GLU K 85 -4.76 -70.44 57.80
CA GLU K 85 -4.27 -70.57 56.43
C GLU K 85 -4.27 -69.22 55.75
N ALA K 86 -3.10 -68.81 55.25
CA ALA K 86 -2.94 -67.61 54.44
C ALA K 86 -2.53 -68.04 53.04
N ALA K 87 -3.46 -67.95 52.10
CA ALA K 87 -3.19 -68.40 50.73
C ALA K 87 -2.10 -67.53 50.10
N TYR K 88 -1.10 -68.20 49.54
CA TYR K 88 0.02 -67.53 48.88
C TYR K 88 -0.02 -67.84 47.40
N ARG K 89 0.20 -66.81 46.58
CA ARG K 89 0.38 -66.96 45.15
C ARG K 89 1.87 -66.81 44.85
N VAL K 90 2.44 -67.80 44.17
CA VAL K 90 3.89 -67.88 43.97
C VAL K 90 4.20 -67.76 42.49
N LEU K 91 5.11 -66.85 42.15
CA LEU K 91 5.57 -66.67 40.78
C LEU K 91 7.09 -66.56 40.77
N VAL K 92 7.71 -67.09 39.71
CA VAL K 92 9.16 -67.01 39.57
C VAL K 92 9.55 -65.64 39.04
N ALA K 93 10.69 -65.14 39.50
CA ALA K 93 11.14 -63.86 38.96
C ALA K 93 12.12 -64.08 37.83
N PRO K 94 11.81 -63.65 36.60
CA PRO K 94 12.70 -63.75 35.46
C PRO K 94 14.07 -63.11 35.72
N VAL K 97 9.11 -61.59 38.59
CA VAL K 97 8.27 -60.54 39.13
C VAL K 97 8.57 -60.33 40.61
N GLY K 98 8.96 -61.39 41.32
CA GLY K 98 9.09 -61.27 42.77
C GLY K 98 10.38 -60.60 43.19
N ARG K 99 11.51 -61.05 42.65
CA ARG K 99 12.77 -60.40 42.97
C ARG K 99 12.76 -58.95 42.53
N ALA K 100 12.25 -58.69 41.33
CA ALA K 100 12.16 -57.31 40.86
C ALA K 100 11.25 -56.48 41.75
N ALA K 101 10.12 -57.05 42.18
CA ALA K 101 9.24 -56.32 43.08
C ALA K 101 9.96 -55.97 44.37
N GLU K 102 10.72 -56.92 44.92
CA GLU K 102 11.47 -56.63 46.13
C GLU K 102 12.49 -55.51 45.89
N GLU K 103 13.16 -55.55 44.75
CA GLU K 103 14.16 -54.52 44.45
C GLU K 103 13.52 -53.14 44.37
N MET K 104 12.41 -53.01 43.64
CA MET K 104 11.76 -51.71 43.54
C MET K 104 11.21 -51.27 44.88
N ARG K 105 10.70 -52.21 45.68
CA ARG K 105 10.23 -51.84 47.01
C ARG K 105 11.36 -51.28 47.86
N GLU K 106 12.54 -51.88 47.76
CA GLU K 106 13.69 -51.35 48.51
C GLU K 106 14.10 -49.97 48.01
N LEU K 107 14.19 -49.81 46.68
CA LEU K 107 14.68 -48.55 46.14
C LEU K 107 13.72 -47.41 46.42
N MET K 108 12.42 -47.64 46.24
CA MET K 108 11.44 -46.60 46.58
C MET K 108 11.36 -46.40 48.08
N GLY K 109 11.57 -47.45 48.87
CA GLY K 109 11.48 -47.37 50.31
C GLY K 109 12.47 -46.41 50.93
N ALA K 115 4.42 -43.08 50.04
CA ALA K 115 2.98 -43.20 49.89
C ALA K 115 2.63 -44.21 48.81
N LYS K 116 3.60 -44.46 47.93
CA LYS K 116 3.43 -45.43 46.86
C LYS K 116 3.30 -46.83 47.43
N ILE K 117 2.42 -47.63 46.81
CA ILE K 117 2.13 -48.99 47.24
C ILE K 117 2.57 -49.94 46.14
N ARG K 118 3.30 -50.99 46.54
CA ARG K 118 3.84 -52.00 45.63
C ARG K 118 3.17 -53.34 45.90
N VAL K 119 2.60 -53.97 44.86
CA VAL K 119 2.07 -55.31 44.99
C VAL K 119 2.44 -56.16 43.78
N VAL K 120 2.21 -57.46 43.91
CA VAL K 120 2.76 -58.42 42.96
C VAL K 120 1.82 -58.67 41.80
N GLY K 121 0.60 -59.13 42.08
CA GLY K 121 -0.33 -59.48 41.02
C GLY K 121 0.28 -60.51 40.10
N ASP K 122 0.11 -60.31 38.79
CA ASP K 122 0.88 -61.04 37.79
C ASP K 122 2.07 -60.26 37.27
N HIS K 123 1.86 -59.01 36.87
CA HIS K 123 2.93 -58.07 36.63
C HIS K 123 2.98 -57.16 37.84
N VAL K 124 4.17 -56.65 38.16
CA VAL K 124 4.28 -55.82 39.34
C VAL K 124 3.44 -54.56 39.18
N VAL K 125 2.66 -54.25 40.21
CA VAL K 125 1.71 -53.15 40.20
C VAL K 125 2.20 -52.11 41.18
N VAL K 126 2.21 -50.84 40.74
CA VAL K 126 2.50 -49.72 41.63
C VAL K 126 1.31 -48.77 41.60
N ASP K 127 0.79 -48.43 42.76
CA ASP K 127 -0.41 -47.61 42.83
C ASP K 127 -0.28 -46.58 43.94
N GLY K 128 -0.90 -45.42 43.74
CA GLY K 128 -0.88 -44.36 44.73
C GLY K 128 -1.78 -43.22 44.32
N LYS K 129 -2.18 -42.39 45.27
CA LYS K 129 -3.19 -41.37 44.96
C LYS K 129 -2.57 -40.03 44.59
N ASN K 130 -1.77 -39.46 45.50
CA ASN K 130 -1.34 -38.07 45.38
C ASN K 130 0.17 -37.99 45.48
N LEU K 131 0.86 -38.83 44.71
CA LEU K 131 2.32 -38.84 44.74
C LEU K 131 2.88 -37.61 44.05
N ALA K 132 4.01 -37.14 44.57
CA ALA K 132 4.65 -35.96 44.02
C ALA K 132 5.24 -36.28 42.65
N PRO K 133 5.43 -35.26 41.81
CA PRO K 133 6.01 -35.50 40.48
C PRO K 133 7.37 -36.17 40.54
N THR K 134 8.19 -35.86 41.54
CA THR K 134 9.48 -36.51 41.68
C THR K 134 9.33 -38.00 41.88
N THR K 135 8.38 -38.42 42.71
CA THR K 135 8.17 -39.83 42.96
C THR K 135 7.69 -40.54 41.69
N LEU K 136 6.82 -39.89 40.93
CA LEU K 136 6.38 -40.48 39.67
C LEU K 136 7.54 -40.62 38.69
N ALA K 137 8.40 -39.60 38.62
CA ALA K 137 9.56 -39.68 37.74
C ALA K 137 10.49 -40.81 38.16
N ARG K 138 10.71 -40.96 39.47
CA ARG K 138 11.52 -42.05 39.96
C ARG K 138 10.91 -43.40 39.60
N VAL K 139 9.59 -43.53 39.72
CA VAL K 139 8.93 -44.78 39.42
C VAL K 139 9.07 -45.13 37.95
N ARG K 140 8.83 -44.15 37.06
CA ARG K 140 8.93 -44.45 35.64
C ARG K 140 10.38 -44.61 35.21
N ALA K 141 11.32 -44.11 36.01
CA ALA K 141 12.73 -44.40 35.73
C ALA K 141 13.05 -45.84 36.09
N LEU K 142 12.59 -46.29 37.25
CA LEU K 142 12.76 -47.69 37.62
C LEU K 142 11.94 -48.63 36.72
N GLN K 143 11.00 -48.09 35.95
CA GLN K 143 10.24 -48.92 35.02
C GLN K 143 11.16 -49.64 34.03
N ALA K 144 12.33 -49.09 33.74
CA ALA K 144 13.23 -49.72 32.78
C ALA K 144 13.88 -50.97 33.35
N LEU K 145 13.81 -51.16 34.67
CA LEU K 145 14.42 -52.32 35.28
C LEU K 145 13.75 -53.61 34.84
N TYR K 146 12.43 -53.62 34.75
CA TYR K 146 11.66 -54.80 34.36
C TYR K 146 10.58 -54.33 33.39
N PRO K 147 10.45 -54.98 32.22
CA PRO K 147 9.41 -54.54 31.27
C PRO K 147 7.97 -54.64 31.78
N LYS K 148 7.57 -55.74 32.41
CA LYS K 148 6.17 -55.91 32.79
C LYS K 148 5.93 -55.27 34.16
N THR K 149 5.73 -53.96 34.15
CA THR K 149 5.25 -53.23 35.31
C THR K 149 4.10 -52.37 34.85
N ILE K 150 3.15 -52.09 35.72
CA ILE K 150 2.14 -51.08 35.42
C ILE K 150 1.98 -50.10 36.56
N VAL K 151 1.69 -48.85 36.18
CA VAL K 151 1.70 -47.68 37.06
C VAL K 151 0.26 -47.23 37.20
N LEU K 152 -0.39 -47.66 38.26
CA LEU K 152 -1.74 -47.22 38.54
C LEU K 152 -1.75 -45.95 39.38
N ALA K 153 -0.59 -45.46 39.78
CA ALA K 153 -0.51 -44.27 40.61
C ALA K 153 -0.77 -43.01 39.79
N THR K 154 -1.36 -42.02 40.45
CA THR K 154 -1.72 -40.76 39.82
C THR K 154 -1.02 -39.61 40.52
N PRO K 155 -0.75 -38.52 39.80
CA PRO K 155 -0.08 -37.37 40.42
C PRO K 155 -1.05 -36.48 41.18
N SER K 156 -0.49 -35.65 42.04
CA SER K 156 -1.28 -34.68 42.77
C SER K 156 -1.74 -33.58 41.82
N PRO K 157 -2.87 -32.92 42.13
CA PRO K 157 -3.33 -31.84 41.24
C PRO K 157 -2.32 -30.74 41.06
N PHE K 158 -1.60 -30.40 42.13
CA PHE K 158 -0.55 -29.39 42.10
C PHE K 158 0.35 -29.65 43.30
N ASP K 159 1.43 -28.90 43.39
CA ASP K 159 2.40 -29.06 44.46
C ASP K 159 2.35 -27.85 45.38
N MET K 160 2.35 -28.09 46.68
CA MET K 160 2.38 -26.99 47.63
C MET K 160 3.77 -26.41 47.68
N GLU K 161 3.89 -25.13 47.35
CA GLU K 161 5.17 -24.45 47.33
C GLU K 161 5.32 -23.64 48.61
N LYS K 162 6.57 -23.35 48.94
CA LYS K 162 6.85 -22.46 50.06
C LYS K 162 6.45 -21.04 49.70
N MET K 163 5.95 -20.31 50.70
CA MET K 163 5.54 -18.93 50.53
C MET K 163 6.65 -18.02 51.06
N VAL K 164 6.87 -16.92 50.35
CA VAL K 164 7.98 -16.00 50.60
C VAL K 164 7.42 -14.61 50.84
N TRP K 165 7.88 -13.98 51.92
CA TRP K 165 7.51 -12.63 52.29
C TRP K 165 8.68 -11.71 52.00
N LEU K 166 8.42 -10.63 51.29
CA LEU K 166 9.45 -9.65 50.93
C LEU K 166 9.14 -8.33 51.60
N ASP K 167 10.17 -7.75 52.22
CA ASP K 167 10.07 -6.45 52.87
C ASP K 167 11.09 -5.51 52.25
N VAL K 168 10.63 -4.38 51.71
CA VAL K 168 11.47 -3.47 50.94
C VAL K 168 11.41 -2.09 51.57
N ASN K 169 12.57 -1.45 51.73
CA ASN K 169 12.65 -0.11 52.26
C ASN K 169 13.41 0.79 51.30
N ILE K 170 12.84 1.95 50.99
CA ILE K 170 13.44 2.95 50.12
C ILE K 170 13.48 4.26 50.88
N LEU K 171 14.67 4.74 51.20
CA LEU K 171 14.84 5.95 52.00
C LEU K 171 15.60 6.98 51.19
N GLU K 172 15.16 8.23 51.24
CA GLU K 172 15.82 9.29 50.50
C GLU K 172 15.74 10.63 51.22
N ILE K 173 16.83 11.37 51.15
CA ILE K 173 16.90 12.72 51.72
C ILE K 173 17.57 13.64 50.71
N ARG K 174 16.94 14.79 50.46
CA ARG K 174 17.50 15.83 49.59
C ARG K 174 17.67 17.12 50.35
N LYS K 175 18.76 17.82 50.09
CA LYS K 175 18.97 19.13 50.70
C LYS K 175 19.61 20.07 49.69
N SER K 176 19.28 21.36 49.80
CA SER K 176 19.83 22.33 48.87
C SER K 176 19.89 23.71 49.49
N VAL K 177 20.86 24.50 49.03
CA VAL K 177 21.04 25.89 49.44
C VAL K 177 21.28 26.73 48.19
N LEU K 178 20.69 27.91 48.15
CA LEU K 178 20.88 28.83 47.03
C LEU K 178 21.02 30.26 47.52
N GLU K 179 22.07 30.96 47.08
CA GLU K 179 22.30 32.33 47.47
C GLU K 179 22.64 33.18 46.25
N ASN K 180 22.27 34.45 46.29
CA ASN K 180 22.49 35.37 45.18
C ASN K 180 22.62 36.77 45.74
N PHE K 181 23.84 37.27 45.84
CA PHE K 181 24.05 38.49 46.61
C PHE K 181 25.13 39.36 45.99
N GLY K 182 24.98 40.66 46.18
CA GLY K 182 25.95 41.63 45.69
C GLY K 182 25.31 42.70 44.82
N VAL K 183 26.17 43.44 44.14
CA VAL K 183 25.76 44.52 43.24
C VAL K 183 26.25 44.18 41.84
N ASP K 184 25.34 44.20 40.88
CA ASP K 184 25.64 43.90 39.49
C ASP K 184 25.60 45.19 38.69
N TRP K 185 26.73 45.57 38.10
CA TRP K 185 26.86 46.82 37.37
C TRP K 185 26.81 46.58 35.87
N SER K 186 26.62 47.67 35.12
CA SER K 186 26.77 47.62 33.67
C SER K 186 28.23 47.37 33.30
N LYS K 187 28.45 46.54 32.29
CA LYS K 187 29.79 46.24 31.83
C LYS K 187 30.08 46.71 30.42
N GLN K 188 29.12 47.32 29.73
CA GLN K 188 29.31 47.85 28.40
C GLN K 188 28.61 49.19 28.31
N ILE K 189 29.36 50.25 28.02
CA ILE K 189 28.79 51.59 27.99
C ILE K 189 29.26 52.30 26.73
N PRO K 190 28.51 53.30 26.27
CA PRO K 190 28.94 54.06 25.10
C PRO K 190 30.27 54.76 25.32
N GLY K 191 31.03 54.90 24.23
CA GLY K 191 32.29 55.60 24.28
C GLY K 191 32.25 56.97 23.62
N PRO K 192 33.40 57.63 23.56
CA PRO K 192 33.43 58.97 22.97
C PRO K 192 33.16 58.96 21.48
N PHE K 193 32.74 60.10 20.96
CA PHE K 193 32.45 60.27 19.54
C PHE K 193 33.09 61.55 19.01
N ALA K 194 33.41 61.53 17.72
CA ALA K 194 33.95 62.69 17.02
C ALA K 194 33.44 62.68 15.59
N ALA K 195 33.15 63.86 15.06
CA ALA K 195 32.69 63.99 13.68
C ALA K 195 33.20 65.29 13.08
N PHE K 196 33.47 65.24 11.77
CA PHE K 196 33.97 66.38 11.03
C PHE K 196 33.22 66.48 9.70
N GLY K 197 32.98 67.69 9.24
CA GLY K 197 32.31 67.89 7.98
C GLY K 197 32.67 69.22 7.36
N LYS K 198 32.98 69.26 6.07
CA LYS K 198 33.31 70.53 5.44
C LYS K 198 32.96 70.50 3.96
N ASP K 199 32.76 71.70 3.40
CA ASP K 199 32.43 71.90 2.00
C ASP K 199 33.48 72.82 1.39
N PHE K 200 34.41 72.25 0.64
CA PHE K 200 35.50 73.05 0.08
C PHE K 200 35.01 73.93 -1.05
N VAL K 201 34.22 73.37 -1.96
CA VAL K 201 33.56 74.14 -3.01
C VAL K 201 32.06 73.91 -2.84
N GLY K 202 31.40 74.83 -2.14
CA GLY K 202 30.11 74.55 -1.57
C GLY K 202 28.96 74.67 -2.54
N PRO K 203 27.79 74.20 -2.12
CA PRO K 203 26.61 74.31 -2.98
C PRO K 203 26.17 75.76 -3.11
N ARG K 204 25.40 76.04 -4.15
CA ARG K 204 24.83 77.36 -4.35
C ARG K 204 23.34 77.33 -4.02
N ASN K 205 22.87 78.39 -3.40
CA ASN K 205 21.45 78.56 -3.11
C ASN K 205 20.88 79.55 -4.10
N VAL K 206 19.84 79.15 -4.83
CA VAL K 206 19.25 79.96 -5.88
C VAL K 206 17.73 79.95 -5.73
N ALA K 207 17.07 80.78 -6.53
CA ALA K 207 15.62 80.81 -6.59
C ALA K 207 15.15 80.16 -7.88
N THR K 208 14.21 79.22 -7.77
CA THR K 208 13.74 78.45 -8.92
C THR K 208 12.22 78.40 -8.93
N ILE K 209 11.64 78.20 -10.10
CA ILE K 209 10.21 78.09 -10.30
C ILE K 209 9.91 76.69 -10.80
N PRO K 210 9.16 75.88 -10.06
CA PRO K 210 8.91 74.50 -10.49
C PRO K 210 8.16 74.44 -11.80
N LEU K 211 8.44 73.40 -12.58
CA LEU K 211 7.76 73.21 -13.85
C LEU K 211 6.29 72.86 -13.63
N GLY K 212 5.43 73.43 -14.46
CA GLY K 212 4.00 73.20 -14.35
C GLY K 212 3.31 74.07 -13.33
N GLN K 213 4.01 75.02 -12.74
CA GLN K 213 3.47 75.92 -11.74
C GLN K 213 3.10 77.24 -12.40
N ASP K 214 2.09 77.90 -11.85
CA ASP K 214 1.67 79.19 -12.38
C ASP K 214 2.80 80.20 -12.30
N LEU K 215 2.89 81.06 -13.32
CA LEU K 215 4.02 81.99 -13.40
C LEU K 215 3.91 83.10 -12.37
N THR K 216 2.69 83.40 -11.91
CA THR K 216 2.52 84.50 -10.96
C THR K 216 3.00 84.13 -9.56
N GLN K 217 3.06 82.83 -9.27
CA GLN K 217 3.41 82.40 -7.92
C GLN K 217 4.87 82.73 -7.62
N PRO K 218 5.20 83.03 -6.36
CA PRO K 218 6.57 83.43 -6.05
C PRO K 218 7.53 82.26 -6.16
N PRO K 219 8.82 82.51 -6.39
CA PRO K 219 9.79 81.42 -6.53
C PRO K 219 10.03 80.70 -5.22
N VAL K 220 10.60 79.50 -5.34
CA VAL K 220 10.97 78.69 -4.19
C VAL K 220 12.49 78.55 -4.16
N ALA K 221 12.98 77.94 -3.09
CA ALA K 221 14.42 77.78 -2.93
C ALA K 221 14.90 76.52 -3.64
N GLY K 222 16.00 76.64 -4.37
CA GLY K 222 16.59 75.53 -5.09
C GLY K 222 18.10 75.63 -4.99
N THR K 223 18.78 74.69 -5.64
CA THR K 223 20.20 74.53 -5.42
C THR K 223 20.93 74.30 -6.74
N GLY K 224 22.24 74.48 -6.70
CA GLY K 224 23.12 74.00 -7.73
C GLY K 224 23.42 72.54 -7.51
N VAL K 225 24.57 72.09 -7.98
CA VAL K 225 24.96 70.72 -7.74
C VAL K 225 25.29 70.55 -6.26
N ARG K 226 24.59 69.63 -5.61
CA ARG K 226 24.74 69.43 -4.17
C ARG K 226 24.65 67.95 -3.86
N VAL K 227 25.54 67.47 -3.01
CA VAL K 227 25.64 66.05 -2.69
C VAL K 227 25.27 65.85 -1.24
N THR K 228 24.46 64.83 -0.97
CA THR K 228 24.20 64.38 0.40
C THR K 228 24.78 62.98 0.55
N PRO K 229 25.97 62.84 1.11
CA PRO K 229 26.66 61.55 1.05
C PRO K 229 25.93 60.50 1.86
N PRO K 230 26.04 59.23 1.48
CA PRO K 230 25.48 58.14 2.29
C PRO K 230 26.41 57.84 3.46
N LEU K 231 25.87 57.87 4.66
CA LEU K 231 26.62 57.56 5.88
C LEU K 231 26.38 56.09 6.18
N GLY K 232 27.40 55.26 6.00
CA GLY K 232 27.19 53.83 6.09
C GLY K 232 26.93 53.36 7.51
N SER K 233 27.96 53.35 8.33
CA SER K 233 27.85 52.93 9.72
C SER K 233 27.51 54.09 10.64
N LEU K 234 27.50 55.30 10.12
CA LEU K 234 27.18 56.50 10.89
C LEU K 234 25.73 56.92 10.70
N ASN K 235 24.94 56.08 10.03
CA ASN K 235 23.57 56.45 9.69
C ASN K 235 22.74 56.63 10.94
N GLY K 236 22.04 57.76 11.02
CA GLY K 236 21.25 58.09 12.18
C GLY K 236 22.03 58.78 13.28
N ALA K 237 23.36 58.76 13.22
CA ALA K 237 24.15 59.43 14.24
C ALA K 237 24.40 60.89 13.88
N ILE K 238 24.63 61.18 12.61
CA ILE K 238 24.87 62.53 12.13
C ILE K 238 23.59 63.03 11.47
N ASP K 239 23.19 64.25 11.81
CA ASP K 239 21.92 64.81 11.35
C ASP K 239 22.13 65.49 10.01
N LEU K 240 21.41 65.02 8.98
CA LEU K 240 21.49 65.60 7.66
C LEU K 240 20.24 66.38 7.26
N ALA K 241 19.09 66.07 7.86
CA ALA K 241 17.86 66.77 7.50
C ALA K 241 17.93 68.24 7.89
N ASN K 242 18.52 68.54 9.04
CA ASN K 242 18.52 69.88 9.58
C ASN K 242 19.83 70.61 9.38
N LEU K 243 20.72 70.10 8.54
CA LEU K 243 22.06 70.65 8.40
C LEU K 243 22.09 71.69 7.28
N ALA K 244 22.53 72.90 7.62
CA ALA K 244 22.71 73.95 6.63
C ALA K 244 23.85 73.58 5.70
N ARG K 245 23.61 73.61 4.40
CA ARG K 245 24.53 72.93 3.50
C ARG K 245 25.82 73.70 3.24
N PRO K 246 25.80 75.01 3.03
CA PRO K 246 27.08 75.72 3.11
C PRO K 246 27.56 75.65 4.54
N ILE K 247 28.20 74.52 4.87
CA ILE K 247 28.35 74.07 6.25
C ILE K 247 29.00 75.14 7.11
N ALA K 248 28.31 75.51 8.19
CA ALA K 248 28.84 76.39 9.22
C ALA K 248 28.91 75.60 10.52
N GLY K 249 30.12 75.37 11.01
CA GLY K 249 30.31 74.50 12.15
C GLY K 249 30.74 73.13 11.70
N THR K 250 32.04 72.84 11.80
CA THR K 250 32.59 71.70 11.11
C THR K 250 32.81 70.51 12.03
N THR K 251 33.09 70.75 13.31
CA THR K 251 33.53 69.70 14.22
C THR K 251 32.52 69.48 15.32
N ASN K 252 32.44 68.24 15.81
CA ASN K 252 31.70 67.92 17.03
C ASN K 252 32.36 66.75 17.72
N PHE K 253 32.87 66.99 18.93
CA PHE K 253 33.64 65.99 19.67
C PHE K 253 33.15 65.96 21.11
N GLY K 254 32.72 64.80 21.58
CA GLY K 254 32.16 64.72 22.92
C GLY K 254 31.93 63.29 23.35
N ILE K 255 31.18 63.14 24.45
CA ILE K 255 30.85 61.84 25.02
C ILE K 255 29.56 61.93 25.81
N ILE K 256 28.77 60.86 25.80
CA ILE K 256 27.54 60.72 26.58
C ILE K 256 27.45 59.28 27.03
N THR K 257 27.57 59.03 28.33
CA THR K 257 27.65 57.67 28.84
C THR K 257 27.15 57.61 30.29
N GLY K 258 26.92 56.39 30.77
CA GLY K 258 26.51 56.18 32.15
C GLY K 258 26.42 54.71 32.48
N VAL K 259 26.21 54.43 33.78
CA VAL K 259 26.14 53.06 34.29
C VAL K 259 24.86 52.87 35.08
N LEU K 260 24.34 51.64 35.05
CA LEU K 260 23.19 51.23 35.82
C LEU K 260 23.59 50.05 36.68
N SER K 261 22.77 49.73 37.68
CA SER K 261 23.13 48.68 38.61
C SER K 261 21.89 48.03 39.20
N THR K 262 22.09 46.85 39.78
CA THR K 262 21.06 46.08 40.45
C THR K 262 21.62 45.51 41.74
N ILE K 263 20.78 45.32 42.74
CA ILE K 263 21.18 44.80 44.04
C ILE K 263 20.47 43.49 44.31
N ASN K 264 21.21 42.51 44.85
CA ASN K 264 20.69 41.16 45.07
C ASN K 264 21.00 40.75 46.50
N PHE K 265 20.00 40.25 47.23
CA PHE K 265 20.23 39.62 48.53
C PHE K 265 19.31 38.42 48.74
N ALA K 266 19.20 37.54 47.74
CA ALA K 266 18.32 36.38 47.81
C ALA K 266 19.00 35.22 48.51
N LEU K 267 18.25 34.50 49.33
CA LEU K 267 18.77 33.41 50.16
C LEU K 267 17.68 32.37 50.41
N SER K 268 17.99 31.09 50.17
CA SER K 268 16.97 30.05 50.21
C SER K 268 17.57 28.71 50.62
N ASN K 269 16.79 27.92 51.34
CA ASN K 269 17.15 26.57 51.74
C ASN K 269 16.01 25.63 51.35
N GLY K 270 16.32 24.34 51.20
CA GLY K 270 15.30 23.35 50.96
C GLY K 270 15.67 22.00 51.52
N ASP K 271 14.75 21.34 52.22
CA ASP K 271 14.96 20.00 52.74
C ASP K 271 13.78 19.12 52.35
N ALA K 272 14.05 17.86 52.05
CA ALA K 272 12.99 16.92 51.71
C ALA K 272 13.36 15.52 52.17
N TYR K 273 12.39 14.83 52.77
CA TYR K 273 12.59 13.50 53.32
C TYR K 273 11.57 12.54 52.75
N LEU K 274 11.90 11.25 52.70
CA LEU K 274 10.96 10.28 52.18
C LEU K 274 11.34 8.87 52.61
N ILE K 275 10.34 8.09 53.01
CA ILE K 275 10.51 6.65 53.22
C ILE K 275 9.34 5.94 52.56
N ALA K 276 9.63 4.85 51.86
CA ALA K 276 8.61 4.00 51.29
C ALA K 276 8.87 2.57 51.74
N ASN K 277 7.84 1.91 52.25
CA ASN K 277 7.97 0.60 52.84
C ASN K 277 6.89 -0.34 52.32
N PRO K 278 7.00 -0.77 51.06
CA PRO K 278 6.02 -1.73 50.54
C PRO K 278 6.40 -3.15 50.93
N GLN K 279 5.40 -4.00 51.08
CA GLN K 279 5.65 -5.38 51.47
C GLN K 279 4.78 -6.32 50.65
N LEU K 280 5.33 -7.49 50.33
CA LEU K 280 4.63 -8.42 49.45
C LEU K 280 4.71 -9.84 49.97
N SER K 281 3.81 -10.66 49.46
CA SER K 281 3.84 -12.09 49.63
C SER K 281 3.73 -12.75 48.26
N ALA K 282 4.42 -13.86 48.07
CA ALA K 282 4.35 -14.60 46.82
C ALA K 282 4.70 -16.04 47.12
N ARG K 283 4.64 -16.89 46.10
CA ARG K 283 5.00 -18.28 46.29
C ARG K 283 6.16 -18.66 45.36
N SER K 284 6.93 -19.63 45.80
CA SER K 284 8.11 -20.05 45.04
C SER K 284 7.72 -20.49 43.65
N GLY K 285 8.32 -19.85 42.65
CA GLY K 285 7.97 -20.12 41.28
C GLY K 285 6.85 -19.28 40.73
N GLY K 286 6.25 -18.41 41.54
CA GLY K 286 5.23 -17.50 41.09
C GLY K 286 5.74 -16.08 41.04
N ARG K 287 4.82 -15.15 40.82
CA ARG K 287 5.17 -13.75 40.67
C ARG K 287 4.11 -12.89 41.34
N THR K 288 4.52 -11.73 41.85
CA THR K 288 3.56 -10.79 42.41
C THR K 288 3.91 -9.36 42.00
N ASP K 289 2.89 -8.58 41.68
CA ASP K 289 3.00 -7.19 41.26
C ASP K 289 2.19 -6.30 42.18
N PHE K 290 2.75 -5.15 42.53
CA PHE K 290 2.12 -4.20 43.43
C PHE K 290 2.27 -2.81 42.87
N LEU K 291 1.17 -2.05 42.87
CA LEU K 291 1.17 -0.66 42.42
C LEU K 291 0.33 0.19 43.34
N ALA K 292 0.95 1.15 44.02
CA ALA K 292 0.26 2.13 44.84
C ALA K 292 0.61 3.51 44.30
N GLY K 293 -0.33 4.13 43.62
CA GLY K 293 0.01 5.31 42.85
C GLY K 293 -1.12 5.77 41.97
N GLY K 294 -0.85 5.96 40.69
CA GLY K 294 -1.89 6.42 39.78
C GLY K 294 -1.52 6.16 38.35
N GLN K 295 -2.43 6.55 37.46
CA GLN K 295 -2.25 6.45 36.02
C GLN K 295 -2.54 7.79 35.37
N VAL K 296 -1.65 8.23 34.48
CA VAL K 296 -1.86 9.48 33.75
C VAL K 296 -2.04 9.21 32.27
N PRO K 297 -2.86 9.99 31.56
CA PRO K 297 -3.07 9.75 30.12
C PRO K 297 -1.96 10.38 29.29
N ILE K 298 -1.44 9.60 28.35
CA ILE K 298 -0.38 10.00 27.43
C ILE K 298 -0.85 9.73 26.02
N LEU K 299 -0.68 10.72 25.14
CA LEU K 299 -1.19 10.68 23.77
C LEU K 299 -0.13 10.09 22.85
N GLN K 300 -0.20 8.78 22.65
CA GLN K 300 0.76 8.05 21.83
C GLN K 300 0.03 7.20 20.82
N ALA K 301 0.60 7.10 19.61
CA ALA K 301 -0.01 6.32 18.54
C ALA K 301 1.03 5.96 17.50
N LEU K 302 0.69 5.00 16.65
CA LEU K 302 1.58 4.62 15.57
C LEU K 302 1.59 5.68 14.48
N ALA K 303 2.79 6.05 14.03
CA ALA K 303 2.96 6.87 12.84
C ALA K 303 2.34 8.25 12.99
N ALA K 304 2.23 8.96 11.86
CA ALA K 304 1.50 10.23 11.75
C ALA K 304 2.20 11.37 12.48
N GLY K 305 1.66 12.57 12.35
CA GLY K 305 2.26 13.75 12.92
C GLY K 305 1.41 15.00 12.79
N GLN K 310 -6.89 10.61 18.78
CA GLN K 310 -5.78 9.88 18.19
C GLN K 310 -5.68 8.48 18.79
N ASN K 311 -4.91 8.35 19.86
CA ASN K 311 -4.74 7.11 20.59
C ASN K 311 -4.17 7.44 21.95
N VAL K 312 -4.87 7.06 23.01
CA VAL K 312 -4.51 7.41 24.38
C VAL K 312 -4.10 6.13 25.10
N THR K 313 -2.93 6.15 25.72
CA THR K 313 -2.51 5.10 26.62
C THR K 313 -2.31 5.71 28.00
N TYR K 314 -2.07 4.84 28.98
CA TYR K 314 -1.94 5.28 30.36
C TYR K 314 -0.59 4.84 30.92
N LYS K 315 0.02 5.74 31.68
CA LYS K 315 1.33 5.49 32.29
C LYS K 315 1.17 5.44 33.80
N ASP K 316 1.78 4.42 34.40
CA ASP K 316 1.73 4.22 35.84
C ASP K 316 2.82 5.02 36.54
N TYR K 317 2.48 5.61 37.67
CA TYR K 317 3.45 6.27 38.52
C TYR K 317 3.10 5.97 39.97
N GLY K 318 4.06 6.20 40.88
CA GLY K 318 3.87 5.92 42.28
C GLY K 318 4.92 4.95 42.79
N ILE K 319 4.49 4.04 43.65
CA ILE K 319 5.33 2.99 44.18
C ILE K 319 5.00 1.71 43.45
N LYS K 320 6.00 1.07 42.89
CA LYS K 320 5.82 -0.15 42.11
C LYS K 320 6.79 -1.21 42.59
N LEU K 321 6.29 -2.43 42.75
CA LEU K 321 7.11 -3.56 43.17
C LEU K 321 6.79 -4.77 42.34
N GLU K 322 7.83 -5.51 41.91
CA GLU K 322 7.66 -6.78 41.23
C GLU K 322 8.60 -7.79 41.86
N PHE K 323 8.08 -8.97 42.17
CA PHE K 323 8.81 -9.99 42.90
C PHE K 323 8.67 -11.34 42.22
N GLU K 324 9.78 -12.03 42.02
CA GLU K 324 9.77 -13.41 41.51
C GLU K 324 10.71 -14.31 42.30
N PRO K 325 10.24 -15.03 43.31
CA PRO K 325 11.15 -15.83 44.15
C PRO K 325 11.30 -17.29 43.74
N ARG K 326 12.39 -17.93 44.19
CA ARG K 326 12.58 -19.37 44.13
C ARG K 326 13.33 -19.82 45.37
N VAL K 327 12.91 -20.94 45.98
CA VAL K 327 13.39 -21.34 47.28
C VAL K 327 14.04 -22.71 47.20
N ASP K 328 15.09 -22.90 47.99
CA ASP K 328 15.83 -24.15 48.09
C ASP K 328 15.35 -24.98 49.27
N ASP K 329 15.96 -26.16 49.44
CA ASP K 329 15.68 -26.98 50.61
C ASP K 329 16.34 -26.44 51.87
N ASP K 330 17.24 -25.47 51.75
CA ASP K 330 17.85 -24.81 52.89
C ASP K 330 17.24 -23.45 53.16
N ASN K 331 16.12 -23.13 52.52
CA ASN K 331 15.48 -21.81 52.63
C ASN K 331 16.42 -20.71 52.16
N ASN K 332 17.20 -20.98 51.13
CA ASN K 332 17.93 -19.96 50.41
C ASN K 332 17.05 -19.43 49.30
N VAL K 333 16.97 -18.12 49.17
CA VAL K 333 16.04 -17.50 48.24
C VAL K 333 16.82 -16.86 47.11
N SER K 334 16.50 -17.25 45.89
CA SER K 334 17.03 -16.62 44.69
C SER K 334 15.90 -15.84 44.03
N MET K 335 16.15 -14.57 43.73
CA MET K 335 15.04 -13.68 43.41
C MET K 335 15.44 -12.63 42.41
N ARG K 336 14.43 -12.18 41.65
CA ARG K 336 14.49 -10.95 40.88
C ARG K 336 13.49 -9.98 41.47
N VAL K 337 13.95 -8.77 41.74
CA VAL K 337 13.13 -7.74 42.36
C VAL K 337 13.24 -6.45 41.56
N LEU K 338 12.10 -5.83 41.29
CA LEU K 338 12.08 -4.49 40.73
C LEU K 338 11.36 -3.55 41.69
N ALA K 339 12.03 -2.48 42.09
CA ALA K 339 11.48 -1.50 43.01
C ALA K 339 11.57 -0.13 42.37
N ASP K 340 10.46 0.59 42.33
CA ASP K 340 10.41 1.83 41.57
C ASP K 340 9.58 2.85 42.35
N VAL K 341 10.10 4.07 42.48
CA VAL K 341 9.38 5.18 43.09
C VAL K 341 9.45 6.37 42.14
N SER K 342 8.31 6.80 41.62
CA SER K 342 8.33 7.89 40.66
C SER K 342 7.15 8.84 40.87
N ASP K 343 7.45 10.13 40.86
CA ASP K 343 6.49 11.19 41.12
C ASP K 343 6.44 12.15 39.93
N ILE K 344 5.33 12.86 39.81
CA ILE K 344 5.19 13.86 38.75
C ILE K 344 5.99 15.10 39.11
N ASP K 345 6.65 15.68 38.12
CA ASP K 345 7.50 16.84 38.30
C ASP K 345 6.97 18.00 37.47
N PRO K 346 6.54 19.10 38.09
CA PRO K 346 6.07 20.25 37.28
C PRO K 346 7.14 20.85 36.40
N ALA K 347 8.41 20.72 36.78
CA ALA K 347 9.48 21.47 36.12
C ALA K 347 9.68 20.99 34.68
N THR K 348 9.51 19.70 34.42
CA THR K 348 9.82 19.15 33.11
C THR K 348 8.59 18.75 32.31
N SER K 349 7.41 19.23 32.69
CA SER K 349 6.21 18.93 31.95
C SER K 349 6.04 19.92 30.80
N VAL K 350 5.52 19.42 29.68
CA VAL K 350 5.35 20.24 28.48
C VAL K 350 3.86 20.41 28.24
N SER K 351 3.47 21.62 27.84
CA SER K 351 2.05 21.94 27.72
C SER K 351 1.43 21.34 26.46
N LEU K 352 2.20 21.22 25.39
CA LEU K 352 1.70 20.82 24.07
C LEU K 352 0.60 21.83 23.72
N ASN K 353 -0.57 21.39 23.23
CA ASN K 353 -1.63 22.34 22.92
C ASN K 353 -2.39 22.72 24.17
N GLY K 354 -3.08 21.75 24.76
CA GLY K 354 -3.65 21.86 26.08
C GLY K 354 -3.48 20.53 26.76
N PHE K 355 -3.00 19.56 25.98
CA PHE K 355 -2.77 18.20 26.44
C PHE K 355 -1.45 18.19 27.19
N THR K 356 -1.47 18.58 28.46
CA THR K 356 -0.26 18.58 29.27
C THR K 356 0.34 17.18 29.33
N VAL K 357 1.63 17.10 29.07
CA VAL K 357 2.40 15.85 29.19
C VAL K 357 3.38 16.03 30.33
N PRO K 358 3.34 15.18 31.35
CA PRO K 358 4.17 15.40 32.52
C PRO K 358 5.54 14.74 32.39
N GLY K 359 6.47 15.25 33.18
CA GLY K 359 7.75 14.60 33.38
C GLY K 359 7.79 14.00 34.78
N PHE K 360 8.75 13.13 35.02
CA PHE K 360 8.78 12.38 36.25
C PHE K 360 10.14 12.47 36.93
N ILE K 361 10.12 12.29 38.25
CA ILE K 361 11.31 12.07 39.06
C ILE K 361 11.25 10.64 39.53
N THR K 362 12.25 9.85 39.16
CA THR K 362 12.19 8.41 39.37
C THR K 362 13.42 7.91 40.11
N ARG K 363 13.22 6.82 40.84
CA ARG K 363 14.27 6.07 41.51
C ARG K 363 13.95 4.60 41.31
N ARG K 364 14.73 3.93 40.48
CA ARG K 364 14.35 2.61 40.00
C ARG K 364 15.52 1.66 40.14
N SER K 365 15.28 0.45 40.63
CA SER K 365 16.31 -0.56 40.74
C SER K 365 15.76 -1.92 40.36
N ASN K 366 16.48 -2.63 39.51
CA ASN K 366 16.07 -3.93 38.99
C ASN K 366 17.22 -4.90 39.21
N ALA K 367 17.11 -5.73 40.24
CA ALA K 367 18.24 -6.52 40.72
C ALA K 367 17.92 -8.01 40.75
N GLU K 368 18.94 -8.81 40.49
CA GLU K 368 18.87 -10.26 40.60
C GLU K 368 19.89 -10.71 41.63
N ILE K 369 19.41 -11.39 42.67
CA ILE K 369 20.25 -11.72 43.81
C ILE K 369 19.89 -13.09 44.36
N ASN K 370 20.71 -13.57 45.29
CA ASN K 370 20.37 -14.73 46.10
C ASN K 370 20.92 -14.54 47.50
N VAL K 371 20.13 -14.89 48.51
CA VAL K 371 20.50 -14.67 49.90
C VAL K 371 19.97 -15.81 50.75
N GLY K 372 20.33 -15.78 52.02
CA GLY K 372 19.79 -16.74 52.97
C GLY K 372 18.46 -16.31 53.52
N ASP K 373 17.90 -17.17 54.36
CA ASP K 373 16.60 -16.88 54.94
C ASP K 373 16.70 -15.74 55.95
N GLY K 374 15.99 -14.66 55.66
CA GLY K 374 15.85 -13.58 56.62
C GLY K 374 16.98 -12.58 56.65
N GLN K 375 17.87 -12.59 55.68
CA GLN K 375 18.99 -11.65 55.64
C GLN K 375 18.61 -10.40 54.88
N THR K 376 19.18 -9.28 55.30
CA THR K 376 18.91 -7.99 54.68
C THR K 376 20.03 -7.66 53.71
N MET K 377 19.65 -7.29 52.49
CA MET K 377 20.61 -6.98 51.44
C MET K 377 20.29 -5.62 50.86
N VAL K 378 21.30 -4.77 50.73
CA VAL K 378 21.16 -3.49 50.08
C VAL K 378 21.41 -3.68 48.60
N ILE K 379 20.48 -3.20 47.76
CA ILE K 379 20.66 -3.37 46.32
C ILE K 379 21.02 -2.08 45.59
N SER K 380 20.99 -0.94 46.28
CA SER K 380 21.36 0.31 45.63
C SER K 380 21.59 1.38 46.69
N GLY K 381 22.54 2.26 46.42
CA GLY K 381 22.82 3.38 47.31
C GLY K 381 23.49 4.49 46.53
N LEU K 382 23.41 5.70 47.08
CA LEU K 382 23.91 6.86 46.37
C LEU K 382 24.23 7.98 47.34
N VAL K 383 25.35 8.64 47.11
CA VAL K 383 25.68 9.94 47.68
C VAL K 383 26.12 10.83 46.54
N ASN K 384 25.67 12.08 46.52
CA ASN K 384 25.79 12.92 45.33
C ASN K 384 25.85 14.39 45.68
N PRO K 385 27.02 14.89 46.06
CA PRO K 385 27.18 16.33 46.30
C PRO K 385 27.38 17.10 45.00
N LYS K 386 26.83 18.31 44.95
CA LYS K 386 27.01 19.19 43.79
C LYS K 386 27.09 20.63 44.26
N THR K 387 27.90 21.43 43.58
CA THR K 387 28.16 22.81 43.98
C THR K 387 28.54 23.62 42.76
N ALA K 388 28.16 24.89 42.73
CA ALA K 388 28.49 25.76 41.61
C ALA K 388 28.47 27.22 42.05
N LYS K 389 29.54 27.95 41.75
CA LYS K 389 29.65 29.36 42.06
C LYS K 389 29.96 30.13 40.79
N ASN K 390 29.34 31.30 40.64
CA ASN K 390 29.59 32.21 39.52
C ASN K 390 29.73 33.61 40.05
N VAL K 391 30.77 34.32 39.61
CA VAL K 391 31.06 35.67 40.07
C VAL K 391 31.19 36.58 38.87
N SER K 392 30.58 37.76 38.94
CA SER K 392 30.89 38.85 38.03
C SER K 392 31.43 40.02 38.85
N LYS K 393 32.38 40.75 38.30
CA LYS K 393 33.05 41.78 39.07
C LYS K 393 33.54 42.88 38.15
N LEU K 394 33.92 44.00 38.76
CA LEU K 394 34.66 45.03 38.07
C LEU K 394 36.15 44.75 38.19
N PRO K 395 36.96 45.24 37.25
CA PRO K 395 38.36 44.78 37.18
C PRO K 395 39.17 44.93 38.46
N TRP K 396 39.27 46.12 39.02
CA TRP K 396 40.10 46.30 40.21
C TRP K 396 39.31 46.55 41.48
N LEU K 397 38.11 47.11 41.38
CA LEU K 397 37.33 47.40 42.57
C LEU K 397 36.75 46.15 43.18
N GLY K 398 36.64 45.06 42.41
CA GLY K 398 35.99 43.87 42.92
C GLY K 398 36.81 43.12 43.95
N ASP K 399 38.11 43.32 43.97
CA ASP K 399 38.98 42.57 44.86
C ASP K 399 39.28 43.29 46.17
N ILE K 400 38.76 44.50 46.37
CA ILE K 400 38.96 45.17 47.65
C ILE K 400 38.28 44.37 48.76
N PRO K 401 38.94 44.09 49.88
CA PRO K 401 38.31 43.29 50.93
C PRO K 401 37.07 43.96 51.49
N ILE K 402 36.05 43.13 51.77
CA ILE K 402 34.77 43.56 52.33
C ILE K 402 34.05 44.51 51.39
N LEU K 403 34.67 45.66 51.10
CA LEU K 403 34.05 46.65 50.23
C LEU K 403 33.83 46.13 48.81
N GLY K 404 34.57 45.10 48.40
CA GLY K 404 34.42 44.58 47.05
C GLY K 404 33.02 44.10 46.73
N ASN K 405 32.24 43.74 47.73
CA ASN K 405 30.88 43.29 47.47
C ASN K 405 29.99 44.43 46.96
N LEU K 406 30.46 45.67 47.04
CA LEU K 406 29.72 46.75 46.42
C LEU K 406 29.91 46.76 44.91
N PHE K 407 30.93 46.07 44.41
CA PHE K 407 31.27 46.06 43.00
C PHE K 407 31.31 44.67 42.40
N LYS K 408 30.65 43.70 43.01
CA LYS K 408 30.76 42.31 42.60
C LYS K 408 29.47 41.59 42.95
N SER K 409 29.04 40.70 42.05
CA SER K 409 27.83 39.93 42.23
C SER K 409 28.15 38.44 42.20
N THR K 410 27.54 37.70 43.12
CA THR K 410 27.85 36.29 43.30
C THR K 410 26.59 35.46 43.32
N ASN K 411 26.66 34.29 42.69
CA ASN K 411 25.58 33.31 42.64
C ASN K 411 26.13 31.97 43.07
N PHE K 412 25.52 31.37 44.09
CA PHE K 412 26.04 30.15 44.71
C PHE K 412 24.92 29.12 44.85
N GLN K 413 25.21 27.88 44.49
CA GLN K 413 24.27 26.78 44.66
C GLN K 413 25.00 25.57 45.23
N SER K 414 24.37 24.88 46.17
CA SER K 414 24.95 23.66 46.71
C SER K 414 23.84 22.68 47.04
N GLY K 415 24.15 21.40 47.01
CA GLY K 415 23.10 20.42 47.29
C GLY K 415 23.65 19.02 47.45
N ASN K 416 22.83 18.18 48.07
CA ASN K 416 23.19 16.79 48.33
C ASN K 416 21.95 15.91 48.29
N THR K 417 22.16 14.63 47.98
CA THR K 417 21.11 13.62 47.91
C THR K 417 21.62 12.29 48.41
N ASP K 418 20.84 11.63 49.28
CA ASP K 418 21.14 10.27 49.71
C ASP K 418 19.95 9.38 49.42
N LEU K 419 20.21 8.16 48.94
CA LEU K 419 19.20 7.18 48.62
C LEU K 419 19.71 5.80 49.00
N VAL K 420 18.86 5.00 49.64
CA VAL K 420 19.18 3.61 49.97
C VAL K 420 17.96 2.75 49.70
N ILE K 421 18.16 1.60 49.06
CA ILE K 421 17.12 0.61 48.80
C ILE K 421 17.59 -0.73 49.32
N LEU K 422 16.84 -1.33 50.24
CA LEU K 422 17.24 -2.60 50.83
C LEU K 422 16.06 -3.53 50.96
N VAL K 423 16.33 -4.84 50.89
CA VAL K 423 15.29 -5.86 50.84
C VAL K 423 15.58 -6.94 51.86
N THR K 424 14.53 -7.64 52.28
CA THR K 424 14.61 -8.73 53.24
C THR K 424 13.59 -9.81 52.88
N PRO K 425 14.03 -10.97 52.45
CA PRO K 425 13.09 -12.07 52.22
C PRO K 425 13.03 -13.06 53.37
N ARG K 426 11.88 -13.68 53.57
CA ARG K 426 11.68 -14.66 54.64
C ARG K 426 10.71 -15.74 54.17
N VAL K 427 10.92 -16.97 54.60
CA VAL K 427 10.01 -18.06 54.28
C VAL K 427 8.95 -18.16 55.36
N VAL K 428 7.69 -18.02 54.98
CA VAL K 428 6.60 -17.82 55.93
C VAL K 428 5.46 -18.79 55.65
N SER K 429 4.53 -18.83 56.60
CA SER K 429 3.19 -19.35 56.40
C SER K 429 2.22 -18.28 56.86
N ALA K 430 0.93 -18.62 56.91
CA ALA K 430 -0.03 -17.64 57.36
C ALA K 430 0.11 -17.31 58.84
N ALA K 431 0.77 -18.19 59.61
CA ALA K 431 0.92 -17.96 61.04
C ALA K 431 2.21 -17.25 61.41
N SER K 432 3.04 -16.87 60.45
CA SER K 432 4.32 -16.25 60.77
C SER K 432 4.13 -14.83 61.27
N LEU K 433 5.18 -14.30 61.88
CA LEU K 433 5.11 -13.00 62.53
C LEU K 433 4.85 -11.86 61.54
N GLU K 434 5.49 -11.93 60.36
CA GLU K 434 5.33 -10.88 59.37
C GLU K 434 3.90 -10.74 58.92
N ASN K 435 3.20 -11.86 58.77
CA ASN K 435 1.79 -11.81 58.39
C ASN K 435 0.93 -11.28 59.52
N ILE K 436 1.21 -11.71 60.75
CA ILE K 436 0.37 -11.31 61.88
C ILE K 436 0.46 -9.82 62.12
N ARG K 437 1.65 -9.24 61.97
CA ARG K 437 1.77 -7.81 62.21
C ARG K 437 0.92 -7.01 61.24
N GLN K 438 0.86 -7.41 59.97
CA GLN K 438 0.03 -6.68 59.02
C GLN K 438 -1.45 -6.90 59.29
N VAL K 439 -1.83 -8.11 59.72
CA VAL K 439 -3.23 -8.34 60.07
C VAL K 439 -3.65 -7.44 61.23
N SER K 440 -2.81 -7.35 62.25
CA SER K 440 -3.13 -6.49 63.39
C SER K 440 -3.13 -5.03 62.98
N GLN K 441 -2.27 -4.65 62.04
CA GLN K 441 -2.34 -3.29 61.51
C GLN K 441 -3.67 -3.01 60.84
N ALA K 442 -4.18 -3.96 60.07
CA ALA K 442 -5.50 -3.77 59.45
C ALA K 442 -6.57 -3.61 60.51
N VAL K 443 -6.52 -4.40 61.57
CA VAL K 443 -7.51 -4.27 62.63
C VAL K 443 -7.45 -2.87 63.25
N GLU K 444 -6.23 -2.37 63.49
CA GLU K 444 -6.08 -1.04 64.06
C GLU K 444 -6.62 0.05 63.14
N MET K 445 -6.38 -0.08 61.83
CA MET K 445 -6.93 0.90 60.89
C MET K 445 -8.44 0.90 60.91
N LYS K 446 -9.05 -0.29 60.94
CA LYS K 446 -10.51 -0.36 61.00
C LYS K 446 -11.04 0.29 62.27
N ASP K 447 -10.40 0.01 63.40
CA ASP K 447 -10.89 0.57 64.66
C ASP K 447 -10.76 2.09 64.68
N GLU K 448 -9.67 2.63 64.15
CA GLU K 448 -9.53 4.09 64.07
C GLU K 448 -10.62 4.70 63.21
N TYR K 449 -10.86 4.12 62.03
CA TYR K 449 -11.95 4.59 61.19
C TYR K 449 -13.28 4.58 61.94
N ARG K 450 -13.58 3.49 62.64
CA ARG K 450 -14.83 3.43 63.39
C ARG K 450 -14.91 4.53 64.43
N ASN K 451 -13.79 4.82 65.08
CA ASN K 451 -13.83 5.81 66.16
C ASN K 451 -13.94 7.24 65.65
N THR K 452 -13.67 7.49 64.37
CA THR K 452 -13.85 8.86 63.88
C THR K 452 -15.32 9.19 63.61
N LEU K 453 -16.18 8.19 63.52
CA LEU K 453 -17.54 8.43 63.04
C LEU K 453 -18.52 8.60 64.20
N PRO K 454 -19.64 9.31 63.97
CA PRO K 454 -20.66 9.44 65.01
C PRO K 454 -21.32 8.12 65.33
N LYS K 455 -21.88 8.03 66.53
CA LYS K 455 -22.36 6.74 67.03
C LYS K 455 -23.52 6.20 66.19
N GLY K 456 -24.43 7.05 65.77
CA GLY K 456 -25.60 6.59 65.05
C GLY K 456 -25.49 6.52 63.54
N SER K 457 -24.31 6.78 62.98
CA SER K 457 -24.19 6.88 61.54
C SER K 457 -24.37 5.52 60.87
N THR K 458 -24.92 5.54 59.65
CA THR K 458 -25.03 4.33 58.86
C THR K 458 -23.67 3.88 58.36
N THR K 459 -22.78 4.85 58.09
CA THR K 459 -21.43 4.51 57.69
C THR K 459 -20.73 3.72 58.78
N ARG K 460 -21.05 4.00 60.05
CA ARG K 460 -20.47 3.23 61.13
C ARG K 460 -20.95 1.78 61.10
N ASP K 461 -22.22 1.56 60.76
CA ASP K 461 -22.71 0.18 60.62
C ASP K 461 -21.98 -0.52 59.48
N ALA K 462 -21.80 0.18 58.37
CA ALA K 462 -21.08 -0.43 57.25
C ALA K 462 -19.65 -0.78 57.66
N VAL K 463 -18.99 0.10 58.40
CA VAL K 463 -17.64 -0.19 58.87
C VAL K 463 -17.64 -1.41 59.79
N ASP K 464 -18.62 -1.49 60.69
CA ASP K 464 -18.70 -2.65 61.57
C ASP K 464 -18.94 -3.94 60.80
N ARG K 465 -19.51 -3.85 59.60
CA ARG K 465 -19.79 -5.08 58.87
C ARG K 465 -18.56 -5.62 58.15
N THR K 466 -17.50 -4.82 57.99
CA THR K 466 -16.35 -5.26 57.21
C THR K 466 -15.39 -6.07 58.06
N LEU K 467 -14.44 -6.72 57.36
CA LEU K 467 -13.35 -7.45 57.99
C LEU K 467 -13.87 -8.50 58.97
N GLY K 468 -14.84 -9.28 58.51
CA GLY K 468 -15.45 -10.30 59.34
C GLY K 468 -14.81 -11.66 59.19
N THR L 27 28.71 -56.01 51.69
CA THR L 27 28.73 -57.15 50.77
C THR L 27 30.03 -57.18 49.97
N ILE L 28 30.26 -58.31 49.28
CA ILE L 28 31.48 -58.49 48.49
C ILE L 28 31.20 -58.61 47.01
N ASP L 29 29.94 -58.47 46.60
CA ASP L 29 29.58 -58.59 45.18
C ASP L 29 30.47 -57.70 44.33
N LEU L 30 31.29 -58.34 43.50
CA LEU L 30 32.26 -57.63 42.69
C LEU L 30 32.66 -58.55 41.53
N TYR L 31 33.67 -58.17 40.78
CA TYR L 31 34.25 -59.10 39.82
C TYR L 31 34.67 -60.37 40.55
N ALA L 32 34.38 -61.51 39.93
CA ALA L 32 34.64 -62.79 40.57
C ALA L 32 36.11 -62.89 40.96
N GLY L 33 36.35 -63.34 42.19
CA GLY L 33 37.68 -63.39 42.75
C GLY L 33 38.02 -62.26 43.70
N GLN L 34 37.05 -61.42 44.04
CA GLN L 34 37.33 -60.30 44.93
C GLN L 34 37.60 -60.79 46.35
N VAL L 35 38.67 -60.26 46.95
CA VAL L 35 39.05 -60.56 48.33
C VAL L 35 38.75 -59.34 49.17
N ARG L 36 38.03 -59.54 50.27
CA ARG L 36 37.72 -58.44 51.18
C ARG L 36 37.99 -58.85 52.62
N VAL L 37 38.64 -57.95 53.36
CA VAL L 37 38.98 -58.17 54.76
C VAL L 37 38.21 -57.15 55.61
N ILE L 38 37.47 -57.65 56.59
CA ILE L 38 36.62 -56.82 57.44
C ILE L 38 37.02 -57.06 58.89
N PRO L 39 37.55 -56.06 59.60
CA PRO L 39 37.87 -56.26 61.01
C PRO L 39 36.62 -56.29 61.86
N THR L 40 36.53 -57.29 62.74
CA THR L 40 35.38 -57.44 63.62
C THR L 40 35.88 -57.92 64.98
N LYS L 41 34.93 -58.26 65.86
CA LYS L 41 35.26 -58.85 67.14
C LYS L 41 35.69 -60.31 66.93
N PRO L 42 36.34 -60.91 67.94
CA PRO L 42 36.80 -62.30 67.78
C PRO L 42 35.70 -63.24 67.32
N VAL L 43 36.01 -64.02 66.29
CA VAL L 43 35.09 -64.99 65.71
C VAL L 43 35.80 -66.33 65.58
N LYS L 44 35.05 -67.41 65.83
CA LYS L 44 35.63 -68.74 65.74
C LYS L 44 36.04 -69.08 64.31
N ARG L 45 35.19 -68.75 63.34
CA ARG L 45 35.43 -69.05 61.94
C ARG L 45 34.51 -68.17 61.11
N VAL L 46 34.65 -68.28 59.79
CA VAL L 46 33.74 -67.65 58.86
C VAL L 46 33.34 -68.70 57.82
N ALA L 47 32.04 -68.89 57.63
CA ALA L 47 31.51 -69.91 56.73
C ALA L 47 30.41 -69.33 55.86
N ILE L 48 30.08 -70.07 54.79
CA ILE L 48 29.10 -69.63 53.80
C ILE L 48 28.08 -70.75 53.59
N GLY L 49 26.82 -70.36 53.38
CA GLY L 49 25.78 -71.35 53.17
C GLY L 49 26.01 -72.19 51.92
N ASP L 50 26.39 -71.54 50.82
CA ASP L 50 26.71 -72.22 49.57
C ASP L 50 28.22 -72.19 49.35
N GLY L 51 28.82 -73.37 49.25
CA GLY L 51 30.26 -73.43 49.10
C GLY L 51 30.74 -72.83 47.79
N LYS L 52 29.97 -73.01 46.73
CA LYS L 52 30.41 -72.54 45.41
C LYS L 52 30.47 -71.02 45.35
N VAL L 53 29.45 -70.35 45.87
CA VAL L 53 29.31 -68.91 45.63
C VAL L 53 30.43 -68.13 46.30
N LEU L 54 30.72 -68.43 47.56
CA LEU L 54 31.64 -67.61 48.33
C LEU L 54 32.48 -68.51 49.22
N SER L 55 33.72 -68.09 49.48
CA SER L 55 34.62 -68.83 50.36
C SER L 55 35.17 -67.87 51.42
N THR L 56 35.51 -68.42 52.58
CA THR L 56 35.79 -67.59 53.75
C THR L 56 36.92 -68.16 54.59
N THR L 57 37.67 -67.27 55.23
CA THR L 57 38.69 -67.63 56.21
C THR L 57 38.71 -66.59 57.31
N VAL L 58 38.82 -67.05 58.57
CA VAL L 58 38.98 -66.12 59.67
C VAL L 58 40.45 -65.75 59.81
N VAL L 59 40.73 -64.44 59.79
CA VAL L 59 42.09 -63.92 59.87
C VAL L 59 42.20 -63.08 61.13
N ASP L 60 43.35 -63.17 61.80
CA ASP L 60 43.66 -62.55 63.09
C ASP L 60 42.81 -63.13 64.21
N GLY L 61 41.94 -64.09 63.92
CA GLY L 61 41.03 -64.63 64.90
C GLY L 61 39.81 -63.78 65.15
N ASN L 62 39.75 -62.57 64.60
CA ASN L 62 38.63 -61.67 64.81
C ASN L 62 38.05 -61.23 63.48
N GLU L 63 38.92 -61.03 62.49
CA GLU L 63 38.52 -60.42 61.23
C GLU L 63 38.12 -61.47 60.21
N LEU L 64 37.34 -61.02 59.22
CA LEU L 64 36.82 -61.84 58.14
C LEU L 64 37.69 -61.63 56.91
N LEU L 65 37.98 -62.70 56.17
CA LEU L 65 38.57 -62.58 54.85
C LEU L 65 37.73 -63.42 53.89
N LEU L 66 37.05 -62.75 52.98
CA LEU L 66 36.14 -63.40 52.05
C LEU L 66 36.76 -63.40 50.67
N LEU L 67 36.94 -64.58 50.10
CA LEU L 67 37.26 -64.76 48.70
C LEU L 67 35.95 -64.90 47.94
N GLY L 68 35.73 -64.00 47.00
CA GLY L 68 34.49 -64.01 46.25
C GLY L 68 34.56 -64.88 45.01
N ASP L 69 34.12 -66.13 45.15
CA ASP L 69 34.05 -67.01 44.00
C ASP L 69 33.00 -66.53 43.01
N ALA L 70 31.86 -66.05 43.53
CA ALA L 70 30.79 -65.47 42.71
C ALA L 70 30.31 -66.44 41.65
N GLU L 71 30.14 -67.71 42.03
CA GLU L 71 29.62 -68.69 41.08
C GLU L 71 28.16 -68.40 40.73
N GLY L 72 27.38 -67.95 41.71
CA GLY L 72 25.99 -67.66 41.49
C GLY L 72 25.55 -66.45 42.27
N GLU L 73 24.33 -66.00 41.99
CA GLU L 73 23.74 -64.85 42.65
C GLU L 73 22.70 -65.33 43.67
N THR L 74 22.97 -65.09 44.95
CA THR L 74 22.07 -65.50 46.01
C THR L 74 22.46 -64.80 47.30
N SER L 75 21.56 -64.87 48.28
CA SER L 75 21.88 -64.44 49.62
C SER L 75 22.78 -65.47 50.30
N LEU L 76 23.51 -65.01 51.31
CA LEU L 76 24.48 -65.86 52.01
C LEU L 76 24.23 -65.81 53.51
N ARG L 77 24.49 -66.93 54.16
CA ARG L 77 24.48 -67.05 55.61
C ARG L 77 25.91 -67.28 56.08
N VAL L 78 26.31 -66.60 57.15
CA VAL L 78 27.68 -66.61 57.61
C VAL L 78 27.73 -67.05 59.06
N TRP L 79 28.65 -67.95 59.38
CA TRP L 79 28.80 -68.51 60.72
C TRP L 79 30.01 -67.89 61.41
N PHE L 80 29.85 -67.56 62.69
CA PHE L 80 30.94 -67.11 63.53
C PHE L 80 30.85 -67.81 64.88
N LYS L 81 31.66 -67.31 65.82
CA LYS L 81 31.47 -67.65 67.23
C LYS L 81 30.24 -66.96 67.79
N ASP L 82 30.18 -65.63 67.64
CA ASP L 82 29.00 -64.90 68.09
C ASP L 82 27.81 -65.15 67.18
N GLY L 83 28.06 -65.49 65.91
CA GLY L 83 27.03 -65.92 65.01
C GLY L 83 26.24 -64.82 64.32
N SER L 84 26.67 -63.57 64.44
CA SER L 84 25.99 -62.49 63.73
C SER L 84 26.08 -62.70 62.22
N GLU L 85 24.95 -62.57 61.54
CA GLU L 85 24.86 -62.84 60.11
C GLU L 85 24.50 -61.57 59.35
N ALA L 86 25.31 -61.23 58.35
CA ALA L 86 25.04 -60.13 57.44
C ALA L 86 24.86 -60.72 56.05
N ALA L 87 23.62 -60.75 55.58
CA ALA L 87 23.33 -61.36 54.28
C ALA L 87 24.01 -60.61 53.16
N TYR L 88 24.69 -61.35 52.29
CA TYR L 88 25.42 -60.79 51.16
C TYR L 88 24.79 -61.26 49.87
N ARG L 89 24.54 -60.32 48.96
CA ARG L 89 24.12 -60.64 47.59
C ARG L 89 25.33 -60.46 46.68
N VAL L 90 25.65 -61.51 45.92
CA VAL L 90 26.88 -61.56 45.14
C VAL L 90 26.54 -61.62 43.67
N LEU L 91 27.14 -60.73 42.88
CA LEU L 91 26.97 -60.72 41.43
C LEU L 91 28.34 -60.60 40.78
N VAL L 92 28.51 -61.25 39.63
CA VAL L 92 29.76 -61.17 38.89
C VAL L 92 29.81 -59.87 38.10
N ALA L 93 31.00 -59.29 38.02
CA ALA L 93 31.11 -58.07 37.23
C ALA L 93 31.52 -58.40 35.80
N PRO L 94 30.69 -58.09 34.80
CA PRO L 94 31.02 -58.29 33.39
C PRO L 94 32.33 -57.61 32.99
N VAL L 97 29.21 -55.66 37.38
CA VAL L 97 28.53 -54.70 38.22
C VAL L 97 29.40 -54.32 39.42
N GLY L 98 29.93 -55.31 40.15
CA GLY L 98 30.65 -54.99 41.37
C GLY L 98 31.95 -54.25 41.12
N ARG L 99 32.74 -54.72 40.16
CA ARG L 99 33.97 -54.03 39.82
C ARG L 99 33.67 -52.64 39.28
N ALA L 100 32.69 -52.54 38.38
CA ALA L 100 32.31 -51.25 37.84
C ALA L 100 31.77 -50.34 38.94
N ALA L 101 30.99 -50.89 39.86
CA ALA L 101 30.52 -50.09 40.99
C ALA L 101 31.69 -49.54 41.79
N GLU L 102 32.70 -50.37 42.03
CA GLU L 102 33.86 -49.90 42.78
C GLU L 102 34.56 -48.78 42.02
N GLU L 103 34.71 -48.94 40.71
CA GLU L 103 35.40 -47.92 39.92
C GLU L 103 34.65 -46.60 39.95
N MET L 104 33.34 -46.61 39.71
CA MET L 104 32.59 -45.36 39.73
C MET L 104 32.55 -44.78 41.13
N ARG L 105 32.55 -45.63 42.16
CA ARG L 105 32.62 -45.11 43.52
C ARG L 105 33.92 -44.36 43.76
N GLU L 106 35.03 -44.89 43.24
CA GLU L 106 36.31 -44.19 43.38
C GLU L 106 36.30 -42.89 42.59
N LEU L 107 35.84 -42.93 41.35
CA LEU L 107 35.90 -41.74 40.51
C LEU L 107 35.02 -40.62 41.06
N MET L 108 33.81 -40.96 41.49
CA MET L 108 32.94 -39.97 42.11
C MET L 108 33.49 -39.54 43.47
N GLY L 109 34.05 -40.49 44.22
CA GLY L 109 34.57 -40.19 45.54
C GLY L 109 35.71 -39.19 45.54
N ALA L 115 27.80 -36.07 47.76
CA ALA L 115 26.46 -36.32 48.28
C ALA L 115 25.82 -37.50 47.56
N LYS L 116 26.38 -37.85 46.42
CA LYS L 116 25.91 -38.98 45.64
C LYS L 116 26.13 -40.29 46.39
N ILE L 117 25.14 -41.17 46.31
CA ILE L 117 25.18 -42.47 46.98
C ILE L 117 25.19 -43.56 45.91
N ARG L 118 26.03 -44.56 46.12
CA ARG L 118 26.24 -45.65 45.17
C ARG L 118 25.75 -46.95 45.78
N VAL L 119 24.91 -47.69 45.03
CA VAL L 119 24.48 -49.01 45.47
C VAL L 119 24.56 -49.98 44.30
N VAL L 120 24.50 -51.27 44.62
CA VAL L 120 24.71 -52.30 43.61
C VAL L 120 23.39 -52.84 43.08
N GLY L 121 22.54 -53.35 43.98
CA GLY L 121 21.26 -53.90 43.55
C GLY L 121 21.47 -55.01 42.54
N ASP L 122 20.73 -54.93 41.43
CA ASP L 122 21.02 -55.72 40.24
C ASP L 122 21.81 -54.96 39.20
N HIS L 123 21.42 -53.72 38.91
CA HIS L 123 22.21 -52.81 38.11
C HIS L 123 22.71 -51.72 39.02
N VAL L 124 23.96 -51.29 38.79
CA VAL L 124 24.55 -50.27 39.63
C VAL L 124 23.69 -49.01 39.60
N VAL L 125 23.38 -48.48 40.79
CA VAL L 125 22.40 -47.42 40.94
C VAL L 125 23.06 -46.24 41.65
N VAL L 126 22.83 -45.05 41.11
CA VAL L 126 23.31 -43.80 41.70
C VAL L 126 22.11 -42.97 42.11
N ASP L 127 22.11 -42.48 43.35
CA ASP L 127 20.99 -41.69 43.81
C ASP L 127 21.46 -40.56 44.72
N GLY L 128 20.76 -39.43 44.66
CA GLY L 128 21.07 -38.30 45.49
C GLY L 128 19.98 -37.25 45.39
N LYS L 129 19.89 -36.42 46.41
CA LYS L 129 18.77 -35.47 46.47
C LYS L 129 19.07 -34.20 45.68
N ASN L 130 20.10 -33.45 46.09
CA ASN L 130 20.35 -32.11 45.55
C ASN L 130 21.80 -32.06 45.08
N LEU L 131 22.04 -32.49 43.85
CA LEU L 131 23.40 -32.53 43.34
C LEU L 131 23.65 -31.40 42.36
N ALA L 132 24.86 -30.86 42.41
CA ALA L 132 25.23 -29.77 41.52
C ALA L 132 25.26 -30.27 40.08
N PRO L 133 24.99 -29.39 39.12
CA PRO L 133 24.97 -29.83 37.72
C PRO L 133 26.27 -30.45 37.27
N THR L 134 27.40 -30.00 37.82
CA THR L 134 28.68 -30.61 37.48
C THR L 134 28.71 -32.08 37.87
N THR L 135 28.18 -32.41 39.05
CA THR L 135 28.20 -33.79 39.49
C THR L 135 27.29 -34.66 38.64
N LEU L 136 26.13 -34.14 38.23
CA LEU L 136 25.29 -34.87 37.29
C LEU L 136 25.99 -35.08 35.96
N ALA L 137 26.70 -34.07 35.47
CA ALA L 137 27.43 -34.22 34.22
C ALA L 137 28.51 -35.29 34.35
N ARG L 138 29.23 -35.29 35.46
CA ARG L 138 30.23 -36.32 35.71
C ARG L 138 29.60 -37.70 35.74
N VAL L 139 28.44 -37.83 36.38
CA VAL L 139 27.78 -39.12 36.48
C VAL L 139 27.34 -39.62 35.12
N ARG L 140 26.73 -38.75 34.31
CA ARG L 140 26.26 -39.20 33.00
C ARG L 140 27.43 -39.43 32.06
N ALA L 141 28.57 -38.80 32.33
CA ALA L 141 29.78 -39.14 31.58
C ALA L 141 30.26 -40.54 31.93
N LEU L 142 30.33 -40.86 33.22
CA LEU L 142 30.70 -42.20 33.64
C LEU L 142 29.67 -43.25 33.25
N GLN L 143 28.47 -42.81 32.87
CA GLN L 143 27.47 -43.76 32.38
C GLN L 143 27.98 -44.58 31.21
N ALA L 144 28.90 -44.03 30.42
CA ALA L 144 29.39 -44.75 29.24
C ALA L 144 30.29 -45.91 29.64
N LEU L 145 30.78 -45.92 30.88
CA LEU L 145 31.69 -46.98 31.30
C LEU L 145 30.98 -48.34 31.33
N TYR L 146 29.74 -48.37 31.81
CA TYR L 146 28.97 -49.61 31.88
C TYR L 146 27.56 -49.31 31.41
N PRO L 147 27.01 -50.11 30.50
CA PRO L 147 25.65 -49.83 30.00
C PRO L 147 24.55 -49.88 31.05
N LYS L 148 24.46 -50.93 31.86
CA LYS L 148 23.34 -51.07 32.80
C LYS L 148 23.65 -50.25 34.07
N THR L 149 23.40 -48.95 33.99
CA THR L 149 23.46 -48.08 35.15
C THR L 149 22.13 -47.37 35.28
N ILE L 150 21.66 -47.23 36.51
CA ILE L 150 20.40 -46.55 36.78
C ILE L 150 20.71 -45.29 37.57
N VAL L 151 20.30 -44.15 37.03
CA VAL L 151 20.57 -42.85 37.60
C VAL L 151 19.26 -42.33 38.21
N LEU L 152 19.21 -42.29 39.53
CA LEU L 152 18.04 -41.81 40.25
C LEU L 152 18.27 -40.46 40.91
N ALA L 153 19.49 -39.93 40.85
CA ALA L 153 19.79 -38.68 41.49
C ALA L 153 19.12 -37.52 40.77
N THR L 154 18.80 -36.48 41.53
CA THR L 154 18.10 -35.32 41.01
C THR L 154 18.90 -34.05 41.24
N PRO L 155 18.75 -33.06 40.37
CA PRO L 155 19.47 -31.79 40.55
C PRO L 155 18.79 -30.88 41.56
N SER L 156 19.54 -29.87 41.98
CA SER L 156 18.99 -28.82 42.82
C SER L 156 18.09 -27.91 42.00
N PRO L 157 17.17 -27.21 42.64
CA PRO L 157 16.36 -26.23 41.89
C PRO L 157 17.21 -25.18 41.21
N PHE L 158 18.27 -24.74 41.87
CA PHE L 158 19.19 -23.75 41.34
C PHE L 158 20.48 -23.86 42.12
N ASP L 159 21.49 -23.12 41.67
CA ASP L 159 22.79 -23.11 42.32
C ASP L 159 23.01 -21.75 42.96
N MET L 160 23.40 -21.75 44.23
CA MET L 160 23.73 -20.48 44.87
C MET L 160 25.03 -19.95 44.31
N GLU L 161 24.97 -18.74 43.76
CA GLU L 161 26.12 -18.10 43.15
C GLU L 161 26.72 -17.11 44.13
N LYS L 162 27.96 -16.74 43.86
CA LYS L 162 28.61 -15.70 44.65
C LYS L 162 27.96 -14.35 44.36
N MET L 163 27.87 -13.53 45.39
CA MET L 163 27.31 -12.19 45.30
C MET L 163 28.44 -11.17 45.21
N VAL L 164 28.27 -10.18 44.35
CA VAL L 164 29.32 -9.21 44.06
C VAL L 164 28.79 -7.82 44.35
N TRP L 165 29.56 -7.04 45.09
CA TRP L 165 29.27 -5.66 45.41
C TRP L 165 30.14 -4.77 44.52
N LEU L 166 29.50 -3.78 43.89
CA LEU L 166 30.21 -2.86 43.00
C LEU L 166 30.10 -1.44 43.52
N ASP L 167 31.24 -0.78 43.62
CA ASP L 167 31.32 0.59 44.10
C ASP L 167 31.92 1.48 43.02
N VAL L 168 31.20 2.52 42.62
CA VAL L 168 31.60 3.37 41.51
C VAL L 168 31.72 4.80 42.00
N ASN L 169 32.77 5.50 41.58
CA ASN L 169 32.95 6.91 41.88
C ASN L 169 33.19 7.69 40.61
N ILE L 170 32.52 8.83 40.48
CA ILE L 170 32.60 9.71 39.33
C ILE L 170 32.85 11.12 39.85
N LEU L 171 34.05 11.65 39.60
CA LEU L 171 34.41 12.98 40.08
C LEU L 171 34.64 13.89 38.89
N GLU L 172 34.08 15.09 38.94
CA GLU L 172 34.25 16.05 37.86
C GLU L 172 34.42 17.47 38.41
N ILE L 173 35.33 18.23 37.81
CA ILE L 173 35.55 19.62 38.17
C ILE L 173 35.69 20.45 36.91
N ARG L 174 35.00 21.59 36.85
CA ARG L 174 35.09 22.51 35.73
C ARG L 174 35.42 23.90 36.23
N LYS L 175 36.31 24.60 35.54
CA LYS L 175 36.63 25.98 35.84
C LYS L 175 36.66 26.79 34.56
N SER L 176 36.28 28.06 34.65
CA SER L 176 36.31 28.93 33.48
C SER L 176 36.51 30.38 33.88
N VAL L 177 37.15 31.12 32.98
CA VAL L 177 37.41 32.55 33.12
C VAL L 177 37.03 33.23 31.82
N LEU L 178 36.39 34.40 31.92
CA LEU L 178 36.00 35.17 30.75
C LEU L 178 36.31 36.64 30.97
N GLU L 179 36.93 37.30 29.99
CA GLU L 179 37.28 38.71 30.09
C GLU L 179 36.96 39.41 28.79
N ASN L 180 36.54 40.67 28.87
CA ASN L 180 36.21 41.46 27.69
C ASN L 180 36.50 42.92 28.02
N PHE L 181 37.64 43.43 27.57
CA PHE L 181 38.05 44.76 28.00
C PHE L 181 38.67 45.56 26.87
N GLY L 182 38.44 46.86 26.89
CA GLY L 182 39.06 47.77 25.97
C GLY L 182 38.06 48.74 25.38
N VAL L 183 38.48 49.40 24.30
CA VAL L 183 37.66 50.34 23.57
C VAL L 183 37.57 49.88 22.13
N ASP L 184 36.36 49.81 21.60
CA ASP L 184 36.08 49.31 20.26
C ASP L 184 35.60 50.48 19.40
N TRP L 185 36.38 50.85 18.39
CA TRP L 185 36.03 51.98 17.54
C TRP L 185 35.41 51.51 16.22
N SER L 186 35.01 52.48 15.40
CA SER L 186 34.50 52.20 14.08
C SER L 186 35.65 51.95 13.12
N LYS L 187 35.48 51.00 12.19
CA LYS L 187 36.52 50.66 11.25
C LYS L 187 36.17 51.00 9.80
N GLN L 188 34.96 51.48 9.53
CA GLN L 188 34.56 51.86 8.19
C GLN L 188 33.79 53.17 8.30
N ILE L 189 34.33 54.22 7.70
CA ILE L 189 33.70 55.53 7.79
C ILE L 189 33.55 56.12 6.38
N PRO L 190 32.58 56.99 6.16
CA PRO L 190 32.42 57.60 4.83
C PRO L 190 33.65 58.40 4.44
N GLY L 191 33.93 58.41 3.13
CA GLY L 191 35.05 59.16 2.62
C GLY L 191 34.61 60.43 1.90
N PRO L 192 35.56 61.09 1.25
CA PRO L 192 35.24 62.35 0.56
C PRO L 192 34.37 62.13 -0.67
N PHE L 193 33.70 63.19 -1.09
CA PHE L 193 32.80 63.17 -2.23
C PHE L 193 33.09 64.36 -3.14
N ALA L 194 32.81 64.17 -4.43
CA ALA L 194 32.96 65.20 -5.44
C ALA L 194 31.90 65.03 -6.50
N ALA L 195 31.41 66.15 -7.03
CA ALA L 195 30.39 66.11 -8.07
C ALA L 195 30.51 67.35 -8.95
N PHE L 196 30.28 67.14 -10.23
CA PHE L 196 30.31 68.20 -11.24
C PHE L 196 29.06 68.08 -12.10
N GLY L 197 28.56 69.21 -12.57
CA GLY L 197 27.40 69.18 -13.44
C GLY L 197 27.27 70.45 -14.27
N LYS L 198 27.01 70.32 -15.56
CA LYS L 198 26.93 71.50 -16.41
C LYS L 198 25.99 71.26 -17.58
N ASP L 199 25.48 72.36 -18.13
CA ASP L 199 24.61 72.36 -19.30
C ASP L 199 25.27 73.24 -20.37
N PHE L 200 25.90 72.61 -21.35
CA PHE L 200 26.58 73.38 -22.39
C PHE L 200 25.58 74.10 -23.29
N VAL L 201 24.54 73.41 -23.71
CA VAL L 201 23.41 74.02 -24.41
C VAL L 201 22.17 73.77 -23.58
N GLY L 202 21.78 74.77 -22.79
CA GLY L 202 20.85 74.55 -21.71
C GLY L 202 19.41 74.48 -22.14
N PRO L 203 18.55 74.02 -21.24
CA PRO L 203 17.12 74.01 -21.54
C PRO L 203 16.57 75.42 -21.64
N ARG L 204 15.45 75.56 -22.32
CA ARG L 204 14.76 76.83 -22.42
C ARG L 204 13.49 76.78 -21.58
N ASN L 205 13.25 77.85 -20.83
CA ASN L 205 12.05 77.99 -20.02
C ASN L 205 11.06 78.87 -20.78
N VAL L 206 9.84 78.36 -20.97
CA VAL L 206 8.83 79.04 -21.76
C VAL L 206 7.50 78.99 -21.00
N ALA L 207 6.51 79.71 -21.53
CA ALA L 207 5.18 79.71 -20.96
C ALA L 207 4.27 78.87 -21.86
N THR L 208 3.52 77.95 -21.26
CA THR L 208 2.68 77.05 -22.03
C THR L 208 1.30 76.96 -21.40
N ILE L 209 0.31 76.64 -22.22
CA ILE L 209 -1.07 76.45 -21.79
C ILE L 209 -1.40 74.97 -21.96
N PRO L 210 -1.70 74.24 -20.90
CA PRO L 210 -1.97 72.81 -21.03
C PRO L 210 -3.22 72.54 -21.87
N LEU L 211 -3.19 71.43 -22.59
CA LEU L 211 -4.34 71.03 -23.41
C LEU L 211 -5.53 70.68 -22.53
N GLY L 212 -6.72 71.07 -22.99
CA GLY L 212 -7.92 70.80 -22.25
C GLY L 212 -8.22 71.79 -21.14
N GLN L 213 -7.44 72.85 -21.03
CA GLN L 213 -7.60 73.86 -19.99
C GLN L 213 -8.34 75.06 -20.57
N ASP L 214 -9.01 75.79 -19.70
CA ASP L 214 -9.73 76.98 -20.13
C ASP L 214 -8.76 78.01 -20.70
N LEU L 215 -9.21 78.74 -21.72
CA LEU L 215 -8.31 79.67 -22.39
C LEU L 215 -8.04 80.90 -21.55
N THR L 216 -8.95 81.25 -20.64
CA THR L 216 -8.76 82.46 -19.85
C THR L 216 -7.72 82.27 -18.75
N GLN L 217 -7.50 81.03 -18.35
CA GLN L 217 -6.62 80.78 -17.21
C GLN L 217 -5.19 81.14 -17.55
N PRO L 218 -4.40 81.61 -16.58
CA PRO L 218 -3.05 82.07 -16.88
C PRO L 218 -2.15 80.91 -17.25
N PRO L 219 -1.10 81.17 -18.01
CA PRO L 219 -0.20 80.10 -18.45
C PRO L 219 0.61 79.54 -17.29
N VAL L 220 1.30 78.43 -17.56
CA VAL L 220 2.15 77.80 -16.58
C VAL L 220 3.55 77.65 -17.17
N ALA L 221 4.48 77.24 -16.32
CA ALA L 221 5.86 77.08 -16.74
C ALA L 221 6.05 75.77 -17.49
N GLY L 222 6.70 75.86 -18.65
CA GLY L 222 7.02 74.68 -19.44
C GLY L 222 8.42 74.84 -19.98
N THR L 223 8.86 73.84 -20.74
CA THR L 223 10.25 73.78 -21.16
C THR L 223 10.33 73.34 -22.61
N GLY L 224 11.51 73.55 -23.19
CA GLY L 224 11.89 72.93 -24.43
C GLY L 224 12.42 71.54 -24.18
N VAL L 225 13.35 71.11 -25.02
CA VAL L 225 13.96 69.81 -24.81
C VAL L 225 14.88 69.90 -23.60
N ARG L 226 14.64 69.02 -22.62
CA ARG L 226 15.39 69.03 -21.37
C ARG L 226 15.52 67.61 -20.88
N VAL L 227 16.72 67.24 -20.46
CA VAL L 227 17.03 65.87 -20.08
C VAL L 227 17.31 65.82 -18.59
N THR L 228 16.73 64.83 -17.92
CA THR L 228 17.11 64.50 -16.55
C THR L 228 17.80 63.15 -16.56
N PRO L 229 19.13 63.09 -16.57
CA PRO L 229 19.80 61.82 -16.77
C PRO L 229 19.57 60.90 -15.60
N PRO L 230 19.55 59.59 -15.82
CA PRO L 230 19.47 58.65 -14.71
C PRO L 230 20.79 58.58 -13.96
N LEU L 231 20.71 58.65 -12.64
CA LEU L 231 21.89 58.54 -11.78
C LEU L 231 21.98 57.09 -11.32
N GLY L 232 22.93 56.35 -11.88
CA GLY L 232 22.96 54.92 -11.61
C GLY L 232 23.34 54.60 -10.17
N SER L 233 24.62 54.74 -9.84
CA SER L 233 25.08 54.49 -8.49
C SER L 233 25.08 55.73 -7.61
N LEU L 234 24.77 56.88 -8.17
CA LEU L 234 24.70 58.13 -7.42
C LEU L 234 23.27 58.47 -7.00
N ASN L 235 22.33 57.54 -7.19
CA ASN L 235 20.93 57.84 -6.94
C ASN L 235 20.71 58.17 -5.47
N GLY L 236 20.06 59.30 -5.22
CA GLY L 236 19.83 59.76 -3.87
C GLY L 236 20.96 60.56 -3.28
N ALA L 237 22.11 60.62 -3.93
CA ALA L 237 23.22 61.43 -3.46
C ALA L 237 23.20 62.84 -4.03
N ILE L 238 22.93 62.98 -5.32
CA ILE L 238 22.78 64.27 -5.96
C ILE L 238 21.31 64.62 -6.02
N ASP L 239 20.97 65.87 -5.73
CA ASP L 239 19.58 66.30 -5.68
C ASP L 239 19.16 66.80 -7.05
N LEU L 240 18.12 66.19 -7.61
CA LEU L 240 17.60 66.57 -8.91
C LEU L 240 16.24 67.26 -8.85
N ALA L 241 15.45 67.00 -7.82
CA ALA L 241 14.12 67.61 -7.72
C ALA L 241 14.22 69.11 -7.56
N ASN L 242 15.19 69.58 -6.79
CA ASN L 242 15.30 70.99 -6.44
C ASN L 242 16.37 71.72 -7.23
N LEU L 243 16.87 71.12 -8.31
CA LEU L 243 17.97 71.70 -9.06
C LEU L 243 17.45 72.60 -10.18
N ALA L 244 17.91 73.84 -10.20
CA ALA L 244 17.60 74.75 -11.29
C ALA L 244 18.31 74.27 -12.55
N ARG L 245 17.56 74.17 -13.66
CA ARG L 245 18.10 73.43 -14.81
C ARG L 245 19.10 74.22 -15.63
N PRO L 246 18.92 75.50 -15.93
CA PRO L 246 20.06 76.24 -16.47
C PRO L 246 21.09 76.36 -15.36
N ILE L 247 21.88 75.30 -15.20
CA ILE L 247 22.58 75.01 -13.95
C ILE L 247 23.48 76.18 -13.57
N ALA L 248 23.27 76.70 -12.36
CA ALA L 248 24.12 77.72 -11.76
C ALA L 248 24.80 77.10 -10.55
N GLY L 249 26.13 77.02 -10.61
CA GLY L 249 26.87 76.33 -9.57
C GLY L 249 27.16 74.91 -9.98
N THR L 250 28.40 74.64 -10.39
CA THR L 250 28.67 73.40 -11.09
C THR L 250 29.30 72.35 -10.18
N THR L 251 30.15 72.76 -9.23
CA THR L 251 30.99 71.84 -8.50
C THR L 251 30.60 71.78 -7.03
N ASN L 252 30.68 70.58 -6.45
CA ASN L 252 30.55 70.39 -5.01
C ASN L 252 31.56 69.35 -4.57
N PHE L 253 32.43 69.72 -3.64
CA PHE L 253 33.53 68.87 -3.19
C PHE L 253 33.65 69.00 -1.68
N GLY L 254 33.62 67.88 -0.97
CA GLY L 254 33.64 67.95 0.47
C GLY L 254 33.73 66.58 1.11
N ILE L 255 33.44 66.55 2.41
CA ILE L 255 33.50 65.32 3.20
C ILE L 255 32.67 65.48 4.47
N ILE L 256 31.98 64.42 4.85
CA ILE L 256 31.22 64.34 6.10
C ILE L 256 31.46 62.94 6.67
N THR L 257 32.08 62.86 7.84
CA THR L 257 32.49 61.58 8.40
C THR L 257 32.60 61.68 9.91
N GLY L 258 32.70 60.52 10.57
CA GLY L 258 32.80 60.47 12.02
C GLY L 258 33.11 59.09 12.52
N VAL L 259 33.32 58.97 13.83
CA VAL L 259 33.64 57.70 14.48
C VAL L 259 32.83 57.55 15.76
N LEU L 260 32.52 56.30 16.10
CA LEU L 260 31.83 55.95 17.34
C LEU L 260 32.62 54.85 18.03
N SER L 261 32.43 54.73 19.34
CA SER L 261 33.20 53.78 20.14
C SER L 261 32.33 53.17 21.22
N THR L 262 32.84 52.09 21.81
CA THR L 262 32.21 51.37 22.90
C THR L 262 33.27 50.96 23.91
N ILE L 263 32.94 50.97 25.19
CA ILE L 263 33.88 50.65 26.26
C ILE L 263 33.45 49.37 26.96
N ASN L 264 34.40 48.45 27.15
CA ASN L 264 34.14 47.12 27.69
C ASN L 264 35.03 46.91 28.90
N PHE L 265 34.45 46.49 30.03
CA PHE L 265 35.22 46.06 31.20
C PHE L 265 34.57 44.86 31.89
N ALA L 266 34.14 43.86 31.14
CA ALA L 266 33.46 42.70 31.68
C ALA L 266 34.45 41.64 32.14
N LEU L 267 34.13 40.95 33.22
CA LEU L 267 35.06 40.01 33.84
C LEU L 267 34.30 39.00 34.70
N SER L 268 34.53 37.71 34.48
CA SER L 268 33.74 36.66 35.11
C SER L 268 34.56 35.42 35.38
N ASN L 269 34.14 34.67 36.39
CA ASN L 269 34.73 33.39 36.76
C ASN L 269 33.61 32.39 37.02
N GLY L 270 33.94 31.12 36.91
CA GLY L 270 32.97 30.07 37.17
C GLY L 270 33.62 28.79 37.62
N ASP L 271 33.07 28.17 38.67
CA ASP L 271 33.55 26.89 39.17
C ASP L 271 32.38 25.95 39.33
N ALA L 272 32.58 24.69 39.03
CA ALA L 272 31.56 23.68 39.29
C ALA L 272 32.23 22.38 39.70
N TYR L 273 31.66 21.73 40.71
CA TYR L 273 32.18 20.48 41.25
C TYR L 273 31.08 19.46 41.31
N LEU L 274 31.43 18.18 41.18
CA LEU L 274 30.46 17.13 41.50
C LEU L 274 31.15 15.82 41.77
N ILE L 275 30.56 15.06 42.68
CA ILE L 275 30.92 13.66 42.93
C ILE L 275 29.64 12.84 42.93
N ALA L 276 29.66 11.72 42.22
CA ALA L 276 28.57 10.76 42.28
C ALA L 276 29.14 9.43 42.73
N ASN L 277 28.51 8.82 43.74
CA ASN L 277 29.01 7.61 44.35
C ASN L 277 27.90 6.57 44.44
N PRO L 278 27.52 5.98 43.30
CA PRO L 278 26.51 4.92 43.33
C PRO L 278 27.13 3.58 43.68
N GLN L 279 26.33 2.70 44.27
CA GLN L 279 26.77 1.37 44.66
C GLN L 279 25.69 0.36 44.38
N LEU L 280 26.06 -0.82 43.88
CA LEU L 280 25.11 -1.86 43.55
C LEU L 280 25.53 -3.21 44.13
N SER L 281 24.61 -4.14 44.08
CA SER L 281 24.86 -5.54 44.39
C SER L 281 24.26 -6.40 43.29
N ALA L 282 24.92 -7.50 42.96
CA ALA L 282 24.41 -8.40 41.93
C ALA L 282 25.02 -9.77 42.08
N ARG L 283 24.22 -10.80 41.81
CA ARG L 283 24.74 -12.16 41.87
C ARG L 283 25.52 -12.48 40.60
N SER L 284 26.44 -13.43 40.72
CA SER L 284 27.27 -13.81 39.59
C SER L 284 26.42 -14.41 38.49
N GLY L 285 26.62 -13.93 37.26
CA GLY L 285 25.83 -14.40 36.16
C GLY L 285 24.53 -13.67 35.96
N GLY L 286 24.20 -12.71 36.81
CA GLY L 286 23.01 -11.92 36.66
C GLY L 286 23.34 -10.52 36.20
N ARG L 287 22.37 -9.63 36.34
CA ARG L 287 22.52 -8.25 35.93
C ARG L 287 21.74 -7.35 36.87
N THR L 288 22.27 -6.16 37.14
CA THR L 288 21.53 -5.18 37.91
C THR L 288 21.62 -3.82 37.25
N ASP L 289 20.48 -3.11 37.20
CA ASP L 289 20.36 -1.78 36.65
C ASP L 289 19.88 -0.83 37.72
N PHE L 290 20.41 0.38 37.72
CA PHE L 290 20.07 1.39 38.71
C PHE L 290 19.93 2.74 38.03
N LEU L 291 18.91 3.49 38.41
CA LEU L 291 18.65 4.82 37.85
C LEU L 291 18.17 5.75 38.95
N ALA L 292 18.89 6.84 39.15
CA ALA L 292 18.50 7.87 40.10
C ALA L 292 18.47 9.19 39.34
N GLY L 293 17.27 9.69 39.06
CA GLY L 293 17.15 10.79 38.13
C GLY L 293 15.73 11.06 37.71
N GLY L 294 15.47 11.09 36.42
CA GLY L 294 14.13 11.38 35.96
C GLY L 294 13.92 10.93 34.54
N GLN L 295 12.69 11.16 34.07
CA GLN L 295 12.30 10.90 32.69
C GLN L 295 11.63 12.15 32.13
N VAL L 296 11.90 12.45 30.87
CA VAL L 296 11.31 13.62 30.22
C VAL L 296 10.58 13.18 28.96
N PRO L 297 9.50 13.87 28.57
CA PRO L 297 8.73 13.44 27.40
C PRO L 297 9.37 13.94 26.10
N ILE L 298 9.45 13.05 25.12
CA ILE L 298 10.06 13.32 23.83
C ILE L 298 9.07 12.96 22.74
N LEU L 299 8.90 13.85 21.77
CA LEU L 299 7.87 13.72 20.75
C LEU L 299 8.49 13.12 19.49
N GLN L 300 8.45 11.80 19.37
CA GLN L 300 9.04 11.13 18.23
C GLN L 300 8.13 10.00 17.78
N ALA L 301 7.98 9.86 16.46
CA ALA L 301 7.04 8.89 15.90
C ALA L 301 7.56 8.43 14.54
N LEU L 302 7.07 7.26 14.13
CA LEU L 302 7.43 6.71 12.82
C LEU L 302 6.87 7.59 11.71
N ALA L 303 7.71 7.87 10.71
CA ALA L 303 7.27 8.53 9.49
C ALA L 303 6.72 9.93 9.74
N ALA L 304 6.08 10.50 8.73
CA ALA L 304 5.34 11.76 8.82
C ALA L 304 6.24 12.96 8.99
N GLY L 305 5.66 14.16 8.95
CA GLY L 305 6.42 15.38 8.98
C GLY L 305 5.59 16.60 9.34
N GLN L 310 0.91 12.82 18.20
CA GLN L 310 2.00 11.98 17.72
C GLN L 310 2.26 10.80 18.66
N ASN L 311 3.51 10.36 18.70
CA ASN L 311 3.98 9.36 19.63
C ASN L 311 4.86 10.03 20.68
N VAL L 312 4.58 9.76 21.95
CA VAL L 312 5.35 10.31 23.05
C VAL L 312 6.12 9.18 23.71
N THR L 313 7.44 9.32 23.75
CA THR L 313 8.29 8.40 24.49
C THR L 313 8.92 9.17 25.64
N TYR L 314 9.66 8.45 26.48
CA TYR L 314 10.29 9.05 27.65
C TYR L 314 11.78 8.73 27.65
N LYS L 315 12.59 9.77 27.90
CA LYS L 315 14.03 9.63 27.95
C LYS L 315 14.53 9.79 29.38
N ASP L 316 15.43 8.90 29.79
CA ASP L 316 15.97 8.88 31.13
C ASP L 316 17.20 9.76 31.23
N TYR L 317 17.30 10.50 32.33
CA TYR L 317 18.48 11.27 32.65
C TYR L 317 18.77 11.13 34.13
N GLY L 318 19.99 11.49 34.53
CA GLY L 318 20.40 11.34 35.91
C GLY L 318 21.65 10.50 36.03
N ILE L 319 21.67 9.66 37.05
CA ILE L 319 22.77 8.75 37.30
C ILE L 319 22.31 7.35 36.97
N LYS L 320 22.98 6.71 36.02
CA LYS L 320 22.58 5.39 35.54
C LYS L 320 23.76 4.44 35.65
N LEU L 321 23.47 3.22 36.10
CA LEU L 321 24.47 2.19 36.30
C LEU L 321 23.92 0.87 35.79
N GLU L 322 24.79 0.08 35.16
CA GLU L 322 24.46 -1.31 34.82
C GLU L 322 25.66 -2.19 35.08
N PHE L 323 25.41 -3.34 35.71
CA PHE L 323 26.49 -4.20 36.18
C PHE L 323 26.18 -5.64 35.78
N GLU L 324 27.16 -6.30 35.14
CA GLU L 324 27.03 -7.71 34.74
C GLU L 324 28.26 -8.51 35.13
N PRO L 325 28.33 -9.07 36.34
CA PRO L 325 29.56 -9.72 36.81
C PRO L 325 29.59 -11.22 36.58
N ARG L 326 30.81 -11.77 36.59
CA ARG L 326 31.06 -13.21 36.59
C ARG L 326 32.30 -13.47 37.43
N VAL L 327 32.28 -14.54 38.21
CA VAL L 327 33.27 -14.76 39.26
C VAL L 327 33.94 -16.10 39.08
N ASP L 328 35.27 -16.11 39.27
CA ASP L 328 36.09 -17.30 39.18
C ASP L 328 36.22 -17.99 40.53
N ASP L 329 36.96 -19.10 40.56
CA ASP L 329 37.22 -19.81 41.80
C ASP L 329 38.24 -19.10 42.68
N ASP L 330 38.99 -18.15 42.14
CA ASP L 330 39.92 -17.35 42.91
C ASP L 330 39.36 -15.98 43.24
N ASN L 331 38.06 -15.79 43.07
CA ASN L 331 37.36 -14.54 43.30
C ASN L 331 37.79 -13.44 42.33
N ASN L 332 38.42 -13.77 41.22
CA ASN L 332 38.61 -12.79 40.15
C ASN L 332 37.26 -12.48 39.51
N VAL L 333 37.06 -11.23 39.15
CA VAL L 333 35.78 -10.76 38.65
C VAL L 333 35.97 -10.26 37.23
N SER L 334 35.22 -10.83 36.30
CA SER L 334 35.13 -10.34 34.93
C SER L 334 33.78 -9.66 34.77
N MET L 335 33.79 -8.39 34.36
CA MET L 335 32.58 -7.58 34.45
C MET L 335 32.45 -6.67 33.25
N ARG L 336 31.20 -6.37 32.93
CA ARG L 336 30.83 -5.27 32.05
C ARG L 336 30.07 -4.26 32.87
N VAL L 337 30.47 -2.99 32.78
CA VAL L 337 29.88 -1.94 33.58
C VAL L 337 29.57 -0.75 32.69
N LEU L 338 28.40 -0.17 32.86
CA LEU L 338 28.05 1.08 32.21
C LEU L 338 27.75 2.11 33.28
N ALA L 339 28.48 3.23 33.25
CA ALA L 339 28.31 4.31 34.20
C ALA L 339 28.04 5.58 33.42
N ASP L 340 26.94 6.25 33.75
CA ASP L 340 26.50 7.41 32.98
C ASP L 340 25.94 8.48 33.91
N VAL L 341 26.30 9.73 33.64
CA VAL L 341 25.80 10.87 34.40
C VAL L 341 25.40 11.95 33.42
N SER L 342 24.10 12.26 33.35
CA SER L 342 23.62 13.23 32.37
C SER L 342 22.63 14.19 33.01
N ASP L 343 22.86 15.48 32.80
CA ASP L 343 22.00 16.54 33.32
C ASP L 343 21.38 17.30 32.17
N ILE L 344 20.28 18.00 32.46
CA ILE L 344 19.64 18.84 31.45
C ILE L 344 20.41 20.15 31.31
N ASP L 345 20.63 20.57 30.07
CA ASP L 345 21.36 21.79 29.74
C ASP L 345 20.43 22.78 29.05
N PRO L 346 20.17 23.95 29.64
CA PRO L 346 19.28 24.91 28.98
C PRO L 346 19.87 25.50 27.71
N ALA L 347 21.20 25.47 27.56
CA ALA L 347 21.85 26.14 26.46
C ALA L 347 21.48 25.54 25.12
N THR L 348 21.36 24.22 25.04
CA THR L 348 21.14 23.54 23.77
C THR L 348 19.72 23.01 23.63
N SER L 349 18.77 23.51 24.40
CA SER L 349 17.38 23.07 24.30
C SER L 349 16.64 23.91 23.28
N VAL L 350 15.82 23.25 22.47
CA VAL L 350 15.05 23.90 21.41
C VAL L 350 13.61 24.03 21.86
N SER L 351 12.89 25.00 21.27
CA SER L 351 11.54 25.29 21.73
C SER L 351 10.48 24.54 20.93
N LEU L 352 10.75 24.26 19.66
CA LEU L 352 9.76 23.66 18.76
C LEU L 352 8.57 24.61 18.74
N ASN L 353 7.34 24.15 19.00
CA ASN L 353 6.20 25.05 19.02
C ASN L 353 5.95 25.54 20.44
N GLY L 354 5.63 24.60 21.33
CA GLY L 354 5.59 24.85 22.76
C GLY L 354 6.14 23.62 23.45
N PHE L 355 6.40 22.59 22.65
CA PHE L 355 6.93 21.32 23.12
C PHE L 355 8.43 21.47 23.25
N THR L 356 8.88 22.00 24.39
CA THR L 356 10.31 22.15 24.64
C THR L 356 11.00 20.79 24.58
N VAL L 357 12.08 20.73 23.84
CA VAL L 357 12.91 19.53 23.73
C VAL L 357 14.28 19.86 24.31
N PRO L 358 14.74 19.12 25.30
CA PRO L 358 15.95 19.53 26.03
C PRO L 358 17.22 18.91 25.44
N GLY L 359 18.35 19.51 25.84
CA GLY L 359 19.64 18.94 25.56
C GLY L 359 20.29 18.52 26.86
N PHE L 360 21.38 17.76 26.75
CA PHE L 360 22.00 17.17 27.93
C PHE L 360 23.50 17.37 27.94
N ILE L 361 24.04 17.40 29.15
CA ILE L 361 25.46 17.30 29.42
C ILE L 361 25.70 15.91 29.96
N THR L 362 26.44 15.09 29.23
CA THR L 362 26.60 13.69 29.57
C THR L 362 28.06 13.33 29.76
N ARG L 363 28.30 12.41 30.69
CA ARG L 363 29.59 11.76 30.88
C ARG L 363 29.31 10.28 30.98
N ARG L 364 29.79 9.52 30.00
CA ARG L 364 29.38 8.13 29.86
C ARG L 364 30.61 7.26 29.68
N SER L 365 30.55 6.04 30.20
CA SER L 365 31.63 5.10 30.01
C SER L 365 31.09 3.68 30.08
N ASN L 366 31.36 2.90 29.05
CA ASN L 366 30.90 1.52 28.91
C ASN L 366 32.13 0.63 28.76
N ALA L 367 32.45 -0.12 29.81
CA ALA L 367 33.74 -0.79 29.86
C ALA L 367 33.58 -2.28 30.11
N GLU L 368 34.51 -3.05 29.54
CA GLU L 368 34.62 -4.47 29.75
C GLU L 368 35.99 -4.75 30.34
N ILE L 369 36.04 -5.29 31.56
CA ILE L 369 37.31 -5.47 32.26
C ILE L 369 37.28 -6.77 33.04
N ASN L 370 38.44 -7.13 33.58
CA ASN L 370 38.53 -8.18 34.60
C ASN L 370 39.62 -7.80 35.59
N VAL L 371 39.29 -7.88 36.88
CA VAL L 371 40.20 -7.49 37.95
C VAL L 371 40.21 -8.58 39.02
N GLY L 372 41.20 -8.48 39.91
CA GLY L 372 41.19 -9.30 41.09
C GLY L 372 40.24 -8.77 42.14
N ASP L 373 40.06 -9.56 43.19
CA ASP L 373 39.07 -9.23 44.21
C ASP L 373 39.47 -7.98 44.99
N GLY L 374 38.57 -7.01 45.02
CA GLY L 374 38.77 -5.83 45.83
C GLY L 374 39.75 -4.82 45.30
N GLN L 375 40.07 -4.85 44.02
CA GLN L 375 41.04 -3.94 43.43
C GLN L 375 40.32 -2.79 42.72
N THR L 376 40.95 -1.62 42.77
CA THR L 376 40.38 -0.41 42.20
C THR L 376 40.98 -0.17 40.83
N MET L 377 40.11 0.01 39.84
CA MET L 377 40.53 0.30 38.48
C MET L 377 39.87 1.57 38.00
N VAL L 378 40.62 2.38 37.27
CA VAL L 378 40.07 3.54 36.60
C VAL L 378 39.67 3.12 35.19
N ILE L 379 38.44 3.41 34.81
CA ILE L 379 37.99 3.06 33.46
C ILE L 379 37.88 4.28 32.56
N SER L 380 38.16 5.48 33.05
CA SER L 380 38.12 6.67 32.22
C SER L 380 38.64 7.87 33.01
N GLY L 381 39.36 8.72 32.31
CA GLY L 381 39.86 9.96 32.87
C GLY L 381 39.95 11.00 31.77
N LEU L 382 40.12 12.24 32.17
CA LEU L 382 40.19 13.32 31.18
C LEU L 382 40.73 14.58 31.81
N VAL L 383 41.68 15.23 31.13
CA VAL L 383 42.10 16.59 31.39
C VAL L 383 41.93 17.37 30.09
N ASN L 384 41.29 18.52 30.15
CA ASN L 384 40.91 19.24 28.93
C ASN L 384 40.97 20.75 29.09
N PRO L 385 42.15 21.34 29.00
CA PRO L 385 42.24 22.81 28.99
C PRO L 385 42.03 23.40 27.60
N LYS L 386 41.43 24.60 27.56
CA LYS L 386 41.18 25.30 26.31
C LYS L 386 41.28 26.81 26.53
N THR L 387 41.70 27.54 25.50
CA THR L 387 41.95 28.97 25.62
C THR L 387 41.76 29.63 24.26
N ALA L 388 41.24 30.86 24.26
CA ALA L 388 41.02 31.58 23.02
C ALA L 388 41.05 33.07 23.26
N LYS L 389 41.74 33.80 22.38
CA LYS L 389 41.86 35.24 22.48
C LYS L 389 41.60 35.88 21.13
N ASN L 390 40.90 37.02 21.13
CA ASN L 390 40.66 37.81 19.93
C ASN L 390 40.94 39.26 20.24
N VAL L 391 41.56 39.96 19.31
CA VAL L 391 41.95 41.36 19.50
C VAL L 391 41.56 42.15 18.27
N SER L 392 41.03 43.35 18.48
CA SER L 392 40.75 44.27 17.38
C SER L 392 41.37 45.62 17.70
N LYS L 393 42.10 46.18 16.74
CA LYS L 393 42.92 47.34 17.03
C LYS L 393 42.87 48.33 15.89
N LEU L 394 43.19 49.56 16.21
CA LEU L 394 43.52 50.54 15.20
C LEU L 394 44.96 50.33 14.76
N PRO L 395 45.28 50.65 13.51
CA PRO L 395 46.55 50.16 12.93
C PRO L 395 47.80 50.50 13.71
N TRP L 396 48.08 51.78 13.96
CA TRP L 396 49.32 52.12 14.64
C TRP L 396 49.12 52.51 16.10
N LEU L 397 47.96 53.04 16.46
CA LEU L 397 47.75 53.47 17.82
C LEU L 397 47.61 52.30 18.78
N GLY L 398 47.19 51.15 18.26
CA GLY L 398 46.88 50.03 19.14
C GLY L 398 48.11 49.40 19.76
N ASP L 399 49.29 49.62 19.17
CA ASP L 399 50.50 49.00 19.67
C ASP L 399 51.23 49.84 20.71
N ILE L 400 50.74 51.03 21.03
CA ILE L 400 51.42 51.85 22.05
C ILE L 400 51.31 51.17 23.40
N PRO L 401 52.39 51.06 24.17
CA PRO L 401 52.30 50.38 25.47
C PRO L 401 51.36 51.11 26.43
N ILE L 402 50.60 50.32 27.19
CA ILE L 402 49.65 50.80 28.19
C ILE L 402 48.56 51.65 27.55
N LEU L 403 48.95 52.76 26.92
CA LEU L 403 47.96 53.64 26.30
C LEU L 403 47.20 52.96 25.18
N GLY L 404 47.78 51.93 24.57
CA GLY L 404 47.14 51.29 23.44
C GLY L 404 45.80 50.68 23.73
N ASN L 405 45.50 50.43 25.00
CA ASN L 405 44.18 49.90 25.35
C ASN L 405 43.07 50.89 25.06
N LEU L 406 43.40 52.17 24.85
CA LEU L 406 42.37 53.11 24.45
C LEU L 406 41.96 52.92 23.00
N PHE L 407 42.74 52.16 22.24
CA PHE L 407 42.44 51.92 20.83
C PHE L 407 42.38 50.44 20.49
N LYS L 408 42.21 49.57 21.48
CA LYS L 408 42.29 48.13 21.30
C LYS L 408 41.21 47.48 22.14
N SER L 409 40.59 46.44 21.60
CA SER L 409 39.56 45.70 22.31
C SER L 409 39.91 44.22 22.33
N THR L 410 39.85 43.60 23.50
CA THR L 410 40.30 42.24 23.68
C THR L 410 39.20 41.39 24.29
N ASN L 411 39.00 40.19 23.73
CA ASN L 411 38.13 39.18 24.29
C ASN L 411 38.97 37.95 24.61
N PHE L 412 38.82 37.41 25.81
CA PHE L 412 39.66 36.31 26.27
C PHE L 412 38.80 35.29 27.00
N GLN L 413 39.00 34.02 26.71
CA GLN L 413 38.30 32.93 27.39
C GLN L 413 39.29 31.84 27.71
N SER L 414 39.18 31.25 28.89
CA SER L 414 40.00 30.10 29.23
C SER L 414 39.22 29.18 30.13
N GLY L 415 39.55 27.89 30.11
CA GLY L 415 38.83 26.97 30.96
C GLY L 415 39.47 25.61 30.99
N ASN L 416 38.99 24.78 31.92
CA ASN L 416 39.54 23.45 32.09
C ASN L 416 38.50 22.53 32.69
N THR L 417 38.59 21.25 32.32
CA THR L 417 37.74 20.19 32.85
C THR L 417 38.60 19.01 33.28
N ASP L 418 38.33 18.48 34.46
CA ASP L 418 38.93 17.25 34.97
C ASP L 418 37.83 16.25 35.24
N LEU L 419 38.08 14.98 34.90
CA LEU L 419 37.08 13.95 35.08
C LEU L 419 37.74 12.61 35.37
N VAL L 420 37.25 11.88 36.36
CA VAL L 420 37.76 10.54 36.69
C VAL L 420 36.59 9.63 37.03
N ILE L 421 36.66 8.38 36.55
CA ILE L 421 35.66 7.35 36.84
C ILE L 421 36.38 6.09 37.26
N LEU L 422 36.07 5.59 38.46
CA LEU L 422 36.73 4.37 38.95
C LEU L 422 35.74 3.43 39.61
N VAL L 423 36.04 2.14 39.58
CA VAL L 423 35.16 1.10 40.09
C VAL L 423 35.94 0.16 40.99
N THR L 424 35.22 -0.51 41.88
CA THR L 424 35.80 -1.47 42.82
C THR L 424 34.83 -2.62 43.00
N PRO L 425 35.18 -3.82 42.58
CA PRO L 425 34.33 -4.98 42.85
C PRO L 425 34.80 -5.74 44.08
N ARG L 426 33.87 -6.39 44.76
CA ARG L 426 34.17 -7.20 45.92
C ARG L 426 33.21 -8.38 45.97
N VAL L 427 33.68 -9.52 46.48
CA VAL L 427 32.85 -10.69 46.64
C VAL L 427 32.35 -10.70 48.07
N VAL L 428 31.04 -10.56 48.26
CA VAL L 428 30.46 -10.22 49.54
C VAL L 428 29.44 -11.27 49.94
N SER L 429 28.86 -11.06 51.11
CA SER L 429 27.66 -11.75 51.56
C SER L 429 26.81 -10.71 52.27
N ALA L 430 25.78 -11.18 52.98
CA ALA L 430 24.95 -10.24 53.72
C ALA L 430 25.70 -9.67 54.91
N ALA L 431 26.64 -10.43 55.48
CA ALA L 431 27.36 -9.99 56.66
C ALA L 431 28.59 -9.16 56.34
N SER L 432 28.87 -8.92 55.07
CA SER L 432 30.10 -8.25 54.69
C SER L 432 30.03 -6.76 55.00
N LEU L 433 31.20 -6.13 55.03
CA LEU L 433 31.34 -4.77 55.54
C LEU L 433 30.53 -3.76 54.73
N GLU L 434 30.54 -3.89 53.41
CA GLU L 434 29.85 -2.92 52.56
C GLU L 434 28.35 -2.91 52.82
N ASN L 435 27.76 -4.10 52.89
CA ASN L 435 26.34 -4.21 53.20
C ASN L 435 26.03 -3.60 54.56
N ILE L 436 26.87 -3.86 55.56
CA ILE L 436 26.62 -3.36 56.90
C ILE L 436 26.70 -1.84 56.93
N ARG L 437 27.67 -1.27 56.23
CA ARG L 437 27.77 0.19 56.22
C ARG L 437 26.55 0.82 55.59
N GLN L 438 26.05 0.26 54.49
CA GLN L 438 24.85 0.84 53.90
C GLN L 438 23.62 0.67 54.80
N VAL L 439 23.53 -0.45 55.51
CA VAL L 439 22.41 -0.64 56.43
C VAL L 439 22.45 0.37 57.57
N SER L 440 23.63 0.60 58.14
CA SER L 440 23.74 1.60 59.20
C SER L 440 23.47 3.00 58.67
N GLN L 441 23.81 3.26 57.41
CA GLN L 441 23.45 4.54 56.81
C GLN L 441 21.94 4.70 56.74
N ALA L 442 21.23 3.64 56.35
CA ALA L 442 19.78 3.71 56.32
C ALA L 442 19.20 3.98 57.70
N VAL L 443 19.74 3.32 58.72
CA VAL L 443 19.25 3.54 60.08
C VAL L 443 19.45 5.00 60.49
N GLU L 444 20.62 5.55 60.19
CA GLU L 444 20.86 6.96 60.52
C GLU L 444 19.90 7.89 59.77
N MET L 445 19.62 7.60 58.51
CA MET L 445 18.68 8.43 57.76
C MET L 445 17.31 8.41 58.40
N LYS L 446 16.84 7.22 58.80
CA LYS L 446 15.54 7.13 59.46
C LYS L 446 15.53 7.92 60.75
N ASP L 447 16.59 7.80 61.55
CA ASP L 447 16.62 8.51 62.83
C ASP L 447 16.59 10.02 62.62
N GLU L 448 17.33 10.52 61.63
CA GLU L 448 17.32 11.94 61.35
C GLU L 448 15.92 12.42 60.96
N TYR L 449 15.27 11.68 60.05
CA TYR L 449 13.90 12.02 59.71
C TYR L 449 13.02 12.07 60.94
N ARG L 450 13.10 11.06 61.81
CA ARG L 450 12.28 11.06 63.00
C ARG L 450 12.54 12.29 63.86
N ASN L 451 13.79 12.70 63.98
CA ASN L 451 14.10 13.81 64.87
C ASN L 451 13.68 15.16 64.30
N THR L 452 13.43 15.26 62.99
CA THR L 452 12.92 16.53 62.48
C THR L 452 11.49 16.81 62.96
N LEU L 453 10.67 15.77 63.09
CA LEU L 453 9.24 15.95 63.25
C LEU L 453 8.87 16.28 64.70
N PRO L 454 7.73 16.94 64.90
CA PRO L 454 7.25 17.19 66.27
C PRO L 454 6.91 15.88 66.97
N LYS L 455 6.96 15.91 68.29
CA LYS L 455 6.85 14.67 69.07
C LYS L 455 5.49 14.00 68.88
N GLY L 456 4.42 14.78 68.86
CA GLY L 456 3.09 14.20 68.80
C GLY L 456 2.53 13.92 67.42
N SER L 457 3.31 14.10 66.37
CA SER L 457 2.77 14.02 65.02
C SER L 457 2.41 12.59 64.64
N THR L 458 1.51 12.46 63.68
CA THR L 458 1.17 11.15 63.13
C THR L 458 2.22 10.69 62.13
N THR L 459 2.82 11.63 61.41
CA THR L 459 3.91 11.29 60.50
C THR L 459 5.07 10.67 61.26
N ARG L 460 5.29 11.11 62.49
CA ARG L 460 6.33 10.50 63.32
C ARG L 460 6.00 9.05 63.63
N ASP L 461 4.73 8.74 63.90
CA ASP L 461 4.35 7.35 64.10
C ASP L 461 4.56 6.52 62.84
N ALA L 462 4.26 7.11 61.68
CA ALA L 462 4.51 6.40 60.44
C ALA L 462 5.99 6.09 60.27
N VAL L 463 6.85 7.07 60.56
CA VAL L 463 8.29 6.85 60.45
C VAL L 463 8.73 5.78 61.44
N ASP L 464 8.17 5.79 62.64
CA ASP L 464 8.52 4.77 63.63
C ASP L 464 8.09 3.38 63.17
N ARG L 465 7.08 3.29 62.31
CA ARG L 465 6.64 1.97 61.89
C ARG L 465 7.49 1.39 60.77
N THR L 466 8.30 2.20 60.09
CA THR L 466 9.05 1.71 58.95
C THR L 466 10.33 1.00 59.40
N LEU L 467 10.96 0.33 58.43
CA LEU L 467 12.28 -0.29 58.62
C LEU L 467 12.30 -1.23 59.82
N GLY L 468 11.29 -2.08 59.90
CA GLY L 468 11.19 -3.03 61.00
C GLY L 468 11.88 -4.34 60.72
N THR M 27 51.66 -48.02 40.65
CA THR M 27 51.49 -49.26 39.90
C THR M 27 52.37 -49.30 38.66
N ILE M 28 52.38 -50.43 37.97
CA ILE M 28 53.18 -50.60 36.76
C ILE M 28 52.33 -50.67 35.50
N ASP M 29 51.05 -51.01 35.63
CA ASP M 29 50.23 -51.43 34.51
C ASP M 29 50.51 -50.62 33.26
N LEU M 30 50.95 -51.29 32.21
CA LEU M 30 51.41 -50.66 30.99
C LEU M 30 51.32 -51.72 29.90
N TYR M 31 51.91 -51.45 28.74
CA TYR M 31 52.08 -52.50 27.75
C TYR M 31 52.81 -53.68 28.39
N ALA M 32 52.33 -54.88 28.09
CA ALA M 32 52.84 -56.07 28.75
C ALA M 32 54.34 -56.19 28.57
N GLY M 33 55.03 -56.50 29.66
CA GLY M 33 56.48 -56.55 29.67
C GLY M 33 57.14 -55.29 30.16
N GLN M 34 56.39 -54.34 30.72
CA GLN M 34 56.99 -53.13 31.25
C GLN M 34 57.80 -53.45 32.51
N VAL M 35 58.97 -52.84 32.62
CA VAL M 35 59.83 -52.97 33.79
C VAL M 35 59.91 -51.61 34.46
N ARG M 36 59.89 -51.60 35.79
CA ARG M 36 59.96 -50.37 36.55
C ARG M 36 60.87 -50.55 37.77
N VAL M 37 61.62 -49.51 38.09
CA VAL M 37 62.53 -49.52 39.24
C VAL M 37 62.05 -48.46 40.23
N ILE M 38 61.79 -48.89 41.46
CA ILE M 38 61.28 -48.01 42.51
C ILE M 38 62.26 -48.04 43.68
N PRO M 39 62.92 -46.93 44.00
CA PRO M 39 63.83 -46.92 45.15
C PRO M 39 63.06 -46.88 46.47
N THR M 40 63.38 -47.81 47.36
CA THR M 40 62.73 -47.88 48.66
C THR M 40 63.79 -48.16 49.71
N LYS M 41 63.32 -48.40 50.94
CA LYS M 41 64.20 -48.82 52.01
C LYS M 41 64.63 -50.27 51.81
N PRO M 42 65.67 -50.71 52.50
CA PRO M 42 66.15 -52.10 52.33
C PRO M 42 65.03 -53.12 52.47
N VAL M 43 64.93 -54.00 51.47
CA VAL M 43 63.92 -55.06 51.44
C VAL M 43 64.62 -56.38 51.15
N LYS M 44 64.13 -57.44 51.79
CA LYS M 44 64.72 -58.77 51.61
C LYS M 44 64.56 -59.25 50.18
N ARG M 45 63.37 -59.07 49.60
CA ARG M 45 63.06 -59.56 48.26
C ARG M 45 61.82 -58.82 47.78
N VAL M 46 61.43 -59.10 46.55
CA VAL M 46 60.17 -58.61 45.99
C VAL M 46 59.46 -59.79 45.34
N ALA M 47 58.21 -60.02 45.73
CA ALA M 47 57.44 -61.15 45.24
C ALA M 47 56.05 -60.69 44.82
N ILE M 48 55.37 -61.54 44.05
CA ILE M 48 54.05 -61.25 43.51
C ILE M 48 53.11 -62.38 43.88
N GLY M 49 51.85 -62.03 44.18
CA GLY M 49 50.88 -63.04 44.57
C GLY M 49 50.63 -64.06 43.48
N ASP M 50 50.50 -63.62 42.23
CA ASP M 50 50.31 -64.50 41.08
C ASP M 50 51.58 -64.49 40.25
N GLY M 51 52.16 -65.68 40.04
CA GLY M 51 53.39 -65.76 39.28
C GLY M 51 53.24 -65.34 37.83
N LYS M 52 52.13 -65.73 37.21
CA LYS M 52 51.93 -65.43 35.80
C LYS M 52 51.85 -63.93 35.55
N VAL M 53 51.09 -63.21 36.39
CA VAL M 53 50.79 -61.82 36.10
C VAL M 53 52.05 -60.97 36.15
N LEU M 54 52.90 -61.19 37.14
CA LEU M 54 54.00 -60.26 37.39
C LEU M 54 55.19 -60.99 38.00
N SER M 55 56.39 -60.55 37.61
CA SER M 55 57.64 -61.07 38.14
C SER M 55 58.44 -59.93 38.75
N THR M 56 59.20 -60.22 39.81
CA THR M 56 59.87 -59.17 40.57
C THR M 56 61.24 -59.63 41.03
N THR M 57 62.14 -58.66 41.21
CA THR M 57 63.46 -58.87 41.77
C THR M 57 63.82 -57.68 42.66
N VAL M 58 64.75 -57.89 43.59
CA VAL M 58 65.23 -56.79 44.41
C VAL M 58 66.60 -56.35 43.91
N VAL M 59 66.73 -55.05 43.63
CA VAL M 59 67.96 -54.46 43.12
C VAL M 59 68.48 -53.47 44.15
N ASP M 60 69.81 -53.47 44.33
CA ASP M 60 70.55 -52.69 45.33
C ASP M 60 70.23 -53.16 46.74
N GLY M 61 69.39 -54.18 46.91
CA GLY M 61 68.98 -54.63 48.22
C GLY M 61 67.90 -53.79 48.86
N ASN M 62 67.56 -52.65 48.26
CA ASN M 62 66.56 -51.76 48.83
C ASN M 62 65.47 -51.48 47.79
N GLU M 63 65.87 -51.37 46.53
CA GLU M 63 64.96 -50.95 45.48
C GLU M 63 64.30 -52.15 44.82
N LEU M 64 63.19 -51.87 44.14
CA LEU M 64 62.37 -52.86 43.48
C LEU M 64 62.60 -52.79 41.98
N LEU M 65 62.95 -53.92 41.36
CA LEU M 65 62.86 -54.04 39.91
C LEU M 65 61.66 -54.94 39.65
N LEU M 66 60.73 -54.47 38.83
CA LEU M 66 59.42 -55.08 38.74
C LEU M 66 59.05 -55.20 37.26
N LEU M 67 59.05 -56.43 36.76
CA LEU M 67 58.70 -56.71 35.37
C LEU M 67 57.27 -57.20 35.35
N GLY M 68 56.37 -56.40 34.78
CA GLY M 68 54.99 -56.78 34.70
C GLY M 68 54.71 -57.63 33.48
N ASP M 69 54.61 -58.95 33.69
CA ASP M 69 54.26 -59.84 32.58
C ASP M 69 52.87 -59.54 32.07
N ALA M 70 51.98 -59.06 32.96
CA ALA M 70 50.64 -58.62 32.58
C ALA M 70 49.84 -59.72 31.90
N GLU M 71 49.95 -60.95 32.42
CA GLU M 71 49.16 -62.03 31.86
C GLU M 71 47.68 -61.85 32.18
N GLY M 72 47.37 -61.27 33.34
CA GLY M 72 46.00 -61.06 33.74
C GLY M 72 45.84 -59.78 34.53
N GLU M 73 44.58 -59.41 34.76
CA GLU M 73 44.24 -58.21 35.51
C GLU M 73 43.73 -58.59 36.90
N THR M 74 44.43 -58.17 37.93
CA THR M 74 44.04 -58.48 39.30
C THR M 74 44.83 -57.60 40.27
N SER M 75 44.38 -57.57 41.51
CA SER M 75 45.16 -56.98 42.58
C SER M 75 46.32 -57.90 42.94
N LEU M 76 47.37 -57.31 43.50
CA LEU M 76 48.60 -58.04 43.78
C LEU M 76 49.07 -57.77 45.21
N ARG M 77 49.72 -58.77 45.78
CA ARG M 77 50.37 -58.67 47.08
C ARG M 77 51.87 -58.80 46.88
N VAL M 78 52.64 -57.98 47.59
CA VAL M 78 54.09 -57.91 47.41
C VAL M 78 54.76 -58.17 48.75
N TRP M 79 55.79 -59.02 48.74
CA TRP M 79 56.50 -59.42 49.94
C TRP M 79 57.83 -58.69 50.04
N PHE M 80 58.15 -58.19 51.23
CA PHE M 80 59.42 -57.56 51.49
C PHE M 80 59.98 -58.08 52.81
N LYS M 81 61.05 -57.43 53.27
CA LYS M 81 61.50 -57.59 54.65
C LYS M 81 60.60 -56.80 55.59
N ASP M 82 60.44 -55.50 55.32
CA ASP M 82 59.47 -54.71 56.06
C ASP M 82 58.04 -55.19 55.82
N GLY M 83 57.77 -55.66 54.60
CA GLY M 83 56.48 -56.25 54.29
C GLY M 83 55.39 -55.29 53.89
N SER M 84 55.71 -54.02 53.66
CA SER M 84 54.70 -53.06 53.20
C SER M 84 54.16 -53.48 51.83
N GLU M 85 52.84 -53.46 51.70
CA GLU M 85 52.18 -53.93 50.49
C GLU M 85 51.44 -52.78 49.83
N ALA M 86 51.73 -52.55 48.55
CA ALA M 86 51.00 -51.60 47.72
C ALA M 86 50.32 -52.38 46.61
N ALA M 87 49.00 -52.50 46.69
CA ALA M 87 48.25 -53.28 45.71
C ALA M 87 48.34 -52.65 44.34
N TYR M 88 48.70 -53.45 43.34
CA TYR M 88 48.83 -52.99 41.97
C TYR M 88 47.78 -53.67 41.09
N ARG M 89 47.14 -52.88 40.24
CA ARG M 89 46.25 -53.39 39.21
C ARG M 89 46.98 -53.31 37.88
N VAL M 90 47.02 -54.43 37.16
CA VAL M 90 47.84 -54.55 35.94
C VAL M 90 46.92 -54.81 34.76
N LEU M 91 47.08 -54.03 33.70
CA LEU M 91 46.35 -54.20 32.46
C LEU M 91 47.30 -54.09 31.28
N VAL M 92 47.01 -54.83 30.21
CA VAL M 92 47.85 -54.78 29.01
C VAL M 92 47.42 -53.61 28.13
N ALA M 93 48.40 -52.96 27.52
CA ALA M 93 48.07 -51.87 26.62
C ALA M 93 47.87 -52.39 25.20
N PRO M 94 46.69 -52.22 24.61
CA PRO M 94 46.42 -52.63 23.23
C PRO M 94 47.37 -52.00 22.22
N VAL M 97 46.20 -49.58 27.47
CA VAL M 97 45.76 -48.55 28.39
C VAL M 97 46.96 -47.99 29.15
N GLY M 98 47.93 -48.84 29.49
CA GLY M 98 49.05 -48.37 30.28
C GLY M 98 50.07 -47.62 29.46
N ARG M 99 50.46 -48.18 28.31
CA ARG M 99 51.36 -47.47 27.41
C ARG M 99 50.72 -46.18 26.92
N ALA M 100 49.44 -46.24 26.57
CA ALA M 100 48.74 -45.04 26.14
C ALA M 100 48.70 -44.01 27.25
N ALA M 101 48.47 -44.46 28.49
CA ALA M 101 48.49 -43.52 29.62
C ALA M 101 49.85 -42.87 29.77
N GLU M 102 50.92 -43.65 29.64
CA GLU M 102 52.25 -43.09 29.77
C GLU M 102 52.53 -42.06 28.69
N GLU M 103 52.19 -42.38 27.44
CA GLU M 103 52.45 -41.46 26.35
C GLU M 103 51.61 -40.19 26.49
N MET M 104 50.35 -40.34 26.92
CA MET M 104 49.51 -39.17 27.13
C MET M 104 50.05 -38.30 28.26
N ARG M 105 50.55 -38.93 29.31
CA ARG M 105 51.13 -38.18 30.41
C ARG M 105 52.35 -37.40 29.95
N GLU M 106 53.18 -38.02 29.11
CA GLU M 106 54.36 -37.33 28.59
C GLU M 106 53.97 -36.15 27.72
N LEU M 107 53.00 -36.35 26.80
CA LEU M 107 52.61 -35.25 25.93
C LEU M 107 51.98 -34.10 26.72
N MET M 108 51.04 -34.43 27.61
CA MET M 108 50.42 -33.38 28.42
C MET M 108 51.42 -32.77 29.39
N GLY M 109 52.32 -33.59 29.93
CA GLY M 109 53.29 -33.11 30.90
C GLY M 109 54.24 -32.07 30.34
N ALA M 115 47.60 -28.68 35.24
CA ALA M 115 46.71 -28.95 36.36
C ALA M 115 45.92 -30.23 36.12
N LYS M 116 46.05 -30.76 34.92
CA LYS M 116 45.39 -32.00 34.55
C LYS M 116 45.93 -33.16 35.38
N ILE M 117 45.10 -34.17 35.58
CA ILE M 117 45.47 -35.38 36.31
C ILE M 117 45.12 -36.59 35.47
N ARG M 118 46.04 -37.55 35.41
CA ARG M 118 45.94 -38.73 34.57
C ARG M 118 45.90 -39.97 35.44
N VAL M 119 44.90 -40.82 35.24
CA VAL M 119 44.81 -42.08 35.97
C VAL M 119 44.48 -43.20 35.00
N VAL M 120 44.71 -44.44 35.44
CA VAL M 120 44.57 -45.58 34.55
C VAL M 120 43.19 -46.22 34.69
N GLY M 121 42.79 -46.56 35.90
CA GLY M 121 41.48 -47.20 36.11
C GLY M 121 41.33 -48.43 35.26
N ASP M 122 40.18 -48.53 34.59
CA ASP M 122 40.00 -49.48 33.50
C ASP M 122 40.25 -48.87 32.13
N HIS M 123 39.61 -47.75 31.83
CA HIS M 123 39.96 -46.93 30.69
C HIS M 123 40.72 -45.73 31.20
N VAL M 124 41.70 -45.28 30.41
CA VAL M 124 42.51 -44.15 30.83
C VAL M 124 41.62 -42.92 31.02
N VAL M 125 41.78 -42.27 32.16
CA VAL M 125 40.90 -41.19 32.59
C VAL M 125 41.72 -39.93 32.81
N VAL M 126 41.23 -38.81 32.30
CA VAL M 126 41.81 -37.51 32.52
C VAL M 126 40.80 -36.64 33.25
N ASP M 127 41.22 -35.98 34.33
CA ASP M 127 40.31 -35.16 35.09
C ASP M 127 41.01 -33.89 35.56
N GLY M 128 40.25 -32.82 35.71
CA GLY M 128 40.78 -31.56 36.19
C GLY M 128 39.66 -30.59 36.46
N LYS M 129 39.98 -29.54 37.22
CA LYS M 129 38.93 -28.64 37.68
C LYS M 129 38.77 -27.45 36.75
N ASN M 130 39.82 -26.66 36.55
CA ASN M 130 39.71 -25.37 35.89
C ASN M 130 40.73 -25.27 34.76
N LEU M 131 40.78 -26.28 33.92
CA LEU M 131 41.75 -26.30 32.84
C LEU M 131 41.41 -25.28 31.78
N ALA M 132 42.45 -24.68 31.21
CA ALA M 132 42.27 -23.67 30.18
C ALA M 132 41.73 -24.31 28.91
N PRO M 133 41.03 -23.54 28.08
CA PRO M 133 40.47 -24.11 26.85
C PRO M 133 41.50 -24.74 25.94
N THR M 134 42.71 -24.17 25.88
CA THR M 134 43.76 -24.76 25.06
C THR M 134 44.11 -26.16 25.55
N THR M 135 44.19 -26.34 26.87
CA THR M 135 44.51 -27.65 27.40
C THR M 135 43.41 -28.65 27.06
N LEU M 136 42.15 -28.24 27.15
CA LEU M 136 41.07 -29.12 26.76
C LEU M 136 41.18 -29.50 25.28
N ALA M 137 41.49 -28.53 24.43
CA ALA M 137 41.63 -28.82 23.00
C ALA M 137 42.75 -29.82 22.76
N ARG M 138 43.87 -29.63 23.45
CA ARG M 138 44.98 -30.59 23.34
C ARG M 138 44.56 -31.98 23.78
N VAL M 139 43.80 -32.06 24.87
CA VAL M 139 43.37 -33.37 25.37
C VAL M 139 42.45 -34.05 24.37
N ARG M 140 41.46 -33.33 23.85
CA ARG M 140 40.54 -33.99 22.93
C ARG M 140 41.22 -34.24 21.58
N ALA M 141 42.33 -33.56 21.32
CA ALA M 141 43.13 -33.91 20.16
C ALA M 141 43.84 -35.25 20.37
N LEU M 142 44.46 -35.43 21.54
CA LEU M 142 45.06 -36.73 21.81
C LEU M 142 44.02 -37.82 22.04
N GLN M 143 42.74 -37.45 22.17
CA GLN M 143 41.69 -38.46 22.28
C GLN M 143 41.72 -39.43 21.10
N ALA M 144 42.16 -38.99 19.92
CA ALA M 144 42.17 -39.86 18.75
C ALA M 144 43.20 -40.96 18.88
N LEU M 145 44.15 -40.82 19.80
CA LEU M 145 45.21 -41.81 19.93
C LEU M 145 44.68 -43.13 20.46
N TYR M 146 43.72 -43.09 21.38
CA TYR M 146 43.12 -44.29 21.96
C TYR M 146 41.61 -44.08 22.08
N PRO M 147 40.80 -44.95 21.46
CA PRO M 147 39.35 -44.78 21.56
C PRO M 147 38.80 -44.79 22.98
N LYS M 148 39.33 -45.62 23.88
CA LYS M 148 38.77 -45.75 25.22
C LYS M 148 39.48 -44.77 26.16
N THR M 149 39.12 -43.50 26.06
CA THR M 149 39.58 -42.49 26.99
C THR M 149 38.35 -41.81 27.57
N ILE M 150 38.40 -41.54 28.87
CA ILE M 150 37.32 -40.86 29.57
C ILE M 150 37.84 -39.51 30.03
N VAL M 151 37.21 -38.45 29.57
CA VAL M 151 37.61 -37.08 29.86
C VAL M 151 36.63 -36.51 30.86
N LEU M 152 37.09 -36.34 32.10
CA LEU M 152 36.26 -35.80 33.17
C LEU M 152 36.65 -34.36 33.53
N ALA M 153 37.63 -33.80 32.85
CA ALA M 153 38.06 -32.44 33.16
C ALA M 153 37.01 -31.44 32.72
N THR M 154 36.98 -30.30 33.41
CA THR M 154 36.03 -29.25 33.15
C THR M 154 36.77 -27.94 32.90
N PRO M 155 36.21 -27.07 32.07
CA PRO M 155 36.86 -25.79 31.80
C PRO M 155 36.60 -24.76 32.89
N SER M 156 37.43 -23.74 32.91
CA SER M 156 37.19 -22.61 33.80
C SER M 156 36.00 -21.80 33.32
N PRO M 157 35.34 -21.07 34.22
CA PRO M 157 34.19 -20.26 33.78
C PRO M 157 34.55 -19.27 32.71
N PHE M 158 35.74 -18.67 32.81
CA PHE M 158 36.24 -17.72 31.83
C PHE M 158 37.75 -17.67 31.98
N ASP M 159 38.40 -16.99 31.05
CA ASP M 159 39.85 -16.89 31.05
C ASP M 159 40.27 -15.48 31.42
N MET M 160 41.18 -15.38 32.39
CA MET M 160 41.78 -14.10 32.71
C MET M 160 42.50 -13.54 31.48
N GLU M 161 42.16 -12.31 31.11
CA GLU M 161 42.79 -11.65 29.98
C GLU M 161 43.69 -10.54 30.49
N LYS M 162 44.72 -10.23 29.72
CA LYS M 162 45.56 -9.09 30.04
C LYS M 162 44.78 -7.80 29.87
N MET M 163 45.03 -6.85 30.76
CA MET M 163 44.37 -5.56 30.69
C MET M 163 45.30 -4.53 30.03
N VAL M 164 44.71 -3.66 29.24
CA VAL M 164 45.45 -2.66 28.47
C VAL M 164 44.96 -1.28 28.87
N TRP M 165 45.92 -0.39 29.12
CA TRP M 165 45.68 1.01 29.39
C TRP M 165 46.04 1.80 28.16
N LEU M 166 45.15 2.69 27.74
CA LEU M 166 45.39 3.52 26.56
C LEU M 166 45.44 4.98 26.94
N ASP M 167 46.48 5.67 26.49
CA ASP M 167 46.65 7.10 26.72
C ASP M 167 46.67 7.83 25.40
N VAL M 168 45.78 8.81 25.24
CA VAL M 168 45.58 9.50 23.97
C VAL M 168 45.78 10.99 24.17
N ASN M 169 46.44 11.64 23.22
CA ASN M 169 46.61 13.09 23.25
C ASN M 169 46.22 13.70 21.92
N ILE M 170 45.39 14.74 21.97
CA ILE M 170 45.02 15.54 20.80
C ILE M 170 45.41 16.97 21.10
N LEU M 171 46.27 17.55 20.28
CA LEU M 171 46.71 18.91 20.44
C LEU M 171 46.36 19.70 19.20
N GLU M 172 45.91 20.94 19.37
CA GLU M 172 45.55 21.76 18.22
C GLU M 172 45.76 23.24 18.50
N ILE M 173 46.34 23.95 17.54
CA ILE M 173 46.55 25.39 17.62
C ILE M 173 46.05 26.03 16.34
N ARG M 174 45.33 27.14 16.47
CA ARG M 174 44.83 27.89 15.33
C ARG M 174 45.24 29.35 15.46
N LYS M 175 45.70 29.94 14.37
CA LYS M 175 46.07 31.35 14.37
C LYS M 175 45.55 32.01 13.10
N SER M 176 45.18 33.29 13.21
CA SER M 176 44.64 33.98 12.05
C SER M 176 44.86 35.49 12.17
N VAL M 177 44.98 36.13 11.00
CA VAL M 177 45.13 37.57 10.84
C VAL M 177 44.18 38.04 9.76
N LEU M 178 43.55 39.19 9.97
CA LEU M 178 42.65 39.78 8.98
C LEU M 178 42.83 41.28 8.93
N GLU M 179 43.04 41.85 7.74
CA GLU M 179 43.21 43.28 7.54
C GLU M 179 42.34 43.76 6.40
N ASN M 180 41.88 45.00 6.50
CA ASN M 180 41.06 45.63 5.45
C ASN M 180 41.33 47.12 5.48
N PHE M 181 42.14 47.62 4.55
CA PHE M 181 42.61 48.99 4.66
C PHE M 181 42.65 49.67 3.29
N GLY M 182 42.41 50.97 3.31
CA GLY M 182 42.48 51.79 2.11
C GLY M 182 41.19 52.54 1.85
N VAL M 183 41.13 53.15 0.67
CA VAL M 183 39.98 53.95 0.27
C VAL M 183 39.34 53.30 -0.96
N ASP M 184 38.04 53.05 -0.87
CA ASP M 184 37.28 52.43 -1.93
C ASP M 184 36.43 53.49 -2.64
N TRP M 185 36.70 53.72 -3.92
CA TRP M 185 35.98 54.75 -4.67
C TRP M 185 34.91 54.14 -5.56
N SER M 186 34.04 55.01 -6.07
CA SER M 186 33.07 54.61 -7.08
C SER M 186 33.77 54.21 -8.36
N LYS M 187 33.20 53.23 -9.07
CA LYS M 187 33.82 52.73 -10.29
C LYS M 187 32.93 52.82 -11.53
N GLN M 188 31.66 53.17 -11.37
CA GLN M 188 30.75 53.38 -12.48
C GLN M 188 29.97 54.65 -12.23
N ILE M 189 30.11 55.63 -13.12
CA ILE M 189 29.45 56.93 -12.90
C ILE M 189 28.73 57.33 -14.18
N PRO M 190 27.70 58.17 -14.06
CA PRO M 190 26.97 58.61 -15.24
C PRO M 190 27.86 59.37 -16.22
N GLY M 191 27.56 59.23 -17.50
CA GLY M 191 28.28 59.93 -18.55
C GLY M 191 27.48 61.09 -19.12
N PRO M 192 28.02 61.70 -20.17
CA PRO M 192 27.34 62.85 -20.79
C PRO M 192 26.08 62.43 -21.54
N PHE M 193 25.19 63.41 -21.72
CA PHE M 193 23.93 63.20 -22.40
C PHE M 193 23.70 64.30 -23.42
N ALA M 194 22.97 63.97 -24.48
CA ALA M 194 22.62 64.90 -25.54
C ALA M 194 21.24 64.54 -26.08
N ALA M 195 20.43 65.55 -26.34
CA ALA M 195 19.08 65.34 -26.86
C ALA M 195 18.72 66.44 -27.85
N PHE M 196 17.98 66.05 -28.88
CA PHE M 196 17.52 66.95 -29.93
C PHE M 196 16.05 66.69 -30.18
N GLY M 197 15.30 67.75 -30.48
CA GLY M 197 13.90 67.61 -30.82
C GLY M 197 13.40 68.76 -31.65
N LYS M 198 12.63 68.48 -32.70
CA LYS M 198 12.13 69.55 -33.54
C LYS M 198 10.80 69.14 -34.17
N ASP M 199 10.02 70.15 -34.56
CA ASP M 199 8.76 69.98 -35.27
C ASP M 199 8.88 70.69 -36.61
N PHE M 200 9.17 69.94 -37.67
CA PHE M 200 9.29 70.54 -38.99
C PHE M 200 7.97 71.08 -39.50
N VAL M 201 6.88 70.35 -39.31
CA VAL M 201 5.54 70.84 -39.56
C VAL M 201 4.74 70.71 -38.28
N GLY M 202 4.59 71.81 -37.56
CA GLY M 202 4.19 71.75 -36.18
C GLY M 202 2.71 71.57 -35.99
N PRO M 203 2.30 71.21 -34.77
CA PRO M 203 0.89 71.10 -34.47
C PRO M 203 0.23 72.47 -34.48
N ARG M 204 -1.08 72.48 -34.64
CA ARG M 204 -1.86 73.71 -34.55
C ARG M 204 -2.59 73.76 -33.21
N ASN M 205 -2.66 74.94 -32.63
CA ASN M 205 -3.40 75.18 -31.40
C ASN M 205 -4.70 75.89 -31.76
N VAL M 206 -5.83 75.34 -31.30
CA VAL M 206 -7.15 75.85 -31.64
C VAL M 206 -8.01 75.87 -30.39
N ALA M 207 -9.21 76.44 -30.51
CA ALA M 207 -10.18 76.44 -29.43
C ALA M 207 -11.31 75.48 -29.76
N THR M 208 -11.64 74.61 -28.83
CA THR M 208 -12.65 73.58 -29.05
C THR M 208 -13.64 73.56 -27.90
N ILE M 209 -14.85 73.12 -28.20
CA ILE M 209 -15.93 72.96 -27.24
C ILE M 209 -16.24 71.48 -27.13
N PRO M 210 -16.02 70.85 -25.97
CA PRO M 210 -16.24 69.41 -25.88
C PRO M 210 -17.70 69.02 -26.07
N LEU M 211 -17.90 67.79 -26.55
CA LEU M 211 -19.25 67.27 -26.72
C LEU M 211 -19.90 67.03 -25.37
N GLY M 212 -21.20 67.32 -25.29
CA GLY M 212 -21.92 67.17 -24.05
C GLY M 212 -21.77 68.31 -23.08
N GLN M 213 -21.05 69.35 -23.45
CA GLN M 213 -20.83 70.52 -22.62
C GLN M 213 -21.88 71.57 -22.91
N ASP M 214 -22.17 72.41 -21.93
CA ASP M 214 -23.09 73.52 -22.14
C ASP M 214 -22.52 74.48 -23.17
N LEU M 215 -23.41 75.05 -23.99
CA LEU M 215 -22.95 75.90 -25.08
C LEU M 215 -22.45 77.25 -24.57
N THR M 216 -22.94 77.69 -23.41
CA THR M 216 -22.55 79.00 -22.90
C THR M 216 -21.14 78.97 -22.31
N GLN M 217 -20.67 77.79 -21.90
CA GLN M 217 -19.40 77.72 -21.21
C GLN M 217 -18.26 78.06 -22.16
N PRO M 218 -17.18 78.66 -21.67
CA PRO M 218 -16.11 79.10 -22.56
C PRO M 218 -15.36 77.92 -23.13
N PRO M 219 -14.71 78.09 -24.28
CA PRO M 219 -14.01 76.97 -24.92
C PRO M 219 -12.74 76.59 -24.15
N VAL M 220 -12.14 75.49 -24.60
CA VAL M 220 -10.89 75.00 -24.03
C VAL M 220 -9.87 74.86 -25.14
N ALA M 221 -8.63 74.59 -24.74
CA ALA M 221 -7.55 74.46 -25.70
C ALA M 221 -7.54 73.08 -26.33
N GLY M 222 -7.39 73.05 -27.65
CA GLY M 222 -7.34 71.79 -28.38
C GLY M 222 -6.33 71.88 -29.50
N THR M 223 -6.19 70.78 -30.23
CA THR M 223 -5.10 70.64 -31.16
C THR M 223 -5.59 70.08 -32.49
N GLY M 224 -4.75 70.24 -33.51
CA GLY M 224 -4.88 69.51 -34.75
C GLY M 224 -4.24 68.15 -34.60
N VAL M 225 -3.74 67.63 -35.71
CA VAL M 225 -2.99 66.38 -35.65
C VAL M 225 -1.68 66.63 -34.93
N ARG M 226 -1.46 65.88 -33.85
CA ARG M 226 -0.29 66.07 -33.01
C ARG M 226 0.18 64.73 -32.50
N VAL M 227 1.48 64.48 -32.58
CA VAL M 227 2.06 63.18 -32.23
C VAL M 227 2.90 63.33 -30.99
N THR M 228 2.75 62.40 -30.05
CA THR M 228 3.61 62.30 -28.89
C THR M 228 4.34 60.98 -28.94
N PRO M 229 5.56 60.92 -29.47
CA PRO M 229 6.18 59.63 -29.79
C PRO M 229 6.53 58.86 -28.53
N PRO M 230 6.61 57.54 -28.62
CA PRO M 230 7.07 56.73 -27.49
C PRO M 230 8.59 56.78 -27.39
N LEU M 231 9.08 57.20 -26.22
CA LEU M 231 10.51 57.23 -25.95
C LEU M 231 10.89 55.88 -25.38
N GLY M 232 11.52 55.04 -26.22
CA GLY M 232 11.72 53.66 -25.82
C GLY M 232 12.68 53.52 -24.65
N SER M 233 13.97 53.68 -24.91
CA SER M 233 14.97 53.60 -23.85
C SER M 233 15.23 54.94 -23.19
N LEU M 234 14.65 56.01 -23.71
CA LEU M 234 14.80 57.34 -23.15
C LEU M 234 13.66 57.70 -22.21
N ASN M 235 12.78 56.75 -21.91
CA ASN M 235 11.61 57.02 -21.09
C ASN M 235 12.02 57.53 -19.73
N GLY M 236 11.37 58.60 -19.28
CA GLY M 236 11.70 59.21 -18.02
C GLY M 236 12.89 60.15 -18.05
N ALA M 237 13.63 60.19 -19.16
CA ALA M 237 14.78 61.07 -19.28
C ALA M 237 14.44 62.39 -19.98
N ILE M 238 13.50 62.37 -20.92
CA ILE M 238 13.06 63.58 -21.61
C ILE M 238 11.65 63.89 -21.15
N ASP M 239 11.41 65.13 -20.78
CA ASP M 239 10.13 65.55 -20.21
C ASP M 239 9.15 65.86 -21.32
N LEU M 240 8.05 65.11 -21.37
CA LEU M 240 7.02 65.33 -22.37
C LEU M 240 5.78 66.02 -21.84
N ALA M 241 5.48 65.86 -20.55
CA ALA M 241 4.29 66.51 -20.00
C ALA M 241 4.40 68.02 -20.08
N ASN M 242 5.58 68.57 -19.79
CA ASN M 242 5.77 69.99 -19.71
C ASN M 242 6.30 70.60 -21.00
N LEU M 243 6.43 69.81 -22.05
CA LEU M 243 7.00 70.30 -23.30
C LEU M 243 5.98 71.12 -24.08
N ALA M 244 6.33 72.36 -24.40
CA ALA M 244 5.49 73.16 -25.28
C ALA M 244 5.60 72.62 -26.69
N ARG M 245 4.48 72.12 -27.22
CA ARG M 245 4.56 71.22 -28.37
C ARG M 245 5.11 71.84 -29.64
N PRO M 246 4.73 73.06 -30.04
CA PRO M 246 5.55 73.70 -31.07
C PRO M 246 6.89 74.04 -30.44
N ILE M 247 7.89 73.22 -30.73
CA ILE M 247 9.05 73.12 -29.85
C ILE M 247 9.94 74.33 -30.03
N ALA M 248 10.11 75.09 -28.94
CA ALA M 248 11.06 76.19 -28.86
C ALA M 248 12.19 75.77 -27.94
N GLY M 249 13.39 75.66 -28.48
CA GLY M 249 14.49 75.07 -27.74
C GLY M 249 14.67 73.64 -28.18
N THR M 250 15.68 73.39 -29.02
CA THR M 250 15.74 72.12 -29.70
C THR M 250 16.78 71.19 -29.09
N THR M 251 17.84 71.74 -28.50
CA THR M 251 19.00 70.94 -28.11
C THR M 251 19.26 71.08 -26.62
N ASN M 252 19.68 69.98 -26.00
CA ASN M 252 20.17 69.99 -24.62
C ASN M 252 21.33 69.02 -24.50
N PHE M 253 22.50 69.53 -24.16
CA PHE M 253 23.73 68.75 -24.12
C PHE M 253 24.48 69.09 -22.85
N GLY M 254 24.76 68.08 -22.03
CA GLY M 254 25.41 68.35 -20.76
C GLY M 254 25.84 67.07 -20.06
N ILE M 255 26.16 67.21 -18.77
CA ILE M 255 26.64 66.09 -17.96
C ILE M 255 26.37 66.38 -16.50
N ILE M 256 25.97 65.35 -15.75
CA ILE M 256 25.85 65.41 -14.31
C ILE M 256 26.41 64.10 -13.75
N THR M 257 27.44 64.20 -12.91
CA THR M 257 28.15 63.01 -12.46
C THR M 257 28.94 63.34 -11.20
N GLY M 258 29.35 62.30 -10.48
CA GLY M 258 30.19 62.45 -9.31
C GLY M 258 30.65 61.12 -8.78
N VAL M 259 31.56 61.16 -7.80
CA VAL M 259 32.18 59.98 -7.22
C VAL M 259 31.98 59.98 -5.71
N LEU M 260 31.86 58.79 -5.14
CA LEU M 260 31.70 58.57 -3.71
C LEU M 260 32.76 57.58 -3.22
N SER M 261 33.06 57.62 -1.93
CA SER M 261 34.18 56.84 -1.41
C SER M 261 33.90 56.36 0.01
N THR M 262 34.73 55.42 0.45
CA THR M 262 34.67 54.84 1.79
C THR M 262 36.08 54.59 2.28
N ILE M 263 36.29 54.64 3.59
CA ILE M 263 37.61 54.47 4.18
C ILE M 263 37.59 53.27 5.12
N ASN M 264 38.61 52.42 5.00
CA ASN M 264 38.72 51.18 5.77
C ASN M 264 40.06 51.16 6.51
N PHE M 265 40.02 50.86 7.80
CA PHE M 265 41.24 50.60 8.56
C PHE M 265 41.03 49.48 9.59
N ALA M 266 40.42 48.38 9.18
CA ALA M 266 40.11 47.27 10.08
C ALA M 266 41.31 46.33 10.22
N LEU M 267 41.53 45.82 11.43
CA LEU M 267 42.69 44.99 11.74
C LEU M 267 42.38 44.05 12.90
N SER M 268 42.66 42.76 12.74
CA SER M 268 42.24 41.76 13.72
C SER M 268 43.20 40.58 13.76
N ASN M 269 43.30 39.97 14.94
CA ASN M 269 44.06 38.75 15.14
C ASN M 269 43.22 37.75 15.93
N GLY M 270 43.57 36.48 15.83
CA GLY M 270 42.90 35.46 16.62
C GLY M 270 43.79 34.26 16.90
N ASP M 271 43.77 33.77 18.13
CA ASP M 271 44.52 32.58 18.51
C ASP M 271 43.61 31.65 19.29
N ALA M 272 43.81 30.34 19.14
CA ALA M 272 43.06 29.37 19.91
C ALA M 272 43.90 28.13 20.14
N TYR M 273 43.90 27.64 21.38
CA TYR M 273 44.69 26.49 21.78
C TYR M 273 43.79 25.44 22.41
N LEU M 274 44.09 24.16 22.20
CA LEU M 274 43.40 23.14 22.96
C LEU M 274 44.24 21.88 23.06
N ILE M 275 44.16 21.22 24.20
CA ILE M 275 44.69 19.88 24.41
C ILE M 275 43.61 19.03 25.05
N ALA M 276 43.36 17.85 24.49
CA ALA M 276 42.46 16.87 25.08
C ALA M 276 43.25 15.61 25.37
N ASN M 277 43.13 15.11 26.59
CA ASN M 277 43.94 13.99 27.08
C ASN M 277 43.05 12.95 27.73
N PRO M 278 42.28 12.20 26.94
CA PRO M 278 41.48 11.11 27.51
C PRO M 278 42.32 9.87 27.73
N GLN M 279 41.92 9.07 28.71
CA GLN M 279 42.63 7.83 29.01
C GLN M 279 41.62 6.73 29.32
N LEU M 280 41.88 5.53 28.83
CA LEU M 280 40.92 4.44 28.95
C LEU M 280 41.59 3.17 29.46
N SER M 281 40.74 2.19 29.76
CA SER M 281 41.19 0.85 30.10
C SER M 281 40.25 -0.15 29.45
N ALA M 282 40.80 -1.29 29.02
CA ALA M 282 39.97 -2.35 28.49
C ALA M 282 40.72 -3.67 28.57
N ARG M 283 39.99 -4.77 28.55
CA ARG M 283 40.63 -6.08 28.56
C ARG M 283 40.84 -6.56 27.14
N SER M 284 41.86 -7.39 26.96
CA SER M 284 42.16 -7.92 25.64
C SER M 284 40.99 -8.71 25.10
N GLY M 285 40.54 -8.34 23.91
CA GLY M 285 39.35 -8.94 23.35
C GLY M 285 38.06 -8.27 23.73
N GLY M 286 38.11 -7.17 24.48
CA GLY M 286 36.92 -6.44 24.83
C GLY M 286 36.89 -5.11 24.09
N ARG M 287 35.90 -4.30 24.42
CA ARG M 287 35.74 -2.98 23.83
C ARG M 287 35.47 -1.99 24.95
N THR M 288 35.94 -0.76 24.79
CA THR M 288 35.56 0.28 25.74
C THR M 288 35.28 1.58 25.01
N ASP M 289 34.15 2.21 25.34
CA ASP M 289 33.72 3.48 24.76
C ASP M 289 33.66 4.54 25.84
N PHE M 290 34.09 5.75 25.51
CA PHE M 290 34.10 6.86 26.44
C PHE M 290 33.58 8.10 25.74
N LEU M 291 32.63 8.80 26.37
CA LEU M 291 32.09 10.04 25.85
C LEU M 291 32.07 11.09 26.94
N ALA M 292 32.63 12.26 26.66
CA ALA M 292 32.61 13.39 27.60
C ALA M 292 32.18 14.60 26.79
N GLY M 293 30.95 15.05 26.98
CA GLY M 293 30.40 16.02 26.07
C GLY M 293 28.93 16.22 26.29
N GLY M 294 28.14 16.07 25.24
CA GLY M 294 26.71 16.27 25.37
C GLY M 294 25.96 15.69 24.19
N GLN M 295 24.66 15.87 24.23
CA GLN M 295 23.75 15.40 23.21
C GLN M 295 22.81 16.53 22.82
N VAL M 296 22.59 16.71 21.52
CA VAL M 296 21.70 17.75 21.03
C VAL M 296 20.54 17.10 20.28
N PRO M 297 19.35 17.69 20.30
CA PRO M 297 18.21 17.10 19.59
C PRO M 297 18.26 17.42 18.10
N ILE M 298 18.03 16.41 17.29
CA ILE M 298 18.02 16.51 15.84
C ILE M 298 16.67 15.98 15.35
N LEU M 299 16.02 16.75 14.48
CA LEU M 299 14.62 16.53 14.13
C LEU M 299 14.57 15.76 12.81
N GLN M 300 14.83 14.46 12.89
CA GLN M 300 14.94 13.64 11.69
C GLN M 300 14.00 12.46 11.79
N ALA M 301 13.41 12.08 10.66
CA ALA M 301 12.40 11.02 10.63
C ALA M 301 12.32 10.43 9.24
N LEU M 302 11.77 9.22 9.16
CA LEU M 302 11.59 8.55 7.88
C LEU M 302 10.57 9.28 7.03
N ALA M 303 10.89 9.45 5.74
CA ALA M 303 9.94 9.94 4.74
C ALA M 303 9.46 11.35 5.05
N ALA M 304 8.49 11.82 4.26
CA ALA M 304 7.80 13.09 4.47
C ALA M 304 8.70 14.29 4.29
N GLY M 305 8.15 15.49 4.46
CA GLY M 305 8.89 16.72 4.25
C GLY M 305 8.00 17.93 4.14
N GLN M 310 7.31 14.92 14.35
CA GLN M 310 8.16 14.02 13.58
C GLN M 310 8.80 12.98 14.48
N ASN M 311 10.10 12.77 14.30
CA ASN M 311 10.89 11.92 15.17
C ASN M 311 12.09 12.73 15.64
N VAL M 312 12.43 12.61 16.92
CA VAL M 312 13.56 13.31 17.51
C VAL M 312 14.62 12.29 17.89
N THR M 313 15.81 12.46 17.34
CA THR M 313 16.97 11.68 17.74
C THR M 313 17.97 12.61 18.41
N TYR M 314 19.02 12.02 18.98
CA TYR M 314 20.03 12.78 19.70
C TYR M 314 21.41 12.52 19.15
N LYS M 315 22.16 13.58 18.91
CA LYS M 315 23.51 13.50 18.38
C LYS M 315 24.53 13.85 19.45
N ASP M 316 25.61 13.06 19.52
CA ASP M 316 26.66 13.28 20.51
C ASP M 316 27.74 14.20 19.98
N TYR M 317 28.19 15.11 20.83
CA TYR M 317 29.34 15.95 20.56
C TYR M 317 30.22 15.95 21.79
N GLY M 318 31.48 16.36 21.62
CA GLY M 318 32.39 16.37 22.73
C GLY M 318 33.63 15.60 22.38
N ILE M 319 34.20 14.95 23.38
CA ILE M 319 35.33 14.06 23.19
C ILE M 319 34.84 12.63 23.21
N LYS M 320 35.14 11.89 22.17
CA LYS M 320 34.69 10.51 22.04
C LYS M 320 35.87 9.61 21.75
N LEU M 321 35.88 8.45 22.39
CA LEU M 321 36.99 7.53 22.29
C LEU M 321 36.48 6.10 22.28
N GLU M 322 37.01 5.27 21.38
CA GLU M 322 36.64 3.86 21.30
C GLU M 322 37.90 3.03 21.16
N PHE M 323 38.01 1.98 21.96
CA PHE M 323 39.23 1.18 22.04
C PHE M 323 38.90 -0.30 21.89
N GLU M 324 39.62 -0.99 21.00
CA GLU M 324 39.48 -2.44 20.82
C GLU M 324 40.85 -3.12 20.73
N PRO M 325 41.41 -3.56 21.86
CA PRO M 325 42.76 -4.11 21.86
C PRO M 325 42.80 -5.62 21.70
N ARG M 326 44.00 -6.12 21.42
CA ARG M 326 44.33 -7.54 21.40
C ARG M 326 45.81 -7.70 21.70
N VAL M 327 46.14 -8.58 22.63
CA VAL M 327 47.50 -8.67 23.14
C VAL M 327 48.13 -9.98 22.72
N ASP M 328 49.46 -9.98 22.63
CA ASP M 328 50.28 -11.12 22.26
C ASP M 328 51.01 -11.65 23.47
N ASP M 329 51.75 -12.75 23.29
CA ASP M 329 52.57 -13.26 24.37
C ASP M 329 53.84 -12.46 24.59
N ASP M 330 54.18 -11.56 23.66
CA ASP M 330 55.29 -10.65 23.84
C ASP M 330 54.84 -9.26 24.23
N ASN M 331 53.57 -9.11 24.59
CA ASN M 331 52.98 -7.82 24.96
C ASN M 331 52.99 -6.84 23.80
N ASN M 332 52.81 -7.35 22.59
CA ASN M 332 52.52 -6.53 21.43
C ASN M 332 51.02 -6.32 21.33
N VAL M 333 50.61 -5.11 20.98
CA VAL M 333 49.21 -4.74 21.00
C VAL M 333 48.75 -4.44 19.58
N SER M 334 47.71 -5.13 19.14
CA SER M 334 47.01 -4.83 17.90
C SER M 334 45.70 -4.17 18.25
N MET M 335 45.40 -3.02 17.65
CA MET M 335 44.31 -2.22 18.15
C MET M 335 43.60 -1.47 17.03
N ARG M 336 42.32 -1.23 17.25
CA ARG M 336 41.55 -0.24 16.53
C ARG M 336 41.12 0.84 17.51
N VAL M 337 41.44 2.09 17.18
CA VAL M 337 41.12 3.22 18.05
C VAL M 337 40.40 4.28 17.24
N LEU M 338 39.29 4.78 17.78
CA LEU M 338 38.60 5.94 17.25
C LEU M 338 38.73 7.09 18.23
N ALA M 339 39.24 8.22 17.75
CA ALA M 339 39.40 9.42 18.57
C ALA M 339 38.75 10.58 17.85
N ASP M 340 37.80 11.25 18.52
CA ASP M 340 37.03 12.30 17.88
C ASP M 340 36.86 13.46 18.86
N VAL M 341 37.00 14.68 18.36
CA VAL M 341 36.75 15.89 19.13
C VAL M 341 35.88 16.81 18.30
N SER M 342 34.67 17.09 18.75
CA SER M 342 33.73 17.88 17.96
C SER M 342 32.98 18.86 18.84
N ASP M 343 32.90 20.11 18.37
CA ASP M 343 32.29 21.19 19.14
C ASP M 343 31.27 21.91 18.29
N ILE M 344 30.27 22.49 18.94
CA ILE M 344 29.23 23.21 18.22
C ILE M 344 29.79 24.50 17.64
N ASP M 345 29.45 24.77 16.38
CA ASP M 345 29.90 25.96 15.66
C ASP M 345 28.72 26.86 15.36
N PRO M 346 28.71 28.11 15.84
CA PRO M 346 27.56 28.99 15.54
C PRO M 346 27.47 29.39 14.08
N ALA M 347 28.60 29.41 13.36
CA ALA M 347 28.62 29.97 12.02
C ALA M 347 27.77 29.17 11.04
N THR M 348 27.81 27.84 11.14
CA THR M 348 27.13 27.00 10.17
C THR M 348 25.86 26.36 10.71
N SER M 349 25.27 26.92 11.76
CA SER M 349 23.99 26.42 12.26
C SER M 349 22.85 27.08 11.52
N VAL M 350 21.78 26.33 11.29
CA VAL M 350 20.62 26.80 10.55
C VAL M 350 19.44 26.90 11.50
N SER M 351 18.52 27.83 11.21
CA SER M 351 17.43 28.11 12.14
C SER M 351 16.21 27.22 11.89
N LEU M 352 15.97 26.85 10.64
CA LEU M 352 14.76 26.13 10.24
C LEU M 352 13.58 27.01 10.64
N ASN M 353 12.61 26.52 11.42
CA ASN M 353 11.49 27.35 11.84
C ASN M 353 11.78 28.00 13.18
N GLY M 354 11.93 27.17 14.21
CA GLY M 354 12.44 27.59 15.49
C GLY M 354 13.33 26.50 16.03
N PHE M 355 13.31 25.36 15.34
CA PHE M 355 14.12 24.21 15.70
C PHE M 355 15.53 24.43 15.17
N THR M 356 16.34 25.14 15.94
CA THR M 356 17.71 25.41 15.53
C THR M 356 18.49 24.11 15.41
N VAL M 357 19.17 23.93 14.29
CA VAL M 357 19.99 22.76 14.02
C VAL M 357 21.44 23.20 13.96
N PRO M 358 22.31 22.65 14.78
CA PRO M 358 23.69 23.14 14.85
C PRO M 358 24.60 22.47 13.82
N GLY M 359 25.69 23.16 13.51
CA GLY M 359 26.78 22.58 12.77
C GLY M 359 27.95 22.37 13.71
N PHE M 360 28.94 21.59 13.27
CA PHE M 360 30.01 21.16 14.15
C PHE M 360 31.37 21.41 13.52
N ILE M 361 32.35 21.59 14.39
CA ILE M 361 33.78 21.58 14.05
C ILE M 361 34.33 20.28 14.59
N THR M 362 34.90 19.45 13.72
CA THR M 362 35.30 18.11 14.14
C THR M 362 36.75 17.83 13.77
N ARG M 363 37.36 16.98 14.57
CA ARG M 363 38.67 16.38 14.30
C ARG M 363 38.54 14.91 14.63
N ARG M 364 38.59 14.06 13.60
CA ARG M 364 38.29 12.65 13.76
C ARG M 364 39.39 11.79 13.18
N SER M 365 39.72 10.70 13.85
CA SER M 365 40.69 9.74 13.37
C SER M 365 40.27 8.34 13.75
N ASN M 366 40.27 7.43 12.78
CA ASN M 366 39.84 6.06 12.98
C ASN M 366 40.94 5.13 12.45
N ALA M 367 41.73 4.58 13.35
CA ALA M 367 42.98 3.93 12.97
C ALA M 367 43.02 2.48 13.38
N GLU M 368 43.68 1.67 12.56
CA GLU M 368 44.02 0.28 12.86
C GLU M 368 45.53 0.15 12.83
N ILE M 369 46.13 -0.23 13.96
CA ILE M 369 47.58 -0.29 14.06
C ILE M 369 48.01 -1.45 14.94
N ASN M 370 49.32 -1.68 15.01
CA ASN M 370 49.92 -2.59 15.97
C ASN M 370 51.27 -2.06 16.39
N VAL M 371 51.54 -2.05 17.69
CA VAL M 371 52.78 -1.51 18.23
C VAL M 371 53.29 -2.39 19.37
N GLY M 372 54.52 -2.12 19.79
CA GLY M 372 55.06 -2.77 20.96
C GLY M 372 54.54 -2.17 22.25
N ASP M 373 54.95 -2.76 23.36
CA ASP M 373 54.43 -2.35 24.65
C ASP M 373 54.99 -1.01 25.07
N GLY M 374 54.10 -0.04 25.28
CA GLY M 374 54.51 1.26 25.77
C GLY M 374 55.16 2.18 24.76
N GLN M 375 54.93 1.96 23.48
CA GLN M 375 55.50 2.81 22.43
C GLN M 375 54.46 3.83 21.98
N THR M 376 54.88 5.09 21.89
CA THR M 376 54.01 6.16 21.45
C THR M 376 53.97 6.20 19.93
N MET M 377 52.75 6.27 19.37
CA MET M 377 52.56 6.28 17.94
C MET M 377 51.66 7.45 17.55
N VAL M 378 52.06 8.20 16.55
CA VAL M 378 51.24 9.27 16.01
C VAL M 378 50.35 8.69 14.93
N ILE M 379 49.05 8.97 14.99
CA ILE M 379 48.14 8.43 13.99
C ILE M 379 47.56 9.48 13.07
N SER M 380 47.84 10.75 13.28
CA SER M 380 47.39 11.80 12.38
C SER M 380 48.07 13.11 12.73
N GLY M 381 48.33 13.91 11.71
CA GLY M 381 48.94 15.20 11.89
C GLY M 381 48.49 16.12 10.79
N LEU M 382 48.73 17.41 10.97
CA LEU M 382 48.32 18.35 9.96
C LEU M 382 49.07 19.66 10.13
N VAL M 383 49.44 20.26 9.00
CA VAL M 383 49.82 21.67 8.92
C VAL M 383 49.10 22.25 7.72
N ASN M 384 48.47 23.40 7.87
CA ASN M 384 47.57 23.92 6.85
C ASN M 384 47.55 25.44 6.77
N PRO M 385 48.53 26.04 6.08
CA PRO M 385 48.53 27.50 5.93
C PRO M 385 47.71 27.95 4.73
N LYS M 386 46.95 29.03 4.90
CA LYS M 386 46.15 29.60 3.83
C LYS M 386 46.23 31.11 3.85
N THR M 387 46.15 31.73 2.67
CA THR M 387 46.25 33.18 2.51
C THR M 387 45.45 33.62 1.31
N ALA M 388 44.82 34.78 1.39
CA ALA M 388 44.10 35.34 0.25
C ALA M 388 44.08 36.85 0.33
N LYS M 389 44.38 37.51 -0.79
CA LYS M 389 44.43 38.95 -0.87
C LYS M 389 43.63 39.44 -2.09
N ASN M 390 42.94 40.55 -1.92
CA ASN M 390 42.21 41.20 -3.01
C ASN M 390 42.46 42.69 -3.00
N VAL M 391 42.56 43.29 -4.18
CA VAL M 391 42.86 44.70 -4.34
C VAL M 391 41.89 45.29 -5.36
N SER M 392 41.31 46.43 -5.05
CA SER M 392 40.54 47.20 -6.02
C SER M 392 41.12 48.60 -6.10
N LYS M 393 41.45 49.05 -7.30
CA LYS M 393 42.22 50.27 -7.46
C LYS M 393 41.67 51.09 -8.60
N LEU M 394 42.02 52.36 -8.62
CA LEU M 394 41.84 53.18 -9.80
C LEU M 394 42.98 52.92 -10.77
N PRO M 395 42.76 53.14 -12.07
CA PRO M 395 43.72 52.65 -13.06
C PRO M 395 45.14 53.13 -12.89
N TRP M 396 45.39 54.43 -12.90
CA TRP M 396 46.76 54.91 -12.85
C TRP M 396 47.15 55.47 -11.49
N LEU M 397 46.21 55.99 -10.72
CA LEU M 397 46.55 56.60 -9.45
C LEU M 397 46.90 55.56 -8.39
N GLY M 398 46.39 54.35 -8.53
CA GLY M 398 46.59 53.35 -7.50
C GLY M 398 48.01 52.85 -7.43
N ASP M 399 48.76 53.02 -8.52
CA ASP M 399 50.12 52.48 -8.56
C ASP M 399 51.16 53.45 -8.05
N ILE M 400 50.78 54.68 -7.68
CA ILE M 400 51.75 55.63 -7.13
C ILE M 400 52.25 55.09 -5.79
N PRO M 401 53.56 55.12 -5.52
CA PRO M 401 54.06 54.63 -4.23
C PRO M 401 53.51 55.44 -3.06
N ILE M 402 53.19 54.74 -1.97
CA ILE M 402 52.69 55.33 -0.73
C ILE M 402 51.37 56.05 -0.94
N LEU M 403 51.38 57.11 -1.77
CA LEU M 403 50.17 57.86 -2.02
C LEU M 403 49.08 57.02 -2.66
N GLY M 404 49.45 55.96 -3.37
CA GLY M 404 48.45 55.15 -4.05
C GLY M 404 47.44 54.52 -3.12
N ASN M 405 47.76 54.43 -1.82
CA ASN M 405 46.80 53.89 -0.87
C ASN M 405 45.60 54.80 -0.67
N LEU M 406 45.64 56.03 -1.17
CA LEU M 406 44.45 56.86 -1.16
C LEU M 406 43.50 56.54 -2.30
N PHE M 407 43.88 55.63 -3.20
CA PHE M 407 43.07 55.30 -4.36
C PHE M 407 42.93 53.80 -4.55
N LYS M 408 43.19 52.99 -3.52
CA LYS M 408 43.14 51.55 -3.63
C LYS M 408 42.73 50.98 -2.28
N SER M 409 41.94 49.92 -2.33
CA SER M 409 41.49 49.23 -1.12
C SER M 409 41.97 47.79 -1.16
N THR M 410 42.53 47.31 -0.05
CA THR M 410 43.11 45.99 0.05
C THR M 410 42.46 45.21 1.18
N ASN M 411 42.19 43.94 0.90
CA ASN M 411 41.65 43.00 1.89
C ASN M 411 42.54 41.78 1.95
N PHE M 412 43.01 41.43 3.14
CA PHE M 412 44.03 40.40 3.32
C PHE M 412 43.64 39.48 4.47
N GLN M 413 43.73 38.17 4.24
CA GLN M 413 43.48 37.18 5.29
C GLN M 413 44.57 36.13 5.26
N SER M 414 45.04 35.73 6.44
CA SER M 414 46.04 34.67 6.53
C SER M 414 45.77 33.84 7.78
N GLY M 415 46.14 32.57 7.73
CA GLY M 415 45.95 31.75 8.92
C GLY M 415 46.58 30.38 8.79
N ASN M 416 46.66 29.70 9.93
CA ASN M 416 47.27 28.39 9.99
C ASN M 416 46.62 27.55 11.09
N THR M 417 46.63 26.24 10.88
CA THR M 417 46.07 25.24 11.78
C THR M 417 47.08 24.12 11.98
N ASP M 418 47.33 23.74 13.22
CA ASP M 418 48.23 22.64 13.57
C ASP M 418 47.49 21.64 14.45
N LEU M 419 47.73 20.36 14.22
CA LEU M 419 47.00 19.30 14.89
C LEU M 419 47.86 18.05 14.97
N VAL M 420 47.90 17.41 16.14
CA VAL M 420 48.57 16.12 16.31
C VAL M 420 47.72 15.22 17.18
N ILE M 421 47.66 13.94 16.82
CA ILE M 421 46.96 12.91 17.60
C ILE M 421 47.92 11.75 17.82
N LEU M 422 48.17 11.40 19.08
CA LEU M 422 49.06 10.28 19.38
C LEU M 422 48.46 9.38 20.45
N VAL M 423 48.89 8.12 20.45
CA VAL M 423 48.36 7.10 21.34
C VAL M 423 49.51 6.30 21.92
N THR M 424 49.33 5.81 23.14
CA THR M 424 50.27 4.97 23.85
C THR M 424 49.54 3.85 24.56
N PRO M 425 49.68 2.61 24.15
CA PRO M 425 49.11 1.50 24.91
C PRO M 425 50.13 0.86 25.84
N ARG M 426 49.66 0.32 26.96
CA ARG M 426 50.53 -0.35 27.93
C ARG M 426 49.77 -1.47 28.62
N VAL M 427 50.40 -2.63 28.73
CA VAL M 427 49.79 -3.77 29.40
C VAL M 427 49.99 -3.58 30.90
N VAL M 428 48.89 -3.50 31.65
CA VAL M 428 48.92 -3.05 33.03
C VAL M 428 48.20 -4.06 33.91
N SER M 429 48.19 -3.76 35.20
CA SER M 429 47.30 -4.36 36.18
C SER M 429 46.81 -3.24 37.07
N ALA M 430 46.04 -3.59 38.10
CA ALA M 430 45.53 -2.55 38.98
C ALA M 430 46.66 -1.83 39.73
N ALA M 431 47.81 -2.47 39.89
CA ALA M 431 48.91 -1.88 40.61
C ALA M 431 49.86 -1.07 39.74
N SER M 432 49.61 -0.99 38.43
CA SER M 432 50.53 -0.29 37.54
C SER M 432 50.50 1.20 37.80
N LEU M 433 51.59 1.86 37.44
CA LEU M 433 51.75 3.29 37.71
C LEU M 433 50.67 4.12 37.02
N GLU M 434 50.24 3.72 35.82
CA GLU M 434 49.22 4.46 35.10
C GLU M 434 47.92 4.51 35.88
N ASN M 435 47.56 3.41 36.52
CA ASN M 435 46.35 3.36 37.34
C ASN M 435 46.52 4.16 38.64
N ILE M 436 47.66 4.01 39.29
CA ILE M 436 47.90 4.68 40.56
C ILE M 436 47.83 6.18 40.39
N ARG M 437 48.36 6.71 39.29
CA ARG M 437 48.34 8.16 39.11
C ARG M 437 46.92 8.70 39.02
N GLN M 438 46.04 8.00 38.32
CA GLN M 438 44.66 8.47 38.23
C GLN M 438 43.95 8.34 39.57
N VAL M 439 44.27 7.29 40.34
CA VAL M 439 43.65 7.19 41.66
C VAL M 439 44.09 8.36 42.54
N SER M 440 45.38 8.71 42.47
CA SER M 440 45.87 9.86 43.22
C SER M 440 45.20 11.14 42.76
N GLN M 441 44.95 11.27 41.46
CA GLN M 441 44.27 12.45 40.96
C GLN M 441 42.86 12.54 41.52
N ALA M 442 42.16 11.41 41.60
CA ALA M 442 40.81 11.43 42.17
C ALA M 442 40.84 11.86 43.63
N VAL M 443 41.81 11.35 44.40
CA VAL M 443 41.92 11.76 45.79
C VAL M 443 42.18 13.27 45.89
N GLU M 444 43.04 13.79 45.03
CA GLU M 444 43.31 15.23 45.03
C GLU M 444 42.06 16.04 44.70
N MET M 445 41.28 15.59 43.72
CA MET M 445 40.05 16.30 43.39
C MET M 445 39.10 16.33 44.56
N LYS M 446 38.95 15.19 45.25
CA LYS M 446 38.05 15.15 46.41
C LYS M 446 38.53 16.10 47.49
N ASP M 447 39.83 16.11 47.77
CA ASP M 447 40.34 16.97 48.83
C ASP M 447 40.13 18.44 48.49
N GLU M 448 40.35 18.82 47.24
CA GLU M 448 40.10 20.20 46.84
C GLU M 448 38.64 20.58 47.03
N TYR M 449 37.72 19.72 46.57
CA TYR M 449 36.31 19.99 46.77
C TYR M 449 36.01 20.19 48.24
N ARG M 450 36.49 19.29 49.09
CA ARG M 450 36.21 19.39 50.52
C ARG M 450 36.73 20.70 51.09
N ASN M 451 37.89 21.16 50.64
CA ASN M 451 38.45 22.38 51.20
C ASN M 451 37.71 23.63 50.75
N THR M 452 36.99 23.58 49.63
CA THR M 452 36.27 24.80 49.24
C THR M 452 35.04 25.06 50.09
N LEU M 453 34.64 24.13 50.96
CA LEU M 453 33.37 24.25 51.66
C LEU M 453 33.54 24.68 53.11
N PRO M 454 32.53 25.33 53.69
CA PRO M 454 32.59 25.70 55.11
C PRO M 454 32.60 24.47 56.00
N LYS M 455 33.14 24.65 57.20
CA LYS M 455 33.42 23.50 58.07
C LYS M 455 32.16 22.79 58.50
N GLY M 456 31.09 23.52 58.79
CA GLY M 456 29.89 22.89 59.30
C GLY M 456 28.87 22.44 58.28
N SER M 457 29.17 22.55 56.99
CA SER M 457 28.16 22.28 55.98
C SER M 457 27.82 20.80 55.91
N THR M 458 26.58 20.52 55.47
CA THR M 458 26.17 19.13 55.26
C THR M 458 26.76 18.58 53.97
N THR M 459 26.96 19.45 52.98
CA THR M 459 27.64 19.03 51.76
C THR M 459 29.04 18.55 52.05
N ARG M 460 29.70 19.15 53.04
CA ARG M 460 31.03 18.69 53.43
C ARG M 460 30.98 17.29 54.00
N ASP M 461 29.95 16.97 54.79
CA ASP M 461 29.80 15.61 55.28
C ASP M 461 29.55 14.64 54.14
N ALA M 462 28.72 15.04 53.19
CA ALA M 462 28.48 14.18 52.03
C ALA M 462 29.77 13.91 51.26
N VAL M 463 30.61 14.93 51.10
CA VAL M 463 31.88 14.76 50.43
C VAL M 463 32.77 13.82 51.24
N ASP M 464 32.78 13.96 52.56
CA ASP M 464 33.60 13.07 53.38
C ASP M 464 33.14 11.62 53.25
N ARG M 465 31.86 11.40 52.97
CA ARG M 465 31.37 10.02 52.89
C ARG M 465 31.72 9.34 51.57
N THR M 466 32.03 10.09 50.52
CA THR M 466 32.28 9.47 49.23
C THR M 466 33.69 8.90 49.15
N LEU M 467 33.96 8.16 48.08
CA LEU M 467 35.27 7.57 47.78
C LEU M 467 35.80 6.76 48.97
N GLY M 468 34.94 5.90 49.49
CA GLY M 468 35.33 5.07 50.62
C GLY M 468 36.37 4.05 50.28
N THR N 27 67.60 -41.22 19.86
CA THR N 27 67.05 -42.52 19.47
C THR N 27 67.23 -42.76 17.97
N ILE N 28 66.97 -44.01 17.55
CA ILE N 28 67.06 -44.38 16.14
C ILE N 28 65.71 -44.83 15.57
N ASP N 29 64.61 -44.47 16.23
CA ASP N 29 63.32 -44.81 15.67
C ASP N 29 63.20 -44.26 14.26
N LEU N 30 63.24 -45.15 13.29
CA LEU N 30 63.29 -44.77 11.87
C LEU N 30 62.91 -46.02 11.08
N TYR N 31 63.00 -45.92 9.75
CA TYR N 31 62.84 -47.10 8.92
C TYR N 31 63.84 -48.15 9.34
N ALA N 32 63.41 -49.40 9.36
CA ALA N 32 64.25 -50.49 9.85
C ALA N 32 65.56 -50.54 9.08
N GLY N 33 66.66 -50.68 9.82
CA GLY N 33 67.98 -50.68 9.23
C GLY N 33 68.71 -49.36 9.25
N GLN N 34 68.21 -48.37 9.99
CA GLN N 34 68.88 -47.08 10.04
C GLN N 34 70.20 -47.20 10.80
N VAL N 35 71.22 -46.52 10.29
CA VAL N 35 72.54 -46.45 10.92
C VAL N 35 72.72 -45.03 11.43
N ARG N 36 73.09 -44.90 12.71
CA ARG N 36 73.38 -43.59 13.28
C ARG N 36 74.70 -43.63 14.05
N VAL N 37 75.49 -42.56 13.91
CA VAL N 37 76.76 -42.43 14.60
C VAL N 37 76.67 -41.25 15.56
N ILE N 38 76.91 -41.52 16.84
CA ILE N 38 76.83 -40.53 17.90
C ILE N 38 78.21 -40.36 18.52
N PRO N 39 78.86 -39.21 18.40
CA PRO N 39 80.15 -39.02 19.06
C PRO N 39 79.99 -38.82 20.55
N THR N 40 80.73 -39.62 21.32
CA THR N 40 80.68 -39.55 22.78
C THR N 40 82.10 -39.66 23.32
N LYS N 41 82.20 -39.76 24.64
CA LYS N 41 83.48 -40.00 25.29
C LYS N 41 83.90 -41.46 25.07
N PRO N 42 85.18 -41.78 25.30
CA PRO N 42 85.65 -43.14 25.07
C PRO N 42 84.78 -44.19 25.77
N VAL N 43 84.36 -45.18 24.99
CA VAL N 43 83.50 -46.27 25.47
C VAL N 43 84.14 -47.60 25.06
N LYS N 44 84.05 -48.58 25.96
CA LYS N 44 84.62 -49.89 25.68
C LYS N 44 83.91 -50.57 24.51
N ARG N 45 82.58 -50.50 24.49
CA ARG N 45 81.77 -51.17 23.48
C ARG N 45 80.39 -50.53 23.49
N VAL N 46 79.55 -50.95 22.56
CA VAL N 46 78.14 -50.58 22.54
C VAL N 46 77.33 -51.86 22.35
N ALA N 47 76.36 -52.07 23.25
CA ALA N 47 75.55 -53.28 23.24
C ALA N 47 74.09 -52.93 23.39
N ILE N 48 73.22 -53.90 23.08
CA ILE N 48 71.77 -53.72 23.10
C ILE N 48 71.16 -54.83 23.94
N GLY N 49 70.11 -54.47 24.69
CA GLY N 49 69.46 -55.46 25.55
C GLY N 49 68.86 -56.61 24.77
N ASP N 50 68.20 -56.31 23.66
CA ASP N 50 67.61 -57.34 22.79
C ASP N 50 68.42 -57.40 21.50
N GLY N 51 68.94 -58.58 21.19
CA GLY N 51 69.77 -58.73 20.00
C GLY N 51 68.99 -58.51 18.72
N LYS N 52 67.75 -59.02 18.66
CA LYS N 52 66.97 -58.90 17.43
C LYS N 52 66.66 -57.45 17.10
N VAL N 53 66.24 -56.67 18.11
CA VAL N 53 65.74 -55.32 17.85
C VAL N 53 66.84 -54.43 17.28
N LEU N 54 68.04 -54.50 17.86
CA LEU N 54 69.07 -53.52 17.53
C LEU N 54 70.45 -54.13 17.69
N SER N 55 71.37 -53.71 16.83
CA SER N 55 72.77 -54.11 16.86
C SER N 55 73.65 -52.88 16.92
N THR N 56 74.81 -53.00 17.56
CA THR N 56 75.65 -51.85 17.83
C THR N 56 77.12 -52.20 17.74
N THR N 57 77.94 -51.19 17.45
CA THR N 57 79.40 -51.30 17.42
C THR N 57 79.99 -50.00 17.97
N VAL N 58 81.24 -50.07 18.44
CA VAL N 58 81.94 -48.87 18.86
C VAL N 58 82.94 -48.46 17.79
N VAL N 59 82.85 -47.20 17.35
CA VAL N 59 83.71 -46.67 16.32
C VAL N 59 84.53 -45.53 16.92
N ASP N 60 85.81 -45.45 16.52
CA ASP N 60 86.81 -44.52 17.01
C ASP N 60 87.16 -44.80 18.47
N GLY N 61 86.57 -45.82 19.09
CA GLY N 61 86.76 -46.09 20.49
C GLY N 61 85.97 -45.21 21.42
N ASN N 62 85.31 -44.19 20.89
CA ASN N 62 84.55 -43.25 21.72
C ASN N 62 83.11 -43.17 21.24
N GLU N 63 82.93 -43.22 19.92
CA GLU N 63 81.62 -42.97 19.32
C GLU N 63 80.84 -44.27 19.12
N LEU N 64 79.52 -44.10 19.01
CA LEU N 64 78.57 -45.19 18.84
C LEU N 64 78.18 -45.28 17.38
N LEU N 65 78.35 -46.47 16.78
CA LEU N 65 77.70 -46.78 15.51
C LEU N 65 76.56 -47.73 15.84
N LEU N 66 75.35 -47.39 15.41
CA LEU N 66 74.15 -48.04 15.91
C LEU N 66 73.26 -48.38 14.72
N LEU N 67 73.15 -49.68 14.43
CA LEU N 67 72.28 -50.19 13.39
C LEU N 67 70.99 -50.68 14.03
N GLY N 68 69.90 -49.98 13.77
CA GLY N 68 68.62 -50.39 14.30
C GLY N 68 67.95 -51.40 13.40
N ASP N 69 68.07 -52.68 13.73
CA ASP N 69 67.38 -53.71 12.98
C ASP N 69 65.87 -53.52 13.07
N ALA N 70 65.39 -52.97 14.18
CA ALA N 70 63.99 -52.60 14.35
C ALA N 70 63.06 -53.80 14.18
N GLU N 71 63.44 -54.93 14.77
CA GLU N 71 62.56 -56.09 14.72
C GLU N 71 61.34 -55.89 15.61
N GLY N 72 61.51 -55.22 16.75
CA GLY N 72 60.42 -55.01 17.68
C GLY N 72 60.49 -53.63 18.30
N GLU N 73 59.42 -53.29 19.03
CA GLU N 73 59.31 -52.01 19.71
C GLU N 73 59.45 -52.23 21.22
N THR N 74 60.46 -51.63 21.82
CA THR N 74 60.69 -51.76 23.25
C THR N 74 61.74 -50.74 23.69
N SER N 75 61.84 -50.57 25.00
CA SER N 75 62.95 -49.81 25.57
C SER N 75 64.23 -50.65 25.50
N LEU N 76 65.36 -49.96 25.47
CA LEU N 76 66.65 -50.61 25.27
C LEU N 76 67.65 -50.17 26.33
N ARG N 77 68.51 -51.11 26.71
CA ARG N 77 69.63 -50.85 27.62
C ARG N 77 70.92 -50.96 26.81
N VAL N 78 71.84 -50.03 27.04
CA VAL N 78 73.07 -49.94 26.25
C VAL N 78 74.25 -49.95 27.21
N TRP N 79 75.28 -50.73 26.86
CA TRP N 79 76.46 -50.91 27.69
C TRP N 79 77.64 -50.16 27.09
N PHE N 80 78.40 -49.48 27.94
CA PHE N 80 79.68 -48.89 27.56
C PHE N 80 80.71 -49.21 28.63
N LYS N 81 81.86 -48.55 28.52
CA LYS N 81 82.82 -48.51 29.61
C LYS N 81 82.29 -47.67 30.76
N ASP N 82 81.79 -46.46 30.44
CA ASP N 82 81.26 -45.58 31.49
C ASP N 82 79.89 -46.05 31.95
N GLY N 83 79.15 -46.76 31.10
CA GLY N 83 77.90 -47.36 31.48
C GLY N 83 76.68 -46.46 31.39
N SER N 84 76.83 -45.25 30.86
CA SER N 84 75.68 -44.37 30.71
C SER N 84 74.68 -44.97 29.73
N GLU N 85 73.41 -44.98 30.13
CA GLU N 85 72.35 -45.61 29.35
C GLU N 85 71.30 -44.58 28.96
N ALA N 86 71.00 -44.51 27.66
CA ALA N 86 69.91 -43.68 27.14
C ALA N 86 68.90 -44.60 26.48
N ALA N 87 67.75 -44.78 27.11
CA ALA N 87 66.74 -45.69 26.59
C ALA N 87 66.23 -45.19 25.24
N TYR N 88 66.18 -46.09 24.27
CA TYR N 88 65.73 -45.78 22.92
C TYR N 88 64.45 -46.55 22.64
N ARG N 89 63.49 -45.88 22.01
CA ARG N 89 62.26 -46.51 21.53
C ARG N 89 62.38 -46.67 20.02
N VAL N 90 62.11 -47.87 19.52
CA VAL N 90 62.37 -48.22 18.13
C VAL N 90 61.06 -48.65 17.49
N LEU N 91 60.73 -48.06 16.34
CA LEU N 91 59.57 -48.43 15.56
C LEU N 91 59.95 -48.45 14.08
N VAL N 92 59.37 -49.38 13.34
CA VAL N 92 59.62 -49.46 11.90
C VAL N 92 58.81 -48.38 11.19
N ALA N 93 59.39 -47.80 10.15
CA ALA N 93 58.64 -46.80 9.41
C ALA N 93 57.90 -47.45 8.25
N PRO N 94 56.56 -47.40 8.23
CA PRO N 94 55.77 -47.92 7.12
C PRO N 94 56.13 -47.27 5.79
N VAL N 97 57.04 -44.43 10.55
CA VAL N 97 56.98 -43.30 11.43
C VAL N 97 58.33 -42.59 11.50
N GLY N 98 59.41 -43.35 11.67
CA GLY N 98 60.70 -42.72 11.91
C GLY N 98 61.30 -42.11 10.66
N ARG N 99 61.27 -42.85 9.56
CA ARG N 99 61.72 -42.28 8.29
C ARG N 99 60.85 -41.09 7.90
N ALA N 100 59.54 -41.24 8.07
CA ALA N 100 58.63 -40.12 7.82
C ALA N 100 58.93 -38.96 8.73
N ALA N 101 59.22 -39.24 10.01
CA ALA N 101 59.55 -38.17 10.94
C ALA N 101 60.79 -37.42 10.49
N GLU N 102 61.81 -38.14 10.03
CA GLU N 102 63.01 -37.48 9.52
C GLU N 102 62.69 -36.62 8.31
N GLU N 103 61.85 -37.13 7.41
CA GLU N 103 61.50 -36.34 6.23
C GLU N 103 60.76 -35.07 6.61
N MET N 104 59.79 -35.16 7.52
CA MET N 104 59.08 -33.97 7.95
C MET N 104 60.02 -32.99 8.65
N ARG N 105 60.97 -33.52 9.42
CA ARG N 105 61.92 -32.65 10.10
C ARG N 105 62.78 -31.89 9.10
N GLU N 106 63.21 -32.57 8.04
CA GLU N 106 64.01 -31.90 7.01
C GLU N 106 63.19 -30.85 6.27
N LEU N 107 61.98 -31.21 5.84
CA LEU N 107 61.16 -30.27 5.08
C LEU N 107 60.80 -29.05 5.91
N MET N 108 60.42 -29.26 7.17
CA MET N 108 60.03 -28.14 8.02
C MET N 108 61.25 -27.33 8.43
N GLY N 109 62.40 -27.99 8.60
CA GLY N 109 63.61 -27.33 9.05
C GLY N 109 64.12 -26.27 8.09
N ALA N 115 60.04 -22.77 14.70
CA ALA N 115 59.68 -22.83 16.11
C ALA N 115 58.92 -24.12 16.42
N LYS N 116 58.55 -24.83 15.36
CA LYS N 116 57.88 -26.11 15.50
C LYS N 116 58.80 -27.13 16.15
N ILE N 117 58.20 -28.09 16.85
CA ILE N 117 58.94 -29.17 17.49
C ILE N 117 58.39 -30.50 17.02
N ARG N 118 59.29 -31.40 16.62
CA ARG N 118 58.96 -32.68 16.02
C ARG N 118 59.42 -33.80 16.93
N VAL N 119 58.51 -34.72 17.28
CA VAL N 119 58.88 -35.90 18.05
C VAL N 119 58.17 -37.13 17.50
N VAL N 120 58.66 -38.30 17.92
CA VAL N 120 58.22 -39.55 17.31
C VAL N 120 57.09 -40.19 18.10
N GLY N 121 57.31 -40.44 19.38
CA GLY N 121 56.27 -41.08 20.19
C GLY N 121 55.85 -42.40 19.59
N ASP N 122 54.54 -42.59 19.45
CA ASP N 122 54.00 -43.68 18.64
C ASP N 122 53.60 -43.24 17.25
N HIS N 123 52.89 -42.11 17.14
CA HIS N 123 52.62 -41.47 15.87
C HIS N 123 53.39 -40.17 15.85
N VAL N 124 53.82 -39.77 14.66
CA VAL N 124 54.60 -38.54 14.54
C VAL N 124 53.79 -37.37 15.10
N VAL N 125 54.42 -36.63 16.01
CA VAL N 125 53.79 -35.55 16.75
C VAL N 125 54.51 -34.24 16.45
N VAL N 126 53.73 -33.20 16.20
CA VAL N 126 54.26 -31.85 16.01
C VAL N 126 53.58 -30.91 17.00
N ASP N 127 54.38 -30.14 17.73
CA ASP N 127 53.85 -29.25 18.74
C ASP N 127 54.56 -27.91 18.68
N GLY N 128 53.83 -26.84 18.98
CA GLY N 128 54.41 -25.51 18.98
C GLY N 128 53.41 -24.53 19.53
N LYS N 129 53.90 -23.39 20.00
CA LYS N 129 53.04 -22.46 20.72
C LYS N 129 52.44 -21.41 19.81
N ASN N 130 53.28 -20.63 19.13
CA ASN N 130 52.84 -19.43 18.44
C ASN N 130 53.29 -19.47 16.98
N LEU N 131 53.05 -20.58 16.32
CA LEU N 131 53.48 -20.72 14.93
C LEU N 131 52.65 -19.83 14.02
N ALA N 132 53.31 -19.31 12.99
CA ALA N 132 52.66 -18.45 12.03
C ALA N 132 51.69 -19.26 11.18
N PRO N 133 50.65 -18.61 10.64
CA PRO N 133 49.69 -19.36 9.82
C PRO N 133 50.31 -20.05 8.63
N THR N 134 51.34 -19.46 8.03
CA THR N 134 52.01 -20.12 6.91
C THR N 134 52.64 -21.44 7.36
N THR N 135 53.26 -21.45 8.53
CA THR N 135 53.87 -22.68 9.01
C THR N 135 52.82 -23.74 9.30
N LEU N 136 51.68 -23.32 9.85
CA LEU N 136 50.59 -24.27 10.06
C LEU N 136 50.08 -24.83 8.74
N ALA N 137 49.95 -23.98 7.72
CA ALA N 137 49.51 -24.46 6.42
C ALA N 137 50.51 -25.44 5.83
N ARG N 138 51.80 -25.15 5.98
CA ARG N 138 52.83 -26.07 5.53
C ARG N 138 52.73 -27.41 6.24
N VAL N 139 52.49 -27.39 7.55
CA VAL N 139 52.38 -28.63 8.30
C VAL N 139 51.16 -29.43 7.84
N ARG N 140 50.01 -28.75 7.66
CA ARG N 140 48.82 -29.46 7.23
C ARG N 140 48.97 -30.00 5.82
N ALA N 141 49.75 -29.31 4.99
CA ALA N 141 50.03 -29.82 3.66
C ALA N 141 50.90 -31.07 3.73
N LEU N 142 51.94 -31.04 4.55
CA LEU N 142 52.76 -32.24 4.75
C LEU N 142 51.99 -33.36 5.41
N GLN N 143 50.85 -33.07 6.03
CA GLN N 143 50.07 -34.13 6.66
C GLN N 143 49.69 -35.23 5.68
N ALA N 144 49.60 -34.90 4.38
CA ALA N 144 49.22 -35.91 3.40
C ALA N 144 50.32 -36.93 3.17
N LEU N 145 51.54 -36.63 3.63
CA LEU N 145 52.65 -37.56 3.39
C LEU N 145 52.47 -38.86 4.17
N TYR N 146 51.94 -38.78 5.39
CA TYR N 146 51.73 -39.96 6.23
C TYR N 146 50.40 -39.78 6.94
N PRO N 147 49.54 -40.80 6.94
CA PRO N 147 48.24 -40.65 7.61
C PRO N 147 48.30 -40.43 9.12
N LYS N 148 49.06 -41.22 9.88
CA LYS N 148 49.04 -41.10 11.34
C LYS N 148 50.00 -39.99 11.76
N THR N 149 49.51 -38.76 11.74
CA THR N 149 50.21 -37.61 12.30
C THR N 149 49.28 -36.92 13.27
N ILE N 150 49.85 -36.31 14.31
CA ILE N 150 49.05 -35.52 15.24
C ILE N 150 49.69 -34.15 15.42
N VAL N 151 48.85 -33.12 15.35
CA VAL N 151 49.25 -31.73 15.24
C VAL N 151 48.84 -31.04 16.53
N LEU N 152 49.77 -30.94 17.47
CA LEU N 152 49.49 -30.28 18.73
C LEU N 152 49.87 -28.82 18.72
N ALA N 153 50.38 -28.31 17.61
CA ALA N 153 50.78 -26.92 17.53
C ALA N 153 49.56 -26.02 17.45
N THR N 154 49.73 -24.77 17.88
CA THR N 154 48.64 -23.80 17.89
C THR N 154 49.09 -22.51 17.20
N PRO N 155 48.15 -21.79 16.59
CA PRO N 155 48.51 -20.53 15.95
C PRO N 155 48.61 -19.38 16.94
N SER N 156 49.25 -18.31 16.49
CA SER N 156 49.32 -17.09 17.26
C SER N 156 47.97 -16.40 17.27
N PRO N 157 47.70 -15.57 18.27
CA PRO N 157 46.43 -14.81 18.26
C PRO N 157 46.26 -13.95 17.03
N PHE N 158 47.35 -13.35 16.56
CA PHE N 158 47.34 -12.53 15.37
C PHE N 158 48.75 -12.45 14.84
N ASP N 159 48.92 -11.77 13.71
CA ASP N 159 50.22 -11.61 13.08
C ASP N 159 50.63 -10.15 13.10
N MET N 160 51.85 -9.88 13.54
CA MET N 160 52.35 -8.52 13.53
C MET N 160 52.66 -8.11 12.11
N GLU N 161 52.04 -7.03 11.65
CA GLU N 161 52.20 -6.55 10.28
C GLU N 161 53.14 -5.37 10.28
N LYS N 162 53.69 -5.10 9.10
CA LYS N 162 54.50 -3.90 8.92
C LYS N 162 53.60 -2.67 8.98
N MET N 163 54.16 -1.57 9.45
CA MET N 163 53.46 -0.32 9.59
C MET N 163 53.88 0.64 8.49
N VAL N 164 52.91 1.33 7.90
CA VAL N 164 53.16 2.24 6.79
C VAL N 164 52.78 3.65 7.23
N TRP N 165 53.69 4.58 7.02
CA TRP N 165 53.48 6.00 7.23
C TRP N 165 53.22 6.65 5.90
N LEU N 166 52.15 7.44 5.82
CA LEU N 166 51.78 8.12 4.59
C LEU N 166 51.89 9.61 4.77
N ASP N 167 52.58 10.27 3.85
CA ASP N 167 52.74 11.72 3.85
C ASP N 167 52.15 12.29 2.57
N VAL N 168 51.17 13.18 2.70
CA VAL N 168 50.47 13.73 1.55
C VAL N 168 50.64 15.24 1.54
N ASN N 169 50.87 15.81 0.37
CA ASN N 169 50.93 17.25 0.19
C ASN N 169 49.98 17.68 -0.92
N ILE N 170 49.19 18.72 -0.65
CA ILE N 170 48.25 19.28 -1.60
C ILE N 170 48.50 20.77 -1.69
N LEU N 171 48.94 21.24 -2.86
CA LEU N 171 49.28 22.65 -3.07
C LEU N 171 48.41 23.23 -4.15
N GLU N 172 47.90 24.44 -3.93
CA GLU N 172 47.12 25.12 -4.96
C GLU N 172 47.31 26.63 -4.93
N ILE N 173 47.39 27.23 -6.11
CA ILE N 173 47.52 28.67 -6.28
C ILE N 173 46.50 29.15 -7.31
N ARG N 174 45.77 30.20 -6.98
CA ARG N 174 44.80 30.83 -7.87
C ARG N 174 45.15 32.29 -8.05
N LYS N 175 45.08 32.77 -9.29
CA LYS N 175 45.27 34.18 -9.59
C LYS N 175 44.24 34.65 -10.60
N SER N 176 43.84 35.92 -10.50
CA SER N 176 42.82 36.44 -11.39
C SER N 176 42.92 37.96 -11.53
N VAL N 177 42.55 38.44 -12.71
CA VAL N 177 42.49 39.86 -13.05
C VAL N 177 41.13 40.14 -13.67
N LEU N 178 40.56 41.30 -13.34
CA LEU N 178 39.28 41.72 -13.88
C LEU N 178 39.31 43.21 -14.17
N GLU N 179 38.93 43.61 -15.38
CA GLU N 179 38.92 45.02 -15.76
C GLU N 179 37.63 45.35 -16.49
N ASN N 180 37.16 46.58 -16.33
CA ASN N 180 35.94 47.05 -16.96
C ASN N 180 36.08 48.54 -17.23
N PHE N 181 36.29 48.92 -18.48
CA PHE N 181 36.63 50.32 -18.73
C PHE N 181 36.09 50.81 -20.07
N GLY N 182 35.73 52.07 -20.09
CA GLY N 182 35.30 52.74 -21.30
C GLY N 182 34.00 53.50 -21.10
N VAL N 183 33.40 53.89 -22.22
CA VAL N 183 32.15 54.63 -22.24
C VAL N 183 31.11 53.78 -22.95
N ASP N 184 30.01 53.52 -22.26
CA ASP N 184 28.92 52.72 -22.80
C ASP N 184 27.76 53.65 -23.13
N TRP N 185 27.39 53.69 -24.40
CA TRP N 185 26.36 54.60 -24.87
C TRP N 185 25.05 53.87 -25.15
N SER N 186 24.07 54.62 -25.63
CA SER N 186 22.80 54.06 -26.06
C SER N 186 22.93 53.51 -27.49
N LYS N 187 22.20 52.44 -27.77
CA LYS N 187 22.25 51.83 -29.08
C LYS N 187 20.91 51.76 -29.79
N GLN N 188 19.82 52.08 -29.12
CA GLN N 188 18.49 52.12 -29.71
C GLN N 188 17.80 53.40 -29.28
N ILE N 189 17.58 54.30 -30.23
CA ILE N 189 17.01 55.59 -29.88
C ILE N 189 15.76 55.82 -30.73
N PRO N 190 14.82 56.65 -30.27
CA PRO N 190 13.63 56.92 -31.08
C PRO N 190 13.99 57.57 -32.41
N GLY N 191 13.21 57.24 -33.43
CA GLY N 191 13.39 57.82 -34.74
C GLY N 191 12.32 58.83 -35.08
N PRO N 192 12.31 59.30 -36.33
CA PRO N 192 11.34 60.33 -36.71
C PRO N 192 9.91 59.80 -36.76
N PHE N 193 8.97 60.74 -36.76
CA PHE N 193 7.55 60.44 -36.81
C PHE N 193 6.83 61.39 -37.76
N ALA N 194 5.72 60.90 -38.32
CA ALA N 194 4.86 61.68 -39.19
C ALA N 194 3.42 61.20 -39.03
N ALA N 195 2.49 62.13 -39.12
CA ALA N 195 1.06 61.82 -39.03
C ALA N 195 0.26 62.76 -39.91
N PHE N 196 -0.83 62.24 -40.46
CA PHE N 196 -1.73 62.99 -41.33
C PHE N 196 -3.17 62.71 -40.92
N GLY N 197 -4.03 63.70 -41.09
CA GLY N 197 -5.43 63.53 -40.76
C GLY N 197 -6.31 64.54 -41.46
N LYS N 198 -7.41 64.09 -42.07
CA LYS N 198 -8.29 65.01 -42.76
C LYS N 198 -9.70 64.45 -42.78
N ASP N 199 -10.67 65.36 -42.79
CA ASP N 199 -12.10 65.03 -42.88
C ASP N 199 -12.63 65.60 -44.19
N PHE N 200 -12.69 64.76 -45.22
CA PHE N 200 -13.17 65.24 -46.52
C PHE N 200 -14.61 65.69 -46.45
N VAL N 201 -15.47 64.92 -45.78
CA VAL N 201 -16.81 65.37 -45.42
C VAL N 201 -16.90 65.31 -43.90
N GLY N 202 -17.00 66.48 -43.28
CA GLY N 202 -16.75 66.59 -41.87
C GLY N 202 -17.98 66.41 -41.01
N PRO N 203 -17.78 66.20 -39.72
CA PRO N 203 -18.92 66.11 -38.81
C PRO N 203 -19.60 67.46 -38.66
N ARG N 204 -20.86 67.43 -38.24
CA ARG N 204 -21.63 68.63 -37.99
C ARG N 204 -21.81 68.81 -36.49
N ASN N 205 -21.66 70.05 -36.02
CA ASN N 205 -21.91 70.40 -34.63
C ASN N 205 -23.27 71.06 -34.53
N VAL N 206 -24.13 70.51 -33.67
CA VAL N 206 -25.52 70.97 -33.51
C VAL N 206 -25.87 70.95 -32.04
N ALA N 207 -26.82 71.81 -31.66
CA ALA N 207 -27.33 71.80 -30.30
C ALA N 207 -28.30 70.64 -30.10
N THR N 208 -28.25 70.01 -28.93
CA THR N 208 -29.14 68.90 -28.63
C THR N 208 -29.60 69.01 -27.18
N ILE N 209 -30.78 68.47 -26.91
CA ILE N 209 -31.34 68.40 -25.57
C ILE N 209 -31.43 66.92 -25.17
N PRO N 210 -30.70 66.48 -24.15
CA PRO N 210 -30.73 65.07 -23.78
C PRO N 210 -32.10 64.61 -23.32
N LEU N 211 -32.38 63.34 -23.55
CA LEU N 211 -33.65 62.76 -23.13
C LEU N 211 -33.71 62.66 -21.61
N GLY N 212 -34.89 62.93 -21.06
CA GLY N 212 -35.07 62.89 -19.63
C GLY N 212 -34.62 64.13 -18.90
N GLN N 213 -34.22 65.17 -19.62
CA GLN N 213 -33.76 66.42 -19.05
C GLN N 213 -34.88 67.46 -19.11
N ASP N 214 -34.91 68.34 -18.11
CA ASP N 214 -35.94 69.36 -18.06
C ASP N 214 -35.86 70.25 -19.30
N LEU N 215 -37.04 70.69 -19.77
CA LEU N 215 -37.08 71.42 -21.03
C LEU N 215 -36.53 72.83 -20.89
N THR N 216 -36.51 73.38 -19.66
CA THR N 216 -36.04 74.74 -19.47
C THR N 216 -34.53 74.83 -19.57
N GLN N 217 -33.82 73.76 -19.26
CA GLN N 217 -32.38 73.81 -19.20
C GLN N 217 -31.79 74.06 -20.58
N PRO N 218 -30.66 74.77 -20.67
CA PRO N 218 -30.12 75.12 -21.99
C PRO N 218 -29.58 73.90 -22.71
N PRO N 219 -29.52 73.94 -24.04
CA PRO N 219 -29.04 72.78 -24.79
C PRO N 219 -27.54 72.57 -24.62
N VAL N 220 -27.09 71.37 -24.95
CA VAL N 220 -25.68 71.02 -24.88
C VAL N 220 -25.19 70.75 -26.30
N ALA N 221 -23.89 70.53 -26.42
CA ALA N 221 -23.28 70.28 -27.72
C ALA N 221 -23.50 68.84 -28.17
N GLY N 222 -23.65 68.65 -29.48
CA GLY N 222 -23.83 67.32 -30.02
C GLY N 222 -23.44 67.32 -31.48
N THR N 223 -23.50 66.13 -32.09
CA THR N 223 -22.91 65.92 -33.40
C THR N 223 -23.87 65.18 -34.32
N GLY N 224 -23.57 65.24 -35.61
CA GLY N 224 -24.16 64.35 -36.59
C GLY N 224 -23.41 63.05 -36.60
N VAL N 225 -23.33 62.43 -37.78
CA VAL N 225 -22.53 61.22 -37.89
C VAL N 225 -21.07 61.58 -37.81
N ARG N 226 -20.36 60.97 -36.86
CA ARG N 226 -18.97 61.27 -36.61
C ARG N 226 -18.24 60.00 -36.24
N VAL N 227 -17.08 59.78 -36.84
CA VAL N 227 -16.28 58.58 -36.64
C VAL N 227 -15.02 58.92 -35.85
N THR N 228 -14.71 58.10 -34.87
CA THR N 228 -13.43 58.17 -34.18
C THR N 228 -12.68 56.87 -34.43
N PRO N 229 -11.77 56.81 -35.40
CA PRO N 229 -11.24 55.52 -35.81
C PRO N 229 -10.35 54.94 -34.73
N PRO N 230 -10.23 53.61 -34.67
CA PRO N 230 -9.28 53.00 -33.74
C PRO N 230 -7.87 53.08 -34.30
N LEU N 231 -6.93 53.49 -33.45
CA LEU N 231 -5.52 53.53 -33.81
C LEU N 231 -4.91 52.22 -33.34
N GLY N 232 -4.47 51.38 -34.28
CA GLY N 232 -3.99 50.07 -33.91
C GLY N 232 -2.64 50.14 -33.20
N SER N 233 -1.58 50.40 -33.95
CA SER N 233 -0.25 50.52 -33.38
C SER N 233 0.10 51.95 -33.01
N LEU N 234 -0.65 52.92 -33.50
CA LEU N 234 -0.44 54.32 -33.18
C LEU N 234 -1.15 54.75 -31.91
N ASN N 235 -1.82 53.81 -31.23
CA ASN N 235 -2.60 54.14 -30.05
C ASN N 235 -1.74 54.80 -28.99
N GLY N 236 -2.22 55.91 -28.46
CA GLY N 236 -1.49 56.68 -27.48
C GLY N 236 -0.45 57.60 -28.05
N ALA N 237 -0.23 57.57 -29.37
CA ALA N 237 0.73 58.46 -30.01
C ALA N 237 0.08 59.66 -30.68
N ILE N 238 -1.15 59.53 -31.14
CA ILE N 238 -1.90 60.63 -31.73
C ILE N 238 -3.02 60.99 -30.76
N ASP N 239 -3.13 62.27 -30.44
CA ASP N 239 -4.10 62.73 -29.46
C ASP N 239 -5.48 62.82 -30.08
N LEU N 240 -6.45 62.11 -29.50
CA LEU N 240 -7.82 62.13 -29.98
C LEU N 240 -8.78 62.82 -29.04
N ALA N 241 -8.49 62.84 -27.73
CA ALA N 241 -9.41 63.44 -26.78
C ALA N 241 -9.53 64.93 -27.00
N ASN N 242 -8.43 65.59 -27.36
CA ASN N 242 -8.40 67.03 -27.49
C ASN N 242 -8.47 67.52 -28.93
N LEU N 243 -8.66 66.61 -29.89
CA LEU N 243 -8.62 67.00 -31.30
C LEU N 243 -9.95 67.58 -31.73
N ALA N 244 -9.92 68.80 -32.26
CA ALA N 244 -11.12 69.41 -32.82
C ALA N 244 -11.53 68.66 -34.08
N ARG N 245 -12.76 68.17 -34.11
CA ARG N 245 -13.11 67.15 -35.08
C ARG N 245 -13.27 67.65 -36.51
N PRO N 246 -13.83 68.83 -36.75
CA PRO N 246 -13.63 69.44 -38.08
C PRO N 246 -12.17 69.83 -38.20
N ILE N 247 -11.32 68.84 -38.54
CA ILE N 247 -9.90 68.92 -38.27
C ILE N 247 -9.28 70.17 -38.89
N ALA N 248 -8.63 70.98 -38.04
CA ALA N 248 -7.87 72.14 -38.46
C ALA N 248 -6.41 71.86 -38.20
N GLY N 249 -5.62 71.76 -39.27
CA GLY N 249 -4.23 71.38 -39.13
C GLY N 249 -4.06 69.90 -39.37
N THR N 250 -3.56 69.54 -40.55
CA THR N 250 -3.71 68.17 -41.01
C THR N 250 -2.48 67.32 -40.72
N THR N 251 -1.29 67.89 -40.82
CA THR N 251 -0.06 67.11 -40.80
C THR N 251 0.85 67.53 -39.66
N ASN N 252 1.58 66.55 -39.11
CA ASN N 252 2.62 66.80 -38.11
C ASN N 252 3.80 65.91 -38.40
N PHE N 253 4.99 66.48 -38.49
CA PHE N 253 6.18 65.74 -38.89
C PHE N 253 7.38 66.25 -38.10
N GLY N 254 8.05 65.34 -37.39
CA GLY N 254 9.14 65.79 -36.55
C GLY N 254 9.88 64.63 -35.92
N ILE N 255 10.80 64.96 -35.02
CA ILE N 255 11.66 63.97 -34.36
C ILE N 255 11.96 64.44 -32.94
N ILE N 256 12.06 63.48 -32.01
CA ILE N 256 12.46 63.73 -30.63
C ILE N 256 13.32 62.54 -30.20
N THR N 257 14.59 62.76 -29.90
CA THR N 257 15.50 61.68 -29.62
C THR N 257 16.70 62.18 -28.85
N GLY N 258 17.45 61.23 -28.25
CA GLY N 258 18.68 61.57 -27.55
C GLY N 258 19.41 60.32 -27.10
N VAL N 259 20.61 60.52 -26.55
CA VAL N 259 21.46 59.41 -26.12
C VAL N 259 21.90 59.63 -24.68
N LEU N 260 22.19 58.51 -24.00
CA LEU N 260 22.70 58.50 -22.64
C LEU N 260 23.97 57.69 -22.59
N SER N 261 24.67 57.74 -21.47
CA SER N 261 26.00 57.16 -21.41
C SER N 261 26.36 56.79 -19.98
N THR N 262 27.39 55.94 -19.86
CA THR N 262 27.95 55.51 -18.58
C THR N 262 29.45 55.37 -18.73
N ILE N 263 30.20 55.62 -17.66
CA ILE N 263 31.65 55.57 -17.66
C ILE N 263 32.14 54.52 -16.68
N ASN N 264 33.06 53.67 -17.12
CA ASN N 264 33.57 52.56 -16.33
C ASN N 264 35.09 52.66 -16.25
N PHE N 265 35.64 52.54 -15.04
CA PHE N 265 37.08 52.44 -14.86
C PHE N 265 37.44 51.48 -13.72
N ALA N 266 36.84 50.30 -13.69
CA ALA N 266 37.02 49.35 -12.60
C ALA N 266 38.17 48.40 -12.88
N LEU N 267 38.92 48.05 -11.83
CA LEU N 267 40.14 47.25 -11.96
C LEU N 267 40.39 46.45 -10.69
N SER N 268 40.66 45.15 -10.81
CA SER N 268 40.74 44.30 -9.64
C SER N 268 41.67 43.13 -9.87
N ASN N 269 42.34 42.71 -8.79
CA ASN N 269 43.22 41.54 -8.78
C ASN N 269 42.83 40.62 -7.64
N GLY N 270 43.25 39.37 -7.73
CA GLY N 270 43.02 38.42 -6.66
C GLY N 270 44.06 37.33 -6.68
N ASP N 271 44.53 36.95 -5.49
CA ASP N 271 45.46 35.85 -5.31
C ASP N 271 45.01 35.00 -4.14
N ALA N 272 45.24 33.69 -4.22
CA ALA N 272 44.97 32.83 -3.08
C ALA N 272 45.91 31.63 -3.12
N TYR N 273 46.54 31.35 -1.99
CA TYR N 273 47.50 30.26 -1.85
C TYR N 273 47.00 29.29 -0.80
N LEU N 274 47.32 28.00 -0.95
CA LEU N 274 47.10 27.07 0.14
C LEU N 274 47.98 25.85 0.00
N ILE N 275 48.43 25.34 1.14
CA ILE N 275 49.10 24.05 1.24
C ILE N 275 48.46 23.27 2.38
N ALA N 276 48.07 22.04 2.12
CA ALA N 276 47.55 21.14 3.14
C ALA N 276 48.45 19.92 3.20
N ASN N 277 48.92 19.58 4.39
CA ASN N 277 49.91 18.54 4.59
C ASN N 277 49.45 17.56 5.67
N PRO N 278 48.47 16.72 5.37
CA PRO N 278 48.07 15.67 6.30
C PRO N 278 49.09 14.54 6.31
N GLN N 279 49.12 13.79 7.41
CA GLN N 279 49.98 12.63 7.53
C GLN N 279 49.26 11.56 8.33
N LEU N 280 49.43 10.30 7.94
CA LEU N 280 48.73 9.21 8.61
C LEU N 280 49.68 8.07 8.90
N SER N 281 49.19 7.14 9.70
CA SER N 281 49.83 5.85 9.90
C SER N 281 48.77 4.76 9.79
N ALA N 282 49.19 3.59 9.34
CA ALA N 282 48.28 2.46 9.22
C ALA N 282 49.10 1.19 9.18
N ARG N 283 48.42 0.05 9.21
CA ARG N 283 49.11 -1.23 9.15
C ARG N 283 48.71 -1.98 7.90
N SER N 284 49.64 -2.78 7.39
CA SER N 284 49.41 -3.51 6.16
C SER N 284 48.20 -4.42 6.30
N GLY N 285 47.19 -4.17 5.49
CA GLY N 285 45.92 -4.84 5.62
C GLY N 285 44.90 -4.12 6.45
N GLY N 286 45.26 -2.97 7.03
CA GLY N 286 44.31 -2.17 7.76
C GLY N 286 43.89 -0.97 6.92
N ARG N 287 43.05 -0.14 7.52
CA ARG N 287 42.56 1.07 6.88
C ARG N 287 42.60 2.21 7.89
N THR N 288 42.91 3.42 7.43
CA THR N 288 42.84 4.58 8.32
C THR N 288 42.14 5.73 7.63
N ASP N 289 41.22 6.37 8.36
CA ASP N 289 40.49 7.55 7.91
C ASP N 289 40.82 8.72 8.83
N PHE N 290 41.05 9.88 8.24
CA PHE N 290 41.36 11.10 8.98
C PHE N 290 40.53 12.24 8.42
N LEU N 291 39.96 13.04 9.31
CA LEU N 291 39.15 14.19 8.94
C LEU N 291 39.51 15.38 9.80
N ALA N 292 39.73 16.53 9.17
CA ALA N 292 39.93 17.78 9.89
C ALA N 292 39.08 18.85 9.20
N GLY N 293 37.99 19.24 9.85
CA GLY N 293 37.02 20.06 9.17
C GLY N 293 35.74 20.22 9.97
N GLY N 294 34.61 19.91 9.34
CA GLY N 294 33.34 20.07 10.02
C GLY N 294 32.24 19.32 9.32
N GLN N 295 31.05 19.42 9.89
CA GLN N 295 29.85 18.79 9.37
C GLN N 295 28.74 19.83 9.30
N VAL N 296 28.05 19.89 8.16
CA VAL N 296 26.94 20.83 8.01
C VAL N 296 25.63 20.06 7.91
N PRO N 297 24.53 20.59 8.42
CA PRO N 297 23.25 19.89 8.34
C PRO N 297 22.61 20.05 6.97
N ILE N 298 21.97 18.98 6.49
CA ILE N 298 21.35 18.91 5.17
C ILE N 298 20.02 18.18 5.29
N LEU N 299 18.98 18.71 4.64
CA LEU N 299 17.66 18.06 4.63
C LEU N 299 17.57 17.09 3.47
N GLN N 300 17.46 15.80 3.78
CA GLN N 300 17.29 14.78 2.76
C GLN N 300 16.56 13.59 3.36
N ALA N 301 15.63 13.03 2.59
CA ALA N 301 14.79 11.93 3.07
C ALA N 301 14.17 11.22 1.88
N LEU N 302 13.57 10.06 2.16
CA LEU N 302 12.86 9.32 1.14
C LEU N 302 11.57 10.03 0.76
N ALA N 303 11.32 10.12 -0.56
CA ALA N 303 10.05 10.59 -1.08
C ALA N 303 9.79 12.05 -0.73
N ALA N 304 8.52 12.47 -0.86
CA ALA N 304 8.02 13.76 -0.41
C ALA N 304 8.44 14.92 -1.31
N GLY N 305 7.88 16.09 -1.04
CA GLY N 305 8.10 17.26 -1.87
C GLY N 305 7.48 18.52 -1.30
N GLN N 310 12.03 17.01 9.21
CA GLN N 310 11.97 16.06 8.12
C GLN N 310 12.94 14.90 8.38
N ASN N 311 14.12 15.00 7.78
CA ASN N 311 15.24 14.09 8.02
C ASN N 311 16.53 14.85 7.79
N VAL N 312 17.28 15.07 8.86
CA VAL N 312 18.51 15.85 8.80
C VAL N 312 19.71 14.91 8.82
N THR N 313 20.55 15.01 7.80
CA THR N 313 21.83 14.32 7.76
C THR N 313 22.94 15.36 7.85
N TYR N 314 24.17 14.90 7.88
CA TYR N 314 25.32 15.77 8.00
C TYR N 314 26.34 15.45 6.92
N LYS N 315 26.91 16.50 6.33
CA LYS N 315 27.88 16.37 5.25
C LYS N 315 29.22 16.91 5.71
N ASP N 316 30.29 16.18 5.42
CA ASP N 316 31.63 16.52 5.88
C ASP N 316 32.35 17.41 4.88
N TYR N 317 33.03 18.42 5.40
CA TYR N 317 33.90 19.26 4.60
C TYR N 317 35.20 19.47 5.37
N GLY N 318 36.25 19.87 4.65
CA GLY N 318 37.55 20.03 5.25
C GLY N 318 38.60 19.24 4.50
N ILE N 319 39.56 18.71 5.24
CA ILE N 319 40.59 17.85 4.68
C ILE N 319 40.28 16.44 5.11
N LYS N 320 40.03 15.56 4.15
CA LYS N 320 39.70 14.17 4.39
C LYS N 320 40.71 13.28 3.69
N LEU N 321 41.10 12.21 4.35
CA LEU N 321 42.18 11.35 3.86
C LEU N 321 41.87 9.92 4.25
N GLU N 322 41.94 9.00 3.29
CA GLU N 322 41.74 7.58 3.55
C GLU N 322 42.88 6.77 2.95
N PHE N 323 43.38 5.81 3.71
CA PHE N 323 44.59 5.07 3.36
C PHE N 323 44.33 3.58 3.53
N GLU N 324 44.71 2.77 2.53
CA GLU N 324 44.61 1.31 2.59
C GLU N 324 45.85 0.65 2.02
N PRO N 325 46.87 0.39 2.83
CA PRO N 325 48.14 -0.13 2.31
C PRO N 325 48.24 -1.64 2.34
N ARG N 326 49.18 -2.16 1.56
CA ARG N 326 49.60 -3.56 1.56
C ARG N 326 51.08 -3.60 1.23
N VAL N 327 51.84 -4.47 1.89
CA VAL N 327 53.30 -4.39 1.86
C VAL N 327 53.88 -5.73 1.48
N ASP N 328 54.94 -5.70 0.65
CA ASP N 328 55.63 -6.88 0.16
C ASP N 328 56.85 -7.19 1.02
N ASP N 329 57.59 -8.23 0.63
CA ASP N 329 58.81 -8.59 1.34
C ASP N 329 59.99 -7.72 0.97
N ASP N 330 59.88 -6.94 -0.10
CA ASP N 330 60.91 -5.96 -0.47
C ASP N 330 60.52 -4.56 -0.07
N ASN N 331 59.49 -4.41 0.76
CA ASN N 331 58.97 -3.12 1.18
C ASN N 331 58.38 -2.32 0.02
N ASN N 332 57.82 -3.00 -0.96
CA ASN N 332 56.98 -2.34 -1.95
C ASN N 332 55.58 -2.15 -1.39
N VAL N 333 54.98 -1.02 -1.69
CA VAL N 333 53.70 -0.67 -1.10
C VAL N 333 52.66 -0.55 -2.21
N SER N 334 51.59 -1.32 -2.11
CA SER N 334 50.46 -1.23 -3.01
C SER N 334 49.29 -0.65 -2.23
N MET N 335 48.70 0.41 -2.74
CA MET N 335 47.85 1.22 -1.89
C MET N 335 46.75 1.91 -2.66
N ARG N 336 45.66 2.16 -1.96
CA ARG N 336 44.61 3.05 -2.40
C ARG N 336 44.55 4.24 -1.44
N VAL N 337 44.50 5.43 -2.00
CA VAL N 337 44.50 6.66 -1.22
C VAL N 337 43.41 7.59 -1.76
N LEU N 338 42.60 8.11 -0.85
CA LEU N 338 41.64 9.16 -1.19
C LEU N 338 42.05 10.43 -0.49
N ALA N 339 42.23 11.51 -1.25
CA ALA N 339 42.61 12.82 -0.73
C ALA N 339 41.58 13.83 -1.18
N ASP N 340 40.99 14.56 -0.22
CA ASP N 340 39.92 15.50 -0.50
C ASP N 340 40.12 16.77 0.29
N VAL N 341 40.05 17.91 -0.37
CA VAL N 341 40.09 19.21 0.29
C VAL N 341 38.90 20.02 -0.20
N SER N 342 38.01 20.38 0.72
CA SER N 342 36.72 20.95 0.35
C SER N 342 36.31 22.06 1.30
N ASP N 343 35.93 23.20 0.73
CA ASP N 343 35.57 24.38 1.50
C ASP N 343 34.17 24.85 1.13
N ILE N 344 33.54 25.60 2.03
CA ILE N 344 32.22 26.14 1.73
C ILE N 344 32.36 27.36 0.84
N ASP N 345 31.43 27.50 -0.11
CA ASP N 345 31.42 28.56 -1.10
C ASP N 345 30.18 29.42 -0.95
N PRO N 346 30.32 30.72 -0.72
CA PRO N 346 29.13 31.57 -0.64
C PRO N 346 28.42 31.74 -1.98
N ALA N 347 29.15 31.64 -3.09
CA ALA N 347 28.59 31.97 -4.40
C ALA N 347 27.48 31.02 -4.80
N THR N 348 27.64 29.73 -4.52
CA THR N 348 26.69 28.73 -4.99
C THR N 348 25.78 28.18 -3.89
N SER N 349 25.64 28.88 -2.78
CA SER N 349 24.74 28.45 -1.72
C SER N 349 23.33 28.96 -2.01
N VAL N 350 22.33 28.17 -1.65
CA VAL N 350 20.93 28.47 -1.93
C VAL N 350 20.20 28.67 -0.60
N SER N 351 19.32 29.66 -0.56
CA SER N 351 18.68 30.04 0.70
C SER N 351 17.57 29.07 1.11
N LEU N 352 16.88 28.49 0.13
CA LEU N 352 15.68 27.67 0.38
C LEU N 352 14.69 28.58 1.13
N ASN N 353 14.14 28.16 2.27
CA ASN N 353 13.23 29.04 3.01
C ASN N 353 13.98 29.86 4.03
N GLY N 354 14.60 29.18 4.99
CA GLY N 354 15.56 29.79 5.88
C GLY N 354 16.69 28.81 6.10
N PHE N 355 16.50 27.61 5.57
CA PHE N 355 17.46 26.53 5.68
C PHE N 355 18.51 26.72 4.59
N THR N 356 19.55 27.48 4.90
CA THR N 356 20.61 27.73 3.93
C THR N 356 21.35 26.44 3.61
N VAL N 357 21.42 26.11 2.33
CA VAL N 357 22.12 24.93 1.84
C VAL N 357 23.39 25.40 1.15
N PRO N 358 24.56 24.95 1.56
CA PRO N 358 25.80 25.49 1.02
C PRO N 358 26.28 24.73 -0.21
N GLY N 359 27.09 25.40 -1.00
CA GLY N 359 27.83 24.77 -2.07
C GLY N 359 29.29 24.68 -1.67
N PHE N 360 30.05 23.91 -2.44
CA PHE N 360 31.42 23.60 -2.05
C PHE N 360 32.39 23.81 -3.20
N ILE N 361 33.62 24.14 -2.83
CA ILE N 361 34.78 24.12 -3.71
C ILE N 361 35.60 22.91 -3.31
N THR N 362 35.80 21.97 -4.23
CA THR N 362 36.42 20.71 -3.88
C THR N 362 37.60 20.39 -4.78
N ARG N 363 38.56 19.68 -4.21
CA ARG N 363 39.66 19.07 -4.93
C ARG N 363 39.80 17.65 -4.45
N ARG N 364 39.69 16.70 -5.36
CA ARG N 364 39.56 15.31 -4.96
C ARG N 364 40.48 14.44 -5.81
N SER N 365 40.97 13.37 -5.22
CA SER N 365 41.75 12.39 -5.95
C SER N 365 41.62 11.04 -5.28
N ASN N 366 41.20 10.03 -6.03
CA ASN N 366 41.01 8.68 -5.54
C ASN N 366 41.87 7.74 -6.38
N ALA N 367 43.06 7.42 -5.88
CA ALA N 367 44.09 6.79 -6.70
C ALA N 367 44.51 5.44 -6.16
N GLU N 368 44.78 4.52 -7.09
CA GLU N 368 45.31 3.20 -6.77
C GLU N 368 46.66 3.06 -7.44
N ILE N 369 47.69 2.80 -6.63
CA ILE N 369 49.07 2.81 -7.13
C ILE N 369 49.88 1.75 -6.42
N ASN N 370 51.09 1.54 -6.91
CA ASN N 370 52.10 0.79 -6.19
C ASN N 370 53.46 1.42 -6.43
N VAL N 371 54.24 1.56 -5.36
CA VAL N 371 55.54 2.23 -5.43
C VAL N 371 56.54 1.52 -4.53
N GLY N 372 57.80 1.88 -4.68
CA GLY N 372 58.82 1.38 -3.79
C GLY N 372 58.85 2.15 -2.47
N ASP N 373 59.64 1.63 -1.54
CA ASP N 373 59.72 2.23 -0.22
C ASP N 373 60.28 3.64 -0.28
N GLY N 374 59.56 4.59 0.29
CA GLY N 374 60.04 5.94 0.43
C GLY N 374 60.13 6.75 -0.84
N GLN N 375 59.38 6.41 -1.88
CA GLN N 375 59.40 7.15 -3.13
C GLN N 375 58.21 8.09 -3.21
N THR N 376 58.39 9.18 -3.97
CA THR N 376 57.36 10.19 -4.12
C THR N 376 56.72 10.06 -5.49
N MET N 377 55.40 9.91 -5.53
CA MET N 377 54.66 9.83 -6.76
C MET N 377 53.57 10.88 -6.77
N VAL N 378 53.50 11.66 -7.83
CA VAL N 378 52.42 12.61 -8.00
C VAL N 378 51.21 11.87 -8.55
N ILE N 379 50.05 12.08 -7.94
CA ILE N 379 48.84 11.40 -8.37
C ILE N 379 47.88 12.33 -9.09
N SER N 380 48.10 13.64 -9.09
CA SER N 380 47.24 14.55 -9.83
C SER N 380 47.88 15.92 -9.91
N GLY N 381 47.67 16.58 -11.04
CA GLY N 381 48.17 17.92 -11.28
C GLY N 381 47.26 18.64 -12.24
N LEU N 382 47.34 19.96 -12.23
CA LEU N 382 46.48 20.76 -13.09
C LEU N 382 47.08 22.14 -13.31
N VAL N 383 47.05 22.58 -14.57
CA VAL N 383 47.24 23.98 -14.95
C VAL N 383 46.05 24.37 -15.81
N ASN N 384 45.38 25.48 -15.47
CA ASN N 384 44.12 25.84 -16.11
C ASN N 384 43.98 27.34 -16.38
N PRO N 385 44.54 27.82 -17.48
CA PRO N 385 44.38 29.24 -17.83
C PRO N 385 43.07 29.52 -18.56
N LYS N 386 42.45 30.66 -18.27
CA LYS N 386 41.20 31.06 -18.92
C LYS N 386 41.17 32.57 -19.13
N THR N 387 40.51 33.01 -20.20
CA THR N 387 40.43 34.41 -20.55
C THR N 387 39.13 34.70 -21.29
N ALA N 388 38.66 35.93 -21.20
CA ALA N 388 37.48 36.35 -21.94
C ALA N 388 37.46 37.86 -22.09
N LYS N 389 37.10 38.32 -23.29
CA LYS N 389 37.00 39.75 -23.59
C LYS N 389 35.70 40.03 -24.31
N ASN N 390 35.04 41.13 -23.96
CA ASN N 390 33.84 41.58 -24.63
C ASN N 390 33.96 43.07 -24.91
N VAL N 391 33.53 43.48 -26.10
CA VAL N 391 33.62 44.87 -26.53
C VAL N 391 32.28 45.30 -27.10
N SER N 392 31.82 46.49 -26.72
CA SER N 392 30.68 47.12 -27.36
C SER N 392 31.10 48.51 -27.83
N LYS N 393 30.91 48.79 -29.11
CA LYS N 393 31.44 50.01 -29.69
C LYS N 393 30.38 50.66 -30.54
N LEU N 394 30.62 51.92 -30.87
CA LEU N 394 29.89 52.61 -31.92
C LEU N 394 30.52 52.25 -33.27
N PRO N 395 29.74 52.31 -34.35
CA PRO N 395 30.22 51.73 -35.62
C PRO N 395 31.55 52.24 -36.12
N TRP N 396 31.70 53.55 -36.35
CA TRP N 396 32.94 54.05 -36.90
C TRP N 396 33.81 54.80 -35.90
N LEU N 397 33.21 55.36 -34.85
CA LEU N 397 33.99 56.12 -33.89
C LEU N 397 34.79 55.21 -32.97
N GLY N 398 34.36 53.96 -32.81
CA GLY N 398 35.04 53.08 -31.86
C GLY N 398 36.42 52.66 -32.33
N ASP N 399 36.68 52.73 -33.63
CA ASP N 399 37.95 52.24 -34.15
C ASP N 399 39.03 53.32 -34.17
N ILE N 400 38.70 54.56 -33.83
CA ILE N 400 39.72 55.62 -33.83
C ILE N 400 40.77 55.31 -32.77
N PRO N 401 42.06 55.42 -33.07
CA PRO N 401 43.10 55.10 -32.08
C PRO N 401 43.05 56.05 -30.88
N ILE N 402 43.25 55.48 -29.69
CA ILE N 402 43.23 56.20 -28.42
C ILE N 402 41.87 56.85 -28.17
N LEU N 403 41.46 57.76 -29.05
CA LEU N 403 40.19 58.46 -28.85
C LEU N 403 39.01 57.51 -28.88
N GLY N 404 39.14 56.37 -29.54
CA GLY N 404 38.04 55.44 -29.66
C GLY N 404 37.53 54.93 -28.33
N ASN N 405 38.34 55.00 -27.28
CA ASN N 405 37.89 54.57 -25.96
C ASN N 405 36.81 55.48 -25.40
N LEU N 406 36.61 56.65 -25.99
CA LEU N 406 35.47 57.47 -25.58
C LEU N 406 34.17 56.94 -26.14
N PHE N 407 34.24 56.03 -27.12
CA PHE N 407 33.06 55.51 -27.79
C PHE N 407 33.00 53.99 -27.75
N LYS N 408 33.71 53.35 -26.83
CA LYS N 408 33.81 51.90 -26.77
C LYS N 408 33.96 51.47 -25.33
N SER N 409 33.35 50.34 -24.98
CA SER N 409 33.39 49.80 -23.64
C SER N 409 33.91 48.38 -23.69
N THR N 410 34.85 48.06 -22.79
CA THR N 410 35.56 46.79 -22.79
C THR N 410 35.43 46.12 -21.42
N ASN N 411 35.20 44.82 -21.44
CA ASN N 411 35.20 43.98 -20.25
C ASN N 411 36.21 42.85 -20.45
N PHE N 412 37.10 42.66 -19.48
CA PHE N 412 38.21 41.72 -19.61
C PHE N 412 38.36 40.91 -18.34
N GLN N 413 38.56 39.60 -18.49
CA GLN N 413 38.78 38.70 -17.37
C GLN N 413 39.87 37.72 -17.74
N SER N 414 40.80 37.48 -16.81
CA SER N 414 41.85 36.50 -17.04
C SER N 414 42.18 35.80 -15.74
N GLY N 415 42.60 34.55 -15.82
CA GLY N 415 42.86 33.83 -14.58
C GLY N 415 43.57 32.51 -14.80
N ASN N 416 44.18 32.03 -13.74
CA ASN N 416 44.94 30.78 -13.79
C ASN N 416 44.87 30.05 -12.45
N THR N 417 44.84 28.72 -12.54
CA THR N 417 44.83 27.83 -11.38
C THR N 417 45.89 26.76 -11.55
N ASP N 418 46.67 26.53 -10.49
CA ASP N 418 47.69 25.48 -10.47
C ASP N 418 47.47 24.60 -9.25
N LEU N 419 47.57 23.28 -9.44
CA LEU N 419 47.32 22.34 -8.36
C LEU N 419 48.20 21.11 -8.47
N VAL N 420 48.76 20.64 -7.35
CA VAL N 420 49.55 19.41 -7.31
C VAL N 420 49.22 18.62 -6.06
N ILE N 421 49.08 17.30 -6.21
CA ILE N 421 48.88 16.38 -5.09
C ILE N 421 49.94 15.28 -5.17
N LEU N 422 50.66 15.04 -4.06
CA LEU N 422 51.69 14.03 -4.09
C LEU N 422 51.80 13.29 -2.76
N VAL N 423 52.22 12.04 -2.82
CA VAL N 423 52.21 11.14 -1.65
C VAL N 423 53.57 10.45 -1.54
N THR N 424 53.96 10.16 -0.31
CA THR N 424 55.14 9.40 0.02
C THR N 424 54.79 8.32 1.03
N PRO N 425 54.91 7.06 0.67
CA PRO N 425 54.75 6.00 1.65
C PRO N 425 56.09 5.56 2.22
N ARG N 426 56.12 5.11 3.46
CA ARG N 426 57.35 4.57 4.03
C ARG N 426 57.04 3.55 5.10
N VAL N 427 57.70 2.40 5.04
CA VAL N 427 57.55 1.38 6.07
C VAL N 427 58.37 1.80 7.28
N VAL N 428 57.71 1.92 8.43
CA VAL N 428 58.29 2.55 9.60
C VAL N 428 58.07 1.66 10.82
N SER N 429 58.54 2.15 11.97
CA SER N 429 58.19 1.63 13.27
C SER N 429 57.97 2.82 14.19
N ALA N 430 57.92 2.58 15.49
CA ALA N 430 57.72 3.70 16.41
C ALA N 430 58.98 4.53 16.55
N ALA N 431 60.15 3.94 16.34
CA ALA N 431 61.41 4.66 16.47
C ALA N 431 61.81 5.40 15.20
N SER N 432 61.03 5.30 14.14
CA SER N 432 61.41 5.88 12.86
C SER N 432 61.35 7.40 12.91
N LEU N 433 62.01 8.03 11.94
CA LEU N 433 62.16 9.48 11.93
C LEU N 433 60.81 10.18 11.77
N GLU N 434 59.95 9.65 10.91
CA GLU N 434 58.66 10.31 10.67
C GLU N 434 57.83 10.41 11.93
N ASN N 435 57.81 9.34 12.72
CA ASN N 435 57.10 9.34 14.00
C ASN N 435 57.74 10.30 15.00
N ILE N 436 59.07 10.28 15.10
CA ILE N 436 59.75 11.11 16.08
C ILE N 436 59.50 12.58 15.80
N ARG N 437 59.46 12.97 14.53
CA ARG N 437 59.26 14.38 14.23
C ARG N 437 57.91 14.88 14.73
N GLN N 438 56.86 14.09 14.53
CA GLN N 438 55.54 14.52 15.00
C GLN N 438 55.46 14.51 16.52
N VAL N 439 56.16 13.58 17.17
CA VAL N 439 56.17 13.60 18.63
C VAL N 439 56.84 14.86 19.14
N SER N 440 57.96 15.23 18.54
CA SER N 440 58.64 16.46 18.92
C SER N 440 57.79 17.68 18.64
N GLN N 441 57.04 17.65 17.54
CA GLN N 441 56.13 18.76 17.23
C GLN N 441 55.05 18.90 18.30
N ALA N 442 54.50 17.78 18.77
CA ALA N 442 53.50 17.85 19.83
C ALA N 442 54.11 18.42 21.10
N VAL N 443 55.34 18.03 21.43
CA VAL N 443 55.99 18.59 22.61
C VAL N 443 56.13 20.10 22.46
N GLU N 444 56.55 20.57 21.29
CA GLU N 444 56.68 22.00 21.07
C GLU N 444 55.35 22.73 21.20
N MET N 445 54.27 22.14 20.68
CA MET N 445 52.96 22.77 20.81
C MET N 445 52.55 22.91 22.26
N LYS N 446 52.78 21.86 23.06
CA LYS N 446 52.45 21.95 24.48
C LYS N 446 53.28 23.03 25.16
N ASP N 447 54.57 23.11 24.84
CA ASP N 447 55.41 24.11 25.48
C ASP N 447 54.97 25.52 25.13
N GLU N 448 54.58 25.74 23.87
CA GLU N 448 54.08 27.05 23.46
C GLU N 448 52.82 27.43 24.22
N TYR N 449 51.85 26.50 24.28
CA TYR N 449 50.63 26.74 25.03
C TYR N 449 50.96 27.11 26.48
N ARG N 450 51.87 26.36 27.10
CA ARG N 450 52.23 26.67 28.48
C ARG N 450 52.81 28.06 28.62
N ASN N 451 53.69 28.44 27.69
CA ASN N 451 54.35 29.73 27.82
C ASN N 451 53.40 30.90 27.64
N THR N 452 52.30 30.72 26.91
CA THR N 452 51.38 31.84 26.75
C THR N 452 50.66 32.20 28.06
N LEU N 453 50.42 31.23 28.93
CA LEU N 453 49.53 31.45 30.06
C LEU N 453 50.26 32.11 31.24
N PRO N 454 49.53 32.79 32.12
CA PRO N 454 50.14 33.38 33.32
C PRO N 454 50.65 32.30 34.26
N LYS N 455 51.64 32.67 35.08
CA LYS N 455 52.36 31.67 35.86
C LYS N 455 51.47 30.98 36.88
N GLY N 456 50.58 31.72 37.53
CA GLY N 456 49.80 31.15 38.60
C GLY N 456 48.48 30.52 38.21
N SER N 457 48.17 30.41 36.92
CA SER N 457 46.85 30.00 36.50
C SER N 457 46.61 28.52 36.77
N THR N 458 45.34 28.15 36.88
CA THR N 458 44.98 26.74 36.97
C THR N 458 45.06 26.06 35.61
N THR N 459 44.80 26.82 34.55
CA THR N 459 44.92 26.25 33.20
C THR N 459 46.35 25.86 32.90
N ARG N 460 47.31 26.60 33.44
CA ARG N 460 48.70 26.22 33.26
C ARG N 460 49.00 24.88 33.93
N ASP N 461 48.42 24.64 35.11
CA ASP N 461 48.60 23.35 35.74
C ASP N 461 47.96 22.23 34.93
N ALA N 462 46.75 22.47 34.43
CA ALA N 462 46.10 21.47 33.61
C ALA N 462 46.92 21.16 32.38
N VAL N 463 47.57 22.17 31.80
CA VAL N 463 48.45 21.94 30.66
C VAL N 463 49.65 21.11 31.08
N ASP N 464 50.24 21.44 32.23
CA ASP N 464 51.38 20.67 32.72
C ASP N 464 51.04 19.22 33.02
N ARG N 465 49.78 18.90 33.23
CA ARG N 465 49.42 17.52 33.53
C ARG N 465 49.14 16.67 32.29
N THR N 466 49.17 17.25 31.10
CA THR N 466 48.92 16.50 29.88
C THR N 466 50.22 15.97 29.30
N LEU N 467 50.10 15.08 28.32
CA LEU N 467 51.22 14.53 27.58
C LEU N 467 52.26 13.91 28.50
N GLY N 468 51.77 13.06 29.40
CA GLY N 468 52.65 12.42 30.37
C GLY N 468 53.51 11.34 29.75
#